data_9IWA
#
_entry.id   9IWA
#
_cell.length_a   1.00
_cell.length_b   1.00
_cell.length_c   1.00
_cell.angle_alpha   90.00
_cell.angle_beta   90.00
_cell.angle_gamma   90.00
#
_symmetry.space_group_name_H-M   'P 1'
#
_entity_poly.entity_id   1
_entity_poly.type   'polypeptide(L)'
_entity_poly.pdbx_seq_one_letter_code
;MREESWEDHDTIQLTAQRKYLAEVQALETLLTRELSVFLTEPGSKKTNIINRITGKTYALPSTELLRLYEHLEQCRKQGA
LMYFLERQGTYSGLMLDYDLKLNTNAVPPLEPPALSRLCHRIFVHIKNSSVLPEGSHKIHFFFTLKPEVVQGKYGFHVLI
PGLKLAASTKKSIIGSLQHDATVQKILHEQGVTNPESCLDPHSASVPSLLYGSSKLNHKPYQLKTGFELVFDSSDPDYIP
IHQIKNLESYNLVSELSLTNEQGSLVRPVYCAADIAAEKEEEIPTEDHSLSILMLHDPEARYLHKILNLLPPEYYVEYPL
WSNVVFALANTSANYRPLAEWFSQKCPEKWNTGGKEKLEKLWNDASHHTEKKITKRSIMYWAHKHAPQQYKEIVEQGYFS
ILAEYVYSYNGMLEHYMIAKVIYAMMGNKFVVDVDSNGKYVWFEFVLPGQPMNQGEIWKWRKEVNPDELHIYISENFSRV
MDRITEHIKYHLSQPHESNILNYYKKLLKAFERSKSKIFNDSFKKGVIRQAEFLFRQRSFIQTLDTNPHLLGVGNGVLSI
ETIPAKLINHFHEHPIHQYTHICYVPFNPENPWTKLLLNALQDIIPELDARLWIMFYLSTAIFRGLKEALMLLWLGGGCN
GKTFLMRLVAMVLGDHYASKLNISLLTSCRETAEKPNSAFMRLKGRGYGYFEETNKSEVLNTSRLKEMVNPGDVTARELN
QKQESFQMTATMVAASNYNFIIDTTDHGTWRRLRHYRSKVKFCHNPDPSNPYEKKEDPRFIHEYIMDPDCQNAFFSILVY
FWEKLQKEYNGQIKKVFCPTIESETEAYRKSQDTLHRFITERVVESPSAETVYNLSEVVTAYAEWYNTNINVKRHIALEL
SQELENSVLEKYLQWSPNKTRILKGCRILHKFETLQPGESYIGVSTAGTLLNTPICEPKNKWWEWSPNPSAPPEKEASAP
TP
;
_entity_poly.pdbx_strand_id   A,B,C,D,E,F,G,H,I,J,K,L
#
# COMPACT_ATOMS: atom_id res chain seq x y z
N LEU A 21 -28.26 0.89 24.29
CA LEU A 21 -27.00 0.11 24.51
C LEU A 21 -27.30 -1.40 24.40
N ALA A 22 -26.42 -2.15 23.72
CA ALA A 22 -26.58 -3.58 23.40
C ALA A 22 -26.79 -4.42 24.67
N GLU A 23 -25.86 -4.34 25.63
CA GLU A 23 -25.89 -5.20 26.85
C GLU A 23 -27.12 -4.87 27.71
N VAL A 24 -27.60 -3.62 27.72
CA VAL A 24 -28.86 -3.22 28.42
C VAL A 24 -30.04 -3.85 27.69
N GLN A 25 -30.02 -3.82 26.36
CA GLN A 25 -31.05 -4.47 25.50
C GLN A 25 -31.08 -5.97 25.80
N ALA A 26 -29.92 -6.61 25.89
CA ALA A 26 -29.76 -8.05 26.22
C ALA A 26 -30.39 -8.33 27.58
N LEU A 27 -30.07 -7.53 28.60
CA LEU A 27 -30.62 -7.68 29.98
C LEU A 27 -32.15 -7.50 29.95
N GLU A 28 -32.64 -6.54 29.17
CA GLU A 28 -34.10 -6.25 29.03
C GLU A 28 -34.80 -7.49 28.45
N THR A 29 -34.22 -8.10 27.42
CA THR A 29 -34.75 -9.32 26.75
C THR A 29 -34.74 -10.48 27.75
N LEU A 30 -33.64 -10.67 28.48
CA LEU A 30 -33.56 -11.75 29.49
C LEU A 30 -34.67 -11.56 30.51
N LEU A 31 -34.84 -10.35 31.05
CA LEU A 31 -35.82 -10.08 32.13
C LEU A 31 -37.25 -10.33 31.63
N THR A 32 -37.63 -9.75 30.48
CA THR A 32 -39.05 -9.71 30.04
C THR A 32 -39.41 -11.06 29.41
N ARG A 33 -38.61 -11.55 28.47
CA ARG A 33 -38.92 -12.79 27.70
C ARG A 33 -38.75 -14.02 28.60
N GLU A 34 -37.70 -14.09 29.43
CA GLU A 34 -37.28 -15.37 30.08
C GLU A 34 -37.58 -15.38 31.58
N LEU A 35 -37.11 -14.39 32.36
CA LEU A 35 -37.13 -14.46 33.85
C LEU A 35 -38.49 -14.02 34.41
N SER A 36 -39.33 -13.40 33.58
CA SER A 36 -40.72 -12.97 33.93
C SER A 36 -41.48 -14.12 34.61
N VAL A 37 -41.18 -15.38 34.25
CA VAL A 37 -41.84 -16.60 34.79
C VAL A 37 -41.48 -16.81 36.27
N PHE A 38 -40.51 -16.09 36.82
CA PHE A 38 -40.06 -16.21 38.24
C PHE A 38 -40.51 -15.01 39.07
N LEU A 39 -41.28 -14.10 38.49
CA LEU A 39 -41.84 -12.91 39.21
C LEU A 39 -42.54 -13.39 40.48
N THR A 40 -42.18 -12.86 41.65
CA THR A 40 -42.82 -13.12 42.97
C THR A 40 -43.81 -11.99 43.30
N GLU A 41 -44.76 -12.25 44.19
CA GLU A 41 -45.74 -11.26 44.72
C GLU A 41 -45.03 -10.36 45.73
N PRO A 42 -45.54 -9.14 45.99
CA PRO A 42 -44.97 -8.28 47.03
C PRO A 42 -44.97 -8.99 48.39
N GLY A 43 -43.83 -8.97 49.09
CA GLY A 43 -43.66 -9.54 50.43
C GLY A 43 -43.53 -11.06 50.41
N SER A 44 -43.27 -11.66 49.24
CA SER A 44 -43.06 -13.12 49.15
C SER A 44 -41.62 -13.45 49.58
N LYS A 45 -41.48 -14.29 50.62
CA LYS A 45 -40.12 -14.62 51.14
C LYS A 45 -39.29 -15.27 50.02
N LYS A 46 -39.92 -16.13 49.21
CA LYS A 46 -39.22 -16.81 48.09
C LYS A 46 -38.33 -15.81 47.34
N THR A 47 -38.69 -14.51 47.39
CA THR A 47 -37.93 -13.51 46.60
C THR A 47 -36.45 -13.55 46.99
N ASN A 48 -35.54 -13.61 46.02
CA ASN A 48 -34.07 -13.45 46.26
C ASN A 48 -33.53 -12.22 45.52
N ILE A 49 -34.20 -11.74 44.47
CA ILE A 49 -33.71 -10.63 43.60
C ILE A 49 -34.80 -9.57 43.48
N ILE A 50 -34.42 -8.31 43.64
CA ILE A 50 -35.31 -7.11 43.57
C ILE A 50 -34.69 -6.15 42.56
N ASN A 51 -35.43 -5.81 41.51
CA ASN A 51 -35.05 -4.76 40.52
C ASN A 51 -35.85 -3.50 40.87
N ARG A 52 -35.25 -2.61 41.66
CA ARG A 52 -35.95 -1.42 42.23
C ARG A 52 -36.27 -0.41 41.12
N ILE A 53 -35.59 -0.48 39.96
CA ILE A 53 -35.91 0.41 38.79
C ILE A 53 -37.26 -0.03 38.20
N THR A 54 -37.46 -1.31 37.92
CA THR A 54 -38.71 -1.86 37.34
C THR A 54 -39.73 -2.21 38.45
N GLY A 55 -39.30 -2.17 39.72
CA GLY A 55 -40.16 -2.51 40.89
C GLY A 55 -40.56 -3.98 40.88
N LYS A 56 -39.84 -4.83 40.16
CA LYS A 56 -40.13 -6.28 40.02
C LYS A 56 -39.36 -7.06 41.10
N THR A 57 -39.97 -8.12 41.61
CA THR A 57 -39.35 -9.08 42.57
C THR A 57 -39.35 -10.48 41.94
N TYR A 58 -38.26 -11.22 42.10
CA TYR A 58 -38.04 -12.55 41.47
C TYR A 58 -37.56 -13.56 42.51
N ALA A 59 -37.92 -14.83 42.33
CA ALA A 59 -37.26 -16.01 42.93
C ALA A 59 -36.53 -16.77 41.83
N LEU A 60 -35.25 -16.45 41.60
CA LEU A 60 -34.42 -17.06 40.54
C LEU A 60 -33.77 -18.32 41.07
N PRO A 61 -33.98 -19.49 40.41
CA PRO A 61 -33.13 -20.66 40.65
C PRO A 61 -31.68 -20.37 40.23
N SER A 62 -30.74 -21.10 40.81
CA SER A 62 -29.28 -20.90 40.67
C SER A 62 -28.88 -20.74 39.20
N THR A 63 -29.46 -21.53 38.29
CA THR A 63 -29.11 -21.49 36.84
C THR A 63 -29.41 -20.11 36.27
N GLU A 64 -30.54 -19.52 36.66
CA GLU A 64 -31.09 -18.26 36.07
C GLU A 64 -30.46 -17.07 36.82
N LEU A 65 -30.09 -17.26 38.09
CA LEU A 65 -29.29 -16.27 38.84
C LEU A 65 -27.95 -16.04 38.13
N LEU A 66 -27.28 -17.09 37.70
CA LEU A 66 -26.02 -16.96 37.01
C LEU A 66 -26.13 -16.25 35.71
N ARG A 67 -27.18 -16.56 34.96
CA ARG A 67 -27.44 -15.93 33.63
C ARG A 67 -27.67 -14.44 33.88
N LEU A 68 -28.42 -14.10 34.93
CA LEU A 68 -28.66 -12.69 35.34
C LEU A 68 -27.31 -12.02 35.61
N TYR A 69 -26.45 -12.66 36.41
CA TYR A 69 -25.14 -12.13 36.86
C TYR A 69 -24.23 -11.88 35.66
N GLU A 70 -24.25 -12.75 34.64
CA GLU A 70 -23.45 -12.55 33.39
C GLU A 70 -23.92 -11.26 32.70
N HIS A 71 -25.23 -11.03 32.63
CA HIS A 71 -25.80 -9.83 31.98
C HIS A 71 -25.49 -8.59 32.83
N LEU A 72 -25.69 -8.66 34.15
CA LEU A 72 -25.43 -7.52 35.08
C LEU A 72 -23.95 -7.16 35.03
N GLU A 73 -23.07 -8.17 34.97
CA GLU A 73 -21.60 -7.97 34.90
C GLU A 73 -21.24 -7.22 33.60
N GLN A 74 -21.83 -7.61 32.46
CA GLN A 74 -21.58 -6.92 31.16
C GLN A 74 -22.07 -5.47 31.26
N CYS A 75 -23.25 -5.25 31.84
CA CYS A 75 -23.84 -3.91 32.07
C CYS A 75 -22.94 -3.11 33.01
N ARG A 76 -22.34 -3.74 34.02
CA ARG A 76 -21.48 -3.08 35.03
C ARG A 76 -20.22 -2.55 34.34
N LYS A 77 -19.55 -3.39 33.53
CA LYS A 77 -18.30 -3.05 32.81
C LYS A 77 -18.51 -1.88 31.84
N GLN A 78 -19.76 -1.56 31.48
CA GLN A 78 -20.11 -0.44 30.55
C GLN A 78 -20.78 0.71 31.33
N GLY A 79 -20.79 0.65 32.67
CA GLY A 79 -21.24 1.76 33.54
C GLY A 79 -22.74 2.00 33.48
N ALA A 80 -23.53 0.97 33.15
CA ALA A 80 -25.00 1.07 33.01
C ALA A 80 -25.65 1.28 34.39
N LEU A 81 -26.69 2.11 34.45
CA LEU A 81 -27.55 2.34 35.63
C LEU A 81 -28.23 1.02 36.02
N MET A 82 -27.84 0.45 37.17
CA MET A 82 -28.49 -0.75 37.78
C MET A 82 -28.94 -0.39 39.19
N TYR A 83 -30.09 -0.92 39.61
CA TYR A 83 -30.58 -0.89 41.01
C TYR A 83 -31.13 -2.27 41.36
N PHE A 84 -30.28 -3.30 41.31
CA PHE A 84 -30.60 -4.68 41.74
C PHE A 84 -30.19 -4.87 43.21
N LEU A 85 -31.08 -5.47 44.00
CA LEU A 85 -30.83 -5.90 45.40
C LEU A 85 -31.00 -7.41 45.46
N GLU A 86 -30.23 -8.07 46.32
CA GLU A 86 -30.47 -9.49 46.69
C GLU A 86 -30.99 -9.49 48.13
N ARG A 87 -31.95 -10.37 48.42
CA ARG A 87 -32.48 -10.56 49.80
C ARG A 87 -31.62 -11.58 50.53
N GLN A 88 -31.20 -11.28 51.75
CA GLN A 88 -30.22 -12.10 52.51
C GLN A 88 -30.93 -13.37 53.00
N GLY A 89 -32.21 -13.25 53.33
CA GLY A 89 -32.98 -14.36 53.93
C GLY A 89 -32.31 -14.84 55.20
N THR A 90 -32.46 -16.12 55.52
CA THR A 90 -32.15 -16.68 56.87
C THR A 90 -30.77 -17.33 56.88
N TYR A 91 -30.18 -17.62 55.72
CA TYR A 91 -28.88 -18.34 55.57
C TYR A 91 -28.20 -17.89 54.28
N SER A 92 -27.16 -17.06 54.40
CA SER A 92 -26.43 -16.47 53.23
C SER A 92 -25.11 -15.83 53.72
N GLY A 93 -24.34 -15.30 52.78
CA GLY A 93 -23.06 -14.60 53.05
C GLY A 93 -23.25 -13.37 53.92
N LEU A 94 -22.18 -12.89 54.53
CA LEU A 94 -22.20 -11.75 55.47
C LEU A 94 -21.88 -10.46 54.71
N MET A 95 -22.64 -9.41 54.99
CA MET A 95 -22.42 -8.04 54.47
C MET A 95 -22.34 -7.11 55.68
N LEU A 96 -21.33 -6.22 55.71
CA LEU A 96 -21.18 -5.15 56.73
C LEU A 96 -21.32 -3.80 56.02
N ASP A 97 -22.29 -2.99 56.41
CA ASP A 97 -22.55 -1.64 55.82
C ASP A 97 -22.02 -0.58 56.81
N TYR A 98 -20.90 0.06 56.47
CA TYR A 98 -20.29 1.19 57.23
C TYR A 98 -20.70 2.54 56.62
N ASP A 99 -21.39 3.37 57.41
CA ASP A 99 -21.73 4.79 57.10
C ASP A 99 -20.82 5.69 57.93
N LEU A 100 -19.79 6.26 57.31
CA LEU A 100 -18.73 7.05 57.98
C LEU A 100 -19.05 8.54 57.93
N LYS A 101 -18.88 9.23 59.06
CA LYS A 101 -18.69 10.70 59.13
C LYS A 101 -17.18 10.98 59.21
N LEU A 102 -16.62 11.73 58.25
CA LEU A 102 -15.15 12.00 58.17
C LEU A 102 -14.78 13.41 58.64
N ASN A 103 -13.53 13.56 59.09
CA ASN A 103 -12.80 14.81 59.46
C ASN A 103 -12.85 15.84 58.33
N THR A 104 -12.85 15.36 57.09
CA THR A 104 -12.66 16.15 55.85
C THR A 104 -13.48 15.52 54.73
N ASN A 105 -13.43 16.14 53.54
CA ASN A 105 -14.15 15.72 52.30
C ASN A 105 -13.17 14.97 51.40
N ALA A 106 -12.03 14.55 51.94
CA ALA A 106 -11.00 13.74 51.27
C ALA A 106 -11.31 12.26 51.51
N VAL A 107 -11.35 11.45 50.45
CA VAL A 107 -11.42 9.97 50.52
C VAL A 107 -10.32 9.50 51.48
N PRO A 108 -10.65 8.73 52.53
CA PRO A 108 -9.64 8.23 53.46
C PRO A 108 -8.75 7.22 52.73
N PRO A 109 -7.46 7.08 53.12
CA PRO A 109 -6.52 6.26 52.36
C PRO A 109 -6.94 4.78 52.23
N LEU A 110 -7.41 4.16 53.31
CA LEU A 110 -7.87 2.75 53.35
C LEU A 110 -6.94 1.87 52.50
N GLU A 111 -5.67 1.81 52.87
CA GLU A 111 -4.63 1.00 52.17
C GLU A 111 -4.72 -0.45 52.67
N PRO A 112 -4.12 -1.42 51.95
CA PRO A 112 -4.24 -2.84 52.32
C PRO A 112 -3.99 -3.19 53.79
N PRO A 113 -2.96 -2.65 54.49
CA PRO A 113 -2.73 -3.00 55.90
C PRO A 113 -3.92 -2.73 56.84
N ALA A 114 -4.58 -1.58 56.69
CA ALA A 114 -5.77 -1.21 57.49
C ALA A 114 -6.90 -2.20 57.18
N LEU A 115 -7.18 -2.43 55.89
CA LEU A 115 -8.28 -3.32 55.45
C LEU A 115 -7.97 -4.76 55.87
N SER A 116 -6.71 -5.18 55.80
CA SER A 116 -6.21 -6.52 56.20
C SER A 116 -6.54 -6.74 57.68
N ARG A 117 -6.25 -5.75 58.52
CA ARG A 117 -6.47 -5.82 59.98
C ARG A 117 -7.97 -5.89 60.27
N LEU A 118 -8.78 -5.13 59.52
CA LEU A 118 -10.26 -5.16 59.61
C LEU A 118 -10.73 -6.60 59.39
N CYS A 119 -10.25 -7.28 58.34
CA CYS A 119 -10.60 -8.69 58.01
C CYS A 119 -10.30 -9.60 59.20
N HIS A 120 -9.11 -9.48 59.78
CA HIS A 120 -8.66 -10.29 60.94
C HIS A 120 -9.66 -10.11 62.08
N ARG A 121 -9.98 -8.86 62.44
CA ARG A 121 -10.89 -8.53 63.56
C ARG A 121 -12.29 -9.08 63.26
N ILE A 122 -12.80 -8.88 62.03
CA ILE A 122 -14.13 -9.41 61.59
C ILE A 122 -14.14 -10.93 61.80
N PHE A 123 -13.02 -11.58 61.48
CA PHE A 123 -12.89 -13.07 61.53
C PHE A 123 -12.91 -13.53 62.99
N VAL A 124 -12.21 -12.83 63.88
CA VAL A 124 -12.17 -13.15 65.33
C VAL A 124 -13.61 -13.25 65.84
N HIS A 125 -14.51 -12.37 65.41
CA HIS A 125 -15.93 -12.36 65.85
C HIS A 125 -16.70 -13.54 65.23
N ILE A 126 -16.44 -13.83 63.95
CA ILE A 126 -17.01 -15.01 63.23
C ILE A 126 -16.60 -16.28 63.99
N LYS A 127 -15.31 -16.45 64.26
CA LYS A 127 -14.74 -17.61 65.00
C LYS A 127 -15.40 -17.73 66.37
N ASN A 128 -15.59 -16.61 67.07
CA ASN A 128 -16.11 -16.55 68.45
C ASN A 128 -17.60 -16.94 68.48
N SER A 129 -18.29 -16.88 67.33
CA SER A 129 -19.71 -17.30 67.17
C SER A 129 -19.84 -18.83 67.25
N SER A 130 -18.74 -19.55 67.04
CA SER A 130 -18.57 -21.02 67.22
C SER A 130 -19.18 -21.82 66.06
N VAL A 131 -19.56 -21.19 64.95
CA VAL A 131 -20.41 -21.83 63.89
C VAL A 131 -19.54 -22.30 62.71
N LEU A 132 -18.24 -21.99 62.70
CA LEU A 132 -17.35 -22.36 61.57
C LEU A 132 -17.21 -23.87 61.54
N PRO A 133 -17.20 -24.50 60.35
CA PRO A 133 -16.95 -25.93 60.25
C PRO A 133 -15.47 -26.24 60.55
N GLU A 134 -15.19 -27.46 61.03
CA GLU A 134 -13.81 -27.96 61.26
C GLU A 134 -13.13 -28.14 59.89
N GLY A 135 -11.80 -28.13 59.86
CA GLY A 135 -11.00 -28.37 58.64
C GLY A 135 -10.38 -27.09 58.13
N SER A 136 -9.83 -27.13 56.91
CA SER A 136 -9.18 -25.98 56.23
C SER A 136 -10.16 -25.38 55.21
N HIS A 137 -10.37 -24.06 55.27
CA HIS A 137 -11.34 -23.34 54.40
C HIS A 137 -10.78 -21.95 54.02
N LYS A 138 -10.92 -21.59 52.75
CA LYS A 138 -10.73 -20.20 52.24
C LYS A 138 -12.05 -19.43 52.38
N ILE A 139 -11.99 -18.22 52.92
CA ILE A 139 -13.11 -17.23 52.83
C ILE A 139 -12.56 -15.92 52.28
N HIS A 140 -13.31 -15.31 51.35
CA HIS A 140 -12.93 -14.06 50.65
C HIS A 140 -13.68 -12.87 51.25
N PHE A 141 -12.95 -11.80 51.53
CA PHE A 141 -13.47 -10.46 51.94
C PHE A 141 -13.28 -9.50 50.76
N PHE A 142 -14.32 -8.72 50.45
CA PHE A 142 -14.30 -7.69 49.38
C PHE A 142 -14.73 -6.37 50.02
N PHE A 143 -13.96 -5.31 49.77
CA PHE A 143 -14.25 -3.93 50.22
C PHE A 143 -14.63 -3.10 48.99
N THR A 144 -15.89 -2.68 48.93
CA THR A 144 -16.42 -1.76 47.91
C THR A 144 -16.62 -0.42 48.61
N LEU A 145 -16.19 0.68 47.98
CA LEU A 145 -16.13 2.02 48.59
C LEU A 145 -17.03 2.99 47.81
N LYS A 146 -17.76 3.84 48.54
CA LYS A 146 -18.42 5.06 48.01
C LYS A 146 -17.40 5.81 47.15
N PRO A 147 -17.74 6.18 45.90
CA PRO A 147 -16.74 6.75 44.98
C PRO A 147 -16.18 8.09 45.45
N GLU A 148 -16.97 8.92 46.13
CA GLU A 148 -16.53 10.24 46.66
C GLU A 148 -17.17 10.51 48.04
N VAL A 149 -16.54 11.39 48.84
CA VAL A 149 -17.11 11.94 50.10
C VAL A 149 -18.06 13.07 49.69
N VAL A 150 -19.26 13.11 50.29
CA VAL A 150 -20.25 14.20 50.10
C VAL A 150 -20.54 14.77 51.49
N GLN A 151 -20.13 16.01 51.73
CA GLN A 151 -20.31 16.73 53.02
C GLN A 151 -19.78 15.88 54.18
N GLY A 152 -18.60 15.28 54.00
CA GLY A 152 -17.92 14.49 55.05
C GLY A 152 -18.54 13.11 55.24
N LYS A 153 -19.62 12.79 54.52
CA LYS A 153 -20.29 11.46 54.58
C LYS A 153 -19.55 10.51 53.64
N TYR A 154 -19.12 9.35 54.15
CA TYR A 154 -18.41 8.32 53.36
C TYR A 154 -18.93 6.93 53.74
N GLY A 155 -18.61 5.93 52.92
CA GLY A 155 -19.14 4.58 53.09
C GLY A 155 -18.24 3.51 52.50
N PHE A 156 -18.28 2.33 53.10
CA PHE A 156 -17.83 1.08 52.46
C PHE A 156 -18.72 -0.07 52.89
N HIS A 157 -18.83 -1.04 51.98
CA HIS A 157 -19.36 -2.41 52.24
C HIS A 157 -18.19 -3.37 52.40
N VAL A 158 -18.25 -4.23 53.42
CA VAL A 158 -17.44 -5.47 53.51
C VAL A 158 -18.35 -6.64 53.18
N LEU A 159 -18.06 -7.31 52.07
CA LEU A 159 -18.79 -8.51 51.61
C LEU A 159 -17.95 -9.75 51.93
N ILE A 160 -18.52 -10.70 52.67
CA ILE A 160 -17.98 -12.07 52.85
C ILE A 160 -19.02 -13.03 52.28
N PRO A 161 -19.18 -13.06 50.94
CA PRO A 161 -20.31 -13.73 50.29
C PRO A 161 -20.32 -15.27 50.43
N GLY A 162 -19.14 -15.90 50.51
CA GLY A 162 -18.98 -17.36 50.57
C GLY A 162 -19.29 -17.96 51.93
N LEU A 163 -19.16 -17.18 53.01
CA LEU A 163 -19.33 -17.66 54.41
C LEU A 163 -20.83 -17.66 54.75
N LYS A 164 -21.48 -18.80 54.58
CA LYS A 164 -22.96 -18.93 54.70
C LYS A 164 -23.30 -19.00 56.19
N LEU A 165 -23.97 -17.97 56.70
CA LEU A 165 -24.27 -17.74 58.14
C LEU A 165 -25.78 -17.63 58.35
N ALA A 166 -26.27 -18.09 59.50
CA ALA A 166 -27.66 -17.86 59.95
C ALA A 166 -27.82 -16.36 60.20
N ALA A 167 -29.00 -15.80 59.92
CA ALA A 167 -29.32 -14.37 60.15
C ALA A 167 -29.00 -14.00 61.60
N SER A 168 -29.41 -14.84 62.56
CA SER A 168 -29.20 -14.62 64.02
C SER A 168 -27.70 -14.53 64.32
N THR A 169 -26.86 -15.35 63.67
CA THR A 169 -25.37 -15.33 63.87
C THR A 169 -24.79 -14.02 63.30
N LYS A 170 -25.26 -13.58 62.13
CA LYS A 170 -24.83 -12.30 61.50
C LYS A 170 -25.09 -11.14 62.47
N LYS A 171 -26.30 -11.10 63.05
CA LYS A 171 -26.74 -10.05 64.01
C LYS A 171 -25.79 -10.05 65.21
N SER A 172 -25.50 -11.23 65.75
CA SER A 172 -24.56 -11.43 66.88
C SER A 172 -23.17 -10.90 66.51
N ILE A 173 -22.63 -11.31 65.35
CA ILE A 173 -21.29 -10.88 64.84
C ILE A 173 -21.27 -9.35 64.70
N ILE A 174 -22.33 -8.77 64.11
CA ILE A 174 -22.45 -7.31 63.91
C ILE A 174 -22.45 -6.60 65.28
N GLY A 175 -23.22 -7.09 66.25
CA GLY A 175 -23.25 -6.56 67.64
C GLY A 175 -21.85 -6.45 68.23
N SER A 176 -21.10 -7.54 68.16
CA SER A 176 -19.69 -7.63 68.66
C SER A 176 -18.79 -6.64 67.92
N LEU A 177 -18.94 -6.53 66.60
CA LEU A 177 -18.07 -5.69 65.73
C LEU A 177 -18.23 -4.20 66.08
N GLN A 178 -19.44 -3.78 66.46
CA GLN A 178 -19.73 -2.37 66.82
C GLN A 178 -18.85 -1.94 68.00
N HIS A 179 -18.57 -2.85 68.94
CA HIS A 179 -17.86 -2.59 70.22
C HIS A 179 -16.36 -2.93 70.15
N ASP A 180 -15.84 -3.28 68.97
CA ASP A 180 -14.42 -3.72 68.80
C ASP A 180 -13.50 -2.50 68.83
N ALA A 181 -12.65 -2.42 69.87
CA ALA A 181 -11.73 -1.30 70.15
C ALA A 181 -10.68 -1.18 69.03
N THR A 182 -10.17 -2.28 68.51
CA THR A 182 -9.15 -2.28 67.42
C THR A 182 -9.77 -1.72 66.13
N VAL A 183 -11.01 -2.09 65.81
CA VAL A 183 -11.74 -1.61 64.60
C VAL A 183 -11.97 -0.09 64.76
N GLN A 184 -12.35 0.34 65.96
CA GLN A 184 -12.64 1.77 66.28
C GLN A 184 -11.36 2.58 66.09
N LYS A 185 -10.23 2.05 66.55
CA LYS A 185 -8.89 2.66 66.36
C LYS A 185 -8.61 2.83 64.86
N ILE A 186 -8.66 1.74 64.10
CA ILE A 186 -8.37 1.75 62.63
C ILE A 186 -9.20 2.87 61.98
N LEU A 187 -10.50 2.90 62.27
CA LEU A 187 -11.46 3.86 61.65
C LEU A 187 -11.09 5.28 62.07
N HIS A 188 -10.75 5.48 63.35
CA HIS A 188 -10.32 6.78 63.92
C HIS A 188 -9.08 7.29 63.17
N GLU A 189 -8.09 6.44 62.93
CA GLU A 189 -6.82 6.81 62.25
C GLU A 189 -7.08 7.10 60.77
N GLN A 190 -8.23 6.68 60.24
CA GLN A 190 -8.65 6.97 58.83
C GLN A 190 -9.36 8.33 58.79
N GLY A 191 -9.70 8.92 59.94
CA GLY A 191 -10.39 10.23 60.06
C GLY A 191 -11.87 10.09 60.34
N VAL A 192 -12.33 8.93 60.81
CA VAL A 192 -13.78 8.67 61.10
C VAL A 192 -14.09 9.25 62.48
N THR A 193 -15.11 10.10 62.56
CA THR A 193 -15.56 10.79 63.80
C THR A 193 -16.71 10.03 64.46
N ASN A 194 -17.28 8.99 63.82
CA ASN A 194 -18.36 8.14 64.40
C ASN A 194 -17.94 6.67 64.41
N PRO A 195 -16.75 6.33 64.94
CA PRO A 195 -16.27 4.95 64.91
C PRO A 195 -17.11 3.99 65.76
N GLU A 196 -17.90 4.51 66.72
CA GLU A 196 -18.72 3.71 67.65
C GLU A 196 -20.07 3.35 67.03
N SER A 197 -20.52 4.09 66.01
CA SER A 197 -21.92 4.06 65.51
C SER A 197 -22.00 4.11 63.98
N CYS A 198 -20.95 3.70 63.27
CA CYS A 198 -20.87 3.77 61.78
C CYS A 198 -21.33 2.44 61.16
N LEU A 199 -21.25 1.32 61.89
CA LEU A 199 -21.71 -0.01 61.38
C LEU A 199 -23.23 -0.13 61.53
N ASP A 200 -23.95 -0.23 60.43
CA ASP A 200 -25.43 -0.42 60.42
C ASP A 200 -25.79 -1.74 61.13
N PRO A 201 -26.46 -1.69 62.31
CA PRO A 201 -26.81 -2.91 63.04
C PRO A 201 -27.84 -3.81 62.33
N HIS A 202 -28.45 -3.31 61.25
CA HIS A 202 -29.43 -4.04 60.39
C HIS A 202 -28.74 -4.63 59.15
N SER A 203 -27.41 -4.51 59.07
CA SER A 203 -26.54 -5.10 58.01
C SER A 203 -26.93 -6.55 57.72
N ALA A 204 -27.40 -7.28 58.74
CA ALA A 204 -27.77 -8.73 58.67
C ALA A 204 -29.06 -8.94 57.87
N SER A 205 -29.98 -7.97 57.88
CA SER A 205 -31.39 -8.16 57.43
C SER A 205 -31.69 -7.34 56.16
N VAL A 206 -31.03 -6.20 55.95
CA VAL A 206 -31.36 -5.29 54.80
C VAL A 206 -31.08 -6.05 53.50
N PRO A 207 -31.88 -5.83 52.44
CA PRO A 207 -31.51 -6.26 51.10
C PRO A 207 -30.20 -5.58 50.71
N SER A 208 -29.33 -6.30 49.99
CA SER A 208 -27.93 -5.89 49.74
C SER A 208 -27.77 -5.62 48.24
N LEU A 209 -27.23 -4.46 47.89
CA LEU A 209 -27.04 -4.05 46.47
C LEU A 209 -26.11 -5.06 45.79
N LEU A 210 -26.46 -5.50 44.59
CA LEU A 210 -25.53 -6.28 43.74
C LEU A 210 -24.40 -5.33 43.32
N TYR A 211 -23.21 -5.85 43.12
CA TYR A 211 -22.05 -5.05 42.67
C TYR A 211 -22.44 -4.36 41.36
N GLY A 212 -22.21 -3.05 41.27
CA GLY A 212 -22.56 -2.23 40.10
C GLY A 212 -23.89 -1.53 40.26
N SER A 213 -24.66 -1.85 41.30
CA SER A 213 -25.99 -1.27 41.57
C SER A 213 -25.89 -0.21 42.68
N SER A 214 -26.89 0.67 42.76
CA SER A 214 -26.99 1.75 43.78
C SER A 214 -28.42 2.28 43.85
N LYS A 215 -28.78 2.92 44.97
CA LYS A 215 -29.98 3.79 45.07
C LYS A 215 -29.91 4.78 43.91
N LEU A 216 -31.06 5.27 43.46
CA LEU A 216 -31.13 6.07 42.20
C LEU A 216 -30.48 7.44 42.42
N ASN A 217 -30.33 7.86 43.68
CA ASN A 217 -29.75 9.17 44.07
C ASN A 217 -28.24 9.07 44.31
N HIS A 218 -27.67 7.85 44.33
CA HIS A 218 -26.25 7.59 44.67
C HIS A 218 -25.54 6.97 43.46
N LYS A 219 -24.20 6.88 43.50
CA LYS A 219 -23.40 6.17 42.47
C LYS A 219 -22.96 4.84 43.07
N PRO A 220 -22.71 3.80 42.24
CA PRO A 220 -22.35 2.48 42.75
C PRO A 220 -20.97 2.48 43.44
N TYR A 221 -20.87 1.75 44.55
CA TYR A 221 -19.60 1.47 45.26
C TYR A 221 -18.68 0.73 44.29
N GLN A 222 -17.38 1.00 44.39
CA GLN A 222 -16.31 0.45 43.51
C GLN A 222 -15.44 -0.52 44.34
N LEU A 223 -15.14 -1.69 43.78
CA LEU A 223 -14.28 -2.70 44.43
C LEU A 223 -12.85 -2.15 44.48
N LYS A 224 -12.31 -1.93 45.67
CA LYS A 224 -10.93 -1.41 45.84
C LYS A 224 -9.98 -2.59 46.02
N THR A 225 -10.27 -3.47 46.96
CA THR A 225 -9.35 -4.56 47.40
C THR A 225 -10.19 -5.76 47.88
N GLY A 226 -9.76 -6.97 47.53
CA GLY A 226 -10.28 -8.22 48.09
C GLY A 226 -9.17 -9.04 48.75
N PHE A 227 -9.52 -9.81 49.78
CA PHE A 227 -8.56 -10.62 50.57
C PHE A 227 -9.05 -12.07 50.66
N GLU A 228 -8.09 -12.99 50.62
CA GLU A 228 -8.29 -14.44 50.88
C GLU A 228 -7.80 -14.75 52.30
N LEU A 229 -8.70 -15.16 53.18
CA LEU A 229 -8.38 -15.64 54.54
C LEU A 229 -8.53 -17.16 54.54
N VAL A 230 -7.47 -17.89 54.93
CA VAL A 230 -7.53 -19.36 55.15
C VAL A 230 -7.55 -19.58 56.66
N PHE A 231 -8.51 -20.34 57.16
CA PHE A 231 -8.53 -20.83 58.57
C PHE A 231 -8.41 -22.35 58.57
N ASP A 232 -7.76 -22.88 59.60
CA ASP A 232 -7.55 -24.34 59.81
C ASP A 232 -7.79 -24.63 61.29
N SER A 233 -8.81 -25.43 61.60
CA SER A 233 -9.24 -25.79 62.99
C SER A 233 -8.08 -26.46 63.75
N SER A 234 -7.23 -27.20 63.03
CA SER A 234 -6.08 -27.95 63.60
C SER A 234 -4.95 -26.97 63.99
N ASP A 235 -4.88 -25.81 63.32
CA ASP A 235 -3.80 -24.80 63.46
C ASP A 235 -4.43 -23.42 63.62
N PRO A 236 -5.17 -23.18 64.72
CA PRO A 236 -6.05 -22.01 64.83
C PRO A 236 -5.32 -20.65 64.90
N ASP A 237 -4.04 -20.66 65.22
CA ASP A 237 -3.22 -19.43 65.41
C ASP A 237 -2.66 -18.98 64.05
N TYR A 238 -2.76 -19.81 63.01
CA TYR A 238 -2.29 -19.45 61.65
C TYR A 238 -3.48 -18.99 60.81
N ILE A 239 -3.60 -17.69 60.59
CA ILE A 239 -4.75 -17.04 59.87
C ILE A 239 -4.19 -16.15 58.77
N PRO A 240 -3.62 -16.75 57.70
CA PRO A 240 -3.04 -15.99 56.60
C PRO A 240 -4.12 -15.20 55.85
N ILE A 241 -3.87 -13.90 55.67
CA ILE A 241 -4.71 -12.96 54.87
C ILE A 241 -3.79 -12.36 53.79
N HIS A 242 -4.16 -12.56 52.53
CA HIS A 242 -3.46 -12.05 51.32
C HIS A 242 -4.45 -11.40 50.36
N GLN A 243 -4.06 -10.27 49.77
CA GLN A 243 -4.78 -9.62 48.66
C GLN A 243 -5.02 -10.68 47.57
N ILE A 244 -6.21 -10.68 46.98
CA ILE A 244 -6.55 -11.42 45.73
C ILE A 244 -6.03 -10.59 44.55
N LYS A 245 -5.29 -11.19 43.61
CA LYS A 245 -4.49 -10.40 42.62
C LYS A 245 -5.23 -10.28 41.29
N ASN A 246 -5.95 -11.32 40.86
CA ASN A 246 -6.57 -11.39 39.50
C ASN A 246 -8.09 -11.26 39.62
N LEU A 247 -8.57 -10.23 40.34
CA LEU A 247 -10.01 -9.96 40.60
C LEU A 247 -10.76 -9.77 39.27
N GLU A 248 -10.18 -9.00 38.34
CA GLU A 248 -10.74 -8.67 37.00
C GLU A 248 -11.06 -9.94 36.19
N SER A 249 -10.38 -11.06 36.49
CA SER A 249 -10.53 -12.36 35.79
C SER A 249 -11.91 -12.98 36.04
N TYR A 250 -12.62 -12.56 37.08
CA TYR A 250 -13.87 -13.21 37.55
C TYR A 250 -15.05 -12.33 37.22
N ASN A 251 -16.25 -12.92 37.23
CA ASN A 251 -17.53 -12.18 37.19
C ASN A 251 -17.80 -11.66 38.60
N LEU A 252 -17.56 -10.37 38.83
CA LEU A 252 -17.59 -9.74 40.18
C LEU A 252 -19.02 -9.67 40.72
N VAL A 253 -20.04 -9.39 39.89
CA VAL A 253 -21.45 -9.42 40.36
C VAL A 253 -21.70 -10.81 40.99
N SER A 254 -21.31 -11.85 40.26
CA SER A 254 -21.40 -13.29 40.65
C SER A 254 -20.66 -13.54 41.97
N GLU A 255 -19.35 -13.28 42.01
CA GLU A 255 -18.47 -13.66 43.15
C GLU A 255 -18.91 -12.92 44.42
N LEU A 256 -19.31 -11.65 44.31
CA LEU A 256 -19.63 -10.76 45.47
C LEU A 256 -21.04 -11.03 46.02
N SER A 257 -21.88 -11.75 45.27
CA SER A 257 -23.29 -12.05 45.67
C SER A 257 -23.33 -12.92 46.93
N LEU A 258 -24.03 -12.45 47.97
CA LEU A 258 -24.20 -13.13 49.28
C LEU A 258 -24.98 -14.44 49.12
N THR A 259 -25.86 -14.54 48.12
CA THR A 259 -26.81 -15.67 47.96
C THR A 259 -26.30 -16.67 46.91
N ASN A 260 -25.30 -16.31 46.10
CA ASN A 260 -24.68 -17.19 45.08
C ASN A 260 -23.95 -18.35 45.77
N GLU A 261 -24.01 -19.55 45.18
CA GLU A 261 -23.31 -20.77 45.65
C GLU A 261 -22.49 -21.39 44.53
N GLN A 262 -22.47 -20.76 43.34
CA GLN A 262 -21.86 -21.30 42.10
C GLN A 262 -20.84 -20.31 41.54
N GLY A 263 -20.23 -19.50 42.41
CA GLY A 263 -19.04 -18.70 42.06
C GLY A 263 -17.84 -19.58 41.76
N SER A 264 -16.84 -19.05 41.05
CA SER A 264 -15.58 -19.74 40.69
C SER A 264 -14.52 -19.44 41.74
N LEU A 265 -14.27 -18.16 42.02
CA LEU A 265 -13.35 -17.70 43.09
C LEU A 265 -13.96 -18.06 44.45
N VAL A 266 -15.20 -17.65 44.68
CA VAL A 266 -15.91 -17.78 45.98
C VAL A 266 -16.65 -19.11 45.99
N ARG A 267 -16.13 -20.07 46.75
CA ARG A 267 -16.77 -21.41 47.00
C ARG A 267 -17.38 -21.35 48.39
N PRO A 268 -18.65 -21.76 48.56
CA PRO A 268 -19.31 -21.64 49.85
C PRO A 268 -18.62 -22.44 50.95
N VAL A 269 -18.55 -21.87 52.16
CA VAL A 269 -18.29 -22.63 53.40
C VAL A 269 -19.52 -22.46 54.30
N TYR A 270 -20.13 -23.60 54.64
CA TYR A 270 -21.43 -23.72 55.33
C TYR A 270 -21.17 -23.75 56.84
N CYS A 271 -21.63 -22.70 57.52
CA CYS A 271 -21.60 -22.58 59.00
C CYS A 271 -22.83 -23.28 59.57
N ALA A 272 -22.73 -23.74 60.83
CA ALA A 272 -23.84 -24.32 61.61
C ALA A 272 -24.97 -23.29 61.71
N ALA A 273 -26.22 -23.72 61.52
CA ALA A 273 -27.43 -22.87 61.63
C ALA A 273 -27.85 -22.76 63.10
N MET A 294 -45.22 0.67 49.96
CA MET A 294 -45.00 1.33 48.68
C MET A 294 -45.87 0.65 47.63
N LEU A 295 -47.02 1.24 47.32
CA LEU A 295 -47.97 0.62 46.41
C LEU A 295 -48.61 1.58 45.43
N HIS A 296 -48.16 2.84 45.37
CA HIS A 296 -48.76 3.80 44.45
C HIS A 296 -48.40 3.52 42.99
N ASP A 297 -47.27 2.80 42.75
CA ASP A 297 -46.67 2.35 41.50
C ASP A 297 -46.87 3.33 40.33
N PRO A 298 -46.27 4.52 40.40
CA PRO A 298 -46.52 5.54 39.36
C PRO A 298 -46.01 5.16 37.98
N GLU A 299 -44.97 4.32 37.90
CA GLU A 299 -44.39 3.83 36.64
C GLU A 299 -43.94 4.98 35.74
N ALA A 300 -43.16 5.89 36.32
CA ALA A 300 -42.47 6.99 35.64
C ALA A 300 -43.42 7.98 34.98
N ARG A 301 -44.71 7.95 35.30
CA ARG A 301 -45.68 8.88 34.73
C ARG A 301 -46.35 9.76 35.77
N TYR A 302 -46.94 9.17 36.80
CA TYR A 302 -47.83 9.89 37.70
C TYR A 302 -47.12 10.50 38.90
N LEU A 303 -45.83 10.28 39.07
CA LEU A 303 -45.12 10.78 40.23
C LEU A 303 -44.74 12.25 40.10
N HIS A 304 -44.99 12.86 38.93
CA HIS A 304 -44.60 14.25 38.71
C HIS A 304 -45.33 15.19 39.67
N LYS A 305 -46.61 14.94 39.92
CA LYS A 305 -47.34 15.73 40.90
C LYS A 305 -46.78 15.55 42.31
N ILE A 306 -46.18 14.38 42.59
CA ILE A 306 -45.46 14.18 43.84
C ILE A 306 -44.35 15.22 43.96
N LEU A 307 -43.64 15.48 42.85
CA LEU A 307 -42.59 16.48 42.83
C LEU A 307 -43.11 17.89 43.13
N ASN A 308 -44.40 18.16 42.91
CA ASN A 308 -44.95 19.43 43.34
C ASN A 308 -46.02 19.29 44.41
N LEU A 309 -46.07 18.14 45.09
CA LEU A 309 -46.87 18.04 46.31
C LEU A 309 -46.03 18.23 47.57
N LEU A 310 -44.70 18.31 47.44
CA LEU A 310 -43.81 18.66 48.54
C LEU A 310 -43.68 20.17 48.78
N PRO A 311 -43.45 21.04 47.79
CA PRO A 311 -43.24 22.47 48.12
C PRO A 311 -44.52 23.30 48.25
N PRO A 312 -45.72 22.72 48.45
CA PRO A 312 -46.72 23.49 49.18
C PRO A 312 -46.25 23.86 50.59
N GLU A 313 -46.62 25.06 51.00
CA GLU A 313 -46.34 25.59 52.33
C GLU A 313 -47.54 25.42 53.26
N TYR A 314 -48.20 24.28 53.14
CA TYR A 314 -49.54 24.05 53.69
C TYR A 314 -49.51 23.35 55.04
N TYR A 315 -48.55 23.71 55.90
CA TYR A 315 -48.52 23.16 57.25
C TYR A 315 -49.76 23.54 58.05
N VAL A 316 -50.09 24.83 58.10
CA VAL A 316 -51.25 25.29 58.84
C VAL A 316 -52.45 25.37 57.90
N GLU A 317 -53.51 24.65 58.24
CA GLU A 317 -54.70 24.50 57.37
C GLU A 317 -55.96 24.78 58.19
N TYR A 318 -56.37 26.03 58.28
CA TYR A 318 -57.70 26.24 58.83
C TYR A 318 -58.75 26.08 57.72
N PRO A 319 -58.65 26.77 56.54
CA PRO A 319 -59.54 26.39 55.43
C PRO A 319 -58.91 25.49 54.37
N LEU A 320 -57.59 25.30 54.42
CA LEU A 320 -56.83 24.80 53.29
C LEU A 320 -56.63 23.29 53.30
N TRP A 321 -57.14 22.59 54.30
CA TRP A 321 -56.95 21.13 54.39
C TRP A 321 -57.79 20.37 53.38
N SER A 322 -58.82 21.00 52.82
CA SER A 322 -59.86 20.28 52.09
C SER A 322 -59.84 20.49 50.58
N ASN A 323 -59.63 21.74 50.13
CA ASN A 323 -59.75 22.06 48.71
C ASN A 323 -58.77 21.26 47.86
N VAL A 324 -57.63 20.90 48.42
CA VAL A 324 -56.68 20.04 47.71
C VAL A 324 -57.25 18.64 47.51
N VAL A 325 -57.99 18.13 48.50
CA VAL A 325 -58.47 16.75 48.35
C VAL A 325 -59.74 16.68 47.51
N PHE A 326 -60.52 17.76 47.40
CA PHE A 326 -61.46 17.74 46.26
C PHE A 326 -60.79 18.02 44.93
N ALA A 327 -59.65 18.73 44.92
CA ALA A 327 -58.94 18.95 43.67
C ALA A 327 -58.33 17.66 43.13
N LEU A 328 -57.92 16.76 44.02
CA LEU A 328 -57.35 15.49 43.63
C LEU A 328 -58.41 14.41 43.41
N ALA A 329 -59.65 14.79 43.11
CA ALA A 329 -60.71 13.83 42.87
C ALA A 329 -60.58 13.13 41.52
N ASN A 330 -59.70 13.60 40.64
CA ASN A 330 -59.49 12.96 39.35
C ASN A 330 -58.49 11.81 39.41
N THR A 331 -57.91 11.55 40.57
CA THR A 331 -56.97 10.44 40.77
C THR A 331 -57.56 9.50 41.82
N SER A 332 -57.56 8.21 41.50
CA SER A 332 -58.17 7.20 42.36
C SER A 332 -57.26 6.72 43.49
N ALA A 333 -56.03 7.21 43.57
CA ALA A 333 -55.06 6.77 44.56
C ALA A 333 -54.52 7.96 45.34
N ASN A 334 -55.43 8.79 45.85
CA ASN A 334 -55.06 10.01 46.58
C ASN A 334 -54.80 9.76 48.06
N TYR A 335 -54.91 8.50 48.53
CA TYR A 335 -54.74 8.22 49.95
C TYR A 335 -53.30 8.40 50.40
N ARG A 336 -52.34 7.95 49.60
CA ARG A 336 -50.92 8.15 49.90
C ARG A 336 -50.53 9.63 49.84
N PRO A 337 -50.98 10.44 48.85
CA PRO A 337 -50.77 11.89 48.99
C PRO A 337 -51.45 12.51 50.21
N LEU A 338 -52.61 12.00 50.62
CA LEU A 338 -53.23 12.53 51.83
C LEU A 338 -52.42 12.18 53.07
N ALA A 339 -51.83 10.98 53.10
CA ALA A 339 -50.97 10.61 54.22
C ALA A 339 -49.66 11.40 54.19
N GLU A 340 -49.21 11.82 53.01
CA GLU A 340 -48.06 12.70 52.90
C GLU A 340 -48.38 14.14 53.29
N TRP A 341 -49.66 14.54 53.13
CA TRP A 341 -50.06 15.95 53.18
C TRP A 341 -49.73 16.60 54.53
N PHE A 342 -50.17 15.98 55.63
CA PHE A 342 -49.92 16.53 56.95
C PHE A 342 -48.65 15.97 57.58
N SER A 343 -47.81 15.30 56.80
CA SER A 343 -46.52 14.82 57.26
C SER A 343 -45.40 15.83 57.06
N GLN A 344 -45.74 17.04 56.61
CA GLN A 344 -44.75 18.09 56.37
C GLN A 344 -44.10 18.56 57.67
N THR A 352 -48.86 22.22 64.29
CA THR A 352 -47.83 21.19 64.44
C THR A 352 -48.47 19.84 64.77
N GLY A 353 -47.84 18.77 64.27
CA GLY A 353 -48.38 17.44 64.54
C GLY A 353 -49.58 17.15 63.68
N GLY A 354 -50.69 16.80 64.34
CA GLY A 354 -51.93 16.48 63.65
C GLY A 354 -52.16 15.01 63.42
N LYS A 355 -51.12 14.18 63.60
CA LYS A 355 -51.09 12.72 63.40
C LYS A 355 -51.85 12.25 62.16
N GLU A 356 -51.63 12.96 61.04
CA GLU A 356 -52.28 12.69 59.75
C GLU A 356 -53.81 12.73 59.87
N LYS A 357 -54.31 13.82 60.45
CA LYS A 357 -55.74 14.08 60.63
C LYS A 357 -56.44 12.95 61.38
N LEU A 358 -55.83 12.54 62.51
CA LEU A 358 -56.30 11.47 63.40
C LEU A 358 -56.41 10.12 62.69
N GLU A 359 -55.73 10.00 61.54
CA GLU A 359 -55.81 8.83 60.65
C GLU A 359 -57.26 8.49 60.29
N LYS A 360 -58.04 9.54 60.01
CA LYS A 360 -59.43 9.35 59.60
C LYS A 360 -59.56 8.89 58.15
N LEU A 361 -58.52 9.09 57.34
CA LEU A 361 -58.46 8.67 55.94
C LEU A 361 -59.62 9.27 55.13
N TRP A 362 -59.60 10.61 55.06
CA TRP A 362 -60.58 11.43 54.34
C TRP A 362 -62.00 11.17 54.84
N ASN A 363 -62.17 11.35 56.16
CA ASN A 363 -63.45 11.20 56.85
C ASN A 363 -64.07 9.82 56.60
N ASP A 364 -63.23 8.79 56.72
CA ASP A 364 -63.57 7.39 56.47
C ASP A 364 -64.06 7.22 55.03
N ALA A 365 -63.11 7.45 54.12
CA ALA A 365 -63.23 7.16 52.69
C ALA A 365 -64.39 7.93 52.04
N SER A 366 -64.22 9.25 52.00
CA SER A 366 -65.18 10.10 51.31
C SER A 366 -65.15 9.81 49.82
N HIS A 367 -66.34 9.70 49.22
CA HIS A 367 -66.45 9.30 47.82
C HIS A 367 -66.06 10.45 46.90
N HIS A 368 -65.83 10.10 45.63
CA HIS A 368 -65.51 11.09 44.62
C HIS A 368 -66.79 11.72 44.06
N THR A 369 -66.64 12.94 43.55
CA THR A 369 -67.78 13.76 43.16
C THR A 369 -67.65 14.19 41.70
N GLU A 370 -68.50 15.14 41.30
CA GLU A 370 -68.55 15.62 39.93
C GLU A 370 -67.35 16.53 39.63
N LYS A 371 -67.36 17.18 38.47
CA LYS A 371 -66.19 17.90 38.00
C LYS A 371 -65.98 19.21 38.75
N LYS A 372 -65.20 19.15 39.82
CA LYS A 372 -64.73 20.32 40.55
C LYS A 372 -63.47 20.86 39.90
N ILE A 373 -62.72 21.69 40.64
CA ILE A 373 -61.44 22.21 40.14
C ILE A 373 -60.48 21.07 39.82
N THR A 374 -59.53 21.36 38.94
CA THR A 374 -58.70 20.35 38.30
C THR A 374 -57.25 20.50 38.76
N LYS A 375 -56.35 19.77 38.07
CA LYS A 375 -54.95 19.70 38.51
C LYS A 375 -54.22 21.03 38.40
N ARG A 376 -54.76 21.99 37.63
CA ARG A 376 -54.13 23.30 37.52
C ARG A 376 -54.19 24.08 38.82
N SER A 377 -55.13 23.73 39.72
CA SER A 377 -55.24 24.40 41.01
C SER A 377 -54.01 24.18 41.88
N ILE A 378 -53.46 22.96 41.89
CA ILE A 378 -52.27 22.69 42.69
C ILE A 378 -51.05 23.40 42.11
N MET A 379 -50.99 23.51 40.77
CA MET A 379 -49.94 24.32 40.15
C MET A 379 -50.08 25.79 40.51
N TYR A 380 -51.33 26.27 40.67
CA TYR A 380 -51.51 27.63 41.18
C TYR A 380 -51.13 27.73 42.65
N TRP A 381 -51.32 26.65 43.41
CA TRP A 381 -50.99 26.69 44.82
C TRP A 381 -49.49 26.62 45.07
N ALA A 382 -48.72 26.15 44.09
CA ALA A 382 -47.29 26.38 44.06
C ALA A 382 -47.04 27.72 43.37
N HIS A 383 -45.78 28.02 43.05
CA HIS A 383 -45.36 29.19 42.27
C HIS A 383 -45.59 30.52 43.00
N LYS A 384 -46.19 30.47 44.18
CA LYS A 384 -46.39 31.65 45.02
C LYS A 384 -45.96 31.32 46.44
N HIS A 385 -46.07 30.04 46.81
CA HIS A 385 -45.56 29.55 48.08
C HIS A 385 -44.12 29.07 47.96
N ALA A 386 -43.76 28.52 46.80
CA ALA A 386 -42.36 28.15 46.52
C ALA A 386 -42.13 28.36 45.03
N PRO A 387 -41.89 29.61 44.61
CA PRO A 387 -41.83 29.89 43.17
C PRO A 387 -40.59 29.34 42.49
N GLN A 388 -39.42 29.47 43.12
CA GLN A 388 -38.19 28.99 42.50
C GLN A 388 -38.16 27.48 42.41
N GLN A 389 -38.61 26.78 43.47
CA GLN A 389 -38.65 25.33 43.45
C GLN A 389 -39.63 24.81 42.40
N TYR A 390 -40.81 25.44 42.31
CA TYR A 390 -41.77 25.09 41.27
C TYR A 390 -41.19 25.32 39.89
N LYS A 391 -40.46 26.42 39.71
CA LYS A 391 -39.86 26.72 38.42
C LYS A 391 -38.84 25.65 38.02
N GLU A 392 -37.94 25.28 38.95
CA GLU A 392 -36.93 24.30 38.55
C GLU A 392 -37.53 22.92 38.33
N ILE A 393 -38.56 22.54 39.11
CA ILE A 393 -39.14 21.23 38.86
C ILE A 393 -39.95 21.20 37.56
N VAL A 394 -40.59 22.31 37.17
CA VAL A 394 -41.33 22.26 35.92
C VAL A 394 -40.38 22.27 34.72
N GLU A 395 -39.29 23.04 34.76
CA GLU A 395 -38.34 22.91 33.65
C GLU A 395 -37.65 21.54 33.65
N GLN A 396 -37.46 20.92 34.82
CA GLN A 396 -36.91 19.57 34.84
C GLN A 396 -37.87 18.57 34.21
N GLY A 397 -39.17 18.69 34.48
CA GLY A 397 -40.14 17.82 33.84
C GLY A 397 -40.25 18.07 32.34
N TYR A 398 -40.15 19.34 31.93
CA TYR A 398 -40.13 19.74 30.53
C TYR A 398 -38.98 19.05 29.80
N PHE A 399 -37.78 19.18 30.38
CA PHE A 399 -36.57 18.57 29.82
C PHE A 399 -36.68 17.06 29.81
N SER A 400 -37.27 16.47 30.85
CA SER A 400 -37.40 15.02 30.90
C SER A 400 -38.33 14.49 29.82
N ILE A 401 -39.47 15.16 29.60
CA ILE A 401 -40.40 14.73 28.57
C ILE A 401 -39.76 14.86 27.19
N LEU A 402 -39.09 16.00 26.93
CA LEU A 402 -38.47 16.19 25.63
C LEU A 402 -37.31 15.22 25.42
N ALA A 403 -36.54 14.93 26.47
CA ALA A 403 -35.42 14.00 26.34
C ALA A 403 -35.91 12.58 26.12
N GLU A 404 -37.01 12.19 26.78
CA GLU A 404 -37.58 10.87 26.54
C GLU A 404 -38.08 10.74 25.11
N TYR A 405 -38.76 11.78 24.60
CA TYR A 405 -39.26 11.73 23.24
C TYR A 405 -38.14 11.79 22.20
N VAL A 406 -37.01 12.42 22.53
CA VAL A 406 -35.88 12.43 21.61
C VAL A 406 -35.18 11.08 21.62
N TYR A 407 -34.80 10.59 22.81
CA TYR A 407 -34.04 9.34 22.92
C TYR A 407 -34.85 8.14 22.44
N SER A 408 -36.18 8.19 22.55
CA SER A 408 -37.00 7.08 22.09
C SER A 408 -36.98 6.97 20.57
N TYR A 409 -36.94 8.10 19.87
CA TYR A 409 -37.06 8.13 18.41
C TYR A 409 -35.88 8.84 17.77
N ASN A 410 -34.67 8.56 18.28
CA ASN A 410 -33.40 9.03 17.74
C ASN A 410 -33.30 10.55 17.64
N GLY A 411 -33.43 11.09 16.44
CA GLY A 411 -33.28 12.51 16.26
C GLY A 411 -34.53 13.26 15.84
N MET A 412 -35.36 12.63 15.03
CA MET A 412 -36.50 13.32 14.43
C MET A 412 -37.64 13.46 15.43
N LEU A 413 -38.38 14.55 15.30
CA LEU A 413 -39.54 14.82 16.14
C LEU A 413 -40.71 15.18 15.24
N GLU A 414 -41.82 14.46 15.38
CA GLU A 414 -43.02 14.77 14.64
C GLU A 414 -43.91 15.69 15.47
N HIS A 415 -45.17 15.85 15.05
CA HIS A 415 -46.02 16.88 15.61
C HIS A 415 -46.50 16.53 17.02
N TYR A 416 -46.76 15.24 17.29
CA TYR A 416 -47.44 14.89 18.53
C TYR A 416 -46.55 15.06 19.76
N MET A 417 -45.27 14.72 19.65
CA MET A 417 -44.40 14.86 20.81
C MET A 417 -44.21 16.33 21.20
N ILE A 418 -44.01 17.20 20.20
CA ILE A 418 -43.89 18.62 20.47
C ILE A 418 -45.21 19.18 20.98
N ALA A 419 -46.33 18.65 20.47
CA ALA A 419 -47.65 19.05 20.99
C ALA A 419 -47.82 18.63 22.44
N LYS A 420 -47.32 17.45 22.81
CA LYS A 420 -47.39 16.98 24.19
C LYS A 420 -46.56 17.85 25.11
N VAL A 421 -45.36 18.24 24.67
CA VAL A 421 -44.51 19.12 25.47
C VAL A 421 -45.18 20.50 25.61
N ILE A 422 -45.80 20.98 24.53
CA ILE A 422 -46.49 22.27 24.57
C ILE A 422 -47.69 22.21 25.51
N TYR A 423 -48.41 21.09 25.52
CA TYR A 423 -49.51 20.90 26.46
C TYR A 423 -49.01 20.85 27.89
N ALA A 424 -47.83 20.24 28.11
CA ALA A 424 -47.22 20.28 29.44
C ALA A 424 -46.82 21.71 29.80
N MET A 425 -46.52 22.55 28.81
CA MET A 425 -46.08 23.91 29.09
C MET A 425 -47.25 24.83 29.43
N MET A 426 -48.24 24.91 28.55
CA MET A 426 -49.36 25.85 28.69
C MET A 426 -50.69 25.13 28.92
N GLY A 427 -50.69 24.07 29.74
CA GLY A 427 -51.91 23.35 30.01
C GLY A 427 -52.92 24.12 30.82
N ASN A 428 -52.48 25.15 31.55
CA ASN A 428 -53.36 25.97 32.36
C ASN A 428 -53.55 27.37 31.77
N LYS A 429 -53.43 27.50 30.46
CA LYS A 429 -53.60 28.80 29.81
C LYS A 429 -54.51 28.71 28.60
N PHE A 430 -54.59 27.53 27.98
CA PHE A 430 -55.35 27.36 26.74
C PHE A 430 -56.29 26.19 26.86
N VAL A 431 -57.49 26.33 26.27
CA VAL A 431 -58.43 25.24 26.09
C VAL A 431 -59.03 25.35 24.69
N VAL A 432 -59.80 24.35 24.30
CA VAL A 432 -60.36 24.29 22.95
C VAL A 432 -61.65 23.49 23.00
N ASP A 433 -62.65 23.92 22.23
CA ASP A 433 -63.94 23.21 22.23
C ASP A 433 -64.53 23.20 20.82
N VAL A 434 -65.68 22.52 20.71
CA VAL A 434 -66.27 22.09 19.44
C VAL A 434 -67.65 22.76 19.41
N ASP A 435 -67.70 24.01 19.86
CA ASP A 435 -68.89 24.73 20.32
C ASP A 435 -70.19 24.58 19.53
N SER A 436 -70.23 25.02 18.27
CA SER A 436 -71.50 25.00 17.54
C SER A 436 -71.43 24.24 16.22
N ASN A 437 -70.46 24.55 15.36
CA ASN A 437 -70.45 24.07 13.99
C ASN A 437 -69.44 22.94 13.77
N GLY A 438 -69.01 22.28 14.83
CA GLY A 438 -67.99 21.26 14.70
C GLY A 438 -66.59 21.77 14.51
N LYS A 439 -66.36 23.06 14.71
CA LYS A 439 -65.05 23.66 14.60
C LYS A 439 -64.43 23.84 15.98
N TYR A 440 -63.11 23.68 16.04
CA TYR A 440 -62.37 23.75 17.29
C TYR A 440 -61.97 25.20 17.51
N VAL A 441 -62.67 25.89 18.39
CA VAL A 441 -62.35 27.26 18.75
C VAL A 441 -61.51 27.23 20.03
N TRP A 442 -60.52 28.12 20.11
CA TRP A 442 -59.62 28.15 21.24
C TRP A 442 -60.07 29.20 22.24
N PHE A 443 -59.65 29.02 23.48
CA PHE A 443 -59.87 29.98 24.55
C PHE A 443 -58.58 30.15 25.32
N GLU A 444 -58.09 31.38 25.39
CA GLU A 444 -56.81 31.69 26.00
C GLU A 444 -57.04 32.43 27.31
N PHE A 445 -56.40 31.96 28.37
CA PHE A 445 -56.38 32.68 29.63
C PHE A 445 -55.41 33.84 29.53
N VAL A 446 -55.82 35.00 30.03
CA VAL A 446 -55.03 36.21 29.90
C VAL A 446 -54.29 36.46 31.21
N LEU A 447 -53.22 37.24 31.12
CA LEU A 447 -52.33 37.56 32.22
C LEU A 447 -52.12 39.07 32.24
N PRO A 448 -51.69 39.63 33.37
CA PRO A 448 -51.39 41.08 33.41
C PRO A 448 -50.31 41.52 32.44
N GLY A 449 -49.33 40.68 32.15
CA GLY A 449 -48.31 41.03 31.18
C GLY A 449 -48.65 40.59 29.77
N GLN A 450 -49.83 40.99 29.28
CA GLN A 450 -50.31 40.57 27.98
C GLN A 450 -51.01 41.74 27.30
N PRO A 451 -51.01 41.78 25.96
CA PRO A 451 -51.86 42.74 25.26
C PRO A 451 -53.33 42.49 25.54
N MET A 452 -54.11 43.57 25.54
CA MET A 452 -55.44 43.57 26.15
C MET A 452 -56.43 44.21 25.18
N ASN A 453 -57.73 43.97 25.42
CA ASN A 453 -58.75 44.73 24.69
C ASN A 453 -59.20 45.94 25.49
N GLN A 454 -59.94 45.71 26.58
CA GLN A 454 -60.11 46.76 27.58
C GLN A 454 -60.00 46.22 29.00
N GLY A 455 -60.61 45.05 29.25
CA GLY A 455 -60.86 44.66 30.62
C GLY A 455 -60.78 43.19 30.96
N GLU A 456 -60.44 42.34 30.01
CA GLU A 456 -60.26 40.92 30.32
C GLU A 456 -58.88 40.73 30.94
N ILE A 457 -58.85 40.55 32.25
CA ILE A 457 -57.60 40.42 32.98
C ILE A 457 -57.44 39.04 33.63
N TRP A 458 -58.52 38.33 33.94
CA TRP A 458 -58.40 36.99 34.50
C TRP A 458 -59.45 36.06 33.92
N LYS A 459 -59.92 36.34 32.69
CA LYS A 459 -60.98 35.57 32.06
C LYS A 459 -60.52 35.08 30.71
N TRP A 460 -61.09 33.96 30.26
CA TRP A 460 -60.75 33.40 28.97
C TRP A 460 -61.25 34.30 27.85
N ARG A 461 -60.48 34.36 26.76
CA ARG A 461 -60.88 35.07 25.56
C ARG A 461 -60.92 34.10 24.37
N LYS A 462 -61.89 34.33 23.49
CA LYS A 462 -62.14 33.43 22.38
C LYS A 462 -61.20 33.76 21.22
N GLU A 463 -60.59 32.73 20.65
CA GLU A 463 -59.62 32.91 19.57
C GLU A 463 -59.87 31.89 18.47
N VAL A 464 -59.67 32.34 17.23
CA VAL A 464 -59.77 31.46 16.07
C VAL A 464 -58.41 30.90 15.65
N ASN A 465 -57.32 31.42 16.23
CA ASN A 465 -55.98 30.93 15.96
C ASN A 465 -55.16 31.24 17.19
N PRO A 466 -54.48 30.25 17.77
CA PRO A 466 -53.66 30.51 18.96
C PRO A 466 -52.40 31.28 18.62
N ASP A 467 -52.52 32.61 18.49
CA ASP A 467 -51.37 33.43 18.16
C ASP A 467 -50.32 33.41 19.25
N GLU A 468 -50.76 33.43 20.52
CA GLU A 468 -49.84 33.36 21.64
C GLU A 468 -49.10 32.02 21.64
N LEU A 469 -49.81 30.93 21.38
CA LEU A 469 -49.16 29.62 21.32
C LEU A 469 -48.27 29.49 20.09
N HIS A 470 -48.66 30.12 18.98
CA HIS A 470 -47.82 30.11 17.78
C HIS A 470 -46.51 30.84 18.01
N ILE A 471 -46.56 31.97 18.75
CA ILE A 471 -45.33 32.65 19.13
C ILE A 471 -44.54 31.80 20.13
N TYR A 472 -45.24 31.15 21.06
CA TYR A 472 -44.58 30.41 22.13
C TYR A 472 -43.80 29.22 21.60
N ILE A 473 -44.36 28.50 20.63
CA ILE A 473 -43.68 27.32 20.07
C ILE A 473 -42.35 27.72 19.44
N SER A 474 -42.32 28.84 18.72
CA SER A 474 -41.08 29.27 18.09
C SER A 474 -40.11 29.91 19.08
N GLU A 475 -40.61 30.59 20.12
CA GLU A 475 -39.74 31.35 21.00
C GLU A 475 -39.28 30.57 22.23
N ASN A 476 -40.21 30.12 23.07
CA ASN A 476 -39.82 29.58 24.36
C ASN A 476 -39.48 28.10 24.30
N PHE A 477 -40.09 27.35 23.38
CA PHE A 477 -39.72 25.96 23.17
C PHE A 477 -38.35 25.82 22.54
N SER A 478 -37.86 26.87 21.86
CA SER A 478 -36.50 26.85 21.33
C SER A 478 -35.46 26.84 22.44
N ARG A 479 -35.79 27.41 23.60
CA ARG A 479 -34.87 27.34 24.74
C ARG A 479 -34.72 25.91 25.24
N VAL A 480 -35.82 25.16 25.30
CA VAL A 480 -35.74 23.76 25.70
C VAL A 480 -35.01 22.94 24.63
N MET A 481 -35.20 23.29 23.36
CA MET A 481 -34.42 22.66 22.29
C MET A 481 -32.92 22.93 22.47
N ASP A 482 -32.57 24.16 22.82
CA ASP A 482 -31.17 24.49 23.08
C ASP A 482 -30.62 23.75 24.29
N ARG A 483 -31.45 23.56 25.31
CA ARG A 483 -31.04 22.74 26.46
C ARG A 483 -30.79 21.29 26.05
N ILE A 484 -31.64 20.76 25.16
CA ILE A 484 -31.44 19.41 24.66
C ILE A 484 -30.11 19.31 23.90
N THR A 485 -29.82 20.30 23.05
CA THR A 485 -28.55 20.31 22.32
C THR A 485 -27.36 20.42 23.27
N GLU A 486 -27.49 21.23 24.32
CA GLU A 486 -26.42 21.35 25.31
C GLU A 486 -26.19 20.02 26.03
N HIS A 487 -27.27 19.31 26.36
CA HIS A 487 -27.12 18.00 27.00
C HIS A 487 -26.46 16.99 26.06
N ILE A 488 -26.84 17.01 24.78
CA ILE A 488 -26.24 16.09 23.81
C ILE A 488 -24.75 16.39 23.63
N LYS A 489 -24.39 17.67 23.52
CA LYS A 489 -22.98 18.04 23.36
C LYS A 489 -22.19 17.78 24.64
N TYR A 490 -22.83 17.87 25.80
CA TYR A 490 -22.16 17.53 27.05
C TYR A 490 -21.90 16.03 27.13
N HIS A 491 -22.85 15.21 26.67
CA HIS A 491 -22.61 13.78 26.60
C HIS A 491 -21.59 13.41 25.52
N LEU A 492 -21.46 14.27 24.51
CA LEU A 492 -20.48 14.01 23.45
C LEU A 492 -19.05 14.16 23.97
N SER A 493 -18.82 15.14 24.83
CA SER A 493 -17.47 15.42 25.33
C SER A 493 -17.18 14.65 26.62
N GLN A 494 -17.37 13.34 26.58
CA GLN A 494 -17.07 12.46 27.71
C GLN A 494 -16.24 11.28 27.23
N PRO A 495 -15.28 10.81 28.05
CA PRO A 495 -14.39 9.72 27.60
C PRO A 495 -14.96 8.31 27.77
N HIS A 496 -15.75 7.90 26.78
CA HIS A 496 -16.25 6.52 26.74
C HIS A 496 -16.00 5.89 25.38
N GLU A 497 -16.55 4.69 25.16
CA GLU A 497 -16.20 3.89 23.99
C GLU A 497 -16.77 4.50 22.72
N SER A 498 -16.20 4.07 21.58
CA SER A 498 -16.37 4.80 20.32
C SER A 498 -17.78 4.66 19.74
N ASN A 499 -18.46 3.54 19.98
CA ASN A 499 -19.78 3.36 19.40
C ASN A 499 -20.81 4.30 20.04
N ILE A 500 -20.62 4.63 21.33
CA ILE A 500 -21.47 5.63 21.96
C ILE A 500 -21.23 7.00 21.36
N LEU A 501 -19.96 7.32 21.04
CA LEU A 501 -19.66 8.55 20.32
C LEU A 501 -20.32 8.59 18.95
N ASN A 502 -20.30 7.46 18.23
CA ASN A 502 -20.95 7.42 16.92
C ASN A 502 -22.46 7.59 17.04
N TYR A 503 -23.07 6.94 18.03
CA TYR A 503 -24.51 7.07 18.26
C TYR A 503 -24.89 8.50 18.61
N TYR A 504 -24.10 9.14 19.49
CA TYR A 504 -24.39 10.52 19.83
C TYR A 504 -24.14 11.46 18.67
N LYS A 505 -23.15 11.17 17.82
CA LYS A 505 -22.88 11.99 16.65
C LYS A 505 -24.03 11.93 15.66
N LYS A 506 -24.53 10.73 15.37
CA LYS A 506 -25.67 10.64 14.44
C LYS A 506 -26.95 11.17 15.06
N LEU A 507 -27.12 11.03 16.37
CA LEU A 507 -28.27 11.61 17.04
C LEU A 507 -28.25 13.13 16.98
N LEU A 508 -27.07 13.73 17.17
CA LEU A 508 -26.96 15.19 17.08
C LEU A 508 -27.11 15.66 15.64
N LYS A 509 -26.59 14.90 14.67
CA LYS A 509 -26.72 15.30 13.27
C LYS A 509 -28.14 15.15 12.77
N ALA A 510 -28.96 14.30 13.41
CA ALA A 510 -30.38 14.27 13.10
C ALA A 510 -31.17 15.32 13.85
N PHE A 511 -30.78 15.60 15.10
CA PHE A 511 -31.51 16.57 15.90
C PHE A 511 -31.25 18.00 15.43
N GLU A 512 -30.07 18.28 14.89
CA GLU A 512 -29.81 19.61 14.35
C GLU A 512 -30.61 19.86 13.08
N ARG A 513 -31.02 18.79 12.39
CA ARG A 513 -31.93 18.93 11.27
C ARG A 513 -33.37 19.08 11.74
N SER A 514 -33.75 18.32 12.77
CA SER A 514 -35.13 18.37 13.27
C SER A 514 -35.40 19.55 14.19
N LYS A 515 -34.37 20.29 14.60
CA LYS A 515 -34.56 21.40 15.52
C LYS A 515 -35.20 22.61 14.84
N SER A 516 -34.76 22.91 13.62
CA SER A 516 -35.29 24.06 12.89
C SER A 516 -36.72 23.86 12.41
N LYS A 517 -37.25 22.64 12.49
CA LYS A 517 -38.60 22.37 12.01
C LYS A 517 -39.67 23.04 12.87
N ILE A 518 -39.37 23.41 14.12
CA ILE A 518 -40.33 24.10 14.94
C ILE A 518 -40.58 25.54 14.48
N PHE A 519 -39.74 26.07 13.60
CA PHE A 519 -39.98 27.37 13.00
C PHE A 519 -40.70 27.27 11.66
N ASN A 520 -40.87 26.06 11.13
CA ASN A 520 -41.61 25.87 9.90
C ASN A 520 -43.10 26.15 10.12
N ASP A 521 -43.73 26.79 9.13
CA ASP A 521 -45.13 27.18 9.28
C ASP A 521 -46.05 25.98 9.20
N SER A 522 -45.82 25.09 8.23
CA SER A 522 -46.66 23.90 8.10
C SER A 522 -46.49 22.97 9.28
N PHE A 523 -45.26 22.84 9.79
CA PHE A 523 -45.02 22.03 10.97
C PHE A 523 -45.71 22.61 12.20
N LYS A 524 -45.69 23.95 12.33
CA LYS A 524 -46.37 24.58 13.46
C LYS A 524 -47.88 24.41 13.36
N LYS A 525 -48.43 24.49 12.14
CA LYS A 525 -49.86 24.24 11.95
C LYS A 525 -50.21 22.80 12.30
N GLY A 526 -49.35 21.85 11.92
CA GLY A 526 -49.57 20.47 12.29
C GLY A 526 -49.46 20.24 13.80
N VAL A 527 -48.55 20.95 14.45
CA VAL A 527 -48.40 20.85 15.91
C VAL A 527 -49.65 21.38 16.60
N ILE A 528 -50.19 22.51 16.12
CA ILE A 528 -51.43 23.06 16.66
C ILE A 528 -52.59 22.09 16.43
N ARG A 529 -52.61 21.48 15.23
CA ARG A 529 -53.68 20.55 14.89
C ARG A 529 -53.63 19.29 15.73
N GLN A 530 -52.42 18.85 16.08
CA GLN A 530 -52.30 17.72 16.99
C GLN A 530 -52.56 18.15 18.44
N ALA A 531 -52.36 19.43 18.74
CA ALA A 531 -52.53 19.91 20.09
C ALA A 531 -53.98 20.20 20.46
N GLU A 532 -54.88 20.34 19.48
CA GLU A 532 -56.28 20.54 19.86
C GLU A 532 -56.83 19.33 20.59
N PHE A 533 -56.36 18.13 20.24
CA PHE A 533 -56.82 16.92 20.91
C PHE A 533 -56.31 16.86 22.34
N LEU A 534 -55.06 17.26 22.57
CA LEU A 534 -54.50 17.21 23.91
C LEU A 534 -55.09 18.30 24.80
N PHE A 535 -55.37 19.47 24.22
CA PHE A 535 -55.90 20.60 24.97
C PHE A 535 -57.40 20.53 25.19
N ARG A 536 -58.04 19.40 24.88
CA ARG A 536 -59.49 19.30 24.97
C ARG A 536 -59.95 19.37 26.43
N GLN A 537 -61.12 19.99 26.62
CA GLN A 537 -61.74 20.08 27.93
C GLN A 537 -63.01 19.25 28.05
N ARG A 538 -63.80 19.16 26.97
CA ARG A 538 -65.03 18.38 26.82
C ARG A 538 -66.17 18.92 27.68
N SER A 539 -65.91 19.95 28.49
CA SER A 539 -66.93 20.51 29.38
C SER A 539 -66.80 22.03 29.51
N PHE A 540 -66.38 22.70 28.43
CA PHE A 540 -66.08 24.13 28.50
C PHE A 540 -67.22 24.99 27.95
N ILE A 541 -67.60 24.77 26.69
CA ILE A 541 -68.57 25.65 26.04
C ILE A 541 -69.97 25.45 26.61
N GLN A 542 -70.35 24.19 26.88
CA GLN A 542 -71.69 23.90 27.37
C GLN A 542 -71.94 24.49 28.76
N THR A 543 -70.90 24.76 29.54
CA THR A 543 -71.00 25.52 30.78
C THR A 543 -69.93 26.62 30.79
N LEU A 544 -70.27 27.74 30.15
CA LEU A 544 -69.37 28.90 30.08
C LEU A 544 -69.79 29.98 31.07
N ASP A 545 -71.01 30.49 30.95
CA ASP A 545 -71.53 31.50 31.88
C ASP A 545 -72.77 31.00 32.60
N THR A 546 -72.93 29.68 32.72
CA THR A 546 -74.10 29.11 33.38
C THR A 546 -74.04 29.28 34.90
N ASN A 547 -72.88 29.60 35.45
CA ASN A 547 -72.78 29.84 36.88
C ASN A 547 -73.44 31.17 37.21
N PRO A 548 -74.47 31.20 38.05
CA PRO A 548 -75.23 32.43 38.28
C PRO A 548 -74.59 33.38 39.28
N HIS A 549 -73.41 33.06 39.83
CA HIS A 549 -72.80 33.86 40.87
C HIS A 549 -71.47 34.49 40.45
N LEU A 550 -71.13 34.44 39.17
CA LEU A 550 -69.82 34.88 38.71
C LEU A 550 -69.99 36.00 37.69
N LEU A 551 -69.25 37.09 37.89
CA LEU A 551 -69.30 38.26 37.03
C LEU A 551 -67.92 38.56 36.49
N GLY A 552 -67.86 39.06 35.25
CA GLY A 552 -66.60 39.49 34.69
C GLY A 552 -66.40 40.99 34.82
N VAL A 553 -65.47 41.41 35.67
CA VAL A 553 -65.21 42.82 35.93
C VAL A 553 -63.80 43.16 35.49
N GLY A 554 -63.52 44.47 35.45
CA GLY A 554 -62.22 44.93 34.97
C GLY A 554 -61.06 44.52 35.85
N ASN A 555 -61.31 44.31 37.15
CA ASN A 555 -60.27 43.79 38.03
C ASN A 555 -60.21 42.26 38.05
N GLY A 556 -61.10 41.58 37.32
CA GLY A 556 -61.04 40.13 37.30
C GLY A 556 -62.39 39.46 37.29
N VAL A 557 -62.62 38.57 38.23
CA VAL A 557 -63.86 37.84 38.35
C VAL A 557 -64.44 38.11 39.73
N LEU A 558 -65.68 38.58 39.77
CA LEU A 558 -66.37 38.87 41.02
C LEU A 558 -67.30 37.72 41.35
N SER A 559 -67.16 37.19 42.56
CA SER A 559 -67.98 36.07 43.03
C SER A 559 -68.90 36.55 44.14
N ILE A 560 -70.18 36.25 44.01
CA ILE A 560 -71.16 36.65 45.02
C ILE A 560 -71.71 35.39 45.67
N GLU A 561 -70.91 34.31 45.66
CA GLU A 561 -71.31 33.08 46.35
C GLU A 561 -71.36 33.27 47.85
N THR A 562 -70.38 33.98 48.42
CA THR A 562 -70.26 34.13 49.85
C THR A 562 -70.86 35.46 50.31
N ILE A 563 -70.77 35.70 51.61
CA ILE A 563 -71.36 36.92 52.19
C ILE A 563 -70.69 38.20 51.70
N PRO A 564 -69.36 38.35 51.70
CA PRO A 564 -68.77 39.56 51.12
C PRO A 564 -68.39 39.37 49.66
N ALA A 565 -67.97 40.47 49.05
CA ALA A 565 -67.48 40.41 47.68
C ALA A 565 -66.13 39.70 47.65
N LYS A 566 -65.94 38.86 46.63
CA LYS A 566 -64.72 38.04 46.56
C LYS A 566 -63.62 38.72 45.76
N LEU A 567 -63.93 39.14 44.52
CA LEU A 567 -62.99 39.80 43.61
C LEU A 567 -61.75 38.93 43.37
N ILE A 568 -62.00 37.81 42.67
CA ILE A 568 -60.94 36.88 42.30
C ILE A 568 -59.95 37.59 41.39
N ASN A 569 -58.74 37.80 41.89
CA ASN A 569 -57.69 38.52 41.18
C ASN A 569 -56.48 37.61 40.96
N HIS A 570 -56.74 36.35 40.61
CA HIS A 570 -55.69 35.36 40.46
C HIS A 570 -56.20 34.26 39.54
N PHE A 571 -55.40 33.19 39.43
CA PHE A 571 -55.77 32.06 38.59
C PHE A 571 -56.95 31.30 39.19
N HIS A 572 -57.81 30.78 38.33
CA HIS A 572 -59.01 30.07 38.75
C HIS A 572 -59.45 29.15 37.63
N GLU A 573 -60.36 28.24 37.96
CA GLU A 573 -60.93 27.32 36.99
C GLU A 573 -62.36 27.66 36.61
N HIS A 574 -62.87 28.80 37.05
CA HIS A 574 -64.19 29.23 36.62
C HIS A 574 -64.12 29.68 35.18
N PRO A 575 -64.89 29.07 34.27
CA PRO A 575 -64.74 29.32 32.83
C PRO A 575 -65.55 30.50 32.32
N ILE A 576 -65.47 31.64 33.01
CA ILE A 576 -66.25 32.80 32.63
C ILE A 576 -65.60 33.48 31.43
N HIS A 577 -66.42 33.92 30.48
CA HIS A 577 -65.95 34.57 29.26
C HIS A 577 -66.50 35.98 29.12
N GLN A 578 -67.81 36.16 29.31
CA GLN A 578 -68.41 37.49 29.19
C GLN A 578 -67.94 38.37 30.35
N TYR A 579 -67.75 39.65 30.06
CA TYR A 579 -67.08 40.53 31.00
C TYR A 579 -67.61 41.94 30.88
N THR A 580 -67.36 42.73 31.92
CA THR A 580 -67.60 44.17 31.92
C THR A 580 -66.26 44.87 31.98
N HIS A 581 -66.00 45.75 31.01
CA HIS A 581 -64.76 46.50 30.97
C HIS A 581 -64.80 47.76 31.82
N ILE A 582 -65.95 48.09 32.39
CA ILE A 582 -66.14 49.37 33.06
C ILE A 582 -66.50 49.22 34.53
N CYS A 583 -66.72 48.00 35.02
CA CYS A 583 -67.11 47.77 36.40
C CYS A 583 -66.07 48.24 37.40
N TYR A 584 -64.90 47.59 37.40
CA TYR A 584 -63.77 47.93 38.28
C TYR A 584 -64.20 48.02 39.75
N VAL A 585 -64.79 46.94 40.25
CA VAL A 585 -65.48 46.89 41.53
C VAL A 585 -64.56 47.24 42.69
N PRO A 586 -64.75 48.40 43.33
CA PRO A 586 -63.87 48.84 44.41
C PRO A 586 -64.38 48.59 45.83
N PHE A 587 -65.52 47.92 45.99
CA PHE A 587 -66.33 47.84 47.22
C PHE A 587 -66.85 49.22 47.62
N ASN A 588 -67.77 49.27 48.60
CA ASN A 588 -68.43 50.51 49.00
C ASN A 588 -67.45 51.53 49.58
N PRO A 589 -67.15 52.60 48.84
CA PRO A 589 -66.12 53.54 49.29
C PRO A 589 -66.68 54.70 50.09
N GLU A 590 -65.81 55.62 50.50
CA GLU A 590 -66.22 56.87 51.13
C GLU A 590 -65.76 58.11 50.38
N ASN A 591 -65.40 58.01 49.11
CA ASN A 591 -64.87 59.14 48.35
C ASN A 591 -65.99 60.06 47.88
N PRO A 592 -65.63 61.09 47.09
CA PRO A 592 -66.60 62.10 46.67
C PRO A 592 -67.64 61.54 45.70
N TRP A 593 -67.24 60.60 44.83
CA TRP A 593 -68.13 60.14 43.78
C TRP A 593 -69.31 59.34 44.33
N THR A 594 -69.04 58.42 45.26
CA THR A 594 -70.13 57.64 45.85
C THR A 594 -71.06 58.50 46.69
N LYS A 595 -70.52 59.51 47.39
CA LYS A 595 -71.36 60.37 48.20
C LYS A 595 -72.21 61.29 47.35
N LEU A 596 -71.65 61.81 46.24
CA LEU A 596 -72.45 62.63 45.34
C LEU A 596 -73.51 61.79 44.62
N LEU A 597 -73.20 60.54 44.29
CA LEU A 597 -74.21 59.66 43.70
C LEU A 597 -75.33 59.35 44.68
N LEU A 598 -74.97 59.06 45.94
CA LEU A 598 -75.99 58.77 46.95
C LEU A 598 -76.84 59.99 47.25
N ASN A 599 -76.23 61.18 47.25
CA ASN A 599 -77.00 62.40 47.45
C ASN A 599 -77.87 62.73 46.24
N ALA A 600 -77.41 62.41 45.03
CA ALA A 600 -78.17 62.66 43.82
C ALA A 600 -79.24 61.61 43.56
N LEU A 601 -79.21 60.48 44.28
CA LEU A 601 -80.31 59.53 44.19
C LEU A 601 -81.59 60.13 44.78
N GLN A 602 -81.45 61.06 45.72
CA GLN A 602 -82.56 61.84 46.24
C GLN A 602 -82.36 63.30 45.84
N ASP A 603 -83.31 64.15 46.26
CA ASP A 603 -83.26 65.62 46.20
C ASP A 603 -83.30 66.18 44.77
N ILE A 604 -83.29 65.34 43.74
CA ILE A 604 -83.43 65.79 42.37
C ILE A 604 -84.57 64.97 41.75
N ILE A 605 -84.44 63.65 41.82
CA ILE A 605 -85.57 62.76 41.54
C ILE A 605 -86.08 62.27 42.90
N PRO A 606 -87.39 62.22 43.11
CA PRO A 606 -87.91 62.00 44.46
C PRO A 606 -87.82 60.53 44.87
N GLU A 607 -87.35 60.30 46.10
CA GLU A 607 -87.34 58.99 46.72
C GLU A 607 -87.93 59.16 48.11
N LEU A 608 -89.19 58.77 48.28
CA LEU A 608 -89.94 59.07 49.49
C LEU A 608 -89.60 58.09 50.60
N ASP A 609 -89.23 58.64 51.77
CA ASP A 609 -88.94 57.89 53.00
C ASP A 609 -87.84 56.85 52.79
N ALA A 610 -86.83 57.22 51.99
CA ALA A 610 -85.69 56.37 51.66
C ALA A 610 -86.13 55.02 51.10
N ARG A 611 -86.78 55.08 49.94
CA ARG A 611 -87.33 53.89 49.31
C ARG A 611 -86.19 53.01 48.81
N LEU A 612 -86.04 51.82 49.41
CA LEU A 612 -85.00 50.89 49.03
C LEU A 612 -85.48 49.74 48.18
N TRP A 613 -86.80 49.55 48.06
CA TRP A 613 -87.33 48.51 47.18
C TRP A 613 -86.97 48.79 45.73
N ILE A 614 -87.00 50.06 45.33
CA ILE A 614 -86.66 50.43 43.96
C ILE A 614 -85.19 50.14 43.67
N MET A 615 -84.30 50.53 44.59
CA MET A 615 -82.88 50.30 44.39
C MET A 615 -82.57 48.81 44.47
N PHE A 616 -83.28 48.08 45.33
CA PHE A 616 -83.18 46.63 45.33
C PHE A 616 -83.64 46.04 44.00
N TYR A 617 -84.59 46.69 43.31
CA TYR A 617 -84.99 46.19 42.01
C TYR A 617 -83.99 46.52 40.91
N LEU A 618 -83.31 47.67 40.98
CA LEU A 618 -82.16 47.85 40.10
C LEU A 618 -80.95 47.05 40.55
N SER A 619 -81.00 46.42 41.72
CA SER A 619 -80.09 45.34 42.04
C SER A 619 -80.62 44.06 41.40
N THR A 620 -80.05 42.91 41.76
CA THR A 620 -80.36 41.57 41.25
C THR A 620 -80.10 41.41 39.75
N ALA A 621 -79.59 42.46 39.07
CA ALA A 621 -79.22 42.32 37.68
C ALA A 621 -77.91 41.54 37.54
N ILE A 622 -77.05 41.63 38.54
CA ILE A 622 -75.83 40.83 38.57
C ILE A 622 -76.17 39.36 38.74
N PHE A 623 -77.27 39.05 39.40
CA PHE A 623 -77.73 37.67 39.51
C PHE A 623 -78.22 37.20 38.15
N ARG A 624 -77.61 36.14 37.62
CA ARG A 624 -77.75 35.81 36.21
C ARG A 624 -79.10 35.20 35.88
N GLY A 625 -79.61 34.31 36.74
CA GLY A 625 -80.84 33.62 36.40
C GLY A 625 -81.53 33.04 37.61
N LEU A 626 -82.74 32.52 37.35
CA LEU A 626 -83.59 31.89 38.36
C LEU A 626 -83.95 32.86 39.49
N LYS A 627 -84.66 33.92 39.12
CA LYS A 627 -85.14 34.90 40.08
C LYS A 627 -86.64 35.15 39.88
N GLU A 628 -87.20 36.09 40.64
CA GLU A 628 -88.59 36.45 40.48
C GLU A 628 -88.81 37.16 39.14
N ALA A 629 -90.05 37.07 38.65
CA ALA A 629 -90.41 37.61 37.34
C ALA A 629 -91.07 38.98 37.46
N LEU A 630 -90.62 39.79 38.40
CA LEU A 630 -91.22 41.10 38.63
C LEU A 630 -90.92 42.05 37.48
N MET A 631 -91.88 42.93 37.20
CA MET A 631 -91.76 43.95 36.17
C MET A 631 -92.24 45.27 36.77
N LEU A 632 -91.49 46.34 36.53
CA LEU A 632 -91.78 47.64 37.10
C LEU A 632 -91.78 48.70 36.02
N LEU A 633 -92.79 49.55 36.04
CA LEU A 633 -92.97 50.61 35.06
C LEU A 633 -92.61 51.95 35.66
N TRP A 634 -91.81 52.73 34.93
CA TRP A 634 -91.45 54.09 35.34
C TRP A 634 -91.95 55.08 34.30
N LEU A 635 -93.22 54.97 33.93
CA LEU A 635 -93.83 55.84 32.92
C LEU A 635 -94.33 57.15 33.51
N GLY A 636 -93.48 57.79 34.31
CA GLY A 636 -93.83 59.05 34.92
C GLY A 636 -92.73 60.10 34.85
N GLY A 637 -93.09 61.32 34.48
CA GLY A 637 -92.10 62.40 34.41
C GLY A 637 -91.93 62.92 33.00
N GLY A 638 -91.89 64.25 32.88
CA GLY A 638 -91.76 64.89 31.59
C GLY A 638 -90.34 65.23 31.19
N CYS A 639 -89.62 65.94 32.04
CA CYS A 639 -88.27 66.42 31.72
C CYS A 639 -87.33 66.21 32.91
N ASN A 640 -87.53 65.13 33.64
CA ASN A 640 -86.67 64.77 34.76
C ASN A 640 -85.53 63.87 34.26
N GLY A 641 -84.83 63.22 35.17
CA GLY A 641 -83.59 62.50 34.86
C GLY A 641 -83.82 61.01 34.61
N LYS A 642 -84.91 60.67 33.91
CA LYS A 642 -85.24 59.26 33.63
C LYS A 642 -84.19 58.57 32.77
N THR A 643 -83.33 59.33 32.09
CA THR A 643 -82.23 58.76 31.32
C THR A 643 -80.96 58.57 32.15
N PHE A 644 -81.04 58.70 33.47
CA PHE A 644 -79.89 58.43 34.33
C PHE A 644 -80.22 57.42 35.43
N LEU A 645 -81.44 57.45 35.96
CA LEU A 645 -81.82 56.54 37.03
C LEU A 645 -81.83 55.08 36.57
N MET A 646 -82.06 54.84 35.29
CA MET A 646 -82.08 53.49 34.74
C MET A 646 -81.06 53.28 33.64
N ARG A 647 -80.94 54.24 32.71
CA ARG A 647 -80.08 54.07 31.54
C ARG A 647 -78.61 53.93 31.92
N LEU A 648 -78.20 54.57 33.03
CA LEU A 648 -76.83 54.43 33.52
C LEU A 648 -76.52 52.99 33.90
N VAL A 649 -77.53 52.26 34.39
CA VAL A 649 -77.40 50.83 34.69
C VAL A 649 -76.99 50.06 33.44
N ALA A 650 -77.40 50.56 32.26
CA ALA A 650 -76.97 49.97 31.00
C ALA A 650 -75.47 50.03 30.81
N MET A 651 -74.84 51.16 31.13
CA MET A 651 -73.40 51.28 30.93
C MET A 651 -72.62 51.41 32.24
N VAL A 652 -73.26 51.09 33.37
CA VAL A 652 -72.50 50.73 34.55
C VAL A 652 -72.03 49.28 34.47
N LEU A 653 -72.52 48.56 33.46
CA LEU A 653 -72.45 47.12 33.38
C LEU A 653 -72.22 46.72 31.93
N GLY A 654 -71.72 45.51 31.72
CA GLY A 654 -71.19 45.11 30.44
C GLY A 654 -72.25 44.76 29.42
N ASP A 655 -71.80 44.11 28.35
CA ASP A 655 -72.64 43.74 27.22
C ASP A 655 -73.35 42.41 27.41
N HIS A 656 -73.15 41.72 28.54
CA HIS A 656 -73.80 40.44 28.73
C HIS A 656 -75.31 40.59 28.93
N TYR A 657 -75.76 41.68 29.56
CA TYR A 657 -77.20 41.97 29.53
C TYR A 657 -77.39 43.50 29.60
N ALA A 658 -77.46 44.12 28.43
CA ALA A 658 -77.70 45.56 28.33
C ALA A 658 -78.31 45.80 26.95
N SER A 659 -79.64 45.90 26.90
CA SER A 659 -80.35 45.97 25.63
C SER A 659 -81.46 46.99 25.70
N LYS A 660 -81.56 47.83 24.67
CA LYS A 660 -82.65 48.81 24.56
C LYS A 660 -83.77 48.20 23.70
N LEU A 661 -84.47 47.24 24.29
CA LEU A 661 -85.53 46.55 23.57
C LEU A 661 -86.77 47.46 23.44
N ASN A 662 -87.71 47.01 22.62
CA ASN A 662 -88.89 47.79 22.29
C ASN A 662 -90.13 46.92 22.40
N ILE A 663 -91.28 47.58 22.56
CA ILE A 663 -92.56 46.90 22.56
C ILE A 663 -92.97 46.45 21.15
N SER A 664 -92.23 46.90 20.13
CA SER A 664 -92.46 46.41 18.77
C SER A 664 -92.23 44.91 18.65
N LEU A 665 -91.25 44.38 19.39
CA LEU A 665 -91.12 42.93 19.51
C LEU A 665 -92.32 42.34 20.24
N LEU A 666 -92.78 43.01 21.29
CA LEU A 666 -93.96 42.58 22.04
C LEU A 666 -95.25 42.77 21.25
N THR A 667 -95.25 43.65 20.25
CA THR A 667 -96.43 43.87 19.42
C THR A 667 -96.73 42.64 18.57
N SER A 668 -95.70 42.01 18.02
CA SER A 668 -95.86 40.85 17.16
C SER A 668 -96.32 39.62 17.94
N SER A 678 -89.39 33.27 17.82
CA SER A 678 -88.26 34.12 17.46
C SER A 678 -88.33 35.47 18.17
N ALA A 679 -88.76 35.44 19.43
CA ALA A 679 -88.92 36.66 20.21
C ALA A 679 -88.09 36.69 21.48
N PHE A 680 -88.06 35.62 22.26
CA PHE A 680 -87.58 35.66 23.63
C PHE A 680 -86.10 35.32 23.80
N MET A 681 -85.40 34.99 22.71
CA MET A 681 -83.98 34.66 22.86
C MET A 681 -83.10 35.89 23.07
N ARG A 682 -83.65 37.10 22.96
CA ARG A 682 -82.88 38.31 23.25
C ARG A 682 -82.54 38.42 24.74
N LEU A 683 -83.33 37.79 25.61
CA LEU A 683 -83.04 37.75 27.03
C LEU A 683 -82.42 36.42 27.47
N LYS A 684 -82.21 35.49 26.55
CA LYS A 684 -81.55 34.23 26.90
C LYS A 684 -80.06 34.47 27.11
N GLY A 685 -79.54 33.96 28.23
CA GLY A 685 -78.19 34.29 28.65
C GLY A 685 -78.06 35.66 29.28
N ARG A 686 -79.17 36.37 29.49
CA ARG A 686 -79.18 37.72 30.01
C ARG A 686 -79.88 37.74 31.37
N GLY A 687 -79.76 38.87 32.05
CA GLY A 687 -80.37 39.06 33.35
C GLY A 687 -80.90 40.46 33.56
N TYR A 688 -80.78 41.33 32.56
CA TYR A 688 -81.27 42.70 32.68
C TYR A 688 -81.68 43.20 31.29
N GLY A 689 -82.94 43.57 31.16
CA GLY A 689 -83.44 44.17 29.93
C GLY A 689 -84.40 45.30 30.22
N TYR A 690 -84.31 46.39 29.45
CA TYR A 690 -85.13 47.57 29.68
C TYR A 690 -85.82 47.99 28.39
N PHE A 691 -86.91 48.73 28.56
CA PHE A 691 -87.77 49.14 27.45
C PHE A 691 -87.80 50.65 27.35
N GLU A 692 -86.61 51.28 27.35
CA GLU A 692 -86.48 52.73 27.41
C GLU A 692 -87.14 53.37 26.18
N GLU A 693 -88.17 54.16 26.42
CA GLU A 693 -88.88 54.91 25.39
C GLU A 693 -89.17 56.30 25.92
N THR A 694 -89.19 57.29 25.02
CA THR A 694 -89.42 58.67 25.43
C THR A 694 -90.70 59.26 24.86
N ASN A 695 -91.15 58.80 23.70
CA ASN A 695 -92.37 59.31 23.07
C ASN A 695 -93.01 58.15 22.31
N LYS A 696 -93.93 58.49 21.41
CA LYS A 696 -94.72 57.53 20.64
C LYS A 696 -95.50 56.60 21.58
N SER A 697 -96.43 57.21 22.32
CA SER A 697 -97.18 56.52 23.35
C SER A 697 -98.55 56.12 22.81
N GLU A 698 -98.68 54.85 22.42
CA GLU A 698 -99.94 54.31 21.92
C GLU A 698 -99.85 52.79 21.91
N VAL A 699 -101.00 52.13 21.79
CA VAL A 699 -101.20 50.69 21.64
C VAL A 699 -101.29 50.22 23.09
N LEU A 700 -102.05 49.15 23.37
CA LEU A 700 -102.02 48.68 24.79
C LEU A 700 -101.77 47.27 24.24
N ASN A 701 -100.48 46.88 24.09
CA ASN A 701 -100.07 45.47 23.89
C ASN A 701 -100.20 44.72 25.22
N THR A 702 -100.92 43.60 25.24
CA THR A 702 -101.16 42.86 26.51
C THR A 702 -101.25 41.33 26.53
N SER A 703 -100.33 40.64 25.87
CA SER A 703 -100.31 39.16 25.89
C SER A 703 -99.02 38.34 25.96
N ARG A 704 -97.92 38.87 25.42
CA ARG A 704 -96.64 38.12 25.43
C ARG A 704 -96.00 38.82 26.62
N LEU A 705 -96.76 39.69 27.30
CA LEU A 705 -96.23 40.40 28.48
C LEU A 705 -96.31 39.30 29.53
N LYS A 706 -97.34 38.46 29.46
CA LYS A 706 -97.53 37.43 30.51
C LYS A 706 -96.31 36.50 30.54
N GLU A 707 -95.92 35.94 29.39
CA GLU A 707 -94.70 35.09 29.34
C GLU A 707 -93.50 35.97 29.70
N MET A 708 -93.48 37.23 29.23
CA MET A 708 -92.39 38.17 29.58
C MET A 708 -92.40 38.36 31.10
N VAL A 709 -93.57 38.18 31.73
CA VAL A 709 -93.66 38.29 33.21
C VAL A 709 -93.96 36.89 33.75
N ASN A 710 -93.60 35.85 32.99
CA ASN A 710 -93.81 34.45 33.44
C ASN A 710 -92.48 33.69 33.37
N THR A 729 -83.89 35.75 35.72
CA THR A 729 -83.06 36.00 34.55
C THR A 729 -83.59 37.18 33.73
N ALA A 730 -84.50 37.96 34.30
CA ALA A 730 -85.10 39.06 33.56
C ALA A 730 -84.75 40.42 34.14
N THR A 731 -85.13 40.69 35.39
CA THR A 731 -85.03 42.02 36.03
C THR A 731 -85.50 43.13 35.09
N MET A 732 -86.66 42.90 34.48
CA MET A 732 -87.16 43.83 33.46
C MET A 732 -87.69 45.11 34.10
N VAL A 733 -87.35 46.24 33.48
CA VAL A 733 -87.84 47.55 33.89
C VAL A 733 -88.25 48.30 32.62
N ALA A 734 -89.07 49.32 32.80
CA ALA A 734 -89.54 50.10 31.65
C ALA A 734 -89.85 51.53 32.09
N ALA A 735 -89.39 52.49 31.30
CA ALA A 735 -89.71 53.90 31.50
C ALA A 735 -90.20 54.46 30.18
N SER A 736 -91.32 55.16 30.21
CA SER A 736 -91.95 55.63 28.97
C SER A 736 -92.67 56.94 29.26
N ASN A 737 -93.58 57.32 28.36
CA ASN A 737 -94.26 58.60 28.42
C ASN A 737 -95.23 58.63 29.62
N TYR A 738 -95.66 59.83 29.98
CA TYR A 738 -96.46 60.04 31.18
C TYR A 738 -97.83 59.37 31.06
N ASN A 739 -98.43 59.39 29.88
CA ASN A 739 -99.74 58.78 29.69
C ASN A 739 -99.64 57.26 29.77
N PHE A 740 -100.71 56.64 30.25
CA PHE A 740 -100.74 55.21 30.54
C PHE A 740 -100.82 54.44 29.23
N ILE A 741 -99.83 53.60 28.97
CA ILE A 741 -99.70 52.94 27.67
C ILE A 741 -100.22 51.51 27.71
N ILE A 742 -99.76 50.70 28.65
CA ILE A 742 -100.11 49.29 28.73
C ILE A 742 -101.12 49.12 29.88
N ASP A 743 -102.39 48.96 29.54
CA ASP A 743 -103.42 48.85 30.57
C ASP A 743 -104.47 47.76 30.32
N THR A 744 -104.57 47.19 29.13
CA THR A 744 -105.67 46.28 28.80
C THR A 744 -105.37 44.85 29.28
N THR A 745 -105.14 44.73 30.58
CA THR A 745 -104.92 43.45 31.23
C THR A 745 -106.11 43.15 32.14
N ASP A 746 -106.15 41.91 32.63
CA ASP A 746 -107.23 41.49 33.51
C ASP A 746 -106.76 40.32 34.36
N HIS A 747 -107.36 40.20 35.55
CA HIS A 747 -107.17 39.10 36.50
C HIS A 747 -105.71 38.89 36.86
N GLY A 748 -105.07 37.91 36.21
CA GLY A 748 -103.68 37.61 36.43
C GLY A 748 -102.78 38.58 35.67
N THR A 749 -101.49 38.22 35.61
CA THR A 749 -100.43 39.07 35.08
C THR A 749 -100.44 40.45 35.74
N TRP A 750 -100.67 40.45 37.05
CA TRP A 750 -100.75 41.63 37.89
C TRP A 750 -99.76 41.59 39.05
N ARG A 751 -99.60 40.42 39.69
CA ARG A 751 -98.67 40.30 40.80
C ARG A 751 -97.23 40.45 40.34
N ARG A 752 -96.95 40.18 39.06
CA ARG A 752 -95.63 40.35 38.49
C ARG A 752 -95.41 41.73 37.88
N LEU A 753 -96.41 42.62 37.97
CA LEU A 753 -96.31 43.96 37.40
C LEU A 753 -96.35 44.98 38.52
N ARG A 754 -95.44 45.96 38.46
CA ARG A 754 -95.40 47.08 39.38
C ARG A 754 -95.33 48.37 38.59
N HIS A 755 -95.68 49.48 39.24
CA HIS A 755 -95.69 50.78 38.60
C HIS A 755 -95.17 51.84 39.57
N TYR A 756 -94.37 52.76 39.05
CA TYR A 756 -93.85 53.87 39.83
C TYR A 756 -93.87 55.14 38.98
N ARG A 757 -94.04 56.28 39.64
CA ARG A 757 -93.99 57.58 38.99
C ARG A 757 -93.12 58.51 39.82
N SER A 758 -92.42 59.41 39.14
CA SER A 758 -91.67 60.45 39.82
C SER A 758 -92.63 61.48 40.42
N LYS A 759 -92.29 61.99 41.60
CA LYS A 759 -93.13 62.95 42.32
C LYS A 759 -92.76 64.40 42.01
N VAL A 760 -92.17 64.66 40.83
CA VAL A 760 -91.88 66.01 40.38
C VAL A 760 -92.43 66.17 38.98
N LYS A 761 -92.72 67.42 38.62
CA LYS A 761 -93.27 67.74 37.31
C LYS A 761 -92.16 67.98 36.29
N LYS A 775 -83.02 72.61 37.58
CA LYS A 775 -84.16 72.51 36.66
C LYS A 775 -84.05 71.27 35.79
N GLU A 776 -83.53 71.44 34.58
CA GLU A 776 -83.35 70.30 33.68
C GLU A 776 -82.18 69.42 34.14
N ASP A 777 -81.11 70.05 34.65
CA ASP A 777 -79.89 69.42 35.18
C ASP A 777 -79.24 68.49 34.15
N PRO A 778 -78.64 69.02 33.09
CA PRO A 778 -78.00 68.16 32.09
C PRO A 778 -76.60 67.67 32.47
N ARG A 779 -76.12 68.01 33.68
CA ARG A 779 -74.80 67.56 34.10
C ARG A 779 -74.77 66.03 34.25
N PHE A 780 -75.82 65.44 34.81
CA PHE A 780 -75.87 63.99 34.95
C PHE A 780 -76.11 63.30 33.62
N ILE A 781 -76.62 64.00 32.63
CA ILE A 781 -76.86 63.40 31.32
C ILE A 781 -75.68 63.58 30.37
N HIS A 782 -74.79 64.53 30.65
CA HIS A 782 -73.69 64.85 29.75
C HIS A 782 -72.33 64.42 30.28
N GLU A 783 -71.95 64.83 31.50
CA GLU A 783 -70.61 64.60 32.00
C GLU A 783 -70.51 63.57 33.10
N TYR A 784 -71.59 63.30 33.83
CA TYR A 784 -71.52 62.39 34.96
C TYR A 784 -71.81 60.94 34.58
N ILE A 785 -72.62 60.71 33.54
CA ILE A 785 -72.98 59.35 33.16
C ILE A 785 -71.78 58.63 32.54
N MET A 786 -70.99 59.33 31.73
CA MET A 786 -69.87 58.73 31.02
C MET A 786 -68.60 58.66 31.86
N ASP A 787 -68.61 59.15 33.09
CA ASP A 787 -67.42 59.11 33.91
C ASP A 787 -67.15 57.69 34.39
N PRO A 788 -65.91 57.19 34.25
CA PRO A 788 -65.64 55.80 34.67
C PRO A 788 -65.66 55.62 36.18
N ASP A 789 -65.17 56.61 36.94
CA ASP A 789 -65.21 56.50 38.40
C ASP A 789 -66.63 56.55 38.93
N CYS A 790 -67.52 57.28 38.25
CA CYS A 790 -68.94 57.27 38.60
C CYS A 790 -69.53 55.87 38.41
N GLN A 791 -69.15 55.19 37.32
CA GLN A 791 -69.61 53.83 37.10
C GLN A 791 -69.03 52.87 38.14
N ASN A 792 -67.78 53.08 38.53
CA ASN A 792 -67.18 52.25 39.58
C ASN A 792 -67.92 52.42 40.91
N ALA A 793 -68.23 53.67 41.28
CA ALA A 793 -68.95 53.92 42.51
C ALA A 793 -70.38 53.38 42.45
N PHE A 794 -71.04 53.49 41.29
CA PHE A 794 -72.39 52.97 41.16
C PHE A 794 -72.42 51.45 41.22
N PHE A 795 -71.43 50.79 40.60
CA PHE A 795 -71.35 49.34 40.75
C PHE A 795 -71.01 48.94 42.18
N SER A 796 -70.22 49.75 42.88
CA SER A 796 -69.92 49.49 44.28
C SER A 796 -71.17 49.55 45.14
N ILE A 797 -71.99 50.60 44.94
CA ILE A 797 -73.25 50.67 45.69
C ILE A 797 -74.22 49.59 45.23
N LEU A 798 -74.09 49.10 43.98
CA LEU A 798 -74.94 48.01 43.52
C LEU A 798 -74.60 46.71 44.24
N VAL A 799 -73.31 46.37 44.34
CA VAL A 799 -72.95 45.13 45.02
C VAL A 799 -73.22 45.26 46.52
N TYR A 800 -73.02 46.46 47.08
CA TYR A 800 -73.35 46.67 48.49
C TYR A 800 -74.85 46.50 48.75
N PHE A 801 -75.69 47.00 47.84
CA PHE A 801 -77.13 46.81 48.02
C PHE A 801 -77.55 45.37 47.77
N TRP A 802 -76.83 44.66 46.89
CA TRP A 802 -77.08 43.22 46.72
C TRP A 802 -76.75 42.46 48.00
N GLU A 803 -75.66 42.82 48.67
CA GLU A 803 -75.33 42.20 49.95
C GLU A 803 -76.36 42.58 51.01
N LYS A 804 -76.87 43.83 50.96
CA LYS A 804 -77.92 44.25 51.88
C LYS A 804 -79.19 43.44 51.69
N LEU A 805 -79.55 43.16 50.43
CA LEU A 805 -80.68 42.29 50.14
C LEU A 805 -80.43 40.87 50.63
N GLN A 806 -79.20 40.37 50.44
CA GLN A 806 -78.85 39.02 50.88
C GLN A 806 -78.79 38.89 52.39
N LYS A 807 -78.64 40.00 53.11
CA LYS A 807 -78.61 39.97 54.57
C LYS A 807 -79.98 40.15 55.20
N GLU A 808 -80.73 41.17 54.78
CA GLU A 808 -81.94 41.55 55.49
C GLU A 808 -83.12 40.65 55.13
N TYR A 809 -83.54 40.66 53.86
CA TYR A 809 -84.73 39.94 53.42
C TYR A 809 -84.40 39.19 52.13
N ASN A 810 -84.16 37.88 52.26
CA ASN A 810 -83.93 37.06 51.07
C ASN A 810 -85.22 36.87 50.31
N GLY A 811 -85.16 37.03 48.99
CA GLY A 811 -86.36 36.97 48.17
C GLY A 811 -87.00 38.33 48.02
N GLN A 812 -87.18 38.78 46.78
CA GLN A 812 -87.71 40.12 46.55
C GLN A 812 -89.19 40.21 46.84
N ILE A 813 -89.93 39.11 46.65
CA ILE A 813 -91.36 39.11 46.95
C ILE A 813 -91.58 39.27 48.44
N LYS A 814 -90.82 38.55 49.26
CA LYS A 814 -90.90 38.66 50.72
C LYS A 814 -90.09 39.87 51.18
N LYS A 815 -90.61 41.04 50.86
CA LYS A 815 -89.99 42.32 51.19
C LYS A 815 -90.78 42.98 52.32
N VAL A 816 -90.08 43.85 53.06
CA VAL A 816 -90.76 44.71 54.02
C VAL A 816 -91.75 45.60 53.27
N PHE A 817 -92.95 45.73 53.84
CA PHE A 817 -94.08 46.39 53.19
C PHE A 817 -93.77 47.84 52.82
N CYS A 818 -93.70 48.11 51.53
CA CYS A 818 -93.47 49.46 51.03
C CYS A 818 -94.80 50.02 50.56
N PRO A 819 -95.35 51.04 51.21
CA PRO A 819 -96.68 51.52 50.82
C PRO A 819 -96.69 52.31 49.53
N THR A 820 -95.59 53.01 49.21
CA THR A 820 -95.56 53.90 48.05
C THR A 820 -95.66 53.12 46.75
N ILE A 821 -94.87 52.04 46.62
CA ILE A 821 -94.82 51.31 45.35
C ILE A 821 -96.13 50.59 45.09
N GLU A 822 -96.66 49.90 46.10
CA GLU A 822 -97.90 49.15 45.89
C GLU A 822 -99.11 50.09 45.79
N SER A 823 -99.02 51.25 46.43
CA SER A 823 -100.11 52.24 46.24
C SER A 823 -100.11 52.61 44.76
N GLU A 824 -98.98 53.10 44.25
CA GLU A 824 -98.89 53.52 42.83
C GLU A 824 -99.21 52.30 41.94
N THR A 825 -98.71 51.13 42.32
CA THR A 825 -98.93 49.93 41.48
C THR A 825 -100.42 49.70 41.37
N GLU A 826 -101.10 49.53 42.50
CA GLU A 826 -102.55 49.22 42.45
C GLU A 826 -103.25 50.38 41.73
N ALA A 827 -102.76 51.60 41.93
CA ALA A 827 -103.41 52.79 41.32
C ALA A 827 -103.38 52.68 39.80
N TYR A 828 -102.22 52.33 39.24
CA TYR A 828 -102.09 52.22 37.77
C TYR A 828 -103.04 51.13 37.29
N ARG A 829 -103.13 50.06 38.07
CA ARG A 829 -104.04 48.94 37.71
C ARG A 829 -105.48 49.39 37.97
N LYS A 830 -105.68 50.23 38.99
CA LYS A 830 -107.05 50.78 39.19
C LYS A 830 -107.37 51.62 37.94
N SER A 831 -106.36 52.30 37.40
CA SER A 831 -106.57 53.10 36.16
C SER A 831 -107.24 52.21 35.11
N GLN A 832 -106.69 51.01 34.89
CA GLN A 832 -107.33 50.05 33.97
C GLN A 832 -108.51 49.42 34.71
N ASP A 833 -109.53 50.23 35.01
CA ASP A 833 -110.73 49.74 35.74
C ASP A 833 -111.19 48.41 35.13
N THR A 834 -111.31 47.36 35.95
CA THR A 834 -111.77 46.05 35.46
C THR A 834 -112.63 45.42 36.53
N LEU A 835 -112.81 44.10 36.49
CA LEU A 835 -113.57 43.41 37.55
C LEU A 835 -112.96 43.80 38.91
N HIS A 836 -111.63 43.79 38.99
CA HIS A 836 -110.94 44.12 40.28
C HIS A 836 -111.50 45.46 40.79
N ARG A 837 -111.65 46.43 39.90
CA ARG A 837 -112.18 47.76 40.30
C ARG A 837 -113.62 47.57 40.82
N PHE A 838 -114.49 46.93 40.04
CA PHE A 838 -115.86 46.64 40.54
C PHE A 838 -115.72 45.93 41.88
N ILE A 839 -114.78 44.99 41.96
CA ILE A 839 -114.53 44.26 43.24
C ILE A 839 -114.11 45.28 44.32
N THR A 840 -113.18 46.17 43.98
CA THR A 840 -112.69 47.13 44.98
C THR A 840 -113.79 48.08 45.38
N GLU A 841 -114.76 48.34 44.48
CA GLU A 841 -115.78 49.32 44.80
C GLU A 841 -117.06 48.69 45.35
N ARG A 842 -117.69 47.79 44.59
CA ARG A 842 -119.03 47.31 44.89
C ARG A 842 -119.04 45.93 45.55
N VAL A 843 -117.88 45.37 45.86
CA VAL A 843 -117.78 44.05 46.49
C VAL A 843 -117.02 44.20 47.79
N VAL A 844 -117.55 43.64 48.87
CA VAL A 844 -116.93 43.71 50.17
C VAL A 844 -116.90 42.31 50.78
N GLU A 845 -116.00 42.11 51.72
CA GLU A 845 -115.86 40.83 52.42
C GLU A 845 -116.69 40.86 53.69
N SER A 846 -117.64 39.94 53.81
CA SER A 846 -118.51 39.86 54.98
C SER A 846 -118.91 38.40 55.17
N PRO A 847 -118.26 37.68 56.09
CA PRO A 847 -118.64 36.29 56.35
C PRO A 847 -120.05 36.14 56.90
N SER A 848 -120.53 37.11 57.66
CA SER A 848 -121.86 37.04 58.25
C SER A 848 -122.97 37.39 57.26
N ALA A 849 -122.63 37.95 56.10
CA ALA A 849 -123.65 38.29 55.11
C ALA A 849 -124.15 37.04 54.40
N GLU A 850 -125.33 37.16 53.81
CA GLU A 850 -125.94 36.05 53.09
C GLU A 850 -125.17 35.79 51.79
N THR A 851 -124.87 34.52 51.54
CA THR A 851 -124.14 34.14 50.34
C THR A 851 -125.04 34.21 49.11
N VAL A 852 -124.40 34.21 47.95
CA VAL A 852 -125.10 34.28 46.66
C VAL A 852 -124.86 32.99 45.90
N TYR A 853 -125.95 32.34 45.51
CA TYR A 853 -125.84 31.10 44.74
C TYR A 853 -125.36 31.39 43.32
N ASN A 854 -124.48 30.51 42.83
CA ASN A 854 -123.89 30.56 41.50
C ASN A 854 -123.15 31.87 41.23
N LEU A 855 -122.83 32.14 39.97
CA LEU A 855 -122.14 33.36 39.58
C LEU A 855 -122.96 34.24 38.65
N SER A 856 -124.19 33.86 38.32
CA SER A 856 -125.01 34.67 37.43
C SER A 856 -125.43 35.98 38.07
N GLU A 857 -125.67 35.98 39.39
CA GLU A 857 -126.04 37.21 40.08
C GLU A 857 -124.89 38.21 40.10
N VAL A 858 -123.66 37.72 40.30
CA VAL A 858 -122.49 38.60 40.28
C VAL A 858 -122.25 39.12 38.87
N VAL A 859 -122.49 38.29 37.86
CA VAL A 859 -122.35 38.70 36.46
C VAL A 859 -123.37 39.80 36.14
N THR A 860 -124.62 39.63 36.58
CA THR A 860 -125.63 40.65 36.35
C THR A 860 -125.32 41.94 37.09
N ALA A 861 -124.80 41.83 38.32
CA ALA A 861 -124.43 43.02 39.07
C ALA A 861 -123.27 43.77 38.40
N TYR A 862 -122.28 43.03 37.89
CA TYR A 862 -121.17 43.66 37.18
C TYR A 862 -121.64 44.33 35.88
N ALA A 863 -122.55 43.67 35.15
CA ALA A 863 -123.09 44.26 33.93
C ALA A 863 -123.89 45.52 34.23
N GLU A 864 -124.71 45.49 35.28
CA GLU A 864 -125.48 46.67 35.67
C GLU A 864 -124.57 47.81 36.11
N TRP A 865 -123.51 47.49 36.86
CA TRP A 865 -122.58 48.52 37.30
C TRP A 865 -121.83 49.13 36.13
N TYR A 866 -121.43 48.31 35.14
CA TYR A 866 -120.73 48.86 33.98
C TYR A 866 -121.68 49.69 33.12
N ASN A 867 -122.94 49.27 33.01
CA ASN A 867 -123.92 50.02 32.23
C ASN A 867 -124.25 51.35 32.90
N THR A 868 -124.27 51.39 34.22
CA THR A 868 -124.47 52.64 34.95
C THR A 868 -123.18 53.41 35.17
N ASN A 869 -122.04 52.88 34.75
CA ASN A 869 -120.74 53.50 35.00
C ASN A 869 -120.06 53.98 33.72
N ILE A 870 -119.83 53.10 32.75
CA ILE A 870 -118.95 53.38 31.62
C ILE A 870 -119.73 53.48 30.30
N ASN A 871 -120.33 52.39 29.86
CA ASN A 871 -120.93 52.33 28.54
C ASN A 871 -121.92 51.16 28.51
N VAL A 872 -122.47 50.88 27.32
CA VAL A 872 -123.45 49.83 27.13
C VAL A 872 -122.85 48.77 26.21
N LYS A 873 -122.83 47.54 26.68
CA LYS A 873 -122.33 46.41 25.89
C LYS A 873 -122.97 45.14 26.40
N ARG A 874 -123.37 44.27 25.46
CA ARG A 874 -124.02 43.01 25.82
C ARG A 874 -122.96 42.03 26.33
N HIS A 875 -123.03 41.72 27.63
CA HIS A 875 -122.09 40.78 28.22
C HIS A 875 -122.40 39.36 27.78
N ILE A 876 -121.35 38.56 27.60
CA ILE A 876 -121.50 37.13 27.33
C ILE A 876 -121.20 36.40 28.62
N ALA A 877 -122.19 35.72 29.18
CA ALA A 877 -122.07 35.10 30.50
C ALA A 877 -121.24 33.83 30.49
N LEU A 878 -120.84 33.33 29.31
CA LEU A 878 -120.05 32.11 29.25
C LEU A 878 -118.64 32.33 29.79
N GLU A 879 -117.88 33.22 29.15
CA GLU A 879 -116.52 33.51 29.57
C GLU A 879 -116.44 34.53 30.69
N LEU A 880 -117.52 35.24 30.99
CA LEU A 880 -117.52 36.18 32.11
C LEU A 880 -117.47 35.43 33.43
N SER A 881 -118.04 34.23 33.50
CA SER A 881 -117.92 33.41 34.71
C SER A 881 -116.47 33.03 34.97
N GLN A 882 -115.73 32.64 33.92
CA GLN A 882 -114.31 32.35 34.09
C GLN A 882 -113.50 33.60 34.40
N GLU A 883 -113.91 34.74 33.83
CA GLU A 883 -113.24 36.00 34.14
C GLU A 883 -113.40 36.38 35.61
N LEU A 884 -114.61 36.17 36.16
CA LEU A 884 -114.83 36.42 37.57
C LEU A 884 -114.13 35.38 38.44
N GLU A 885 -114.03 34.13 37.96
CA GLU A 885 -113.31 33.10 38.71
C GLU A 885 -111.82 33.38 38.77
N ASN A 886 -111.25 33.98 37.73
CA ASN A 886 -109.82 34.28 37.71
C ASN A 886 -109.46 35.56 38.43
N SER A 887 -110.44 36.30 38.96
CA SER A 887 -110.20 37.59 39.57
C SER A 887 -109.55 37.42 40.95
N VAL A 888 -109.35 38.55 41.63
CA VAL A 888 -108.72 38.56 42.95
C VAL A 888 -109.59 37.94 44.03
N LEU A 889 -110.89 37.81 43.77
CA LEU A 889 -111.82 37.19 44.72
C LEU A 889 -111.91 35.69 44.55
N GLU A 890 -110.86 35.04 44.03
CA GLU A 890 -110.85 33.60 43.85
C GLU A 890 -110.91 32.87 45.20
N LYS A 891 -110.22 33.43 46.20
CA LYS A 891 -110.25 32.82 47.54
C LYS A 891 -111.64 32.93 48.17
N TYR A 892 -112.42 33.94 47.79
CA TYR A 892 -113.79 34.08 48.27
C TYR A 892 -114.78 33.24 47.50
N LEU A 893 -114.34 32.57 46.43
CA LEU A 893 -115.20 31.71 45.63
C LEU A 893 -114.91 30.26 45.95
N GLN A 894 -115.96 29.48 46.19
CA GLN A 894 -115.84 28.05 46.48
C GLN A 894 -116.71 27.27 45.50
N TRP A 895 -116.75 25.95 45.68
CA TRP A 895 -117.50 25.05 44.81
C TRP A 895 -118.66 24.45 45.60
N SER A 896 -119.87 24.62 45.08
CA SER A 896 -121.05 24.05 45.69
C SER A 896 -121.09 22.54 45.47
N PRO A 897 -121.86 21.81 46.28
CA PRO A 897 -122.06 20.37 46.01
C PRO A 897 -122.76 20.09 44.69
N ASN A 898 -123.44 21.07 44.10
CA ASN A 898 -124.06 20.93 42.78
C ASN A 898 -123.07 21.19 41.64
N LYS A 899 -121.77 21.14 41.90
CA LYS A 899 -120.71 21.33 40.91
C LYS A 899 -120.80 22.70 40.23
N THR A 900 -121.16 23.72 41.00
CA THR A 900 -121.25 25.09 40.51
C THR A 900 -120.43 26.00 41.41
N ARG A 901 -119.72 26.94 40.80
CA ARG A 901 -118.93 27.91 41.56
C ARG A 901 -119.86 28.93 42.20
N ILE A 902 -119.67 29.17 43.50
CA ILE A 902 -120.50 30.08 44.27
C ILE A 902 -119.60 30.99 45.08
N LEU A 903 -120.19 32.07 45.60
CA LEU A 903 -119.48 33.04 46.41
C LEU A 903 -119.85 32.84 47.88
N LYS A 904 -118.83 32.78 48.73
CA LYS A 904 -119.01 32.58 50.17
C LYS A 904 -118.32 33.70 50.92
N GLY A 905 -119.04 34.29 51.88
CA GLY A 905 -118.49 35.38 52.68
C GLY A 905 -118.25 36.65 51.91
N CYS A 906 -119.15 37.02 51.01
CA CYS A 906 -118.99 38.23 50.20
C CYS A 906 -120.34 38.94 50.09
N ARG A 907 -120.28 40.25 49.92
CA ARG A 907 -121.48 41.06 49.74
C ARG A 907 -121.27 42.00 48.56
N ILE A 908 -122.37 42.25 47.83
CA ILE A 908 -122.36 43.10 46.65
C ILE A 908 -123.09 44.39 46.98
N LEU A 909 -122.43 45.52 46.75
CA LEU A 909 -123.02 46.82 47.03
C LEU A 909 -123.86 47.28 45.84
N HIS A 910 -125.12 47.61 46.10
CA HIS A 910 -126.02 48.06 45.06
C HIS A 910 -125.98 49.59 44.95
N LYS A 911 -126.93 50.17 44.22
CA LYS A 911 -127.01 51.61 44.07
C LYS A 911 -127.47 52.27 45.36
N GLU A 937 -87.70 59.58 57.24
CA GLU A 937 -86.45 59.58 56.49
C GLU A 937 -85.32 60.21 57.29
N PRO A 938 -84.25 59.46 57.52
CA PRO A 938 -83.11 60.01 58.26
C PRO A 938 -82.37 61.07 57.46
N LYS A 939 -81.70 61.97 58.19
CA LYS A 939 -80.96 63.04 57.54
C LYS A 939 -79.67 62.54 56.88
N ASN A 940 -79.11 61.43 57.36
CA ASN A 940 -77.90 60.88 56.79
C ASN A 940 -77.89 59.37 56.98
N LYS A 941 -77.10 58.69 56.14
CA LYS A 941 -76.94 57.23 56.13
C LYS A 941 -78.29 56.53 55.99
N TRP A 942 -79.03 56.91 54.94
CA TRP A 942 -80.34 56.32 54.70
C TRP A 942 -80.25 54.89 54.15
N TRP A 943 -79.07 54.49 53.66
CA TRP A 943 -78.90 53.13 53.15
C TRP A 943 -78.89 52.09 54.27
N GLU A 944 -78.68 52.51 55.52
CA GLU A 944 -78.71 51.61 56.67
C GLU A 944 -80.10 51.53 57.30
N TRP A 945 -81.16 51.78 56.53
CA TRP A 945 -82.51 51.69 57.04
C TRP A 945 -82.88 50.23 57.29
N SER A 946 -83.53 49.97 58.42
CA SER A 946 -83.92 48.61 58.79
C SER A 946 -85.24 48.22 58.11
N LEU B 21 -25.95 26.17 30.94
CA LEU B 21 -24.56 25.64 31.08
C LEU B 21 -24.39 25.02 32.48
N ALA B 22 -23.74 23.86 32.56
CA ALA B 22 -23.58 23.04 33.79
C ALA B 22 -22.91 23.85 34.91
N GLU B 23 -21.72 24.42 34.65
CA GLU B 23 -20.91 25.12 35.69
C GLU B 23 -21.64 26.38 36.17
N VAL B 24 -22.42 27.05 35.33
CA VAL B 24 -23.28 28.21 35.72
C VAL B 24 -24.40 27.70 36.63
N GLN B 25 -25.00 26.57 36.27
CA GLN B 25 -26.05 25.90 37.08
C GLN B 25 -25.48 25.56 38.47
N ALA B 26 -24.27 24.99 38.50
CA ALA B 26 -23.53 24.63 39.74
C ALA B 26 -23.35 25.89 40.60
N LEU B 27 -22.86 26.99 40.02
CA LEU B 27 -22.64 28.28 40.72
C LEU B 27 -23.97 28.82 41.26
N GLU B 28 -25.05 28.70 40.48
CA GLU B 28 -26.42 29.16 40.86
C GLU B 28 -26.87 28.38 42.10
N THR B 29 -26.67 27.06 42.10
CA THR B 29 -27.04 26.16 43.23
C THR B 29 -26.21 26.53 44.46
N LEU B 30 -24.90 26.74 44.30
CA LEU B 30 -24.03 27.13 45.44
C LEU B 30 -24.55 28.44 46.04
N LEU B 31 -24.82 29.44 45.20
CA LEU B 31 -25.22 30.80 45.67
C LEU B 31 -26.57 30.71 46.41
N THR B 32 -27.58 30.09 45.81
CA THR B 32 -28.98 30.19 46.32
C THR B 32 -29.15 29.21 47.49
N ARG B 33 -28.77 27.95 47.31
CA ARG B 33 -28.98 26.88 48.34
C ARG B 33 -28.04 27.09 49.54
N GLU B 34 -26.77 27.44 49.31
CA GLU B 34 -25.73 27.34 50.37
C GLU B 34 -25.28 28.70 50.88
N LEU B 35 -24.85 29.63 50.01
CA LEU B 35 -24.15 30.89 50.43
C LEU B 35 -25.17 31.98 50.81
N SER B 36 -26.45 31.79 50.45
CA SER B 36 -27.57 32.70 50.81
C SER B 36 -27.52 33.05 52.31
N VAL B 37 -27.05 32.14 53.16
CA VAL B 37 -26.98 32.31 54.63
C VAL B 37 -25.93 33.37 55.02
N PHE B 38 -25.09 33.83 54.08
CA PHE B 38 -24.03 34.85 54.33
C PHE B 38 -24.40 36.20 53.70
N LEU B 39 -25.60 36.32 53.13
CA LEU B 39 -26.09 37.59 52.54
C LEU B 39 -25.95 38.71 53.58
N THR B 40 -25.27 39.81 53.24
CA THR B 40 -25.12 41.04 54.06
C THR B 40 -26.14 42.10 53.62
N GLU B 41 -26.44 43.06 54.51
CA GLU B 41 -27.33 44.22 54.23
C GLU B 41 -26.55 45.23 53.38
N PRO B 42 -27.24 46.13 52.64
CA PRO B 42 -26.55 47.18 51.88
C PRO B 42 -25.71 48.05 52.82
N GLY B 43 -24.45 48.30 52.45
CA GLY B 43 -23.51 49.15 53.20
C GLY B 43 -22.93 48.48 54.43
N SER B 44 -23.06 47.15 54.55
CA SER B 44 -22.46 46.33 55.64
C SER B 44 -20.93 46.31 55.49
N LYS B 45 -20.20 46.35 56.61
CA LYS B 45 -18.71 46.42 56.50
C LYS B 45 -18.21 44.97 56.41
N LYS B 46 -19.00 44.02 56.90
CA LYS B 46 -18.61 42.60 56.83
C LYS B 46 -18.58 42.17 55.35
N THR B 47 -19.22 42.93 54.45
CA THR B 47 -19.26 42.43 53.05
C THR B 47 -17.83 42.27 52.52
N ASN B 48 -17.51 41.13 51.92
CA ASN B 48 -16.22 40.93 51.17
C ASN B 48 -16.50 40.64 49.69
N ILE B 49 -17.70 40.15 49.33
CA ILE B 49 -18.03 39.71 47.94
C ILE B 49 -19.32 40.38 47.50
N ILE B 50 -19.32 40.92 46.28
CA ILE B 50 -20.47 41.62 45.66
C ILE B 50 -20.72 40.96 44.30
N ASN B 51 -21.93 40.43 44.10
CA ASN B 51 -22.40 39.90 42.78
C ASN B 51 -23.28 40.96 42.15
N ARG B 52 -22.71 41.82 41.30
CA ARG B 52 -23.40 43.01 40.74
C ARG B 52 -24.49 42.58 39.74
N ILE B 53 -24.44 41.34 39.22
CA ILE B 53 -25.52 40.82 38.33
C ILE B 53 -26.77 40.55 39.17
N THR B 54 -26.66 39.85 40.30
CA THR B 54 -27.80 39.54 41.20
C THR B 54 -28.03 40.67 42.22
N GLY B 55 -27.11 41.63 42.31
CA GLY B 55 -27.17 42.75 43.26
C GLY B 55 -27.06 42.29 44.71
N LYS B 56 -26.52 41.09 44.94
CA LYS B 56 -26.38 40.47 46.28
C LYS B 56 -25.01 40.82 46.85
N THR B 57 -24.93 41.02 48.16
CA THR B 57 -23.68 41.26 48.93
C THR B 57 -23.54 40.14 49.98
N TYR B 58 -22.32 39.62 50.16
CA TYR B 58 -22.02 38.47 51.04
C TYR B 58 -20.82 38.79 51.94
N ALA B 59 -20.80 38.23 53.15
CA ALA B 59 -19.61 38.06 54.02
C ALA B 59 -19.26 36.57 54.07
N LEU B 60 -18.42 36.10 53.15
CA LEU B 60 -18.02 34.68 53.04
C LEU B 60 -16.83 34.41 53.96
N PRO B 61 -16.95 33.43 54.91
CA PRO B 61 -15.77 32.88 55.57
C PRO B 61 -14.86 32.18 54.56
N SER B 62 -13.57 32.08 54.89
CA SER B 62 -12.48 31.58 54.02
C SER B 62 -12.87 30.26 53.35
N THR B 63 -13.52 29.35 54.07
CA THR B 63 -13.91 28.01 53.53
C THR B 63 -14.87 28.18 52.34
N GLU B 64 -15.81 29.12 52.45
CA GLU B 64 -16.92 29.31 51.48
C GLU B 64 -16.43 30.23 50.35
N LEU B 65 -15.48 31.11 50.65
CA LEU B 65 -14.77 31.91 49.63
C LEU B 65 -14.06 30.98 48.64
N LEU B 66 -13.37 29.96 49.12
CA LEU B 66 -12.68 29.03 48.28
C LEU B 66 -13.60 28.23 47.41
N ARG B 67 -14.70 27.80 47.96
CA ARG B 67 -15.73 27.02 47.23
C ARG B 67 -16.28 27.91 46.11
N LEU B 68 -16.53 29.18 46.42
CA LEU B 68 -16.97 30.19 45.42
C LEU B 68 -15.95 30.26 44.29
N TYR B 69 -14.67 30.41 44.65
CA TYR B 69 -13.53 30.60 43.71
C TYR B 69 -13.40 29.38 42.78
N GLU B 70 -13.62 28.16 43.30
CA GLU B 70 -13.59 26.92 42.46
C GLU B 70 -14.70 27.00 41.40
N HIS B 71 -15.90 27.46 41.79
CA HIS B 71 -17.05 27.58 40.86
C HIS B 71 -16.78 28.72 39.87
N LEU B 72 -16.30 29.88 40.33
CA LEU B 72 -16.03 31.06 39.46
C LEU B 72 -14.93 30.70 38.46
N GLU B 73 -13.92 29.95 38.91
CA GLU B 73 -12.79 29.50 38.06
C GLU B 73 -13.32 28.58 36.94
N GLN B 74 -14.21 27.63 37.26
CA GLN B 74 -14.81 26.72 36.24
C GLN B 74 -15.63 27.55 35.25
N CYS B 75 -16.40 28.52 35.74
CA CYS B 75 -17.21 29.45 34.91
C CYS B 75 -16.28 30.30 34.04
N ARG B 76 -15.13 30.72 34.55
CA ARG B 76 -14.15 31.57 33.84
C ARG B 76 -13.59 30.80 32.64
N LYS B 77 -13.14 29.56 32.86
CA LYS B 77 -12.54 28.68 31.83
C LYS B 77 -13.52 28.39 30.69
N GLN B 78 -14.83 28.62 30.90
CA GLN B 78 -15.89 28.40 29.87
C GLN B 78 -16.45 29.74 29.38
N GLY B 79 -15.83 30.86 29.76
CA GLY B 79 -16.14 32.21 29.23
C GLY B 79 -17.50 32.72 29.69
N ALA B 80 -17.99 32.28 30.85
CA ALA B 80 -19.31 32.67 31.40
C ALA B 80 -19.28 34.14 31.85
N LEU B 81 -20.38 34.85 31.62
CA LEU B 81 -20.62 36.24 32.10
C LEU B 81 -20.59 36.24 33.64
N MET B 82 -19.57 36.88 34.22
CA MET B 82 -19.46 37.11 35.69
C MET B 82 -19.28 38.61 35.93
N TYR B 83 -19.88 39.11 37.01
CA TYR B 83 -19.66 40.47 37.55
C TYR B 83 -19.52 40.38 39.07
N PHE B 84 -18.52 39.65 39.55
CA PHE B 84 -18.15 39.57 40.98
C PHE B 84 -17.08 40.60 41.31
N LEU B 85 -17.27 41.32 42.42
CA LEU B 85 -16.28 42.25 43.01
C LEU B 85 -15.93 41.74 44.40
N GLU B 86 -14.68 41.96 44.83
CA GLU B 86 -14.28 41.78 46.23
C GLU B 86 -14.04 43.18 46.82
N ARG B 87 -14.42 43.37 48.08
CA ARG B 87 -14.19 44.64 48.82
C ARG B 87 -12.81 44.57 49.48
N GLN B 88 -11.99 45.61 49.32
CA GLN B 88 -10.58 45.61 49.77
C GLN B 88 -10.55 45.73 51.30
N GLY B 89 -11.50 46.48 51.86
CA GLY B 89 -11.51 46.77 53.30
C GLY B 89 -10.22 47.45 53.71
N THR B 90 -9.80 47.25 54.96
CA THR B 90 -8.75 48.07 55.62
C THR B 90 -7.39 47.38 55.55
N TYR B 91 -7.34 46.07 55.26
CA TYR B 91 -6.11 45.25 55.24
C TYR B 91 -6.27 44.11 54.24
N SER B 92 -5.62 44.21 53.07
CA SER B 92 -5.72 43.23 51.96
C SER B 92 -4.61 43.49 50.93
N GLY B 93 -4.57 42.65 49.89
CA GLY B 93 -3.59 42.77 48.78
C GLY B 93 -3.74 44.07 48.03
N LEU B 94 -2.71 44.45 47.27
CA LEU B 94 -2.67 45.73 46.53
C LEU B 94 -3.16 45.50 45.10
N MET B 95 -3.98 46.41 44.60
CA MET B 95 -4.45 46.47 43.20
C MET B 95 -4.13 47.86 42.67
N LEU B 96 -3.55 47.93 41.46
CA LEU B 96 -3.29 49.18 40.72
C LEU B 96 -4.15 49.17 39.45
N ASP B 97 -5.04 50.15 39.28
CA ASP B 97 -5.94 50.29 38.11
C ASP B 97 -5.39 51.39 37.19
N TYR B 98 -4.81 51.00 36.05
CA TYR B 98 -4.30 51.92 35.00
C TYR B 98 -5.34 52.08 33.87
N ASP B 99 -5.81 53.32 33.66
CA ASP B 99 -6.68 53.74 32.53
C ASP B 99 -5.83 54.53 31.55
N LEU B 100 -5.44 53.90 30.44
CA LEU B 100 -4.48 54.46 29.44
C LEU B 100 -5.25 55.13 28.30
N LYS B 101 -4.81 56.34 27.91
CA LYS B 101 -5.07 56.93 26.57
C LYS B 101 -3.87 56.63 25.66
N LEU B 102 -4.08 55.95 24.54
CA LEU B 102 -2.97 55.52 23.61
C LEU B 102 -2.90 56.39 22.35
N ASN B 103 -1.69 56.43 21.76
CA ASN B 103 -1.31 57.03 20.45
C ASN B 103 -2.18 56.50 19.31
N THR B 104 -2.61 55.24 19.43
CA THR B 104 -3.28 54.45 18.37
C THR B 104 -4.27 53.49 19.01
N ASN B 105 -4.97 52.71 18.18
CA ASN B 105 -5.99 51.71 18.56
C ASN B 105 -5.37 50.31 18.53
N ALA B 106 -4.03 50.25 18.51
CA ALA B 106 -3.23 49.01 18.57
C ALA B 106 -2.91 48.70 20.04
N VAL B 107 -3.19 47.48 20.49
CA VAL B 107 -2.75 46.96 21.81
C VAL B 107 -1.25 47.23 21.94
N PRO B 108 -0.79 47.93 23.00
CA PRO B 108 0.63 48.19 23.21
C PRO B 108 1.35 46.88 23.48
N PRO B 109 2.64 46.74 23.11
CA PRO B 109 3.33 45.45 23.21
C PRO B 109 3.37 44.86 24.63
N LEU B 110 3.68 45.70 25.64
CA LEU B 110 3.75 45.29 27.07
C LEU B 110 4.40 43.91 27.19
N GLU B 111 5.66 43.80 26.76
CA GLU B 111 6.44 42.54 26.81
C GLU B 111 7.06 42.40 28.21
N PRO B 112 7.54 41.19 28.60
CA PRO B 112 8.05 40.97 29.96
C PRO B 112 9.04 42.00 30.50
N PRO B 113 10.05 42.50 29.74
CA PRO B 113 10.99 43.49 30.28
C PRO B 113 10.36 44.78 30.81
N ALA B 114 9.38 45.34 30.09
CA ALA B 114 8.64 46.54 30.51
C ALA B 114 7.86 46.24 31.80
N LEU B 115 7.11 45.13 31.81
CA LEU B 115 6.27 44.73 32.97
C LEU B 115 7.18 44.40 34.17
N SER B 116 8.32 43.77 33.92
CA SER B 116 9.33 43.40 34.95
C SER B 116 9.82 44.68 35.64
N ARG B 117 10.14 45.72 34.86
CA ARG B 117 10.64 47.00 35.38
C ARG B 117 9.56 47.70 36.19
N LEU B 118 8.30 47.64 35.71
CA LEU B 118 7.11 48.16 36.44
C LEU B 118 7.07 47.54 37.84
N CYS B 119 7.20 46.21 37.95
CA CYS B 119 7.19 45.46 39.24
C CYS B 119 8.28 46.01 40.17
N HIS B 120 9.50 46.18 39.66
CA HIS B 120 10.65 46.69 40.45
C HIS B 120 10.29 48.06 41.01
N ARG B 121 9.80 48.99 40.17
CA ARG B 121 9.46 50.36 40.57
C ARG B 121 8.33 50.32 41.61
N ILE B 122 7.28 49.53 41.37
CA ILE B 122 6.14 49.35 42.33
C ILE B 122 6.69 48.91 43.68
N PHE B 123 7.68 48.01 43.67
CA PHE B 123 8.28 47.41 44.88
C PHE B 123 9.08 48.47 45.64
N VAL B 124 9.85 49.29 44.93
CA VAL B 124 10.64 50.40 45.55
C VAL B 124 9.71 51.24 46.41
N HIS B 125 8.49 51.52 45.96
CA HIS B 125 7.51 52.37 46.71
C HIS B 125 6.96 51.59 47.92
N ILE B 126 6.67 50.30 47.73
CA ILE B 126 6.25 49.38 48.84
C ILE B 126 7.32 49.38 49.93
N LYS B 127 8.57 49.12 49.54
CA LYS B 127 9.75 49.10 50.46
C LYS B 127 9.87 50.44 51.19
N ASN B 128 9.67 51.55 50.48
CA ASN B 128 9.86 52.93 51.00
C ASN B 128 8.77 53.27 52.02
N SER B 129 7.64 52.52 52.01
CA SER B 129 6.51 52.67 52.98
C SER B 129 6.93 52.16 54.36
N SER B 130 7.98 51.33 54.43
CA SER B 130 8.65 50.83 55.66
C SER B 130 7.86 49.70 56.34
N VAL B 131 6.84 49.12 55.71
CA VAL B 131 5.85 48.22 56.39
C VAL B 131 6.17 46.75 56.11
N LEU B 132 7.15 46.46 55.25
CA LEU B 132 7.48 45.06 54.88
C LEU B 132 8.06 44.37 56.12
N PRO B 133 7.72 43.09 56.35
CA PRO B 133 8.34 42.34 57.45
C PRO B 133 9.79 41.99 57.12
N GLU B 134 10.63 41.81 58.15
CA GLU B 134 12.04 41.37 58.00
C GLU B 134 12.03 39.91 57.51
N GLY B 135 13.12 39.47 56.89
CA GLY B 135 13.31 38.07 56.44
C GLY B 135 13.19 37.96 54.93
N SER B 136 13.10 36.73 54.43
CA SER B 136 12.96 36.41 52.99
C SER B 136 11.50 36.10 52.67
N HIS B 137 10.93 36.75 51.65
CA HIS B 137 9.51 36.61 51.26
C HIS B 137 9.36 36.67 49.74
N LYS B 138 8.54 35.79 49.17
CA LYS B 138 8.03 35.85 47.78
C LYS B 138 6.77 36.71 47.75
N ILE B 139 6.69 37.65 46.81
CA ILE B 139 5.40 38.33 46.46
C ILE B 139 5.20 38.21 44.95
N HIS B 140 3.96 37.92 44.55
CA HIS B 140 3.56 37.71 43.13
C HIS B 140 2.83 38.95 42.60
N PHE B 141 3.24 39.41 41.41
CA PHE B 141 2.58 40.46 40.60
C PHE B 141 1.89 39.78 39.41
N PHE B 142 0.64 40.16 39.14
CA PHE B 142 -0.15 39.67 37.99
C PHE B 142 -0.63 40.90 37.20
N PHE B 143 -0.43 40.87 35.89
CA PHE B 143 -0.90 41.90 34.94
C PHE B 143 -2.04 41.33 34.11
N THR B 144 -3.24 41.85 34.32
CA THR B 144 -4.44 41.52 33.51
C THR B 144 -4.71 42.73 32.62
N LEU B 145 -4.98 42.50 31.34
CA LEU B 145 -5.07 43.55 30.30
C LEU B 145 -6.48 43.57 29.70
N LYS B 146 -7.02 44.77 29.48
CA LYS B 146 -8.19 45.03 28.59
C LYS B 146 -7.97 44.27 27.29
N PRO B 147 -8.94 43.46 26.82
CA PRO B 147 -8.71 42.60 25.67
C PRO B 147 -8.45 43.37 24.36
N GLU B 148 -9.05 44.54 24.18
CA GLU B 148 -8.86 45.40 22.98
C GLU B 148 -8.83 46.89 23.36
N VAL B 149 -8.23 47.73 22.53
CA VAL B 149 -8.30 49.21 22.61
C VAL B 149 -9.63 49.63 21.98
N VAL B 150 -10.34 50.54 22.62
CA VAL B 150 -11.61 51.15 22.10
C VAL B 150 -11.39 52.66 22.08
N GLN B 151 -11.32 53.25 20.89
CA GLN B 151 -11.11 54.70 20.67
C GLN B 151 -9.87 55.17 21.44
N GLY B 152 -8.78 54.40 21.36
CA GLY B 152 -7.49 54.74 21.99
C GLY B 152 -7.48 54.55 23.49
N LYS B 153 -8.61 54.14 24.09
CA LYS B 153 -8.73 53.87 25.55
C LYS B 153 -8.24 52.43 25.80
N TYR B 154 -7.29 52.26 26.72
CA TYR B 154 -6.74 50.93 27.08
C TYR B 154 -6.56 50.85 28.60
N GLY B 155 -6.37 49.65 29.12
CA GLY B 155 -6.30 49.40 30.57
C GLY B 155 -5.50 48.17 30.93
N PHE B 156 -4.88 48.22 32.11
CA PHE B 156 -4.41 47.01 32.81
C PHE B 156 -4.60 47.19 34.31
N HIS B 157 -4.81 46.05 34.97
CA HIS B 157 -4.71 45.89 36.45
C HIS B 157 -3.35 45.27 36.77
N VAL B 158 -2.67 45.80 37.78
CA VAL B 158 -1.55 45.12 38.51
C VAL B 158 -2.11 44.63 39.84
N LEU B 159 -2.15 43.32 40.02
CA LEU B 159 -2.62 42.66 41.27
C LEU B 159 -1.38 42.16 42.02
N ILE B 160 -1.21 42.59 43.27
CA ILE B 160 -0.25 42.01 44.26
C ILE B 160 -1.08 41.46 45.42
N PRO B 161 -1.82 40.36 45.18
CA PRO B 161 -2.84 39.88 46.12
C PRO B 161 -2.31 39.39 47.48
N GLY B 162 -1.10 38.82 47.50
CA GLY B 162 -0.48 38.21 48.69
C GLY B 162 0.08 39.23 49.68
N LEU B 163 0.44 40.43 49.21
CA LEU B 163 1.08 41.49 50.04
C LEU B 163 -0.01 42.26 50.80
N LYS B 164 -0.27 41.85 52.03
CA LYS B 164 -1.40 42.37 52.85
C LYS B 164 -0.98 43.72 53.42
N LEU B 165 -1.62 44.80 52.96
CA LEU B 165 -1.29 46.22 53.26
C LEU B 165 -2.48 46.93 53.89
N ALA B 166 -2.21 47.88 54.78
CA ALA B 166 -3.23 48.79 55.33
C ALA B 166 -3.73 49.67 54.17
N ALA B 167 -5.01 50.04 54.17
CA ALA B 167 -5.61 50.92 53.15
C ALA B 167 -4.79 52.21 53.03
N SER B 168 -4.45 52.82 54.17
CA SER B 168 -3.66 54.08 54.24
C SER B 168 -2.29 53.90 53.55
N THR B 169 -1.63 52.76 53.71
CA THR B 169 -0.33 52.45 53.07
C THR B 169 -0.51 52.33 51.54
N LYS B 170 -1.57 51.65 51.10
CA LYS B 170 -1.90 51.50 49.66
C LYS B 170 -2.03 52.89 49.01
N LYS B 171 -2.79 53.78 49.67
CA LYS B 171 -3.04 55.17 49.19
C LYS B 171 -1.70 55.90 49.05
N SER B 172 -0.85 55.79 50.07
CA SER B 172 0.52 56.37 50.09
C SER B 172 1.34 55.82 48.90
N ILE B 173 1.38 54.49 48.73
CA ILE B 173 2.14 53.81 47.62
C ILE B 173 1.60 54.30 46.26
N ILE B 174 0.27 54.37 46.12
CA ILE B 174 -0.38 54.85 44.86
C ILE B 174 0.03 56.31 44.59
N GLY B 175 -0.02 57.18 45.60
CA GLY B 175 0.42 58.59 45.49
C GLY B 175 1.83 58.69 44.90
N SER B 176 2.77 57.96 45.47
CA SER B 176 4.19 57.89 45.04
C SER B 176 4.30 57.37 43.60
N LEU B 177 3.52 56.34 43.25
CA LEU B 177 3.59 55.67 41.92
C LEU B 177 3.16 56.62 40.81
N GLN B 178 2.20 57.50 41.09
CA GLN B 178 1.67 58.49 40.11
C GLN B 178 2.81 59.39 39.62
N HIS B 179 3.76 59.73 40.49
CA HIS B 179 4.86 60.71 40.26
C HIS B 179 6.17 60.03 39.86
N ASP B 180 6.18 58.71 39.63
CA ASP B 180 7.42 57.94 39.32
C ASP B 180 7.82 58.17 37.86
N ALA B 181 8.97 58.83 37.65
CA ALA B 181 9.53 59.22 36.34
C ALA B 181 9.84 57.99 35.49
N THR B 182 10.38 56.92 36.08
CA THR B 182 10.72 55.67 35.35
C THR B 182 9.44 55.00 34.83
N VAL B 183 8.38 54.96 35.66
CA VAL B 183 7.06 54.36 35.29
C VAL B 183 6.49 55.19 34.12
N GLN B 184 6.57 56.51 34.21
CA GLN B 184 6.03 57.45 33.20
C GLN B 184 6.76 57.22 31.86
N LYS B 185 8.07 57.04 31.92
CA LYS B 185 8.91 56.71 30.75
C LYS B 185 8.40 55.41 30.11
N ILE B 186 8.35 54.32 30.88
CA ILE B 186 7.91 52.97 30.40
C ILE B 186 6.57 53.14 29.66
N LEU B 187 5.61 53.82 30.28
CA LEU B 187 4.24 53.98 29.74
C LEU B 187 4.29 54.81 28.46
N HIS B 188 5.10 55.88 28.46
CA HIS B 188 5.32 56.76 27.28
C HIS B 188 5.84 55.93 26.09
N GLU B 189 6.82 55.07 26.32
CA GLU B 189 7.45 54.23 25.26
C GLU B 189 6.47 53.17 24.77
N GLN B 190 5.39 52.90 25.52
CA GLN B 190 4.31 51.96 25.13
C GLN B 190 3.27 52.70 24.28
N GLY B 191 3.33 54.04 24.21
CA GLY B 191 2.41 54.90 23.42
C GLY B 191 1.34 55.55 24.28
N VAL B 192 1.54 55.62 25.60
CA VAL B 192 0.56 56.23 26.55
C VAL B 192 0.75 57.74 26.53
N THR B 193 -0.33 58.49 26.29
CA THR B 193 -0.35 59.97 26.19
C THR B 193 -0.77 60.59 27.54
N ASN B 194 -1.21 59.79 28.53
CA ASN B 194 -1.59 60.28 29.89
C ASN B 194 -0.77 59.56 30.96
N PRO B 195 0.58 59.50 30.84
CA PRO B 195 1.39 58.75 31.80
C PRO B 195 1.39 59.35 33.21
N GLU B 196 1.01 60.63 33.35
CA GLU B 196 1.00 61.37 34.63
C GLU B 196 -0.30 61.12 35.40
N SER B 197 -1.37 60.69 34.73
CA SER B 197 -2.76 60.70 35.27
C SER B 197 -3.54 59.44 34.89
N CYS B 198 -2.86 58.33 34.59
CA CYS B 198 -3.49 57.06 34.14
C CYS B 198 -3.75 56.13 35.34
N LEU B 199 -3.00 56.26 36.45
CA LEU B 199 -3.20 55.44 37.66
C LEU B 199 -4.35 56.00 38.50
N ASP B 200 -5.44 55.24 38.65
CA ASP B 200 -6.61 55.63 39.49
C ASP B 200 -6.17 55.81 40.94
N PRO B 201 -6.20 57.05 41.49
CA PRO B 201 -5.78 57.30 42.87
C PRO B 201 -6.68 56.63 43.94
N HIS B 202 -7.84 56.11 43.53
CA HIS B 202 -8.82 55.39 44.40
C HIS B 202 -8.64 53.87 44.28
N SER B 203 -7.60 53.43 43.56
CA SER B 203 -7.18 52.00 43.41
C SER B 203 -7.18 51.29 44.77
N ALA B 204 -6.88 52.00 45.86
CA ALA B 204 -6.77 51.47 47.25
C ALA B 204 -8.13 51.12 47.84
N SER B 205 -9.20 51.81 47.41
CA SER B 205 -10.52 51.79 48.11
C SER B 205 -11.61 51.14 47.24
N VAL B 206 -11.52 51.22 45.91
CA VAL B 206 -12.60 50.71 45.00
C VAL B 206 -12.73 49.21 45.21
N PRO B 207 -13.95 48.65 45.13
CA PRO B 207 -14.12 47.20 45.00
C PRO B 207 -13.43 46.72 43.73
N SER B 208 -12.80 45.55 43.78
CA SER B 208 -11.88 45.05 42.73
C SER B 208 -12.52 43.83 42.07
N LEU B 209 -12.60 43.83 40.74
CA LEU B 209 -13.22 42.72 39.97
C LEU B 209 -12.45 41.44 40.24
N LEU B 210 -13.15 40.34 40.48
CA LEU B 210 -12.52 39.00 40.52
C LEU B 210 -12.08 38.68 39.10
N TYR B 211 -11.01 37.91 38.95
CA TYR B 211 -10.50 37.48 37.63
C TYR B 211 -11.65 36.77 36.90
N GLY B 212 -11.90 37.15 35.66
CA GLY B 212 -12.99 36.60 34.82
C GLY B 212 -14.24 37.44 34.86
N SER B 213 -14.30 38.45 35.75
CA SER B 213 -15.47 39.34 35.92
C SER B 213 -15.21 40.69 35.24
N SER B 214 -16.28 41.44 34.95
CA SER B 214 -16.15 42.76 34.29
C SER B 214 -17.55 43.30 34.03
N LYS B 215 -17.67 44.61 33.82
CA LYS B 215 -19.01 45.12 33.44
C LYS B 215 -19.47 44.16 32.34
N LEU B 216 -20.68 43.62 32.44
CA LEU B 216 -21.10 42.59 31.45
C LEU B 216 -20.66 43.03 30.05
N ASN B 217 -20.75 44.34 29.75
CA ASN B 217 -20.29 44.88 28.44
C ASN B 217 -18.78 44.65 28.30
N HIS B 218 -18.00 45.05 29.30
CA HIS B 218 -16.51 44.94 29.22
C HIS B 218 -16.12 43.46 29.11
N LYS B 219 -15.23 43.13 28.17
CA LYS B 219 -14.73 41.73 28.11
C LYS B 219 -13.72 41.58 29.26
N PRO B 220 -13.86 40.58 30.16
CA PRO B 220 -12.98 40.45 31.36
C PRO B 220 -11.49 40.60 31.02
N TYR B 221 -10.79 41.49 31.72
CA TYR B 221 -9.31 41.58 31.56
C TYR B 221 -8.77 40.16 31.53
N GLN B 222 -7.72 39.94 30.72
CA GLN B 222 -7.06 38.63 30.51
C GLN B 222 -5.67 38.66 31.15
N LEU B 223 -5.30 37.61 31.87
CA LEU B 223 -3.96 37.48 32.51
C LEU B 223 -2.93 37.28 31.40
N LYS B 224 -2.00 38.22 31.25
CA LYS B 224 -0.94 38.13 30.22
C LYS B 224 0.31 37.50 30.84
N THR B 225 0.77 38.05 31.96
CA THR B 225 2.07 37.68 32.58
C THR B 225 1.98 37.87 34.10
N GLY B 226 2.54 36.94 34.86
CA GLY B 226 2.77 37.07 36.31
C GLY B 226 4.24 36.94 36.66
N PHE B 227 4.67 37.62 37.73
CA PHE B 227 6.08 37.65 38.18
C PHE B 227 6.17 37.30 39.65
N GLU B 228 7.24 36.59 40.00
CA GLU B 228 7.65 36.28 41.40
C GLU B 228 8.80 37.20 41.78
N LEU B 229 8.58 38.08 42.75
CA LEU B 229 9.63 38.95 43.35
C LEU B 229 9.98 38.37 44.72
N VAL B 230 11.26 38.06 44.96
CA VAL B 230 11.77 37.67 46.30
C VAL B 230 12.52 38.87 46.86
N PHE B 231 12.19 39.30 48.08
CA PHE B 231 12.96 40.31 48.84
C PHE B 231 13.54 39.64 50.08
N ASP B 232 14.73 40.11 50.50
CA ASP B 232 15.44 39.62 51.69
C ASP B 232 16.02 40.84 52.42
N SER B 233 15.56 41.10 53.65
CA SER B 233 15.96 42.28 54.48
C SER B 233 17.48 42.29 54.71
N SER B 234 18.08 41.11 54.79
CA SER B 234 19.54 40.91 55.03
C SER B 234 20.35 41.29 53.78
N ASP B 235 19.75 41.16 52.60
CA ASP B 235 20.39 41.36 51.27
C ASP B 235 19.50 42.27 50.41
N PRO B 236 19.32 43.54 50.80
CA PRO B 236 18.27 44.39 50.23
C PRO B 236 18.48 44.77 48.76
N ASP B 237 19.71 44.64 48.26
CA ASP B 237 20.08 45.04 46.88
C ASP B 237 19.79 43.88 45.91
N TYR B 238 19.49 42.68 46.41
CA TYR B 238 19.14 41.52 45.56
C TYR B 238 17.62 41.37 45.51
N ILE B 239 17.01 41.75 44.39
CA ILE B 239 15.53 41.77 44.19
C ILE B 239 15.21 41.02 42.91
N PRO B 240 15.37 39.67 42.91
CA PRO B 240 15.12 38.86 41.72
C PRO B 240 13.62 38.88 41.35
N ILE B 241 13.35 39.18 40.09
CA ILE B 241 12.00 39.15 39.47
C ILE B 241 12.08 38.18 38.28
N HIS B 242 11.25 37.14 38.31
CA HIS B 242 11.12 36.09 37.26
C HIS B 242 9.64 35.86 36.92
N GLN B 243 9.35 35.69 35.63
CA GLN B 243 8.03 35.23 35.15
C GLN B 243 7.66 33.94 35.89
N ILE B 244 6.40 33.82 36.29
CA ILE B 244 5.77 32.56 36.78
C ILE B 244 5.41 31.72 35.54
N LYS B 245 5.78 30.44 35.50
CA LYS B 245 5.75 29.66 34.22
C LYS B 245 4.49 28.80 34.12
N ASN B 246 4.01 28.24 35.24
CA ASN B 246 2.90 27.25 35.26
C ASN B 246 1.65 27.89 35.86
N LEU B 247 1.25 29.08 35.38
CA LEU B 247 0.09 29.86 35.87
C LEU B 247 -1.20 29.05 35.72
N GLU B 248 -1.38 28.38 34.58
CA GLU B 248 -2.57 27.55 34.21
C GLU B 248 -2.80 26.45 35.26
N SER B 249 -1.76 26.02 35.98
CA SER B 249 -1.80 24.93 36.99
C SER B 249 -2.63 25.33 38.22
N TYR B 250 -2.88 26.63 38.43
CA TYR B 250 -3.49 27.16 39.67
C TYR B 250 -4.92 27.61 39.37
N ASN B 251 -5.71 27.75 40.43
CA ASN B 251 -7.04 28.44 40.37
C ASN B 251 -6.77 29.94 40.37
N LEU B 252 -6.87 30.58 39.22
CA LEU B 252 -6.47 32.00 39.02
C LEU B 252 -7.44 32.96 39.74
N VAL B 253 -8.74 32.69 39.77
CA VAL B 253 -9.71 33.53 40.55
C VAL B 253 -9.18 33.58 41.99
N SER B 254 -8.87 32.40 42.54
CA SER B 254 -8.32 32.17 43.91
C SER B 254 -7.01 32.96 44.11
N GLU B 255 -5.99 32.68 43.30
CA GLU B 255 -4.62 33.23 43.49
C GLU B 255 -4.63 34.76 43.37
N LEU B 256 -5.41 35.31 42.43
CA LEU B 256 -5.42 36.77 42.10
C LEU B 256 -6.26 37.57 43.10
N SER B 257 -7.08 36.91 43.93
CA SER B 257 -7.98 37.57 44.91
C SER B 257 -7.15 38.31 45.99
N LEU B 258 -7.41 39.61 46.15
CA LEU B 258 -6.72 40.51 47.13
C LEU B 258 -7.04 40.08 48.56
N THR B 259 -8.21 39.47 48.80
CA THR B 259 -8.72 39.17 50.18
C THR B 259 -8.46 37.70 50.54
N ASN B 260 -8.12 36.83 49.58
CA ASN B 260 -7.79 35.40 49.82
C ASN B 260 -6.51 35.30 50.65
N GLU B 261 -6.46 34.31 51.56
CA GLU B 261 -5.27 34.00 52.41
C GLU B 261 -4.91 32.51 52.29
N GLN B 262 -5.63 31.76 51.45
CA GLN B 262 -5.53 30.28 51.35
C GLN B 262 -5.25 29.89 49.89
N GLY B 263 -4.60 30.76 49.13
CA GLY B 263 -4.02 30.42 47.82
C GLY B 263 -2.89 29.40 47.95
N SER B 264 -2.55 28.70 46.87
CA SER B 264 -1.44 27.71 46.80
C SER B 264 -0.17 28.39 46.31
N LEU B 265 -0.24 29.08 45.17
CA LEU B 265 0.88 29.90 44.62
C LEU B 265 1.11 31.10 45.54
N VAL B 266 0.05 31.85 45.80
CA VAL B 266 0.10 33.15 46.55
C VAL B 266 -0.09 32.85 48.04
N ARG B 267 0.98 32.94 48.81
CA ARG B 267 0.99 32.80 50.28
C ARG B 267 1.10 34.20 50.86
N PRO B 268 0.24 34.59 51.83
CA PRO B 268 0.25 35.95 52.34
C PRO B 268 1.58 36.36 52.98
N VAL B 269 2.02 37.59 52.75
CA VAL B 269 3.05 38.26 53.58
C VAL B 269 2.38 39.49 54.21
N TYR B 270 2.38 39.51 55.54
CA TYR B 270 1.66 40.46 56.42
C TYR B 270 2.57 41.66 56.67
N CYS B 271 2.17 42.81 56.15
CA CYS B 271 2.85 44.11 56.39
C CYS B 271 2.30 44.72 57.69
N ALA B 272 3.11 45.56 58.35
CA ALA B 272 2.72 46.35 59.53
C ALA B 272 1.51 47.22 59.18
N ALA B 273 0.51 47.27 60.08
CA ALA B 273 -0.72 48.11 59.92
C ALA B 273 -0.42 49.54 60.38
N MET B 294 -26.12 49.90 38.35
CA MET B 294 -26.17 48.61 37.69
C MET B 294 -26.53 48.83 36.23
N LEU B 295 -26.42 47.77 35.43
CA LEU B 295 -26.17 47.88 33.99
C LEU B 295 -27.45 48.12 33.17
N HIS B 296 -28.49 48.70 33.79
CA HIS B 296 -29.76 49.07 33.16
C HIS B 296 -30.51 47.88 32.57
N ASP B 297 -30.18 46.67 33.02
CA ASP B 297 -30.73 45.34 32.70
C ASP B 297 -31.15 45.19 31.24
N PRO B 298 -30.22 45.17 30.29
CA PRO B 298 -30.63 45.06 28.88
C PRO B 298 -31.10 43.65 28.51
N GLU B 299 -30.55 42.62 29.14
CA GLU B 299 -30.89 41.21 28.90
C GLU B 299 -30.72 40.83 27.43
N ALA B 300 -29.71 41.43 26.78
CA ALA B 300 -29.36 41.24 25.37
C ALA B 300 -30.48 41.60 24.40
N ARG B 301 -31.52 42.30 24.87
CA ARG B 301 -32.63 42.71 24.02
C ARG B 301 -32.83 44.22 24.01
N TYR B 302 -32.83 44.86 25.18
CA TYR B 302 -33.23 46.26 25.31
C TYR B 302 -32.14 47.25 24.93
N LEU B 303 -31.06 46.80 24.30
CA LEU B 303 -30.03 47.74 23.86
C LEU B 303 -30.46 48.57 22.66
N HIS B 304 -31.49 48.13 21.93
CA HIS B 304 -31.91 48.83 20.73
C HIS B 304 -32.42 50.23 21.05
N LYS B 305 -33.24 50.36 22.09
CA LYS B 305 -33.81 51.66 22.44
C LYS B 305 -32.73 52.62 22.95
N ILE B 306 -31.75 52.11 23.69
CA ILE B 306 -30.70 53.01 24.17
C ILE B 306 -29.72 53.36 23.06
N LEU B 307 -29.57 52.49 22.05
CA LEU B 307 -28.76 52.88 20.90
C LEU B 307 -29.47 53.95 20.07
N ASN B 308 -30.79 53.84 19.87
CA ASN B 308 -31.48 54.85 19.09
C ASN B 308 -31.99 56.01 19.93
N LEU B 309 -31.70 56.03 21.23
CA LEU B 309 -32.21 57.08 22.12
C LEU B 309 -31.20 58.16 22.43
N LEU B 310 -29.92 57.92 22.20
CA LEU B 310 -28.91 58.94 22.47
C LEU B 310 -28.79 60.00 21.36
N PRO B 311 -28.63 59.66 20.07
CA PRO B 311 -28.39 60.74 19.08
C PRO B 311 -29.65 61.38 18.48
N PRO B 312 -30.86 61.25 19.07
CA PRO B 312 -31.84 62.33 18.84
C PRO B 312 -31.36 63.66 19.39
N GLU B 313 -31.81 64.73 18.74
CA GLU B 313 -31.52 66.10 19.16
C GLU B 313 -32.60 66.65 20.09
N TYR B 314 -33.24 65.78 20.87
CA TYR B 314 -34.27 66.14 21.81
C TYR B 314 -33.72 66.46 23.21
N TYR B 315 -32.50 66.98 23.27
CA TYR B 315 -31.84 67.25 24.55
C TYR B 315 -32.58 68.29 25.38
N VAL B 316 -33.32 69.19 24.74
CA VAL B 316 -34.18 70.16 25.43
C VAL B 316 -35.63 69.77 25.14
N GLU B 317 -36.42 69.64 26.21
CA GLU B 317 -37.80 69.16 26.11
C GLU B 317 -38.70 70.12 26.88
N TYR B 318 -39.44 70.96 26.17
CA TYR B 318 -40.48 71.68 26.88
C TYR B 318 -41.72 70.79 27.01
N PRO B 319 -42.30 70.20 25.90
CA PRO B 319 -43.31 69.15 26.12
C PRO B 319 -42.81 67.72 25.95
N LEU B 320 -41.59 67.53 25.45
CA LEU B 320 -41.17 66.20 25.00
C LEU B 320 -40.78 65.27 26.14
N TRP B 321 -40.54 65.80 27.34
CA TRP B 321 -40.19 64.95 28.48
C TRP B 321 -41.33 64.01 28.84
N SER B 322 -42.56 64.52 28.80
CA SER B 322 -43.71 63.64 28.98
C SER B 322 -43.95 62.78 27.75
N ASN B 323 -43.62 63.30 26.56
CA ASN B 323 -43.89 62.58 25.32
C ASN B 323 -43.08 61.30 25.22
N VAL B 324 -41.77 61.38 25.44
CA VAL B 324 -40.93 60.19 25.31
C VAL B 324 -41.24 59.18 26.42
N VAL B 325 -41.55 59.67 27.62
CA VAL B 325 -41.80 58.74 28.72
C VAL B 325 -43.17 58.06 28.55
N PHE B 326 -44.15 58.74 27.96
CA PHE B 326 -45.40 58.06 27.64
C PHE B 326 -45.25 57.18 26.41
N ALA B 327 -44.26 57.46 25.57
CA ALA B 327 -43.98 56.57 24.45
C ALA B 327 -43.38 55.25 24.93
N LEU B 328 -42.42 55.30 25.85
CA LEU B 328 -41.80 54.08 26.37
C LEU B 328 -42.39 53.63 27.71
N ALA B 329 -43.57 54.14 28.07
CA ALA B 329 -44.30 53.66 29.25
C ALA B 329 -44.83 52.24 29.07
N ASN B 330 -44.79 51.68 27.87
CA ASN B 330 -45.16 50.29 27.67
C ASN B 330 -44.20 49.33 28.38
N THR B 331 -43.00 49.79 28.72
CA THR B 331 -42.04 49.00 29.49
C THR B 331 -42.25 49.27 30.98
N SER B 332 -42.40 48.20 31.76
CA SER B 332 -42.61 48.34 33.20
C SER B 332 -41.38 48.87 33.93
N ALA B 333 -40.18 48.68 33.37
CA ALA B 333 -38.94 49.15 33.97
C ALA B 333 -38.43 50.40 33.29
N ASN B 334 -39.33 51.31 32.92
CA ASN B 334 -39.00 52.50 32.15
C ASN B 334 -38.18 53.53 32.93
N TYR B 335 -38.04 53.38 34.24
CA TYR B 335 -37.33 54.36 35.06
C TYR B 335 -35.85 54.42 34.69
N ARG B 336 -35.22 53.27 34.44
CA ARG B 336 -33.82 53.28 34.02
C ARG B 336 -33.61 53.93 32.66
N PRO B 337 -34.42 53.64 31.60
CA PRO B 337 -34.29 54.45 30.39
C PRO B 337 -34.59 55.93 30.58
N LEU B 338 -35.52 56.29 31.47
CA LEU B 338 -35.76 57.70 31.76
C LEU B 338 -34.53 58.37 32.35
N ALA B 339 -33.91 57.72 33.34
CA ALA B 339 -32.71 58.27 33.97
C ALA B 339 -31.54 58.33 33.01
N GLU B 340 -31.42 57.32 32.13
CA GLU B 340 -30.37 57.36 31.12
C GLU B 340 -30.62 58.44 30.08
N TRP B 341 -31.89 58.69 29.75
CA TRP B 341 -32.21 59.68 28.72
C TRP B 341 -31.97 61.10 29.23
N PHE B 342 -32.35 61.37 30.49
CA PHE B 342 -32.22 62.73 31.00
C PHE B 342 -30.76 63.16 31.10
N SER B 343 -29.87 62.26 31.53
CA SER B 343 -28.49 62.63 31.81
C SER B 343 -27.71 62.88 30.53
N GLN B 344 -27.73 64.11 30.03
CA GLN B 344 -27.02 64.48 28.82
C GLN B 344 -26.42 65.87 28.94
N THR B 352 -29.20 69.87 28.35
CA THR B 352 -28.17 70.74 28.93
C THR B 352 -28.30 70.80 30.44
N GLY B 353 -27.67 69.86 31.14
CA GLY B 353 -27.74 69.80 32.58
C GLY B 353 -29.10 69.38 33.10
N GLY B 354 -29.79 70.28 33.79
CA GLY B 354 -31.12 70.00 34.27
C GLY B 354 -31.19 69.79 35.78
N LYS B 355 -30.20 69.06 36.32
CA LYS B 355 -30.10 68.73 37.74
C LYS B 355 -31.37 68.04 38.24
N GLU B 356 -31.62 66.85 37.66
CA GLU B 356 -32.86 66.09 37.83
C GLU B 356 -34.09 66.93 37.47
N LYS B 357 -33.95 67.70 36.39
CA LYS B 357 -34.96 68.65 35.92
C LYS B 357 -35.36 69.62 37.04
N LEU B 358 -34.34 70.24 37.65
CA LEU B 358 -34.49 71.07 38.84
C LEU B 358 -35.18 70.30 39.97
N GLU B 359 -34.73 69.06 40.17
CA GLU B 359 -35.25 68.14 41.19
C GLU B 359 -36.74 67.89 41.05
N LYS B 360 -37.22 67.82 39.80
CA LYS B 360 -38.61 67.45 39.58
C LYS B 360 -38.82 65.95 39.79
N LEU B 361 -37.88 65.14 39.30
CA LEU B 361 -37.91 63.67 39.40
C LEU B 361 -39.21 63.09 38.84
N TRP B 362 -39.41 63.32 37.52
CA TRP B 362 -40.64 62.98 36.81
C TRP B 362 -41.87 63.59 37.49
N ASN B 363 -41.73 64.86 37.88
CA ASN B 363 -42.75 65.61 38.63
C ASN B 363 -43.17 64.85 39.89
N ASP B 364 -42.17 64.36 40.62
CA ASP B 364 -42.33 63.48 41.79
C ASP B 364 -43.12 62.23 41.41
N ALA B 365 -42.53 61.46 40.49
CA ALA B 365 -43.00 60.14 40.06
C ALA B 365 -44.43 60.19 39.51
N SER B 366 -44.55 60.86 38.36
CA SER B 366 -45.82 60.88 37.63
C SER B 366 -46.18 59.48 37.17
N HIS B 367 -47.47 59.15 37.26
CA HIS B 367 -47.95 57.82 36.95
C HIS B 367 -48.29 57.72 35.46
N HIS B 368 -48.95 56.63 35.08
CA HIS B 368 -49.30 56.35 33.70
C HIS B 368 -50.81 56.49 33.49
N THR B 369 -51.20 56.65 32.24
CA THR B 369 -52.57 56.98 31.88
C THR B 369 -53.01 56.09 30.72
N GLU B 370 -54.12 56.47 30.07
CA GLU B 370 -54.64 55.75 28.92
C GLU B 370 -53.64 55.78 27.78
N LYS B 371 -53.73 54.78 26.89
CA LYS B 371 -52.71 54.50 25.89
C LYS B 371 -52.50 55.64 24.89
N LYS B 372 -51.39 56.34 25.06
CA LYS B 372 -50.97 57.43 24.18
C LYS B 372 -50.08 56.85 23.07
N ILE B 373 -49.32 57.73 22.41
CA ILE B 373 -48.36 57.30 21.39
C ILE B 373 -47.35 56.29 21.95
N THR B 374 -46.82 55.47 21.05
CA THR B 374 -46.10 54.25 21.41
C THR B 374 -44.65 54.32 20.94
N LYS B 375 -44.00 53.15 20.99
CA LYS B 375 -42.56 53.04 20.71
C LYS B 375 -42.23 53.43 19.27
N ARG B 376 -43.18 53.26 18.34
CA ARG B 376 -42.94 53.56 16.94
C ARG B 376 -42.64 55.03 16.67
N SER B 377 -42.88 55.90 17.65
CA SER B 377 -42.57 57.31 17.50
C SER B 377 -41.07 57.59 17.59
N ILE B 378 -40.32 56.82 18.40
CA ILE B 378 -38.91 57.20 18.60
C ILE B 378 -38.08 56.97 17.33
N MET B 379 -38.37 55.92 16.54
CA MET B 379 -37.71 55.87 15.22
C MET B 379 -38.16 57.01 14.32
N TYR B 380 -39.37 57.54 14.52
CA TYR B 380 -39.71 58.79 13.85
C TYR B 380 -39.02 59.99 14.48
N TRP B 381 -38.74 59.93 15.79
CA TRP B 381 -37.94 61.00 16.38
C TRP B 381 -36.47 60.90 15.98
N ALA B 382 -36.03 59.72 15.56
CA ALA B 382 -34.79 59.58 14.82
C ALA B 382 -35.10 59.75 13.33
N HIS B 383 -34.12 59.46 12.46
CA HIS B 383 -34.25 59.41 11.01
C HIS B 383 -34.52 60.79 10.38
N LYS B 384 -34.67 61.83 11.20
CA LYS B 384 -34.81 63.19 10.72
C LYS B 384 -33.76 64.12 11.29
N HIS B 385 -33.42 63.98 12.57
CA HIS B 385 -32.33 64.75 13.15
C HIS B 385 -30.97 64.22 12.71
N ALA B 386 -30.84 62.90 12.54
CA ALA B 386 -29.62 62.26 12.09
C ALA B 386 -29.97 60.93 11.44
N PRO B 387 -30.23 60.92 10.13
CA PRO B 387 -30.73 59.69 9.49
C PRO B 387 -29.66 58.64 9.24
N GLN B 388 -28.41 59.07 9.01
CA GLN B 388 -27.37 58.12 8.61
C GLN B 388 -26.98 57.18 9.73
N GLN B 389 -26.81 57.71 10.95
CA GLN B 389 -26.48 56.84 12.08
C GLN B 389 -27.65 55.96 12.47
N TYR B 390 -28.88 56.47 12.32
CA TYR B 390 -30.05 55.65 12.56
C TYR B 390 -30.12 54.48 11.58
N LYS B 391 -29.88 54.76 10.29
CA LYS B 391 -29.85 53.70 9.29
C LYS B 391 -28.74 52.69 9.57
N GLU B 392 -27.58 53.18 10.02
CA GLU B 392 -26.46 52.30 10.32
C GLU B 392 -26.80 51.36 11.47
N ILE B 393 -27.34 51.90 12.58
CA ILE B 393 -27.63 51.03 13.73
C ILE B 393 -28.83 50.13 13.44
N VAL B 394 -29.77 50.57 12.62
CA VAL B 394 -30.93 49.74 12.29
C VAL B 394 -30.52 48.58 11.39
N GLU B 395 -29.67 48.85 10.39
CA GLU B 395 -29.15 47.77 9.55
C GLU B 395 -28.26 46.83 10.35
N GLN B 396 -27.51 47.36 11.33
CA GLN B 396 -26.72 46.51 12.20
C GLN B 396 -27.62 45.61 13.05
N GLY B 397 -28.76 46.13 13.50
CA GLY B 397 -29.71 45.29 14.22
C GLY B 397 -30.30 44.19 13.35
N TYR B 398 -30.65 44.52 12.10
CA TYR B 398 -31.15 43.51 11.16
C TYR B 398 -30.12 42.42 10.93
N PHE B 399 -28.87 42.82 10.68
CA PHE B 399 -27.80 41.86 10.45
C PHE B 399 -27.52 41.02 11.69
N SER B 400 -27.63 41.63 12.88
CA SER B 400 -27.40 40.88 14.11
C SER B 400 -28.48 39.82 14.34
N ILE B 401 -29.75 40.18 14.08
CA ILE B 401 -30.83 39.21 14.26
C ILE B 401 -30.68 38.07 13.25
N LEU B 402 -30.41 38.40 11.99
CA LEU B 402 -30.27 37.36 10.99
C LEU B 402 -29.01 36.50 11.22
N ALA B 403 -27.94 37.12 11.71
CA ALA B 403 -26.72 36.36 12.00
C ALA B 403 -26.93 35.42 13.18
N GLU B 404 -27.65 35.85 14.20
CA GLU B 404 -27.92 34.95 15.32
C GLU B 404 -28.85 33.82 14.92
N TYR B 405 -29.79 34.09 14.00
CA TYR B 405 -30.66 33.01 13.54
C TYR B 405 -29.93 32.04 12.61
N VAL B 406 -28.97 32.54 11.82
CA VAL B 406 -28.19 31.66 10.97
C VAL B 406 -27.23 30.82 11.80
N TYR B 407 -26.56 31.44 12.76
CA TYR B 407 -25.57 30.70 13.55
C TYR B 407 -26.23 29.74 14.54
N SER B 408 -27.45 30.05 14.99
CA SER B 408 -28.16 29.14 15.88
C SER B 408 -28.53 27.84 15.18
N TYR B 409 -29.05 27.94 13.95
CA TYR B 409 -29.41 26.80 13.13
C TYR B 409 -28.72 26.99 11.79
N ASN B 410 -27.70 26.16 11.54
CA ASN B 410 -26.56 26.45 10.67
C ASN B 410 -26.90 27.14 9.35
N GLY B 411 -27.69 26.48 8.51
CA GLY B 411 -28.06 27.09 7.24
C GLY B 411 -29.54 27.19 7.01
N MET B 412 -30.30 26.34 7.71
CA MET B 412 -31.73 26.20 7.46
C MET B 412 -32.47 27.45 7.95
N LEU B 413 -32.98 28.24 7.03
CA LEU B 413 -33.87 29.34 7.34
C LEU B 413 -35.30 28.88 7.15
N GLU B 414 -36.14 29.13 8.15
CA GLU B 414 -37.53 28.74 8.11
C GLU B 414 -38.41 29.99 8.16
N HIS B 415 -39.71 29.77 8.29
CA HIS B 415 -40.66 30.87 8.13
C HIS B 415 -40.60 31.86 9.28
N TYR B 416 -40.38 31.39 10.51
CA TYR B 416 -40.50 32.27 11.66
C TYR B 416 -39.31 33.22 11.77
N MET B 417 -38.10 32.77 11.42
CA MET B 417 -36.96 33.68 11.47
C MET B 417 -37.08 34.80 10.45
N ILE B 418 -37.54 34.46 9.24
CA ILE B 418 -37.80 35.47 8.22
C ILE B 418 -38.88 36.42 8.68
N ALA B 419 -39.94 35.90 9.30
CA ALA B 419 -41.01 36.74 9.82
C ALA B 419 -40.52 37.64 10.94
N LYS B 420 -39.61 37.15 11.77
CA LYS B 420 -39.06 37.96 12.86
C LYS B 420 -38.22 39.11 12.34
N VAL B 421 -37.37 38.85 11.35
CA VAL B 421 -36.58 39.93 10.76
C VAL B 421 -37.49 40.91 10.03
N ILE B 422 -38.55 40.41 9.37
CA ILE B 422 -39.49 41.29 8.68
C ILE B 422 -40.24 42.18 9.67
N TYR B 423 -40.63 41.62 10.82
CA TYR B 423 -41.30 42.42 11.84
C TYR B 423 -40.37 43.45 12.45
N ALA B 424 -39.09 43.10 12.61
CA ALA B 424 -38.11 44.10 13.02
C ALA B 424 -37.89 45.14 11.92
N MET B 425 -38.20 44.80 10.67
CA MET B 425 -37.97 45.71 9.55
C MET B 425 -39.08 46.76 9.43
N MET B 426 -40.34 46.32 9.40
CA MET B 426 -41.49 47.23 9.33
C MET B 426 -42.54 46.90 10.36
N GLY B 427 -42.15 46.81 11.63
CA GLY B 427 -43.14 46.84 12.69
C GLY B 427 -43.93 48.14 12.76
N ASN B 428 -43.42 49.20 12.14
CA ASN B 428 -44.05 50.51 12.14
C ASN B 428 -44.77 50.83 10.83
N LYS B 429 -44.99 49.83 9.96
CA LYS B 429 -45.67 50.06 8.69
C LYS B 429 -46.85 49.14 8.43
N PHE B 430 -46.89 47.94 9.01
CA PHE B 430 -47.99 47.01 8.79
C PHE B 430 -48.58 46.59 10.12
N VAL B 431 -49.89 46.42 10.16
CA VAL B 431 -50.58 45.79 11.27
C VAL B 431 -51.60 44.81 10.71
N VAL B 432 -52.04 43.88 11.56
CA VAL B 432 -53.06 42.90 11.19
C VAL B 432 -54.13 42.87 12.25
N ASP B 433 -55.27 42.28 11.91
CA ASP B 433 -56.35 42.10 12.88
C ASP B 433 -57.25 40.95 12.45
N VAL B 434 -58.17 40.59 13.34
CA VAL B 434 -58.99 39.38 13.23
C VAL B 434 -60.44 39.87 13.25
N ASP B 435 -60.68 41.00 12.57
CA ASP B 435 -61.79 41.93 12.78
C ASP B 435 -63.19 41.34 13.02
N SER B 436 -63.77 40.67 12.02
CA SER B 436 -65.16 40.22 12.15
C SER B 436 -65.33 38.73 11.97
N ASN B 437 -64.79 38.15 10.90
CA ASN B 437 -65.06 36.77 10.53
C ASN B 437 -63.91 35.85 10.87
N GLY B 438 -62.94 36.31 11.66
CA GLY B 438 -61.75 35.53 11.94
C GLY B 438 -60.67 35.65 10.89
N LYS B 439 -60.91 36.39 9.81
CA LYS B 439 -59.88 36.61 8.81
C LYS B 439 -58.84 37.59 9.33
N TYR B 440 -57.58 37.35 8.98
CA TYR B 440 -56.48 38.22 9.42
C TYR B 440 -56.28 39.30 8.36
N VAL B 441 -57.10 40.35 8.46
CA VAL B 441 -57.00 41.46 7.54
C VAL B 441 -55.75 42.28 7.84
N TRP B 442 -55.19 42.88 6.79
CA TRP B 442 -53.94 43.63 6.88
C TRP B 442 -54.23 45.12 6.66
N PHE B 443 -53.52 45.95 7.40
CA PHE B 443 -53.55 47.40 7.21
C PHE B 443 -52.13 47.88 7.02
N GLU B 444 -51.91 48.67 5.97
CA GLU B 444 -50.58 49.16 5.62
C GLU B 444 -50.54 50.67 5.73
N PHE B 445 -49.53 51.18 6.43
CA PHE B 445 -49.26 52.60 6.43
C PHE B 445 -48.54 52.99 5.15
N VAL B 446 -48.85 54.18 4.66
CA VAL B 446 -48.38 54.65 3.37
C VAL B 446 -47.50 55.88 3.56
N LEU B 447 -46.65 56.11 2.56
CA LEU B 447 -45.66 57.17 2.52
C LEU B 447 -45.79 57.88 1.19
N PRO B 448 -45.28 59.12 1.07
CA PRO B 448 -45.38 59.83 -0.22
C PRO B 448 -44.70 59.13 -1.39
N GLY B 449 -43.60 58.43 -1.15
CA GLY B 449 -42.96 57.67 -2.21
C GLY B 449 -43.60 56.30 -2.40
N GLN B 450 -44.83 56.28 -2.92
CA GLN B 450 -45.61 55.06 -2.99
C GLN B 450 -46.74 55.28 -4.00
N PRO B 451 -47.20 54.23 -4.68
CA PRO B 451 -48.43 54.36 -5.49
C PRO B 451 -49.64 54.62 -4.60
N MET B 452 -50.27 55.79 -4.81
CA MET B 452 -51.43 56.21 -4.06
C MET B 452 -52.68 55.46 -4.53
N ASN B 453 -53.80 55.69 -3.85
CA ASN B 453 -55.11 55.36 -4.43
C ASN B 453 -55.65 56.62 -5.10
N GLN B 454 -56.00 57.63 -4.30
CA GLN B 454 -55.96 59.00 -4.78
C GLN B 454 -55.38 59.94 -3.73
N GLY B 455 -55.73 59.74 -2.47
CA GLY B 455 -55.34 60.68 -1.43
C GLY B 455 -55.09 60.08 -0.07
N GLU B 456 -55.09 58.74 0.03
CA GLU B 456 -54.70 58.08 1.26
C GLU B 456 -53.18 58.19 1.36
N ILE B 457 -52.72 59.28 1.96
CA ILE B 457 -51.33 59.70 1.86
C ILE B 457 -50.59 59.50 3.18
N TRP B 458 -51.31 59.56 4.30
CA TRP B 458 -50.68 59.33 5.60
C TRP B 458 -51.55 58.49 6.52
N LYS B 459 -52.45 57.69 5.94
CA LYS B 459 -53.37 56.88 6.72
C LYS B 459 -53.27 55.43 6.30
N TRP B 460 -53.69 54.55 7.22
CA TRP B 460 -53.65 53.11 6.96
C TRP B 460 -54.68 52.73 5.91
N ARG B 461 -54.27 51.90 4.96
CA ARG B 461 -55.17 51.36 3.94
C ARG B 461 -55.32 49.86 4.13
N LYS B 462 -56.55 49.37 3.98
CA LYS B 462 -56.81 47.95 4.08
C LYS B 462 -56.29 47.23 2.85
N GLU B 463 -55.55 46.15 3.07
CA GLU B 463 -54.97 45.35 1.99
C GLU B 463 -55.41 43.90 2.16
N VAL B 464 -55.98 43.33 1.09
CA VAL B 464 -56.37 41.93 1.14
C VAL B 464 -55.14 41.04 1.21
N ASN B 465 -54.08 41.40 0.49
CA ASN B 465 -52.80 40.72 0.57
C ASN B 465 -51.69 41.76 0.69
N PRO B 466 -50.71 41.53 1.57
CA PRO B 466 -49.62 42.50 1.71
C PRO B 466 -48.68 42.47 0.51
N ASP B 467 -49.08 43.15 -0.56
CA ASP B 467 -48.30 43.13 -1.80
C ASP B 467 -46.93 43.79 -1.61
N GLU B 468 -46.89 44.92 -0.90
CA GLU B 468 -45.62 45.59 -0.66
C GLU B 468 -44.71 44.77 0.23
N LEU B 469 -45.29 44.03 1.18
CA LEU B 469 -44.47 43.13 2.01
C LEU B 469 -43.95 41.97 1.18
N HIS B 470 -44.76 41.46 0.24
CA HIS B 470 -44.30 40.42 -0.66
C HIS B 470 -43.17 40.91 -1.55
N ILE B 471 -43.23 42.17 -1.98
CA ILE B 471 -42.11 42.74 -2.72
C ILE B 471 -40.88 42.88 -1.83
N TYR B 472 -41.07 43.31 -0.58
CA TYR B 472 -39.94 43.59 0.30
C TYR B 472 -39.23 42.32 0.74
N ILE B 473 -39.95 41.20 0.82
CA ILE B 473 -39.33 39.94 1.23
C ILE B 473 -38.29 39.49 0.20
N SER B 474 -38.58 39.71 -1.08
CA SER B 474 -37.68 39.24 -2.12
C SER B 474 -36.65 40.27 -2.55
N GLU B 475 -36.97 41.57 -2.48
CA GLU B 475 -36.07 42.58 -3.04
C GLU B 475 -35.09 43.13 -2.00
N ASN B 476 -35.61 43.74 -0.94
CA ASN B 476 -34.73 44.45 -0.01
C ASN B 476 -34.15 43.53 1.05
N PHE B 477 -34.83 42.44 1.36
CA PHE B 477 -34.30 41.45 2.30
C PHE B 477 -33.16 40.65 1.69
N SER B 478 -33.12 40.55 0.37
CA SER B 478 -31.98 39.95 -0.31
C SER B 478 -30.70 40.74 -0.09
N ARG B 479 -30.80 42.05 0.20
CA ARG B 479 -29.61 42.82 0.58
C ARG B 479 -29.02 42.29 1.88
N VAL B 480 -29.86 41.95 2.85
CA VAL B 480 -29.38 41.36 4.10
C VAL B 480 -28.87 39.94 3.86
N MET B 481 -29.46 39.22 2.89
CA MET B 481 -28.89 37.94 2.47
C MET B 481 -27.46 38.11 1.95
N ASP B 482 -27.23 39.12 1.10
CA ASP B 482 -25.87 39.38 0.62
C ASP B 482 -24.94 39.83 1.74
N ARG B 483 -25.47 40.57 2.72
CA ARG B 483 -24.64 40.95 3.87
C ARG B 483 -24.20 39.72 4.67
N ILE B 484 -25.11 38.77 4.88
CA ILE B 484 -24.78 37.55 5.61
C ILE B 484 -23.75 36.72 4.81
N THR B 485 -23.95 36.59 3.50
CA THR B 485 -23.01 35.82 2.69
C THR B 485 -21.64 36.48 2.65
N GLU B 486 -21.59 37.82 2.60
CA GLU B 486 -20.29 38.50 2.59
C GLU B 486 -19.61 38.39 3.95
N HIS B 487 -20.37 38.35 5.04
CA HIS B 487 -19.78 38.14 6.35
C HIS B 487 -19.20 36.73 6.47
N ILE B 488 -19.94 35.73 5.97
CA ILE B 488 -19.46 34.35 6.01
C ILE B 488 -18.22 34.19 5.14
N LYS B 489 -18.23 34.79 3.95
CA LYS B 489 -17.07 34.69 3.06
C LYS B 489 -15.87 35.47 3.60
N TYR B 490 -16.11 36.54 4.34
CA TYR B 490 -15.00 37.21 5.03
C TYR B 490 -14.43 36.32 6.13
N HIS B 491 -15.29 35.61 6.85
CA HIS B 491 -14.82 34.66 7.85
C HIS B 491 -14.11 33.46 7.21
N LEU B 492 -14.42 33.15 5.95
CA LEU B 492 -13.70 32.09 5.24
C LEU B 492 -12.25 32.47 4.99
N SER B 493 -12.00 33.73 4.63
CA SER B 493 -10.64 34.19 4.34
C SER B 493 -9.94 34.66 5.62
N GLN B 494 -9.82 33.73 6.55
CA GLN B 494 -9.16 33.97 7.83
C GLN B 494 -8.19 32.84 8.12
N PRO B 495 -7.09 33.13 8.83
CA PRO B 495 -6.13 32.05 9.17
C PRO B 495 -6.60 31.24 10.38
N HIS B 496 -7.58 30.37 10.14
CA HIS B 496 -8.13 29.50 11.16
C HIS B 496 -7.72 28.04 10.91
N GLU B 497 -8.06 27.19 11.87
CA GLU B 497 -7.76 25.77 11.78
C GLU B 497 -8.72 25.08 10.82
N SER B 498 -8.42 23.82 10.50
CA SER B 498 -9.09 23.13 9.40
C SER B 498 -10.56 22.85 9.70
N ASN B 499 -10.88 22.46 10.93
CA ASN B 499 -12.27 22.15 11.28
C ASN B 499 -13.13 23.41 11.28
N ILE B 500 -12.55 24.56 11.65
CA ILE B 500 -13.29 25.82 11.60
C ILE B 500 -13.65 26.17 10.16
N LEU B 501 -12.68 26.01 9.24
CA LEU B 501 -12.96 26.24 7.82
C LEU B 501 -13.98 25.25 7.29
N ASN B 502 -13.93 23.99 7.74
CA ASN B 502 -14.90 23.00 7.28
C ASN B 502 -16.31 23.34 7.78
N TYR B 503 -16.43 23.77 9.04
CA TYR B 503 -17.72 24.17 9.58
C TYR B 503 -18.25 25.39 8.85
N TYR B 504 -17.39 26.37 8.57
CA TYR B 504 -17.84 27.55 7.84
C TYR B 504 -18.22 27.21 6.40
N LYS B 505 -17.52 26.25 5.79
CA LYS B 505 -17.85 25.85 4.42
C LYS B 505 -19.21 25.14 4.37
N LYS B 506 -19.46 24.24 5.31
CA LYS B 506 -20.77 23.56 5.31
C LYS B 506 -21.88 24.53 5.69
N LEU B 507 -21.61 25.50 6.56
CA LEU B 507 -22.59 26.53 6.87
C LEU B 507 -22.87 27.40 5.65
N LEU B 508 -21.83 27.74 4.89
CA LEU B 508 -22.01 28.53 3.68
C LEU B 508 -22.80 27.77 2.62
N LYS B 509 -22.53 26.48 2.44
CA LYS B 509 -23.27 25.74 1.42
C LYS B 509 -24.72 25.53 1.84
N ALA B 510 -24.98 25.32 3.13
CA ALA B 510 -26.37 25.20 3.59
C ALA B 510 -27.11 26.53 3.47
N PHE B 511 -26.43 27.64 3.79
CA PHE B 511 -27.08 28.94 3.68
C PHE B 511 -27.29 29.34 2.24
N GLU B 512 -26.38 28.98 1.34
CA GLU B 512 -26.59 29.25 -0.07
C GLU B 512 -27.71 28.39 -0.64
N ARG B 513 -27.88 27.17 -0.12
CA ARG B 513 -29.04 26.36 -0.49
C ARG B 513 -30.33 27.00 0.00
N SER B 514 -30.34 27.54 1.22
CA SER B 514 -31.55 28.12 1.79
C SER B 514 -31.80 29.57 1.39
N LYS B 515 -30.84 30.22 0.72
CA LYS B 515 -31.02 31.64 0.38
C LYS B 515 -32.04 31.84 -0.72
N SER B 516 -32.15 30.90 -1.66
CA SER B 516 -33.11 31.04 -2.75
C SER B 516 -34.54 30.74 -2.33
N LYS B 517 -34.75 30.26 -1.10
CA LYS B 517 -36.10 29.95 -0.64
C LYS B 517 -36.93 31.19 -0.36
N ILE B 518 -36.32 32.37 -0.23
CA ILE B 518 -37.09 33.58 0.01
C ILE B 518 -37.83 34.06 -1.22
N PHE B 519 -37.61 33.44 -2.37
CA PHE B 519 -38.35 33.74 -3.59
C PHE B 519 -39.45 32.72 -3.88
N ASN B 520 -39.58 31.69 -3.04
CA ASN B 520 -40.62 30.69 -3.22
C ASN B 520 -41.97 31.27 -2.81
N ASP B 521 -42.98 31.07 -3.65
CA ASP B 521 -44.31 31.59 -3.32
C ASP B 521 -44.91 30.85 -2.13
N SER B 522 -44.67 29.54 -2.04
CA SER B 522 -45.13 28.79 -0.86
C SER B 522 -44.41 29.25 0.40
N PHE B 523 -43.09 29.42 0.31
CA PHE B 523 -42.31 29.89 1.46
C PHE B 523 -42.70 31.31 1.86
N LYS B 524 -42.92 32.18 0.87
CA LYS B 524 -43.33 33.55 1.20
C LYS B 524 -44.74 33.61 1.77
N LYS B 525 -45.63 32.74 1.27
CA LYS B 525 -46.97 32.65 1.84
C LYS B 525 -46.91 32.16 3.29
N GLY B 526 -46.06 31.18 3.56
CA GLY B 526 -45.87 30.73 4.93
C GLY B 526 -45.24 31.80 5.81
N VAL B 527 -44.33 32.60 5.25
CA VAL B 527 -43.72 33.69 6.00
C VAL B 527 -44.74 34.76 6.34
N ILE B 528 -45.62 35.10 5.39
CA ILE B 528 -46.69 36.07 5.65
C ILE B 528 -47.65 35.53 6.70
N ARG B 529 -48.02 34.25 6.59
CA ARG B 529 -48.91 33.65 7.58
C ARG B 529 -48.27 33.58 8.96
N GLN B 530 -46.95 33.38 9.02
CA GLN B 530 -46.25 33.40 10.31
C GLN B 530 -46.16 34.80 10.88
N ALA B 531 -45.90 35.79 10.03
CA ALA B 531 -45.84 37.18 10.45
C ALA B 531 -47.21 37.74 10.83
N GLU B 532 -48.28 37.07 10.43
CA GLU B 532 -49.62 37.47 10.87
C GLU B 532 -49.79 37.39 12.38
N PHE B 533 -48.93 36.64 13.07
CA PHE B 533 -48.95 36.62 14.54
C PHE B 533 -48.02 37.66 15.16
N LEU B 534 -46.91 37.98 14.49
CA LEU B 534 -46.01 39.00 15.02
C LEU B 534 -46.57 40.40 14.83
N PHE B 535 -47.29 40.62 13.73
CA PHE B 535 -47.83 41.93 13.38
C PHE B 535 -49.17 42.20 14.03
N ARG B 536 -49.53 41.44 15.07
CA ARG B 536 -50.81 41.63 15.75
C ARG B 536 -50.82 42.95 16.52
N GLN B 537 -52.00 43.57 16.57
CA GLN B 537 -52.19 44.82 17.30
C GLN B 537 -53.25 44.73 18.38
N ARG B 538 -54.27 43.88 18.21
CA ARG B 538 -55.27 43.50 19.21
C ARG B 538 -56.26 44.62 19.50
N SER B 539 -56.03 45.82 18.95
CA SER B 539 -56.95 46.93 19.16
C SER B 539 -57.10 47.81 17.93
N PHE B 540 -56.56 47.40 16.78
CA PHE B 540 -56.52 48.29 15.62
C PHE B 540 -57.90 48.47 15.00
N ILE B 541 -58.64 47.37 14.83
CA ILE B 541 -59.97 47.45 14.23
C ILE B 541 -60.95 48.10 15.19
N GLN B 542 -60.84 47.79 16.49
CA GLN B 542 -61.74 48.35 17.48
C GLN B 542 -61.57 49.86 17.61
N THR B 543 -60.34 50.34 17.53
CA THR B 543 -60.05 51.78 17.55
C THR B 543 -59.51 52.15 16.17
N LEU B 544 -60.43 52.43 15.24
CA LEU B 544 -60.07 52.85 13.90
C LEU B 544 -60.56 54.25 13.57
N ASP B 545 -61.83 54.53 13.80
CA ASP B 545 -62.37 55.88 13.61
C ASP B 545 -63.09 56.35 14.87
N THR B 546 -62.63 55.89 16.03
CA THR B 546 -63.28 56.24 17.28
C THR B 546 -62.98 57.67 17.72
N ASN B 547 -61.86 58.23 17.28
CA ASN B 547 -61.49 59.58 17.69
C ASN B 547 -62.36 60.60 16.96
N PRO B 548 -63.14 61.42 17.67
CA PRO B 548 -64.01 62.38 16.98
C PRO B 548 -63.32 63.68 16.64
N HIS B 549 -62.18 63.95 17.29
CA HIS B 549 -61.44 65.18 17.09
C HIS B 549 -60.39 65.06 15.99
N LEU B 550 -60.59 64.16 15.02
CA LEU B 550 -59.55 63.89 14.05
C LEU B 550 -60.19 63.35 12.77
N LEU B 551 -59.68 63.81 11.63
CA LEU B 551 -60.29 63.52 10.34
C LEU B 551 -59.21 63.22 9.32
N GLY B 552 -59.60 62.55 8.24
CA GLY B 552 -58.70 62.25 7.14
C GLY B 552 -58.98 63.15 5.95
N VAL B 553 -57.92 63.77 5.43
CA VAL B 553 -58.02 64.71 4.33
C VAL B 553 -56.99 64.32 3.27
N GLY B 554 -57.12 64.93 2.09
CA GLY B 554 -56.22 64.62 0.99
C GLY B 554 -54.78 64.99 1.25
N ASN B 555 -54.55 66.01 2.07
CA ASN B 555 -53.20 66.34 2.49
C ASN B 555 -52.65 65.36 3.51
N GLY B 556 -53.51 64.69 4.27
CA GLY B 556 -53.05 63.86 5.36
C GLY B 556 -54.06 63.71 6.48
N VAL B 557 -53.67 64.04 7.70
CA VAL B 557 -54.54 63.89 8.86
C VAL B 557 -54.77 65.26 9.48
N LEU B 558 -56.04 65.63 9.64
CA LEU B 558 -56.42 66.90 10.24
C LEU B 558 -56.79 66.66 11.69
N SER B 559 -56.11 67.37 12.60
CA SER B 559 -56.36 67.25 14.03
C SER B 559 -56.97 68.55 14.53
N ILE B 560 -58.14 68.45 15.15
CA ILE B 560 -58.81 69.62 15.69
C ILE B 560 -58.91 69.48 17.20
N GLU B 561 -57.96 68.76 17.79
CA GLU B 561 -57.89 68.67 19.24
C GLU B 561 -57.55 70.03 19.86
N THR B 562 -56.60 70.74 19.26
CA THR B 562 -56.23 72.07 19.73
C THR B 562 -57.19 73.11 19.13
N ILE B 563 -57.03 74.35 19.57
CA ILE B 563 -57.85 75.44 19.03
C ILE B 563 -57.61 75.70 17.54
N PRO B 564 -56.36 75.78 17.03
CA PRO B 564 -56.21 75.85 15.58
C PRO B 564 -56.08 74.46 14.96
N ALA B 565 -56.24 74.44 13.63
CA ALA B 565 -56.08 73.21 12.88
C ALA B 565 -54.61 72.80 12.84
N LYS B 566 -54.36 71.49 12.94
CA LYS B 566 -53.01 70.97 13.00
C LYS B 566 -52.48 70.52 11.64
N LEU B 567 -53.26 69.71 10.92
CA LEU B 567 -52.91 69.17 9.60
C LEU B 567 -51.60 68.38 9.67
N ILE B 568 -51.71 67.23 10.35
CA ILE B 568 -50.59 66.30 10.48
C ILE B 568 -50.19 65.82 9.09
N ASN B 569 -49.01 66.24 8.63
CA ASN B 569 -48.53 65.97 7.29
C ASN B 569 -47.22 65.19 7.34
N HIS B 570 -47.13 64.27 8.29
CA HIS B 570 -45.92 63.47 8.49
C HIS B 570 -46.33 62.16 9.14
N PHE B 571 -45.33 61.43 9.64
CA PHE B 571 -45.61 60.18 10.35
C PHE B 571 -46.34 60.46 11.66
N HIS B 572 -47.23 59.53 12.01
CA HIS B 572 -48.04 59.67 13.21
C HIS B 572 -48.45 58.27 13.66
N GLU B 573 -48.92 58.18 14.90
CA GLU B 573 -49.38 56.92 15.46
C GLU B 573 -50.91 56.84 15.53
N HIS B 574 -51.61 57.80 14.96
CA HIS B 574 -53.07 57.77 14.97
C HIS B 574 -53.57 56.69 14.03
N PRO B 575 -54.32 55.71 14.52
CA PRO B 575 -54.74 54.57 13.70
C PRO B 575 -56.07 54.75 12.96
N ILE B 576 -56.05 55.54 11.90
CA ILE B 576 -57.26 55.84 11.14
C ILE B 576 -57.16 55.25 9.74
N HIS B 577 -58.32 54.90 9.20
CA HIS B 577 -58.46 54.28 7.89
C HIS B 577 -59.38 55.06 6.95
N GLN B 578 -60.49 55.57 7.46
CA GLN B 578 -61.41 56.32 6.62
C GLN B 578 -60.82 57.67 6.24
N TYR B 579 -61.14 58.13 5.05
CA TYR B 579 -60.53 59.32 4.49
C TYR B 579 -61.51 60.01 3.55
N THR B 580 -61.27 61.29 3.32
CA THR B 580 -61.98 62.05 2.30
C THR B 580 -61.03 62.41 1.18
N HIS B 581 -61.42 62.10 -0.04
CA HIS B 581 -60.55 62.26 -1.20
C HIS B 581 -60.64 63.64 -1.85
N ILE B 582 -61.52 64.52 -1.38
CA ILE B 582 -61.63 65.83 -2.01
C ILE B 582 -61.67 66.99 -1.02
N CYS B 583 -61.26 66.74 0.23
CA CYS B 583 -61.09 67.87 1.14
C CYS B 583 -59.88 68.70 0.76
N TYR B 584 -58.68 68.12 0.87
CA TYR B 584 -57.42 68.74 0.46
C TYR B 584 -57.23 70.12 1.10
N VAL B 585 -57.20 70.13 2.43
CA VAL B 585 -57.37 71.35 3.23
C VAL B 585 -56.25 72.36 3.00
N PRO B 586 -56.57 73.52 2.39
CA PRO B 586 -55.57 74.56 2.13
C PRO B 586 -55.49 75.62 3.22
N PHE B 587 -55.34 75.17 4.48
CA PHE B 587 -55.25 76.00 5.68
C PHE B 587 -56.46 76.93 5.74
N ASN B 588 -56.29 78.25 5.69
CA ASN B 588 -57.41 79.19 5.73
C ASN B 588 -57.01 80.47 5.03
N PRO B 589 -57.08 80.49 3.69
CA PRO B 589 -56.63 81.67 2.96
C PRO B 589 -57.67 82.75 2.63
N GLU B 590 -57.21 83.74 1.86
CA GLU B 590 -58.03 84.85 1.38
C GLU B 590 -57.87 85.03 -0.12
N ASN B 591 -57.83 83.92 -0.85
CA ASN B 591 -57.68 83.96 -2.31
C ASN B 591 -59.03 84.26 -2.95
N PRO B 592 -59.09 84.11 -4.27
CA PRO B 592 -60.30 84.47 -5.02
C PRO B 592 -61.45 83.51 -4.71
N TRP B 593 -61.17 82.22 -4.58
CA TRP B 593 -62.24 81.22 -4.44
C TRP B 593 -62.95 81.36 -3.10
N THR B 594 -62.19 81.47 -2.00
CA THR B 594 -62.83 81.65 -0.71
C THR B 594 -63.50 83.02 -0.59
N LYS B 595 -62.96 84.04 -1.27
CA LYS B 595 -63.60 85.35 -1.27
C LYS B 595 -64.95 85.31 -1.95
N LEU B 596 -65.01 84.65 -3.12
CA LEU B 596 -66.31 84.54 -3.80
C LEU B 596 -67.26 83.62 -3.06
N LEU B 597 -66.73 82.60 -2.37
CA LEU B 597 -67.59 81.75 -1.54
C LEU B 597 -68.21 82.53 -0.40
N LEU B 598 -67.42 83.36 0.28
CA LEU B 598 -67.96 84.18 1.36
C LEU B 598 -68.89 85.26 0.83
N ASN B 599 -68.64 85.76 -0.38
CA ASN B 599 -69.51 86.79 -0.95
C ASN B 599 -70.86 86.22 -1.37
N ALA B 600 -70.86 85.07 -2.04
CA ALA B 600 -72.09 84.46 -2.52
C ALA B 600 -72.73 83.52 -1.51
N LEU B 601 -72.14 83.38 -0.33
CA LEU B 601 -72.67 82.49 0.70
C LEU B 601 -73.54 83.24 1.70
N GLN B 602 -72.98 84.24 2.37
CA GLN B 602 -73.75 85.15 3.21
C GLN B 602 -74.06 86.41 2.40
N ASP B 603 -74.81 87.32 3.01
CA ASP B 603 -75.31 88.56 2.40
C ASP B 603 -76.19 88.28 1.18
N ILE B 604 -76.70 87.06 1.04
CA ILE B 604 -77.66 86.71 0.01
C ILE B 604 -78.93 86.21 0.68
N ILE B 605 -78.79 85.67 1.89
CA ILE B 605 -79.94 85.34 2.73
C ILE B 605 -80.06 86.39 3.83
N PRO B 606 -81.26 86.92 4.08
CA PRO B 606 -81.43 87.94 5.11
C PRO B 606 -81.18 87.40 6.51
N GLU B 607 -80.66 88.28 7.37
CA GLU B 607 -80.37 87.93 8.76
C GLU B 607 -80.45 89.20 9.60
N LEU B 608 -80.64 89.01 10.90
CA LEU B 608 -80.73 90.12 11.84
C LEU B 608 -79.42 90.19 12.61
N ASP B 609 -78.73 91.34 12.49
CA ASP B 609 -77.43 91.59 13.12
C ASP B 609 -76.39 90.53 12.74
N ALA B 610 -76.41 90.14 11.46
CA ALA B 610 -75.47 89.17 10.87
C ALA B 610 -75.52 87.84 11.62
N ARG B 611 -76.68 87.20 11.54
CA ARG B 611 -76.89 85.90 12.18
C ARG B 611 -76.04 84.84 11.51
N LEU B 612 -75.31 84.07 12.31
CA LEU B 612 -74.34 83.09 11.81
C LEU B 612 -74.70 81.67 12.22
N TRP B 613 -75.96 81.42 12.58
CA TRP B 613 -76.33 80.12 13.13
C TRP B 613 -76.35 79.03 12.07
N ILE B 614 -76.68 79.38 10.81
CA ILE B 614 -76.83 78.37 9.78
C ILE B 614 -75.48 77.75 9.43
N MET B 615 -74.41 78.55 9.45
CA MET B 615 -73.09 78.01 9.17
C MET B 615 -72.51 77.29 10.37
N PHE B 616 -72.84 77.75 11.58
CA PHE B 616 -72.40 77.07 12.80
C PHE B 616 -73.02 75.68 12.91
N TYR B 617 -74.31 75.56 12.58
CA TYR B 617 -74.91 74.23 12.56
C TYR B 617 -74.47 73.44 11.33
N LEU B 618 -74.13 74.12 10.24
CA LEU B 618 -73.49 73.43 9.13
C LEU B 618 -72.03 73.11 9.44
N SER B 619 -71.43 73.82 10.40
CA SER B 619 -70.21 73.35 11.02
C SER B 619 -70.56 72.25 12.02
N THR B 620 -69.53 71.73 12.70
CA THR B 620 -69.58 70.54 13.57
C THR B 620 -70.08 69.29 12.86
N ALA B 621 -70.21 69.31 11.54
CA ALA B 621 -70.35 68.07 10.78
C ALA B 621 -69.02 67.34 10.72
N ILE B 622 -67.91 68.06 10.91
CA ILE B 622 -66.60 67.45 11.05
C ILE B 622 -66.40 66.84 12.44
N PHE B 623 -67.32 67.09 13.37
CA PHE B 623 -67.33 66.38 14.63
C PHE B 623 -68.04 65.05 14.45
N ARG B 624 -67.41 63.97 14.91
CA ARG B 624 -67.88 62.62 14.63
C ARG B 624 -68.74 62.03 15.73
N GLY B 625 -68.91 62.72 16.85
CA GLY B 625 -69.74 62.17 17.91
C GLY B 625 -69.79 63.11 19.10
N LEU B 626 -70.83 62.90 19.92
CA LEU B 626 -71.08 63.63 21.17
C LEU B 626 -71.22 65.13 20.87
N LYS B 627 -72.31 65.45 20.18
CA LYS B 627 -72.66 66.83 19.88
C LYS B 627 -74.08 67.14 20.32
N GLU B 628 -74.58 68.31 19.96
CA GLU B 628 -75.93 68.70 20.33
C GLU B 628 -76.95 67.89 19.53
N ALA B 629 -78.15 67.77 20.10
CA ALA B 629 -79.19 66.89 19.57
C ALA B 629 -80.20 67.64 18.69
N LEU B 630 -79.76 68.67 17.99
CA LEU B 630 -80.67 69.46 17.18
C LEU B 630 -80.94 68.80 15.83
N MET B 631 -81.89 69.37 15.09
CA MET B 631 -82.21 68.92 13.75
C MET B 631 -82.73 70.11 12.96
N LEU B 632 -82.00 70.52 11.93
CA LEU B 632 -82.36 71.70 11.16
C LEU B 632 -83.46 71.37 10.16
N LEU B 633 -84.41 72.30 10.01
CA LEU B 633 -85.46 72.22 9.01
C LEU B 633 -85.23 73.36 8.02
N TRP B 634 -84.65 73.04 6.86
CA TRP B 634 -84.45 74.02 5.80
C TRP B 634 -85.49 73.90 4.71
N LEU B 635 -86.73 73.59 5.09
CA LEU B 635 -87.82 73.47 4.13
C LEU B 635 -88.26 74.89 3.72
N GLY B 636 -87.79 75.31 2.56
CA GLY B 636 -88.18 76.61 2.01
C GLY B 636 -87.45 76.93 0.73
N GLY B 637 -88.17 77.38 -0.29
CA GLY B 637 -87.56 77.77 -1.54
C GLY B 637 -87.39 76.62 -2.51
N GLY B 638 -87.45 76.92 -3.81
CA GLY B 638 -87.26 75.91 -4.83
C GLY B 638 -86.05 76.15 -5.69
N CYS B 639 -85.68 77.42 -5.88
CA CYS B 639 -84.51 77.79 -6.67
C CYS B 639 -83.50 78.56 -5.81
N ASN B 640 -83.45 78.26 -4.53
CA ASN B 640 -82.58 78.94 -3.59
C ASN B 640 -81.21 78.27 -3.55
N GLY B 641 -80.39 78.64 -2.57
CA GLY B 641 -79.05 78.11 -2.41
C GLY B 641 -79.02 76.80 -1.62
N LYS B 642 -80.15 76.10 -1.50
CA LYS B 642 -80.17 74.81 -0.82
C LYS B 642 -79.36 73.78 -1.60
N THR B 643 -79.64 73.65 -2.91
CA THR B 643 -78.94 72.70 -3.75
C THR B 643 -77.47 73.05 -3.92
N PHE B 644 -77.09 74.31 -3.70
CA PHE B 644 -75.67 74.63 -3.62
C PHE B 644 -75.12 74.24 -2.26
N LEU B 645 -75.63 74.86 -1.19
CA LEU B 645 -74.94 74.82 0.10
C LEU B 645 -75.01 73.45 0.75
N MET B 646 -76.21 72.87 0.83
CA MET B 646 -76.36 71.61 1.55
C MET B 646 -75.70 70.47 0.78
N ARG B 647 -75.89 70.44 -0.54
CA ARG B 647 -75.22 69.44 -1.36
C ARG B 647 -73.71 69.66 -1.40
N LEU B 648 -73.25 70.90 -1.17
CA LEU B 648 -71.81 71.14 -1.12
C LEU B 648 -71.21 70.65 0.18
N VAL B 649 -71.91 70.84 1.30
CA VAL B 649 -71.50 70.22 2.56
C VAL B 649 -71.46 68.70 2.42
N ALA B 650 -72.44 68.14 1.70
CA ALA B 650 -72.44 66.72 1.42
C ALA B 650 -71.24 66.31 0.56
N MET B 651 -70.92 67.10 -0.46
CA MET B 651 -69.92 66.69 -1.45
C MET B 651 -68.49 66.87 -0.97
N VAL B 652 -68.20 67.92 -0.20
CA VAL B 652 -66.82 68.15 0.24
C VAL B 652 -66.37 67.05 1.19
N LEU B 653 -67.31 66.43 1.90
CA LEU B 653 -67.04 65.34 2.82
C LEU B 653 -67.36 64.01 2.14
N GLY B 654 -66.75 62.95 2.66
CA GLY B 654 -66.71 61.70 1.90
C GLY B 654 -67.46 60.51 2.45
N ASP B 655 -66.83 59.34 2.39
CA ASP B 655 -67.48 58.08 2.74
C ASP B 655 -67.78 57.94 4.22
N HIS B 656 -66.96 58.54 5.09
CA HIS B 656 -67.19 58.46 6.52
C HIS B 656 -68.48 59.15 6.97
N TYR B 657 -69.01 60.09 6.18
CA TYR B 657 -70.40 60.52 6.30
C TYR B 657 -70.90 61.17 5.01
N ALA B 658 -71.82 60.46 4.35
CA ALA B 658 -72.56 60.96 3.19
C ALA B 658 -73.84 60.15 3.11
N SER B 659 -74.94 60.71 3.61
CA SER B 659 -76.14 59.95 3.94
C SER B 659 -77.27 60.31 2.98
N LYS B 660 -77.83 59.29 2.33
CA LYS B 660 -78.91 59.48 1.37
C LYS B 660 -80.14 58.71 1.85
N LEU B 661 -80.51 58.92 3.12
CA LEU B 661 -81.75 58.35 3.63
C LEU B 661 -82.94 58.97 2.90
N ASN B 662 -83.82 58.12 2.41
CA ASN B 662 -84.97 58.60 1.64
C ASN B 662 -86.19 58.72 2.55
N ILE B 663 -87.34 59.04 1.96
CA ILE B 663 -88.56 59.27 2.72
C ILE B 663 -89.06 57.98 3.37
N SER B 664 -88.89 56.84 2.69
CA SER B 664 -89.28 55.55 3.27
C SER B 664 -88.40 55.16 4.44
N LEU B 665 -87.20 55.73 4.56
CA LEU B 665 -86.33 55.45 5.67
C LEU B 665 -86.50 56.44 6.81
N LEU B 666 -87.42 57.41 6.69
CA LEU B 666 -87.72 58.33 7.77
C LEU B 666 -89.18 58.36 8.18
N THR B 667 -90.10 57.81 7.37
CA THR B 667 -91.51 57.90 7.72
C THR B 667 -92.33 56.63 7.53
N SER B 668 -91.80 55.59 6.88
CA SER B 668 -92.61 54.40 6.58
C SER B 668 -92.72 53.53 7.82
N CYS B 669 -93.88 53.61 8.48
CA CYS B 669 -94.24 52.77 9.64
C CYS B 669 -93.25 52.86 10.79
N PRO B 676 -83.30 48.61 14.70
CA PRO B 676 -82.16 49.25 14.04
C PRO B 676 -81.69 48.49 12.80
N ASN B 677 -82.62 48.22 11.88
CA ASN B 677 -82.28 47.52 10.65
C ASN B 677 -81.50 48.43 9.71
N SER B 678 -82.11 49.55 9.29
CA SER B 678 -81.43 50.52 8.45
C SER B 678 -81.80 51.96 8.83
N ALA B 679 -82.29 52.19 10.05
CA ALA B 679 -82.71 53.53 10.43
C ALA B 679 -81.52 54.46 10.63
N PHE B 680 -80.64 54.12 11.57
CA PHE B 680 -79.41 54.87 11.76
C PHE B 680 -78.16 53.99 11.61
N MET B 681 -78.31 52.82 10.99
CA MET B 681 -77.14 52.06 10.55
C MET B 681 -76.36 52.83 9.49
N ARG B 682 -77.08 53.57 8.63
CA ARG B 682 -76.42 54.47 7.70
C ARG B 682 -75.82 55.68 8.40
N LEU B 683 -76.20 55.94 9.65
CA LEU B 683 -75.60 57.00 10.45
C LEU B 683 -74.61 56.46 11.48
N LYS B 684 -74.30 55.16 11.43
CA LYS B 684 -73.38 54.57 12.38
C LYS B 684 -71.95 55.01 12.06
N GLY B 685 -71.29 55.63 13.03
CA GLY B 685 -69.94 56.12 12.81
C GLY B 685 -69.84 57.29 11.86
N ARG B 686 -70.93 58.03 11.67
CA ARG B 686 -70.99 59.15 10.76
C ARG B 686 -71.24 60.44 11.54
N GLY B 687 -71.23 61.56 10.81
CA GLY B 687 -71.43 62.86 11.42
C GLY B 687 -72.20 63.84 10.56
N TYR B 688 -72.92 63.35 9.55
CA TYR B 688 -73.71 64.21 8.69
C TYR B 688 -74.82 63.39 8.03
N GLY B 689 -76.04 63.91 8.05
CA GLY B 689 -77.15 63.25 7.42
C GLY B 689 -78.12 64.22 6.78
N TYR B 690 -78.69 63.86 5.63
CA TYR B 690 -79.60 64.75 4.93
C TYR B 690 -80.64 63.95 4.17
N PHE B 691 -81.76 64.61 3.88
CA PHE B 691 -82.96 63.99 3.32
C PHE B 691 -83.50 64.81 2.16
N GLU B 692 -82.63 65.13 1.20
CA GLU B 692 -83.02 65.95 0.04
C GLU B 692 -84.14 65.31 -0.75
N GLU B 693 -85.33 65.92 -0.72
CA GLU B 693 -86.53 65.37 -1.32
C GLU B 693 -87.37 66.49 -1.91
N THR B 694 -87.92 66.24 -3.11
CA THR B 694 -88.81 67.19 -3.76
C THR B 694 -89.98 66.47 -4.43
N ASN B 695 -90.36 65.31 -3.92
CA ASN B 695 -91.40 64.48 -4.51
C ASN B 695 -92.75 64.65 -3.84
N LYS B 696 -92.97 65.80 -3.18
CA LYS B 696 -94.19 66.11 -2.42
C LYS B 696 -94.34 65.05 -1.32
N SER B 697 -95.40 64.23 -1.34
CA SER B 697 -95.61 63.11 -0.42
C SER B 697 -95.63 63.58 1.04
N GLU B 698 -96.67 64.35 1.35
CA GLU B 698 -96.90 64.78 2.72
C GLU B 698 -97.11 63.57 3.62
N VAL B 699 -96.27 63.46 4.65
CA VAL B 699 -96.14 62.23 5.42
C VAL B 699 -96.13 62.55 6.90
N LEU B 700 -95.93 61.51 7.70
CA LEU B 700 -96.03 61.59 9.16
C LEU B 700 -94.81 62.29 9.75
N ASN B 701 -95.02 62.92 10.90
CA ASN B 701 -93.97 63.69 11.56
C ASN B 701 -93.60 63.04 12.90
N THR B 702 -93.62 61.71 12.96
CA THR B 702 -93.16 61.01 14.15
C THR B 702 -92.66 59.62 13.81
N SER B 703 -92.49 58.78 14.85
CA SER B 703 -91.98 57.40 14.89
C SER B 703 -90.46 57.32 14.72
N ARG B 704 -89.77 58.42 14.45
CA ARG B 704 -88.30 58.35 14.33
C ARG B 704 -87.54 59.42 15.11
N LEU B 705 -88.04 60.67 15.14
CA LEU B 705 -87.16 61.79 15.49
C LEU B 705 -86.84 61.81 16.98
N LYS B 706 -87.55 61.04 17.79
CA LYS B 706 -87.18 60.89 19.19
C LYS B 706 -85.83 60.20 19.35
N GLU B 707 -85.55 59.22 18.49
CA GLU B 707 -84.25 58.55 18.54
C GLU B 707 -83.33 58.92 17.39
N MET B 708 -83.84 59.62 16.38
CA MET B 708 -82.97 60.07 15.29
C MET B 708 -82.07 61.23 15.71
N VAL B 709 -82.51 62.04 16.67
CA VAL B 709 -81.67 63.10 17.19
C VAL B 709 -81.08 62.78 18.56
N ASN B 710 -81.62 61.79 19.26
CA ASN B 710 -81.17 61.46 20.61
C ASN B 710 -80.90 59.97 20.76
N THR B 729 -72.98 63.12 16.69
CA THR B 729 -72.71 62.28 15.53
C THR B 729 -73.79 62.41 14.47
N ALA B 730 -74.61 63.47 14.56
CA ALA B 730 -75.78 63.56 13.70
C ALA B 730 -75.71 64.72 12.72
N THR B 731 -75.66 65.98 13.19
CA THR B 731 -75.80 67.20 12.39
C THR B 731 -76.86 67.06 11.29
N MET B 732 -78.06 66.66 11.69
CA MET B 732 -79.09 66.35 10.71
C MET B 732 -79.65 67.61 10.08
N VAL B 733 -79.69 67.65 8.75
CA VAL B 733 -80.27 68.75 8.00
C VAL B 733 -81.38 68.17 7.14
N ALA B 734 -82.58 68.71 7.26
CA ALA B 734 -83.74 68.20 6.54
C ALA B 734 -84.16 69.23 5.49
N ALA B 735 -84.17 68.80 4.23
CA ALA B 735 -84.53 69.65 3.11
C ALA B 735 -85.71 69.03 2.37
N SER B 736 -86.77 69.82 2.17
CA SER B 736 -87.97 69.33 1.51
C SER B 736 -88.62 70.52 0.80
N ASN B 737 -89.89 70.37 0.43
CA ASN B 737 -90.61 71.43 -0.25
C ASN B 737 -90.85 72.61 0.69
N TYR B 738 -91.23 73.74 0.09
CA TYR B 738 -91.49 74.97 0.84
C TYR B 738 -92.68 74.83 1.78
N ASN B 739 -93.67 74.02 1.40
CA ASN B 739 -94.84 73.81 2.23
C ASN B 739 -94.52 72.84 3.36
N PHE B 740 -95.31 72.94 4.44
CA PHE B 740 -95.04 72.20 5.67
C PHE B 740 -95.40 70.73 5.51
N ILE B 741 -94.44 69.92 5.06
CA ILE B 741 -94.71 68.52 4.78
C ILE B 741 -94.89 67.73 6.07
N ILE B 742 -93.93 67.84 6.98
CA ILE B 742 -93.97 67.13 8.26
C ILE B 742 -94.40 68.12 9.33
N ASP B 743 -95.50 67.82 10.03
CA ASP B 743 -96.10 68.94 10.74
C ASP B 743 -96.45 68.64 12.19
N THR B 744 -96.89 67.42 12.51
CA THR B 744 -97.48 67.11 13.81
C THR B 744 -96.46 66.45 14.75
N THR B 745 -96.06 67.19 15.79
CA THR B 745 -95.23 66.64 16.86
C THR B 745 -95.57 67.38 18.16
N ASP B 746 -95.42 66.69 19.29
CA ASP B 746 -95.70 67.25 20.59
C ASP B 746 -94.40 67.67 21.28
N HIS B 747 -94.50 68.08 22.55
CA HIS B 747 -93.37 68.56 23.31
C HIS B 747 -92.53 67.40 23.84
N GLY B 748 -91.33 67.72 24.31
CA GLY B 748 -90.38 66.74 24.80
C GLY B 748 -89.29 66.49 23.79
N THR B 749 -89.68 66.37 22.53
CA THR B 749 -88.79 66.35 21.37
C THR B 749 -89.19 67.47 20.42
N TRP B 750 -89.36 68.66 20.99
CA TRP B 750 -89.85 69.84 20.30
C TRP B 750 -88.82 70.94 20.18
N ARG B 751 -88.05 71.20 21.24
CA ARG B 751 -87.04 72.25 21.21
C ARG B 751 -85.85 71.88 20.35
N ARG B 752 -85.63 70.60 20.08
CA ARG B 752 -84.50 70.16 19.26
C ARG B 752 -84.87 70.07 17.79
N LEU B 753 -85.51 71.11 17.27
CA LEU B 753 -85.85 71.23 15.86
C LEU B 753 -85.90 72.71 15.51
N ARG B 754 -84.99 73.14 14.65
CA ARG B 754 -84.92 74.53 14.22
C ARG B 754 -85.31 74.64 12.76
N HIS B 755 -86.16 75.62 12.45
CA HIS B 755 -86.69 75.80 11.10
C HIS B 755 -86.14 77.08 10.50
N TYR B 756 -85.82 77.03 9.20
CA TYR B 756 -85.39 78.19 8.45
C TYR B 756 -85.94 78.09 7.04
N ARG B 757 -86.34 79.23 6.48
CA ARG B 757 -86.83 79.32 5.12
C ARG B 757 -86.01 80.35 4.37
N SER B 758 -85.55 79.97 3.18
CA SER B 758 -84.77 80.89 2.36
C SER B 758 -85.70 81.94 1.76
N LYS B 759 -85.41 83.22 2.03
CA LYS B 759 -86.26 84.29 1.53
C LYS B 759 -86.06 84.51 0.04
N VAL B 760 -84.83 84.42 -0.44
CA VAL B 760 -84.51 84.67 -1.84
C VAL B 760 -84.38 83.32 -2.55
N LYS B 761 -84.51 83.36 -3.88
CA LYS B 761 -84.34 82.17 -4.70
C LYS B 761 -83.58 82.51 -5.98
N LYS B 775 -80.24 87.98 -6.80
CA LYS B 775 -79.91 87.20 -7.99
C LYS B 775 -80.25 85.73 -7.79
N GLU B 776 -80.84 85.13 -8.82
CA GLU B 776 -81.16 83.69 -8.76
C GLU B 776 -79.89 82.84 -8.74
N ASP B 777 -78.88 83.25 -9.51
CA ASP B 777 -77.56 82.62 -9.62
C ASP B 777 -77.65 81.15 -10.03
N PRO B 778 -78.04 80.84 -11.27
CA PRO B 778 -78.16 79.43 -11.67
C PRO B 778 -76.86 78.77 -12.05
N ARG B 779 -75.76 79.52 -12.15
CA ARG B 779 -74.48 78.93 -12.56
C ARG B 779 -73.84 78.13 -11.45
N PHE B 780 -74.10 78.50 -10.20
CA PHE B 780 -73.38 77.92 -9.08
C PHE B 780 -73.86 76.53 -8.67
N ILE B 781 -75.01 76.09 -9.19
CA ILE B 781 -75.55 74.78 -8.81
C ILE B 781 -75.09 73.66 -9.72
N HIS B 782 -74.30 73.95 -10.75
CA HIS B 782 -73.94 72.94 -11.74
C HIS B 782 -72.44 72.64 -11.78
N GLU B 783 -71.59 73.62 -12.02
CA GLU B 783 -70.20 73.33 -12.39
C GLU B 783 -69.17 73.65 -11.31
N TYR B 784 -69.35 74.71 -10.52
CA TYR B 784 -68.35 75.00 -9.49
C TYR B 784 -68.54 74.17 -8.22
N ILE B 785 -69.64 73.43 -8.09
CA ILE B 785 -69.75 72.48 -7.00
C ILE B 785 -68.74 71.35 -7.16
N MET B 786 -68.54 70.90 -8.40
CA MET B 786 -67.56 69.85 -8.71
C MET B 786 -66.15 70.38 -8.87
N ASP B 787 -65.94 71.69 -8.78
CA ASP B 787 -64.60 72.25 -8.87
C ASP B 787 -63.83 71.90 -7.60
N PRO B 788 -62.65 71.27 -7.72
CA PRO B 788 -61.90 70.88 -6.52
C PRO B 788 -61.45 72.05 -5.66
N ASP B 789 -61.08 73.18 -6.27
CA ASP B 789 -60.61 74.32 -5.49
C ASP B 789 -61.73 74.95 -4.67
N CYS B 790 -62.95 74.96 -5.21
CA CYS B 790 -64.09 75.46 -4.45
C CYS B 790 -64.36 74.58 -3.23
N GLN B 791 -64.24 73.26 -3.40
CA GLN B 791 -64.42 72.36 -2.27
C GLN B 791 -63.32 72.53 -1.24
N ASN B 792 -62.08 72.77 -1.70
CA ASN B 792 -60.97 73.02 -0.77
C ASN B 792 -61.23 74.29 0.04
N ALA B 793 -61.67 75.36 -0.63
CA ALA B 793 -61.96 76.61 0.07
C ALA B 793 -63.15 76.44 1.02
N PHE B 794 -64.14 75.64 0.62
CA PHE B 794 -65.29 75.42 1.49
C PHE B 794 -64.93 74.61 2.73
N PHE B 795 -64.04 73.62 2.56
CA PHE B 795 -63.55 72.90 3.73
C PHE B 795 -62.72 73.82 4.65
N SER B 796 -61.96 74.73 4.04
CA SER B 796 -61.18 75.69 4.82
C SER B 796 -62.10 76.60 5.63
N ILE B 797 -63.18 77.10 5.03
CA ILE B 797 -64.08 77.97 5.79
C ILE B 797 -64.95 77.17 6.77
N LEU B 798 -65.20 75.89 6.52
CA LEU B 798 -65.86 75.06 7.52
C LEU B 798 -64.97 74.87 8.74
N VAL B 799 -63.67 74.65 8.52
CA VAL B 799 -62.71 74.59 9.63
C VAL B 799 -62.64 75.93 10.35
N TYR B 800 -62.73 77.04 9.59
CA TYR B 800 -62.74 78.37 10.16
C TYR B 800 -63.94 78.53 11.09
N PHE B 801 -65.12 78.11 10.65
CA PHE B 801 -66.31 78.28 11.48
C PHE B 801 -66.31 77.34 12.67
N TRP B 802 -65.72 76.15 12.53
CA TRP B 802 -65.53 75.28 13.68
C TRP B 802 -64.61 75.93 14.73
N GLU B 803 -63.52 76.53 14.27
CA GLU B 803 -62.62 77.24 15.18
C GLU B 803 -63.32 78.41 15.85
N LYS B 804 -64.13 79.15 15.08
CA LYS B 804 -64.89 80.26 15.64
C LYS B 804 -65.90 79.79 16.69
N LEU B 805 -66.55 78.65 16.43
CA LEU B 805 -67.50 78.12 17.40
C LEU B 805 -66.80 77.68 18.69
N GLN B 806 -65.68 76.97 18.59
CA GLN B 806 -65.00 76.57 19.82
C GLN B 806 -64.21 77.70 20.46
N LYS B 807 -64.02 78.82 19.77
CA LYS B 807 -63.43 79.99 20.43
C LYS B 807 -64.49 80.80 21.17
N GLU B 808 -65.59 81.13 20.50
CA GLU B 808 -66.57 82.04 21.08
C GLU B 808 -67.54 81.33 22.02
N TYR B 809 -68.34 80.42 21.47
CA TYR B 809 -69.43 79.77 22.22
C TYR B 809 -69.28 78.26 22.05
N ASN B 810 -68.52 77.63 22.94
CA ASN B 810 -68.32 76.18 22.86
C ASN B 810 -69.57 75.44 23.28
N GLY B 811 -70.43 75.13 22.32
CA GLY B 811 -71.70 74.49 22.62
C GLY B 811 -72.86 75.20 21.94
N GLN B 812 -73.65 74.45 21.17
CA GLN B 812 -74.73 75.05 20.40
C GLN B 812 -75.92 75.45 21.27
N ILE B 813 -76.06 74.85 22.46
CA ILE B 813 -77.19 75.16 23.33
C ILE B 813 -77.07 76.59 23.86
N LYS B 814 -75.89 76.95 24.37
CA LYS B 814 -75.65 78.32 24.83
C LYS B 814 -75.05 79.18 23.72
N LYS B 815 -75.70 79.15 22.56
CA LYS B 815 -75.34 80.02 21.46
C LYS B 815 -76.04 81.37 21.62
N VAL B 816 -75.35 82.45 21.23
CA VAL B 816 -75.94 83.78 21.30
C VAL B 816 -77.22 83.83 20.47
N PHE B 817 -78.26 84.39 21.06
CA PHE B 817 -79.61 84.26 20.51
C PHE B 817 -79.75 85.00 19.19
N CYS B 818 -80.48 84.38 18.26
CA CYS B 818 -80.81 84.98 16.98
C CYS B 818 -82.33 84.94 16.82
N PRO B 819 -82.97 86.08 16.56
CA PRO B 819 -84.43 86.11 16.54
C PRO B 819 -85.05 85.48 15.30
N THR B 820 -84.28 85.43 14.22
CA THR B 820 -84.77 84.86 12.96
C THR B 820 -85.08 83.40 13.17
N ILE B 821 -84.04 82.61 13.44
CA ILE B 821 -84.24 81.13 13.57
C ILE B 821 -85.31 80.87 14.62
N GLU B 822 -85.15 81.42 15.83
CA GLU B 822 -86.12 81.10 16.91
C GLU B 822 -87.53 81.46 16.43
N SER B 823 -87.68 82.61 15.76
CA SER B 823 -89.02 83.04 15.32
C SER B 823 -89.52 82.12 14.20
N GLU B 824 -88.69 81.87 13.19
CA GLU B 824 -89.08 80.93 12.11
C GLU B 824 -89.41 79.59 12.77
N THR B 825 -88.62 79.23 13.79
CA THR B 825 -88.90 77.97 14.51
C THR B 825 -90.26 78.11 15.15
N GLU B 826 -90.45 79.16 15.97
CA GLU B 826 -91.75 79.39 16.64
C GLU B 826 -92.83 79.51 15.56
N ALA B 827 -92.49 80.08 14.41
CA ALA B 827 -93.48 80.21 13.32
C ALA B 827 -94.02 78.82 13.01
N TYR B 828 -93.13 77.88 12.70
CA TYR B 828 -93.58 76.49 12.46
C TYR B 828 -94.19 75.95 13.75
N ARG B 829 -93.53 76.23 14.88
CA ARG B 829 -94.03 75.73 16.19
C ARG B 829 -95.50 76.15 16.34
N LYS B 830 -95.81 77.41 16.05
CA LYS B 830 -97.21 77.88 16.11
C LYS B 830 -97.97 77.33 14.89
N SER B 831 -97.26 77.09 13.78
CA SER B 831 -97.96 76.65 12.54
C SER B 831 -98.32 75.16 12.63
N GLN B 832 -99.28 74.81 13.48
CA GLN B 832 -99.77 73.42 13.57
C GLN B 832 -98.66 72.45 13.99
N ASP B 833 -97.51 72.97 14.43
CA ASP B 833 -96.47 72.04 14.94
C ASP B 833 -97.05 71.36 16.18
N THR B 834 -97.59 72.15 17.11
CA THR B 834 -98.17 71.59 18.35
C THR B 834 -99.32 72.49 18.79
N LEU B 835 -99.96 72.18 19.91
CA LEU B 835 -101.03 73.05 20.45
C LEU B 835 -100.39 74.36 20.93
N HIS B 836 -99.08 74.50 20.77
CA HIS B 836 -98.34 75.74 21.16
C HIS B 836 -99.29 76.94 21.09
N ARG B 837 -99.99 77.09 19.96
CA ARG B 837 -100.98 78.18 19.80
C ARG B 837 -101.63 78.49 21.16
N PHE B 838 -102.54 77.62 21.60
CA PHE B 838 -103.27 77.87 22.88
C PHE B 838 -102.26 77.86 24.03
N ILE B 839 -101.28 76.95 24.00
CA ILE B 839 -100.33 76.82 25.14
C ILE B 839 -99.81 78.20 25.56
N THR B 840 -99.44 79.06 24.62
CA THR B 840 -98.83 80.35 25.03
C THR B 840 -99.75 81.52 24.72
N GLU B 841 -100.72 81.34 23.83
CA GLU B 841 -101.59 82.47 23.43
C GLU B 841 -102.79 82.56 24.39
N ARG B 842 -103.73 81.61 24.28
CA ARG B 842 -104.94 81.64 25.14
C ARG B 842 -104.49 81.58 26.62
N VAL B 843 -103.51 80.73 26.93
CA VAL B 843 -102.96 80.67 28.32
C VAL B 843 -101.93 81.81 28.47
N VAL B 844 -102.10 82.63 29.52
CA VAL B 844 -101.16 83.77 29.74
C VAL B 844 -100.43 83.55 31.07
N GLU B 845 -99.18 84.01 31.16
CA GLU B 845 -98.40 83.85 32.42
C GLU B 845 -98.67 85.07 33.32
N SER B 846 -99.70 84.99 34.16
CA SER B 846 -99.99 86.08 35.12
C SER B 846 -99.56 85.64 36.53
N PRO B 847 -98.31 85.93 36.97
CA PRO B 847 -97.79 85.42 38.27
C PRO B 847 -98.67 85.87 39.43
N SER B 848 -98.90 87.18 39.54
CA SER B 848 -99.69 87.72 40.68
C SER B 848 -101.03 86.98 40.78
N ALA B 849 -101.80 86.97 39.69
CA ALA B 849 -103.11 86.33 39.71
C ALA B 849 -103.01 84.97 40.37
N GLU B 850 -103.87 84.72 41.35
CA GLU B 850 -103.92 83.46 42.08
C GLU B 850 -105.12 82.62 41.66
N THR B 851 -105.56 82.77 40.41
CA THR B 851 -106.69 82.00 39.91
C THR B 851 -106.33 80.53 39.75
N VAL B 852 -107.27 79.66 40.11
CA VAL B 852 -107.07 78.21 40.05
C VAL B 852 -107.65 77.71 38.73
N TYR B 853 -106.82 77.05 37.93
CA TYR B 853 -107.24 76.47 36.66
C TYR B 853 -106.99 74.97 36.73
N ASN B 854 -108.07 74.21 36.90
CA ASN B 854 -107.96 72.76 36.98
C ASN B 854 -107.62 72.16 35.62
N LEU B 855 -107.17 70.90 35.65
CA LEU B 855 -106.85 70.20 34.41
C LEU B 855 -108.08 70.01 33.53
N SER B 856 -109.21 69.68 34.15
CA SER B 856 -110.46 69.57 33.40
C SER B 856 -110.91 70.93 32.86
N GLU B 857 -110.66 72.00 33.61
CA GLU B 857 -110.98 73.34 33.11
C GLU B 857 -110.14 73.69 31.89
N VAL B 858 -108.85 73.33 31.91
CA VAL B 858 -107.98 73.55 30.76
C VAL B 858 -108.43 72.68 29.58
N VAL B 859 -108.89 71.46 29.87
CA VAL B 859 -109.40 70.58 28.81
C VAL B 859 -110.64 71.17 28.15
N THR B 860 -111.57 71.68 28.96
CA THR B 860 -112.77 72.30 28.41
C THR B 860 -112.45 73.58 27.65
N ALA B 861 -111.48 74.35 28.13
CA ALA B 861 -111.04 75.54 27.41
C ALA B 861 -110.43 75.18 26.06
N TYR B 862 -109.63 74.10 26.03
CA TYR B 862 -109.07 73.62 24.77
C TYR B 862 -110.17 73.17 23.82
N ALA B 863 -111.18 72.46 24.34
CA ALA B 863 -112.29 72.01 23.50
C ALA B 863 -113.06 73.19 22.92
N GLU B 864 -113.34 74.20 23.75
CA GLU B 864 -114.04 75.39 23.28
C GLU B 864 -113.23 76.16 22.26
N TRP B 865 -111.91 76.31 22.49
CA TRP B 865 -111.07 77.05 21.56
C TRP B 865 -110.95 76.32 20.22
N TYR B 866 -110.81 74.99 20.26
CA TYR B 866 -110.73 74.24 19.01
C TYR B 866 -112.05 74.27 18.26
N ASN B 867 -113.18 74.18 18.98
CA ASN B 867 -114.48 74.19 18.32
C ASN B 867 -114.82 75.55 17.75
N THR B 868 -114.39 76.63 18.40
CA THR B 868 -114.66 77.98 17.90
C THR B 868 -113.54 78.54 17.02
N ASN B 869 -112.45 77.79 16.83
CA ASN B 869 -111.31 78.28 16.08
C ASN B 869 -111.00 77.47 14.83
N ILE B 870 -110.91 76.14 14.94
CA ILE B 870 -110.41 75.30 13.86
C ILE B 870 -111.51 74.43 13.28
N ASN B 871 -112.07 73.51 14.07
CA ASN B 871 -113.03 72.54 13.56
C ASN B 871 -113.81 71.96 14.73
N VAL B 872 -114.82 71.16 14.41
CA VAL B 872 -115.69 70.55 15.40
C VAL B 872 -115.39 69.05 15.46
N LYS B 873 -115.04 68.57 16.65
CA LYS B 873 -114.75 67.15 16.86
C LYS B 873 -114.95 66.83 18.32
N ARG B 874 -115.35 65.60 18.60
CA ARG B 874 -115.53 65.14 19.98
C ARG B 874 -114.19 65.07 20.70
N HIS B 875 -114.24 65.27 22.01
CA HIS B 875 -113.04 65.33 22.84
C HIS B 875 -113.08 64.27 23.94
N ILE B 876 -111.90 63.79 24.31
CA ILE B 876 -111.72 62.92 25.46
C ILE B 876 -110.86 63.68 26.46
N ALA B 877 -111.37 63.84 27.69
CA ALA B 877 -110.71 64.70 28.67
C ALA B 877 -109.39 64.11 29.17
N LEU B 878 -109.32 62.78 29.28
CA LEU B 878 -108.14 62.13 29.85
C LEU B 878 -106.91 62.34 28.98
N GLU B 879 -107.01 62.02 27.69
CA GLU B 879 -105.86 62.16 26.80
C GLU B 879 -105.47 63.63 26.59
N LEU B 880 -106.45 64.54 26.63
CA LEU B 880 -106.14 65.96 26.58
C LEU B 880 -105.37 66.40 27.82
N SER B 881 -105.72 65.86 29.00
CA SER B 881 -104.97 66.16 30.21
C SER B 881 -103.55 65.61 30.13
N GLN B 882 -103.39 64.39 29.59
CA GLN B 882 -102.05 63.82 29.43
C GLN B 882 -101.21 64.64 28.46
N GLU B 883 -101.81 65.12 27.37
CA GLU B 883 -101.09 65.98 26.43
C GLU B 883 -100.76 67.33 27.06
N LEU B 884 -101.65 67.85 27.91
CA LEU B 884 -101.40 69.14 28.57
C LEU B 884 -100.27 69.05 29.59
N GLU B 885 -100.15 67.90 30.27
CA GLU B 885 -99.05 67.74 31.23
C GLU B 885 -97.69 67.70 30.53
N ASN B 886 -97.61 67.00 29.40
CA ASN B 886 -96.35 66.87 28.67
C ASN B 886 -95.99 68.12 27.86
N SER B 887 -96.87 69.12 27.81
CA SER B 887 -96.66 70.30 26.98
C SER B 887 -95.69 71.27 27.66
N VAL B 888 -95.62 72.49 27.14
CA VAL B 888 -94.69 73.50 27.63
C VAL B 888 -95.05 73.97 29.04
N LEU B 889 -96.29 73.74 29.48
CA LEU B 889 -96.78 74.22 30.76
C LEU B 889 -96.27 73.41 31.96
N GLU B 890 -95.25 72.57 31.78
CA GLU B 890 -94.67 71.84 32.90
C GLU B 890 -93.91 72.75 33.86
N LYS B 891 -93.52 73.95 33.41
CA LYS B 891 -92.89 74.91 34.31
C LYS B 891 -93.89 75.45 35.33
N TYR B 892 -95.11 75.75 34.88
CA TYR B 892 -96.17 76.21 35.77
C TYR B 892 -96.85 75.07 36.51
N LEU B 893 -96.54 73.82 36.16
CA LEU B 893 -97.11 72.66 36.85
C LEU B 893 -96.20 72.26 38.00
N GLN B 894 -96.80 72.11 39.19
CA GLN B 894 -96.06 71.77 40.39
C GLN B 894 -96.69 70.54 41.03
N TRP B 895 -95.86 69.58 41.43
CA TRP B 895 -96.32 68.44 42.23
C TRP B 895 -96.20 68.81 43.71
N SER B 896 -97.15 69.64 44.14
CA SER B 896 -97.21 70.13 45.51
C SER B 896 -97.65 69.00 46.44
N PRO B 897 -97.47 69.17 47.76
CA PRO B 897 -98.05 68.21 48.71
C PRO B 897 -99.57 68.10 48.63
N ASN B 898 -100.25 69.11 48.08
CA ASN B 898 -101.67 68.99 47.78
C ASN B 898 -101.94 67.97 46.67
N LYS B 899 -100.91 67.66 45.86
CA LYS B 899 -100.97 66.63 44.81
C LYS B 899 -102.05 66.94 43.77
N THR B 900 -101.86 68.05 43.07
CA THR B 900 -102.80 68.46 42.04
C THR B 900 -102.05 69.20 40.94
N ARG B 901 -102.68 69.26 39.76
CA ARG B 901 -102.11 69.91 38.59
C ARG B 901 -102.79 71.23 38.26
N ILE B 902 -103.34 71.91 39.26
CA ILE B 902 -104.00 73.19 39.02
C ILE B 902 -102.96 74.28 38.79
N LEU B 903 -103.43 75.41 38.27
CA LEU B 903 -102.58 76.57 38.02
C LEU B 903 -102.70 77.56 39.19
N LYS B 904 -101.59 78.21 39.49
CA LYS B 904 -101.53 79.17 40.59
C LYS B 904 -100.89 80.50 40.23
N GLY B 905 -100.08 80.57 39.18
CA GLY B 905 -99.42 81.80 38.80
C GLY B 905 -99.60 82.17 37.34
N CYS B 906 -100.78 81.91 36.80
CA CYS B 906 -101.08 82.21 35.41
C CYS B 906 -102.53 82.67 35.30
N ARG B 907 -102.89 83.15 34.12
CA ARG B 907 -104.25 83.58 33.84
C ARG B 907 -104.64 83.11 32.44
N ILE B 908 -105.94 83.03 32.20
CA ILE B 908 -106.48 82.56 30.93
C ILE B 908 -107.27 83.70 30.29
N LEU B 909 -107.45 83.59 28.97
CA LEU B 909 -108.23 84.55 28.20
C LEU B 909 -109.45 83.87 27.62
N HIS B 910 -110.62 84.45 27.87
CA HIS B 910 -111.87 83.97 27.30
C HIS B 910 -112.08 84.62 25.94
N LYS B 911 -113.29 84.50 25.40
CA LYS B 911 -113.62 85.16 24.14
C LYS B 911 -113.64 86.67 24.32
N PHE B 912 -113.04 87.38 23.36
CA PHE B 912 -112.89 88.84 23.36
C PHE B 912 -112.19 89.34 24.63
N GLU B 913 -111.15 88.62 25.05
CA GLU B 913 -110.36 88.97 26.22
C GLU B 913 -108.94 89.34 25.79
N THR B 914 -108.43 90.42 26.34
CA THR B 914 -107.11 90.94 26.01
C THR B 914 -106.17 90.79 27.21
N LEU B 915 -104.93 91.23 27.02
CA LEU B 915 -103.93 91.13 28.08
C LEU B 915 -104.19 92.17 29.16
N GLN B 916 -104.00 91.77 30.42
CA GLN B 916 -104.12 92.62 31.59
C GLN B 916 -102.74 93.02 32.10
N PRO B 917 -102.63 94.18 32.76
CA PRO B 917 -101.37 94.54 33.41
C PRO B 917 -100.99 93.54 34.49
N GLY B 918 -99.70 93.26 34.60
CA GLY B 918 -99.22 92.21 35.49
C GLY B 918 -99.26 90.83 34.91
N GLU B 919 -99.74 90.67 33.68
CA GLU B 919 -99.79 89.38 33.00
C GLU B 919 -98.87 89.40 31.79
N SER B 920 -98.11 88.33 31.62
CA SER B 920 -97.12 88.24 30.56
C SER B 920 -97.42 87.06 29.66
N TYR B 921 -97.13 87.23 28.37
CA TYR B 921 -97.29 86.15 27.40
C TYR B 921 -96.25 85.07 27.64
N ILE B 922 -96.62 83.84 27.33
CA ILE B 922 -95.72 82.70 27.49
C ILE B 922 -94.93 82.45 26.21
N GLU B 937 -75.07 95.69 13.17
CA GLU B 937 -74.41 95.44 11.90
C GLU B 937 -73.02 96.05 11.86
N PRO B 938 -71.99 95.20 11.84
CA PRO B 938 -70.62 95.71 11.76
C PRO B 938 -70.33 96.35 10.41
N LYS B 939 -69.46 97.37 10.44
CA LYS B 939 -69.09 98.05 9.21
C LYS B 939 -68.16 97.19 8.35
N ASN B 940 -67.37 96.32 8.96
CA ASN B 940 -66.45 95.47 8.25
C ASN B 940 -67.17 94.20 7.78
N LYS B 941 -66.41 93.20 7.35
CA LYS B 941 -66.99 91.99 6.79
C LYS B 941 -67.66 91.14 7.86
N TRP B 942 -68.55 90.27 7.40
CA TRP B 942 -69.39 89.49 8.31
C TRP B 942 -68.62 88.36 8.99
N TRP B 943 -67.63 87.79 8.31
CA TRP B 943 -66.92 86.63 8.84
C TRP B 943 -65.96 86.97 9.97
N GLU B 944 -65.75 88.25 10.28
CA GLU B 944 -64.90 88.63 11.40
C GLU B 944 -65.60 88.35 12.72
N TRP B 945 -64.85 88.55 13.81
CA TRP B 945 -65.37 88.27 15.14
C TRP B 945 -66.48 89.27 15.51
N SER B 946 -67.54 88.76 16.11
CA SER B 946 -68.68 89.59 16.52
C SER B 946 -68.95 89.44 18.00
N LEU C 21 -19.46 45.52 2.07
CA LEU C 21 -18.02 45.11 2.09
C LEU C 21 -17.29 45.86 3.20
N ALA C 22 -16.42 45.15 3.94
CA ALA C 22 -15.70 45.65 5.14
C ALA C 22 -14.88 46.90 4.81
N GLU C 23 -13.98 46.82 3.83
CA GLU C 23 -13.03 47.91 3.48
C GLU C 23 -13.79 49.14 2.97
N VAL C 24 -14.92 48.96 2.28
CA VAL C 24 -15.80 50.09 1.84
C VAL C 24 -16.44 50.72 3.09
N GLN C 25 -16.90 49.90 4.03
CA GLN C 25 -17.46 50.36 5.33
C GLN C 25 -16.41 51.17 6.07
N ALA C 26 -15.16 50.68 6.12
CA ALA C 26 -14.01 51.36 6.75
C ALA C 26 -13.80 52.73 6.10
N LEU C 27 -13.76 52.79 4.77
CA LEU C 27 -13.57 54.06 4.00
C LEU C 27 -14.74 55.02 4.30
N GLU C 28 -15.96 54.51 4.39
CA GLU C 28 -17.19 55.29 4.69
C GLU C 28 -17.04 55.94 6.07
N THR C 29 -16.59 55.16 7.07
CA THR C 29 -16.39 55.63 8.46
C THR C 29 -15.29 56.69 8.47
N LEU C 30 -14.17 56.45 7.78
CA LEU C 30 -13.07 57.45 7.71
C LEU C 30 -13.61 58.76 7.14
N LEU C 31 -14.33 58.70 6.02
CA LEU C 31 -14.82 59.90 5.31
C LEU C 31 -15.80 60.69 6.20
N THR C 32 -16.82 60.02 6.77
CA THR C 32 -17.96 60.72 7.42
C THR C 32 -17.52 61.14 8.83
N ARG C 33 -16.98 60.23 9.62
CA ARG C 33 -16.63 60.48 11.05
C ARG C 33 -15.41 61.41 11.13
N GLU C 34 -14.38 61.21 10.31
CA GLU C 34 -13.04 61.83 10.55
C GLU C 34 -12.72 62.95 9.54
N LEU C 35 -12.80 62.69 8.23
CA LEU C 35 -12.27 63.63 7.19
C LEU C 35 -13.30 64.72 6.85
N SER C 36 -14.55 64.54 7.27
CA SER C 36 -15.65 65.54 7.11
C SER C 36 -15.18 66.93 7.54
N VAL C 37 -14.29 67.03 8.52
CA VAL C 37 -13.76 68.30 9.08
C VAL C 37 -12.88 69.03 8.06
N PHE C 38 -12.51 68.40 6.94
CA PHE C 38 -11.65 68.99 5.87
C PHE C 38 -12.46 69.31 4.62
N LEU C 39 -13.78 69.11 4.65
CA LEU C 39 -14.69 69.45 3.52
C LEU C 39 -14.43 70.90 3.09
N THR C 40 -14.14 71.13 1.80
CA THR C 40 -13.97 72.46 1.16
C THR C 40 -15.27 72.88 0.46
N GLU C 41 -15.44 74.19 0.22
CA GLU C 41 -16.58 74.76 -0.54
C GLU C 41 -16.34 74.52 -2.02
N PRO C 42 -17.40 74.53 -2.87
CA PRO C 42 -17.23 74.41 -4.32
C PRO C 42 -16.31 75.52 -4.86
N GLY C 43 -15.31 75.15 -5.66
CA GLY C 43 -14.37 76.07 -6.31
C GLY C 43 -13.30 76.59 -5.37
N SER C 44 -13.12 75.96 -4.21
CA SER C 44 -12.05 76.28 -3.23
C SER C 44 -10.68 75.89 -3.81
N LYS C 45 -9.63 76.67 -3.54
CA LYS C 45 -8.33 76.35 -4.18
C LYS C 45 -7.60 75.38 -3.25
N LYS C 46 -7.96 75.40 -1.97
CA LYS C 46 -7.35 74.47 -1.00
C LYS C 46 -7.72 73.03 -1.39
N THR C 47 -8.76 72.84 -2.20
CA THR C 47 -9.17 71.44 -2.47
C THR C 47 -7.99 70.68 -3.10
N ASN C 48 -7.67 69.49 -2.59
CA ASN C 48 -6.70 68.56 -3.26
C ASN C 48 -7.38 67.24 -3.64
N ILE C 49 -8.51 66.87 -3.00
CA ILE C 49 -9.18 65.57 -3.22
C ILE C 49 -10.66 65.81 -3.51
N ILE C 50 -11.17 65.14 -4.54
CA ILE C 50 -12.58 65.22 -5.02
C ILE C 50 -13.13 63.79 -5.06
N ASN C 51 -14.20 63.53 -4.32
CA ASN C 51 -14.97 62.25 -4.37
C ASN C 51 -16.21 62.49 -5.23
N ARG C 52 -16.13 62.19 -6.52
CA ARG C 52 -17.18 62.54 -7.51
C ARG C 52 -18.43 61.66 -7.28
N ILE C 53 -18.32 60.53 -6.57
CA ILE C 53 -19.50 59.70 -6.20
C ILE C 53 -20.34 60.44 -5.15
N THR C 54 -19.72 60.93 -4.07
CA THR C 54 -20.41 61.67 -2.98
C THR C 54 -20.51 63.17 -3.30
N GLY C 55 -19.81 63.64 -4.35
CA GLY C 55 -19.78 65.06 -4.77
C GLY C 55 -19.10 65.94 -3.73
N LYS C 56 -18.28 65.35 -2.85
CA LYS C 56 -17.60 66.07 -1.73
C LYS C 56 -16.21 66.49 -2.22
N THR C 57 -15.74 67.65 -1.76
CA THR C 57 -14.37 68.19 -2.01
C THR C 57 -13.68 68.39 -0.66
N TYR C 58 -12.39 68.04 -0.57
CA TYR C 58 -11.59 68.05 0.67
C TYR C 58 -10.25 68.75 0.44
N ALA C 59 -9.73 69.41 1.47
CA ALA C 59 -8.31 69.81 1.61
C ALA C 59 -7.68 68.95 2.72
N LEU C 60 -7.11 67.80 2.35
CA LEU C 60 -6.49 66.84 3.29
C LEU C 60 -5.04 67.22 3.56
N PRO C 61 -4.64 67.46 4.83
CA PRO C 61 -3.23 67.49 5.18
C PRO C 61 -2.57 66.12 4.94
N SER C 62 -1.27 66.12 4.74
CA SER C 62 -0.45 64.94 4.33
C SER C 62 -0.78 63.72 5.20
N THR C 63 -0.96 63.90 6.51
CA THR C 63 -1.23 62.77 7.45
C THR C 63 -2.54 62.06 7.06
N GLU C 64 -3.56 62.85 6.69
CA GLU C 64 -4.94 62.36 6.45
C GLU C 64 -5.05 61.88 5.00
N LEU C 65 -4.24 62.47 4.11
CA LEU C 65 -4.09 61.98 2.72
C LEU C 65 -3.57 60.53 2.75
N LEU C 66 -2.58 60.23 3.55
CA LEU C 66 -2.03 58.91 3.64
C LEU C 66 -3.01 57.90 4.17
N ARG C 67 -3.76 58.30 5.18
CA ARG C 67 -4.80 57.43 5.80
C ARG C 67 -5.85 57.12 4.74
N LEU C 68 -6.23 58.14 3.95
CA LEU C 68 -7.17 57.98 2.81
C LEU C 68 -6.61 56.93 1.85
N TYR C 69 -5.33 57.09 1.46
CA TYR C 69 -4.64 56.23 0.45
C TYR C 69 -4.58 54.79 0.93
N GLU C 70 -4.37 54.54 2.23
CA GLU C 70 -4.37 53.17 2.80
C GLU C 70 -5.77 52.55 2.60
N HIS C 71 -6.83 53.31 2.85
CA HIS C 71 -8.23 52.83 2.69
C HIS C 71 -8.54 52.62 1.22
N LEU C 72 -8.18 53.57 0.34
CA LEU C 72 -8.45 53.49 -1.12
C LEU C 72 -7.69 52.29 -1.70
N GLU C 73 -6.46 52.06 -1.24
CA GLU C 73 -5.61 50.92 -1.69
C GLU C 73 -6.29 49.60 -1.31
N GLN C 74 -6.82 49.47 -0.08
CA GLN C 74 -7.53 48.24 0.36
C GLN C 74 -8.77 48.04 -0.51
N CYS C 75 -9.51 49.12 -0.77
CA CYS C 75 -10.73 49.11 -1.65
C CYS C 75 -10.32 48.72 -3.07
N ARG C 76 -9.17 49.19 -3.55
CA ARG C 76 -8.68 48.92 -4.94
C ARG C 76 -8.40 47.42 -5.10
N LYS C 77 -7.67 46.83 -4.15
CA LYS C 77 -7.27 45.40 -4.15
C LYS C 77 -8.51 44.49 -4.14
N GLN C 78 -9.69 44.99 -3.76
CA GLN C 78 -10.97 44.22 -3.72
C GLN C 78 -11.91 44.68 -4.84
N GLY C 79 -11.43 45.51 -5.77
CA GLY C 79 -12.18 45.90 -6.99
C GLY C 79 -13.37 46.79 -6.72
N ALA C 80 -13.34 47.56 -5.62
CA ALA C 80 -14.46 48.45 -5.22
C ALA C 80 -14.57 49.63 -6.18
N LEU C 81 -15.80 50.04 -6.48
CA LEU C 81 -16.15 51.25 -7.27
C LEU C 81 -15.61 52.49 -6.54
N MET C 82 -14.59 53.15 -7.10
CA MET C 82 -14.06 54.45 -6.61
C MET C 82 -14.11 55.46 -7.76
N TYR C 83 -14.40 56.72 -7.43
CA TYR C 83 -14.29 57.88 -8.34
C TYR C 83 -13.65 59.03 -7.57
N PHE C 84 -12.42 58.84 -7.10
CA PHE C 84 -11.58 59.88 -6.46
C PHE C 84 -10.69 60.55 -7.51
N LEU C 85 -10.64 61.89 -7.46
CA LEU C 85 -9.72 62.73 -8.27
C LEU C 85 -8.82 63.50 -7.30
N GLU C 86 -7.58 63.76 -7.70
CA GLU C 86 -6.71 64.73 -7.02
C GLU C 86 -6.57 65.95 -7.92
N ARG C 87 -6.54 67.15 -7.33
CA ARG C 87 -6.33 68.42 -8.06
C ARG C 87 -4.83 68.67 -8.17
N GLN C 88 -4.33 69.00 -9.37
CA GLN C 88 -2.87 69.12 -9.63
C GLN C 88 -2.37 70.42 -9.00
N GLY C 89 -3.20 71.45 -8.99
CA GLY C 89 -2.80 72.79 -8.52
C GLY C 89 -1.61 73.28 -9.31
N THR C 90 -0.77 74.11 -8.69
CA THR C 90 0.26 74.93 -9.38
C THR C 90 1.63 74.25 -9.34
N TYR C 91 1.83 73.27 -8.45
CA TYR C 91 3.13 72.58 -8.23
C TYR C 91 2.88 71.15 -7.74
N SER C 92 3.06 70.16 -8.62
CA SER C 92 2.80 68.73 -8.35
C SER C 92 3.43 67.85 -9.44
N GLY C 93 3.29 66.53 -9.30
CA GLY C 93 3.81 65.54 -10.27
C GLY C 93 3.16 65.70 -11.63
N LEU C 94 3.78 65.12 -12.66
CA LEU C 94 3.32 65.24 -14.06
C LEU C 94 2.45 64.04 -14.40
N MET C 95 1.33 64.30 -15.09
CA MET C 95 0.42 63.27 -15.65
C MET C 95 0.27 63.57 -17.14
N LEU C 96 0.39 62.53 -17.98
CA LEU C 96 0.13 62.60 -19.44
C LEU C 96 -1.08 61.71 -19.75
N ASP C 97 -2.14 62.29 -20.31
CA ASP C 97 -3.39 61.57 -20.68
C ASP C 97 -3.40 61.36 -22.20
N TYR C 98 -3.16 60.13 -22.65
CA TYR C 98 -3.23 59.71 -24.09
C TYR C 98 -4.60 59.07 -24.39
N ASP C 99 -5.34 59.68 -25.33
CA ASP C 99 -6.61 59.15 -25.92
C ASP C 99 -6.30 58.65 -27.33
N LEU C 100 -6.19 57.34 -27.50
CA LEU C 100 -5.75 56.69 -28.76
C LEU C 100 -6.96 56.27 -29.60
N LYS C 101 -6.92 56.56 -30.90
CA LYS C 101 -7.73 55.86 -31.94
C LYS C 101 -6.85 54.76 -32.56
N LEU C 102 -7.28 53.50 -32.50
CA LEU C 102 -6.50 52.33 -32.97
C LEU C 102 -7.02 51.78 -34.32
N ASN C 103 -6.10 51.12 -35.05
CA ASN C 103 -6.30 50.34 -36.31
C ASN C 103 -7.39 49.27 -36.14
N THR C 104 -7.48 48.72 -34.93
CA THR C 104 -8.30 47.53 -34.58
C THR C 104 -8.81 47.68 -33.15
N ASN C 105 -9.58 46.68 -32.69
CA ASN C 105 -10.20 46.60 -31.34
C ASN C 105 -9.36 45.68 -30.47
N ALA C 106 -8.11 45.40 -30.88
CA ALA C 106 -7.11 44.61 -30.13
C ALA C 106 -6.27 45.57 -29.29
N VAL C 107 -6.13 45.29 -27.99
CA VAL C 107 -5.19 45.99 -27.08
C VAL C 107 -3.81 45.99 -27.76
N PRO C 108 -3.18 47.18 -27.95
CA PRO C 108 -1.86 47.24 -28.56
C PRO C 108 -0.84 46.60 -27.63
N PRO C 109 0.26 46.00 -28.14
CA PRO C 109 1.18 45.24 -27.30
C PRO C 109 1.81 46.06 -26.15
N LEU C 110 2.26 47.28 -26.43
CA LEU C 110 2.88 48.20 -25.44
C LEU C 110 3.80 47.40 -24.50
N GLU C 111 4.84 46.77 -25.06
CA GLU C 111 5.83 45.98 -24.30
C GLU C 111 6.88 46.92 -23.71
N PRO C 112 7.69 46.47 -22.73
CA PRO C 112 8.66 47.36 -22.06
C PRO C 112 9.56 48.22 -22.96
N PRO C 113 10.13 47.71 -24.08
CA PRO C 113 10.98 48.54 -24.93
C PRO C 113 10.31 49.81 -25.49
N ALA C 114 9.06 49.71 -25.95
CA ALA C 114 8.29 50.86 -26.46
C ALA C 114 8.06 51.85 -25.32
N LEU C 115 7.59 51.36 -24.15
CA LEU C 115 7.27 52.22 -22.98
C LEU C 115 8.57 52.84 -22.45
N SER C 116 9.67 52.09 -22.46
CA SER C 116 11.02 52.54 -22.02
C SER C 116 11.44 53.75 -22.86
N ARG C 117 11.26 53.65 -24.19
CA ARG C 117 11.65 54.71 -25.14
C ARG C 117 10.78 55.95 -24.93
N LEU C 118 9.48 55.73 -24.67
CA LEU C 118 8.52 56.82 -24.32
C LEU C 118 9.08 57.60 -23.13
N CYS C 119 9.49 56.92 -22.05
CA CYS C 119 10.05 57.54 -20.83
C CYS C 119 11.26 58.42 -21.19
N HIS C 120 12.18 57.89 -21.99
CA HIS C 120 13.40 58.62 -22.42
C HIS C 120 12.99 59.92 -23.12
N ARG C 121 12.07 59.83 -24.10
CA ARG C 121 11.61 61.01 -24.88
C ARG C 121 10.93 62.01 -23.95
N ILE C 122 10.04 61.54 -23.07
CA ILE C 122 9.34 62.40 -22.07
C ILE C 122 10.39 63.16 -21.24
N PHE C 123 11.46 62.47 -20.88
CA PHE C 123 12.55 63.01 -20.01
C PHE C 123 13.32 64.08 -20.77
N VAL C 124 13.63 63.84 -22.04
CA VAL C 124 14.35 64.83 -22.89
C VAL C 124 13.61 66.17 -22.84
N HIS C 125 12.28 66.17 -22.85
CA HIS C 125 11.46 67.42 -22.81
C HIS C 125 11.50 68.04 -21.42
N ILE C 126 11.44 67.22 -20.37
CA ILE C 126 11.58 67.66 -18.94
C ILE C 126 12.94 68.36 -18.79
N LYS C 127 14.02 67.69 -19.21
CA LYS C 127 15.41 68.22 -19.15
C LYS C 127 15.50 69.55 -19.91
N ASN C 128 14.87 69.63 -21.07
CA ASN C 128 14.94 70.80 -21.99
C ASN C 128 14.19 72.00 -21.38
N SER C 129 13.30 71.77 -20.41
CA SER C 129 12.56 72.81 -19.66
C SER C 129 13.50 73.58 -18.71
N SER C 130 14.65 72.99 -18.37
CA SER C 130 15.79 73.58 -17.61
C SER C 130 15.50 73.63 -16.11
N VAL C 131 14.46 72.97 -15.59
CA VAL C 131 13.95 73.16 -14.20
C VAL C 131 14.45 72.06 -13.27
N LEU C 132 15.12 71.03 -13.80
CA LEU C 132 15.60 69.89 -12.96
C LEU C 132 16.67 70.41 -12.02
N PRO C 133 16.69 69.92 -10.75
CA PRO C 133 17.76 70.28 -9.83
C PRO C 133 19.06 69.57 -10.22
N GLU C 134 20.21 70.16 -9.87
CA GLU C 134 21.55 69.55 -10.07
C GLU C 134 21.67 68.33 -9.14
N GLY C 135 22.56 67.40 -9.46
CA GLY C 135 22.86 66.22 -8.63
C GLY C 135 22.26 64.96 -9.23
N SER C 136 22.26 63.87 -8.47
CA SER C 136 21.73 62.54 -8.86
C SER C 136 20.33 62.36 -8.26
N HIS C 137 19.34 62.00 -9.09
CA HIS C 137 17.92 61.85 -8.68
C HIS C 137 17.27 60.68 -9.42
N LYS C 138 16.51 59.85 -8.70
CA LYS C 138 15.56 58.85 -9.26
C LYS C 138 14.22 59.53 -9.52
N ILE C 139 13.64 59.31 -10.70
CA ILE C 139 12.21 59.63 -10.97
C ILE C 139 11.53 58.39 -11.55
N HIS C 140 10.33 58.11 -11.07
CA HIS C 140 9.53 56.91 -11.45
C HIS C 140 8.44 57.30 -12.46
N PHE C 141 8.33 56.53 -13.54
CA PHE C 141 7.25 56.57 -14.55
C PHE C 141 6.35 55.35 -14.35
N PHE C 142 5.02 55.56 -14.36
CA PHE C 142 4.01 54.50 -14.25
C PHE C 142 3.07 54.64 -15.46
N PHE C 143 2.82 53.53 -16.14
CA PHE C 143 1.87 53.42 -17.28
C PHE C 143 0.66 52.61 -16.81
N THR C 144 -0.49 53.28 -16.71
CA THR C 144 -1.79 52.65 -16.43
C THR C 144 -2.58 52.66 -17.74
N LEU C 145 -3.20 51.54 -18.08
CA LEU C 145 -3.84 51.31 -19.40
C LEU C 145 -5.35 51.07 -19.23
N LYS C 146 -6.15 51.66 -20.11
CA LYS C 146 -7.57 51.30 -20.34
C LYS C 146 -7.66 49.77 -20.44
N PRO C 147 -8.55 49.10 -19.69
CA PRO C 147 -8.55 47.64 -19.63
C PRO C 147 -8.90 46.98 -20.98
N GLU C 148 -9.74 47.61 -21.81
CA GLU C 148 -10.12 47.09 -23.15
C GLU C 148 -10.28 48.23 -24.16
N VAL C 149 -10.15 47.92 -25.45
CA VAL C 149 -10.49 48.85 -26.57
C VAL C 149 -12.01 48.79 -26.75
N VAL C 150 -12.64 49.96 -26.91
CA VAL C 150 -14.09 50.09 -27.22
C VAL C 150 -14.19 50.89 -28.51
N GLN C 151 -14.64 50.25 -29.60
CA GLN C 151 -14.82 50.85 -30.94
C GLN C 151 -13.51 51.53 -31.37
N GLY C 152 -12.37 50.85 -31.17
CA GLY C 152 -11.04 51.34 -31.59
C GLY C 152 -10.50 52.44 -30.69
N LYS C 153 -11.26 52.89 -29.68
CA LYS C 153 -10.83 53.92 -28.71
C LYS C 153 -10.02 53.24 -27.61
N TYR C 154 -8.80 53.73 -27.35
CA TYR C 154 -7.91 53.17 -26.30
C TYR C 154 -7.23 54.33 -25.56
N GLY C 155 -6.63 54.02 -24.41
CA GLY C 155 -6.05 55.05 -23.53
C GLY C 155 -4.94 54.50 -22.64
N PHE C 156 -3.99 55.38 -22.32
CA PHE C 156 -3.08 55.18 -21.17
C PHE C 156 -2.80 56.53 -20.52
N HIS C 157 -2.54 56.45 -19.22
CA HIS C 157 -1.93 57.54 -18.40
C HIS C 157 -0.45 57.22 -18.21
N VAL C 158 0.41 58.22 -18.38
CA VAL C 158 1.82 58.23 -17.87
C VAL C 158 1.84 59.13 -16.64
N LEU C 159 2.12 58.53 -15.48
CA LEU C 159 2.24 59.25 -14.19
C LEU C 159 3.72 59.36 -13.86
N ILE C 160 4.20 60.60 -13.64
CA ILE C 160 5.53 60.89 -13.03
C ILE C 160 5.26 61.66 -11.74
N PRO C 161 4.73 60.97 -10.71
CA PRO C 161 4.18 61.64 -9.52
C PRO C 161 5.22 62.35 -8.65
N GLY C 162 6.45 61.85 -8.59
CA GLY C 162 7.55 62.36 -7.74
C GLY C 162 8.19 63.64 -8.27
N LEU C 163 8.12 63.89 -9.58
CA LEU C 163 8.79 65.04 -10.24
C LEU C 163 7.88 66.27 -10.13
N LYS C 164 8.13 67.08 -9.10
CA LYS C 164 7.25 68.22 -8.73
C LYS C 164 7.56 69.39 -9.66
N LEU C 165 6.60 69.73 -10.54
CA LEU C 165 6.73 70.71 -11.65
C LEU C 165 5.70 71.83 -11.48
N ALA C 166 6.05 73.04 -11.91
CA ALA C 166 5.11 74.18 -12.02
C ALA C 166 4.10 73.82 -13.12
N ALA C 167 2.85 74.24 -12.97
CA ALA C 167 1.77 74.01 -13.96
C ALA C 167 2.24 74.51 -15.34
N SER C 168 2.82 75.71 -15.40
CA SER C 168 3.31 76.36 -16.64
C SER C 168 4.38 75.47 -17.31
N THR C 169 5.27 74.83 -16.53
CA THR C 169 6.31 73.92 -17.07
C THR C 169 5.68 72.65 -17.64
N LYS C 170 4.68 72.09 -16.94
CA LYS C 170 3.93 70.90 -17.42
C LYS C 170 3.31 71.19 -18.80
N LYS C 171 2.66 72.34 -18.93
CA LYS C 171 1.99 72.79 -20.19
C LYS C 171 3.04 72.87 -21.31
N SER C 172 4.18 73.47 -21.01
CA SER C 172 5.33 73.58 -21.95
C SER C 172 5.80 72.18 -22.37
N ILE C 173 6.05 71.28 -21.41
CA ILE C 173 6.52 69.88 -21.66
C ILE C 173 5.48 69.15 -22.53
N ILE C 174 4.19 69.30 -22.20
CA ILE C 174 3.08 68.66 -22.97
C ILE C 174 3.07 69.20 -24.41
N GLY C 175 3.20 70.52 -24.61
CA GLY C 175 3.28 71.15 -25.95
C GLY C 175 4.37 70.50 -26.80
N SER C 176 5.58 70.38 -26.25
CA SER C 176 6.76 69.76 -26.91
C SER C 176 6.48 68.29 -27.23
N LEU C 177 5.85 67.55 -26.30
CA LEU C 177 5.61 66.08 -26.44
C LEU C 177 4.65 65.80 -27.60
N GLN C 178 3.67 66.68 -27.83
CA GLN C 178 2.67 66.53 -28.92
C GLN C 178 3.39 66.46 -30.27
N HIS C 179 4.48 67.21 -30.45
CA HIS C 179 5.22 67.38 -31.73
C HIS C 179 6.44 66.44 -31.83
N ASP C 180 6.63 65.51 -30.89
CA ASP C 180 7.82 64.62 -30.85
C ASP C 180 7.67 63.50 -31.90
N ALA C 181 8.53 63.52 -32.92
CA ALA C 181 8.53 62.58 -34.07
C ALA C 181 8.77 61.14 -33.61
N THR C 182 9.68 60.93 -32.65
CA THR C 182 10.01 59.57 -32.12
C THR C 182 8.78 59.01 -31.39
N VAL C 183 8.09 59.81 -30.59
CA VAL C 183 6.86 59.40 -29.83
C VAL C 183 5.78 59.03 -30.87
N GLN C 184 5.63 59.83 -31.91
CA GLN C 184 4.61 59.64 -32.98
C GLN C 184 4.88 58.31 -33.69
N LYS C 185 6.16 58.03 -33.97
CA LYS C 185 6.60 56.75 -34.57
C LYS C 185 6.18 55.59 -33.67
N ILE C 186 6.61 55.60 -32.40
CA ILE C 186 6.30 54.53 -31.41
C ILE C 186 4.80 54.25 -31.44
N LEU C 187 3.99 55.30 -31.35
CA LEU C 187 2.51 55.19 -31.26
C LEU C 187 1.96 54.62 -32.57
N HIS C 188 2.49 55.08 -33.71
CA HIS C 188 2.13 54.59 -35.06
C HIS C 188 2.38 53.07 -35.15
N GLU C 189 3.54 52.59 -34.70
CA GLU C 189 3.92 51.16 -34.76
C GLU C 189 3.07 50.33 -33.80
N GLN C 190 2.38 50.97 -32.86
CA GLN C 190 1.43 50.31 -31.92
C GLN C 190 0.04 50.21 -32.57
N GLY C 191 -0.19 50.90 -33.70
CA GLY C 191 -1.46 50.90 -34.45
C GLY C 191 -2.30 52.16 -34.17
N VAL C 192 -1.69 53.22 -33.65
CA VAL C 192 -2.40 54.50 -33.33
C VAL C 192 -2.53 55.31 -34.62
N THR C 193 -3.76 55.71 -34.96
CA THR C 193 -4.10 56.48 -36.19
C THR C 193 -4.16 57.99 -35.89
N ASN C 194 -4.08 58.41 -34.62
CA ASN C 194 -4.07 59.85 -34.21
C ASN C 194 -2.82 60.17 -33.39
N PRO C 195 -1.61 59.81 -33.87
CA PRO C 195 -0.39 60.02 -33.08
C PRO C 195 -0.04 61.50 -32.88
N GLU C 196 -0.61 62.39 -33.70
CA GLU C 196 -0.33 63.86 -33.66
C GLU C 196 -1.22 64.55 -32.63
N SER C 197 -2.35 63.95 -32.25
CA SER C 197 -3.46 64.63 -31.51
C SER C 197 -4.05 63.74 -30.42
N CYS C 198 -3.30 62.75 -29.91
CA CYS C 198 -3.78 61.79 -28.89
C CYS C 198 -3.44 62.27 -27.48
N LEU C 199 -2.42 63.11 -27.31
CA LEU C 199 -2.03 63.66 -25.98
C LEU C 199 -2.92 64.84 -25.62
N ASP C 200 -3.73 64.73 -24.56
CA ASP C 200 -4.60 65.82 -24.06
C ASP C 200 -3.76 67.01 -23.64
N PRO C 201 -3.85 68.17 -24.35
CA PRO C 201 -3.05 69.35 -24.02
C PRO C 201 -3.39 70.00 -22.66
N HIS C 202 -4.50 69.56 -22.03
CA HIS C 202 -4.97 70.02 -20.70
C HIS C 202 -4.53 69.04 -19.61
N SER C 203 -3.73 68.03 -19.96
CA SER C 203 -3.12 67.03 -19.03
C SER C 203 -2.53 67.72 -17.80
N ALA C 204 -2.03 68.95 -17.95
CA ALA C 204 -1.35 69.75 -16.89
C ALA C 204 -2.35 70.26 -15.84
N SER C 205 -3.61 70.50 -16.24
CA SER C 205 -4.60 71.26 -15.42
C SER C 205 -5.76 70.38 -14.94
N VAL C 206 -6.14 69.33 -15.68
CA VAL C 206 -7.33 68.50 -15.35
C VAL C 206 -7.08 67.83 -14.00
N PRO C 207 -8.13 67.66 -13.17
CA PRO C 207 -8.04 66.78 -12.00
C PRO C 207 -7.73 65.36 -12.49
N SER C 208 -6.91 64.62 -11.74
CA SER C 208 -6.30 63.35 -12.16
C SER C 208 -6.87 62.23 -11.29
N LEU C 209 -7.39 61.17 -11.92
CA LEU C 209 -7.99 60.02 -11.20
C LEU C 209 -6.93 59.38 -10.30
N LEU C 210 -7.28 59.09 -9.06
CA LEU C 210 -6.43 58.25 -8.18
C LEU C 210 -6.43 56.83 -8.77
N TYR C 211 -5.33 56.11 -8.60
CA TYR C 211 -5.23 54.71 -9.08
C TYR C 211 -6.38 53.91 -8.46
N GLY C 212 -7.11 53.17 -9.30
CA GLY C 212 -8.27 52.37 -8.88
C GLY C 212 -9.58 53.09 -9.10
N SER C 213 -9.54 54.38 -9.45
CA SER C 213 -10.74 55.23 -9.69
C SER C 213 -10.99 55.39 -11.19
N SER C 214 -12.21 55.77 -11.56
CA SER C 214 -12.64 56.00 -12.96
C SER C 214 -13.94 56.82 -12.98
N LYS C 215 -14.23 57.48 -14.11
CA LYS C 215 -15.59 58.00 -14.43
C LYS C 215 -16.57 56.86 -14.23
N LEU C 216 -17.82 57.17 -13.93
CA LEU C 216 -18.81 56.15 -13.50
C LEU C 216 -19.19 55.27 -14.70
N ASN C 217 -18.95 55.75 -15.92
CA ASN C 217 -19.28 55.04 -17.19
C ASN C 217 -18.10 54.20 -17.69
N HIS C 218 -16.92 54.31 -17.08
CA HIS C 218 -15.65 53.64 -17.52
C HIS C 218 -15.18 52.68 -16.43
N LYS C 219 -14.20 51.83 -16.74
CA LYS C 219 -13.54 50.95 -15.74
C LYS C 219 -12.16 51.54 -15.44
N PRO C 220 -11.60 51.30 -14.23
CA PRO C 220 -10.32 51.90 -13.87
C PRO C 220 -9.15 51.36 -14.71
N TYR C 221 -8.24 52.26 -15.08
CA TYR C 221 -6.96 51.93 -15.74
C TYR C 221 -6.17 51.02 -14.80
N GLN C 222 -5.42 50.06 -15.38
CA GLN C 222 -4.63 49.03 -14.66
C GLN C 222 -3.14 49.33 -14.87
N LEU C 223 -2.35 49.26 -13.80
CA LEU C 223 -0.89 49.48 -13.84
C LEU C 223 -0.27 48.29 -14.59
N LYS C 224 0.36 48.55 -15.74
CA LYS C 224 1.02 47.49 -16.54
C LYS C 224 2.50 47.41 -16.17
N THR C 225 3.19 48.55 -16.21
CA THR C 225 4.67 48.63 -16.07
C THR C 225 5.04 49.98 -15.45
N GLY C 226 6.00 49.97 -14.53
CA GLY C 226 6.66 51.17 -14.00
C GLY C 226 8.17 51.14 -14.24
N PHE C 227 8.78 52.31 -14.41
CA PHE C 227 10.22 52.46 -14.70
C PHE C 227 10.86 53.44 -13.73
N GLU C 228 12.11 53.12 -13.36
CA GLU C 228 13.01 54.01 -12.57
C GLU C 228 14.01 54.65 -13.53
N LEU C 229 13.96 55.96 -13.68
CA LEU C 229 14.95 56.76 -14.45
C LEU C 229 15.85 57.48 -13.44
N VAL C 230 17.16 57.29 -13.52
CA VAL C 230 18.17 58.06 -12.73
C VAL C 230 18.80 59.07 -13.69
N PHE C 231 18.81 60.35 -13.31
CA PHE C 231 19.58 61.40 -14.03
C PHE C 231 20.66 61.94 -13.08
N ASP C 232 21.79 62.32 -13.65
CA ASP C 232 22.96 62.90 -12.93
C ASP C 232 23.48 64.07 -13.75
N SER C 233 23.42 65.29 -13.21
CA SER C 233 23.82 66.55 -13.88
C SER C 233 25.30 66.49 -14.30
N SER C 234 26.12 65.79 -13.53
CA SER C 234 27.58 65.63 -13.76
C SER C 234 27.84 64.70 -14.95
N ASP C 235 26.91 63.77 -15.22
CA ASP C 235 27.03 62.70 -16.25
C ASP C 235 25.74 62.67 -17.08
N PRO C 236 25.45 63.75 -17.85
CA PRO C 236 24.13 63.93 -18.45
C PRO C 236 23.77 62.93 -19.55
N ASP C 237 24.76 62.24 -20.11
CA ASP C 237 24.55 61.28 -21.23
C ASP C 237 24.20 59.91 -20.67
N TYR C 238 24.32 59.68 -19.38
CA TYR C 238 23.95 58.39 -18.73
C TYR C 238 22.57 58.53 -18.11
N ILE C 239 21.56 57.93 -18.75
CA ILE C 239 20.12 58.04 -18.35
C ILE C 239 19.55 56.63 -18.26
N PRO C 240 19.96 55.84 -17.24
CA PRO C 240 19.50 54.47 -17.08
C PRO C 240 18.00 54.44 -16.75
N ILE C 241 17.25 53.63 -17.52
CA ILE C 241 15.81 53.34 -17.33
C ILE C 241 15.68 51.82 -17.16
N HIS C 242 15.13 51.39 -16.02
CA HIS C 242 14.88 49.98 -15.65
C HIS C 242 13.45 49.83 -15.13
N GLN C 243 12.79 48.74 -15.51
CA GLN C 243 11.50 48.30 -14.93
C GLN C 243 11.66 48.24 -13.40
N ILE C 244 10.66 48.71 -12.66
CA ILE C 244 10.48 48.48 -11.20
C ILE C 244 9.90 47.09 -11.01
N LYS C 245 10.48 46.27 -10.13
CA LYS C 245 10.19 44.79 -10.12
C LYS C 245 9.16 44.45 -9.04
N ASN C 246 9.20 45.11 -7.88
CA ASN C 246 8.38 44.75 -6.70
C ASN C 246 7.30 45.82 -6.48
N LEU C 247 6.54 46.16 -7.53
CA LEU C 247 5.47 47.20 -7.52
C LEU C 247 4.39 46.84 -6.48
N GLU C 248 3.98 45.56 -6.45
CA GLU C 248 2.93 45.00 -5.54
C GLU C 248 3.27 45.26 -4.08
N SER C 249 4.56 45.42 -3.74
CA SER C 249 5.07 45.64 -2.36
C SER C 249 4.63 46.99 -1.79
N TYR C 250 4.22 47.93 -2.64
CA TYR C 250 3.96 49.34 -2.25
C TYR C 250 2.46 49.59 -2.26
N ASN C 251 2.04 50.67 -1.59
CA ASN C 251 0.67 51.22 -1.70
C ASN C 251 0.62 52.04 -2.99
N LEU C 252 0.02 51.49 -4.04
CA LEU C 252 0.05 52.07 -5.41
C LEU C 252 -0.81 53.33 -5.49
N VAL C 253 -1.95 53.44 -4.80
CA VAL C 253 -2.73 54.70 -4.77
C VAL C 253 -1.78 55.81 -4.27
N SER C 254 -1.09 55.52 -3.17
CA SER C 254 -0.08 56.40 -2.52
C SER C 254 1.03 56.80 -3.51
N GLU C 255 1.77 55.82 -4.03
CA GLU C 255 2.99 56.05 -4.86
C GLU C 255 2.64 56.82 -6.14
N LEU C 256 1.50 56.50 -6.76
CA LEU C 256 1.09 57.06 -8.09
C LEU C 256 0.49 58.47 -7.95
N SER C 257 0.15 58.91 -6.73
CA SER C 257 -0.50 60.22 -6.47
C SER C 257 0.47 61.36 -6.83
N LEU C 258 0.03 62.28 -7.69
CA LEU C 258 0.80 63.45 -8.17
C LEU C 258 1.08 64.43 -7.02
N THR C 259 0.21 64.47 -6.01
CA THR C 259 0.25 65.50 -4.92
C THR C 259 0.89 64.92 -3.65
N ASN C 260 1.07 63.59 -3.55
CA ASN C 260 1.73 62.91 -2.40
C ASN C 260 3.21 63.32 -2.35
N GLU C 261 3.75 63.48 -1.14
CA GLU C 261 5.19 63.79 -0.90
C GLU C 261 5.77 62.80 0.12
N GLN C 262 4.98 61.81 0.55
CA GLN C 262 5.33 60.88 1.65
C GLN C 262 5.18 59.43 1.16
N GLY C 263 5.36 59.20 -0.14
CA GLY C 263 5.53 57.85 -0.70
C GLY C 263 6.82 57.20 -0.23
N SER C 264 6.91 55.86 -0.30
CA SER C 264 8.10 55.06 0.09
C SER C 264 8.98 54.84 -1.16
N LEU C 265 8.40 54.31 -2.23
CA LEU C 265 9.10 54.14 -3.55
C LEU C 265 9.37 55.53 -4.13
N VAL C 266 8.33 56.34 -4.25
CA VAL C 266 8.37 57.67 -4.93
C VAL C 266 8.74 58.74 -3.90
N ARG C 267 9.97 59.23 -3.97
CA ARG C 267 10.50 60.34 -3.14
C ARG C 267 10.51 61.58 -4.03
N PRO C 268 9.98 62.73 -3.56
CA PRO C 268 9.87 63.91 -4.40
C PRO C 268 11.24 64.44 -4.88
N VAL C 269 11.32 64.87 -6.13
CA VAL C 269 12.41 65.74 -6.62
C VAL C 269 11.76 67.06 -7.07
N TYR C 270 12.21 68.15 -6.43
CA TYR C 270 11.62 69.51 -6.52
C TYR C 270 12.32 70.24 -7.66
N CYS C 271 11.56 70.54 -8.71
CA CYS C 271 11.99 71.36 -9.86
C CYS C 271 11.81 72.84 -9.52
N ALA C 272 12.60 73.71 -10.16
CA ALA C 272 12.48 75.18 -10.08
C ALA C 272 11.07 75.59 -10.52
N ALA C 273 10.44 76.52 -9.79
CA ALA C 273 9.09 77.07 -10.10
C ALA C 273 9.23 78.20 -11.13
N MET C 294 -23.21 67.58 -11.88
CA MET C 294 -22.98 66.30 -11.22
C MET C 294 -23.13 65.14 -12.20
N LEU C 295 -22.63 63.97 -11.79
CA LEU C 295 -22.65 62.79 -12.64
C LEU C 295 -24.06 62.20 -12.70
N HIS C 296 -24.21 61.16 -13.52
CA HIS C 296 -25.51 60.52 -13.68
C HIS C 296 -25.89 59.72 -12.44
N ASP C 297 -24.92 59.01 -11.84
CA ASP C 297 -25.01 58.03 -10.76
C ASP C 297 -26.28 57.20 -10.79
N PRO C 298 -26.54 56.44 -11.87
CA PRO C 298 -27.82 55.74 -11.97
C PRO C 298 -27.91 54.48 -11.13
N GLU C 299 -26.78 53.98 -10.62
CA GLU C 299 -26.70 52.79 -9.76
C GLU C 299 -27.27 51.54 -10.45
N ALA C 300 -27.17 51.50 -11.78
CA ALA C 300 -27.56 50.35 -12.62
C ALA C 300 -29.01 49.95 -12.41
N ARG C 301 -29.89 50.95 -12.25
CA ARG C 301 -31.32 50.68 -12.12
C ARG C 301 -32.19 51.54 -13.02
N TYR C 302 -31.70 52.69 -13.49
CA TYR C 302 -32.43 53.54 -14.42
C TYR C 302 -31.64 53.81 -15.69
N LEU C 303 -30.61 53.00 -15.98
CA LEU C 303 -29.91 53.11 -17.25
C LEU C 303 -30.81 52.76 -18.42
N HIS C 304 -31.82 51.91 -18.20
CA HIS C 304 -32.70 51.44 -19.27
C HIS C 304 -33.40 52.59 -19.97
N LYS C 305 -33.83 53.59 -19.20
CA LYS C 305 -34.42 54.79 -19.78
C LYS C 305 -33.40 55.52 -20.66
N ILE C 306 -32.13 55.52 -20.26
CA ILE C 306 -31.11 56.19 -21.05
C ILE C 306 -30.85 55.44 -22.35
N LEU C 307 -30.77 54.10 -22.30
CA LEU C 307 -30.56 53.37 -23.55
C LEU C 307 -31.80 53.38 -24.43
N ASN C 308 -32.98 53.60 -23.87
CA ASN C 308 -34.19 53.61 -24.69
C ASN C 308 -34.65 55.02 -25.08
N LEU C 309 -34.00 56.07 -24.57
CA LEU C 309 -34.36 57.43 -24.92
C LEU C 309 -33.53 58.00 -26.06
N LEU C 310 -32.42 57.37 -26.39
CA LEU C 310 -31.59 57.81 -27.51
C LEU C 310 -32.06 57.34 -28.90
N PRO C 311 -32.36 56.05 -29.14
CA PRO C 311 -32.68 55.64 -30.52
C PRO C 311 -34.13 55.86 -30.94
N PRO C 312 -34.96 56.66 -30.26
CA PRO C 312 -36.06 57.29 -31.00
C PRO C 312 -35.55 58.20 -32.11
N GLU C 313 -36.30 58.21 -33.21
CA GLU C 313 -36.18 59.22 -34.26
C GLU C 313 -37.05 60.44 -33.96
N TYR C 314 -37.34 60.68 -32.68
CA TYR C 314 -38.21 61.75 -32.21
C TYR C 314 -37.39 62.97 -31.81
N TYR C 315 -36.33 63.24 -32.59
CA TYR C 315 -35.40 64.32 -32.28
C TYR C 315 -36.09 65.69 -32.32
N VAL C 316 -37.17 65.81 -33.08
CA VAL C 316 -37.99 67.02 -33.10
C VAL C 316 -39.30 66.72 -32.38
N GLU C 317 -39.66 67.60 -31.43
CA GLU C 317 -40.88 67.46 -30.62
C GLU C 317 -41.59 68.80 -30.59
N TYR C 318 -42.51 69.01 -31.52
CA TYR C 318 -43.31 70.24 -31.47
C TYR C 318 -44.45 70.09 -30.46
N PRO C 319 -45.26 68.99 -30.43
CA PRO C 319 -46.17 68.82 -29.28
C PRO C 319 -45.67 67.85 -28.22
N LEU C 320 -44.59 67.13 -28.51
CA LEU C 320 -44.16 66.00 -27.69
C LEU C 320 -43.10 66.36 -26.66
N TRP C 321 -42.80 67.65 -26.49
CA TRP C 321 -41.88 68.06 -25.44
C TRP C 321 -42.46 67.79 -24.07
N SER C 322 -43.78 67.94 -23.92
CA SER C 322 -44.42 67.84 -22.62
C SER C 322 -44.75 66.40 -22.25
N ASN C 323 -45.16 65.60 -23.23
CA ASN C 323 -45.65 64.24 -22.95
C ASN C 323 -44.55 63.37 -22.31
N VAL C 324 -43.32 63.50 -22.82
CA VAL C 324 -42.21 62.73 -22.28
C VAL C 324 -41.92 63.16 -20.84
N VAL C 325 -42.05 64.45 -20.54
CA VAL C 325 -41.67 64.86 -19.19
C VAL C 325 -42.76 64.54 -18.17
N PHE C 326 -44.07 64.55 -18.54
CA PHE C 326 -44.99 63.96 -17.57
C PHE C 326 -44.88 62.45 -17.53
N ALA C 327 -44.39 61.81 -18.59
CA ALA C 327 -44.21 60.37 -18.57
C ALA C 327 -43.11 59.95 -17.59
N LEU C 328 -42.00 60.68 -17.58
CA LEU C 328 -40.91 60.38 -16.65
C LEU C 328 -40.87 61.34 -15.46
N ALA C 329 -41.96 62.05 -15.19
CA ALA C 329 -42.07 62.82 -13.95
C ALA C 329 -42.09 61.94 -12.70
N ASN C 330 -42.38 60.65 -12.85
CA ASN C 330 -42.29 59.73 -11.72
C ASN C 330 -40.85 59.54 -11.24
N THR C 331 -39.86 59.83 -12.08
CA THR C 331 -38.48 59.83 -11.66
C THR C 331 -38.22 61.00 -10.71
N SER C 332 -37.52 60.71 -9.60
CA SER C 332 -37.23 61.75 -8.62
C SER C 332 -36.22 62.77 -9.14
N ALA C 333 -35.37 62.39 -10.08
CA ALA C 333 -34.37 63.31 -10.62
C ALA C 333 -34.54 63.48 -12.13
N ASN C 334 -35.78 63.75 -12.55
CA ASN C 334 -36.14 63.77 -13.97
C ASN C 334 -35.46 64.89 -14.75
N TYR C 335 -34.92 65.91 -14.08
CA TYR C 335 -34.28 67.02 -14.77
C TYR C 335 -33.03 66.57 -15.53
N ARG C 336 -32.28 65.61 -14.97
CA ARG C 336 -31.11 65.11 -15.67
C ARG C 336 -31.45 64.36 -16.96
N PRO C 337 -32.42 63.42 -16.99
CA PRO C 337 -32.84 62.91 -18.31
C PRO C 337 -33.47 63.95 -19.21
N LEU C 338 -34.16 64.96 -18.64
CA LEU C 338 -34.73 66.02 -19.46
C LEU C 338 -33.63 66.79 -20.21
N ALA C 339 -32.58 67.17 -19.49
CA ALA C 339 -31.44 67.83 -20.13
C ALA C 339 -30.64 66.87 -21.00
N GLU C 340 -30.69 65.56 -20.72
CA GLU C 340 -29.98 64.60 -21.54
C GLU C 340 -30.65 64.42 -22.89
N TRP C 341 -31.99 64.44 -22.92
CA TRP C 341 -32.70 64.11 -24.14
C TRP C 341 -33.19 65.32 -24.93
N PHE C 342 -33.51 66.44 -24.28
CA PHE C 342 -34.07 67.57 -25.01
C PHE C 342 -33.07 68.68 -25.30
N SER C 343 -31.81 68.52 -24.90
CA SER C 343 -30.76 69.48 -25.27
C SER C 343 -30.03 69.03 -26.52
N GLN C 344 -30.73 68.32 -27.41
CA GLN C 344 -30.16 67.75 -28.62
C GLN C 344 -29.80 68.83 -29.63
N THR C 352 -31.78 67.66 -35.95
CA THR C 352 -30.78 68.53 -35.37
C THR C 352 -31.41 69.73 -34.69
N GLY C 353 -30.58 70.58 -34.10
CA GLY C 353 -31.08 71.76 -33.40
C GLY C 353 -30.98 71.65 -31.90
N GLY C 354 -32.13 71.72 -31.22
CA GLY C 354 -32.16 71.64 -29.78
C GLY C 354 -31.79 72.95 -29.11
N LYS C 355 -30.49 73.28 -29.16
CA LYS C 355 -29.94 74.55 -28.66
C LYS C 355 -30.26 74.76 -27.17
N GLU C 356 -29.82 73.79 -26.35
CA GLU C 356 -30.05 73.78 -24.90
C GLU C 356 -31.55 73.87 -24.57
N LYS C 357 -32.33 73.00 -25.21
CA LYS C 357 -33.80 72.94 -25.11
C LYS C 357 -34.45 74.26 -25.52
N LEU C 358 -33.77 75.02 -26.40
CA LEU C 358 -34.17 76.37 -26.81
C LEU C 358 -34.33 77.31 -25.61
N GLU C 359 -33.56 77.05 -24.55
CA GLU C 359 -33.51 77.88 -23.33
C GLU C 359 -34.89 78.04 -22.69
N LYS C 360 -35.54 76.91 -22.41
CA LYS C 360 -36.80 76.90 -21.68
C LYS C 360 -36.68 76.36 -20.27
N LEU C 361 -35.89 75.29 -20.08
CA LEU C 361 -35.66 74.64 -18.79
C LEU C 361 -36.99 74.18 -18.16
N TRP C 362 -37.66 73.29 -18.89
CA TRP C 362 -39.00 72.80 -18.56
C TRP C 362 -39.99 73.97 -18.38
N ASN C 363 -39.85 74.96 -19.26
CA ASN C 363 -40.59 76.22 -19.20
C ASN C 363 -40.46 76.86 -17.81
N ASP C 364 -39.22 76.93 -17.34
CA ASP C 364 -38.85 77.38 -15.99
C ASP C 364 -39.56 76.54 -14.92
N ALA C 365 -39.29 75.24 -14.95
CA ALA C 365 -39.69 74.26 -13.93
C ALA C 365 -41.20 74.23 -13.73
N SER C 366 -41.88 73.73 -14.77
CA SER C 366 -43.33 73.68 -14.78
C SER C 366 -43.88 72.77 -13.69
N HIS C 367 -45.09 73.09 -13.23
CA HIS C 367 -45.74 72.40 -12.13
C HIS C 367 -46.24 71.06 -12.64
N HIS C 368 -46.15 70.02 -11.80
CA HIS C 368 -46.66 68.69 -12.11
C HIS C 368 -48.19 68.71 -12.24
N THR C 369 -48.75 67.55 -12.58
CA THR C 369 -50.18 67.43 -12.86
C THR C 369 -50.68 66.14 -12.21
N GLU C 370 -51.87 65.71 -12.62
CA GLU C 370 -52.48 64.50 -12.10
C GLU C 370 -51.86 63.28 -12.77
N LYS C 371 -52.51 62.11 -12.62
CA LYS C 371 -51.98 60.86 -13.16
C LYS C 371 -52.10 60.91 -14.68
N LYS C 372 -51.01 61.31 -15.33
CA LYS C 372 -50.87 61.33 -16.77
C LYS C 372 -50.25 60.01 -17.23
N ILE C 373 -49.76 60.00 -18.48
CA ILE C 373 -49.13 58.81 -19.04
C ILE C 373 -47.87 58.44 -18.26
N THR C 374 -47.43 57.19 -18.44
CA THR C 374 -46.34 56.60 -17.69
C THR C 374 -45.19 56.25 -18.63
N LYS C 375 -44.24 55.47 -18.12
CA LYS C 375 -43.07 55.06 -18.91
C LYS C 375 -43.45 54.17 -20.08
N ARG C 376 -44.67 53.63 -20.10
CA ARG C 376 -45.13 52.83 -21.24
C ARG C 376 -45.26 53.68 -22.51
N SER C 377 -45.35 55.00 -22.39
CA SER C 377 -45.37 55.84 -23.59
C SER C 377 -44.02 55.83 -24.30
N ILE C 378 -42.92 56.01 -23.55
CA ILE C 378 -41.60 55.89 -24.17
C ILE C 378 -41.31 54.44 -24.54
N MET C 379 -41.91 53.50 -23.80
CA MET C 379 -41.78 52.09 -24.16
C MET C 379 -42.39 51.81 -25.53
N TYR C 380 -43.54 52.43 -25.81
CA TYR C 380 -44.24 52.27 -27.08
C TYR C 380 -43.62 53.11 -28.19
N TRP C 381 -42.98 54.23 -27.86
CA TRP C 381 -42.49 55.15 -28.90
C TRP C 381 -41.28 54.61 -29.67
N ALA C 382 -40.76 53.45 -29.28
CA ALA C 382 -39.85 52.67 -30.10
C ALA C 382 -40.67 51.64 -30.89
N HIS C 383 -40.00 50.60 -31.41
CA HIS C 383 -40.63 49.35 -31.87
C HIS C 383 -41.37 49.48 -33.20
N LYS C 384 -41.52 50.70 -33.69
CA LYS C 384 -42.00 50.92 -35.05
C LYS C 384 -41.27 52.03 -35.78
N HIS C 385 -40.51 52.86 -35.08
CA HIS C 385 -39.63 53.87 -35.68
C HIS C 385 -38.18 53.39 -35.74
N ALA C 386 -37.68 52.78 -34.69
CA ALA C 386 -36.39 52.08 -34.71
C ALA C 386 -36.54 50.77 -33.95
N PRO C 387 -37.12 49.75 -34.58
CA PRO C 387 -37.44 48.51 -33.85
C PRO C 387 -36.25 47.61 -33.60
N GLN C 388 -35.24 47.62 -34.48
CA GLN C 388 -34.13 46.67 -34.37
C GLN C 388 -33.26 46.97 -33.15
N GLN C 389 -32.85 48.23 -32.99
CA GLN C 389 -32.01 48.59 -31.84
C GLN C 389 -32.79 48.49 -30.53
N TYR C 390 -34.06 48.85 -30.57
CA TYR C 390 -34.92 48.71 -29.40
C TYR C 390 -35.05 47.26 -28.98
N LYS C 391 -35.28 46.37 -29.96
CA LYS C 391 -35.37 44.95 -29.66
C LYS C 391 -34.05 44.42 -29.13
N GLU C 392 -32.92 44.89 -29.68
CA GLU C 392 -31.61 44.46 -29.20
C GLU C 392 -31.39 44.88 -27.75
N ILE C 393 -31.72 46.12 -27.40
CA ILE C 393 -31.47 46.57 -26.02
C ILE C 393 -32.44 45.93 -25.04
N VAL C 394 -33.67 45.63 -25.47
CA VAL C 394 -34.60 44.94 -24.58
C VAL C 394 -34.17 43.49 -24.37
N GLU C 395 -33.71 42.82 -25.43
CA GLU C 395 -33.15 41.47 -25.27
C GLU C 395 -31.93 41.47 -24.37
N GLN C 396 -31.06 42.48 -24.50
CA GLN C 396 -29.87 42.56 -23.67
C GLN C 396 -30.23 42.80 -22.21
N GLY C 397 -31.22 43.66 -21.94
CA GLY C 397 -31.67 43.86 -20.57
C GLY C 397 -32.33 42.62 -19.99
N TYR C 398 -33.06 41.89 -20.82
CA TYR C 398 -33.72 40.64 -20.44
C TYR C 398 -32.66 39.64 -19.98
N PHE C 399 -31.65 39.44 -20.82
CA PHE C 399 -30.54 38.55 -20.53
C PHE C 399 -29.74 39.04 -19.32
N SER C 400 -29.63 40.36 -19.14
CA SER C 400 -28.89 40.89 -18.01
C SER C 400 -29.59 40.59 -16.69
N ILE C 401 -30.92 40.77 -16.65
CA ILE C 401 -31.68 40.45 -15.45
C ILE C 401 -31.59 38.97 -15.13
N LEU C 402 -31.76 38.12 -16.16
CA LEU C 402 -31.69 36.68 -15.91
C LEU C 402 -30.29 36.23 -15.53
N ALA C 403 -29.25 36.87 -16.10
CA ALA C 403 -27.88 36.50 -15.75
C ALA C 403 -27.53 36.92 -14.34
N GLU C 404 -28.02 38.09 -13.90
CA GLU C 404 -27.84 38.48 -12.50
C GLU C 404 -28.54 37.51 -11.57
N TYR C 405 -29.73 37.05 -11.95
CA TYR C 405 -30.47 36.16 -11.06
C TYR C 405 -29.91 34.74 -11.05
N VAL C 406 -29.27 34.32 -12.14
CA VAL C 406 -28.60 33.01 -12.13
C VAL C 406 -27.15 33.09 -11.68
N TYR C 407 -26.60 34.28 -11.46
CA TYR C 407 -25.26 34.41 -10.91
C TYR C 407 -25.24 34.69 -9.43
N SER C 408 -26.22 35.46 -8.92
CA SER C 408 -26.30 35.66 -7.47
C SER C 408 -26.62 34.38 -6.75
N TYR C 409 -27.57 33.60 -7.28
CA TYR C 409 -27.89 32.27 -6.80
C TYR C 409 -27.47 31.28 -7.87
N ASN C 410 -26.83 30.18 -7.45
CA ASN C 410 -25.89 29.45 -8.31
C ASN C 410 -26.57 28.90 -9.55
N GLY C 411 -27.46 27.95 -9.40
CA GLY C 411 -28.13 27.43 -10.58
C GLY C 411 -29.63 27.38 -10.50
N MET C 412 -30.18 27.40 -9.29
CA MET C 412 -31.61 27.19 -9.13
C MET C 412 -32.37 28.49 -9.35
N LEU C 413 -33.49 28.37 -10.05
CA LEU C 413 -34.40 29.47 -10.32
C LEU C 413 -35.78 29.11 -9.79
N GLU C 414 -36.46 30.11 -9.22
CA GLU C 414 -37.68 29.89 -8.48
C GLU C 414 -38.67 30.99 -8.88
N HIS C 415 -39.76 31.12 -8.11
CA HIS C 415 -40.95 31.79 -8.62
C HIS C 415 -40.75 33.29 -8.83
N TYR C 416 -40.11 33.98 -7.88
CA TYR C 416 -40.12 35.44 -7.92
C TYR C 416 -39.24 36.00 -9.03
N MET C 417 -38.08 35.42 -9.30
CA MET C 417 -37.25 35.96 -10.38
C MET C 417 -37.83 35.66 -11.77
N ILE C 418 -38.49 34.52 -11.95
CA ILE C 418 -39.25 34.31 -13.17
C ILE C 418 -40.36 35.34 -13.30
N ALA C 419 -41.02 35.65 -12.18
CA ALA C 419 -42.04 36.70 -12.17
C ALA C 419 -41.45 38.07 -12.51
N LYS C 420 -40.24 38.34 -12.03
CA LYS C 420 -39.59 39.62 -12.30
C LYS C 420 -39.22 39.77 -13.77
N VAL C 421 -38.67 38.71 -14.38
CA VAL C 421 -38.37 38.78 -15.81
C VAL C 421 -39.66 38.86 -16.62
N ILE C 422 -40.73 38.20 -16.17
CA ILE C 422 -42.01 38.28 -16.86
C ILE C 422 -42.58 39.70 -16.79
N TYR C 423 -42.45 40.35 -15.64
CA TYR C 423 -42.90 41.73 -15.51
C TYR C 423 -42.08 42.67 -16.39
N ALA C 424 -40.77 42.44 -16.46
CA ALA C 424 -39.95 43.17 -17.44
C ALA C 424 -40.34 42.82 -18.87
N MET C 425 -40.95 41.65 -19.08
CA MET C 425 -41.27 41.20 -20.42
C MET C 425 -42.55 41.83 -20.97
N MET C 426 -43.62 41.84 -20.18
CA MET C 426 -44.88 42.46 -20.60
C MET C 426 -45.49 43.32 -19.51
N GLY C 427 -44.69 44.24 -18.96
CA GLY C 427 -45.25 45.25 -18.08
C GLY C 427 -46.21 46.20 -18.76
N ASN C 428 -46.20 46.24 -20.10
CA ASN C 428 -47.08 47.08 -20.88
C ASN C 428 -48.17 46.29 -21.61
N LYS C 429 -48.46 45.07 -21.15
CA LYS C 429 -49.51 44.28 -21.80
C LYS C 429 -50.51 43.73 -20.79
N PHE C 430 -50.07 43.45 -19.57
CA PHE C 430 -50.92 42.89 -18.54
C PHE C 430 -50.93 43.79 -17.31
N VAL C 431 -52.10 43.91 -16.69
CA VAL C 431 -52.23 44.48 -15.35
C VAL C 431 -53.11 43.54 -14.53
N VAL C 432 -53.11 43.77 -13.22
CA VAL C 432 -53.93 42.98 -12.31
C VAL C 432 -54.40 43.89 -11.18
N ASP C 433 -55.64 43.72 -10.75
CA ASP C 433 -56.15 44.56 -9.67
C ASP C 433 -57.17 43.78 -8.87
N VAL C 434 -57.42 44.26 -7.64
CA VAL C 434 -58.46 43.72 -6.78
C VAL C 434 -59.70 44.60 -6.92
N ASP C 435 -60.84 43.98 -7.20
CA ASP C 435 -62.05 44.74 -7.52
C ASP C 435 -63.07 44.75 -6.38
N SER C 436 -63.67 43.60 -6.04
CA SER C 436 -64.73 43.59 -5.06
C SER C 436 -64.48 42.64 -3.90
N ASN C 437 -64.22 41.38 -4.21
CA ASN C 437 -64.30 40.29 -3.24
C ASN C 437 -62.94 39.85 -2.72
N GLY C 438 -61.92 40.69 -2.87
CA GLY C 438 -60.60 40.32 -2.43
C GLY C 438 -59.80 39.49 -3.41
N LYS C 439 -60.36 39.17 -4.57
CA LYS C 439 -59.66 38.38 -5.56
C LYS C 439 -58.97 39.28 -6.58
N TYR C 440 -57.93 38.75 -7.20
CA TYR C 440 -57.13 39.49 -8.18
C TYR C 440 -57.61 39.12 -9.58
N VAL C 441 -58.05 40.11 -10.33
CA VAL C 441 -58.48 39.90 -11.72
C VAL C 441 -57.43 40.49 -12.64
N TRP C 442 -57.14 39.76 -13.72
CA TRP C 442 -56.14 40.14 -14.70
C TRP C 442 -56.82 40.82 -15.89
N PHE C 443 -56.18 41.88 -16.38
CA PHE C 443 -56.61 42.56 -17.59
C PHE C 443 -55.48 42.52 -18.61
N GLU C 444 -55.80 42.06 -19.81
CA GLU C 444 -54.84 41.87 -20.87
C GLU C 444 -55.10 42.85 -22.00
N PHE C 445 -54.05 43.56 -22.42
CA PHE C 445 -54.11 44.40 -23.60
C PHE C 445 -54.00 43.53 -24.84
N VAL C 446 -54.81 43.83 -25.84
CA VAL C 446 -54.90 43.00 -27.04
C VAL C 446 -54.21 43.71 -28.20
N LEU C 447 -53.80 42.91 -29.17
CA LEU C 447 -53.10 43.33 -30.38
C LEU C 447 -53.82 42.76 -31.58
N PRO C 448 -53.60 43.31 -32.78
CA PRO C 448 -54.21 42.72 -33.99
C PRO C 448 -53.84 41.27 -34.23
N GLY C 449 -52.62 40.85 -33.89
CA GLY C 449 -52.24 39.46 -34.03
C GLY C 449 -52.64 38.62 -32.83
N GLN C 450 -53.94 38.51 -32.58
CA GLN C 450 -54.45 37.84 -31.39
C GLN C 450 -55.90 37.47 -31.63
N PRO C 451 -56.37 36.31 -31.16
CA PRO C 451 -57.81 35.99 -31.30
C PRO C 451 -58.67 36.83 -30.38
N MET C 452 -59.38 37.80 -30.94
CA MET C 452 -60.25 38.67 -30.18
C MET C 452 -61.68 38.15 -30.23
N ASN C 453 -62.63 38.89 -29.67
CA ASN C 453 -64.03 38.45 -29.70
C ASN C 453 -64.73 39.00 -30.93
N GLN C 454 -64.93 40.31 -30.99
CA GLN C 454 -65.25 40.93 -32.27
C GLN C 454 -64.43 42.20 -32.40
N GLY C 455 -64.30 42.95 -31.31
CA GLY C 455 -63.85 44.32 -31.40
C GLY C 455 -62.94 44.79 -30.28
N GLU C 456 -62.59 43.89 -29.36
CA GLU C 456 -61.54 44.21 -28.41
C GLU C 456 -60.21 44.17 -29.14
N ILE C 457 -59.75 45.32 -29.63
CA ILE C 457 -58.57 45.40 -30.48
C ILE C 457 -57.46 46.21 -29.83
N TRP C 458 -57.80 47.32 -29.17
CA TRP C 458 -56.83 48.07 -28.37
C TRP C 458 -57.41 48.39 -27.00
N LYS C 459 -58.03 47.41 -26.35
CA LYS C 459 -58.68 47.61 -25.06
C LYS C 459 -58.33 46.47 -24.11
N TRP C 460 -58.38 46.76 -22.82
CA TRP C 460 -58.11 45.75 -21.81
C TRP C 460 -59.30 44.81 -21.69
N ARG C 461 -59.03 43.51 -21.78
CA ARG C 461 -60.05 42.49 -21.60
C ARG C 461 -59.80 41.74 -20.29
N LYS C 462 -60.87 41.33 -19.64
CA LYS C 462 -60.79 40.65 -18.35
C LYS C 462 -60.57 39.16 -18.56
N GLU C 463 -59.52 38.63 -17.94
CA GLU C 463 -59.21 37.21 -18.01
C GLU C 463 -59.33 36.60 -16.62
N VAL C 464 -60.08 35.49 -16.52
CA VAL C 464 -60.13 34.77 -15.26
C VAL C 464 -58.77 34.16 -14.93
N ASN C 465 -58.07 33.66 -15.95
CA ASN C 465 -56.69 33.24 -15.82
C ASN C 465 -55.89 33.78 -17.00
N PRO C 466 -54.68 34.27 -16.76
CA PRO C 466 -53.86 34.77 -17.87
C PRO C 466 -53.29 33.63 -18.72
N ASP C 467 -54.12 33.15 -19.65
CA ASP C 467 -53.73 32.04 -20.50
C ASP C 467 -52.56 32.39 -21.39
N GLU C 468 -52.56 33.61 -21.92
CA GLU C 468 -51.46 34.08 -22.76
C GLU C 468 -50.18 34.15 -21.95
N LEU C 469 -50.28 34.52 -20.67
CA LEU C 469 -49.09 34.60 -19.84
C LEU C 469 -48.51 33.22 -19.54
N HIS C 470 -49.38 32.23 -19.30
CA HIS C 470 -48.91 30.85 -19.12
C HIS C 470 -48.24 30.34 -20.39
N ILE C 471 -48.85 30.62 -21.54
CA ILE C 471 -48.28 30.21 -22.83
C ILE C 471 -46.91 30.88 -23.04
N TYR C 472 -46.81 32.15 -22.67
CA TYR C 472 -45.58 32.91 -22.90
C TYR C 472 -44.48 32.48 -21.95
N ILE C 473 -44.84 32.09 -20.73
CA ILE C 473 -43.87 31.51 -19.79
C ILE C 473 -43.37 30.18 -20.31
N SER C 474 -44.26 29.37 -20.88
CA SER C 474 -43.85 28.04 -21.33
C SER C 474 -42.98 28.11 -22.57
N GLU C 475 -43.34 28.93 -23.56
CA GLU C 475 -42.64 28.93 -24.85
C GLU C 475 -41.61 30.05 -24.98
N ASN C 476 -42.03 31.30 -24.82
CA ASN C 476 -41.15 32.41 -25.16
C ASN C 476 -40.04 32.61 -24.12
N PHE C 477 -40.28 32.23 -22.87
CA PHE C 477 -39.23 32.28 -21.86
C PHE C 477 -38.14 31.25 -22.13
N SER C 478 -38.47 30.17 -22.83
CA SER C 478 -37.48 29.14 -23.14
C SER C 478 -36.38 29.67 -24.06
N ARG C 479 -36.69 30.68 -24.88
CA ARG C 479 -35.65 31.31 -25.69
C ARG C 479 -34.60 31.99 -24.83
N VAL C 480 -35.02 32.71 -23.78
CA VAL C 480 -34.07 33.35 -22.88
C VAL C 480 -33.35 32.30 -22.03
N MET C 481 -34.04 31.21 -21.67
CA MET C 481 -33.37 30.11 -20.99
C MET C 481 -32.27 29.50 -21.85
N ASP C 482 -32.54 29.32 -23.14
CA ASP C 482 -31.52 28.82 -24.05
C ASP C 482 -30.41 29.84 -24.26
N ARG C 483 -30.73 31.14 -24.21
CA ARG C 483 -29.69 32.16 -24.26
C ARG C 483 -28.75 32.07 -23.06
N ILE C 484 -29.33 31.87 -21.86
CA ILE C 484 -28.53 31.69 -20.66
C ILE C 484 -27.67 30.43 -20.77
N THR C 485 -28.25 29.34 -21.28
CA THR C 485 -27.51 28.09 -21.43
C THR C 485 -26.38 28.25 -22.45
N GLU C 486 -26.62 28.97 -23.54
CA GLU C 486 -25.57 29.21 -24.53
C GLU C 486 -24.45 30.07 -23.97
N HIS C 487 -24.81 31.07 -23.15
CA HIS C 487 -23.78 31.88 -22.49
C HIS C 487 -22.95 31.03 -21.53
N ILE C 488 -23.60 30.15 -20.78
CA ILE C 488 -22.89 29.28 -19.84
C ILE C 488 -21.95 28.33 -20.60
N LYS C 489 -22.44 27.75 -21.69
CA LYS C 489 -21.60 26.84 -22.48
C LYS C 489 -20.46 27.57 -23.18
N TYR C 490 -20.67 28.83 -23.55
CA TYR C 490 -19.58 29.63 -24.09
C TYR C 490 -18.53 29.92 -23.03
N HIS C 491 -18.98 30.24 -21.81
CA HIS C 491 -18.03 30.50 -20.72
C HIS C 491 -17.31 29.22 -20.30
N LEU C 492 -17.93 28.05 -20.50
CA LEU C 492 -17.29 26.79 -20.15
C LEU C 492 -16.10 26.51 -21.06
N SER C 493 -16.22 26.80 -22.35
CA SER C 493 -15.16 26.52 -23.31
C SER C 493 -14.23 27.74 -23.45
N GLN C 494 -13.64 28.12 -22.33
CA GLN C 494 -12.70 29.22 -22.26
C GLN C 494 -11.46 28.80 -21.49
N PRO C 495 -10.28 29.31 -21.86
CA PRO C 495 -9.03 28.85 -21.20
C PRO C 495 -8.69 29.55 -19.89
N HIS C 496 -9.32 29.08 -18.80
CA HIS C 496 -8.87 29.44 -17.46
C HIS C 496 -8.76 28.17 -16.62
N GLU C 497 -8.42 28.31 -15.34
CA GLU C 497 -8.04 27.15 -14.54
C GLU C 497 -9.26 26.30 -14.17
N SER C 498 -8.98 25.08 -13.72
CA SER C 498 -10.01 24.05 -13.58
C SER C 498 -11.01 24.34 -12.47
N ASN C 499 -10.71 25.25 -11.54
CA ASN C 499 -11.67 25.58 -10.49
C ASN C 499 -12.87 26.33 -11.06
N ILE C 500 -12.62 27.30 -11.94
CA ILE C 500 -13.71 28.00 -12.61
C ILE C 500 -14.44 27.05 -13.57
N LEU C 501 -13.71 26.10 -14.17
CA LEU C 501 -14.36 25.07 -14.99
C LEU C 501 -15.32 24.23 -14.16
N ASN C 502 -14.91 23.82 -12.96
CA ASN C 502 -15.78 23.02 -12.10
C ASN C 502 -16.97 23.84 -11.59
N TYR C 503 -16.74 25.12 -11.28
CA TYR C 503 -17.82 26.00 -10.86
C TYR C 503 -18.85 26.18 -11.98
N TYR C 504 -18.38 26.37 -13.21
CA TYR C 504 -19.29 26.50 -14.34
C TYR C 504 -19.99 25.19 -14.64
N LYS C 505 -19.33 24.05 -14.42
CA LYS C 505 -19.96 22.76 -14.63
C LYS C 505 -21.11 22.54 -13.64
N LYS C 506 -20.88 22.83 -12.35
CA LYS C 506 -21.95 22.64 -11.38
C LYS C 506 -23.04 23.69 -11.54
N LEU C 507 -22.68 24.91 -11.97
CA LEU C 507 -23.68 25.92 -12.28
C LEU C 507 -24.55 25.49 -13.45
N LEU C 508 -23.94 24.93 -14.50
CA LEU C 508 -24.69 24.44 -15.65
C LEU C 508 -25.58 23.27 -15.26
N LYS C 509 -25.09 22.37 -14.41
CA LYS C 509 -25.90 21.22 -13.99
C LYS C 509 -27.12 21.68 -13.19
N ALA C 510 -26.91 22.60 -12.24
CA ALA C 510 -28.03 23.07 -11.43
C ALA C 510 -29.01 23.90 -12.27
N PHE C 511 -28.50 24.71 -13.20
CA PHE C 511 -29.40 25.48 -14.06
C PHE C 511 -30.16 24.57 -15.01
N GLU C 512 -29.52 23.50 -15.48
CA GLU C 512 -30.22 22.53 -16.33
C GLU C 512 -31.31 21.82 -15.55
N ARG C 513 -31.04 21.51 -14.27
CA ARG C 513 -32.07 20.92 -13.43
C ARG C 513 -33.23 21.88 -13.20
N SER C 514 -32.94 23.17 -13.07
CA SER C 514 -33.99 24.16 -12.84
C SER C 514 -34.64 24.66 -14.13
N LYS C 515 -34.11 24.30 -15.30
CA LYS C 515 -34.63 24.81 -16.56
C LYS C 515 -36.01 24.24 -16.86
N SER C 516 -36.21 22.94 -16.61
CA SER C 516 -37.48 22.30 -16.95
C SER C 516 -38.61 22.70 -16.01
N LYS C 517 -38.32 23.41 -14.92
CA LYS C 517 -39.35 23.81 -13.97
C LYS C 517 -40.32 24.82 -14.56
N ILE C 518 -39.92 25.59 -15.57
CA ILE C 518 -40.81 26.57 -16.18
C ILE C 518 -41.93 25.93 -16.98
N PHE C 519 -41.84 24.64 -17.26
CA PHE C 519 -42.92 23.90 -17.90
C PHE C 519 -43.84 23.24 -16.89
N ASN C 520 -43.49 23.24 -15.61
CA ASN C 520 -44.33 22.64 -14.58
C ASN C 520 -45.57 23.49 -14.32
N ASP C 521 -46.68 22.82 -14.03
CA ASP C 521 -47.93 23.55 -13.80
C ASP C 521 -47.93 24.25 -12.46
N SER C 522 -47.47 23.57 -11.40
CA SER C 522 -47.45 24.18 -10.07
C SER C 522 -46.45 25.32 -10.02
N PHE C 523 -45.29 25.16 -10.66
CA PHE C 523 -44.31 26.24 -10.73
C PHE C 523 -44.87 27.44 -11.47
N LYS C 524 -45.58 27.21 -12.57
CA LYS C 524 -46.16 28.33 -13.32
C LYS C 524 -47.27 29.01 -12.54
N LYS C 525 -48.06 28.23 -11.79
CA LYS C 525 -49.08 28.83 -10.94
C LYS C 525 -48.46 29.68 -9.84
N GLY C 526 -47.35 29.21 -9.27
CA GLY C 526 -46.63 30.03 -8.30
C GLY C 526 -46.05 31.29 -8.90
N VAL C 527 -45.54 31.18 -10.13
CA VAL C 527 -45.01 32.36 -10.82
C VAL C 527 -46.10 33.37 -11.10
N ILE C 528 -47.29 32.90 -11.48
CA ILE C 528 -48.42 33.80 -11.74
C ILE C 528 -48.87 34.47 -10.45
N ARG C 529 -49.01 33.70 -9.37
CA ARG C 529 -49.44 34.27 -8.10
C ARG C 529 -48.36 35.15 -7.47
N GLN C 530 -47.11 35.02 -7.90
CA GLN C 530 -46.06 35.92 -7.48
C GLN C 530 -45.99 37.19 -8.31
N ALA C 531 -46.25 37.07 -9.62
CA ALA C 531 -46.31 38.22 -10.50
C ALA C 531 -47.57 39.04 -10.31
N GLU C 532 -48.58 38.49 -9.62
CA GLU C 532 -49.76 39.28 -9.27
C GLU C 532 -49.42 40.47 -8.41
N PHE C 533 -48.32 40.40 -7.65
CA PHE C 533 -47.85 41.55 -6.88
C PHE C 533 -47.00 42.51 -7.71
N LEU C 534 -46.52 42.08 -8.87
CA LEU C 534 -45.65 42.90 -9.69
C LEU C 534 -46.41 43.65 -10.78
N PHE C 535 -47.44 43.04 -11.35
CA PHE C 535 -48.28 43.68 -12.36
C PHE C 535 -49.36 44.56 -11.75
N ARG C 536 -49.33 44.77 -10.44
CA ARG C 536 -50.38 45.49 -9.75
C ARG C 536 -50.42 46.95 -10.16
N GLN C 537 -51.62 47.48 -10.36
CA GLN C 537 -51.82 48.87 -10.74
C GLN C 537 -52.51 49.69 -9.68
N ARG C 538 -53.56 49.15 -9.06
CA ARG C 538 -54.27 49.67 -7.89
C ARG C 538 -55.05 50.96 -8.16
N SER C 539 -54.91 51.51 -9.37
CA SER C 539 -55.74 52.62 -9.83
C SER C 539 -56.46 52.25 -11.12
N PHE C 540 -56.70 50.96 -11.32
CA PHE C 540 -57.24 50.43 -12.56
C PHE C 540 -58.74 50.17 -12.49
N ILE C 541 -59.21 49.51 -11.43
CA ILE C 541 -60.63 49.19 -11.31
C ILE C 541 -61.44 50.46 -11.08
N GLN C 542 -61.00 51.31 -10.15
CA GLN C 542 -61.77 52.49 -9.81
C GLN C 542 -61.66 53.58 -10.89
N THR C 543 -60.63 53.53 -11.73
CA THR C 543 -60.54 54.38 -12.92
C THR C 543 -60.47 53.45 -14.11
N LEU C 544 -61.64 52.99 -14.56
CA LEU C 544 -61.75 52.12 -15.72
C LEU C 544 -62.47 52.81 -16.87
N ASP C 545 -63.71 53.25 -16.65
CA ASP C 545 -64.46 53.96 -17.66
C ASP C 545 -65.06 55.24 -17.08
N THR C 546 -64.35 55.85 -16.13
CA THR C 546 -64.82 57.11 -15.55
C THR C 546 -64.65 58.27 -16.52
N ASN C 547 -63.73 58.14 -17.48
CA ASN C 547 -63.55 59.19 -18.48
C ASN C 547 -64.70 59.16 -19.45
N PRO C 548 -65.47 60.25 -19.59
CA PRO C 548 -66.62 60.24 -20.50
C PRO C 548 -66.25 60.47 -21.95
N HIS C 549 -65.04 60.95 -22.23
CA HIS C 549 -64.63 61.30 -23.59
C HIS C 549 -63.95 60.14 -24.31
N LEU C 550 -64.22 58.90 -23.91
CA LEU C 550 -63.60 57.73 -24.52
C LEU C 550 -64.67 56.71 -24.87
N LEU C 551 -64.55 56.12 -26.05
CA LEU C 551 -65.47 55.13 -26.55
C LEU C 551 -64.70 53.90 -26.99
N GLY C 552 -65.20 52.72 -26.60
CA GLY C 552 -64.62 51.48 -27.09
C GLY C 552 -65.27 51.05 -28.38
N VAL C 553 -64.63 51.32 -29.50
CA VAL C 553 -65.18 51.02 -30.81
C VAL C 553 -64.45 49.82 -31.39
N GLY C 554 -65.02 49.26 -32.47
CA GLY C 554 -64.42 48.11 -33.13
C GLY C 554 -63.09 48.39 -33.77
N ASN C 555 -62.79 49.65 -34.08
CA ASN C 555 -61.47 50.03 -34.55
C ASN C 555 -60.50 50.30 -33.42
N GLY C 556 -60.95 50.37 -32.18
CA GLY C 556 -60.08 50.71 -31.08
C GLY C 556 -60.69 51.69 -30.09
N VAL C 557 -60.07 52.85 -29.93
CA VAL C 557 -60.48 53.84 -28.94
C VAL C 557 -60.85 55.10 -29.70
N LEU C 558 -62.04 55.63 -29.43
CA LEU C 558 -62.48 56.89 -30.02
C LEU C 558 -62.47 57.96 -28.93
N SER C 559 -61.70 59.02 -29.15
CA SER C 559 -61.58 60.10 -28.19
C SER C 559 -62.22 61.36 -28.75
N ILE C 560 -63.13 61.96 -27.99
CA ILE C 560 -63.84 63.15 -28.43
C ILE C 560 -63.39 64.34 -27.59
N GLU C 561 -62.17 64.27 -27.05
CA GLU C 561 -61.60 65.42 -26.37
C GLU C 561 -61.33 66.56 -27.34
N THR C 562 -60.79 66.24 -28.51
CA THR C 562 -60.49 67.24 -29.52
C THR C 562 -61.73 67.53 -30.36
N ILE C 563 -61.65 68.61 -31.14
CA ILE C 563 -62.74 68.94 -32.07
C ILE C 563 -62.91 67.87 -33.15
N PRO C 564 -61.86 67.35 -33.80
CA PRO C 564 -62.07 66.16 -34.63
C PRO C 564 -61.93 64.88 -33.81
N ALA C 565 -62.50 63.81 -34.36
CA ALA C 565 -62.39 62.50 -33.73
C ALA C 565 -60.95 62.00 -33.80
N LYS C 566 -60.52 61.34 -32.73
CA LYS C 566 -59.11 60.93 -32.64
C LYS C 566 -58.87 59.56 -33.24
N LEU C 567 -59.68 58.57 -32.86
CA LEU C 567 -59.59 57.18 -33.34
C LEU C 567 -58.21 56.60 -33.03
N ILE C 568 -57.94 56.43 -31.73
CA ILE C 568 -56.70 55.83 -31.28
C ILE C 568 -56.62 54.39 -31.76
N ASN C 569 -55.69 54.12 -32.67
CA ASN C 569 -55.54 52.82 -33.31
C ASN C 569 -54.20 52.18 -32.97
N HIS C 570 -53.63 52.54 -31.82
CA HIS C 570 -52.32 52.09 -31.42
C HIS C 570 -52.33 51.85 -29.91
N PHE C 571 -51.16 51.62 -29.33
CA PHE C 571 -51.05 51.42 -27.90
C PHE C 571 -51.34 52.73 -27.16
N HIS C 572 -52.01 52.61 -26.02
CA HIS C 572 -52.41 53.78 -25.25
C HIS C 572 -52.50 53.40 -23.79
N GLU C 573 -52.48 54.41 -22.92
CA GLU C 573 -52.62 54.24 -21.49
C GLU C 573 -54.04 54.45 -21.00
N HIS C 574 -54.99 54.62 -21.90
CA HIS C 574 -56.38 54.78 -21.50
C HIS C 574 -56.95 53.45 -21.04
N PRO C 575 -57.34 53.30 -19.78
CA PRO C 575 -57.62 51.97 -19.21
C PRO C 575 -59.10 51.58 -19.29
N ILE C 576 -59.68 51.61 -20.49
CA ILE C 576 -61.09 51.25 -20.61
C ILE C 576 -61.22 49.77 -20.96
N HIS C 577 -62.35 49.19 -20.57
CA HIS C 577 -62.60 47.77 -20.73
C HIS C 577 -63.79 47.46 -21.62
N GLN C 578 -64.94 48.12 -21.39
CA GLN C 578 -66.11 47.85 -22.20
C GLN C 578 -65.97 48.47 -23.58
N TYR C 579 -66.67 47.88 -24.54
CA TYR C 579 -66.47 48.22 -25.94
C TYR C 579 -67.79 48.12 -26.69
N THR C 580 -67.75 48.53 -27.95
CA THR C 580 -68.89 48.37 -28.85
C THR C 580 -68.39 47.76 -30.16
N HIS C 581 -69.05 46.70 -30.60
CA HIS C 581 -68.57 45.89 -31.72
C HIS C 581 -68.94 46.44 -33.08
N ILE C 582 -69.79 47.46 -33.16
CA ILE C 582 -70.37 47.87 -34.45
C ILE C 582 -70.04 49.30 -34.82
N CYS C 583 -69.42 50.08 -33.93
CA CYS C 583 -69.18 51.50 -34.17
C CYS C 583 -68.29 51.75 -35.39
N TYR C 584 -67.01 51.34 -35.29
CA TYR C 584 -66.12 51.17 -36.46
C TYR C 584 -65.94 52.45 -37.28
N VAL C 585 -65.92 53.60 -36.62
CA VAL C 585 -66.07 54.89 -37.30
C VAL C 585 -64.88 55.28 -38.17
N PRO C 586 -65.05 55.33 -39.51
CA PRO C 586 -64.00 55.86 -40.38
C PRO C 586 -64.23 57.33 -40.73
N PHE C 587 -64.38 58.19 -39.72
CA PHE C 587 -64.80 59.58 -39.86
C PHE C 587 -66.14 59.70 -40.58
N ASN C 588 -66.47 60.89 -41.09
CA ASN C 588 -67.76 61.12 -41.73
C ASN C 588 -67.61 60.95 -43.23
N PRO C 589 -68.21 59.92 -43.84
CA PRO C 589 -68.08 59.74 -45.29
C PRO C 589 -69.21 60.42 -46.06
N GLU C 590 -69.18 60.29 -47.38
CA GLU C 590 -70.25 60.74 -48.26
C GLU C 590 -70.64 59.64 -49.25
N ASN C 591 -70.56 58.40 -48.83
CA ASN C 591 -70.87 57.25 -49.69
C ASN C 591 -72.38 57.05 -49.75
N PRO C 592 -72.80 55.91 -50.31
CA PRO C 592 -74.21 55.65 -50.53
C PRO C 592 -74.97 55.43 -49.22
N TRP C 593 -74.34 54.76 -48.26
CA TRP C 593 -75.05 54.38 -47.05
C TRP C 593 -75.34 55.58 -46.16
N THR C 594 -74.35 56.46 -45.95
CA THR C 594 -74.59 57.64 -45.14
C THR C 594 -75.54 58.62 -45.82
N LYS C 595 -75.49 58.71 -47.15
CA LYS C 595 -76.45 59.55 -47.87
C LYS C 595 -77.87 58.99 -47.75
N LEU C 596 -78.01 57.66 -47.83
CA LEU C 596 -79.30 57.03 -47.63
C LEU C 596 -79.82 57.27 -46.22
N LEU C 597 -78.94 57.18 -45.23
CA LEU C 597 -79.35 57.44 -43.85
C LEU C 597 -79.75 58.89 -43.64
N LEU C 598 -79.02 59.82 -44.27
CA LEU C 598 -79.36 61.24 -44.17
C LEU C 598 -80.71 61.52 -44.83
N ASN C 599 -80.99 60.89 -45.96
CA ASN C 599 -82.28 61.06 -46.61
C ASN C 599 -83.39 60.31 -45.90
N ALA C 600 -83.04 59.33 -45.06
CA ALA C 600 -84.04 58.51 -44.39
C ALA C 600 -84.46 59.06 -43.03
N LEU C 601 -83.52 59.54 -42.21
CA LEU C 601 -83.89 59.96 -40.87
C LEU C 601 -84.63 61.29 -40.89
N GLN C 602 -84.37 62.13 -41.89
CA GLN C 602 -85.10 63.38 -42.04
C GLN C 602 -85.67 63.47 -43.45
N ASP C 603 -86.21 64.65 -43.80
CA ASP C 603 -86.87 64.97 -45.07
C ASP C 603 -88.19 64.21 -45.23
N ILE C 604 -88.54 63.37 -44.26
CA ILE C 604 -89.88 62.81 -44.18
C ILE C 604 -90.75 63.69 -43.28
N ILE C 605 -90.16 64.26 -42.25
CA ILE C 605 -90.85 65.20 -41.36
C ILE C 605 -90.67 66.62 -41.90
N PRO C 606 -91.75 67.38 -42.09
CA PRO C 606 -91.60 68.77 -42.52
C PRO C 606 -91.09 69.65 -41.39
N GLU C 607 -89.81 70.01 -41.46
CA GLU C 607 -89.17 70.79 -40.41
C GLU C 607 -89.05 72.26 -40.82
N LEU C 608 -89.04 73.13 -39.82
CA LEU C 608 -89.01 74.57 -40.04
C LEU C 608 -87.58 75.08 -39.87
N ASP C 609 -87.05 75.69 -40.93
CA ASP C 609 -85.69 76.25 -40.96
C ASP C 609 -84.64 75.21 -40.59
N ALA C 610 -84.79 74.01 -41.17
CA ALA C 610 -83.96 72.84 -40.88
C ALA C 610 -83.94 72.52 -39.39
N ARG C 611 -85.13 72.23 -38.86
CA ARG C 611 -85.27 71.93 -37.45
C ARG C 611 -84.71 70.55 -37.14
N LEU C 612 -83.70 70.51 -36.27
CA LEU C 612 -82.88 69.32 -36.10
C LEU C 612 -82.57 69.04 -34.63
N TRP C 613 -83.30 69.67 -33.69
CA TRP C 613 -83.04 69.48 -32.27
C TRP C 613 -83.31 68.06 -31.79
N ILE C 614 -84.19 67.32 -32.48
CA ILE C 614 -84.60 66.00 -32.02
C ILE C 614 -83.42 65.03 -32.07
N MET C 615 -82.81 64.91 -33.25
CA MET C 615 -81.62 64.08 -33.38
C MET C 615 -80.40 64.74 -32.75
N PHE C 616 -80.45 66.05 -32.53
CA PHE C 616 -79.40 66.72 -31.77
C PHE C 616 -79.38 66.23 -30.33
N TYR C 617 -80.57 66.03 -29.75
CA TYR C 617 -80.67 65.38 -28.44
C TYR C 617 -80.45 63.88 -28.54
N LEU C 618 -80.74 63.28 -29.69
CA LEU C 618 -80.36 61.88 -29.91
C LEU C 618 -78.86 61.71 -30.06
N SER C 619 -78.11 62.79 -30.28
CA SER C 619 -76.67 62.79 -30.09
C SER C 619 -76.38 62.93 -28.59
N THR C 620 -75.12 63.15 -28.24
CA THR C 620 -74.61 63.22 -26.85
C THR C 620 -74.91 61.95 -26.05
N ALA C 621 -75.30 60.86 -26.70
CA ALA C 621 -75.42 59.57 -26.03
C ALA C 621 -74.08 58.87 -25.92
N ILE C 622 -73.05 59.39 -26.59
CA ILE C 622 -71.70 58.87 -26.42
C ILE C 622 -71.06 59.47 -25.17
N PHE C 623 -71.62 60.55 -24.65
CA PHE C 623 -71.13 61.11 -23.39
C PHE C 623 -71.65 60.28 -22.22
N ARG C 624 -70.77 59.95 -21.29
CA ARG C 624 -71.12 59.06 -20.18
C ARG C 624 -72.05 59.73 -19.19
N GLY C 625 -71.57 60.81 -18.55
CA GLY C 625 -72.35 61.50 -17.54
C GLY C 625 -71.92 62.94 -17.42
N LEU C 626 -72.45 63.61 -16.40
CA LEU C 626 -72.21 65.03 -16.12
C LEU C 626 -72.57 65.90 -17.31
N LYS C 627 -73.85 65.87 -17.67
CA LYS C 627 -74.37 66.64 -18.79
C LYS C 627 -75.67 67.33 -18.38
N GLU C 628 -76.39 67.87 -19.36
CA GLU C 628 -77.70 68.45 -19.09
C GLU C 628 -78.69 67.34 -18.75
N ALA C 629 -79.80 67.74 -18.11
CA ALA C 629 -80.75 66.80 -17.54
C ALA C 629 -82.09 66.84 -18.26
N LEU C 630 -82.07 66.89 -19.58
CA LEU C 630 -83.32 66.92 -20.35
C LEU C 630 -83.84 65.51 -20.59
N MET C 631 -85.13 65.44 -20.93
CA MET C 631 -85.79 64.19 -21.29
C MET C 631 -86.72 64.45 -22.46
N LEU C 632 -86.71 63.56 -23.44
CA LEU C 632 -87.51 63.69 -24.65
C LEU C 632 -88.63 62.65 -24.65
N LEU C 633 -89.84 63.10 -25.02
CA LEU C 633 -90.99 62.23 -25.19
C LEU C 633 -91.33 62.17 -26.67
N TRP C 634 -91.40 60.96 -27.21
CA TRP C 634 -91.74 60.78 -28.62
C TRP C 634 -92.90 59.82 -28.77
N LEU C 635 -93.97 60.03 -28.01
CA LEU C 635 -95.19 59.22 -28.17
C LEU C 635 -96.13 59.90 -29.17
N GLY C 636 -95.75 59.78 -30.44
CA GLY C 636 -96.54 60.29 -31.54
C GLY C 636 -96.33 59.50 -32.82
N GLY C 637 -97.41 59.07 -33.44
CA GLY C 637 -97.34 58.32 -34.67
C GLY C 637 -97.56 56.83 -34.45
N GLY C 638 -98.15 56.17 -35.45
CA GLY C 638 -98.41 54.76 -35.36
C GLY C 638 -97.42 53.87 -36.09
N CYS C 639 -97.13 54.21 -37.34
CA CYS C 639 -96.22 53.44 -38.18
C CYS C 639 -95.08 54.33 -38.70
N ASN C 640 -94.64 55.26 -37.88
CA ASN C 640 -93.63 56.24 -38.24
C ASN C 640 -92.24 55.64 -38.05
N GLY C 641 -91.21 56.48 -38.06
CA GLY C 641 -89.87 56.09 -37.64
C GLY C 641 -89.72 56.17 -36.12
N LYS C 642 -90.63 55.48 -35.43
CA LYS C 642 -90.73 55.57 -33.97
C LYS C 642 -89.70 54.66 -33.31
N THR C 643 -89.86 53.34 -33.49
CA THR C 643 -88.91 52.40 -32.92
C THR C 643 -87.65 52.29 -33.75
N PHE C 644 -87.70 52.72 -35.01
CA PHE C 644 -86.56 52.56 -35.92
C PHE C 644 -85.33 53.31 -35.43
N LEU C 645 -85.49 54.61 -35.16
CA LEU C 645 -84.34 55.42 -34.74
C LEU C 645 -83.88 55.04 -33.33
N MET C 646 -84.82 54.80 -32.41
CA MET C 646 -84.46 54.40 -31.05
C MET C 646 -83.68 53.09 -31.04
N ARG C 647 -84.20 52.06 -31.69
CA ARG C 647 -83.51 50.78 -31.73
C ARG C 647 -82.23 50.85 -32.56
N LEU C 648 -82.14 51.77 -33.52
CA LEU C 648 -80.91 51.82 -34.31
C LEU C 648 -79.79 52.51 -33.52
N VAL C 649 -80.10 53.54 -32.73
CA VAL C 649 -79.09 54.07 -31.81
C VAL C 649 -78.77 53.05 -30.72
N ALA C 650 -79.75 52.24 -30.32
CA ALA C 650 -79.49 51.18 -29.35
C ALA C 650 -78.53 50.13 -29.92
N MET C 651 -78.69 49.77 -31.19
CA MET C 651 -77.80 48.81 -31.83
C MET C 651 -76.45 49.44 -32.16
N VAL C 652 -76.41 50.74 -32.40
CA VAL C 652 -75.15 51.44 -32.67
C VAL C 652 -74.23 51.35 -31.46
N LEU C 653 -74.79 51.51 -30.26
CA LEU C 653 -74.05 51.30 -29.04
C LEU C 653 -74.22 49.86 -28.57
N GLY C 654 -73.63 49.54 -27.42
CA GLY C 654 -73.70 48.19 -26.88
C GLY C 654 -73.91 48.20 -25.38
N ASP C 655 -73.08 47.47 -24.64
CA ASP C 655 -73.13 47.58 -23.19
C ASP C 655 -72.62 48.93 -22.69
N HIS C 656 -71.99 49.71 -23.57
CA HIS C 656 -71.66 51.10 -23.26
C HIS C 656 -72.91 51.91 -22.93
N TYR C 657 -73.82 52.05 -23.89
CA TYR C 657 -75.03 52.84 -23.69
C TYR C 657 -76.21 52.11 -24.31
N ALA C 658 -76.84 51.23 -23.53
CA ALA C 658 -78.11 50.61 -23.93
C ALA C 658 -78.78 50.06 -22.69
N SER C 659 -80.11 50.15 -22.66
CA SER C 659 -80.90 49.66 -21.54
C SER C 659 -82.33 49.53 -22.05
N LYS C 660 -82.87 48.30 -22.03
CA LYS C 660 -84.19 48.07 -22.60
C LYS C 660 -85.27 48.80 -21.81
N LEU C 661 -85.17 48.80 -20.47
CA LEU C 661 -85.91 49.68 -19.57
C LEU C 661 -87.42 49.62 -19.80
N ASN C 662 -87.99 48.47 -19.44
CA ASN C 662 -89.43 48.33 -19.44
C ASN C 662 -90.06 49.43 -18.59
N ILE C 663 -91.14 50.02 -19.11
CA ILE C 663 -91.68 51.26 -18.55
C ILE C 663 -92.26 51.05 -17.17
N SER C 664 -92.52 49.80 -16.76
CA SER C 664 -93.03 49.51 -15.42
C SER C 664 -92.04 49.87 -14.33
N LEU C 665 -90.77 50.13 -14.69
CA LEU C 665 -89.84 50.78 -13.77
C LEU C 665 -90.36 52.14 -13.34
N LEU C 666 -90.98 52.88 -14.26
CA LEU C 666 -91.48 54.22 -14.00
C LEU C 666 -92.98 54.33 -14.21
N THR C 667 -93.69 53.20 -14.30
CA THR C 667 -95.12 53.20 -14.56
C THR C 667 -95.72 52.04 -13.76
N SER C 668 -97.04 52.12 -13.53
CA SER C 668 -97.80 51.12 -12.76
C SER C 668 -97.24 50.97 -11.35
N CYS C 669 -97.37 52.07 -10.60
CA CYS C 669 -96.89 52.24 -9.23
C CYS C 669 -95.37 52.15 -9.16
N ARG C 670 -94.82 52.27 -7.95
CA ARG C 670 -93.37 52.19 -7.75
C ARG C 670 -92.93 50.76 -7.49
N GLU C 671 -93.30 49.86 -8.42
CA GLU C 671 -93.26 48.39 -8.30
C GLU C 671 -93.57 47.90 -6.89
N THR C 672 -92.57 47.35 -6.21
CA THR C 672 -92.72 46.87 -4.83
C THR C 672 -92.17 47.86 -3.82
N ALA C 673 -92.35 49.16 -4.09
CA ALA C 673 -91.79 50.27 -3.31
C ALA C 673 -90.27 50.14 -3.18
N GLU C 674 -89.62 49.79 -4.29
CA GLU C 674 -88.18 49.49 -4.30
C GLU C 674 -87.51 50.32 -5.38
N LYS C 675 -86.76 51.34 -4.94
CA LYS C 675 -85.82 52.10 -5.77
C LYS C 675 -84.51 51.35 -6.06
N PRO C 676 -83.90 50.57 -5.10
CA PRO C 676 -82.65 49.88 -5.47
C PRO C 676 -82.80 48.65 -6.36
N ASN C 677 -83.92 48.49 -7.06
CA ASN C 677 -84.04 47.50 -8.11
C ASN C 677 -83.96 48.18 -9.47
N SER C 678 -83.04 47.70 -10.31
CA SER C 678 -82.72 48.25 -11.63
C SER C 678 -82.44 49.74 -11.56
N ALA C 679 -83.36 50.55 -12.09
CA ALA C 679 -83.38 52.01 -11.98
C ALA C 679 -82.05 52.69 -12.25
N PHE C 680 -81.37 53.13 -11.19
CA PHE C 680 -80.11 53.84 -11.36
C PHE C 680 -78.98 52.92 -11.77
N MET C 681 -78.84 51.76 -11.10
CA MET C 681 -77.70 50.89 -11.40
C MET C 681 -77.89 50.08 -12.68
N ARG C 682 -79.11 50.01 -13.22
CA ARG C 682 -79.23 49.55 -14.59
C ARG C 682 -78.67 50.59 -15.56
N LEU C 683 -78.87 51.86 -15.26
CA LEU C 683 -78.32 52.96 -16.03
C LEU C 683 -76.94 53.41 -15.53
N LYS C 684 -76.29 52.59 -14.71
CA LYS C 684 -74.99 52.95 -14.15
C LYS C 684 -73.92 52.89 -15.23
N GLY C 685 -73.31 54.03 -15.52
CA GLY C 685 -72.37 54.14 -16.62
C GLY C 685 -73.01 54.25 -17.99
N ARG C 686 -74.32 54.11 -18.08
CA ARG C 686 -75.04 54.24 -19.34
C ARG C 686 -75.25 55.70 -19.68
N GLY C 687 -75.64 55.94 -20.93
CA GLY C 687 -75.92 57.29 -21.39
C GLY C 687 -77.09 57.32 -22.34
N TYR C 688 -77.91 56.27 -22.31
CA TYR C 688 -79.10 56.20 -23.13
C TYR C 688 -80.09 55.26 -22.45
N GLY C 689 -81.27 55.79 -22.12
CA GLY C 689 -82.37 54.96 -21.70
C GLY C 689 -83.54 55.14 -22.65
N TYR C 690 -84.31 54.08 -22.81
CA TYR C 690 -85.42 54.11 -23.75
C TYR C 690 -86.53 53.18 -23.26
N PHE C 691 -87.77 53.57 -23.56
CA PHE C 691 -88.98 52.89 -23.07
C PHE C 691 -89.90 52.70 -24.27
N GLU C 692 -90.03 51.48 -24.77
CA GLU C 692 -90.78 51.25 -26.00
C GLU C 692 -92.04 50.41 -25.83
N GLU C 693 -92.06 49.48 -24.86
CA GLU C 693 -93.23 48.61 -24.76
C GLU C 693 -94.39 49.36 -24.10
N THR C 694 -95.59 48.81 -24.29
CA THR C 694 -96.84 49.45 -23.91
C THR C 694 -97.56 48.59 -22.89
N ASN C 695 -98.09 49.21 -21.83
CA ASN C 695 -98.79 48.41 -20.83
C ASN C 695 -100.22 48.12 -21.27
N LYS C 696 -101.09 49.13 -21.29
CA LYS C 696 -102.28 49.00 -22.12
C LYS C 696 -102.46 50.19 -23.07
N SER C 697 -102.81 51.36 -22.52
CA SER C 697 -102.80 52.62 -23.28
C SER C 697 -102.28 53.68 -22.32
N GLU C 698 -102.81 53.74 -21.11
CA GLU C 698 -102.52 54.80 -20.15
C GLU C 698 -102.44 54.28 -18.72
N VAL C 699 -101.31 54.49 -18.04
CA VAL C 699 -101.28 54.20 -16.60
C VAL C 699 -100.79 55.40 -15.79
N LEU C 700 -99.53 55.78 -15.97
CA LEU C 700 -98.87 56.68 -15.02
C LEU C 700 -97.58 57.22 -15.61
N ASN C 701 -97.12 58.35 -15.07
CA ASN C 701 -95.80 58.89 -15.40
C ASN C 701 -94.94 59.20 -14.18
N THR C 702 -95.55 59.67 -13.08
CA THR C 702 -94.77 60.35 -12.05
C THR C 702 -93.85 59.40 -11.30
N SER C 703 -94.41 58.44 -10.56
CA SER C 703 -93.70 57.42 -9.79
C SER C 703 -92.51 57.98 -9.01
N ARG C 704 -91.30 57.75 -9.55
CA ARG C 704 -90.07 58.33 -9.04
C ARG C 704 -89.29 59.04 -10.14
N LEU C 705 -89.99 59.59 -11.15
CA LEU C 705 -89.31 60.32 -12.22
C LEU C 705 -88.63 61.58 -11.69
N LYS C 706 -89.29 62.25 -10.74
CA LYS C 706 -88.73 63.47 -10.16
C LYS C 706 -87.45 63.18 -9.38
N GLU C 707 -87.33 62.00 -8.80
CA GLU C 707 -86.10 61.64 -8.10
C GLU C 707 -84.98 61.31 -9.08
N MET C 708 -85.29 60.54 -10.14
CA MET C 708 -84.24 60.07 -11.03
C MET C 708 -83.76 61.15 -12.00
N VAL C 709 -84.65 62.05 -12.43
CA VAL C 709 -84.23 63.07 -13.40
C VAL C 709 -83.43 64.18 -12.73
N ASN C 710 -83.52 64.32 -11.40
CA ASN C 710 -82.68 65.28 -10.69
C ASN C 710 -81.27 64.72 -10.48
N PRO C 711 -80.26 65.57 -10.49
CA PRO C 711 -78.88 65.09 -10.26
C PRO C 711 -78.63 64.71 -8.81
N GLY C 712 -79.08 63.53 -8.42
CA GLY C 712 -78.90 63.05 -7.06
C GLY C 712 -80.06 62.22 -6.55
N PHE C 726 -76.74 56.48 -7.85
CA PHE C 726 -75.63 57.17 -7.23
C PHE C 726 -75.21 58.38 -8.05
N GLN C 727 -74.42 58.15 -9.10
CA GLN C 727 -74.00 59.20 -9.99
C GLN C 727 -75.14 59.58 -10.94
N MET C 728 -74.91 60.60 -11.77
CA MET C 728 -75.95 61.17 -12.61
C MET C 728 -75.63 60.87 -14.07
N THR C 729 -76.64 60.41 -14.80
CA THR C 729 -76.56 60.22 -16.24
C THR C 729 -77.89 60.65 -16.84
N ALA C 730 -77.93 60.75 -18.16
CA ALA C 730 -79.06 61.42 -18.81
C ALA C 730 -79.31 60.77 -20.17
N THR C 731 -80.02 61.51 -21.04
CA THR C 731 -80.47 61.09 -22.36
C THR C 731 -81.39 59.87 -22.27
N MET C 732 -82.55 60.09 -21.65
CA MET C 732 -83.66 59.15 -21.69
C MET C 732 -84.68 59.63 -22.72
N VAL C 733 -85.04 58.75 -23.65
CA VAL C 733 -86.05 59.05 -24.66
C VAL C 733 -87.21 58.08 -24.45
N ALA C 734 -88.38 58.62 -24.16
CA ALA C 734 -89.58 57.83 -23.92
C ALA C 734 -90.45 57.85 -25.17
N ALA C 735 -90.61 56.69 -25.80
CA ALA C 735 -91.46 56.56 -26.99
C ALA C 735 -92.07 55.16 -26.95
N SER C 736 -93.26 55.06 -26.36
CA SER C 736 -93.89 53.77 -26.10
C SER C 736 -94.93 53.41 -27.15
N ASN C 737 -95.95 54.26 -27.32
CA ASN C 737 -97.00 53.98 -28.28
C ASN C 737 -97.66 55.28 -28.70
N TYR C 738 -98.57 55.17 -29.68
CA TYR C 738 -99.39 56.29 -30.11
C TYR C 738 -100.30 56.78 -28.99
N ASN C 739 -100.71 55.88 -28.09
CA ASN C 739 -101.54 56.28 -26.96
C ASN C 739 -100.74 57.13 -25.99
N PHE C 740 -101.40 58.11 -25.41
CA PHE C 740 -100.80 58.96 -24.38
C PHE C 740 -100.83 58.18 -23.08
N ILE C 741 -99.71 57.53 -22.76
CA ILE C 741 -99.62 56.68 -21.57
C ILE C 741 -99.15 57.48 -20.36
N ILE C 742 -98.20 58.37 -20.55
CA ILE C 742 -97.56 59.08 -19.42
C ILE C 742 -98.34 60.37 -19.20
N ASP C 743 -99.46 60.25 -18.48
CA ASP C 743 -100.37 61.37 -18.24
C ASP C 743 -100.95 61.28 -16.84
N THR C 744 -100.30 61.91 -15.86
CA THR C 744 -100.88 62.19 -14.54
C THR C 744 -100.58 63.63 -14.18
N THR C 745 -100.93 64.01 -12.95
CA THR C 745 -100.71 65.38 -12.50
C THR C 745 -99.23 65.62 -12.20
N ASP C 746 -98.74 66.77 -12.66
CA ASP C 746 -97.39 67.21 -12.35
C ASP C 746 -97.33 68.73 -12.51
N HIS C 747 -96.87 69.42 -11.48
CA HIS C 747 -96.81 70.88 -11.51
C HIS C 747 -95.53 71.41 -10.87
N GLY C 748 -94.43 70.67 -11.01
CA GLY C 748 -93.16 71.10 -10.44
C GLY C 748 -92.32 71.92 -11.41
N THR C 749 -92.99 72.63 -12.33
CA THR C 749 -92.43 73.43 -13.44
C THR C 749 -91.19 72.76 -14.05
N TRP C 750 -91.38 71.54 -14.53
CA TRP C 750 -90.30 70.76 -15.13
C TRP C 750 -89.99 71.32 -16.51
N ARG C 751 -89.08 72.29 -16.54
CA ARG C 751 -88.58 72.82 -17.81
C ARG C 751 -87.67 71.83 -18.52
N ARG C 752 -87.20 70.79 -17.83
CA ARG C 752 -86.29 69.81 -18.38
C ARG C 752 -87.00 68.67 -19.12
N LEU C 753 -88.31 68.80 -19.33
CA LEU C 753 -89.08 67.79 -20.05
C LEU C 753 -89.48 68.36 -21.40
N ARG C 754 -89.25 67.59 -22.46
CA ARG C 754 -89.56 68.01 -23.82
C ARG C 754 -90.44 66.97 -24.50
N HIS C 755 -91.43 67.44 -25.24
CA HIS C 755 -92.37 66.58 -25.94
C HIS C 755 -92.24 66.77 -27.45
N TYR C 756 -92.39 65.68 -28.19
CA TYR C 756 -92.38 65.73 -29.64
C TYR C 756 -93.23 64.59 -30.18
N ARG C 757 -93.90 64.85 -31.30
CA ARG C 757 -94.63 63.82 -32.03
C ARG C 757 -94.19 63.87 -33.49
N SER C 758 -94.29 62.72 -34.15
CA SER C 758 -93.94 62.64 -35.56
C SER C 758 -95.14 63.05 -36.41
N LYS C 759 -94.96 64.10 -37.22
CA LYS C 759 -96.04 64.63 -38.03
C LYS C 759 -96.35 63.77 -39.25
N VAL C 760 -95.44 62.88 -39.65
CA VAL C 760 -95.66 61.98 -40.78
C VAL C 760 -95.53 60.55 -40.27
N LYS C 761 -96.56 59.75 -40.49
CA LYS C 761 -96.58 58.35 -40.06
C LYS C 761 -95.72 57.49 -40.99
N LYS C 774 -99.06 54.20 -51.72
CA LYS C 774 -97.98 53.26 -51.44
C LYS C 774 -98.23 52.54 -50.11
N LYS C 775 -97.39 51.56 -49.81
CA LYS C 775 -97.53 50.78 -48.59
C LYS C 775 -96.78 51.44 -47.44
N GLU C 776 -96.72 50.74 -46.31
CA GLU C 776 -96.10 51.29 -45.11
C GLU C 776 -94.57 51.28 -45.20
N ASP C 777 -93.99 50.36 -45.97
CA ASP C 777 -92.57 50.09 -46.09
C ASP C 777 -91.92 49.86 -44.73
N PRO C 778 -92.18 48.71 -44.09
CA PRO C 778 -91.56 48.45 -42.79
C PRO C 778 -90.18 47.82 -42.87
N ARG C 779 -89.63 47.65 -44.07
CA ARG C 779 -88.33 47.01 -44.25
C ARG C 779 -87.19 47.82 -43.64
N PHE C 780 -87.41 49.11 -43.36
CA PHE C 780 -86.41 49.89 -42.65
C PHE C 780 -86.24 49.46 -41.21
N ILE C 781 -87.21 48.73 -40.64
CA ILE C 781 -87.08 48.16 -39.32
C ILE C 781 -86.89 46.66 -39.35
N HIS C 782 -87.10 46.01 -40.50
CA HIS C 782 -86.98 44.56 -40.59
C HIS C 782 -85.51 44.13 -40.69
N GLU C 783 -84.83 44.58 -41.75
CA GLU C 783 -83.46 44.15 -42.02
C GLU C 783 -82.49 45.28 -42.33
N TYR C 784 -82.96 46.52 -42.48
CA TYR C 784 -82.04 47.61 -42.81
C TYR C 784 -81.18 48.00 -41.61
N ILE C 785 -81.69 47.85 -40.40
CA ILE C 785 -80.92 48.21 -39.20
C ILE C 785 -79.78 47.23 -38.98
N MET C 786 -80.03 45.94 -39.25
CA MET C 786 -79.05 44.87 -38.99
C MET C 786 -77.78 44.99 -39.81
N ASP C 787 -77.77 45.79 -40.88
CA ASP C 787 -76.55 45.97 -41.66
C ASP C 787 -75.50 46.68 -40.82
N PRO C 788 -74.28 46.13 -40.72
CA PRO C 788 -73.21 46.83 -39.99
C PRO C 788 -72.81 48.15 -40.62
N ASP C 789 -72.96 48.29 -41.94
CA ASP C 789 -72.53 49.50 -42.63
C ASP C 789 -73.41 50.69 -42.25
N CYS C 790 -74.71 50.48 -42.11
CA CYS C 790 -75.59 51.57 -41.71
C CYS C 790 -75.35 51.98 -40.26
N GLN C 791 -75.06 51.01 -39.39
CA GLN C 791 -74.71 51.34 -38.01
C GLN C 791 -73.41 52.13 -37.94
N ASN C 792 -72.43 51.76 -38.77
CA ASN C 792 -71.19 52.52 -38.86
C ASN C 792 -71.44 53.94 -39.36
N ALA C 793 -72.28 54.08 -40.39
CA ALA C 793 -72.58 55.40 -40.94
C ALA C 793 -73.32 56.26 -39.92
N PHE C 794 -74.22 55.66 -39.14
CA PHE C 794 -74.94 56.46 -38.17
C PHE C 794 -74.06 56.82 -36.99
N PHE C 795 -73.10 55.96 -36.62
CA PHE C 795 -72.15 56.37 -35.59
C PHE C 795 -71.27 57.51 -36.08
N SER C 796 -70.91 57.49 -37.37
CA SER C 796 -70.18 58.61 -37.96
C SER C 796 -71.01 59.90 -37.91
N ILE C 797 -72.31 59.79 -38.23
CA ILE C 797 -73.21 60.95 -38.16
C ILE C 797 -73.33 61.45 -36.72
N LEU C 798 -73.41 60.52 -35.76
CA LEU C 798 -73.54 60.88 -34.36
C LEU C 798 -72.31 61.59 -33.84
N VAL C 799 -71.11 61.11 -34.18
CA VAL C 799 -69.91 61.80 -33.71
C VAL C 799 -69.73 63.13 -34.44
N TYR C 800 -70.15 63.20 -35.71
CA TYR C 800 -70.12 64.48 -36.43
C TYR C 800 -71.03 65.51 -35.77
N PHE C 801 -72.20 65.09 -35.33
CA PHE C 801 -73.11 66.05 -34.72
C PHE C 801 -72.76 66.33 -33.27
N TRP C 802 -72.08 65.40 -32.59
CA TRP C 802 -71.51 65.70 -31.28
C TRP C 802 -70.42 66.76 -31.39
N GLU C 803 -69.53 66.66 -32.38
CA GLU C 803 -68.54 67.72 -32.52
C GLU C 803 -69.15 69.00 -33.10
N LYS C 804 -70.28 68.89 -33.79
CA LYS C 804 -71.03 70.09 -34.17
C LYS C 804 -71.57 70.81 -32.94
N LEU C 805 -72.05 70.05 -31.95
CA LEU C 805 -72.38 70.63 -30.65
C LEU C 805 -71.15 71.24 -30.00
N GLN C 806 -70.03 70.54 -30.04
CA GLN C 806 -68.82 71.00 -29.37
C GLN C 806 -68.26 72.27 -30.01
N LYS C 807 -68.55 72.50 -31.29
CA LYS C 807 -68.02 73.68 -31.96
C LYS C 807 -68.86 74.92 -31.67
N GLU C 808 -70.13 74.92 -32.06
CA GLU C 808 -70.93 76.14 -32.01
C GLU C 808 -71.59 76.33 -30.65
N TYR C 809 -72.45 75.41 -30.24
CA TYR C 809 -73.27 75.57 -29.05
C TYR C 809 -72.88 74.49 -28.03
N ASN C 810 -71.92 74.80 -27.17
CA ASN C 810 -71.52 73.86 -26.13
C ASN C 810 -72.58 73.86 -25.04
N GLY C 811 -73.64 73.10 -25.29
CA GLY C 811 -74.81 73.04 -24.40
C GLY C 811 -76.05 73.37 -25.22
N GLN C 812 -77.09 72.56 -25.03
CA GLN C 812 -78.33 72.73 -25.77
C GLN C 812 -79.23 73.81 -25.18
N ILE C 813 -78.94 74.31 -23.99
CA ILE C 813 -79.69 75.44 -23.45
C ILE C 813 -79.36 76.71 -24.21
N LYS C 814 -78.09 76.89 -24.57
CA LYS C 814 -77.61 78.11 -25.20
C LYS C 814 -77.63 78.05 -26.72
N LYS C 815 -78.20 77.01 -27.30
CA LYS C 815 -78.21 76.86 -28.76
C LYS C 815 -79.28 77.77 -29.37
N VAL C 816 -79.43 77.67 -30.70
CA VAL C 816 -80.44 78.44 -31.39
C VAL C 816 -81.83 77.96 -30.98
N PHE C 817 -82.80 78.86 -31.11
CA PHE C 817 -84.15 78.60 -30.59
C PHE C 817 -84.86 77.55 -31.45
N CYS C 818 -85.39 76.52 -30.79
CA CYS C 818 -86.14 75.47 -31.47
C CYS C 818 -87.62 75.65 -31.15
N PRO C 819 -88.43 76.11 -32.09
CA PRO C 819 -89.83 76.46 -31.76
C PRO C 819 -90.74 75.27 -31.63
N THR C 820 -90.61 74.32 -32.56
CA THR C 820 -91.53 73.17 -32.62
C THR C 820 -91.54 72.43 -31.30
N ILE C 821 -90.40 71.87 -30.90
CA ILE C 821 -90.41 71.03 -29.68
C ILE C 821 -90.99 71.87 -28.52
N GLU C 822 -90.51 73.09 -28.34
CA GLU C 822 -90.97 73.90 -27.18
C GLU C 822 -92.49 74.11 -27.29
N SER C 823 -92.98 74.29 -28.52
CA SER C 823 -94.45 74.45 -28.72
C SER C 823 -95.16 73.15 -28.32
N GLU C 824 -94.69 72.02 -28.87
CA GLU C 824 -95.30 70.72 -28.51
C GLU C 824 -95.09 70.49 -27.01
N THR C 825 -93.99 70.99 -26.46
CA THR C 825 -93.68 70.79 -25.03
C THR C 825 -94.68 71.55 -24.19
N GLU C 826 -94.86 72.84 -24.48
CA GLU C 826 -95.85 73.65 -23.73
C GLU C 826 -97.24 73.08 -24.05
N ALA C 827 -97.41 72.48 -25.24
CA ALA C 827 -98.69 71.84 -25.59
C ALA C 827 -98.90 70.66 -24.65
N TYR C 828 -97.82 69.94 -24.34
CA TYR C 828 -97.94 68.82 -23.35
C TYR C 828 -98.09 69.46 -21.98
N ARG C 829 -97.46 70.61 -21.76
CA ARG C 829 -97.69 71.33 -20.48
C ARG C 829 -99.16 71.77 -20.50
N LYS C 830 -99.66 72.14 -21.68
CA LYS C 830 -101.10 72.48 -21.81
C LYS C 830 -101.90 71.19 -21.56
N SER C 831 -101.34 70.03 -21.91
CA SER C 831 -102.03 68.76 -21.59
C SER C 831 -102.23 68.70 -20.06
N GLN C 832 -101.22 69.10 -19.30
CA GLN C 832 -101.37 69.18 -17.83
C GLN C 832 -102.30 70.34 -17.48
N ASP C 833 -102.08 71.51 -18.08
CA ASP C 833 -102.96 72.69 -17.84
C ASP C 833 -103.13 72.91 -16.34
N THR C 834 -104.39 72.84 -15.87
CA THR C 834 -104.75 73.21 -14.49
C THR C 834 -104.17 74.57 -14.16
N LEU C 835 -103.28 74.64 -13.18
CA LEU C 835 -102.68 75.93 -12.77
C LEU C 835 -101.93 76.53 -13.98
N HIS C 836 -101.15 75.69 -14.67
CA HIS C 836 -100.41 76.17 -15.87
C HIS C 836 -101.38 76.93 -16.76
N ARG C 837 -102.57 76.35 -17.01
CA ARG C 837 -103.58 77.03 -17.85
C ARG C 837 -103.97 78.37 -17.21
N PHE C 838 -104.36 78.35 -15.93
CA PHE C 838 -104.83 79.60 -15.27
C PHE C 838 -103.77 80.68 -15.43
N ILE C 839 -102.49 80.32 -15.27
CA ILE C 839 -101.40 81.33 -15.37
C ILE C 839 -101.37 81.89 -16.80
N THR C 840 -101.45 81.00 -17.80
CA THR C 840 -101.43 81.45 -19.21
C THR C 840 -102.75 82.13 -19.53
N GLU C 841 -103.75 81.98 -18.66
CA GLU C 841 -105.09 82.55 -18.94
C GLU C 841 -105.33 83.83 -18.12
N ARG C 842 -106.08 83.71 -17.01
CA ARG C 842 -106.43 84.92 -16.22
C ARG C 842 -105.18 85.75 -15.92
N VAL C 843 -104.10 85.10 -15.48
CA VAL C 843 -102.86 85.85 -15.12
C VAL C 843 -102.26 86.47 -16.39
N VAL C 844 -102.02 87.78 -16.37
CA VAL C 844 -101.38 88.46 -17.53
C VAL C 844 -100.32 89.44 -16.99
N GLU C 845 -99.16 89.51 -17.64
CA GLU C 845 -98.11 90.46 -17.22
C GLU C 845 -98.62 91.88 -17.49
N SER C 846 -98.95 92.63 -16.42
CA SER C 846 -99.49 93.99 -16.58
C SER C 846 -98.66 94.98 -15.74
N PRO C 847 -97.58 95.58 -16.28
CA PRO C 847 -96.67 96.46 -15.50
C PRO C 847 -97.36 97.76 -15.11
N SER C 848 -97.77 98.57 -16.10
CA SER C 848 -98.43 99.84 -15.83
C SER C 848 -99.55 99.74 -14.83
N ALA C 849 -99.94 98.53 -14.42
CA ALA C 849 -101.00 98.35 -13.44
C ALA C 849 -100.44 98.50 -12.04
N GLU C 850 -101.04 99.40 -11.26
CA GLU C 850 -100.62 99.62 -9.88
C GLU C 850 -101.27 98.64 -8.90
N THR C 851 -102.15 97.77 -9.37
CA THR C 851 -102.80 96.80 -8.50
C THR C 851 -101.82 95.73 -8.03
N VAL C 852 -102.03 95.26 -6.80
CA VAL C 852 -101.21 94.22 -6.19
C VAL C 852 -102.13 93.06 -5.82
N TYR C 853 -101.79 91.87 -6.31
CA TYR C 853 -102.61 90.67 -6.10
C TYR C 853 -102.16 89.96 -4.84
N ASN C 854 -103.09 89.75 -3.91
CA ASN C 854 -102.80 89.01 -2.69
C ASN C 854 -102.86 87.50 -2.96
N LEU C 855 -102.38 86.72 -1.99
CA LEU C 855 -102.37 85.27 -2.15
C LEU C 855 -103.80 84.70 -2.20
N SER C 856 -104.66 85.14 -1.30
CA SER C 856 -106.03 84.64 -1.25
C SER C 856 -106.81 85.08 -2.48
N GLU C 857 -106.53 86.27 -3.01
CA GLU C 857 -107.20 86.73 -4.21
C GLU C 857 -106.85 85.85 -5.42
N VAL C 858 -105.56 85.51 -5.57
CA VAL C 858 -105.14 84.64 -6.67
C VAL C 858 -105.71 83.23 -6.47
N VAL C 859 -105.75 82.75 -5.22
CA VAL C 859 -106.29 81.43 -4.95
C VAL C 859 -107.79 81.37 -5.28
N THR C 860 -108.53 82.42 -4.89
CA THR C 860 -109.97 82.47 -5.20
C THR C 860 -110.21 82.62 -6.69
N ALA C 861 -109.36 83.39 -7.39
CA ALA C 861 -109.49 83.52 -8.84
C ALA C 861 -109.25 82.20 -9.54
N TYR C 862 -108.23 81.45 -9.08
CA TYR C 862 -107.96 80.14 -9.65
C TYR C 862 -109.10 79.15 -9.38
N ALA C 863 -109.66 79.20 -8.17
CA ALA C 863 -110.79 78.34 -7.83
C ALA C 863 -112.01 78.67 -8.68
N GLU C 864 -112.30 79.96 -8.87
CA GLU C 864 -113.42 80.37 -9.70
C GLU C 864 -113.22 79.98 -11.15
N TRP C 865 -112.00 80.15 -11.67
CA TRP C 865 -111.71 79.78 -13.05
C TRP C 865 -111.82 78.28 -13.26
N TYR C 866 -111.38 77.47 -12.29
CA TYR C 866 -111.50 76.03 -12.42
C TYR C 866 -112.94 75.59 -12.30
N ASN C 867 -113.72 76.26 -11.43
CA ASN C 867 -115.13 75.92 -11.27
C ASN C 867 -115.93 76.28 -12.52
N THR C 868 -115.60 77.40 -13.16
CA THR C 868 -116.27 77.81 -14.38
C THR C 868 -115.63 77.25 -15.64
N ASN C 869 -114.56 76.46 -15.51
CA ASN C 869 -113.86 75.94 -16.67
C ASN C 869 -113.87 74.42 -16.77
N ILE C 870 -113.58 73.70 -15.69
CA ILE C 870 -113.39 72.25 -15.78
C ILE C 870 -114.42 71.50 -14.96
N ASN C 871 -114.39 71.68 -13.64
CA ASN C 871 -115.23 70.89 -12.74
C ASN C 871 -115.28 71.61 -11.39
N VAL C 872 -115.95 70.99 -10.43
CA VAL C 872 -116.14 71.55 -9.09
C VAL C 872 -115.61 70.55 -8.07
N LYS C 873 -114.80 71.04 -7.13
CA LYS C 873 -114.26 70.23 -6.05
C LYS C 873 -113.87 71.15 -4.91
N ARG C 874 -113.53 70.54 -3.78
CA ARG C 874 -113.09 71.30 -2.61
C ARG C 874 -111.73 71.92 -2.85
N HIS C 875 -111.52 73.09 -2.26
CA HIS C 875 -110.28 73.85 -2.44
C HIS C 875 -109.60 74.07 -1.10
N ILE C 876 -108.26 74.04 -1.13
CA ILE C 876 -107.42 74.38 0.01
C ILE C 876 -106.60 75.61 -0.37
N ALA C 877 -106.71 76.67 0.42
CA ALA C 877 -106.04 77.92 0.08
C ALA C 877 -104.53 77.79 0.19
N LEU C 878 -104.04 77.12 1.24
CA LEU C 878 -102.60 76.96 1.42
C LEU C 878 -102.00 76.07 0.35
N GLU C 879 -102.68 74.98 -0.01
CA GLU C 879 -102.19 74.08 -1.05
C GLU C 879 -102.12 74.76 -2.40
N LEU C 880 -103.18 75.50 -2.77
CA LEU C 880 -103.17 76.24 -4.01
C LEU C 880 -102.11 77.35 -4.00
N SER C 881 -101.90 77.99 -2.85
CA SER C 881 -100.88 79.03 -2.74
C SER C 881 -99.48 78.47 -2.95
N GLN C 882 -99.17 77.32 -2.35
CA GLN C 882 -97.85 76.75 -2.55
C GLN C 882 -97.72 76.15 -3.95
N GLU C 883 -98.83 75.73 -4.56
CA GLU C 883 -98.77 75.25 -5.94
C GLU C 883 -98.49 76.39 -6.92
N LEU C 884 -99.09 77.55 -6.70
CA LEU C 884 -98.82 78.69 -7.56
C LEU C 884 -97.56 79.45 -7.16
N GLU C 885 -96.95 79.10 -6.02
CA GLU C 885 -95.75 79.81 -5.57
C GLU C 885 -94.56 79.51 -6.46
N ASN C 886 -94.38 78.26 -6.87
CA ASN C 886 -93.22 77.85 -7.64
C ASN C 886 -93.44 77.91 -9.16
N SER C 887 -94.58 78.42 -9.61
CA SER C 887 -94.91 78.42 -11.02
C SER C 887 -94.16 79.55 -11.74
N VAL C 888 -94.57 79.82 -12.98
CA VAL C 888 -93.86 80.79 -13.82
C VAL C 888 -94.03 82.22 -13.33
N LEU C 889 -94.98 82.47 -12.42
CA LEU C 889 -95.15 83.79 -11.82
C LEU C 889 -94.22 84.03 -10.63
N GLU C 890 -93.18 83.21 -10.47
CA GLU C 890 -92.24 83.39 -9.37
C GLU C 890 -91.47 84.70 -9.51
N LYS C 891 -91.12 85.07 -10.75
CA LYS C 891 -90.43 86.34 -10.99
C LYS C 891 -91.31 87.54 -10.66
N TYR C 892 -92.63 87.39 -10.80
CA TYR C 892 -93.56 88.48 -10.52
C TYR C 892 -94.04 88.50 -9.08
N LEU C 893 -93.57 87.58 -8.25
CA LEU C 893 -93.89 87.55 -6.82
C LEU C 893 -92.69 88.03 -6.03
N GLN C 894 -92.88 89.08 -5.23
CA GLN C 894 -91.81 89.71 -4.47
C GLN C 894 -92.15 89.69 -2.99
N TRP C 895 -91.18 90.09 -2.17
CA TRP C 895 -91.35 90.11 -0.72
C TRP C 895 -91.94 91.45 -0.29
N SER C 896 -93.07 91.40 0.39
CA SER C 896 -93.68 92.60 0.94
C SER C 896 -92.90 93.07 2.16
N PRO C 897 -92.94 94.37 2.46
CA PRO C 897 -92.34 94.85 3.72
C PRO C 897 -93.03 94.32 4.98
N ASN C 898 -94.27 93.84 4.85
CA ASN C 898 -95.02 93.26 5.98
C ASN C 898 -94.77 91.77 6.14
N LYS C 899 -93.61 91.27 5.68
CA LYS C 899 -93.21 89.86 5.77
C LYS C 899 -94.22 88.93 5.08
N THR C 900 -94.69 89.35 3.90
CA THR C 900 -95.61 88.56 3.10
C THR C 900 -95.15 88.61 1.64
N ARG C 901 -95.95 88.02 0.76
CA ARG C 901 -95.65 87.96 -0.66
C ARG C 901 -96.64 88.84 -1.42
N ILE C 902 -96.12 89.62 -2.37
CA ILE C 902 -96.94 90.53 -3.15
C ILE C 902 -96.73 90.23 -4.63
N LEU C 903 -97.82 90.09 -5.37
CA LEU C 903 -97.77 89.83 -6.80
C LEU C 903 -97.87 91.16 -7.53
N LYS C 904 -96.76 91.62 -8.09
CA LYS C 904 -96.64 92.97 -8.63
C LYS C 904 -96.45 92.94 -10.14
N GLY C 905 -96.90 94.00 -10.79
CA GLY C 905 -96.74 94.15 -12.23
C GLY C 905 -97.54 93.17 -13.05
N CYS C 906 -98.81 92.94 -12.67
CA CYS C 906 -99.65 91.98 -13.37
C CYS C 906 -101.11 92.31 -13.09
N ARG C 907 -101.99 91.66 -13.84
CA ARG C 907 -103.43 91.80 -13.67
C ARG C 907 -104.07 90.43 -13.80
N ILE C 908 -105.23 90.26 -13.17
CA ILE C 908 -106.00 89.02 -13.24
C ILE C 908 -107.26 89.29 -14.05
N LEU C 909 -107.42 88.54 -15.13
CA LEU C 909 -108.59 88.70 -15.98
C LEU C 909 -109.80 87.99 -15.38
N HIS C 910 -110.95 88.65 -15.46
CA HIS C 910 -112.21 88.10 -14.98
C HIS C 910 -112.90 87.35 -16.12
N LYS C 911 -114.17 87.01 -15.93
CA LYS C 911 -114.92 86.28 -16.95
C LYS C 911 -115.17 87.18 -18.16
N PHE C 912 -114.95 86.62 -19.36
CA PHE C 912 -115.12 87.30 -20.64
C PHE C 912 -114.30 88.59 -20.71
N GLU C 913 -113.07 88.54 -20.21
CA GLU C 913 -112.17 89.68 -20.20
C GLU C 913 -111.07 89.47 -21.23
N THR C 914 -110.86 90.46 -22.08
CA THR C 914 -109.87 90.40 -23.15
C THR C 914 -108.61 91.16 -22.74
N LEU C 915 -107.68 91.30 -23.68
CA LEU C 915 -106.43 91.99 -23.42
C LEU C 915 -106.63 93.50 -23.48
N GLN C 916 -106.00 94.20 -22.54
CA GLN C 916 -105.93 95.64 -22.41
C GLN C 916 -104.59 96.15 -22.94
N PRO C 917 -104.59 97.27 -23.67
CA PRO C 917 -103.33 97.82 -24.18
C PRO C 917 -102.38 98.20 -23.05
N GLY C 918 -101.08 97.99 -23.31
CA GLY C 918 -100.08 98.11 -22.28
C GLY C 918 -99.84 96.85 -21.47
N GLU C 919 -100.49 95.74 -21.83
CA GLU C 919 -100.31 94.46 -21.16
C GLU C 919 -99.78 93.43 -22.15
N SER C 920 -98.99 92.49 -21.64
CA SER C 920 -98.42 91.42 -22.45
C SER C 920 -98.72 90.08 -21.82
N TYR C 921 -98.75 89.05 -22.66
CA TYR C 921 -99.03 87.70 -22.17
C TYR C 921 -97.82 87.13 -21.43
N ILE C 922 -98.07 86.10 -20.64
CA ILE C 922 -97.04 85.49 -19.81
C ILE C 922 -96.43 84.28 -20.49
N GLU C 937 -85.45 78.33 -44.38
CA GLU C 937 -85.27 77.13 -45.19
C GLU C 937 -84.05 77.27 -46.10
N PRO C 938 -82.99 76.50 -45.82
CA PRO C 938 -81.77 76.61 -46.63
C PRO C 938 -81.95 75.99 -48.00
N LYS C 939 -81.36 76.65 -49.00
CA LYS C 939 -81.37 76.10 -50.35
C LYS C 939 -80.45 74.90 -50.48
N ASN C 940 -79.34 74.89 -49.74
CA ASN C 940 -78.40 73.78 -49.76
C ASN C 940 -78.89 72.68 -48.81
N LYS C 941 -78.02 71.72 -48.52
CA LYS C 941 -78.40 70.58 -47.71
C LYS C 941 -78.57 70.98 -46.24
N TRP C 942 -79.36 70.17 -45.53
CA TRP C 942 -79.81 70.52 -44.19
C TRP C 942 -78.71 70.39 -43.14
N TRP C 943 -77.78 69.45 -43.31
CA TRP C 943 -76.80 69.15 -42.27
C TRP C 943 -75.61 70.08 -42.30
N GLU C 944 -75.59 71.05 -43.21
CA GLU C 944 -74.51 72.03 -43.28
C GLU C 944 -74.75 73.12 -42.23
N TRP C 945 -74.01 74.22 -42.32
CA TRP C 945 -74.12 75.31 -41.36
C TRP C 945 -75.47 75.99 -41.47
N SER C 946 -76.08 76.28 -40.31
CA SER C 946 -77.38 76.93 -40.27
C SER C 946 -77.42 77.95 -39.13
N LEU D 21 -27.58 31.66 -31.70
CA LEU D 21 -26.17 31.17 -31.79
C LEU D 21 -25.24 32.33 -32.16
N ALA D 22 -24.07 32.42 -31.49
CA ALA D 22 -23.09 33.53 -31.62
C ALA D 22 -22.65 33.71 -33.07
N GLU D 23 -22.12 32.67 -33.71
CA GLU D 23 -21.53 32.75 -35.07
C GLU D 23 -22.62 33.10 -36.10
N VAL D 24 -23.86 32.67 -35.91
CA VAL D 24 -25.02 33.05 -36.77
C VAL D 24 -25.30 34.54 -36.57
N GLN D 25 -25.29 35.00 -35.32
CA GLN D 25 -25.46 36.43 -34.96
C GLN D 25 -24.37 37.26 -35.65
N ALA D 26 -23.12 36.80 -35.59
CA ALA D 26 -21.95 37.44 -36.23
C ALA D 26 -22.18 37.56 -37.75
N LEU D 27 -22.60 36.47 -38.40
CA LEU D 27 -22.90 36.43 -39.86
C LEU D 27 -24.03 37.40 -40.19
N GLU D 28 -25.06 37.46 -39.33
CA GLU D 28 -26.24 38.36 -39.50
C GLU D 28 -25.76 39.83 -39.47
N THR D 29 -24.88 40.16 -38.52
CA THR D 29 -24.31 41.52 -38.36
C THR D 29 -23.47 41.85 -39.59
N LEU D 30 -22.61 40.93 -40.03
CA LEU D 30 -21.77 41.15 -41.24
C LEU D 30 -22.68 41.45 -42.43
N LEU D 31 -23.70 40.63 -42.66
CA LEU D 31 -24.59 40.76 -43.84
C LEU D 31 -25.34 42.10 -43.81
N THR D 32 -25.99 42.43 -42.69
CA THR D 32 -26.96 43.57 -42.64
C THR D 32 -26.17 44.88 -42.52
N ARG D 33 -25.24 44.96 -41.55
CA ARG D 33 -24.49 46.21 -41.25
C ARG D 33 -23.49 46.51 -42.36
N GLU D 34 -22.76 45.51 -42.88
CA GLU D 34 -21.54 45.76 -43.70
C GLU D 34 -21.77 45.42 -45.18
N LEU D 35 -22.23 44.21 -45.53
CA LEU D 35 -22.24 43.71 -46.93
C LEU D 35 -23.47 44.19 -47.70
N SER D 36 -24.48 44.70 -46.97
CA SER D 36 -25.72 45.30 -47.55
C SER D 36 -25.38 46.27 -48.68
N VAL D 37 -24.23 46.97 -48.59
CA VAL D 37 -23.78 47.97 -49.60
C VAL D 37 -23.41 47.31 -50.93
N PHE D 38 -23.33 45.98 -50.99
CA PHE D 38 -22.98 45.21 -52.23
C PHE D 38 -24.19 44.49 -52.80
N LEU D 39 -25.38 44.69 -52.22
CA LEU D 39 -26.65 44.10 -52.73
C LEU D 39 -26.78 44.42 -54.22
N THR D 40 -26.98 43.40 -55.06
CA THR D 40 -27.25 43.52 -56.53
C THR D 40 -28.76 43.41 -56.79
N GLU D 41 -29.21 43.91 -57.95
CA GLU D 41 -30.62 43.80 -58.42
C GLU D 41 -30.84 42.39 -58.94
N PRO D 42 -32.11 41.90 -59.00
CA PRO D 42 -32.40 40.60 -59.59
C PRO D 42 -31.91 40.53 -61.04
N GLY D 43 -31.19 39.45 -61.39
CA GLY D 43 -30.67 39.19 -62.75
C GLY D 43 -29.45 40.02 -63.10
N SER D 44 -28.79 40.64 -62.10
CA SER D 44 -27.52 41.41 -62.26
C SER D 44 -26.38 40.44 -62.61
N LYS D 45 -25.47 40.86 -63.48
CA LYS D 45 -24.39 39.93 -63.91
C LYS D 45 -23.24 40.07 -62.92
N LYS D 46 -23.20 41.20 -62.22
CA LYS D 46 -22.16 41.41 -61.19
C LYS D 46 -22.37 40.43 -60.04
N THR D 47 -23.58 39.85 -59.93
CA THR D 47 -23.81 38.99 -58.73
C THR D 47 -22.79 37.84 -58.72
N ASN D 48 -22.12 37.59 -57.60
CA ASN D 48 -21.29 36.36 -57.40
C ASN D 48 -21.84 35.51 -56.25
N ILE D 49 -22.60 36.08 -55.32
CA ILE D 49 -23.09 35.37 -54.09
C ILE D 49 -24.60 35.54 -53.98
N ILE D 50 -25.29 34.44 -53.71
CA ILE D 50 -26.78 34.37 -53.56
C ILE D 50 -27.07 33.72 -52.20
N ASN D 51 -27.78 34.42 -51.32
CA ASN D 51 -28.29 33.88 -50.04
C ASN D 51 -29.77 33.55 -50.24
N ARG D 52 -30.07 32.29 -50.58
CA ARG D 52 -31.43 31.86 -50.98
C ARG D 52 -32.37 31.86 -49.77
N ILE D 53 -31.84 31.86 -48.53
CA ILE D 53 -32.68 31.98 -47.30
C ILE D 53 -33.23 33.41 -47.21
N THR D 54 -32.39 34.43 -47.34
CA THR D 54 -32.81 35.87 -47.27
C THR D 54 -33.25 36.37 -48.67
N GLY D 55 -33.02 35.59 -49.73
CA GLY D 55 -33.37 35.97 -51.10
C GLY D 55 -32.54 37.15 -51.60
N LYS D 56 -31.39 37.42 -50.97
CA LYS D 56 -30.50 38.57 -51.29
C LYS D 56 -29.44 38.11 -52.30
N THR D 57 -29.05 38.98 -53.22
CA THR D 57 -27.96 38.78 -54.19
C THR D 57 -26.90 39.86 -53.98
N TYR D 58 -25.62 39.49 -54.03
CA TYR D 58 -24.46 40.38 -53.74
C TYR D 58 -23.42 40.26 -54.84
N ALA D 59 -22.70 41.36 -55.11
CA ALA D 59 -21.39 41.39 -55.82
C ALA D 59 -20.31 41.75 -54.80
N LEU D 60 -19.70 40.74 -54.17
CA LEU D 60 -18.67 40.92 -53.13
C LEU D 60 -17.29 41.03 -53.78
N PRO D 61 -16.55 42.14 -53.53
CA PRO D 61 -15.12 42.16 -53.84
C PRO D 61 -14.36 41.12 -52.99
N SER D 62 -13.21 40.69 -53.49
CA SER D 62 -12.39 39.59 -52.93
C SER D 62 -12.20 39.76 -51.40
N THR D 63 -11.98 40.98 -50.92
CA THR D 63 -11.73 41.24 -49.48
C THR D 63 -12.95 40.82 -48.65
N GLU D 64 -14.15 41.13 -49.16
CA GLU D 64 -15.44 40.95 -48.43
C GLU D 64 -15.93 39.52 -48.64
N LEU D 65 -15.57 38.91 -49.76
CA LEU D 65 -15.80 37.46 -50.01
C LEU D 65 -15.07 36.65 -48.93
N LEU D 66 -13.83 36.96 -48.64
CA LEU D 66 -13.08 36.26 -47.64
C LEU D 66 -13.65 36.39 -46.26
N ARG D 67 -14.09 37.58 -45.93
CA ARG D 67 -14.69 37.86 -44.60
C ARG D 67 -15.98 37.04 -44.49
N LEU D 68 -16.75 36.97 -45.57
CA LEU D 68 -17.98 36.13 -45.66
C LEU D 68 -17.60 34.68 -45.38
N TYR D 69 -16.57 34.17 -46.06
CA TYR D 69 -16.11 32.76 -46.00
C TYR D 69 -15.66 32.41 -44.58
N GLU D 70 -15.00 33.33 -43.87
CA GLU D 70 -14.58 33.10 -42.45
C GLU D 70 -15.84 32.90 -41.59
N HIS D 71 -16.88 33.71 -41.80
CA HIS D 71 -18.15 33.62 -41.03
C HIS D 71 -18.89 32.34 -41.42
N LEU D 72 -19.00 32.03 -42.72
CA LEU D 72 -19.70 30.82 -43.21
C LEU D 72 -19.00 29.57 -42.69
N GLU D 73 -17.66 29.58 -42.66
CA GLU D 73 -16.83 28.46 -42.16
C GLU D 73 -17.12 28.24 -40.67
N GLN D 74 -17.18 29.30 -39.85
CA GLN D 74 -17.50 29.19 -38.41
C GLN D 74 -18.91 28.61 -38.24
N CYS D 75 -19.87 29.09 -39.03
CA CYS D 75 -21.27 28.61 -39.04
C CYS D 75 -21.30 27.13 -39.47
N ARG D 76 -20.46 26.74 -40.43
CA ARG D 76 -20.41 25.34 -40.97
C ARG D 76 -19.95 24.39 -39.85
N LYS D 77 -18.87 24.73 -39.16
CA LYS D 77 -18.26 23.92 -38.07
C LYS D 77 -19.26 23.71 -36.92
N GLN D 78 -20.32 24.53 -36.82
CA GLN D 78 -21.37 24.44 -35.76
C GLN D 78 -22.68 23.92 -36.36
N GLY D 79 -22.69 23.47 -37.60
CA GLY D 79 -23.84 22.79 -38.26
C GLY D 79 -25.01 23.72 -38.52
N ALA D 80 -24.75 25.02 -38.69
CA ALA D 80 -25.80 26.05 -38.92
C ALA D 80 -26.42 25.85 -40.30
N LEU D 81 -27.73 26.06 -40.41
CA LEU D 81 -28.51 26.10 -41.67
C LEU D 81 -27.98 27.24 -42.56
N MET D 82 -27.33 26.88 -43.67
CA MET D 82 -26.88 27.84 -44.73
C MET D 82 -27.47 27.43 -46.06
N TYR D 83 -27.86 28.40 -46.89
CA TYR D 83 -28.23 28.20 -48.31
C TYR D 83 -27.57 29.31 -49.14
N PHE D 84 -26.25 29.35 -49.15
CA PHE D 84 -25.44 30.25 -50.00
C PHE D 84 -25.05 29.54 -51.30
N LEU D 85 -25.22 30.23 -52.42
CA LEU D 85 -24.76 29.81 -53.77
C LEU D 85 -23.75 30.82 -54.27
N GLU D 86 -22.76 30.37 -55.04
CA GLU D 86 -21.89 31.27 -55.82
C GLU D 86 -22.26 31.11 -57.29
N ARG D 87 -22.24 32.20 -58.05
CA ARG D 87 -22.49 32.19 -59.51
C ARG D 87 -21.17 31.93 -60.24
N GLN D 88 -21.15 31.00 -61.19
CA GLN D 88 -19.91 30.53 -61.86
C GLN D 88 -19.45 31.63 -62.82
N GLY D 89 -20.40 32.33 -63.44
CA GLY D 89 -20.09 33.32 -64.48
C GLY D 89 -19.31 32.68 -65.61
N THR D 90 -18.46 33.44 -66.29
CA THR D 90 -17.88 33.08 -67.61
C THR D 90 -16.48 32.48 -67.43
N TYR D 91 -15.83 32.68 -66.28
CA TYR D 91 -14.43 32.26 -66.00
C TYR D 91 -14.29 31.98 -64.49
N SER D 92 -14.23 30.70 -64.10
CA SER D 92 -14.14 30.26 -62.69
C SER D 92 -13.77 28.77 -62.63
N GLY D 93 -13.63 28.25 -61.42
CA GLY D 93 -13.31 26.83 -61.15
C GLY D 93 -14.38 25.89 -61.70
N LEU D 94 -14.04 24.62 -61.85
CA LEU D 94 -14.95 23.60 -62.43
C LEU D 94 -15.68 22.88 -61.29
N MET D 95 -16.98 22.66 -61.48
CA MET D 95 -17.84 21.86 -60.58
C MET D 95 -18.52 20.78 -61.44
N LEU D 96 -18.50 19.54 -60.98
CA LEU D 96 -19.24 18.40 -61.60
C LEU D 96 -20.33 17.94 -60.61
N ASP D 97 -21.59 17.98 -61.02
CA ASP D 97 -22.74 17.56 -60.19
C ASP D 97 -23.22 16.18 -60.68
N TYR D 98 -22.95 15.13 -59.91
CA TYR D 98 -23.41 13.73 -60.17
C TYR D 98 -24.68 13.42 -59.34
N ASP D 99 -25.77 13.10 -60.04
CA ASP D 99 -27.06 12.60 -59.46
C ASP D 99 -27.15 11.11 -59.76
N LEU D 100 -26.88 10.26 -58.77
CA LEU D 100 -26.77 8.79 -58.91
C LEU D 100 -28.11 8.12 -58.56
N LYS D 101 -28.54 7.17 -59.38
CA LYS D 101 -29.52 6.12 -59.00
C LYS D 101 -28.73 4.86 -58.62
N LEU D 102 -28.89 4.35 -57.39
CA LEU D 102 -28.12 3.19 -56.85
C LEU D 102 -28.96 1.90 -56.83
N ASN D 103 -28.24 0.76 -56.88
CA ASN D 103 -28.70 -0.64 -56.71
C ASN D 103 -29.48 -0.82 -55.41
N THR D 104 -29.08 -0.07 -54.37
CA THR D 104 -29.52 -0.23 -52.96
C THR D 104 -29.57 1.15 -52.30
N ASN D 105 -29.96 1.19 -51.03
CA ASN D 105 -30.09 2.39 -50.17
C ASN D 105 -28.85 2.49 -49.27
N ALA D 106 -27.80 1.74 -49.59
CA ALA D 106 -26.49 1.76 -48.90
C ALA D 106 -25.59 2.79 -49.60
N VAL D 107 -25.00 3.70 -48.84
CA VAL D 107 -23.92 4.62 -49.32
C VAL D 107 -22.87 3.79 -50.03
N PRO D 108 -22.55 4.10 -51.31
CA PRO D 108 -21.52 3.35 -52.04
C PRO D 108 -20.16 3.61 -51.40
N PRO D 109 -19.21 2.64 -51.46
CA PRO D 109 -17.96 2.77 -50.72
C PRO D 109 -17.13 4.01 -51.09
N LEU D 110 -17.00 4.32 -52.39
CA LEU D 110 -16.24 5.49 -52.93
C LEU D 110 -14.96 5.69 -52.12
N GLU D 111 -14.07 4.69 -52.15
CA GLU D 111 -12.77 4.72 -51.44
C GLU D 111 -11.75 5.47 -52.30
N PRO D 112 -10.60 5.90 -51.74
CA PRO D 112 -9.63 6.71 -52.49
C PRO D 112 -9.24 6.22 -53.88
N PRO D 113 -8.99 4.91 -54.13
CA PRO D 113 -8.61 4.43 -55.47
C PRO D 113 -9.62 4.75 -56.57
N ALA D 114 -10.92 4.56 -56.31
CA ALA D 114 -12.00 4.90 -57.26
C ALA D 114 -12.01 6.41 -57.53
N LEU D 115 -11.98 7.22 -56.46
CA LEU D 115 -12.03 8.70 -56.58
C LEU D 115 -10.76 9.20 -57.27
N SER D 116 -9.61 8.59 -56.97
CA SER D 116 -8.28 8.91 -57.57
C SER D 116 -8.38 8.72 -59.08
N ARG D 117 -8.94 7.61 -59.53
CA ARG D 117 -9.08 7.28 -60.96
C ARG D 117 -10.02 8.26 -61.64
N LEU D 118 -11.11 8.63 -60.96
CA LEU D 118 -12.07 9.67 -61.43
C LEU D 118 -11.30 10.96 -61.73
N CYS D 119 -10.45 11.42 -60.81
CA CYS D 119 -9.62 12.65 -60.97
C CYS D 119 -8.77 12.55 -62.24
N HIS D 120 -8.08 11.43 -62.42
CA HIS D 120 -7.21 11.18 -63.60
C HIS D 120 -8.04 11.35 -64.87
N ARG D 121 -9.19 10.68 -64.96
CA ARG D 121 -10.08 10.71 -66.16
C ARG D 121 -10.58 12.14 -66.38
N ILE D 122 -11.03 12.82 -65.33
CA ILE D 122 -11.50 14.24 -65.40
C ILE D 122 -10.38 15.09 -65.99
N PHE D 123 -9.15 14.83 -65.58
CA PHE D 123 -7.95 15.61 -65.98
C PHE D 123 -7.65 15.38 -67.47
N VAL D 124 -7.74 14.13 -67.92
CA VAL D 124 -7.51 13.77 -69.35
C VAL D 124 -8.41 14.65 -70.22
N HIS D 125 -9.65 14.91 -69.83
CA HIS D 125 -10.61 15.74 -70.61
C HIS D 125 -10.22 17.22 -70.54
N ILE D 126 -9.80 17.69 -69.36
CA ILE D 126 -9.27 19.07 -69.15
C ILE D 126 -8.07 19.27 -70.09
N LYS D 127 -7.09 18.38 -70.03
CA LYS D 127 -5.86 18.41 -70.88
C LYS D 127 -6.25 18.44 -72.36
N ASN D 128 -7.24 17.63 -72.76
CA ASN D 128 -7.67 17.45 -74.17
C ASN D 128 -8.35 18.72 -74.69
N SER D 129 -8.83 19.59 -73.78
CA SER D 129 -9.44 20.91 -74.11
C SER D 129 -8.39 21.90 -74.62
N SER D 130 -7.11 21.64 -74.33
CA SER D 130 -5.91 22.35 -74.85
C SER D 130 -5.68 23.69 -74.14
N VAL D 131 -6.38 23.99 -73.03
CA VAL D 131 -6.43 25.37 -72.44
C VAL D 131 -5.48 25.47 -71.23
N LEU D 132 -4.85 24.38 -70.81
CA LEU D 132 -3.95 24.40 -69.62
C LEU D 132 -2.73 25.23 -69.97
N PRO D 133 -2.21 26.04 -69.01
CA PRO D 133 -0.97 26.77 -69.23
C PRO D 133 0.23 25.82 -69.21
N GLU D 134 1.32 26.18 -69.90
CA GLU D 134 2.60 25.42 -69.89
C GLU D 134 3.21 25.56 -68.48
N GLY D 135 4.10 24.64 -68.10
CA GLY D 135 4.84 24.66 -66.83
C GLY D 135 4.30 23.64 -65.85
N SER D 136 4.73 23.73 -64.59
CA SER D 136 4.31 22.83 -63.49
C SER D 136 3.24 23.52 -62.64
N HIS D 137 2.12 22.86 -62.40
CA HIS D 137 0.95 23.40 -61.65
C HIS D 137 0.30 22.32 -60.80
N LYS D 138 -0.03 22.66 -59.55
CA LYS D 138 -0.93 21.88 -58.67
C LYS D 138 -2.38 22.28 -58.94
N ILE D 139 -3.26 21.29 -59.11
CA ILE D 139 -4.74 21.52 -59.05
C ILE D 139 -5.35 20.54 -58.05
N HIS D 140 -6.27 21.04 -57.23
CA HIS D 140 -6.94 20.27 -56.14
C HIS D 140 -8.34 19.85 -56.59
N PHE D 141 -8.67 18.57 -56.38
CA PHE D 141 -10.03 17.97 -56.54
C PHE D 141 -10.59 17.70 -55.13
N PHE D 142 -11.85 18.07 -54.91
CA PHE D 142 -12.59 17.82 -53.65
C PHE D 142 -13.88 17.08 -54.01
N PHE D 143 -14.15 15.99 -53.30
CA PHE D 143 -15.39 15.19 -53.42
C PHE D 143 -16.22 15.40 -52.17
N THR D 144 -17.37 16.06 -52.34
CA THR D 144 -18.39 16.24 -51.27
C THR D 144 -19.55 15.30 -51.62
N LEU D 145 -20.06 14.58 -50.64
CA LEU D 145 -21.04 13.48 -50.84
C LEU D 145 -22.34 13.82 -50.10
N LYS D 146 -23.49 13.55 -50.73
CA LYS D 146 -24.83 13.45 -50.09
C LYS D 146 -24.68 12.60 -48.83
N PRO D 147 -25.15 13.08 -47.65
CA PRO D 147 -24.89 12.37 -46.40
C PRO D 147 -25.54 10.98 -46.33
N GLU D 148 -26.70 10.79 -46.96
CA GLU D 148 -27.42 9.48 -46.99
C GLU D 148 -28.07 9.25 -48.35
N VAL D 149 -28.34 7.99 -48.71
CA VAL D 149 -29.16 7.59 -49.88
C VAL D 149 -30.64 7.72 -49.45
N VAL D 150 -31.46 8.30 -50.31
CA VAL D 150 -32.94 8.42 -50.11
C VAL D 150 -33.59 7.76 -51.32
N GLN D 151 -34.26 6.62 -51.12
CA GLN D 151 -34.95 5.83 -52.17
C GLN D 151 -33.99 5.56 -53.33
N GLY D 152 -32.75 5.15 -53.01
CA GLY D 152 -31.74 4.78 -54.02
C GLY D 152 -31.13 5.98 -54.73
N LYS D 153 -31.57 7.20 -54.42
CA LYS D 153 -31.03 8.45 -55.00
C LYS D 153 -29.80 8.86 -54.18
N TYR D 154 -28.66 9.08 -54.85
CA TYR D 154 -27.40 9.49 -54.20
C TYR D 154 -26.71 10.56 -55.04
N GLY D 155 -25.73 11.25 -54.47
CA GLY D 155 -25.06 12.39 -55.13
C GLY D 155 -23.67 12.62 -54.62
N PHE D 156 -22.82 13.15 -55.50
CA PHE D 156 -21.57 13.83 -55.11
C PHE D 156 -21.31 15.00 -56.05
N HIS D 157 -20.63 16.00 -55.49
CA HIS D 157 -19.98 17.11 -56.23
C HIS D 157 -18.48 16.80 -56.33
N VAL D 158 -17.91 17.00 -57.52
CA VAL D 158 -16.43 17.14 -57.72
C VAL D 158 -16.15 18.63 -57.94
N LEU D 159 -15.42 19.23 -57.02
CA LEU D 159 -15.01 20.65 -57.10
C LEU D 159 -13.53 20.69 -57.50
N ILE D 160 -13.22 21.40 -58.58
CA ILE D 160 -11.84 21.79 -58.98
C ILE D 160 -11.79 23.32 -58.97
N PRO D 161 -11.84 23.94 -57.77
CA PRO D 161 -12.06 25.38 -57.64
C PRO D 161 -10.93 26.27 -58.19
N GLY D 162 -9.69 25.80 -58.11
CA GLY D 162 -8.47 26.55 -58.51
C GLY D 162 -8.27 26.63 -60.01
N LEU D 163 -8.79 25.67 -60.78
CA LEU D 163 -8.59 25.58 -62.25
C LEU D 163 -9.60 26.49 -62.96
N LYS D 164 -9.17 27.71 -63.26
CA LYS D 164 -10.05 28.78 -63.79
C LYS D 164 -10.26 28.53 -65.28
N LEU D 165 -11.49 28.17 -65.65
CA LEU D 165 -11.90 27.72 -67.02
C LEU D 165 -12.99 28.63 -67.58
N ALA D 166 -13.00 28.83 -68.90
CA ALA D 166 -14.11 29.50 -69.61
C ALA D 166 -15.33 28.60 -69.49
N ALA D 167 -16.53 29.19 -69.40
CA ALA D 167 -17.82 28.47 -69.31
C ALA D 167 -17.92 27.48 -70.48
N SER D 168 -17.60 27.93 -71.70
CA SER D 168 -17.65 27.11 -72.94
C SER D 168 -16.73 25.88 -72.81
N THR D 169 -15.55 26.03 -72.21
CA THR D 169 -14.59 24.90 -71.99
C THR D 169 -15.17 23.91 -70.97
N LYS D 170 -15.77 24.40 -69.88
CA LYS D 170 -16.43 23.55 -68.86
C LYS D 170 -17.50 22.67 -69.53
N LYS D 171 -18.35 23.29 -70.37
CA LYS D 171 -19.45 22.60 -71.09
C LYS D 171 -18.85 21.49 -71.96
N SER D 172 -17.79 21.81 -72.70
CA SER D 172 -17.05 20.85 -73.57
C SER D 172 -16.51 19.69 -72.70
N ILE D 173 -15.82 19.99 -71.60
CA ILE D 173 -15.24 18.96 -70.67
C ILE D 173 -16.36 18.07 -70.12
N ILE D 174 -17.47 18.69 -69.70
CA ILE D 174 -18.66 17.95 -69.16
C ILE D 174 -19.22 17.02 -70.25
N GLY D 175 -19.40 17.50 -71.49
CA GLY D 175 -19.86 16.69 -72.63
C GLY D 175 -19.02 15.42 -72.79
N SER D 176 -17.70 15.57 -72.82
CA SER D 176 -16.71 14.46 -72.95
C SER D 176 -16.83 13.50 -71.76
N LEU D 177 -16.99 14.02 -70.54
CA LEU D 177 -17.01 13.22 -69.29
C LEU D 177 -18.24 12.29 -69.26
N GLN D 178 -19.37 12.75 -69.83
CA GLN D 178 -20.64 11.97 -69.86
C GLN D 178 -20.41 10.65 -70.61
N HIS D 179 -19.56 10.66 -71.65
CA HIS D 179 -19.33 9.53 -72.59
C HIS D 179 -18.07 8.72 -72.22
N ASP D 180 -17.42 8.99 -71.08
CA ASP D 180 -16.16 8.33 -70.67
C ASP D 180 -16.46 6.93 -70.15
N ALA D 181 -15.99 5.90 -70.87
CA ALA D 181 -16.21 4.46 -70.59
C ALA D 181 -15.59 4.07 -69.25
N THR D 182 -14.40 4.57 -68.92
CA THR D 182 -13.70 4.26 -67.64
C THR D 182 -14.51 4.82 -66.46
N VAL D 183 -15.03 6.05 -66.58
CA VAL D 183 -15.85 6.72 -65.53
C VAL D 183 -17.13 5.89 -65.33
N GLN D 184 -17.75 5.45 -66.43
CA GLN D 184 -19.02 4.67 -66.42
C GLN D 184 -18.77 3.34 -65.70
N LYS D 185 -17.63 2.70 -65.98
CA LYS D 185 -17.21 1.46 -65.30
C LYS D 185 -17.10 1.70 -63.78
N ILE D 186 -16.30 2.68 -63.38
CA ILE D 186 -16.08 3.03 -61.94
C ILE D 186 -17.44 3.17 -61.26
N LEU D 187 -18.35 3.95 -61.85
CA LEU D 187 -19.67 4.27 -61.27
C LEU D 187 -20.51 2.99 -61.19
N HIS D 188 -20.46 2.17 -62.24
CA HIS D 188 -21.16 0.85 -62.32
C HIS D 188 -20.71 -0.04 -61.16
N GLU D 189 -19.40 -0.14 -60.91
CA GLU D 189 -18.83 -1.01 -59.85
C GLU D 189 -19.17 -0.45 -58.47
N GLN D 190 -19.61 0.80 -58.37
CA GLN D 190 -20.07 1.44 -57.11
C GLN D 190 -21.56 1.13 -56.88
N GLY D 191 -22.25 0.58 -57.90
CA GLY D 191 -23.68 0.23 -57.85
C GLY D 191 -24.59 1.25 -58.53
N VAL D 192 -24.02 2.11 -59.38
CA VAL D 192 -24.79 3.17 -60.10
C VAL D 192 -25.47 2.53 -61.30
N THR D 193 -26.80 2.70 -61.42
CA THR D 193 -27.64 2.14 -62.51
C THR D 193 -27.85 3.17 -63.63
N ASN D 194 -27.43 4.44 -63.45
CA ASN D 194 -27.53 5.50 -64.48
C ASN D 194 -26.15 6.10 -64.79
N PRO D 195 -25.12 5.27 -65.06
CA PRO D 195 -23.77 5.79 -65.26
C PRO D 195 -23.62 6.65 -66.53
N GLU D 196 -24.56 6.53 -67.47
CA GLU D 196 -24.54 7.26 -68.78
C GLU D 196 -25.14 8.65 -68.64
N SER D 197 -25.97 8.88 -67.62
CA SER D 197 -26.87 10.07 -67.53
C SER D 197 -26.92 10.66 -66.10
N CYS D 198 -25.89 10.43 -65.28
CA CYS D 198 -25.84 10.88 -63.87
C CYS D 198 -25.14 12.25 -63.76
N LEU D 199 -24.26 12.61 -64.71
CA LEU D 199 -23.56 13.92 -64.70
C LEU D 199 -24.48 15.00 -65.28
N ASP D 200 -24.86 15.99 -64.46
CA ASP D 200 -25.69 17.15 -64.88
C ASP D 200 -24.96 17.93 -65.98
N PRO D 201 -25.48 17.95 -67.24
CA PRO D 201 -24.82 18.66 -68.33
C PRO D 201 -24.80 20.20 -68.17
N HIS D 202 -25.55 20.73 -67.20
CA HIS D 202 -25.63 22.17 -66.86
C HIS D 202 -24.70 22.49 -65.67
N SER D 203 -23.91 21.52 -65.21
CA SER D 203 -22.86 21.66 -64.16
C SER D 203 -22.03 22.92 -64.39
N ALA D 204 -21.82 23.32 -65.64
CA ALA D 204 -20.97 24.49 -66.05
C ALA D 204 -21.64 25.82 -65.71
N SER D 205 -22.98 25.88 -65.70
CA SER D 205 -23.76 27.15 -65.68
C SER D 205 -24.54 27.32 -64.37
N VAL D 206 -24.96 26.25 -63.70
CA VAL D 206 -25.82 26.34 -62.48
C VAL D 206 -25.04 27.09 -61.40
N PRO D 207 -25.71 27.90 -60.56
CA PRO D 207 -25.10 28.41 -59.34
C PRO D 207 -24.73 27.21 -58.45
N SER D 208 -23.61 27.30 -57.76
CA SER D 208 -22.96 26.17 -57.05
C SER D 208 -23.03 26.45 -55.55
N LEU D 209 -23.53 25.48 -54.77
CA LEU D 209 -23.67 25.63 -53.30
C LEU D 209 -22.28 25.84 -52.69
N LEU D 210 -22.15 26.79 -51.79
CA LEU D 210 -20.93 26.93 -50.95
C LEU D 210 -20.89 25.71 -50.02
N TYR D 211 -19.69 25.27 -49.67
CA TYR D 211 -19.51 24.14 -48.73
C TYR D 211 -20.26 24.47 -47.43
N GLY D 212 -21.08 23.54 -46.95
CA GLY D 212 -21.89 23.72 -45.73
C GLY D 212 -23.32 24.17 -46.04
N SER D 213 -23.60 24.53 -47.30
CA SER D 213 -24.93 25.00 -47.74
C SER D 213 -25.68 23.89 -48.47
N SER D 214 -27.01 24.02 -48.58
CA SER D 214 -27.91 23.05 -49.27
C SER D 214 -29.25 23.71 -49.57
N LYS D 215 -30.00 23.16 -50.52
CA LYS D 215 -31.45 23.44 -50.69
C LYS D 215 -32.12 23.22 -49.34
N LEU D 216 -33.23 23.88 -49.08
CA LEU D 216 -33.85 23.92 -47.73
C LEU D 216 -34.45 22.55 -47.40
N ASN D 217 -34.70 21.73 -48.42
CA ASN D 217 -35.31 20.37 -48.29
C ASN D 217 -34.22 19.29 -48.15
N HIS D 218 -32.94 19.62 -48.34
CA HIS D 218 -31.81 18.65 -48.36
C HIS D 218 -30.85 18.97 -47.21
N LYS D 219 -29.89 18.08 -46.93
CA LYS D 219 -28.81 18.33 -45.94
C LYS D 219 -27.53 18.60 -46.74
N PRO D 220 -26.57 19.37 -46.18
CA PRO D 220 -25.35 19.73 -46.91
C PRO D 220 -24.46 18.51 -47.18
N TYR D 221 -23.88 18.48 -48.38
CA TYR D 221 -22.84 17.49 -48.79
C TYR D 221 -21.65 17.65 -47.84
N GLN D 222 -21.00 16.53 -47.52
CA GLN D 222 -19.85 16.44 -46.58
C GLN D 222 -18.58 16.11 -47.37
N LEU D 223 -17.48 16.82 -47.08
CA LEU D 223 -16.17 16.60 -47.74
C LEU D 223 -15.65 15.24 -47.26
N LYS D 224 -15.48 14.28 -48.17
CA LYS D 224 -14.96 12.94 -47.82
C LYS D 224 -13.44 12.92 -48.06
N THR D 225 -13.00 13.32 -49.25
CA THR D 225 -11.59 13.17 -49.70
C THR D 225 -11.27 14.30 -50.67
N GLY D 226 -10.06 14.87 -50.55
CA GLY D 226 -9.48 15.80 -51.55
C GLY D 226 -8.17 15.28 -52.08
N PHE D 227 -7.83 15.60 -53.34
CA PHE D 227 -6.62 15.14 -54.03
C PHE D 227 -5.86 16.32 -54.62
N GLU D 228 -4.54 16.22 -54.59
CA GLU D 228 -3.59 17.14 -55.25
C GLU D 228 -3.07 16.47 -56.52
N LEU D 229 -3.38 17.03 -57.69
CA LEU D 229 -2.85 16.59 -59.00
C LEU D 229 -1.81 17.62 -59.43
N VAL D 230 -0.57 17.18 -59.71
CA VAL D 230 0.48 18.04 -60.32
C VAL D 230 0.59 17.63 -61.79
N PHE D 231 0.52 18.58 -62.71
CA PHE D 231 0.82 18.36 -64.14
C PHE D 231 2.04 19.22 -64.50
N ASP D 232 2.84 18.70 -65.44
CA ASP D 232 4.07 19.37 -65.96
C ASP D 232 4.10 19.16 -67.47
N SER D 233 4.01 20.25 -68.24
CA SER D 233 3.96 20.26 -69.73
C SER D 233 5.21 19.57 -70.31
N SER D 234 6.34 19.69 -69.62
CA SER D 234 7.65 19.12 -70.04
C SER D 234 7.65 17.60 -69.86
N ASP D 235 6.86 17.09 -68.91
CA ASP D 235 6.80 15.66 -68.50
C ASP D 235 5.34 15.21 -68.45
N PRO D 236 4.64 15.18 -69.60
CA PRO D 236 3.18 15.04 -69.62
C PRO D 236 2.66 13.68 -69.14
N ASP D 237 3.51 12.65 -69.11
CA ASP D 237 3.11 11.28 -68.74
C ASP D 237 3.19 11.11 -67.22
N TYR D 238 3.78 12.06 -66.50
CA TYR D 238 3.84 12.01 -65.02
C TYR D 238 2.74 12.88 -64.43
N ILE D 239 1.70 12.25 -63.90
CA ILE D 239 0.47 12.93 -63.37
C ILE D 239 0.20 12.40 -61.97
N PRO D 240 1.01 12.76 -60.94
CA PRO D 240 0.84 12.22 -59.56
C PRO D 240 -0.28 12.94 -58.83
N ILE D 241 -1.29 12.19 -58.39
CA ILE D 241 -2.46 12.81 -57.69
C ILE D 241 -2.35 12.54 -56.18
N HIS D 242 -1.59 13.37 -55.46
CA HIS D 242 -1.37 13.18 -54.00
C HIS D 242 -2.63 13.57 -53.23
N GLN D 243 -3.18 12.65 -52.44
CA GLN D 243 -4.35 12.98 -51.59
C GLN D 243 -3.95 14.10 -50.62
N ILE D 244 -4.92 14.85 -50.10
CA ILE D 244 -4.57 15.99 -49.22
C ILE D 244 -4.81 15.56 -47.77
N LYS D 245 -3.85 15.75 -46.87
CA LYS D 245 -3.87 15.07 -45.53
C LYS D 245 -4.42 16.00 -44.46
N ASN D 246 -4.11 17.30 -44.51
CA ASN D 246 -4.43 18.28 -43.43
C ASN D 246 -5.54 19.22 -43.91
N LEU D 247 -6.65 18.67 -44.42
CA LEU D 247 -7.80 19.43 -44.97
C LEU D 247 -8.41 20.33 -43.88
N GLU D 248 -8.58 19.80 -42.66
CA GLU D 248 -9.16 20.48 -41.47
C GLU D 248 -8.41 21.77 -41.14
N SER D 249 -7.13 21.87 -41.54
CA SER D 249 -6.23 23.03 -41.26
C SER D 249 -6.68 24.28 -42.02
N TYR D 250 -7.50 24.14 -43.06
CA TYR D 250 -7.84 25.23 -43.99
C TYR D 250 -9.29 25.67 -43.76
N ASN D 251 -9.63 26.86 -44.24
CA ASN D 251 -11.04 27.32 -44.33
C ASN D 251 -11.65 26.67 -45.58
N LEU D 252 -12.45 25.63 -45.39
CA LEU D 252 -12.98 24.77 -46.49
C LEU D 252 -14.00 25.54 -47.35
N VAL D 253 -14.86 26.38 -46.77
CA VAL D 253 -15.79 27.23 -47.58
C VAL D 253 -14.93 28.00 -48.59
N SER D 254 -13.87 28.65 -48.08
CA SER D 254 -12.86 29.43 -48.85
C SER D 254 -12.22 28.58 -49.96
N GLU D 255 -11.55 27.49 -49.58
CA GLU D 255 -10.72 26.68 -50.51
C GLU D 255 -11.59 26.07 -51.61
N LEU D 256 -12.81 25.61 -51.28
CA LEU D 256 -13.71 24.87 -52.21
C LEU D 256 -14.46 25.83 -53.15
N SER D 257 -14.46 27.14 -52.87
CA SER D 257 -15.18 28.16 -53.67
C SER D 257 -14.59 28.25 -55.09
N LEU D 258 -15.44 28.08 -56.12
CA LEU D 258 -15.07 28.12 -57.56
C LEU D 258 -14.59 29.53 -57.96
N THR D 259 -15.08 30.58 -57.27
CA THR D 259 -14.86 31.99 -57.67
C THR D 259 -13.75 32.63 -56.83
N ASN D 260 -13.33 32.00 -55.72
CA ASN D 260 -12.23 32.48 -54.85
C ASN D 260 -10.90 32.43 -55.60
N GLU D 261 -10.03 33.41 -55.39
CA GLU D 261 -8.66 33.48 -55.97
C GLU D 261 -7.62 33.71 -54.86
N GLN D 262 -8.05 33.74 -53.60
CA GLN D 262 -7.21 34.10 -52.44
C GLN D 262 -7.26 32.99 -51.38
N GLY D 263 -7.48 31.74 -51.82
CA GLY D 263 -7.29 30.55 -50.97
C GLY D 263 -5.82 30.35 -50.61
N SER D 264 -5.54 29.60 -49.55
CA SER D 264 -4.18 29.27 -49.07
C SER D 264 -3.73 27.94 -49.70
N LEU D 265 -4.54 26.89 -49.55
CA LEU D 265 -4.29 25.56 -50.19
C LEU D 265 -4.46 25.71 -51.70
N VAL D 266 -5.61 26.24 -52.12
CA VAL D 266 -6.01 26.34 -53.56
C VAL D 266 -5.50 27.67 -54.11
N ARG D 267 -4.46 27.62 -54.95
CA ARG D 267 -3.88 28.77 -55.67
C ARG D 267 -4.36 28.66 -57.12
N PRO D 268 -4.91 29.75 -57.71
CA PRO D 268 -5.48 29.66 -59.05
C PRO D 268 -4.45 29.25 -60.11
N VAL D 269 -4.86 28.41 -61.06
CA VAL D 269 -4.14 28.23 -62.35
C VAL D 269 -5.11 28.66 -63.46
N TYR D 270 -4.67 29.65 -64.23
CA TYR D 270 -5.46 30.40 -65.24
C TYR D 270 -5.32 29.67 -66.59
N CYS D 271 -6.42 29.10 -67.06
CA CYS D 271 -6.53 28.46 -68.39
C CYS D 271 -6.83 29.54 -69.44
N ALA D 272 -6.45 29.29 -70.70
CA ALA D 272 -6.78 30.13 -71.87
C ALA D 272 -8.30 30.27 -71.98
N ALA D 273 -8.81 31.48 -72.23
CA ALA D 273 -10.25 31.77 -72.43
C ALA D 273 -10.64 31.45 -73.88
N MET D 294 -41.19 31.46 -53.85
CA MET D 294 -39.73 31.36 -53.74
C MET D 294 -39.31 31.25 -52.28
N LEU D 295 -39.71 32.21 -51.47
CA LEU D 295 -39.39 32.23 -50.05
C LEU D 295 -40.35 31.33 -49.29
N HIS D 296 -39.81 30.45 -48.45
CA HIS D 296 -40.60 29.46 -47.75
C HIS D 296 -40.67 29.72 -46.25
N ASP D 297 -39.51 29.79 -45.56
CA ASP D 297 -39.27 29.83 -44.12
C ASP D 297 -40.30 29.02 -43.33
N PRO D 298 -40.36 27.70 -43.52
CA PRO D 298 -41.43 26.92 -42.86
C PRO D 298 -41.25 26.75 -41.37
N GLU D 299 -40.01 26.90 -40.86
CA GLU D 299 -39.67 26.74 -39.44
C GLU D 299 -40.08 25.37 -38.90
N ALA D 300 -40.03 24.36 -39.76
CA ALA D 300 -40.42 22.97 -39.46
C ALA D 300 -41.85 22.89 -38.91
N ARG D 301 -42.72 23.74 -39.42
CA ARG D 301 -44.12 23.75 -38.98
C ARG D 301 -45.10 23.60 -40.12
N TYR D 302 -44.84 24.21 -41.28
CA TYR D 302 -45.72 24.07 -42.43
C TYR D 302 -45.27 22.97 -43.37
N LEU D 303 -44.11 22.35 -43.10
CA LEU D 303 -43.73 21.13 -43.80
C LEU D 303 -44.72 20.01 -43.50
N HIS D 304 -45.29 20.01 -42.29
CA HIS D 304 -46.38 19.09 -41.98
C HIS D 304 -47.60 19.36 -42.85
N LYS D 305 -47.91 20.64 -43.09
CA LYS D 305 -49.02 20.99 -43.97
C LYS D 305 -48.75 20.55 -45.41
N ILE D 306 -47.50 20.68 -45.85
CA ILE D 306 -47.14 20.17 -47.18
C ILE D 306 -47.27 18.65 -47.23
N LEU D 307 -46.86 17.97 -46.16
CA LEU D 307 -46.92 16.51 -46.12
C LEU D 307 -48.35 15.99 -46.11
N ASN D 308 -49.29 16.74 -45.52
CA ASN D 308 -50.67 16.30 -45.54
C ASN D 308 -51.49 16.89 -46.68
N LEU D 309 -50.95 17.86 -47.42
CA LEU D 309 -51.70 18.52 -48.49
C LEU D 309 -51.60 17.81 -49.82
N LEU D 310 -50.41 17.30 -50.15
CA LEU D 310 -50.22 16.56 -51.39
C LEU D 310 -51.02 15.24 -51.53
N PRO D 311 -51.15 14.36 -50.53
CA PRO D 311 -51.76 13.02 -50.76
C PRO D 311 -53.16 12.99 -51.34
N PRO D 312 -54.08 13.93 -51.04
CA PRO D 312 -55.38 13.87 -51.71
C PRO D 312 -55.29 14.10 -53.21
N GLU D 313 -56.23 13.50 -53.93
CA GLU D 313 -56.30 13.58 -55.39
C GLU D 313 -57.06 14.80 -55.87
N TYR D 314 -57.09 15.87 -55.07
CA TYR D 314 -57.85 17.07 -55.35
C TYR D 314 -57.02 18.15 -56.05
N TYR D 315 -56.10 17.75 -56.92
CA TYR D 315 -55.30 18.73 -57.64
C TYR D 315 -56.18 19.58 -58.56
N VAL D 316 -57.13 18.94 -59.23
CA VAL D 316 -58.23 19.65 -59.87
C VAL D 316 -59.43 19.63 -58.93
N GLU D 317 -60.19 20.72 -58.91
CA GLU D 317 -61.28 20.88 -57.95
C GLU D 317 -62.45 21.57 -58.66
N TYR D 318 -63.42 20.78 -59.10
CA TYR D 318 -64.63 21.38 -59.64
C TYR D 318 -65.63 21.79 -58.56
N PRO D 319 -65.94 20.97 -57.50
CA PRO D 319 -66.86 21.48 -56.47
C PRO D 319 -66.20 22.04 -55.21
N LEU D 320 -64.89 21.84 -55.06
CA LEU D 320 -64.20 22.16 -53.82
C LEU D 320 -63.00 23.08 -54.03
N TRP D 321 -63.01 23.87 -55.11
CA TRP D 321 -61.93 24.82 -55.34
C TRP D 321 -61.93 25.93 -54.29
N SER D 322 -63.09 26.47 -53.97
CA SER D 322 -63.18 27.50 -52.94
C SER D 322 -62.99 26.95 -51.54
N ASN D 323 -63.28 25.66 -51.33
CA ASN D 323 -63.27 25.08 -49.99
C ASN D 323 -61.87 24.84 -49.43
N VAL D 324 -60.83 25.05 -50.23
CA VAL D 324 -59.46 24.88 -49.76
C VAL D 324 -58.85 26.19 -49.30
N VAL D 325 -59.06 27.27 -50.05
CA VAL D 325 -58.43 28.55 -49.73
C VAL D 325 -59.05 29.16 -48.47
N PHE D 326 -60.37 29.05 -48.29
CA PHE D 326 -60.99 29.51 -47.06
C PHE D 326 -60.68 28.59 -45.89
N ALA D 327 -60.21 27.37 -46.15
CA ALA D 327 -59.70 26.54 -45.07
C ALA D 327 -58.35 27.03 -44.55
N LEU D 328 -57.59 27.74 -45.39
CA LEU D 328 -56.37 28.39 -44.97
C LEU D 328 -56.58 29.87 -44.67
N ALA D 329 -57.83 30.29 -44.45
CA ALA D 329 -58.10 31.68 -44.08
C ALA D 329 -57.59 31.99 -42.69
N ASN D 330 -57.53 30.99 -41.80
CA ASN D 330 -56.93 31.18 -40.48
C ASN D 330 -55.43 31.42 -40.60
N THR D 331 -54.79 30.83 -41.60
CA THR D 331 -53.37 31.07 -41.84
C THR D 331 -53.15 32.50 -42.33
N SER D 332 -52.25 33.22 -41.67
CA SER D 332 -51.97 34.59 -42.05
C SER D 332 -51.18 34.64 -43.35
N ALA D 333 -49.99 34.03 -43.37
CA ALA D 333 -49.14 34.00 -44.57
C ALA D 333 -49.54 32.79 -45.41
N ASN D 334 -50.69 32.92 -46.07
CA ASN D 334 -51.23 31.86 -46.90
C ASN D 334 -50.81 31.96 -48.36
N TYR D 335 -50.05 33.00 -48.71
CA TYR D 335 -49.68 33.23 -50.11
C TYR D 335 -48.76 32.15 -50.64
N ARG D 336 -47.70 31.84 -49.89
CA ARG D 336 -46.80 30.75 -50.25
C ARG D 336 -47.48 29.38 -50.21
N PRO D 337 -48.31 29.03 -49.19
CA PRO D 337 -49.08 27.78 -49.31
C PRO D 337 -49.98 27.69 -50.53
N LEU D 338 -50.68 28.77 -50.89
CA LEU D 338 -51.56 28.68 -52.06
C LEU D 338 -50.74 28.61 -53.35
N ALA D 339 -49.60 29.31 -53.40
CA ALA D 339 -48.74 29.24 -54.57
C ALA D 339 -48.08 27.88 -54.70
N GLU D 340 -47.84 27.18 -53.58
CA GLU D 340 -47.34 25.82 -53.66
C GLU D 340 -48.44 24.84 -54.03
N TRP D 341 -49.67 25.09 -53.60
CA TRP D 341 -50.75 24.13 -53.79
C TRP D 341 -51.37 24.22 -55.19
N PHE D 342 -51.89 25.39 -55.53
CA PHE D 342 -52.76 25.54 -56.71
C PHE D 342 -52.05 26.20 -57.88
N SER D 343 -50.79 25.87 -58.13
CA SER D 343 -50.04 26.43 -59.26
C SER D 343 -49.42 25.34 -60.12
N GLN D 344 -50.13 24.21 -60.26
CA GLN D 344 -49.66 23.13 -61.11
C GLN D 344 -50.84 22.31 -61.64
N THR D 352 -54.45 19.64 -65.50
CA THR D 352 -53.33 20.25 -64.81
C THR D 352 -53.12 21.70 -65.24
N GLY D 353 -52.21 22.40 -64.57
CA GLY D 353 -51.94 23.79 -64.88
C GLY D 353 -53.08 24.70 -64.49
N GLY D 354 -53.79 25.23 -65.48
CA GLY D 354 -54.91 26.11 -65.23
C GLY D 354 -54.55 27.55 -64.93
N LYS D 355 -53.28 27.92 -65.13
CA LYS D 355 -52.68 29.24 -64.90
C LYS D 355 -53.13 29.91 -63.59
N GLU D 356 -53.28 29.09 -62.53
CA GLU D 356 -53.72 29.54 -61.20
C GLU D 356 -55.05 30.28 -61.28
N LYS D 357 -55.98 29.73 -62.07
CA LYS D 357 -57.22 30.39 -62.53
C LYS D 357 -56.99 31.87 -62.86
N LEU D 358 -56.04 32.08 -63.78
CA LEU D 358 -55.55 33.40 -64.24
C LEU D 358 -55.20 34.35 -63.09
N GLU D 359 -54.78 33.76 -61.95
CA GLU D 359 -54.30 34.49 -60.77
C GLU D 359 -55.31 35.51 -60.26
N LYS D 360 -56.60 35.14 -60.30
CA LYS D 360 -57.62 36.05 -59.78
C LYS D 360 -57.70 36.01 -58.27
N LEU D 361 -57.07 35.00 -57.63
CA LEU D 361 -56.80 34.96 -56.19
C LEU D 361 -58.07 34.98 -55.36
N TRP D 362 -59.15 34.40 -55.91
CA TRP D 362 -60.50 34.49 -55.34
C TRP D 362 -60.89 35.94 -55.06
N ASN D 363 -60.80 36.76 -56.11
CA ASN D 363 -61.04 38.21 -56.05
C ASN D 363 -60.14 38.88 -55.01
N ASP D 364 -58.84 38.60 -55.13
CA ASP D 364 -57.77 39.24 -54.35
C ASP D 364 -57.96 39.02 -52.85
N ALA D 365 -57.85 37.74 -52.47
CA ALA D 365 -57.86 37.28 -51.07
C ALA D 365 -59.16 37.68 -50.35
N SER D 366 -60.24 37.07 -50.82
CA SER D 366 -61.55 37.28 -50.21
C SER D 366 -61.55 36.77 -48.77
N HIS D 367 -62.10 37.58 -47.87
CA HIS D 367 -62.16 37.21 -46.47
C HIS D 367 -63.22 36.12 -46.25
N HIS D 368 -63.10 35.45 -45.11
CA HIS D 368 -64.06 34.40 -44.76
C HIS D 368 -65.42 35.03 -44.46
N THR D 369 -66.49 34.41 -44.99
CA THR D 369 -67.83 34.88 -44.71
C THR D 369 -68.18 34.70 -43.24
N GLU D 370 -67.79 33.57 -42.66
CA GLU D 370 -68.01 33.27 -41.26
C GLU D 370 -66.95 32.26 -40.82
N LYS D 371 -67.15 31.66 -39.65
CA LYS D 371 -66.26 30.62 -39.15
C LYS D 371 -66.62 29.30 -39.83
N LYS D 372 -66.25 29.21 -41.11
CA LYS D 372 -66.63 28.06 -41.93
C LYS D 372 -65.73 26.85 -41.65
N ILE D 373 -64.43 27.00 -41.92
CA ILE D 373 -63.50 25.88 -41.88
C ILE D 373 -62.13 26.37 -41.38
N THR D 374 -61.34 25.42 -40.90
CA THR D 374 -60.00 25.68 -40.38
C THR D 374 -59.09 24.56 -40.85
N LYS D 375 -57.94 24.41 -40.17
CA LYS D 375 -56.99 23.36 -40.50
C LYS D 375 -57.58 21.96 -40.36
N ARG D 376 -58.58 21.80 -39.49
CA ARG D 376 -59.23 20.51 -39.31
C ARG D 376 -59.98 20.04 -40.55
N SER D 377 -60.38 20.96 -41.43
CA SER D 377 -61.00 20.55 -42.69
C SER D 377 -60.02 19.81 -43.58
N ILE D 378 -58.81 20.35 -43.73
CA ILE D 378 -57.77 19.64 -44.49
C ILE D 378 -57.32 18.40 -43.74
N MET D 379 -57.38 18.44 -42.40
CA MET D 379 -56.98 17.28 -41.61
C MET D 379 -57.94 16.11 -41.83
N TYR D 380 -59.24 16.40 -41.96
CA TYR D 380 -60.23 15.40 -42.31
C TYR D 380 -60.28 15.13 -43.81
N TRP D 381 -59.64 15.97 -44.63
CA TRP D 381 -59.53 15.62 -46.04
C TRP D 381 -58.47 14.54 -46.27
N ALA D 382 -57.54 14.38 -45.33
CA ALA D 382 -56.79 13.15 -45.20
C ALA D 382 -57.63 12.16 -44.39
N HIS D 383 -57.08 10.96 -44.15
CA HIS D 383 -57.75 9.87 -43.43
C HIS D 383 -59.06 9.44 -44.10
N LYS D 384 -59.23 9.74 -45.38
CA LYS D 384 -60.40 9.36 -46.14
C LYS D 384 -59.98 8.69 -47.43
N HIS D 385 -58.81 9.07 -47.94
CA HIS D 385 -58.21 8.49 -49.13
C HIS D 385 -56.98 7.66 -48.81
N ALA D 386 -56.09 8.17 -47.96
CA ALA D 386 -54.89 7.46 -47.54
C ALA D 386 -54.82 7.49 -46.02
N PRO D 387 -55.51 6.56 -45.34
CA PRO D 387 -55.51 6.59 -43.87
C PRO D 387 -54.17 6.18 -43.27
N GLN D 388 -53.51 5.16 -43.81
CA GLN D 388 -52.25 4.70 -43.22
C GLN D 388 -51.13 5.71 -43.45
N GLN D 389 -51.13 6.38 -44.61
CA GLN D 389 -50.12 7.40 -44.88
C GLN D 389 -50.30 8.59 -43.95
N TYR D 390 -51.55 9.05 -43.78
CA TYR D 390 -51.84 10.13 -42.85
C TYR D 390 -51.46 9.75 -41.42
N LYS D 391 -51.74 8.50 -41.04
CA LYS D 391 -51.40 8.02 -39.70
C LYS D 391 -49.89 8.02 -39.48
N GLU D 392 -49.11 7.56 -40.47
CA GLU D 392 -47.66 7.54 -40.27
C GLU D 392 -47.08 8.96 -40.32
N ILE D 393 -47.67 9.87 -41.12
CA ILE D 393 -47.20 11.26 -41.12
C ILE D 393 -47.44 11.91 -39.77
N VAL D 394 -48.65 11.75 -39.21
CA VAL D 394 -48.90 12.40 -37.93
C VAL D 394 -48.11 11.72 -36.82
N GLU D 395 -47.88 10.40 -36.91
CA GLU D 395 -47.07 9.72 -35.90
C GLU D 395 -45.61 10.18 -35.96
N GLN D 396 -45.08 10.40 -37.17
CA GLN D 396 -43.73 10.93 -37.30
C GLN D 396 -43.65 12.35 -36.74
N GLY D 397 -44.66 13.17 -36.98
CA GLY D 397 -44.69 14.49 -36.36
C GLY D 397 -44.75 14.43 -34.85
N TYR D 398 -45.52 13.47 -34.32
CA TYR D 398 -45.72 13.36 -32.88
C TYR D 398 -44.41 12.96 -32.21
N PHE D 399 -43.75 11.96 -32.80
CA PHE D 399 -42.45 11.50 -32.35
C PHE D 399 -41.40 12.60 -32.48
N SER D 400 -41.48 13.41 -33.54
CA SER D 400 -40.53 14.49 -33.71
C SER D 400 -40.68 15.56 -32.63
N ILE D 401 -41.92 15.93 -32.30
CA ILE D 401 -42.15 16.93 -31.27
C ILE D 401 -41.68 16.41 -29.91
N LEU D 402 -42.03 15.16 -29.58
CA LEU D 402 -41.60 14.60 -28.31
C LEU D 402 -40.09 14.41 -28.27
N ALA D 403 -39.47 14.08 -29.40
CA ALA D 403 -38.02 13.91 -29.44
C ALA D 403 -37.30 15.24 -29.25
N GLU D 404 -37.81 16.31 -29.85
CA GLU D 404 -37.17 17.61 -29.63
C GLU D 404 -37.37 18.09 -28.20
N TYR D 405 -38.49 17.73 -27.57
CA TYR D 405 -38.68 18.10 -26.16
C TYR D 405 -37.77 17.28 -25.26
N VAL D 406 -37.55 16.00 -25.60
CA VAL D 406 -36.68 15.16 -24.79
C VAL D 406 -35.22 15.57 -24.95
N TYR D 407 -34.79 15.87 -26.18
CA TYR D 407 -33.39 16.24 -26.39
C TYR D 407 -33.11 17.66 -25.90
N SER D 408 -34.12 18.52 -25.84
CA SER D 408 -33.91 19.86 -25.29
C SER D 408 -33.64 19.80 -23.79
N TYR D 409 -34.49 19.08 -23.06
CA TYR D 409 -34.34 18.88 -21.62
C TYR D 409 -34.32 17.38 -21.36
N ASN D 410 -33.17 16.89 -20.87
CA ASN D 410 -32.70 15.54 -21.17
C ASN D 410 -33.69 14.45 -20.74
N GLY D 411 -34.09 14.46 -19.47
CA GLY D 411 -35.01 13.45 -19.01
C GLY D 411 -36.25 14.02 -18.36
N MET D 412 -36.14 15.23 -17.84
CA MET D 412 -37.21 15.87 -17.08
C MET D 412 -38.31 16.32 -18.03
N LEU D 413 -39.32 15.47 -18.21
CA LEU D 413 -40.47 15.80 -19.03
C LEU D 413 -41.58 16.28 -18.11
N GLU D 414 -42.10 17.48 -18.37
CA GLU D 414 -42.98 18.17 -17.45
C GLU D 414 -44.37 18.36 -18.08
N HIS D 415 -45.20 19.14 -17.40
CA HIS D 415 -46.63 19.20 -17.69
C HIS D 415 -46.90 19.82 -19.06
N TYR D 416 -46.21 20.92 -19.39
CA TYR D 416 -46.52 21.63 -20.63
C TYR D 416 -46.06 20.85 -21.85
N MET D 417 -45.01 20.04 -21.72
CA MET D 417 -44.57 19.23 -22.86
C MET D 417 -45.62 18.20 -23.24
N ILE D 418 -46.17 17.51 -22.24
CA ILE D 418 -47.24 16.54 -22.48
C ILE D 418 -48.49 17.27 -22.98
N ALA D 419 -48.76 18.47 -22.45
CA ALA D 419 -49.90 19.24 -22.92
C ALA D 419 -49.74 19.64 -24.39
N LYS D 420 -48.53 20.02 -24.79
CA LYS D 420 -48.28 20.39 -26.18
C LYS D 420 -48.43 19.20 -27.12
N VAL D 421 -47.88 18.05 -26.74
CA VAL D 421 -47.99 16.88 -27.60
C VAL D 421 -49.45 16.41 -27.67
N ILE D 422 -50.19 16.52 -26.56
CA ILE D 422 -51.60 16.15 -26.56
C ILE D 422 -52.41 17.11 -27.43
N TYR D 423 -52.13 18.41 -27.36
CA TYR D 423 -52.81 19.37 -28.22
C TYR D 423 -52.52 19.12 -29.68
N ALA D 424 -51.29 18.73 -30.01
CA ALA D 424 -51.01 18.26 -31.36
C ALA D 424 -51.74 16.97 -31.66
N MET D 425 -52.06 16.17 -30.63
CA MET D 425 -52.63 14.85 -30.85
C MET D 425 -54.14 14.91 -31.10
N MET D 426 -54.88 15.47 -30.16
CA MET D 426 -56.33 15.56 -30.27
C MET D 426 -56.82 17.00 -30.24
N GLY D 427 -56.17 17.87 -31.00
CA GLY D 427 -56.68 19.21 -31.18
C GLY D 427 -57.90 19.29 -32.05
N ASN D 428 -58.24 18.20 -32.75
CA ASN D 428 -59.39 18.13 -33.62
C ASN D 428 -60.63 17.61 -32.90
N LYS D 429 -60.54 17.34 -31.60
CA LYS D 429 -61.60 16.66 -30.88
C LYS D 429 -62.03 17.34 -29.58
N PHE D 430 -61.19 18.15 -28.96
CA PHE D 430 -61.53 18.82 -27.72
C PHE D 430 -61.31 20.32 -27.85
N VAL D 431 -62.20 21.09 -27.23
CA VAL D 431 -62.01 22.52 -26.97
C VAL D 431 -62.39 22.79 -25.53
N VAL D 432 -62.17 24.02 -25.08
CA VAL D 432 -62.40 24.38 -23.68
C VAL D 432 -62.77 25.86 -23.63
N ASP D 433 -63.63 26.23 -22.68
CA ASP D 433 -64.05 27.61 -22.54
C ASP D 433 -64.24 27.99 -21.08
N VAL D 434 -64.61 29.25 -20.87
CA VAL D 434 -64.71 29.88 -19.54
C VAL D 434 -66.12 30.44 -19.34
N ASP D 435 -67.11 29.72 -19.86
CA ASP D 435 -68.41 30.25 -20.31
C ASP D 435 -69.11 31.31 -19.46
N SER D 436 -69.51 31.02 -18.21
CA SER D 436 -70.26 31.99 -17.44
C SER D 436 -69.60 32.31 -16.10
N ASN D 437 -69.22 31.31 -15.33
CA ASN D 437 -68.66 31.51 -13.99
C ASN D 437 -67.14 31.51 -14.00
N GLY D 438 -66.51 31.58 -15.16
CA GLY D 438 -65.07 31.56 -15.24
C GLY D 438 -64.46 30.19 -15.07
N LYS D 439 -65.24 29.12 -15.15
CA LYS D 439 -64.74 27.76 -15.04
C LYS D 439 -64.52 27.18 -16.42
N TYR D 440 -63.36 26.57 -16.62
CA TYR D 440 -62.98 25.99 -17.90
C TYR D 440 -63.75 24.69 -18.09
N VAL D 441 -64.85 24.74 -18.85
CA VAL D 441 -65.60 23.54 -19.20
C VAL D 441 -65.07 23.01 -20.53
N TRP D 442 -65.03 21.68 -20.67
CA TRP D 442 -64.50 21.06 -21.86
C TRP D 442 -65.64 20.68 -22.79
N PHE D 443 -65.34 20.62 -24.08
CA PHE D 443 -66.28 20.16 -25.08
C PHE D 443 -65.58 19.14 -25.95
N GLU D 444 -66.17 17.95 -26.05
CA GLU D 444 -65.58 16.83 -26.77
C GLU D 444 -66.39 16.54 -28.01
N PHE D 445 -65.72 16.49 -29.16
CA PHE D 445 -66.36 16.00 -30.38
C PHE D 445 -66.53 14.49 -30.29
N VAL D 446 -67.70 14.02 -30.68
CA VAL D 446 -68.05 12.60 -30.55
C VAL D 446 -67.99 11.95 -31.92
N LEU D 447 -67.40 10.77 -31.98
CA LEU D 447 -67.25 9.96 -33.18
C LEU D 447 -68.12 8.70 -33.07
N PRO D 448 -68.45 8.05 -34.19
CA PRO D 448 -69.28 6.84 -34.11
C PRO D 448 -68.66 5.70 -33.31
N GLY D 449 -67.33 5.59 -33.26
CA GLY D 449 -66.71 4.56 -32.47
C GLY D 449 -66.51 4.94 -31.02
N GLN D 450 -67.56 5.45 -30.39
CA GLN D 450 -67.51 5.97 -29.03
C GLN D 450 -68.79 5.61 -28.32
N PRO D 451 -68.80 5.58 -26.98
CA PRO D 451 -70.06 5.46 -26.24
C PRO D 451 -70.79 6.78 -26.19
N MET D 452 -71.88 6.89 -26.94
CA MET D 452 -72.71 8.09 -26.95
C MET D 452 -73.66 8.08 -25.74
N ASN D 453 -74.54 9.07 -25.69
CA ASN D 453 -75.62 9.05 -24.69
C ASN D 453 -76.88 8.44 -25.32
N GLN D 454 -77.47 9.14 -26.30
CA GLN D 454 -78.44 8.48 -27.16
C GLN D 454 -78.17 8.87 -28.61
N GLY D 455 -77.85 10.14 -28.85
CA GLY D 455 -77.82 10.64 -30.20
C GLY D 455 -76.79 11.70 -30.49
N GLU D 456 -75.88 11.95 -29.55
CA GLU D 456 -74.79 12.91 -29.76
C GLU D 456 -73.71 12.25 -30.62
N ILE D 457 -74.01 12.12 -31.90
CA ILE D 457 -73.20 11.29 -32.78
C ILE D 457 -72.10 12.07 -33.51
N TRP D 458 -72.34 13.34 -33.85
CA TRP D 458 -71.34 14.10 -34.59
C TRP D 458 -71.23 15.53 -34.07
N LYS D 459 -71.56 15.75 -32.80
CA LYS D 459 -71.62 17.09 -32.23
C LYS D 459 -70.84 17.14 -30.93
N TRP D 460 -70.56 18.35 -30.48
CA TRP D 460 -69.82 18.55 -29.25
C TRP D 460 -70.70 18.23 -28.04
N ARG D 461 -70.11 17.58 -27.04
CA ARG D 461 -70.77 17.34 -25.78
C ARG D 461 -69.99 18.01 -24.66
N LYS D 462 -70.72 18.53 -23.67
CA LYS D 462 -70.12 19.27 -22.57
C LYS D 462 -69.64 18.31 -21.49
N GLU D 463 -68.43 18.54 -20.99
CA GLU D 463 -67.83 17.74 -19.95
C GLU D 463 -67.23 18.64 -18.89
N VAL D 464 -67.39 18.23 -17.63
CA VAL D 464 -66.71 18.92 -16.52
C VAL D 464 -65.32 18.35 -16.27
N ASN D 465 -65.00 17.21 -16.87
CA ASN D 465 -63.67 16.61 -16.76
C ASN D 465 -63.44 15.74 -17.99
N PRO D 466 -62.36 15.96 -18.73
CA PRO D 466 -62.14 15.21 -19.96
C PRO D 466 -61.73 13.76 -19.70
N ASP D 467 -62.73 12.90 -19.53
CA ASP D 467 -62.48 11.49 -19.24
C ASP D 467 -61.70 10.82 -20.37
N GLU D 468 -62.09 11.10 -21.62
CA GLU D 468 -61.43 10.48 -22.76
C GLU D 468 -59.99 10.96 -22.88
N LEU D 469 -59.72 12.24 -22.56
CA LEU D 469 -58.35 12.72 -22.59
C LEU D 469 -57.50 12.10 -21.48
N HIS D 470 -58.11 11.89 -20.31
CA HIS D 470 -57.41 11.24 -19.21
C HIS D 470 -57.05 9.80 -19.57
N ILE D 471 -57.96 9.09 -20.23
CA ILE D 471 -57.63 7.74 -20.70
C ILE D 471 -56.59 7.80 -21.81
N TYR D 472 -56.69 8.80 -22.68
CA TYR D 472 -55.83 8.89 -23.86
C TYR D 472 -54.37 9.13 -23.48
N ILE D 473 -54.14 9.99 -22.48
CA ILE D 473 -52.78 10.28 -22.03
C ILE D 473 -52.10 9.01 -21.53
N SER D 474 -52.84 8.16 -20.83
CA SER D 474 -52.26 6.93 -20.32
C SER D 474 -52.08 5.87 -21.41
N GLU D 475 -53.04 5.74 -22.33
CA GLU D 475 -52.96 4.66 -23.31
C GLU D 475 -52.18 5.04 -24.57
N ASN D 476 -52.65 6.04 -25.31
CA ASN D 476 -52.11 6.27 -26.64
C ASN D 476 -50.80 7.04 -26.61
N PHE D 477 -50.62 7.93 -25.64
CA PHE D 477 -49.36 8.65 -25.49
C PHE D 477 -48.25 7.74 -25.01
N SER D 478 -48.58 6.63 -24.34
CA SER D 478 -47.57 5.67 -23.95
C SER D 478 -46.92 4.99 -25.15
N ARG D 479 -47.65 4.89 -26.27
CA ARG D 479 -47.04 4.36 -27.49
C ARG D 479 -45.96 5.30 -28.01
N VAL D 480 -46.20 6.61 -27.95
CA VAL D 480 -45.20 7.58 -28.38
C VAL D 480 -44.02 7.59 -27.42
N MET D 481 -44.29 7.43 -26.12
CA MET D 481 -43.21 7.28 -25.14
C MET D 481 -42.35 6.04 -25.43
N ASP D 482 -43.00 4.93 -25.76
CA ASP D 482 -42.27 3.72 -26.11
C ASP D 482 -41.46 3.91 -27.39
N ARG D 483 -42.01 4.68 -28.34
CA ARG D 483 -41.26 5.00 -29.56
C ARG D 483 -40.02 5.83 -29.25
N ILE D 484 -40.14 6.76 -28.30
CA ILE D 484 -38.98 7.52 -27.82
C ILE D 484 -37.93 6.58 -27.24
N THR D 485 -38.36 5.62 -26.42
CA THR D 485 -37.42 4.69 -25.81
C THR D 485 -36.77 3.79 -26.85
N GLU D 486 -37.53 3.35 -27.85
CA GLU D 486 -36.93 2.54 -28.92
C GLU D 486 -35.93 3.34 -29.74
N HIS D 487 -36.22 4.63 -29.98
CA HIS D 487 -35.25 5.47 -30.70
C HIS D 487 -33.97 5.64 -29.90
N ILE D 488 -34.09 5.83 -28.57
CA ILE D 488 -32.91 5.98 -27.73
C ILE D 488 -32.11 4.68 -27.70
N LYS D 489 -32.80 3.54 -27.58
CA LYS D 489 -32.11 2.25 -27.56
C LYS D 489 -31.47 1.93 -28.91
N TYR D 490 -32.07 2.37 -30.00
CA TYR D 490 -31.44 2.22 -31.32
C TYR D 490 -30.20 3.10 -31.43
N HIS D 491 -30.25 4.30 -30.86
CA HIS D 491 -29.07 5.15 -30.82
C HIS D 491 -27.99 4.60 -29.89
N LEU D 492 -28.37 3.78 -28.92
CA LEU D 492 -27.37 3.11 -28.08
C LEU D 492 -26.53 2.13 -28.89
N SER D 493 -27.17 1.40 -29.81
CA SER D 493 -26.47 0.39 -30.61
C SER D 493 -25.85 1.01 -31.87
N GLN D 494 -25.06 2.06 -31.68
CA GLN D 494 -24.34 2.71 -32.76
C GLN D 494 -22.88 2.87 -32.35
N PRO D 495 -21.94 2.63 -33.25
CA PRO D 495 -20.50 2.65 -32.88
C PRO D 495 -19.85 4.03 -32.93
N HIS D 496 -20.11 4.83 -31.89
CA HIS D 496 -19.45 6.11 -31.70
C HIS D 496 -18.80 6.15 -30.31
N GLU D 497 -18.26 7.31 -29.95
CA GLU D 497 -17.36 7.43 -28.82
C GLU D 497 -18.09 7.26 -27.49
N SER D 498 -17.31 7.20 -26.42
CA SER D 498 -17.84 6.85 -25.10
C SER D 498 -18.63 7.99 -24.46
N ASN D 499 -18.32 9.24 -24.80
CA ASN D 499 -19.06 10.35 -24.19
C ASN D 499 -20.49 10.41 -24.70
N ILE D 500 -20.70 10.09 -25.97
CA ILE D 500 -22.07 9.99 -26.50
C ILE D 500 -22.81 8.85 -25.83
N LEU D 501 -22.11 7.73 -25.58
CA LEU D 501 -22.72 6.60 -24.87
C LEU D 501 -23.12 7.00 -23.46
N ASN D 502 -22.26 7.74 -22.76
CA ASN D 502 -22.57 8.17 -21.40
C ASN D 502 -23.74 9.14 -21.38
N TYR D 503 -23.76 10.09 -22.32
CA TYR D 503 -24.87 11.05 -22.39
C TYR D 503 -26.18 10.35 -22.70
N TYR D 504 -26.17 9.40 -23.63
CA TYR D 504 -27.38 8.68 -23.98
C TYR D 504 -27.86 7.79 -22.82
N LYS D 505 -26.91 7.16 -22.12
CA LYS D 505 -27.29 6.31 -20.99
C LYS D 505 -27.90 7.12 -19.85
N LYS D 506 -27.30 8.27 -19.51
CA LYS D 506 -27.87 9.08 -18.46
C LYS D 506 -29.18 9.73 -18.89
N LEU D 507 -29.32 10.04 -20.19
CA LEU D 507 -30.60 10.55 -20.68
C LEU D 507 -31.69 9.50 -20.58
N LEU D 508 -31.36 8.25 -20.91
CA LEU D 508 -32.34 7.16 -20.79
C LEU D 508 -32.70 6.90 -19.35
N LYS D 509 -31.70 6.93 -18.44
CA LYS D 509 -31.96 6.73 -17.03
C LYS D 509 -32.84 7.84 -16.46
N ALA D 510 -32.61 9.08 -16.88
CA ALA D 510 -33.48 10.18 -16.44
C ALA D 510 -34.86 10.09 -17.07
N PHE D 511 -34.97 9.53 -18.27
CA PHE D 511 -36.26 9.40 -18.93
C PHE D 511 -37.09 8.25 -18.39
N GLU D 512 -36.46 7.24 -17.76
CA GLU D 512 -37.22 6.13 -17.19
C GLU D 512 -38.18 6.60 -16.10
N ARG D 513 -37.72 7.46 -15.20
CA ARG D 513 -38.59 7.93 -14.12
C ARG D 513 -39.61 8.96 -14.59
N SER D 514 -39.44 9.54 -15.78
CA SER D 514 -40.44 10.43 -16.34
C SER D 514 -41.44 9.71 -17.22
N LYS D 515 -41.07 8.54 -17.76
CA LYS D 515 -42.01 7.76 -18.56
C LYS D 515 -43.18 7.26 -17.73
N SER D 516 -42.91 6.80 -16.50
CA SER D 516 -43.96 6.32 -15.63
C SER D 516 -44.76 7.45 -14.98
N LYS D 517 -44.33 8.70 -15.14
CA LYS D 517 -45.05 9.81 -14.53
C LYS D 517 -46.35 10.13 -15.24
N ILE D 518 -46.53 9.68 -16.49
CA ILE D 518 -47.77 9.94 -17.21
C ILE D 518 -48.94 9.11 -16.71
N PHE D 519 -48.68 8.14 -15.83
CA PHE D 519 -49.75 7.40 -15.17
C PHE D 519 -50.11 7.97 -13.82
N ASN D 520 -49.35 8.96 -13.33
CA ASN D 520 -49.65 9.58 -12.05
C ASN D 520 -50.91 10.43 -12.15
N ASP D 521 -51.75 10.38 -11.11
CA ASP D 521 -53.01 11.12 -11.15
C ASP D 521 -52.78 12.62 -11.02
N SER D 522 -51.87 13.03 -10.14
CA SER D 522 -51.57 14.45 -9.98
C SER D 522 -50.89 15.01 -11.23
N PHE D 523 -49.99 14.23 -11.84
CA PHE D 523 -49.35 14.67 -13.07
C PHE D 523 -50.35 14.79 -14.21
N LYS D 524 -51.29 13.83 -14.32
CA LYS D 524 -52.30 13.91 -15.37
C LYS D 524 -53.25 15.07 -15.15
N LYS D 525 -53.62 15.33 -13.89
CA LYS D 525 -54.48 16.48 -13.59
C LYS D 525 -53.79 17.79 -13.91
N GLY D 526 -52.49 17.88 -13.60
CA GLY D 526 -51.72 19.07 -13.96
C GLY D 526 -51.56 19.22 -15.46
N VAL D 527 -51.40 18.11 -16.18
CA VAL D 527 -51.30 18.18 -17.64
C VAL D 527 -52.62 18.65 -18.24
N ILE D 528 -53.75 18.19 -17.69
CA ILE D 528 -55.05 18.65 -18.15
C ILE D 528 -55.23 20.14 -17.86
N ARG D 529 -54.85 20.58 -16.67
CA ARG D 529 -54.95 22.00 -16.32
C ARG D 529 -54.02 22.86 -17.17
N GLN D 530 -52.88 22.33 -17.58
CA GLN D 530 -51.98 23.06 -18.45
C GLN D 530 -52.51 23.11 -19.89
N ALA D 531 -53.08 22.01 -20.37
CA ALA D 531 -53.65 21.97 -21.70
C ALA D 531 -54.95 22.76 -21.81
N GLU D 532 -55.57 23.10 -20.68
CA GLU D 532 -56.72 24.00 -20.71
C GLU D 532 -56.38 25.36 -21.32
N PHE D 533 -55.12 25.79 -21.18
CA PHE D 533 -54.68 27.02 -21.82
C PHE D 533 -54.33 26.82 -23.30
N LEU D 534 -54.16 25.57 -23.73
CA LEU D 534 -53.74 25.29 -25.10
C LEU D 534 -54.90 24.94 -26.02
N PHE D 535 -55.98 24.37 -25.48
CA PHE D 535 -57.16 24.02 -26.25
C PHE D 535 -58.16 25.16 -26.34
N ARG D 536 -57.76 26.38 -26.01
CA ARG D 536 -58.67 27.51 -25.97
C ARG D 536 -59.15 27.88 -27.36
N GLN D 537 -60.36 28.44 -27.42
CA GLN D 537 -60.94 28.85 -28.70
C GLN D 537 -61.39 30.31 -28.64
N ARG D 538 -61.71 30.78 -27.42
CA ARG D 538 -62.02 32.17 -27.08
C ARG D 538 -63.38 32.62 -27.62
N SER D 539 -64.03 31.79 -28.43
CA SER D 539 -65.34 32.14 -28.97
C SER D 539 -66.27 30.95 -29.11
N PHE D 540 -65.89 29.76 -28.64
CA PHE D 540 -66.68 28.56 -28.87
C PHE D 540 -68.05 28.63 -28.19
N ILE D 541 -68.08 29.10 -26.94
CA ILE D 541 -69.35 29.31 -26.25
C ILE D 541 -70.12 30.45 -26.89
N GLN D 542 -69.41 31.49 -27.35
CA GLN D 542 -70.05 32.66 -27.93
C GLN D 542 -70.83 32.31 -29.19
N THR D 543 -70.29 31.44 -30.04
CA THR D 543 -71.03 30.88 -31.17
C THR D 543 -71.14 29.37 -30.98
N LEU D 544 -72.15 28.96 -30.22
CA LEU D 544 -72.47 27.56 -30.02
C LEU D 544 -73.66 27.12 -30.86
N ASP D 545 -74.80 27.74 -30.67
CA ASP D 545 -76.01 27.40 -31.42
C ASP D 545 -76.60 28.65 -32.06
N THR D 546 -75.73 29.52 -32.56
CA THR D 546 -76.18 30.76 -33.19
C THR D 546 -76.48 30.61 -34.67
N ASN D 547 -76.16 29.47 -35.27
CA ASN D 547 -76.47 29.26 -36.68
C ASN D 547 -77.93 28.82 -36.82
N PRO D 548 -78.76 29.56 -37.54
CA PRO D 548 -80.18 29.21 -37.61
C PRO D 548 -80.45 28.00 -38.49
N HIS D 549 -79.58 27.75 -39.46
CA HIS D 549 -79.77 26.69 -40.45
C HIS D 549 -79.14 25.37 -40.04
N LEU D 550 -78.99 25.12 -38.74
CA LEU D 550 -78.38 23.90 -38.25
C LEU D 550 -79.25 23.26 -37.18
N LEU D 551 -79.33 21.93 -37.22
CA LEU D 551 -80.16 21.17 -36.30
C LEU D 551 -79.40 19.97 -35.79
N GLY D 552 -79.47 19.75 -34.48
CA GLY D 552 -78.85 18.59 -33.87
C GLY D 552 -79.78 17.39 -33.86
N VAL D 553 -79.54 16.43 -34.76
CA VAL D 553 -80.42 15.30 -34.96
C VAL D 553 -79.69 14.05 -34.51
N GLY D 554 -80.46 13.01 -34.14
CA GLY D 554 -79.86 11.77 -33.68
C GLY D 554 -78.98 11.08 -34.72
N ASN D 555 -79.23 11.33 -36.00
CA ASN D 555 -78.35 10.83 -37.05
C ASN D 555 -77.17 11.75 -37.33
N GLY D 556 -77.19 12.98 -36.84
CA GLY D 556 -76.09 13.89 -37.10
C GLY D 556 -76.47 15.36 -37.09
N VAL D 557 -76.15 16.06 -38.18
CA VAL D 557 -76.41 17.49 -38.30
C VAL D 557 -77.29 17.70 -39.52
N LEU D 558 -78.44 18.33 -39.31
CA LEU D 558 -79.32 18.71 -40.41
C LEU D 558 -79.02 20.16 -40.78
N SER D 559 -78.58 20.38 -42.02
CA SER D 559 -78.28 21.71 -42.52
C SER D 559 -79.28 22.08 -43.60
N ILE D 560 -79.91 23.24 -43.44
CA ILE D 560 -80.96 23.68 -44.35
C ILE D 560 -80.56 25.01 -44.96
N GLU D 561 -79.26 25.20 -45.19
CA GLU D 561 -78.76 26.46 -45.78
C GLU D 561 -79.28 26.64 -47.20
N THR D 562 -79.16 25.61 -48.03
CA THR D 562 -79.73 25.62 -49.36
C THR D 562 -81.02 24.80 -49.35
N ILE D 563 -81.57 24.52 -50.54
CA ILE D 563 -82.88 23.90 -50.68
C ILE D 563 -82.94 22.49 -50.10
N PRO D 564 -82.15 21.50 -50.55
CA PRO D 564 -82.35 20.14 -50.01
C PRO D 564 -81.75 19.99 -48.62
N ALA D 565 -82.16 18.93 -47.94
CA ALA D 565 -81.58 18.59 -46.66
C ALA D 565 -80.28 17.82 -46.85
N LYS D 566 -79.29 18.12 -46.00
CA LYS D 566 -77.99 17.49 -46.12
C LYS D 566 -77.86 16.23 -45.27
N LEU D 567 -78.25 16.30 -43.99
CA LEU D 567 -78.00 15.26 -43.00
C LEU D 567 -76.49 14.95 -42.92
N ILE D 568 -75.75 15.94 -42.43
CA ILE D 568 -74.30 15.86 -42.30
C ILE D 568 -73.94 14.71 -41.38
N ASN D 569 -73.29 13.69 -41.92
CA ASN D 569 -72.99 12.45 -41.23
C ASN D 569 -71.50 12.17 -41.25
N HIS D 570 -70.70 13.23 -41.19
CA HIS D 570 -69.25 13.11 -41.21
C HIS D 570 -68.68 14.23 -40.34
N PHE D 571 -67.35 14.37 -40.37
CA PHE D 571 -66.70 15.43 -39.62
C PHE D 571 -67.05 16.80 -40.19
N HIS D 572 -67.22 17.76 -39.30
CA HIS D 572 -67.61 19.12 -39.68
C HIS D 572 -67.07 20.09 -38.65
N GLU D 573 -66.96 21.35 -39.06
CA GLU D 573 -66.49 22.41 -38.19
C GLU D 573 -67.62 23.21 -37.56
N HIS D 574 -68.86 22.78 -37.74
CA HIS D 574 -70.00 23.49 -37.18
C HIS D 574 -70.05 23.30 -35.68
N PRO D 575 -70.03 24.37 -34.89
CA PRO D 575 -69.77 24.27 -33.45
C PRO D 575 -71.01 24.09 -32.58
N ILE D 576 -71.88 23.16 -32.96
CA ILE D 576 -73.14 22.98 -32.25
C ILE D 576 -72.99 21.96 -31.15
N HIS D 577 -73.78 22.12 -30.09
CA HIS D 577 -73.80 21.22 -28.94
C HIS D 577 -75.21 20.72 -28.62
N GLN D 578 -76.22 21.56 -28.76
CA GLN D 578 -77.59 21.15 -28.48
C GLN D 578 -78.08 20.16 -29.54
N TYR D 579 -78.81 19.15 -29.10
CA TYR D 579 -79.18 18.05 -29.98
C TYR D 579 -80.57 17.56 -29.62
N THR D 580 -81.18 16.87 -30.59
CA THR D 580 -82.49 16.25 -30.41
C THR D 580 -82.38 14.77 -30.73
N HIS D 581 -82.57 13.93 -29.72
CA HIS D 581 -82.45 12.50 -29.89
C HIS D 581 -83.74 11.83 -30.36
N ILE D 582 -84.80 12.61 -30.56
CA ILE D 582 -86.08 12.06 -30.99
C ILE D 582 -86.29 12.24 -32.49
N CYS D 583 -85.58 13.18 -33.12
CA CYS D 583 -85.88 13.57 -34.50
C CYS D 583 -85.55 12.45 -35.48
N TYR D 584 -84.26 12.12 -35.59
CA TYR D 584 -83.75 10.95 -36.36
C TYR D 584 -84.28 10.94 -37.79
N VAL D 585 -83.89 11.95 -38.57
CA VAL D 585 -84.53 12.21 -39.86
C VAL D 585 -84.17 11.15 -40.90
N PRO D 586 -85.16 10.44 -41.46
CA PRO D 586 -84.92 9.54 -42.59
C PRO D 586 -85.16 10.22 -43.94
N PHE D 587 -84.51 11.37 -44.15
CA PHE D 587 -84.76 12.27 -45.27
C PHE D 587 -86.24 12.60 -45.43
N ASN D 588 -86.88 12.04 -46.45
CA ASN D 588 -88.31 12.18 -46.63
C ASN D 588 -88.86 11.03 -47.47
N PRO D 589 -89.26 9.92 -46.84
CA PRO D 589 -89.79 8.79 -47.62
C PRO D 589 -91.27 8.98 -47.93
N GLU D 590 -91.79 8.04 -48.72
CA GLU D 590 -93.21 7.97 -49.05
C GLU D 590 -93.79 6.63 -48.65
N ASN D 591 -93.31 6.06 -47.55
CA ASN D 591 -93.71 4.73 -47.13
C ASN D 591 -95.06 4.77 -46.41
N PRO D 592 -95.45 3.65 -45.81
CA PRO D 592 -96.77 3.54 -45.21
C PRO D 592 -96.90 4.37 -43.94
N TRP D 593 -95.81 4.49 -43.17
CA TRP D 593 -95.89 5.22 -41.90
C TRP D 593 -96.11 6.71 -42.13
N THR D 594 -95.33 7.32 -43.02
CA THR D 594 -95.52 8.74 -43.31
C THR D 594 -96.83 8.98 -44.06
N LYS D 595 -97.32 7.97 -44.80
CA LYS D 595 -98.63 8.09 -45.44
C LYS D 595 -99.73 8.12 -44.39
N LEU D 596 -99.63 7.26 -43.37
CA LEU D 596 -100.60 7.27 -42.28
C LEU D 596 -100.53 8.58 -41.49
N LEU D 597 -99.31 9.10 -41.27
CA LEU D 597 -99.16 10.38 -40.59
C LEU D 597 -99.79 11.52 -41.37
N LEU D 598 -99.59 11.57 -42.70
CA LEU D 598 -100.19 12.65 -43.47
C LEU D 598 -101.69 12.45 -43.66
N ASN D 599 -102.18 11.20 -43.62
CA ASN D 599 -103.62 10.96 -43.76
C ASN D 599 -104.37 11.27 -42.47
N ALA D 600 -103.75 11.06 -41.31
CA ALA D 600 -104.42 11.32 -40.04
C ALA D 600 -104.11 12.69 -39.46
N LEU D 601 -103.04 13.34 -39.93
CA LEU D 601 -102.65 14.65 -39.43
C LEU D 601 -103.35 15.76 -40.21
N GLN D 602 -103.12 15.79 -41.52
CA GLN D 602 -103.93 16.59 -42.42
C GLN D 602 -105.03 15.66 -42.94
N ASP D 603 -105.86 16.14 -43.88
CA ASP D 603 -107.02 15.45 -44.42
C ASP D 603 -108.08 15.13 -43.37
N ILE D 604 -108.02 15.79 -42.22
CA ILE D 604 -109.09 15.72 -41.22
C ILE D 604 -109.75 17.07 -41.02
N ILE D 605 -108.97 18.15 -41.00
CA ILE D 605 -109.50 19.50 -40.88
C ILE D 605 -109.86 19.99 -42.28
N PRO D 606 -111.10 20.41 -42.52
CA PRO D 606 -111.44 20.97 -43.83
C PRO D 606 -110.73 22.27 -44.11
N GLU D 607 -110.47 22.52 -45.39
CA GLU D 607 -109.75 23.72 -45.81
C GLU D 607 -110.15 24.05 -47.24
N LEU D 608 -109.89 25.30 -47.62
CA LEU D 608 -110.21 25.78 -48.96
C LEU D 608 -108.96 25.84 -49.83
N ASP D 609 -109.17 25.55 -51.13
CA ASP D 609 -108.17 25.47 -52.20
C ASP D 609 -106.86 24.80 -51.78
N ALA D 610 -106.97 23.71 -51.00
CA ALA D 610 -105.83 22.96 -50.46
C ALA D 610 -104.89 23.87 -49.67
N ARG D 611 -105.44 24.39 -48.56
CA ARG D 611 -104.69 25.31 -47.71
C ARG D 611 -103.50 24.62 -47.07
N LEU D 612 -102.35 25.28 -47.11
CA LEU D 612 -101.12 24.76 -46.55
C LEU D 612 -100.58 25.63 -45.41
N TRP D 613 -101.25 26.74 -45.10
CA TRP D 613 -100.70 27.73 -44.17
C TRP D 613 -100.62 27.20 -42.74
N ILE D 614 -101.55 26.32 -42.34
CA ILE D 614 -101.69 25.96 -40.94
C ILE D 614 -100.45 25.19 -40.46
N MET D 615 -100.04 24.17 -41.20
CA MET D 615 -98.84 23.47 -40.79
C MET D 615 -97.59 24.01 -41.48
N PHE D 616 -97.75 25.00 -42.37
CA PHE D 616 -96.61 25.87 -42.69
C PHE D 616 -96.17 26.66 -41.48
N TYR D 617 -97.13 27.19 -40.71
CA TYR D 617 -96.78 27.87 -39.47
C TYR D 617 -96.45 26.88 -38.36
N LEU D 618 -97.05 25.68 -38.39
CA LEU D 618 -96.55 24.63 -37.51
C LEU D 618 -95.17 24.14 -37.95
N SER D 619 -94.79 24.36 -39.20
CA SER D 619 -93.40 24.24 -39.62
C SER D 619 -92.66 25.52 -39.23
N THR D 620 -91.45 25.70 -39.76
CA THR D 620 -90.53 26.80 -39.46
C THR D 620 -90.14 26.86 -37.98
N ALA D 621 -90.50 25.85 -37.19
CA ALA D 621 -90.04 25.75 -35.81
C ALA D 621 -88.59 25.30 -35.73
N ILE D 622 -88.10 24.65 -36.79
CA ILE D 622 -86.70 24.24 -36.86
C ILE D 622 -85.76 25.42 -37.02
N PHE D 623 -86.28 26.59 -37.39
CA PHE D 623 -85.50 27.80 -37.43
C PHE D 623 -85.33 28.37 -36.02
N ARG D 624 -84.20 29.03 -35.80
CA ARG D 624 -83.92 29.59 -34.47
C ARG D 624 -84.62 30.93 -34.27
N GLY D 625 -84.32 31.91 -35.10
CA GLY D 625 -84.89 33.23 -34.95
C GLY D 625 -84.79 34.02 -36.23
N LEU D 626 -85.11 35.31 -36.12
CA LEU D 626 -85.15 36.26 -37.23
C LEU D 626 -86.10 35.77 -38.33
N LYS D 627 -87.35 35.57 -37.94
CA LYS D 627 -88.38 35.07 -38.83
C LYS D 627 -89.66 35.85 -38.59
N GLU D 628 -90.73 35.47 -39.28
CA GLU D 628 -91.99 36.19 -39.22
C GLU D 628 -92.66 35.98 -37.86
N ALA D 629 -93.25 37.04 -37.33
CA ALA D 629 -93.73 37.10 -35.96
C ALA D 629 -95.22 36.80 -35.83
N LEU D 630 -95.74 35.87 -36.62
CA LEU D 630 -97.14 35.48 -36.47
C LEU D 630 -97.33 34.62 -35.22
N MET D 631 -98.54 34.66 -34.67
CA MET D 631 -98.91 33.87 -33.50
C MET D 631 -100.25 33.20 -33.77
N LEU D 632 -100.35 31.91 -33.45
CA LEU D 632 -101.53 31.12 -33.76
C LEU D 632 -102.40 30.93 -32.53
N LEU D 633 -103.71 31.00 -32.73
CA LEU D 633 -104.70 30.67 -31.71
C LEU D 633 -105.53 29.52 -32.25
N TRP D 634 -105.53 28.40 -31.53
CA TRP D 634 -106.28 27.21 -31.95
C TRP D 634 -107.56 27.05 -31.13
N LEU D 635 -108.26 28.15 -30.86
CA LEU D 635 -109.51 28.11 -30.12
C LEU D 635 -110.60 27.50 -31.02
N GLY D 636 -110.57 26.18 -31.13
CA GLY D 636 -111.50 25.45 -31.96
C GLY D 636 -111.31 23.95 -31.85
N GLY D 637 -112.41 23.22 -31.72
CA GLY D 637 -112.35 21.78 -31.55
C GLY D 637 -112.16 21.35 -30.12
N GLY D 638 -112.87 20.30 -29.70
CA GLY D 638 -112.75 19.79 -28.35
C GLY D 638 -111.82 18.60 -28.25
N CYS D 639 -111.98 17.65 -29.15
CA CYS D 639 -111.13 16.47 -29.25
C CYS D 639 -110.37 16.46 -30.57
N ASN D 640 -109.89 17.63 -30.98
CA ASN D 640 -109.26 17.80 -32.28
C ASN D 640 -107.75 17.57 -32.15
N GLY D 641 -107.00 17.97 -33.19
CA GLY D 641 -105.56 17.81 -33.23
C GLY D 641 -104.80 18.84 -32.41
N LYS D 642 -105.49 19.70 -31.67
CA LYS D 642 -104.81 20.66 -30.79
C LYS D 642 -104.11 19.98 -29.62
N THR D 643 -104.45 18.73 -29.33
CA THR D 643 -103.70 17.91 -28.39
C THR D 643 -102.73 16.96 -29.07
N PHE D 644 -102.95 16.66 -30.35
CA PHE D 644 -102.08 15.74 -31.07
C PHE D 644 -100.95 16.47 -31.79
N LEU D 645 -101.30 17.37 -32.72
CA LEU D 645 -100.30 18.09 -33.50
C LEU D 645 -99.45 18.99 -32.62
N MET D 646 -100.10 19.76 -31.75
CA MET D 646 -99.42 20.78 -30.96
C MET D 646 -98.52 20.18 -29.89
N ARG D 647 -98.71 18.90 -29.56
CA ARG D 647 -97.82 18.19 -28.65
C ARG D 647 -96.80 17.32 -29.37
N LEU D 648 -97.17 16.69 -30.48
CA LEU D 648 -96.21 15.91 -31.26
C LEU D 648 -95.13 16.80 -31.87
N VAL D 649 -95.49 18.02 -32.26
CA VAL D 649 -94.51 18.95 -32.83
C VAL D 649 -93.52 19.44 -31.77
N ALA D 650 -93.85 19.31 -30.49
CA ALA D 650 -92.91 19.65 -29.43
C ALA D 650 -92.16 18.43 -28.92
N MET D 651 -92.77 17.24 -29.01
CA MET D 651 -92.07 16.02 -28.62
C MET D 651 -91.06 15.61 -29.68
N VAL D 652 -91.29 15.96 -30.94
CA VAL D 652 -90.31 15.71 -31.99
C VAL D 652 -89.05 16.51 -31.74
N LEU D 653 -89.20 17.78 -31.37
CA LEU D 653 -88.06 18.60 -30.98
C LEU D 653 -87.73 18.33 -29.51
N GLY D 654 -86.70 18.99 -28.99
CA GLY D 654 -86.26 18.76 -27.63
C GLY D 654 -85.88 20.05 -26.94
N ASP D 655 -84.67 20.12 -26.38
CA ASP D 655 -84.19 21.37 -25.82
C ASP D 655 -83.93 22.43 -26.88
N HIS D 656 -83.91 22.04 -28.16
CA HIS D 656 -83.78 22.99 -29.27
C HIS D 656 -84.95 23.95 -29.31
N TYR D 657 -86.16 23.44 -29.56
CA TYR D 657 -87.36 24.28 -29.60
C TYR D 657 -88.51 23.52 -28.94
N ALA D 658 -88.62 23.64 -27.62
CA ALA D 658 -89.81 23.17 -26.89
C ALA D 658 -89.79 23.85 -25.52
N SER D 659 -90.78 24.69 -25.26
CA SER D 659 -90.89 25.38 -23.98
C SER D 659 -92.28 25.12 -23.42
N LYS D 660 -92.35 24.32 -22.36
CA LYS D 660 -93.62 23.99 -21.71
C LYS D 660 -94.07 25.23 -20.93
N LEU D 661 -94.66 26.16 -21.65
CA LEU D 661 -95.03 27.46 -21.10
C LEU D 661 -96.46 27.42 -20.61
N ASN D 662 -96.67 27.86 -19.36
CA ASN D 662 -97.99 27.82 -18.75
C ASN D 662 -98.79 29.09 -19.10
N ILE D 663 -100.04 29.13 -18.62
CA ILE D 663 -100.94 30.20 -18.98
C ILE D 663 -100.58 31.50 -18.27
N SER D 664 -99.91 31.40 -17.11
CA SER D 664 -99.61 32.57 -16.29
C SER D 664 -98.66 33.55 -16.97
N LEU D 665 -97.94 33.13 -18.02
CA LEU D 665 -97.23 34.10 -18.85
C LEU D 665 -98.20 35.01 -19.59
N LEU D 666 -99.34 34.49 -20.01
CA LEU D 666 -100.38 35.28 -20.65
C LEU D 666 -101.30 35.94 -19.63
N THR D 667 -101.63 35.24 -18.55
CA THR D 667 -102.48 35.75 -17.49
C THR D 667 -101.59 36.16 -16.31
N SER D 668 -101.14 37.40 -16.34
CA SER D 668 -100.25 37.90 -15.29
C SER D 668 -100.60 39.29 -14.78
N CYS D 669 -101.66 39.92 -15.30
CA CYS D 669 -102.04 41.30 -15.00
C CYS D 669 -100.87 42.26 -15.24
N ARG D 670 -100.14 42.59 -14.17
CA ARG D 670 -98.94 43.41 -14.33
C ARG D 670 -97.82 42.56 -14.94
N GLU D 671 -97.19 43.10 -15.97
CA GLU D 671 -96.12 42.45 -16.74
C GLU D 671 -96.55 41.08 -17.27
N ASN D 677 -88.56 39.45 -17.47
CA ASN D 677 -87.33 38.83 -16.99
C ASN D 677 -87.63 37.57 -16.19
N SER D 678 -86.78 36.54 -16.39
CA SER D 678 -86.85 35.25 -15.68
C SER D 678 -88.16 34.51 -15.92
N ALA D 679 -88.89 34.85 -16.98
CA ALA D 679 -90.15 34.20 -17.30
C ALA D 679 -90.14 33.53 -18.66
N PHE D 680 -89.74 34.24 -19.71
CA PHE D 680 -89.78 33.74 -21.08
C PHE D 680 -88.39 33.37 -21.60
N MET D 681 -87.41 33.20 -20.71
CA MET D 681 -86.06 32.84 -21.14
C MET D 681 -86.00 31.44 -21.73
N ARG D 682 -86.93 30.57 -21.35
CA ARG D 682 -87.03 29.26 -22.00
C ARG D 682 -87.52 29.40 -23.45
N LEU D 683 -88.18 30.50 -23.79
CA LEU D 683 -88.51 30.82 -25.16
C LEU D 683 -87.41 31.61 -25.87
N LYS D 684 -86.59 32.35 -25.10
CA LYS D 684 -85.55 33.18 -25.69
C LYS D 684 -84.46 32.34 -26.34
N GLY D 685 -84.02 31.29 -25.66
CA GLY D 685 -83.02 30.40 -26.22
C GLY D 685 -83.55 29.35 -27.16
N ARG D 686 -84.86 29.34 -27.41
CA ARG D 686 -85.52 28.36 -28.26
C ARG D 686 -86.32 29.09 -29.34
N GLY D 687 -87.12 28.32 -30.08
CA GLY D 687 -87.89 28.89 -31.16
C GLY D 687 -89.29 28.34 -31.27
N TYR D 688 -89.78 27.72 -30.20
CA TYR D 688 -91.17 27.31 -30.15
C TYR D 688 -91.62 27.39 -28.69
N GLY D 689 -92.74 28.08 -28.47
CA GLY D 689 -93.41 28.06 -27.19
C GLY D 689 -94.87 27.68 -27.38
N TYR D 690 -95.44 26.99 -26.40
CA TYR D 690 -96.80 26.49 -26.53
C TYR D 690 -97.44 26.39 -25.16
N PHE D 691 -98.77 26.54 -25.14
CA PHE D 691 -99.57 26.52 -23.91
C PHE D 691 -100.67 25.50 -24.11
N GLU D 692 -100.39 24.23 -23.84
CA GLU D 692 -101.33 23.16 -24.16
C GLU D 692 -102.48 23.06 -23.17
N GLU D 693 -102.24 23.37 -21.90
CA GLU D 693 -103.19 23.06 -20.84
C GLU D 693 -104.46 23.90 -20.95
N THR D 694 -105.59 23.27 -20.61
CA THR D 694 -106.87 23.95 -20.50
C THR D 694 -107.05 24.37 -19.04
N ASN D 695 -106.98 25.68 -18.79
CA ASN D 695 -106.83 26.19 -17.44
C ASN D 695 -108.17 26.57 -16.80
N LYS D 696 -108.84 27.57 -17.36
CA LYS D 696 -110.07 28.13 -16.79
C LYS D 696 -111.18 28.11 -17.83
N SER D 697 -112.24 28.86 -17.56
CA SER D 697 -113.31 29.11 -18.53
C SER D 697 -113.21 30.46 -19.21
N GLU D 698 -112.91 31.52 -18.46
CA GLU D 698 -112.85 32.87 -19.02
C GLU D 698 -111.99 33.73 -18.11
N VAL D 699 -110.89 34.26 -18.65
CA VAL D 699 -110.02 35.19 -17.93
C VAL D 699 -109.59 36.30 -18.87
N LEU D 700 -109.10 37.39 -18.27
CA LEU D 700 -108.57 38.52 -19.03
C LEU D 700 -107.06 38.39 -19.13
N ASN D 701 -106.52 38.54 -20.34
CA ASN D 701 -105.10 38.31 -20.56
C ASN D 701 -104.60 39.19 -21.71
N THR D 702 -104.03 40.34 -21.38
CA THR D 702 -103.26 41.12 -22.33
C THR D 702 -101.80 41.28 -21.95
N SER D 703 -101.50 41.52 -20.67
CA SER D 703 -100.18 41.34 -20.01
C SER D 703 -99.11 42.11 -20.79
N ARG D 704 -98.00 41.47 -21.16
CA ARG D 704 -96.95 42.07 -21.99
C ARG D 704 -96.90 41.41 -23.37
N LEU D 705 -98.04 40.97 -23.89
CA LEU D 705 -98.09 40.31 -25.17
C LEU D 705 -97.88 41.25 -26.35
N LYS D 706 -97.94 42.56 -26.12
CA LYS D 706 -97.71 43.52 -27.20
C LYS D 706 -96.26 43.51 -27.69
N GLU D 707 -95.32 43.08 -26.84
CA GLU D 707 -93.94 42.91 -27.25
C GLU D 707 -93.52 41.46 -27.33
N MET D 708 -94.31 40.53 -26.79
CA MET D 708 -93.97 39.12 -26.84
C MET D 708 -94.10 38.55 -28.25
N VAL D 709 -95.15 38.94 -28.97
CA VAL D 709 -95.41 38.35 -30.28
C VAL D 709 -94.40 38.84 -31.32
N ASN D 710 -94.05 40.12 -31.27
CA ASN D 710 -93.15 40.75 -32.22
C ASN D 710 -91.70 40.71 -31.70
N PRO D 711 -90.71 40.84 -32.58
CA PRO D 711 -89.33 40.98 -32.10
C PRO D 711 -89.14 42.26 -31.31
N GLY D 712 -88.28 42.18 -30.30
CA GLY D 712 -88.01 43.32 -29.43
C GLY D 712 -88.99 43.43 -28.29
N PHE D 726 -83.53 40.75 -26.20
CA PHE D 726 -82.24 40.13 -26.46
C PHE D 726 -82.14 39.67 -27.91
N GLN D 727 -82.63 38.46 -28.18
CA GLN D 727 -82.61 37.87 -29.50
C GLN D 727 -84.04 37.63 -29.97
N MET D 728 -84.28 37.93 -31.24
CA MET D 728 -85.62 37.77 -31.82
C MET D 728 -85.92 36.30 -32.07
N THR D 729 -87.11 35.88 -31.67
CA THR D 729 -87.58 34.52 -31.92
C THR D 729 -89.09 34.54 -32.03
N ALA D 730 -89.64 33.50 -32.65
CA ALA D 730 -91.05 33.48 -33.02
C ALA D 730 -91.55 32.03 -32.96
N THR D 731 -92.68 31.79 -33.65
CA THR D 731 -93.41 30.52 -33.70
C THR D 731 -93.90 30.11 -32.31
N MET D 732 -94.82 30.93 -31.80
CA MET D 732 -95.63 30.56 -30.64
C MET D 732 -97.01 30.14 -31.13
N VAL D 733 -97.48 28.99 -30.65
CA VAL D 733 -98.81 28.49 -30.94
C VAL D 733 -99.57 28.37 -29.63
N ALA D 734 -100.75 28.98 -29.57
CA ALA D 734 -101.55 29.04 -28.36
C ALA D 734 -102.84 28.25 -28.57
N ALA D 735 -103.17 27.38 -27.61
CA ALA D 735 -104.43 26.64 -27.65
C ALA D 735 -104.80 26.28 -26.22
N SER D 736 -105.69 27.08 -25.61
CA SER D 736 -106.15 26.74 -24.28
C SER D 736 -107.18 25.62 -24.33
N ASN D 737 -108.33 25.90 -24.95
CA ASN D 737 -109.44 24.95 -25.08
C ASN D 737 -110.44 25.56 -26.07
N TYR D 738 -111.62 24.95 -26.17
CA TYR D 738 -112.74 25.58 -26.86
C TYR D 738 -113.37 26.70 -26.03
N ASN D 739 -113.00 26.84 -24.76
CA ASN D 739 -113.55 27.90 -23.92
C ASN D 739 -113.01 29.25 -24.36
N PHE D 740 -113.71 30.31 -23.95
CA PHE D 740 -113.52 31.65 -24.50
C PHE D 740 -112.45 32.40 -23.69
N ILE D 741 -111.29 31.76 -23.58
CA ILE D 741 -110.29 32.18 -22.58
C ILE D 741 -109.52 33.40 -23.05
N ILE D 742 -108.86 33.30 -24.20
CA ILE D 742 -107.79 34.24 -24.56
C ILE D 742 -108.47 35.43 -25.25
N ASP D 743 -108.96 36.35 -24.42
CA ASP D 743 -109.65 37.55 -24.90
C ASP D 743 -109.35 38.73 -24.00
N THR D 744 -108.89 39.82 -24.60
CA THR D 744 -108.85 41.13 -23.97
C THR D 744 -108.90 42.16 -25.08
N THR D 745 -109.72 43.19 -24.89
CA THR D 745 -109.94 44.19 -25.93
C THR D 745 -108.70 45.04 -26.12
N ASP D 746 -108.18 45.05 -27.35
CA ASP D 746 -107.00 45.83 -27.69
C ASP D 746 -107.27 46.58 -28.98
N HIS D 747 -106.59 47.71 -29.14
CA HIS D 747 -106.76 48.59 -30.30
C HIS D 747 -105.44 48.78 -31.02
N GLY D 748 -104.58 47.75 -30.99
CA GLY D 748 -103.29 47.84 -31.63
C GLY D 748 -103.27 47.53 -33.11
N THR D 749 -104.40 47.05 -33.66
CA THR D 749 -104.50 46.53 -35.04
C THR D 749 -103.44 45.48 -35.31
N TRP D 750 -103.32 44.53 -34.37
CA TRP D 750 -102.34 43.44 -34.45
C TRP D 750 -102.77 42.48 -35.55
N ARG D 751 -102.16 42.62 -36.72
CA ARG D 751 -102.36 41.67 -37.80
C ARG D 751 -101.50 40.41 -37.63
N ARG D 752 -100.61 40.39 -36.65
CA ARG D 752 -99.76 39.25 -36.39
C ARG D 752 -100.42 38.20 -35.50
N LEU D 753 -101.67 38.41 -35.11
CA LEU D 753 -102.42 37.44 -34.32
C LEU D 753 -103.34 36.67 -35.26
N ARG D 754 -103.19 35.34 -35.28
CA ARG D 754 -103.96 34.47 -36.14
C ARG D 754 -104.73 33.48 -35.30
N HIS D 755 -106.00 33.25 -35.65
CA HIS D 755 -106.84 32.33 -34.91
C HIS D 755 -107.48 31.41 -35.96
N TYR D 756 -107.30 30.11 -35.78
CA TYR D 756 -107.97 29.10 -36.58
C TYR D 756 -108.76 28.17 -35.67
N ARG D 757 -110.00 27.86 -36.07
CA ARG D 757 -110.84 26.91 -35.36
C ARG D 757 -110.95 25.64 -36.20
N SER D 758 -110.58 24.51 -35.61
CA SER D 758 -110.74 23.24 -36.29
C SER D 758 -112.22 22.86 -36.38
N LYS D 759 -112.65 22.42 -37.56
CA LYS D 759 -114.05 22.12 -37.78
C LYS D 759 -114.46 20.75 -37.26
N VAL D 760 -113.52 19.92 -36.82
CA VAL D 760 -113.83 18.62 -36.26
C VAL D 760 -114.09 18.74 -34.77
N LYS D 761 -114.69 17.72 -34.18
CA LYS D 761 -114.98 17.71 -32.75
C LYS D 761 -113.72 17.34 -31.95
N LYS D 774 -115.32 9.31 -38.31
CA LYS D 774 -116.47 8.78 -37.58
C LYS D 774 -116.04 8.20 -36.24
N LYS D 775 -114.73 8.08 -36.04
CA LYS D 775 -114.17 7.51 -34.82
C LYS D 775 -113.14 8.47 -34.25
N GLU D 776 -112.99 8.44 -32.92
CA GLU D 776 -112.02 9.29 -32.25
C GLU D 776 -110.59 8.85 -32.54
N ASP D 777 -110.39 7.54 -32.80
CA ASP D 777 -109.10 6.90 -33.05
C ASP D 777 -108.13 7.16 -31.90
N PRO D 778 -108.35 6.53 -30.73
CA PRO D 778 -107.48 6.80 -29.58
C PRO D 778 -106.05 6.31 -29.74
N ARG D 779 -105.78 5.40 -30.68
CA ARG D 779 -104.43 4.90 -30.90
C ARG D 779 -103.48 5.99 -31.39
N PHE D 780 -104.00 7.05 -32.01
CA PHE D 780 -103.19 8.20 -32.39
C PHE D 780 -102.91 9.13 -31.23
N ILE D 781 -103.59 8.97 -30.11
CA ILE D 781 -103.39 9.84 -28.95
C ILE D 781 -102.79 9.10 -27.76
N HIS D 782 -102.75 7.77 -27.79
CA HIS D 782 -102.26 6.98 -26.66
C HIS D 782 -100.79 6.61 -26.80
N GLU D 783 -100.43 5.90 -27.87
CA GLU D 783 -99.10 5.32 -27.99
C GLU D 783 -98.41 5.55 -29.32
N TYR D 784 -99.08 6.12 -30.33
CA TYR D 784 -98.44 6.31 -31.62
C TYR D 784 -97.36 7.39 -31.56
N ILE D 785 -97.54 8.40 -30.71
CA ILE D 785 -96.50 9.43 -30.55
C ILE D 785 -95.40 9.02 -29.57
N MET D 786 -95.61 7.94 -28.80
CA MET D 786 -94.49 7.25 -28.16
C MET D 786 -93.59 6.53 -29.14
N ASP D 787 -94.10 6.16 -30.32
CA ASP D 787 -93.31 5.42 -31.31
C ASP D 787 -92.25 6.32 -31.92
N PRO D 788 -90.95 5.97 -31.82
CA PRO D 788 -89.92 6.79 -32.46
C PRO D 788 -90.04 6.88 -33.97
N ASP D 789 -90.51 5.81 -34.63
CA ASP D 789 -90.60 5.82 -36.09
C ASP D 789 -91.64 6.83 -36.57
N CYS D 790 -92.75 6.94 -35.84
CA CYS D 790 -93.76 7.95 -36.16
C CYS D 790 -93.19 9.36 -36.01
N GLN D 791 -92.39 9.59 -34.97
CA GLN D 791 -91.76 10.89 -34.78
C GLN D 791 -90.76 11.19 -35.89
N ASN D 792 -90.01 10.17 -36.33
CA ASN D 792 -89.09 10.35 -37.45
C ASN D 792 -89.84 10.72 -38.73
N ALA D 793 -90.97 10.03 -38.99
CA ALA D 793 -91.77 10.33 -40.17
C ALA D 793 -92.37 11.73 -40.11
N PHE D 794 -92.85 12.13 -38.93
CA PHE D 794 -93.43 13.47 -38.79
C PHE D 794 -92.38 14.55 -38.93
N PHE D 795 -91.18 14.31 -38.40
CA PHE D 795 -90.08 15.27 -38.58
C PHE D 795 -89.67 15.35 -40.04
N SER D 796 -89.70 14.22 -40.74
CA SER D 796 -89.43 14.22 -42.18
C SER D 796 -90.47 15.05 -42.94
N ILE D 797 -91.75 14.91 -42.56
CA ILE D 797 -92.81 15.71 -43.17
C ILE D 797 -92.61 17.18 -42.87
N LEU D 798 -92.25 17.51 -41.62
CA LEU D 798 -92.02 18.89 -41.23
C LEU D 798 -90.90 19.53 -42.03
N VAL D 799 -89.76 18.84 -42.14
CA VAL D 799 -88.64 19.42 -42.88
C VAL D 799 -88.94 19.45 -44.39
N TYR D 800 -89.66 18.45 -44.91
CA TYR D 800 -90.02 18.46 -46.33
C TYR D 800 -90.89 19.65 -46.67
N PHE D 801 -91.88 19.95 -45.83
CA PHE D 801 -92.67 21.14 -46.08
C PHE D 801 -91.91 22.41 -45.73
N TRP D 802 -90.85 22.32 -44.92
CA TRP D 802 -90.00 23.48 -44.69
C TRP D 802 -89.28 23.93 -45.97
N GLU D 803 -88.60 23.00 -46.66
CA GLU D 803 -88.10 23.50 -47.95
C GLU D 803 -89.16 23.55 -49.04
N LYS D 804 -90.34 22.98 -48.85
CA LYS D 804 -91.42 23.29 -49.77
C LYS D 804 -91.91 24.72 -49.62
N LEU D 805 -91.72 25.32 -48.44
CA LEU D 805 -92.18 26.68 -48.21
C LEU D 805 -91.37 27.70 -49.01
N GLN D 806 -90.07 27.81 -48.73
CA GLN D 806 -89.37 29.04 -49.09
C GLN D 806 -89.01 29.11 -50.56
N LYS D 807 -89.03 27.98 -51.28
CA LYS D 807 -88.76 28.08 -52.72
C LYS D 807 -89.98 28.58 -53.49
N GLU D 808 -91.15 28.62 -52.87
CA GLU D 808 -92.34 29.20 -53.48
C GLU D 808 -92.73 30.52 -52.83
N TYR D 809 -92.83 30.56 -51.50
CA TYR D 809 -93.18 31.76 -50.75
C TYR D 809 -92.16 31.89 -49.63
N ASN D 810 -91.04 32.55 -49.92
CA ASN D 810 -90.00 32.77 -48.90
C ASN D 810 -90.51 33.82 -47.92
N GLY D 811 -90.96 33.36 -46.77
CA GLY D 811 -91.63 34.24 -45.82
C GLY D 811 -93.13 34.09 -45.90
N GLN D 812 -93.78 33.97 -44.74
CA GLN D 812 -95.20 33.66 -44.73
C GLN D 812 -96.09 34.87 -45.00
N ILE D 813 -95.54 36.08 -44.98
CA ILE D 813 -96.33 37.26 -45.30
C ILE D 813 -96.70 37.27 -46.79
N LYS D 814 -95.71 37.01 -47.64
CA LYS D 814 -95.93 37.00 -49.09
C LYS D 814 -96.48 35.68 -49.60
N LYS D 815 -97.01 34.84 -48.72
CA LYS D 815 -97.68 33.61 -49.12
C LYS D 815 -98.99 33.93 -49.83
N VAL D 816 -99.47 32.95 -50.61
CA VAL D 816 -100.74 33.12 -51.30
C VAL D 816 -101.86 33.16 -50.27
N PHE D 817 -102.81 34.07 -50.47
CA PHE D 817 -103.89 34.26 -49.50
C PHE D 817 -104.79 33.04 -49.43
N CYS D 818 -105.27 32.76 -48.23
CA CYS D 818 -106.29 31.74 -48.02
C CYS D 818 -107.49 32.40 -47.36
N PRO D 819 -108.69 32.27 -47.94
CA PRO D 819 -109.87 32.92 -47.35
C PRO D 819 -110.25 32.39 -45.98
N THR D 820 -109.97 31.11 -45.70
CA THR D 820 -110.47 30.48 -44.48
C THR D 820 -109.81 31.08 -43.24
N ILE D 821 -108.48 31.14 -43.21
CA ILE D 821 -107.77 31.56 -42.01
C ILE D 821 -107.97 33.05 -41.76
N GLU D 822 -107.87 33.87 -42.82
CA GLU D 822 -108.06 35.32 -42.64
C GLU D 822 -109.52 35.65 -42.32
N SER D 823 -110.47 34.87 -42.86
CA SER D 823 -111.87 35.05 -42.50
C SER D 823 -112.10 34.72 -41.04
N GLU D 824 -111.47 33.65 -40.54
CA GLU D 824 -111.62 33.31 -39.13
C GLU D 824 -110.97 34.37 -38.23
N THR D 825 -109.83 34.91 -38.64
CA THR D 825 -109.19 35.97 -37.84
C THR D 825 -110.04 37.23 -37.80
N GLU D 826 -110.59 37.65 -38.94
CA GLU D 826 -111.42 38.86 -38.92
C GLU D 826 -112.74 38.62 -38.21
N ALA D 827 -113.28 37.39 -38.28
CA ALA D 827 -114.47 37.07 -37.50
C ALA D 827 -114.18 37.12 -36.01
N TYR D 828 -113.03 36.61 -35.57
CA TYR D 828 -112.65 36.72 -34.17
C TYR D 828 -112.44 38.16 -33.75
N ARG D 829 -111.82 38.97 -34.63
CA ARG D 829 -111.59 40.37 -34.32
C ARG D 829 -112.89 41.14 -34.20
N LYS D 830 -113.87 40.82 -35.05
CA LYS D 830 -115.21 41.39 -34.89
C LYS D 830 -115.93 40.82 -33.68
N SER D 831 -115.59 39.59 -33.26
CA SER D 831 -116.13 39.04 -32.03
C SER D 831 -115.57 39.78 -30.81
N GLN D 832 -114.38 40.36 -30.92
CA GLN D 832 -113.90 41.25 -29.88
C GLN D 832 -114.66 42.58 -29.85
N ASP D 833 -115.46 42.85 -30.88
CA ASP D 833 -116.40 43.98 -30.97
C ASP D 833 -115.61 45.29 -30.96
N THR D 834 -116.20 46.33 -30.37
CA THR D 834 -115.62 47.67 -30.21
C THR D 834 -115.20 48.28 -31.55
N LEU D 835 -113.88 48.36 -31.79
CA LEU D 835 -113.38 49.20 -32.88
C LEU D 835 -113.66 48.59 -34.26
N HIS D 836 -113.45 47.28 -34.41
CA HIS D 836 -113.60 46.68 -35.73
C HIS D 836 -115.07 46.58 -36.16
N ARG D 837 -115.97 46.29 -35.22
CA ARG D 837 -117.39 46.36 -35.54
C ARG D 837 -117.79 47.78 -35.93
N PHE D 838 -117.24 48.77 -35.22
CA PHE D 838 -117.51 50.18 -35.53
C PHE D 838 -117.07 50.53 -36.94
N ILE D 839 -115.76 50.51 -37.22
CA ILE D 839 -115.38 50.72 -38.60
C ILE D 839 -115.25 49.37 -39.30
N THR D 840 -116.36 48.63 -39.35
CA THR D 840 -116.79 47.82 -40.47
C THR D 840 -118.27 47.95 -40.76
N GLU D 841 -119.08 48.34 -39.77
CA GLU D 841 -120.53 48.43 -39.93
C GLU D 841 -121.01 49.87 -40.09
N ARG D 842 -120.62 50.76 -39.18
CA ARG D 842 -121.11 52.12 -39.17
C ARG D 842 -120.33 53.05 -40.11
N VAL D 843 -119.27 52.56 -40.73
CA VAL D 843 -118.44 53.38 -41.62
C VAL D 843 -118.26 52.65 -42.93
N VAL D 844 -118.42 53.38 -44.04
CA VAL D 844 -118.18 52.85 -45.38
C VAL D 844 -117.32 53.87 -46.13
N GLU D 845 -116.31 53.38 -46.84
CA GLU D 845 -115.40 54.25 -47.57
C GLU D 845 -116.11 54.84 -48.78
N SER D 846 -116.28 56.17 -48.78
CA SER D 846 -116.99 56.86 -49.86
C SER D 846 -116.10 57.97 -50.40
N PRO D 847 -115.37 57.72 -51.49
CA PRO D 847 -114.60 58.80 -52.13
C PRO D 847 -115.47 59.93 -52.67
N SER D 848 -116.69 59.64 -53.09
CA SER D 848 -117.58 60.65 -53.64
C SER D 848 -118.21 61.55 -52.58
N ALA D 849 -118.11 61.19 -51.30
CA ALA D 849 -118.71 61.97 -50.24
C ALA D 849 -117.86 63.20 -49.97
N GLU D 850 -118.44 64.39 -50.17
CA GLU D 850 -117.75 65.64 -49.89
C GLU D 850 -117.84 66.04 -48.43
N THR D 851 -118.60 65.31 -47.62
CA THR D 851 -118.74 65.62 -46.20
C THR D 851 -117.48 65.20 -45.46
N VAL D 852 -116.73 66.18 -44.96
CA VAL D 852 -115.52 65.92 -44.19
C VAL D 852 -115.90 65.78 -42.73
N TYR D 853 -115.59 64.64 -42.13
CA TYR D 853 -116.01 64.31 -40.78
C TYR D 853 -114.89 64.63 -39.80
N ASN D 854 -115.22 65.39 -38.75
CA ASN D 854 -114.26 65.72 -37.72
C ASN D 854 -114.09 64.56 -36.74
N LEU D 855 -113.01 64.61 -35.96
CA LEU D 855 -112.75 63.58 -34.97
C LEU D 855 -113.78 63.63 -33.83
N SER D 856 -114.19 64.84 -33.44
CA SER D 856 -115.21 64.98 -32.40
C SER D 856 -116.55 64.42 -32.86
N GLU D 857 -116.91 64.64 -34.12
CA GLU D 857 -118.13 64.06 -34.67
C GLU D 857 -118.04 62.54 -34.72
N VAL D 858 -116.86 62.01 -35.03
CA VAL D 858 -116.65 60.57 -35.04
C VAL D 858 -116.81 60.00 -33.63
N VAL D 859 -116.27 60.70 -32.62
CA VAL D 859 -116.40 60.25 -31.24
C VAL D 859 -117.85 60.31 -30.77
N THR D 860 -118.57 61.35 -31.17
CA THR D 860 -119.99 61.46 -30.82
C THR D 860 -120.81 60.36 -31.48
N ALA D 861 -120.50 60.04 -32.75
CA ALA D 861 -121.17 58.94 -33.42
C ALA D 861 -120.85 57.61 -32.77
N TYR D 862 -119.59 57.45 -32.32
CA TYR D 862 -119.20 56.25 -31.58
C TYR D 862 -120.00 56.10 -30.30
N ALA D 863 -120.13 57.19 -29.53
CA ALA D 863 -120.87 57.15 -28.28
C ALA D 863 -122.35 56.85 -28.52
N GLU D 864 -122.96 57.51 -29.51
CA GLU D 864 -124.36 57.28 -29.82
C GLU D 864 -124.62 55.86 -30.30
N TRP D 865 -123.73 55.34 -31.17
CA TRP D 865 -123.90 54.00 -31.70
C TRP D 865 -123.68 52.94 -30.61
N TYR D 866 -122.73 53.16 -29.72
CA TYR D 866 -122.51 52.22 -28.63
C TYR D 866 -123.66 52.24 -27.63
N ASN D 867 -124.23 53.43 -27.37
CA ASN D 867 -125.35 53.51 -26.44
C ASN D 867 -126.63 52.92 -27.04
N THR D 868 -126.84 53.10 -28.35
CA THR D 868 -128.04 52.60 -29.00
C THR D 868 -127.88 51.19 -29.56
N ASN D 869 -126.70 50.59 -29.45
CA ASN D 869 -126.47 49.26 -30.00
C ASN D 869 -126.07 48.23 -28.96
N ILE D 870 -125.21 48.58 -28.01
CA ILE D 870 -124.67 47.60 -27.08
C ILE D 870 -125.02 47.96 -25.63
N ASN D 871 -124.52 49.10 -25.16
CA ASN D 871 -124.65 49.44 -23.76
C ASN D 871 -124.57 50.95 -23.58
N VAL D 872 -125.41 51.49 -22.71
CA VAL D 872 -125.38 52.91 -22.39
C VAL D 872 -124.33 53.15 -21.32
N LYS D 873 -123.35 54.01 -21.63
CA LYS D 873 -122.30 54.34 -20.68
C LYS D 873 -121.76 55.72 -21.00
N ARG D 874 -121.09 56.31 -20.01
CA ARG D 874 -120.47 57.61 -20.20
C ARG D 874 -119.16 57.48 -21.00
N HIS D 875 -118.81 58.54 -21.71
CA HIS D 875 -117.60 58.57 -22.52
C HIS D 875 -116.83 59.85 -22.29
N ILE D 876 -115.51 59.73 -22.22
CA ILE D 876 -114.59 60.86 -22.19
C ILE D 876 -113.89 60.88 -23.55
N ALA D 877 -113.89 62.06 -24.20
CA ALA D 877 -113.55 62.16 -25.62
C ALA D 877 -112.12 61.76 -25.94
N LEU D 878 -111.20 61.91 -24.99
CA LEU D 878 -109.77 61.75 -25.28
C LEU D 878 -109.42 60.30 -25.64
N GLU D 879 -109.93 59.34 -24.87
CA GLU D 879 -109.49 57.95 -25.03
C GLU D 879 -109.98 57.36 -26.35
N LEU D 880 -111.27 57.50 -26.67
CA LEU D 880 -111.71 57.00 -27.96
C LEU D 880 -111.26 57.90 -29.10
N SER D 881 -110.93 59.16 -28.84
CA SER D 881 -110.32 60.00 -29.87
C SER D 881 -108.97 59.45 -30.30
N GLN D 882 -108.10 59.14 -29.33
CA GLN D 882 -106.79 58.58 -29.69
C GLN D 882 -106.92 57.15 -30.20
N GLU D 883 -107.93 56.40 -29.73
CA GLU D 883 -108.17 55.06 -30.25
C GLU D 883 -108.57 55.10 -31.72
N LEU D 884 -109.43 56.06 -32.09
CA LEU D 884 -109.82 56.20 -33.49
C LEU D 884 -108.67 56.75 -34.33
N GLU D 885 -107.85 57.64 -33.75
CA GLU D 885 -106.70 58.16 -34.48
C GLU D 885 -105.61 57.11 -34.65
N ASN D 886 -105.61 56.05 -33.85
CA ASN D 886 -104.61 55.00 -33.96
C ASN D 886 -105.21 53.66 -34.42
N SER D 887 -106.39 53.70 -35.01
CA SER D 887 -107.07 52.49 -35.46
C SER D 887 -106.72 52.18 -36.91
N VAL D 888 -107.49 51.27 -37.52
CA VAL D 888 -107.36 50.96 -38.94
C VAL D 888 -107.70 52.17 -39.81
N LEU D 889 -108.47 53.12 -39.28
CA LEU D 889 -108.90 54.34 -39.96
C LEU D 889 -107.73 55.29 -40.27
N GLU D 890 -106.51 54.99 -39.81
CA GLU D 890 -105.35 55.85 -40.05
C GLU D 890 -104.99 55.99 -41.52
N LYS D 891 -105.40 55.04 -42.38
CA LYS D 891 -105.21 55.24 -43.81
C LYS D 891 -106.15 56.32 -44.35
N TYR D 892 -107.37 56.40 -43.81
CA TYR D 892 -108.28 57.48 -44.14
C TYR D 892 -107.85 58.82 -43.55
N LEU D 893 -106.99 58.81 -42.54
CA LEU D 893 -106.52 60.03 -41.88
C LEU D 893 -105.24 60.51 -42.54
N GLN D 894 -105.23 61.76 -42.98
CA GLN D 894 -104.06 62.35 -43.62
C GLN D 894 -103.68 63.63 -42.89
N TRP D 895 -102.37 63.89 -42.83
CA TRP D 895 -101.87 65.11 -42.22
C TRP D 895 -102.13 66.27 -43.17
N SER D 896 -103.23 66.99 -42.92
CA SER D 896 -103.62 68.10 -43.76
C SER D 896 -102.70 69.30 -43.56
N PRO D 897 -102.70 70.24 -44.51
CA PRO D 897 -102.02 71.53 -44.25
C PRO D 897 -102.54 72.26 -43.02
N ASN D 898 -103.81 72.05 -42.66
CA ASN D 898 -104.34 72.58 -41.41
C ASN D 898 -103.93 71.76 -40.20
N LYS D 899 -103.26 70.62 -40.41
CA LYS D 899 -102.77 69.72 -39.36
C LYS D 899 -103.92 69.22 -38.49
N THR D 900 -104.83 68.48 -39.13
CA THR D 900 -106.01 67.94 -38.47
C THR D 900 -106.19 66.48 -38.85
N ARG D 901 -106.89 65.74 -37.98
CA ARG D 901 -107.19 64.33 -38.20
C ARG D 901 -108.60 64.13 -38.72
N ILE D 902 -109.07 65.03 -39.59
CA ILE D 902 -110.41 64.92 -40.14
C ILE D 902 -110.49 63.75 -41.11
N LEU D 903 -111.71 63.28 -41.34
CA LEU D 903 -111.95 62.11 -42.18
C LEU D 903 -112.13 62.54 -43.63
N LYS D 904 -111.36 61.93 -44.52
CA LYS D 904 -111.42 62.20 -45.95
C LYS D 904 -111.63 60.91 -46.71
N GLY D 905 -112.53 60.93 -47.69
CA GLY D 905 -112.82 59.75 -48.47
C GLY D 905 -113.50 58.63 -47.71
N CYS D 906 -114.41 58.98 -46.79
CA CYS D 906 -115.15 58.00 -46.03
C CYS D 906 -116.49 58.59 -45.61
N ARG D 907 -117.42 57.70 -45.25
CA ARG D 907 -118.75 58.11 -44.84
C ARG D 907 -119.17 57.33 -43.60
N ILE D 908 -120.09 57.92 -42.84
CA ILE D 908 -120.64 57.29 -41.64
C ILE D 908 -122.11 57.02 -41.88
N LEU D 909 -122.52 55.78 -41.65
CA LEU D 909 -123.90 55.37 -41.88
C LEU D 909 -124.73 55.54 -40.61
N HIS D 910 -125.95 56.04 -40.78
CA HIS D 910 -126.87 56.22 -39.66
C HIS D 910 -127.62 54.90 -39.41
N LYS D 911 -128.68 54.97 -38.60
CA LYS D 911 -129.46 53.79 -38.28
C LYS D 911 -130.26 53.34 -39.50
N PHE D 912 -130.12 52.05 -39.85
CA PHE D 912 -130.81 51.43 -40.98
C PHE D 912 -130.53 52.17 -42.29
N GLU D 913 -129.29 52.58 -42.49
CA GLU D 913 -128.89 53.33 -43.68
C GLU D 913 -128.32 52.37 -44.71
N THR D 914 -128.87 52.42 -45.92
CA THR D 914 -128.39 51.58 -47.01
C THR D 914 -127.14 52.21 -47.63
N LEU D 915 -126.20 51.36 -48.03
CA LEU D 915 -124.96 51.83 -48.62
C LEU D 915 -125.22 52.40 -50.01
N GLN D 916 -124.78 53.64 -50.23
CA GLN D 916 -125.01 54.34 -51.48
C GLN D 916 -124.11 53.78 -52.58
N PRO D 917 -124.51 53.92 -53.85
CA PRO D 917 -123.61 53.53 -54.94
C PRO D 917 -122.35 54.37 -54.96
N GLY D 918 -121.25 53.73 -55.36
CA GLY D 918 -119.95 54.38 -55.33
C GLY D 918 -119.22 54.27 -54.01
N GLU D 919 -119.78 53.58 -53.02
CA GLU D 919 -119.15 53.41 -51.72
C GLU D 919 -118.78 51.95 -51.52
N SER D 920 -117.75 51.70 -50.73
CA SER D 920 -117.23 50.36 -50.48
C SER D 920 -117.29 50.04 -49.00
N TYR D 921 -117.53 48.77 -48.68
CA TYR D 921 -117.56 48.34 -47.29
C TYR D 921 -116.15 48.27 -46.73
N ILE D 922 -116.03 48.57 -45.43
CA ILE D 922 -114.76 48.55 -44.75
C ILE D 922 -114.60 47.24 -43.97
N CYS D 936 -110.05 20.53 -54.60
CA CYS D 936 -110.19 19.11 -54.32
C CYS D 936 -109.27 18.68 -53.19
N GLU D 937 -109.59 17.56 -52.56
CA GLU D 937 -108.79 17.01 -51.45
C GLU D 937 -108.49 15.55 -51.73
N PRO D 938 -107.53 15.26 -52.60
CA PRO D 938 -107.18 13.88 -52.89
C PRO D 938 -106.28 13.28 -51.83
N LYS D 939 -106.44 11.97 -51.61
CA LYS D 939 -105.61 11.27 -50.63
C LYS D 939 -104.17 11.14 -51.12
N ASN D 940 -104.00 10.77 -52.39
CA ASN D 940 -102.66 10.64 -52.98
C ASN D 940 -102.25 11.96 -53.63
N LYS D 941 -100.93 12.17 -53.67
CA LYS D 941 -100.31 13.42 -54.17
C LYS D 941 -100.86 14.63 -53.44
N TRP D 942 -100.99 14.51 -52.13
CA TRP D 942 -101.66 15.52 -51.30
C TRP D 942 -100.62 16.53 -50.81
N TRP D 943 -100.13 17.32 -51.77
CA TRP D 943 -99.20 18.41 -51.51
C TRP D 943 -99.22 19.34 -52.71
N GLU D 944 -98.52 20.48 -52.55
CA GLU D 944 -98.26 21.49 -53.58
C GLU D 944 -99.52 22.27 -53.98
N TRP D 945 -99.33 23.56 -54.28
CA TRP D 945 -100.43 24.40 -54.75
C TRP D 945 -99.84 25.50 -55.62
N SER D 946 -100.69 26.07 -56.47
CA SER D 946 -100.26 27.12 -57.39
C SER D 946 -100.02 28.44 -56.65
N LEU E 21 -34.57 -7.38 -22.91
CA LEU E 21 -33.30 -8.05 -23.32
C LEU E 21 -32.75 -7.39 -24.59
N ALA E 22 -31.43 -7.16 -24.64
CA ALA E 22 -30.73 -6.42 -25.71
C ALA E 22 -30.99 -7.06 -27.09
N GLU E 23 -30.70 -8.35 -27.25
CA GLU E 23 -30.78 -9.05 -28.56
C GLU E 23 -32.23 -9.10 -29.05
N VAL E 24 -33.22 -9.19 -28.15
CA VAL E 24 -34.68 -9.11 -28.49
C VAL E 24 -34.99 -7.69 -28.99
N GLN E 25 -34.47 -6.68 -28.30
CA GLN E 25 -34.60 -5.26 -28.68
C GLN E 25 -34.02 -5.05 -30.09
N ALA E 26 -32.83 -5.61 -30.34
CA ALA E 26 -32.13 -5.56 -31.65
C ALA E 26 -33.03 -6.18 -32.74
N LEU E 27 -33.57 -7.37 -32.48
CA LEU E 27 -34.47 -8.09 -33.43
C LEU E 27 -35.74 -7.25 -33.70
N GLU E 28 -36.29 -6.61 -32.65
CA GLU E 28 -37.49 -5.76 -32.73
C GLU E 28 -37.20 -4.57 -33.66
N THR E 29 -36.03 -3.93 -33.50
CA THR E 29 -35.58 -2.77 -34.32
C THR E 29 -35.41 -3.24 -35.76
N LEU E 30 -34.75 -4.38 -35.99
CA LEU E 30 -34.56 -4.92 -37.36
C LEU E 30 -35.93 -5.12 -38.02
N LEU E 31 -36.87 -5.77 -37.32
CA LEU E 31 -38.19 -6.13 -37.89
C LEU E 31 -38.97 -4.85 -38.23
N THR E 32 -39.09 -3.91 -37.29
CA THR E 32 -40.04 -2.77 -37.43
C THR E 32 -39.41 -1.70 -38.33
N ARG E 33 -38.18 -1.29 -38.05
CA ARG E 33 -37.50 -0.19 -38.79
C ARG E 33 -37.13 -0.64 -40.21
N GLU E 34 -36.60 -1.87 -40.38
CA GLU E 34 -35.91 -2.25 -41.64
C GLU E 34 -36.74 -3.24 -42.49
N LEU E 35 -37.17 -4.38 -41.92
CA LEU E 35 -37.74 -5.51 -42.71
C LEU E 35 -39.24 -5.29 -42.99
N SER E 36 -39.87 -4.33 -42.30
CA SER E 36 -41.29 -3.93 -42.50
C SER E 36 -41.58 -3.72 -43.98
N VAL E 37 -40.60 -3.25 -44.76
CA VAL E 37 -40.73 -2.96 -46.21
C VAL E 37 -40.92 -4.25 -47.03
N PHE E 38 -40.74 -5.43 -46.44
CA PHE E 38 -40.90 -6.76 -47.11
C PHE E 38 -42.17 -7.47 -46.65
N LEU E 39 -42.99 -6.82 -45.81
CA LEU E 39 -44.28 -7.40 -45.34
C LEU E 39 -45.10 -7.84 -46.56
N THR E 40 -45.54 -9.10 -46.59
CA THR E 40 -46.44 -9.69 -47.62
C THR E 40 -47.90 -9.70 -47.12
N GLU E 41 -48.86 -9.77 -48.04
CA GLU E 41 -50.31 -9.89 -47.74
C GLU E 41 -50.60 -11.32 -47.30
N PRO E 42 -51.71 -11.57 -46.56
CA PRO E 42 -52.11 -12.93 -46.20
C PRO E 42 -52.29 -13.79 -47.46
N GLY E 43 -51.70 -14.99 -47.48
CA GLY E 43 -51.81 -15.96 -48.58
C GLY E 43 -50.96 -15.61 -49.79
N SER E 44 -49.98 -14.71 -49.62
CA SER E 44 -49.05 -14.37 -50.74
C SER E 44 -47.94 -15.43 -50.83
N LYS E 45 -47.84 -16.13 -51.97
CA LYS E 45 -46.83 -17.19 -52.12
C LYS E 45 -45.43 -16.60 -51.91
N LYS E 46 -45.20 -15.38 -52.41
CA LYS E 46 -43.89 -14.72 -52.23
C LYS E 46 -43.39 -14.90 -50.80
N THR E 47 -44.31 -15.09 -49.84
CA THR E 47 -43.90 -15.18 -48.42
C THR E 47 -42.88 -16.32 -48.25
N ASN E 48 -41.76 -16.06 -47.57
CA ASN E 48 -40.80 -17.14 -47.16
C ASN E 48 -40.69 -17.21 -45.63
N ILE E 49 -41.03 -16.15 -44.89
CA ILE E 49 -40.85 -16.06 -43.42
C ILE E 49 -42.16 -15.63 -42.78
N ILE E 50 -42.55 -16.33 -41.72
CA ILE E 50 -43.79 -16.09 -40.93
C ILE E 50 -43.39 -15.92 -39.46
N ASN E 51 -43.71 -14.77 -38.86
CA ASN E 51 -43.54 -14.51 -37.41
C ASN E 51 -44.91 -14.68 -36.76
N ARG E 52 -45.21 -15.87 -36.24
CA ARG E 52 -46.55 -16.24 -35.73
C ARG E 52 -46.85 -15.48 -34.42
N ILE E 53 -45.84 -14.95 -33.73
CA ILE E 53 -46.05 -14.11 -32.52
C ILE E 53 -46.65 -12.77 -32.95
N THR E 54 -46.06 -12.08 -33.93
CA THR E 54 -46.54 -10.76 -34.44
C THR E 54 -47.59 -10.95 -35.54
N GLY E 55 -47.79 -12.18 -36.02
CA GLY E 55 -48.74 -12.50 -37.11
C GLY E 55 -48.34 -11.87 -38.43
N LYS E 56 -47.07 -11.50 -38.59
CA LYS E 56 -46.54 -10.81 -39.80
C LYS E 56 -45.98 -11.87 -40.76
N THR E 57 -46.14 -11.64 -42.06
CA THR E 57 -45.57 -12.47 -43.15
C THR E 57 -44.63 -11.59 -44.00
N TYR E 58 -43.49 -12.13 -44.40
CA TYR E 58 -42.42 -11.40 -45.13
C TYR E 58 -41.95 -12.22 -46.34
N ALA E 59 -41.54 -11.52 -47.41
CA ALA E 59 -40.70 -12.04 -48.51
C ALA E 59 -39.32 -11.39 -48.40
N LEU E 60 -38.40 -12.04 -47.67
CA LEU E 60 -37.02 -11.52 -47.42
C LEU E 60 -36.11 -11.95 -48.56
N PRO E 61 -35.44 -11.00 -49.26
CA PRO E 61 -34.31 -11.35 -50.11
C PRO E 61 -33.16 -11.92 -49.27
N SER E 62 -32.30 -12.72 -49.90
CA SER E 62 -31.21 -13.50 -49.27
C SER E 62 -30.39 -12.63 -48.31
N THR E 63 -30.09 -11.39 -48.67
CA THR E 63 -29.26 -10.47 -47.84
C THR E 63 -29.95 -10.23 -46.49
N GLU E 64 -31.28 -10.05 -46.51
CA GLU E 64 -32.08 -9.63 -45.32
C GLU E 64 -32.47 -10.89 -44.53
N LEU E 65 -32.59 -12.04 -45.21
CA LEU E 65 -32.76 -13.35 -44.55
C LEU E 65 -31.55 -13.62 -43.65
N LEU E 66 -30.35 -13.39 -44.12
CA LEU E 66 -29.16 -13.60 -43.34
C LEU E 66 -29.08 -12.72 -42.14
N ARG E 67 -29.43 -11.47 -42.31
CA ARG E 67 -29.41 -10.47 -41.20
C ARG E 67 -30.42 -10.93 -40.15
N LEU E 68 -31.59 -11.41 -40.59
CA LEU E 68 -32.63 -11.97 -39.70
C LEU E 68 -32.02 -13.14 -38.91
N TYR E 69 -31.37 -14.07 -39.60
CA TYR E 69 -30.78 -15.32 -39.03
C TYR E 69 -29.72 -14.98 -37.98
N GLU E 70 -28.91 -13.94 -38.20
CA GLU E 70 -27.89 -13.48 -37.21
C GLU E 70 -28.61 -13.03 -35.93
N HIS E 71 -29.71 -12.29 -36.06
CA HIS E 71 -30.49 -11.79 -34.90
C HIS E 71 -31.19 -12.97 -34.21
N LEU E 72 -31.83 -13.87 -34.97
CA LEU E 72 -32.56 -15.04 -34.42
C LEU E 72 -31.56 -15.95 -33.69
N GLU E 73 -30.37 -16.12 -34.26
CA GLU E 73 -29.30 -16.95 -33.66
C GLU E 73 -28.87 -16.36 -32.31
N GLN E 74 -28.68 -15.04 -32.22
CA GLN E 74 -28.30 -14.36 -30.94
C GLN E 74 -29.43 -14.56 -29.93
N CYS E 75 -30.68 -14.39 -30.36
CA CYS E 75 -31.89 -14.60 -29.52
C CYS E 75 -31.96 -16.07 -29.07
N ARG E 76 -31.59 -17.02 -29.93
CA ARG E 76 -31.64 -18.47 -29.64
C ARG E 76 -30.65 -18.81 -28.53
N LYS E 77 -29.41 -18.33 -28.65
CA LYS E 77 -28.31 -18.57 -27.67
C LYS E 77 -28.67 -18.02 -26.28
N GLN E 78 -29.64 -17.12 -26.18
CA GLN E 78 -30.11 -16.51 -24.89
C GLN E 78 -31.50 -17.04 -24.50
N GLY E 79 -32.00 -18.07 -25.20
CA GLY E 79 -33.24 -18.78 -24.85
C GLY E 79 -34.50 -17.94 -25.03
N ALA E 80 -34.48 -16.96 -25.93
CA ALA E 80 -35.61 -16.04 -26.17
C ALA E 80 -36.77 -16.80 -26.85
N LEU E 81 -38.00 -16.47 -26.47
CA LEU E 81 -39.26 -16.96 -27.10
C LEU E 81 -39.28 -16.51 -28.57
N MET E 82 -39.17 -17.46 -29.50
CA MET E 82 -39.33 -17.24 -30.96
C MET E 82 -40.41 -18.17 -31.49
N TYR E 83 -41.21 -17.70 -32.45
CA TYR E 83 -42.16 -18.51 -33.23
C TYR E 83 -42.04 -18.08 -34.70
N PHE E 84 -40.86 -18.25 -35.29
CA PHE E 84 -40.61 -18.03 -36.74
C PHE E 84 -40.78 -19.35 -37.51
N LEU E 85 -41.49 -19.28 -38.63
CA LEU E 85 -41.64 -20.39 -39.61
C LEU E 85 -41.06 -19.93 -40.94
N GLU E 86 -40.47 -20.84 -41.71
CA GLU E 86 -40.12 -20.61 -43.12
C GLU E 86 -41.10 -21.43 -43.98
N ARG E 87 -41.52 -20.87 -45.11
CA ARG E 87 -42.40 -21.57 -46.08
C ARG E 87 -41.51 -22.36 -47.05
N GLN E 88 -41.82 -23.63 -47.30
CA GLN E 88 -40.97 -24.55 -48.08
C GLN E 88 -41.09 -24.17 -49.57
N GLY E 89 -42.28 -23.73 -49.98
CA GLY E 89 -42.56 -23.45 -51.39
C GLY E 89 -42.31 -24.69 -52.23
N THR E 90 -41.92 -24.50 -53.49
CA THR E 90 -41.95 -25.56 -54.54
C THR E 90 -40.57 -26.18 -54.70
N TYR E 91 -39.50 -25.53 -54.22
CA TYR E 91 -38.09 -25.97 -54.39
C TYR E 91 -37.26 -25.48 -53.20
N SER E 92 -36.91 -26.38 -52.28
CA SER E 92 -36.16 -26.07 -51.03
C SER E 92 -35.65 -27.36 -50.38
N GLY E 93 -34.94 -27.24 -49.27
CA GLY E 93 -34.40 -28.36 -48.49
C GLY E 93 -35.50 -29.26 -47.95
N LEU E 94 -35.14 -30.48 -47.56
CA LEU E 94 -36.10 -31.51 -47.08
C LEU E 94 -36.18 -31.44 -45.55
N MET E 95 -37.39 -31.53 -45.02
CA MET E 95 -37.69 -31.63 -43.57
C MET E 95 -38.56 -32.87 -43.38
N LEU E 96 -38.22 -33.71 -42.40
CA LEU E 96 -39.04 -34.87 -41.97
C LEU E 96 -39.52 -34.60 -40.54
N ASP E 97 -40.84 -34.58 -40.32
CA ASP E 97 -41.45 -34.36 -38.99
C ASP E 97 -41.96 -35.71 -38.45
N TYR E 98 -41.27 -36.26 -37.44
CA TYR E 98 -41.66 -37.51 -36.73
C TYR E 98 -42.38 -37.17 -35.41
N ASP E 99 -43.64 -37.62 -35.30
CA ASP E 99 -44.48 -37.57 -34.08
C ASP E 99 -44.55 -38.97 -33.49
N LEU E 100 -43.77 -39.24 -32.43
CA LEU E 100 -43.61 -40.60 -31.82
C LEU E 100 -44.57 -40.77 -30.65
N LYS E 101 -45.23 -41.93 -30.59
CA LYS E 101 -45.82 -42.51 -29.35
C LYS E 101 -44.82 -43.50 -28.76
N LEU E 102 -44.38 -43.30 -27.52
CA LEU E 102 -43.34 -44.13 -26.85
C LEU E 102 -43.94 -45.10 -25.82
N ASN E 103 -43.21 -46.20 -25.58
CA ASN E 103 -43.41 -47.24 -24.54
C ASN E 103 -43.50 -46.63 -23.13
N THR E 104 -42.77 -45.54 -22.92
CA THR E 104 -42.53 -44.89 -21.60
C THR E 104 -42.41 -43.38 -21.79
N ASN E 105 -42.20 -42.66 -20.70
CA ASN E 105 -42.05 -41.18 -20.62
C ASN E 105 -40.56 -40.83 -20.53
N ALA E 106 -39.69 -41.80 -20.84
CA ALA E 106 -38.22 -41.63 -20.89
C ALA E 106 -37.83 -41.24 -22.32
N VAL E 107 -37.05 -40.17 -22.47
CA VAL E 107 -36.40 -39.79 -23.76
C VAL E 107 -35.70 -41.02 -24.32
N PRO E 108 -36.00 -41.45 -25.56
CA PRO E 108 -35.34 -42.60 -26.16
C PRO E 108 -33.87 -42.27 -26.40
N PRO E 109 -32.95 -43.26 -26.36
CA PRO E 109 -31.52 -42.97 -26.41
C PRO E 109 -31.07 -42.24 -27.69
N LEU E 110 -31.56 -42.64 -28.86
CA LEU E 110 -31.25 -42.02 -30.17
C LEU E 110 -29.76 -41.64 -30.23
N GLU E 111 -28.88 -42.65 -30.12
CA GLU E 111 -27.41 -42.47 -30.17
C GLU E 111 -26.96 -42.41 -31.63
N PRO E 112 -25.73 -41.93 -31.91
CA PRO E 112 -25.27 -41.76 -33.30
C PRO E 112 -25.49 -42.94 -34.26
N PRO E 113 -25.25 -44.22 -33.87
CA PRO E 113 -25.45 -45.34 -34.79
C PRO E 113 -26.88 -45.47 -35.35
N ALA E 114 -27.90 -45.29 -34.50
CA ALA E 114 -29.32 -45.33 -34.92
C ALA E 114 -29.59 -44.17 -35.88
N LEU E 115 -29.18 -42.96 -35.52
CA LEU E 115 -29.42 -41.74 -36.34
C LEU E 115 -28.64 -41.85 -37.65
N SER E 116 -27.42 -42.40 -37.61
CA SER E 116 -26.54 -42.63 -38.79
C SER E 116 -27.28 -43.52 -39.79
N ARG E 117 -27.87 -44.61 -39.31
CA ARG E 117 -28.59 -45.59 -40.15
C ARG E 117 -29.83 -44.95 -40.75
N LEU E 118 -30.54 -44.12 -39.97
CA LEU E 118 -31.70 -43.32 -40.44
C LEU E 118 -31.28 -42.50 -41.65
N CYS E 119 -30.16 -41.77 -41.56
CA CYS E 119 -29.61 -40.92 -42.66
C CYS E 119 -29.40 -41.77 -43.93
N HIS E 120 -28.77 -42.93 -43.78
CA HIS E 120 -28.49 -43.85 -44.91
C HIS E 120 -29.80 -44.23 -45.58
N ARG E 121 -30.80 -44.66 -44.82
CA ARG E 121 -32.11 -45.10 -45.35
C ARG E 121 -32.81 -43.92 -46.02
N ILE E 122 -32.81 -42.74 -45.41
CA ILE E 122 -33.42 -41.49 -45.98
C ILE E 122 -32.76 -41.23 -47.34
N PHE E 123 -31.45 -41.43 -47.42
CA PHE E 123 -30.64 -41.15 -48.63
C PHE E 123 -31.00 -42.13 -49.74
N VAL E 124 -31.16 -43.42 -49.40
CA VAL E 124 -31.56 -44.47 -50.38
C VAL E 124 -32.83 -44.02 -51.10
N HIS E 125 -33.78 -43.41 -50.41
CA HIS E 125 -35.07 -42.95 -51.01
C HIS E 125 -34.83 -41.71 -51.88
N ILE E 126 -33.98 -40.78 -51.42
CA ILE E 126 -33.56 -39.58 -52.19
C ILE E 126 -32.93 -40.05 -53.52
N LYS E 127 -31.94 -40.95 -53.44
CA LYS E 127 -31.23 -41.52 -54.60
C LYS E 127 -32.22 -42.19 -55.56
N ASN E 128 -33.20 -42.92 -55.02
CA ASN E 128 -34.19 -43.71 -55.80
C ASN E 128 -35.16 -42.78 -56.53
N SER E 129 -35.27 -41.51 -56.10
CA SER E 129 -36.10 -40.46 -56.76
C SER E 129 -35.48 -40.03 -58.10
N SER E 130 -34.19 -40.30 -58.30
CA SER E 130 -33.41 -40.14 -59.56
C SER E 130 -33.03 -38.67 -59.82
N VAL E 131 -33.19 -37.76 -58.85
CA VAL E 131 -33.11 -36.28 -59.08
C VAL E 131 -31.74 -35.74 -58.65
N LEU E 132 -30.88 -36.55 -58.03
CA LEU E 132 -29.56 -36.08 -57.55
C LEU E 132 -28.70 -35.72 -58.75
N PRO E 133 -27.91 -34.64 -58.68
CA PRO E 133 -26.97 -34.31 -59.75
C PRO E 133 -25.79 -35.29 -59.76
N GLU E 134 -25.17 -35.49 -60.92
CA GLU E 134 -23.94 -36.32 -61.07
C GLU E 134 -22.79 -35.61 -60.36
N GLY E 135 -21.74 -36.34 -59.98
CA GLY E 135 -20.53 -35.80 -59.36
C GLY E 135 -20.47 -36.10 -57.89
N SER E 136 -19.54 -35.46 -57.17
CA SER E 136 -19.33 -35.61 -55.71
C SER E 136 -19.97 -34.44 -54.97
N HIS E 137 -20.81 -34.72 -53.97
CA HIS E 137 -21.56 -33.69 -53.20
C HIS E 137 -21.66 -34.10 -51.72
N LYS E 138 -21.44 -33.14 -50.83
CA LYS E 138 -21.77 -33.23 -49.38
C LYS E 138 -23.23 -32.80 -49.18
N ILE E 139 -23.99 -33.59 -48.42
CA ILE E 139 -25.31 -33.15 -47.86
C ILE E 139 -25.30 -33.39 -46.35
N HIS E 140 -25.81 -32.42 -45.60
CA HIS E 140 -25.85 -32.43 -44.12
C HIS E 140 -27.26 -32.79 -43.63
N PHE E 141 -27.33 -33.73 -42.69
CA PHE E 141 -28.54 -34.11 -41.91
C PHE E 141 -28.40 -33.56 -40.49
N PHE E 142 -29.46 -32.94 -39.98
CA PHE E 142 -29.54 -32.41 -38.59
C PHE E 142 -30.77 -33.03 -37.93
N PHE E 143 -30.60 -33.57 -36.72
CA PHE E 143 -31.67 -34.12 -35.87
C PHE E 143 -31.88 -33.19 -34.69
N THR E 144 -33.04 -32.53 -34.66
CA THR E 144 -33.49 -31.70 -33.53
C THR E 144 -34.59 -32.49 -32.82
N LEU E 145 -34.54 -32.54 -31.49
CA LEU E 145 -35.39 -33.42 -30.65
C LEU E 145 -36.26 -32.57 -29.72
N LYS E 146 -37.53 -32.95 -29.57
CA LYS E 146 -38.43 -32.50 -28.47
C LYS E 146 -37.67 -32.62 -27.16
N PRO E 147 -37.61 -31.55 -26.32
CA PRO E 147 -36.75 -31.57 -25.14
C PRO E 147 -37.16 -32.63 -24.10
N GLU E 148 -38.46 -32.93 -23.97
CA GLU E 148 -38.97 -33.96 -23.02
C GLU E 148 -40.14 -34.73 -23.64
N VAL E 149 -40.40 -35.94 -23.15
CA VAL E 149 -41.62 -36.74 -23.46
C VAL E 149 -42.75 -36.20 -22.57
N VAL E 150 -43.93 -36.00 -23.15
CA VAL E 150 -45.16 -35.58 -22.43
C VAL E 150 -46.22 -36.65 -22.73
N GLN E 151 -46.60 -37.42 -21.72
CA GLN E 151 -47.61 -38.50 -21.80
C GLN E 151 -47.24 -39.46 -22.93
N GLY E 152 -45.96 -39.84 -23.01
CA GLY E 152 -45.46 -40.82 -24.01
C GLY E 152 -45.34 -40.23 -25.41
N LYS E 153 -45.74 -38.98 -25.61
CA LYS E 153 -45.63 -38.28 -26.92
C LYS E 153 -44.22 -37.71 -27.05
N TYR E 154 -43.52 -38.03 -28.14
CA TYR E 154 -42.14 -37.54 -28.40
C TYR E 154 -42.02 -37.15 -29.88
N GLY E 155 -40.95 -36.43 -30.22
CA GLY E 155 -40.78 -35.90 -31.57
C GLY E 155 -39.32 -35.65 -31.92
N PHE E 156 -39.01 -35.76 -33.20
CA PHE E 156 -37.78 -35.18 -33.80
C PHE E 156 -38.09 -34.69 -35.21
N HIS E 157 -37.33 -33.66 -35.59
CA HIS E 157 -37.19 -33.19 -36.99
C HIS E 157 -35.88 -33.72 -37.55
N VAL E 158 -35.90 -34.23 -38.77
CA VAL E 158 -34.70 -34.44 -39.64
C VAL E 158 -34.70 -33.32 -40.67
N LEU E 159 -33.69 -32.46 -40.61
CA LEU E 159 -33.50 -31.34 -41.58
C LEU E 159 -32.37 -31.73 -42.52
N ILE E 160 -32.64 -31.72 -43.83
CA ILE E 160 -31.61 -31.79 -44.92
C ILE E 160 -31.73 -30.50 -45.72
N PRO E 161 -31.31 -29.36 -45.11
CA PRO E 161 -31.59 -28.03 -45.66
C PRO E 161 -30.91 -27.71 -47.00
N GLY E 162 -29.72 -28.26 -47.25
CA GLY E 162 -28.89 -28.01 -48.44
C GLY E 162 -29.38 -28.73 -49.69
N LEU E 163 -30.09 -29.85 -49.54
CA LEU E 163 -30.55 -30.69 -50.68
C LEU E 163 -31.85 -30.11 -51.24
N LYS E 164 -31.73 -29.28 -52.28
CA LYS E 164 -32.85 -28.51 -52.84
C LYS E 164 -33.68 -29.44 -53.74
N LEU E 165 -34.90 -29.74 -53.31
CA LEU E 165 -35.82 -30.74 -53.91
C LEU E 165 -37.14 -30.08 -54.32
N ALA E 166 -37.75 -30.56 -55.41
CA ALA E 166 -39.12 -30.19 -55.82
C ALA E 166 -40.08 -30.69 -54.74
N ALA E 167 -41.16 -29.96 -54.46
CA ALA E 167 -42.19 -30.35 -53.47
C ALA E 167 -42.70 -31.76 -53.80
N SER E 168 -42.99 -32.03 -55.07
CA SER E 168 -43.50 -33.34 -55.56
C SER E 168 -42.51 -34.47 -55.22
N THR E 169 -41.20 -34.22 -55.35
CA THR E 169 -40.15 -35.22 -55.03
C THR E 169 -40.10 -35.47 -53.51
N LYS E 170 -40.22 -34.41 -52.70
CA LYS E 170 -40.26 -34.53 -51.21
C LYS E 170 -41.42 -35.44 -50.81
N LYS E 171 -42.60 -35.21 -51.38
CA LYS E 171 -43.84 -35.99 -51.10
C LYS E 171 -43.58 -37.46 -51.44
N SER E 172 -43.01 -37.72 -52.61
CA SER E 172 -42.62 -39.08 -53.07
C SER E 172 -41.65 -39.73 -52.07
N ILE E 173 -40.57 -39.03 -51.69
CA ILE E 173 -39.54 -39.52 -50.72
C ILE E 173 -40.22 -39.84 -49.38
N ILE E 174 -41.09 -38.94 -48.91
CA ILE E 174 -41.82 -39.12 -47.62
C ILE E 174 -42.71 -40.37 -47.71
N GLY E 175 -43.46 -40.55 -48.81
CA GLY E 175 -44.30 -41.74 -49.05
C GLY E 175 -43.50 -43.03 -48.88
N SER E 176 -42.35 -43.12 -49.54
CA SER E 176 -41.42 -44.28 -49.49
C SER E 176 -40.90 -44.49 -48.07
N LEU E 177 -40.56 -43.41 -47.35
CA LEU E 177 -39.94 -43.47 -46.00
C LEU E 177 -40.93 -44.06 -44.99
N GLN E 178 -42.23 -43.77 -45.15
CA GLN E 178 -43.29 -44.26 -44.24
C GLN E 178 -43.29 -45.80 -44.23
N HIS E 179 -43.00 -46.44 -45.36
CA HIS E 179 -43.09 -47.91 -45.58
C HIS E 179 -41.72 -48.61 -45.44
N ASP E 180 -40.68 -47.91 -44.99
CA ASP E 180 -39.30 -48.46 -44.89
C ASP E 180 -39.19 -49.35 -43.65
N ALA E 181 -38.99 -50.65 -43.86
CA ALA E 181 -38.93 -51.72 -42.83
C ALA E 181 -37.74 -51.47 -41.89
N THR E 182 -36.58 -51.06 -42.41
CA THR E 182 -35.36 -50.79 -41.60
C THR E 182 -35.62 -49.60 -40.67
N VAL E 183 -36.26 -48.54 -41.16
CA VAL E 183 -36.59 -47.32 -40.37
C VAL E 183 -37.56 -47.74 -39.24
N GLN E 184 -38.55 -48.55 -39.58
CA GLN E 184 -39.60 -49.03 -38.63
C GLN E 184 -38.94 -49.84 -37.52
N LYS E 185 -37.98 -50.70 -37.88
CA LYS E 185 -37.16 -51.49 -36.92
C LYS E 185 -36.44 -50.53 -35.96
N ILE E 186 -35.64 -49.61 -36.51
CA ILE E 186 -34.83 -48.63 -35.70
C ILE E 186 -35.76 -47.97 -34.68
N LEU E 187 -36.90 -47.47 -35.14
CA LEU E 187 -37.87 -46.70 -34.30
C LEU E 187 -38.46 -47.63 -33.23
N HIS E 188 -38.79 -48.87 -33.61
CA HIS E 188 -39.31 -49.92 -32.70
C HIS E 188 -38.31 -50.17 -31.57
N GLU E 189 -37.03 -50.32 -31.89
CA GLU E 189 -35.96 -50.62 -30.90
C GLU E 189 -35.70 -49.40 -30.01
N GLN E 190 -36.18 -48.22 -30.40
CA GLN E 190 -36.10 -46.98 -29.59
C GLN E 190 -37.30 -46.90 -28.63
N GLY E 191 -38.30 -47.77 -28.80
CA GLY E 191 -39.53 -47.84 -27.97
C GLY E 191 -40.73 -47.16 -28.62
N VAL E 192 -40.70 -46.94 -29.93
CA VAL E 192 -41.80 -46.27 -30.69
C VAL E 192 -42.88 -47.32 -30.96
N THR E 193 -44.13 -47.03 -30.58
CA THR E 193 -45.31 -47.92 -30.74
C THR E 193 -46.09 -47.58 -32.01
N ASN E 194 -45.76 -46.47 -32.70
CA ASN E 194 -46.41 -46.06 -33.98
C ASN E 194 -45.37 -45.91 -35.10
N PRO E 195 -44.49 -46.91 -35.32
CA PRO E 195 -43.43 -46.77 -36.31
C PRO E 195 -43.95 -46.69 -37.76
N GLU E 196 -45.19 -47.12 -38.00
CA GLU E 196 -45.82 -47.16 -39.35
C GLU E 196 -46.44 -45.81 -39.71
N SER E 197 -46.75 -44.97 -38.70
CA SER E 197 -47.62 -43.77 -38.87
C SER E 197 -47.09 -42.56 -38.08
N CYS E 198 -45.79 -42.50 -37.79
CA CYS E 198 -45.17 -41.41 -36.99
C CYS E 198 -44.63 -40.31 -37.91
N LEU E 199 -44.32 -40.60 -39.17
CA LEU E 199 -43.82 -39.59 -40.14
C LEU E 199 -44.99 -38.80 -40.73
N ASP E 200 -45.07 -37.50 -40.47
CA ASP E 200 -46.12 -36.60 -41.03
C ASP E 200 -46.03 -36.59 -42.55
N PRO E 201 -47.05 -37.13 -43.27
CA PRO E 201 -47.02 -37.16 -44.73
C PRO E 201 -47.09 -35.78 -45.40
N HIS E 202 -47.37 -34.72 -44.63
CA HIS E 202 -47.44 -33.30 -45.08
C HIS E 202 -46.12 -32.58 -44.77
N SER E 203 -45.11 -33.31 -44.27
CA SER E 203 -43.72 -32.81 -44.00
C SER E 203 -43.21 -31.97 -45.16
N ALA E 204 -43.61 -32.30 -46.40
CA ALA E 204 -43.16 -31.63 -47.66
C ALA E 204 -43.75 -30.23 -47.80
N SER E 205 -44.94 -29.97 -47.25
CA SER E 205 -45.75 -28.76 -47.56
C SER E 205 -45.89 -27.83 -46.33
N VAL E 206 -45.85 -28.35 -45.11
CA VAL E 206 -46.09 -27.53 -43.88
C VAL E 206 -44.98 -26.48 -43.79
N PRO E 207 -45.30 -25.26 -43.30
CA PRO E 207 -44.26 -24.31 -42.90
C PRO E 207 -43.43 -24.94 -41.79
N SER E 208 -42.12 -24.70 -41.79
CA SER E 208 -41.13 -25.41 -40.97
C SER E 208 -40.54 -24.42 -39.96
N LEU E 209 -40.54 -24.77 -38.67
CA LEU E 209 -40.04 -23.89 -37.59
C LEU E 209 -38.55 -23.62 -37.83
N LEU E 210 -38.13 -22.37 -37.70
CA LEU E 210 -36.70 -22.03 -37.67
C LEU E 210 -36.12 -22.61 -36.38
N TYR E 211 -34.84 -22.99 -36.40
CA TYR E 211 -34.16 -23.52 -35.19
C TYR E 211 -34.29 -22.47 -34.08
N GLY E 212 -34.71 -22.89 -32.90
CA GLY E 212 -34.92 -22.02 -31.74
C GLY E 212 -36.36 -21.56 -31.58
N SER E 213 -37.21 -21.84 -32.58
CA SER E 213 -38.64 -21.46 -32.60
C SER E 213 -39.52 -22.66 -32.24
N SER E 214 -40.76 -22.40 -31.81
CA SER E 214 -41.77 -23.43 -31.45
C SER E 214 -43.17 -22.81 -31.43
N LYS E 215 -44.20 -23.64 -31.56
CA LYS E 215 -45.60 -23.28 -31.20
C LYS E 215 -45.57 -22.69 -29.79
N LEU E 216 -46.53 -21.82 -29.47
CA LEU E 216 -46.47 -21.02 -28.21
C LEU E 216 -46.72 -21.95 -27.02
N ASN E 217 -47.32 -23.12 -27.24
CA ASN E 217 -47.66 -24.10 -26.19
C ASN E 217 -46.54 -25.13 -25.99
N HIS E 218 -45.50 -25.14 -26.86
CA HIS E 218 -44.41 -26.15 -26.86
C HIS E 218 -43.07 -25.45 -26.58
N LYS E 219 -42.01 -26.20 -26.31
CA LYS E 219 -40.63 -25.67 -26.18
C LYS E 219 -39.87 -26.03 -27.45
N PRO E 220 -38.84 -25.24 -27.84
CA PRO E 220 -38.12 -25.48 -29.09
C PRO E 220 -37.32 -26.79 -29.04
N TYR E 221 -37.33 -27.51 -30.17
CA TYR E 221 -36.49 -28.70 -30.41
C TYR E 221 -35.03 -28.28 -30.30
N GLN E 222 -34.19 -29.17 -29.76
CA GLN E 222 -32.74 -28.96 -29.50
C GLN E 222 -31.93 -29.82 -30.49
N LEU E 223 -30.90 -29.25 -31.09
CA LEU E 223 -30.00 -29.97 -32.02
C LEU E 223 -29.17 -30.96 -31.20
N LYS E 224 -29.34 -32.26 -31.46
CA LYS E 224 -28.58 -33.31 -30.74
C LYS E 224 -27.33 -33.67 -31.54
N THR E 225 -27.50 -34.00 -32.82
CA THR E 225 -26.44 -34.56 -33.69
C THR E 225 -26.69 -34.13 -35.13
N GLY E 226 -25.62 -33.77 -35.85
CA GLY E 226 -25.64 -33.56 -37.32
C GLY E 226 -24.64 -34.47 -38.01
N PHE E 227 -24.93 -34.86 -39.25
CA PHE E 227 -24.12 -35.80 -40.06
C PHE E 227 -23.82 -35.20 -41.42
N GLU E 228 -22.61 -35.47 -41.91
CA GLU E 228 -22.15 -35.15 -43.28
C GLU E 228 -22.19 -36.45 -44.10
N LEU E 229 -23.04 -36.50 -45.12
CA LEU E 229 -23.11 -37.61 -46.11
C LEU E 229 -22.47 -37.10 -47.40
N VAL E 230 -21.45 -37.80 -47.91
CA VAL E 230 -20.86 -37.54 -49.26
C VAL E 230 -21.37 -38.64 -50.19
N PHE E 231 -21.93 -38.27 -51.33
CA PHE E 231 -22.28 -39.22 -52.41
C PHE E 231 -21.44 -38.86 -53.65
N ASP E 232 -21.08 -39.89 -54.42
CA ASP E 232 -20.29 -39.77 -55.67
C ASP E 232 -20.92 -40.69 -56.71
N SER E 233 -21.44 -40.14 -57.80
CA SER E 233 -22.15 -40.87 -58.89
C SER E 233 -21.22 -41.93 -59.50
N SER E 234 -19.92 -41.66 -59.54
CA SER E 234 -18.88 -42.55 -60.12
C SER E 234 -18.65 -43.77 -59.20
N ASP E 235 -18.89 -43.60 -57.90
CA ASP E 235 -18.60 -44.60 -56.84
C ASP E 235 -19.84 -44.74 -55.95
N PRO E 236 -20.97 -45.24 -56.48
CA PRO E 236 -22.26 -45.15 -55.81
C PRO E 236 -22.39 -45.99 -54.53
N ASP E 237 -21.52 -46.97 -54.35
CA ASP E 237 -21.56 -47.91 -53.20
C ASP E 237 -20.81 -47.31 -52.01
N TYR E 238 -20.06 -46.22 -52.21
CA TYR E 238 -19.33 -45.53 -51.11
C TYR E 238 -20.16 -44.33 -50.65
N ILE E 239 -20.79 -44.44 -49.48
CA ILE E 239 -21.72 -43.42 -48.91
C ILE E 239 -21.28 -43.12 -47.48
N PRO E 240 -20.13 -42.45 -47.29
CA PRO E 240 -19.61 -42.15 -45.97
C PRO E 240 -20.53 -41.16 -45.24
N ILE E 241 -20.90 -41.53 -44.00
CA ILE E 241 -21.68 -40.69 -43.06
C ILE E 241 -20.84 -40.54 -41.79
N HIS E 242 -20.53 -39.29 -41.43
CA HIS E 242 -19.75 -38.90 -40.22
C HIS E 242 -20.48 -37.78 -39.47
N GLN E 243 -20.48 -37.86 -38.15
CA GLN E 243 -20.91 -36.75 -37.27
C GLN E 243 -20.15 -35.48 -37.66
N ILE E 244 -20.84 -34.35 -37.69
CA ILE E 244 -20.24 -32.98 -37.78
C ILE E 244 -19.78 -32.59 -36.38
N LYS E 245 -18.54 -32.12 -36.21
CA LYS E 245 -17.90 -32.03 -34.86
C LYS E 245 -18.00 -30.61 -34.30
N ASN E 246 -17.88 -29.58 -35.14
CA ASN E 246 -17.79 -28.16 -34.70
C ASN E 246 -19.09 -27.42 -35.05
N LEU E 247 -20.24 -27.99 -34.70
CA LEU E 247 -21.60 -27.43 -34.99
C LEU E 247 -21.75 -26.03 -34.38
N GLU E 248 -21.30 -25.86 -33.12
CA GLU E 248 -21.36 -24.60 -32.34
C GLU E 248 -20.67 -23.44 -33.08
N SER E 249 -19.71 -23.75 -33.96
CA SER E 249 -18.90 -22.76 -34.74
C SER E 249 -19.77 -22.00 -35.75
N TYR E 250 -20.95 -22.52 -36.10
CA TYR E 250 -21.78 -21.99 -37.22
C TYR E 250 -23.00 -21.29 -36.64
N ASN E 251 -23.64 -20.45 -37.46
CA ASN E 251 -24.99 -19.90 -37.18
C ASN E 251 -26.02 -20.98 -37.50
N LEU E 252 -26.55 -21.65 -36.49
CA LEU E 252 -27.41 -22.84 -36.65
C LEU E 252 -28.78 -22.47 -37.24
N VAL E 253 -29.38 -21.33 -36.87
CA VAL E 253 -30.64 -20.88 -37.51
C VAL E 253 -30.40 -20.84 -39.02
N SER E 254 -29.30 -20.20 -39.44
CA SER E 254 -28.82 -20.06 -40.83
C SER E 254 -28.65 -21.45 -41.50
N GLU E 255 -27.77 -22.29 -40.95
CA GLU E 255 -27.37 -23.57 -41.58
C GLU E 255 -28.57 -24.51 -41.72
N LEU E 256 -29.46 -24.55 -40.72
CA LEU E 256 -30.60 -25.51 -40.64
C LEU E 256 -31.79 -25.04 -41.52
N SER E 257 -31.79 -23.79 -41.98
CA SER E 257 -32.89 -23.21 -42.80
C SER E 257 -33.00 -23.93 -44.15
N LEU E 258 -34.19 -24.46 -44.46
CA LEU E 258 -34.50 -25.19 -45.71
C LEU E 258 -34.40 -24.27 -46.93
N THR E 259 -34.64 -22.96 -46.75
CA THR E 259 -34.76 -21.98 -47.87
C THR E 259 -33.45 -21.18 -48.04
N ASN E 260 -32.53 -21.23 -47.07
CA ASN E 260 -31.21 -20.55 -47.13
C ASN E 260 -30.36 -21.18 -48.25
N GLU E 261 -29.58 -20.37 -48.95
CA GLU E 261 -28.63 -20.81 -50.02
C GLU E 261 -27.24 -20.21 -49.75
N GLN E 262 -27.06 -19.49 -48.64
CA GLN E 262 -25.83 -18.73 -48.32
C GLN E 262 -25.30 -19.15 -46.94
N GLY E 263 -25.57 -20.39 -46.53
CA GLY E 263 -24.91 -21.02 -45.37
C GLY E 263 -23.42 -21.23 -45.64
N SER E 264 -22.62 -21.39 -44.57
CA SER E 264 -21.15 -21.64 -44.62
C SER E 264 -20.90 -23.16 -44.60
N LEU E 265 -21.45 -23.86 -43.62
CA LEU E 265 -21.38 -25.34 -43.52
C LEU E 265 -22.22 -25.94 -44.66
N VAL E 266 -23.48 -25.52 -44.75
CA VAL E 266 -24.48 -26.09 -45.69
C VAL E 266 -24.41 -25.31 -47.01
N ARG E 267 -23.85 -25.93 -48.04
CA ARG E 267 -23.77 -25.40 -49.42
C ARG E 267 -24.83 -26.14 -50.24
N PRO E 268 -25.68 -25.43 -51.00
CA PRO E 268 -26.77 -26.09 -51.72
C PRO E 268 -26.29 -27.12 -52.75
N VAL E 269 -26.99 -28.25 -52.84
CA VAL E 269 -26.91 -29.16 -54.01
C VAL E 269 -28.30 -29.18 -54.64
N TYR E 270 -28.35 -28.79 -55.92
CA TYR E 270 -29.57 -28.55 -56.71
C TYR E 270 -29.96 -29.86 -57.40
N CYS E 271 -31.10 -30.41 -56.99
CA CYS E 271 -31.72 -31.61 -57.62
C CYS E 271 -32.56 -31.16 -58.81
N ALA E 272 -32.76 -32.06 -59.79
CA ALA E 272 -33.66 -31.88 -60.96
C ALA E 272 -35.07 -31.59 -60.45
N ALA E 273 -35.75 -30.61 -61.05
CA ALA E 273 -37.16 -30.24 -60.73
C ALA E 273 -38.12 -31.17 -61.48
N MET E 294 -58.59 -17.01 -40.78
CA MET E 294 -57.54 -16.99 -39.77
C MET E 294 -58.08 -16.36 -38.50
N LEU E 295 -57.31 -16.49 -37.42
CA LEU E 295 -57.66 -15.85 -36.15
C LEU E 295 -57.45 -14.36 -36.25
N HIS E 296 -58.54 -13.60 -36.26
CA HIS E 296 -58.46 -12.14 -36.39
C HIS E 296 -57.89 -11.53 -35.12
N ASP E 297 -56.89 -10.63 -35.30
CA ASP E 297 -56.10 -9.90 -34.31
C ASP E 297 -55.82 -10.68 -33.03
N PRO E 298 -55.04 -11.76 -33.10
CA PRO E 298 -54.85 -12.62 -31.92
C PRO E 298 -53.84 -12.06 -30.92
N GLU E 299 -54.18 -10.90 -30.35
CA GLU E 299 -53.37 -10.27 -29.32
C GLU E 299 -53.90 -10.51 -27.91
N ALA E 300 -54.94 -11.34 -27.77
CA ALA E 300 -55.49 -11.89 -26.55
C ALA E 300 -56.17 -10.86 -25.64
N ARG E 301 -56.21 -9.57 -26.01
CA ARG E 301 -56.97 -8.63 -25.20
C ARG E 301 -58.47 -8.75 -25.45
N TYR E 302 -58.86 -9.22 -26.64
CA TYR E 302 -60.24 -9.58 -26.91
C TYR E 302 -60.44 -11.08 -27.03
N LEU E 303 -59.36 -11.82 -27.33
CA LEU E 303 -59.41 -13.28 -27.34
C LEU E 303 -59.39 -13.87 -25.93
N HIS E 304 -59.37 -13.03 -24.89
CA HIS E 304 -59.75 -13.49 -23.57
C HIS E 304 -61.18 -14.02 -23.56
N LYS E 305 -62.04 -13.44 -24.40
CA LYS E 305 -63.38 -14.01 -24.61
C LYS E 305 -63.29 -15.40 -25.23
N ILE E 306 -62.36 -15.59 -26.17
CA ILE E 306 -62.15 -16.92 -26.74
C ILE E 306 -61.67 -17.89 -25.67
N LEU E 307 -60.87 -17.39 -24.72
CA LEU E 307 -60.44 -18.21 -23.59
C LEU E 307 -61.61 -18.59 -22.69
N ASN E 308 -62.52 -17.65 -22.41
CA ASN E 308 -63.53 -17.91 -21.38
C ASN E 308 -64.87 -18.41 -21.92
N LEU E 309 -65.07 -18.48 -23.25
CA LEU E 309 -66.26 -19.16 -23.76
C LEU E 309 -66.09 -20.68 -23.85
N LEU E 310 -64.89 -21.19 -23.60
CA LEU E 310 -64.67 -22.64 -23.52
C LEU E 310 -65.10 -23.29 -22.20
N PRO E 311 -64.92 -22.68 -21.01
CA PRO E 311 -65.44 -23.32 -19.76
C PRO E 311 -66.94 -23.58 -19.74
N PRO E 312 -67.83 -22.69 -20.25
CA PRO E 312 -69.27 -22.98 -20.11
C PRO E 312 -69.72 -24.18 -20.93
N GLU E 313 -70.73 -24.88 -20.40
CA GLU E 313 -71.36 -26.02 -21.05
C GLU E 313 -72.53 -25.62 -21.93
N TYR E 314 -72.54 -24.39 -22.43
CA TYR E 314 -73.63 -23.87 -23.24
C TYR E 314 -73.32 -23.97 -24.73
N TYR E 315 -72.67 -25.08 -25.11
CA TYR E 315 -72.32 -25.32 -26.51
C TYR E 315 -73.55 -25.45 -27.41
N VAL E 316 -74.64 -26.01 -26.91
CA VAL E 316 -75.88 -26.12 -27.66
C VAL E 316 -76.93 -25.28 -26.95
N GLU E 317 -77.48 -24.29 -27.67
CA GLU E 317 -78.45 -23.35 -27.10
C GLU E 317 -79.64 -23.24 -28.05
N TYR E 318 -80.75 -23.87 -27.69
CA TYR E 318 -81.96 -23.74 -28.49
C TYR E 318 -82.67 -22.41 -28.23
N PRO E 319 -82.92 -21.96 -26.95
CA PRO E 319 -83.52 -20.64 -26.80
C PRO E 319 -82.53 -19.52 -26.49
N LEU E 320 -81.27 -19.85 -26.23
CA LEU E 320 -80.29 -18.88 -25.76
C LEU E 320 -79.13 -18.71 -26.75
N TRP E 321 -79.36 -19.01 -28.02
CA TRP E 321 -78.33 -18.80 -29.03
C TRP E 321 -78.07 -17.32 -29.27
N SER E 322 -79.12 -16.50 -29.22
CA SER E 322 -79.01 -15.09 -29.58
C SER E 322 -78.63 -14.19 -28.41
N ASN E 323 -78.77 -14.66 -27.16
CA ASN E 323 -78.43 -13.84 -26.01
C ASN E 323 -76.93 -13.54 -25.97
N VAL E 324 -76.10 -14.52 -26.29
CA VAL E 324 -74.66 -14.30 -26.38
C VAL E 324 -74.34 -13.31 -27.48
N VAL E 325 -75.06 -13.41 -28.60
CA VAL E 325 -74.85 -12.48 -29.72
C VAL E 325 -75.22 -11.05 -29.31
N PHE E 326 -76.31 -10.89 -28.56
CA PHE E 326 -76.64 -9.57 -28.02
C PHE E 326 -75.57 -9.07 -27.07
N ALA E 327 -74.98 -9.99 -26.29
CA ALA E 327 -73.93 -9.60 -25.34
C ALA E 327 -72.67 -9.11 -26.06
N LEU E 328 -72.25 -9.80 -27.11
CA LEU E 328 -71.03 -9.42 -27.81
C LEU E 328 -71.28 -8.58 -29.05
N ALA E 329 -72.51 -8.07 -29.24
CA ALA E 329 -72.79 -7.14 -30.32
C ALA E 329 -72.09 -5.80 -30.17
N ASN E 330 -71.53 -5.50 -29.00
CA ASN E 330 -70.82 -4.24 -28.78
C ASN E 330 -69.49 -4.17 -29.51
N THR E 331 -69.00 -5.28 -30.05
CA THR E 331 -67.72 -5.33 -30.75
C THR E 331 -67.95 -5.49 -32.25
N SER E 332 -67.16 -4.75 -33.04
CA SER E 332 -67.30 -4.80 -34.49
C SER E 332 -66.60 -6.00 -35.11
N ALA E 333 -65.69 -6.65 -34.38
CA ALA E 333 -64.97 -7.83 -34.87
C ALA E 333 -65.44 -9.09 -34.16
N ASN E 334 -66.76 -9.19 -33.95
CA ASN E 334 -67.36 -10.21 -33.10
C ASN E 334 -67.83 -11.43 -33.87
N TYR E 335 -67.56 -11.51 -35.17
CA TYR E 335 -68.05 -12.62 -35.98
C TYR E 335 -67.38 -13.94 -35.61
N ARG E 336 -66.07 -13.91 -35.44
CA ARG E 336 -65.32 -15.12 -35.09
C ARG E 336 -65.72 -15.76 -33.75
N PRO E 337 -65.91 -15.01 -32.64
CA PRO E 337 -66.34 -15.70 -31.41
C PRO E 337 -67.69 -16.40 -31.52
N LEU E 338 -68.70 -15.75 -32.10
CA LEU E 338 -70.00 -16.42 -32.25
C LEU E 338 -69.92 -17.56 -33.25
N ALA E 339 -69.13 -17.39 -34.32
CA ALA E 339 -68.98 -18.45 -35.31
C ALA E 339 -68.32 -19.69 -34.72
N GLU E 340 -67.35 -19.48 -33.82
CA GLU E 340 -66.75 -20.62 -33.14
C GLU E 340 -67.66 -21.19 -32.07
N TRP E 341 -68.44 -20.34 -31.39
CA TRP E 341 -69.20 -20.78 -30.23
C TRP E 341 -70.48 -21.53 -30.61
N PHE E 342 -71.11 -21.19 -31.72
CA PHE E 342 -72.32 -21.91 -32.09
C PHE E 342 -72.11 -22.95 -33.19
N SER E 343 -70.88 -23.17 -33.64
CA SER E 343 -70.64 -24.23 -34.60
C SER E 343 -70.63 -25.62 -33.97
N GLN E 344 -70.48 -25.70 -32.65
CA GLN E 344 -70.44 -26.98 -31.96
C GLN E 344 -71.85 -27.50 -31.71
N THR E 352 -74.99 -32.89 -32.91
CA THR E 352 -75.97 -31.84 -33.14
C THR E 352 -75.56 -30.97 -34.33
N GLY E 353 -74.44 -30.28 -34.19
CA GLY E 353 -73.94 -29.43 -35.24
C GLY E 353 -74.63 -28.08 -35.31
N GLY E 354 -75.46 -27.88 -36.33
CA GLY E 354 -76.13 -26.62 -36.53
C GLY E 354 -75.42 -25.76 -37.55
N LYS E 355 -74.08 -25.73 -37.47
CA LYS E 355 -73.20 -25.05 -38.43
C LYS E 355 -73.54 -23.56 -38.55
N GLU E 356 -73.59 -22.88 -37.39
CA GLU E 356 -73.95 -21.46 -37.29
C GLU E 356 -75.32 -21.19 -37.92
N LYS E 357 -76.28 -22.07 -37.59
CA LYS E 357 -77.63 -22.06 -38.17
C LYS E 357 -77.58 -22.10 -39.69
N LEU E 358 -76.74 -23.01 -40.21
CA LEU E 358 -76.43 -23.14 -41.64
C LEU E 358 -75.95 -21.81 -42.21
N GLU E 359 -75.01 -21.19 -41.49
CA GLU E 359 -74.39 -19.90 -41.84
C GLU E 359 -75.45 -18.81 -42.00
N LYS E 360 -76.36 -18.73 -41.03
CA LYS E 360 -77.39 -17.70 -41.06
C LYS E 360 -76.81 -16.32 -40.74
N LEU E 361 -75.71 -16.29 -39.96
CA LEU E 361 -75.00 -15.05 -39.58
C LEU E 361 -75.92 -14.07 -38.86
N TRP E 362 -76.76 -14.61 -37.97
CA TRP E 362 -77.71 -13.86 -37.15
C TRP E 362 -78.65 -13.03 -38.03
N ASN E 363 -79.45 -13.76 -38.82
CA ASN E 363 -80.41 -13.19 -39.78
C ASN E 363 -79.73 -12.24 -40.75
N ASP E 364 -78.52 -12.62 -41.18
CA ASP E 364 -77.69 -11.87 -42.12
C ASP E 364 -77.40 -10.44 -41.61
N ALA E 365 -76.65 -10.42 -40.50
CA ALA E 365 -76.12 -9.19 -39.88
C ALA E 365 -77.26 -8.24 -39.47
N SER E 366 -78.02 -8.71 -38.49
CA SER E 366 -79.13 -7.92 -37.96
C SER E 366 -78.64 -6.62 -37.30
N HIS E 367 -79.46 -5.59 -37.40
CA HIS E 367 -79.14 -4.31 -36.81
C HIS E 367 -79.28 -4.41 -35.29
N HIS E 368 -78.45 -3.65 -34.57
CA HIS E 368 -78.42 -3.71 -33.11
C HIS E 368 -79.69 -3.10 -32.51
N THR E 369 -79.72 -3.05 -31.19
CA THR E 369 -80.92 -2.64 -30.46
C THR E 369 -80.49 -1.74 -29.30
N GLU E 370 -81.40 -1.54 -28.34
CA GLU E 370 -81.12 -0.71 -27.19
C GLU E 370 -80.13 -1.40 -26.24
N LYS E 371 -79.89 -0.78 -25.09
CA LYS E 371 -78.86 -1.25 -24.17
C LYS E 371 -79.26 -2.57 -23.51
N LYS E 372 -78.93 -3.66 -24.17
CA LYS E 372 -79.22 -5.01 -23.70
C LYS E 372 -78.03 -5.49 -22.87
N ILE E 373 -77.97 -6.80 -22.61
CA ILE E 373 -76.89 -7.37 -21.80
C ILE E 373 -75.54 -7.23 -22.53
N THR E 374 -74.47 -7.28 -21.74
CA THR E 374 -73.11 -7.07 -22.24
C THR E 374 -72.21 -8.23 -21.81
N LYS E 375 -70.89 -8.03 -21.94
CA LYS E 375 -69.91 -9.06 -21.58
C LYS E 375 -69.88 -9.36 -20.08
N ARG E 376 -70.49 -8.51 -19.24
CA ARG E 376 -70.67 -8.87 -17.84
C ARG E 376 -71.57 -10.10 -17.71
N SER E 377 -72.60 -10.19 -18.53
CA SER E 377 -73.39 -11.42 -18.60
C SER E 377 -72.58 -12.59 -19.14
N ILE E 378 -71.60 -12.32 -20.01
CA ILE E 378 -70.73 -13.37 -20.52
C ILE E 378 -69.89 -13.95 -19.38
N MET E 379 -69.32 -13.09 -18.53
CA MET E 379 -68.65 -13.59 -17.34
C MET E 379 -69.62 -14.25 -16.37
N TYR E 380 -70.89 -13.82 -16.38
CA TYR E 380 -71.89 -14.46 -15.54
C TYR E 380 -72.22 -15.87 -16.01
N TRP E 381 -72.13 -16.14 -17.33
CA TRP E 381 -72.36 -17.50 -17.80
C TRP E 381 -71.23 -18.42 -17.33
N ALA E 382 -70.01 -17.90 -17.27
CA ALA E 382 -68.95 -18.60 -16.55
C ALA E 382 -69.14 -18.43 -15.05
N HIS E 383 -68.31 -19.14 -14.28
CA HIS E 383 -68.32 -19.23 -12.81
C HIS E 383 -69.54 -19.93 -12.26
N LYS E 384 -70.49 -20.36 -13.10
CA LYS E 384 -71.62 -21.17 -12.68
C LYS E 384 -71.63 -22.53 -13.36
N HIS E 385 -71.45 -22.57 -14.69
CA HIS E 385 -71.28 -23.85 -15.37
C HIS E 385 -69.92 -24.46 -15.08
N ALA E 386 -68.87 -23.63 -15.02
CA ALA E 386 -67.53 -24.08 -14.67
C ALA E 386 -66.92 -23.10 -13.68
N PRO E 387 -67.27 -23.22 -12.39
CA PRO E 387 -66.74 -22.28 -11.40
C PRO E 387 -65.25 -22.42 -11.16
N GLN E 388 -64.69 -23.61 -11.34
CA GLN E 388 -63.26 -23.84 -11.12
C GLN E 388 -62.44 -23.67 -12.39
N GLN E 389 -63.06 -23.40 -13.52
CA GLN E 389 -62.36 -23.12 -14.76
C GLN E 389 -62.38 -21.65 -15.13
N TYR E 390 -62.81 -20.79 -14.22
CA TYR E 390 -62.92 -19.36 -14.43
C TYR E 390 -62.06 -18.55 -13.47
N LYS E 391 -61.91 -19.04 -12.23
CA LYS E 391 -61.10 -18.34 -11.23
C LYS E 391 -59.64 -18.27 -11.64
N GLU E 392 -59.09 -19.39 -12.12
CA GLU E 392 -57.70 -19.37 -12.55
C GLU E 392 -57.53 -18.60 -13.86
N ILE E 393 -58.57 -18.54 -14.68
CA ILE E 393 -58.51 -17.76 -15.92
C ILE E 393 -58.41 -16.28 -15.61
N VAL E 394 -59.29 -15.78 -14.72
CA VAL E 394 -59.24 -14.37 -14.39
C VAL E 394 -57.99 -14.05 -13.56
N GLU E 395 -57.52 -15.00 -12.74
CA GLU E 395 -56.28 -14.78 -12.00
C GLU E 395 -55.08 -14.68 -12.94
N GLN E 396 -55.04 -15.52 -13.98
CA GLN E 396 -53.99 -15.42 -14.97
C GLN E 396 -54.08 -14.12 -15.76
N GLY E 397 -55.30 -13.64 -16.05
CA GLY E 397 -55.44 -12.36 -16.69
C GLY E 397 -54.93 -11.20 -15.84
N TYR E 398 -55.26 -11.22 -14.55
CA TYR E 398 -54.79 -10.18 -13.63
C TYR E 398 -53.27 -10.22 -13.51
N PHE E 399 -52.72 -11.43 -13.41
CA PHE E 399 -51.28 -11.63 -13.37
C PHE E 399 -50.61 -11.12 -14.63
N SER E 400 -51.22 -11.36 -15.80
CA SER E 400 -50.65 -10.89 -17.05
C SER E 400 -50.64 -9.38 -17.15
N ILE E 401 -51.73 -8.73 -16.71
CA ILE E 401 -51.80 -7.27 -16.76
C ILE E 401 -50.76 -6.66 -15.82
N LEU E 402 -50.66 -7.19 -14.60
CA LEU E 402 -49.66 -6.70 -13.66
C LEU E 402 -48.24 -6.99 -14.14
N ALA E 403 -48.02 -8.14 -14.76
CA ALA E 403 -46.69 -8.47 -15.27
C ALA E 403 -46.29 -7.54 -16.40
N GLU E 404 -47.23 -7.21 -17.29
CA GLU E 404 -46.93 -6.26 -18.37
C GLU E 404 -46.61 -4.88 -17.78
N TYR E 405 -47.42 -4.43 -16.82
CA TYR E 405 -47.21 -3.11 -16.25
C TYR E 405 -45.95 -3.03 -15.39
N VAL E 406 -45.51 -4.16 -14.83
CA VAL E 406 -44.28 -4.16 -14.04
C VAL E 406 -43.05 -4.25 -14.94
N TYR E 407 -43.09 -5.11 -15.95
CA TYR E 407 -41.93 -5.29 -16.81
C TYR E 407 -41.72 -4.10 -17.75
N SER E 408 -42.79 -3.45 -18.19
CA SER E 408 -42.65 -2.32 -19.09
C SER E 408 -42.05 -1.10 -18.39
N TYR E 409 -42.58 -0.77 -17.20
CA TYR E 409 -42.02 0.29 -16.36
C TYR E 409 -41.56 -0.37 -15.07
N ASN E 410 -40.25 -0.38 -14.84
CA ASN E 410 -39.54 -1.33 -13.99
C ASN E 410 -40.19 -1.64 -12.64
N GLY E 411 -40.36 -0.63 -11.81
CA GLY E 411 -41.01 -0.87 -10.53
C GLY E 411 -42.07 0.15 -10.19
N MET E 412 -42.10 1.25 -10.93
CA MET E 412 -42.98 2.38 -10.61
C MET E 412 -44.42 2.03 -10.99
N LEU E 413 -45.22 1.68 -9.99
CA LEU E 413 -46.65 1.41 -10.18
C LEU E 413 -47.41 2.66 -9.77
N GLU E 414 -47.90 3.40 -10.75
CA GLU E 414 -48.61 4.65 -10.49
C GLU E 414 -50.11 4.38 -10.39
N HIS E 415 -50.91 5.45 -10.40
CA HIS E 415 -52.33 5.33 -10.09
C HIS E 415 -53.10 4.66 -11.21
N TYR E 416 -52.82 5.00 -12.47
CA TYR E 416 -53.63 4.48 -13.57
C TYR E 416 -53.40 2.99 -13.78
N MET E 417 -52.19 2.50 -13.53
CA MET E 417 -51.91 1.07 -13.68
C MET E 417 -52.74 0.24 -12.70
N ILE E 418 -52.78 0.68 -11.44
CA ILE E 418 -53.58 0.02 -10.43
C ILE E 418 -55.07 0.17 -10.75
N ALA E 419 -55.46 1.33 -11.29
CA ALA E 419 -56.85 1.53 -11.68
C ALA E 419 -57.26 0.60 -12.81
N LYS E 420 -56.36 0.38 -13.78
CA LYS E 420 -56.64 -0.54 -14.88
C LYS E 420 -56.78 -1.96 -14.38
N VAL E 421 -55.91 -2.39 -13.47
CA VAL E 421 -56.02 -3.73 -12.92
C VAL E 421 -57.29 -3.88 -12.09
N ILE E 422 -57.69 -2.83 -11.36
CA ILE E 422 -58.90 -2.88 -10.56
C ILE E 422 -60.13 -2.96 -11.46
N TYR E 423 -60.14 -2.19 -12.55
CA TYR E 423 -61.26 -2.25 -13.49
C TYR E 423 -61.36 -3.62 -14.15
N ALA E 424 -60.21 -4.22 -14.50
CA ALA E 424 -60.25 -5.60 -14.99
C ALA E 424 -60.65 -6.59 -13.90
N MET E 425 -60.46 -6.23 -12.63
CA MET E 425 -60.70 -7.15 -11.53
C MET E 425 -62.16 -7.21 -11.15
N MET E 426 -62.76 -6.07 -10.84
CA MET E 426 -64.12 -6.02 -10.30
C MET E 426 -64.97 -4.99 -11.04
N GLY E 427 -64.73 -4.87 -12.35
CA GLY E 427 -65.47 -3.93 -13.17
C GLY E 427 -66.95 -4.24 -13.33
N ASN E 428 -67.36 -5.48 -13.04
CA ASN E 428 -68.76 -5.87 -13.10
C ASN E 428 -69.47 -5.67 -11.77
N LYS E 429 -68.96 -4.79 -10.91
CA LYS E 429 -69.55 -4.59 -9.59
C LYS E 429 -69.77 -3.11 -9.32
N PHE E 430 -68.94 -2.24 -9.90
CA PHE E 430 -68.96 -0.82 -9.65
C PHE E 430 -69.10 -0.04 -10.95
N VAL E 431 -69.92 1.00 -10.93
CA VAL E 431 -70.01 1.99 -11.99
C VAL E 431 -69.98 3.38 -11.37
N VAL E 432 -69.97 4.41 -12.22
CA VAL E 432 -69.81 5.78 -11.76
C VAL E 432 -70.50 6.72 -12.76
N ASP E 433 -71.04 7.83 -12.24
CA ASP E 433 -71.64 8.84 -13.10
C ASP E 433 -71.40 10.24 -12.56
N VAL E 434 -71.63 11.23 -13.43
CA VAL E 434 -71.28 12.62 -13.17
C VAL E 434 -72.59 13.41 -13.35
N ASP E 435 -73.70 12.79 -12.94
CA ASP E 435 -75.06 13.12 -13.35
C ASP E 435 -75.49 14.59 -13.40
N SER E 436 -75.53 15.27 -12.25
CA SER E 436 -76.12 16.60 -12.20
C SER E 436 -75.14 17.67 -11.73
N ASN E 437 -74.53 17.49 -10.57
CA ASN E 437 -73.69 18.51 -9.97
C ASN E 437 -72.24 18.42 -10.39
N GLY E 438 -71.92 17.51 -11.32
CA GLY E 438 -70.56 17.33 -11.76
C GLY E 438 -69.73 16.42 -10.88
N LYS E 439 -70.29 15.87 -9.80
CA LYS E 439 -69.58 14.96 -8.93
C LYS E 439 -69.74 13.53 -9.43
N TYR E 440 -68.67 12.75 -9.30
CA TYR E 440 -68.65 11.37 -9.80
C TYR E 440 -69.13 10.45 -8.69
N VAL E 441 -70.45 10.31 -8.58
CA VAL E 441 -71.04 9.41 -7.60
C VAL E 441 -70.89 7.98 -8.08
N TRP E 442 -70.68 7.06 -7.14
CA TRP E 442 -70.44 5.66 -7.46
C TRP E 442 -71.70 4.84 -7.24
N PHE E 443 -71.75 3.67 -7.88
CA PHE E 443 -72.80 2.71 -7.64
C PHE E 443 -72.17 1.33 -7.52
N GLU E 444 -72.48 0.65 -6.43
CA GLU E 444 -71.94 -0.68 -6.15
C GLU E 444 -73.04 -1.71 -6.26
N PHE E 445 -72.78 -2.75 -7.05
CA PHE E 445 -73.69 -3.89 -7.08
C PHE E 445 -73.49 -4.73 -5.83
N VAL E 446 -74.58 -5.03 -5.14
CA VAL E 446 -74.52 -5.75 -3.88
C VAL E 446 -74.72 -7.24 -4.16
N LEU E 447 -74.26 -8.05 -3.21
CA LEU E 447 -74.31 -9.50 -3.30
C LEU E 447 -74.76 -10.04 -1.95
N PRO E 448 -75.27 -11.28 -1.91
CA PRO E 448 -75.63 -11.87 -0.60
C PRO E 448 -74.49 -11.97 0.38
N GLY E 449 -73.26 -12.17 -0.09
CA GLY E 449 -72.11 -12.19 0.80
C GLY E 449 -71.53 -10.81 1.06
N GLN E 450 -72.37 -9.90 1.56
CA GLN E 450 -71.97 -8.52 1.79
C GLN E 450 -72.85 -7.95 2.89
N PRO E 451 -72.36 -6.94 3.64
CA PRO E 451 -73.25 -6.27 4.60
C PRO E 451 -74.34 -5.47 3.91
N MET E 452 -75.58 -5.95 4.04
CA MET E 452 -76.73 -5.31 3.43
C MET E 452 -77.09 -4.03 4.18
N ASN E 453 -77.95 -3.22 3.56
CA ASN E 453 -78.57 -2.13 4.31
C ASN E 453 -79.74 -2.70 5.12
N GLN E 454 -80.79 -3.14 4.44
CA GLN E 454 -81.66 -4.17 5.00
C GLN E 454 -82.07 -5.24 3.99
N GLY E 455 -82.26 -4.90 2.72
CA GLY E 455 -82.80 -5.84 1.75
C GLY E 455 -82.33 -5.68 0.32
N GLU E 456 -81.34 -4.83 0.09
CA GLU E 456 -80.77 -4.67 -1.24
C GLU E 456 -79.89 -5.89 -1.53
N ILE E 457 -80.36 -6.76 -2.41
CA ILE E 457 -79.67 -8.02 -2.70
C ILE E 457 -79.05 -8.03 -4.09
N TRP E 458 -79.76 -7.52 -5.10
CA TRP E 458 -79.22 -7.54 -6.45
C TRP E 458 -79.44 -6.21 -7.17
N LYS E 459 -79.37 -5.10 -6.43
CA LYS E 459 -79.55 -3.78 -7.02
C LYS E 459 -78.36 -2.90 -6.67
N TRP E 460 -78.07 -1.94 -7.56
CA TRP E 460 -76.99 -1.00 -7.31
C TRP E 460 -77.35 -0.06 -6.17
N ARG E 461 -76.40 0.19 -5.29
CA ARG E 461 -76.56 1.16 -4.23
C ARG E 461 -75.62 2.34 -4.46
N LYS E 462 -76.12 3.54 -4.16
CA LYS E 462 -75.37 4.77 -4.40
C LYS E 462 -74.35 4.97 -3.30
N GLU E 463 -73.12 5.30 -3.68
CA GLU E 463 -72.03 5.53 -2.75
C GLU E 463 -71.36 6.85 -3.07
N VAL E 464 -70.99 7.58 -2.01
CA VAL E 464 -70.18 8.78 -2.19
C VAL E 464 -68.69 8.46 -2.02
N ASN E 465 -68.34 7.37 -1.34
CA ASN E 465 -66.97 6.91 -1.22
C ASN E 465 -66.98 5.40 -1.43
N PRO E 466 -66.27 4.88 -2.42
CA PRO E 466 -66.24 3.42 -2.64
C PRO E 466 -65.41 2.70 -1.58
N ASP E 467 -66.05 2.47 -0.43
CA ASP E 467 -65.37 1.87 0.72
C ASP E 467 -64.91 0.44 0.42
N GLU E 468 -65.79 -0.35 -0.21
CA GLU E 468 -65.46 -1.72 -0.55
C GLU E 468 -64.33 -1.75 -1.57
N LEU E 469 -64.26 -0.75 -2.45
CA LEU E 469 -63.15 -0.66 -3.39
C LEU E 469 -61.84 -0.36 -2.68
N HIS E 470 -61.86 0.50 -1.66
CA HIS E 470 -60.65 0.78 -0.89
C HIS E 470 -60.16 -0.46 -0.17
N ILE E 471 -61.07 -1.18 0.48
CA ILE E 471 -60.70 -2.41 1.18
C ILE E 471 -60.22 -3.47 0.19
N TYR E 472 -60.81 -3.49 -1.00
CA TYR E 472 -60.43 -4.47 -2.02
C TYR E 472 -59.05 -4.16 -2.60
N ILE E 473 -58.72 -2.87 -2.77
CA ILE E 473 -57.39 -2.48 -3.21
C ILE E 473 -56.36 -2.84 -2.17
N SER E 474 -56.67 -2.59 -0.89
CA SER E 474 -55.68 -2.82 0.16
C SER E 474 -55.48 -4.30 0.43
N GLU E 475 -56.56 -5.07 0.46
CA GLU E 475 -56.52 -6.46 0.94
C GLU E 475 -56.36 -7.47 -0.19
N ASN E 476 -57.33 -7.52 -1.11
CA ASN E 476 -57.35 -8.58 -2.12
C ASN E 476 -56.33 -8.36 -3.23
N PHE E 477 -56.08 -7.11 -3.60
CA PHE E 477 -55.10 -6.82 -4.65
C PHE E 477 -53.67 -7.11 -4.19
N SER E 478 -53.45 -7.10 -2.87
CA SER E 478 -52.14 -7.45 -2.33
C SER E 478 -51.78 -8.91 -2.60
N ARG E 479 -52.78 -9.77 -2.81
CA ARG E 479 -52.49 -11.16 -3.16
C ARG E 479 -51.81 -11.25 -4.52
N VAL E 480 -52.31 -10.52 -5.52
CA VAL E 480 -51.66 -10.49 -6.82
C VAL E 480 -50.35 -9.71 -6.75
N MET E 481 -50.25 -8.74 -5.83
CA MET E 481 -48.99 -8.05 -5.58
C MET E 481 -47.91 -9.05 -5.16
N ASP E 482 -48.25 -9.90 -4.18
CA ASP E 482 -47.32 -10.94 -3.75
C ASP E 482 -47.13 -12.02 -4.82
N ARG E 483 -48.11 -12.23 -5.69
CA ARG E 483 -47.93 -13.16 -6.79
C ARG E 483 -46.86 -12.67 -7.76
N ILE E 484 -46.88 -11.39 -8.09
CA ILE E 484 -45.83 -10.81 -8.94
C ILE E 484 -44.49 -10.86 -8.22
N THR E 485 -44.51 -10.61 -6.90
CA THR E 485 -43.29 -10.69 -6.10
C THR E 485 -42.68 -12.09 -6.14
N GLU E 486 -43.51 -13.12 -5.98
CA GLU E 486 -43.00 -14.49 -6.00
C GLU E 486 -42.58 -14.92 -7.40
N HIS E 487 -43.19 -14.35 -8.45
CA HIS E 487 -42.72 -14.60 -9.80
C HIS E 487 -41.33 -14.03 -10.01
N ILE E 488 -41.10 -12.80 -9.52
CA ILE E 488 -39.77 -12.19 -9.64
C ILE E 488 -38.75 -12.98 -8.83
N LYS E 489 -39.13 -13.44 -7.64
CA LYS E 489 -38.21 -14.22 -6.81
C LYS E 489 -37.92 -15.58 -7.43
N TYR E 490 -38.89 -16.18 -8.13
CA TYR E 490 -38.62 -17.42 -8.86
C TYR E 490 -37.68 -17.17 -10.03
N HIS E 491 -37.85 -16.04 -10.72
CA HIS E 491 -36.92 -15.70 -11.80
C HIS E 491 -35.53 -15.34 -11.28
N LEU E 492 -35.42 -14.96 -10.00
CA LEU E 492 -34.10 -14.73 -9.41
C LEU E 492 -33.31 -16.03 -9.32
N SER E 493 -33.97 -17.13 -8.93
CA SER E 493 -33.30 -18.41 -8.72
C SER E 493 -33.31 -19.23 -10.02
N GLN E 494 -32.72 -18.65 -11.06
CA GLN E 494 -32.58 -19.29 -12.35
C GLN E 494 -31.14 -19.13 -12.84
N PRO E 495 -30.58 -20.13 -13.53
CA PRO E 495 -29.15 -20.07 -13.91
C PRO E 495 -28.85 -19.36 -15.23
N HIS E 496 -28.80 -18.03 -15.17
CA HIS E 496 -28.34 -17.22 -16.29
C HIS E 496 -27.28 -16.25 -15.78
N GLU E 497 -26.75 -15.44 -16.69
CA GLU E 497 -25.56 -14.63 -16.43
C GLU E 497 -25.89 -13.42 -15.57
N SER E 498 -24.85 -12.66 -15.23
CA SER E 498 -24.90 -11.73 -14.11
C SER E 498 -25.72 -10.46 -14.40
N ASN E 499 -25.74 -9.99 -15.64
CA ASN E 499 -26.45 -8.74 -15.93
C ASN E 499 -27.97 -8.91 -15.82
N ILE E 500 -28.47 -10.11 -16.11
CA ILE E 500 -29.89 -10.38 -15.93
C ILE E 500 -30.23 -10.41 -14.44
N LEU E 501 -29.33 -10.97 -13.63
CA LEU E 501 -29.50 -10.91 -12.17
C LEU E 501 -29.48 -9.47 -11.67
N ASN E 502 -28.61 -8.64 -12.24
CA ASN E 502 -28.55 -7.23 -11.83
C ASN E 502 -29.84 -6.50 -12.17
N TYR E 503 -30.34 -6.71 -13.40
CA TYR E 503 -31.60 -6.07 -13.81
C TYR E 503 -32.76 -6.55 -12.96
N TYR E 504 -32.83 -7.86 -12.69
CA TYR E 504 -33.91 -8.40 -11.87
C TYR E 504 -33.81 -7.91 -10.44
N LYS E 505 -32.59 -7.72 -9.91
CA LYS E 505 -32.44 -7.21 -8.55
C LYS E 505 -32.85 -5.75 -8.46
N LYS E 506 -32.51 -4.93 -9.46
CA LYS E 506 -32.96 -3.54 -9.47
C LYS E 506 -34.47 -3.46 -9.58
N LEU E 507 -35.06 -4.30 -10.43
CA LEU E 507 -36.52 -4.35 -10.57
C LEU E 507 -37.17 -4.79 -9.26
N LEU E 508 -36.56 -5.76 -8.58
CA LEU E 508 -37.09 -6.23 -7.29
C LEU E 508 -37.03 -5.13 -6.24
N LYS E 509 -35.91 -4.40 -6.18
CA LYS E 509 -35.77 -3.34 -5.19
C LYS E 509 -36.78 -2.22 -5.41
N ALA E 510 -36.92 -1.78 -6.68
CA ALA E 510 -37.93 -0.77 -6.98
C ALA E 510 -39.35 -1.30 -6.75
N PHE E 511 -39.54 -2.60 -6.95
CA PHE E 511 -40.87 -3.17 -6.80
C PHE E 511 -41.28 -3.27 -5.35
N GLU E 512 -40.37 -3.67 -4.45
CA GLU E 512 -40.70 -3.62 -3.03
C GLU E 512 -40.77 -2.18 -2.52
N ARG E 513 -40.08 -1.24 -3.18
CA ARG E 513 -40.26 0.16 -2.83
C ARG E 513 -41.67 0.63 -3.16
N SER E 514 -42.21 0.22 -4.30
CA SER E 514 -43.53 0.68 -4.73
C SER E 514 -44.67 -0.23 -4.29
N LYS E 515 -44.38 -1.38 -3.68
CA LYS E 515 -45.45 -2.30 -3.27
C LYS E 515 -46.28 -1.74 -2.13
N SER E 516 -45.61 -1.15 -1.12
CA SER E 516 -46.31 -0.62 0.04
C SER E 516 -47.15 0.61 -0.28
N LYS E 517 -47.00 1.20 -1.47
CA LYS E 517 -47.77 2.37 -1.85
C LYS E 517 -49.26 2.08 -1.97
N ILE E 518 -49.65 0.81 -2.19
CA ILE E 518 -51.06 0.47 -2.28
C ILE E 518 -51.78 0.59 -0.94
N PHE E 519 -51.06 0.74 0.16
CA PHE E 519 -51.65 1.02 1.45
C PHE E 519 -51.66 2.51 1.80
N ASN E 520 -50.99 3.34 0.99
CA ASN E 520 -50.96 4.77 1.23
C ASN E 520 -52.34 5.38 0.95
N ASP E 521 -52.73 6.35 1.78
CA ASP E 521 -54.05 6.94 1.64
C ASP E 521 -54.14 7.85 0.43
N SER E 522 -53.12 8.68 0.21
CA SER E 522 -53.11 9.57 -0.95
C SER E 522 -53.02 8.77 -2.25
N PHE E 523 -52.21 7.71 -2.25
CA PHE E 523 -52.11 6.86 -3.42
C PHE E 523 -53.42 6.15 -3.71
N LYS E 524 -54.12 5.68 -2.68
CA LYS E 524 -55.40 5.02 -2.89
C LYS E 524 -56.47 5.99 -3.38
N LYS E 525 -56.46 7.22 -2.85
CA LYS E 525 -57.39 8.23 -3.35
C LYS E 525 -57.08 8.58 -4.81
N GLY E 526 -55.80 8.63 -5.18
CA GLY E 526 -55.44 8.85 -6.56
C GLY E 526 -55.87 7.72 -7.47
N VAL E 527 -55.74 6.48 -6.98
CA VAL E 527 -56.18 5.31 -7.76
C VAL E 527 -57.69 5.35 -7.96
N ILE E 528 -58.44 5.72 -6.91
CA ILE E 528 -59.89 5.82 -7.03
C ILE E 528 -60.29 6.92 -8.01
N ARG E 529 -59.65 8.09 -7.91
CA ARG E 529 -59.96 9.19 -8.81
C ARG E 529 -59.49 8.91 -10.24
N GLN E 530 -58.52 8.02 -10.42
CA GLN E 530 -58.11 7.62 -11.75
C GLN E 530 -59.03 6.56 -12.34
N ALA E 531 -59.54 5.65 -11.50
CA ALA E 531 -60.51 4.66 -11.93
C ALA E 531 -61.89 5.24 -12.14
N GLU E 532 -62.14 6.45 -11.63
CA GLU E 532 -63.41 7.13 -11.90
C GLU E 532 -63.62 7.38 -13.39
N PHE E 533 -62.53 7.48 -14.16
CA PHE E 533 -62.62 7.60 -15.60
C PHE E 533 -62.69 6.25 -16.31
N LEU E 534 -62.52 5.15 -15.58
CA LEU E 534 -62.52 3.82 -16.19
C LEU E 534 -63.78 3.03 -15.91
N PHE E 535 -64.48 3.30 -14.82
CA PHE E 535 -65.72 2.63 -14.48
C PHE E 535 -66.94 3.34 -15.07
N ARG E 536 -66.76 4.15 -16.11
CA ARG E 536 -67.84 4.95 -16.66
C ARG E 536 -68.84 4.07 -17.41
N GLN E 537 -70.06 4.59 -17.53
CA GLN E 537 -71.12 3.87 -18.24
C GLN E 537 -71.81 4.79 -19.24
N ARG E 538 -71.80 6.09 -18.96
CA ARG E 538 -72.28 7.20 -19.79
C ARG E 538 -73.80 7.24 -19.90
N SER E 539 -74.50 6.23 -19.40
CA SER E 539 -75.96 6.22 -19.44
C SER E 539 -76.57 5.54 -18.22
N PHE E 540 -75.83 5.44 -17.11
CA PHE E 540 -76.30 4.65 -15.98
C PHE E 540 -77.42 5.37 -15.23
N ILE E 541 -77.19 6.62 -14.82
CA ILE E 541 -78.22 7.37 -14.11
C ILE E 541 -79.35 7.75 -15.05
N GLN E 542 -79.05 7.95 -16.34
CA GLN E 542 -80.08 8.26 -17.33
C GLN E 542 -81.08 7.13 -17.46
N THR E 543 -80.62 5.89 -17.46
CA THR E 543 -81.49 4.71 -17.47
C THR E 543 -81.30 4.00 -16.13
N LEU E 544 -82.01 4.47 -15.11
CA LEU E 544 -81.94 3.89 -13.77
C LEU E 544 -83.26 3.28 -13.35
N ASP E 545 -84.34 4.06 -13.35
CA ASP E 545 -85.67 3.56 -13.05
C ASP E 545 -86.63 3.87 -14.20
N THR E 546 -86.10 4.04 -15.40
CA THR E 546 -86.94 4.33 -16.56
C THR E 546 -87.78 3.13 -16.95
N ASN E 547 -87.26 1.92 -16.78
CA ASN E 547 -88.02 0.72 -17.10
C ASN E 547 -89.08 0.49 -16.03
N PRO E 548 -90.37 0.48 -16.39
CA PRO E 548 -91.41 0.24 -15.39
C PRO E 548 -91.70 -1.23 -15.12
N HIS E 549 -91.14 -2.14 -15.92
CA HIS E 549 -91.36 -3.57 -15.75
C HIS E 549 -90.43 -4.19 -14.71
N LEU E 550 -89.51 -3.42 -14.14
CA LEU E 550 -88.57 -3.92 -13.16
C LEU E 550 -88.91 -3.35 -11.79
N LEU E 551 -88.85 -4.21 -10.77
CA LEU E 551 -89.31 -3.86 -9.44
C LEU E 551 -88.24 -4.22 -8.42
N GLY E 552 -87.92 -3.30 -7.52
CA GLY E 552 -86.96 -3.58 -6.48
C GLY E 552 -87.59 -4.17 -5.24
N VAL E 553 -87.53 -5.49 -5.10
CA VAL E 553 -88.15 -6.18 -3.97
C VAL E 553 -87.05 -6.65 -3.02
N GLY E 554 -87.47 -7.08 -1.83
CA GLY E 554 -86.52 -7.48 -0.81
C GLY E 554 -85.70 -8.70 -1.15
N ASN E 555 -86.16 -9.53 -2.08
CA ASN E 555 -85.40 -10.67 -2.56
C ASN E 555 -84.59 -10.35 -3.81
N GLY E 556 -84.66 -9.11 -4.31
CA GLY E 556 -83.92 -8.76 -5.51
C GLY E 556 -84.73 -7.98 -6.51
N VAL E 557 -84.84 -8.50 -7.73
CA VAL E 557 -85.54 -7.82 -8.81
C VAL E 557 -86.71 -8.69 -9.25
N LEU E 558 -87.88 -8.08 -9.32
CA LEU E 558 -89.08 -8.71 -9.85
C LEU E 558 -89.36 -8.18 -11.25
N SER E 559 -89.51 -9.08 -12.21
CA SER E 559 -89.78 -8.70 -13.59
C SER E 559 -91.20 -9.13 -13.95
N ILE E 560 -91.97 -8.19 -14.49
CA ILE E 560 -93.36 -8.43 -14.84
C ILE E 560 -93.57 -8.37 -16.35
N GLU E 561 -92.51 -8.61 -17.13
CA GLU E 561 -92.64 -8.60 -18.59
C GLU E 561 -93.45 -9.80 -19.07
N THR E 562 -93.17 -10.98 -18.54
CA THR E 562 -93.86 -12.19 -18.95
C THR E 562 -95.06 -12.46 -18.05
N ILE E 563 -95.87 -13.45 -18.46
CA ILE E 563 -97.02 -13.85 -17.65
C ILE E 563 -96.61 -14.43 -16.30
N PRO E 564 -95.63 -15.35 -16.20
CA PRO E 564 -95.15 -15.70 -14.87
C PRO E 564 -94.24 -14.64 -14.29
N ALA E 565 -94.25 -14.54 -12.96
CA ALA E 565 -93.35 -13.62 -12.27
C ALA E 565 -91.94 -14.20 -12.27
N LYS E 566 -90.97 -13.37 -12.65
CA LYS E 566 -89.61 -13.85 -12.85
C LYS E 566 -88.87 -13.99 -11.52
N LEU E 567 -88.83 -12.91 -10.73
CA LEU E 567 -88.16 -12.84 -9.43
C LEU E 567 -86.67 -13.18 -9.56
N ILE E 568 -85.98 -12.28 -10.26
CA ILE E 568 -84.55 -12.45 -10.51
C ILE E 568 -83.79 -12.45 -9.18
N ASN E 569 -83.16 -13.59 -8.87
CA ASN E 569 -82.42 -13.76 -7.63
C ASN E 569 -80.97 -14.16 -7.93
N HIS E 570 -80.37 -13.51 -8.92
CA HIS E 570 -79.01 -13.79 -9.33
C HIS E 570 -78.43 -12.53 -9.95
N PHE E 571 -77.23 -12.64 -10.52
CA PHE E 571 -76.62 -11.50 -11.19
C PHE E 571 -77.34 -11.20 -12.48
N HIS E 572 -77.46 -9.91 -12.79
CA HIS E 572 -78.18 -9.46 -13.97
C HIS E 572 -77.52 -8.17 -14.47
N GLU E 573 -78.16 -7.54 -15.44
CA GLU E 573 -77.67 -6.28 -15.99
C GLU E 573 -78.71 -5.17 -15.93
N HIS E 574 -79.85 -5.41 -15.28
CA HIS E 574 -80.86 -4.38 -15.13
C HIS E 574 -80.35 -3.32 -14.15
N PRO E 575 -80.21 -2.07 -14.57
CA PRO E 575 -79.56 -1.05 -13.73
C PRO E 575 -80.54 -0.29 -12.83
N ILE E 576 -81.16 -1.00 -11.90
CA ILE E 576 -82.13 -0.38 -11.00
C ILE E 576 -81.47 -0.09 -9.66
N HIS E 577 -81.89 1.03 -9.06
CA HIS E 577 -81.35 1.47 -7.77
C HIS E 577 -82.42 1.55 -6.70
N GLN E 578 -83.55 2.18 -6.98
CA GLN E 578 -84.61 2.33 -5.99
C GLN E 578 -85.29 0.99 -5.73
N TYR E 579 -85.72 0.80 -4.49
CA TYR E 579 -86.26 -0.48 -4.06
C TYR E 579 -87.37 -0.25 -3.05
N THR E 580 -87.90 -1.35 -2.52
CA THR E 580 -88.90 -1.31 -1.47
C THR E 580 -88.41 -2.14 -0.29
N HIS E 581 -88.44 -1.54 0.91
CA HIS E 581 -87.91 -2.17 2.10
C HIS E 581 -88.95 -2.94 2.92
N ILE E 582 -90.07 -3.36 2.31
CA ILE E 582 -90.98 -4.31 2.94
C ILE E 582 -91.27 -5.52 2.05
N CYS E 583 -91.17 -5.39 0.72
CA CYS E 583 -91.85 -6.24 -0.26
C CYS E 583 -91.63 -7.74 -0.10
N TYR E 584 -90.41 -8.22 -0.31
CA TYR E 584 -89.97 -9.58 0.03
C TYR E 584 -90.92 -10.65 -0.52
N VAL E 585 -91.19 -10.58 -1.82
CA VAL E 585 -92.30 -11.34 -2.42
C VAL E 585 -92.02 -12.84 -2.45
N PRO E 586 -92.85 -13.65 -1.78
CA PRO E 586 -92.68 -15.11 -1.79
C PRO E 586 -93.51 -15.80 -2.87
N PHE E 587 -93.32 -15.37 -4.12
CA PHE E 587 -94.02 -15.87 -5.30
C PHE E 587 -95.53 -15.68 -5.07
N ASN E 588 -96.23 -16.73 -4.61
CA ASN E 588 -97.66 -16.70 -4.33
C ASN E 588 -98.05 -17.91 -3.49
N PRO E 589 -97.85 -17.88 -2.18
CA PRO E 589 -98.14 -19.05 -1.35
C PRO E 589 -99.65 -19.24 -1.17
N GLU E 590 -100.00 -20.42 -0.65
CA GLU E 590 -101.37 -20.77 -0.31
C GLU E 590 -101.48 -21.11 1.18
N ASN E 591 -100.73 -20.38 2.01
CA ASN E 591 -100.71 -20.63 3.44
C ASN E 591 -101.93 -19.98 4.11
N PRO E 592 -101.93 -19.95 5.44
CA PRO E 592 -103.10 -19.43 6.15
C PRO E 592 -103.22 -17.91 6.03
N TRP E 593 -102.09 -17.20 5.99
CA TRP E 593 -102.14 -15.74 6.00
C TRP E 593 -102.72 -15.18 4.71
N THR E 594 -102.36 -15.77 3.56
CA THR E 594 -102.91 -15.29 2.30
C THR E 594 -104.39 -15.63 2.17
N LYS E 595 -104.82 -16.77 2.71
CA LYS E 595 -106.24 -17.11 2.67
C LYS E 595 -107.06 -16.20 3.57
N LEU E 596 -106.56 -15.88 4.76
CA LEU E 596 -107.27 -14.94 5.61
C LEU E 596 -107.25 -13.53 5.04
N LEU E 597 -106.18 -13.16 4.33
CA LEU E 597 -106.16 -11.88 3.64
C LEU E 597 -107.21 -11.83 2.54
N LEU E 598 -107.29 -12.88 1.72
CA LEU E 598 -108.28 -12.93 0.64
C LEU E 598 -109.70 -12.95 1.19
N ASN E 599 -109.90 -13.54 2.36
CA ASN E 599 -111.17 -13.38 3.05
C ASN E 599 -111.34 -11.98 3.62
N ALA E 600 -110.24 -11.25 3.83
CA ALA E 600 -110.34 -9.92 4.43
C ALA E 600 -110.64 -8.82 3.41
N LEU E 601 -110.22 -8.97 2.14
CA LEU E 601 -110.62 -7.95 1.16
C LEU E 601 -112.12 -7.99 0.90
N GLN E 602 -112.62 -9.13 0.40
CA GLN E 602 -114.04 -9.24 0.12
C GLN E 602 -114.59 -10.56 0.62
N ASP E 603 -115.82 -10.89 0.19
CA ASP E 603 -116.81 -11.82 0.75
C ASP E 603 -117.47 -11.19 1.97
N ILE E 604 -117.06 -9.98 2.36
CA ILE E 604 -117.79 -9.19 3.34
C ILE E 604 -118.38 -7.92 2.74
N ILE E 605 -117.80 -7.38 1.68
CA ILE E 605 -118.35 -6.24 0.95
C ILE E 605 -119.12 -6.78 -0.24
N PRO E 606 -120.45 -6.61 -0.28
CA PRO E 606 -121.27 -7.20 -1.36
C PRO E 606 -120.99 -6.56 -2.71
N GLU E 607 -120.49 -7.38 -3.64
CA GLU E 607 -120.24 -6.96 -5.00
C GLU E 607 -120.96 -7.89 -5.96
N LEU E 608 -121.40 -7.35 -7.09
CA LEU E 608 -122.14 -8.13 -8.08
C LEU E 608 -121.20 -9.10 -8.77
N ASP E 609 -121.40 -10.40 -8.50
CA ASP E 609 -120.59 -11.50 -9.03
C ASP E 609 -119.10 -11.31 -8.73
N ALA E 610 -118.81 -10.86 -7.50
CA ALA E 610 -117.46 -10.67 -6.97
C ALA E 610 -116.65 -9.70 -7.84
N ARG E 611 -117.13 -8.46 -7.86
CA ARG E 611 -116.50 -7.41 -8.65
C ARG E 611 -115.15 -7.05 -8.06
N LEU E 612 -114.09 -7.11 -8.87
CA LEU E 612 -112.73 -6.82 -8.43
C LEU E 612 -112.15 -5.59 -9.12
N TRP E 613 -113.00 -4.71 -9.66
CA TRP E 613 -112.51 -3.54 -10.38
C TRP E 613 -111.81 -2.56 -9.44
N ILE E 614 -112.34 -2.40 -8.22
CA ILE E 614 -111.70 -1.53 -7.24
C ILE E 614 -110.33 -2.06 -6.87
N MET E 615 -110.23 -3.37 -6.62
CA MET E 615 -108.95 -3.98 -6.31
C MET E 615 -108.03 -3.96 -7.53
N PHE E 616 -108.60 -4.00 -8.73
CA PHE E 616 -107.78 -3.90 -9.94
C PHE E 616 -107.20 -2.51 -10.11
N TYR E 617 -107.97 -1.47 -9.76
CA TYR E 617 -107.44 -0.11 -9.89
C TYR E 617 -106.44 0.22 -8.78
N LEU E 618 -106.68 -0.27 -7.55
CA LEU E 618 -105.65 -0.06 -6.53
C LEU E 618 -104.45 -0.96 -6.76
N SER E 619 -104.56 -1.98 -7.61
CA SER E 619 -103.41 -2.68 -8.15
C SER E 619 -102.84 -1.86 -9.30
N THR E 620 -101.93 -2.46 -10.08
CA THR E 620 -101.17 -1.81 -11.16
C THR E 620 -100.43 -0.56 -10.68
N ALA E 621 -100.18 -0.46 -9.37
CA ALA E 621 -99.29 0.56 -8.84
C ALA E 621 -97.83 0.14 -8.93
N ILE E 622 -97.57 -1.10 -9.32
CA ILE E 622 -96.22 -1.57 -9.60
C ILE E 622 -95.68 -1.05 -10.91
N PHE E 623 -96.53 -0.45 -11.73
CA PHE E 623 -96.13 0.15 -12.99
C PHE E 623 -95.91 1.65 -12.81
N ARG E 624 -94.93 2.19 -13.53
CA ARG E 624 -94.53 3.58 -13.35
C ARG E 624 -95.22 4.52 -14.32
N GLY E 625 -95.07 4.29 -15.62
CA GLY E 625 -95.58 5.18 -16.64
C GLY E 625 -96.55 4.50 -17.58
N LEU E 626 -97.04 5.32 -18.53
CA LEU E 626 -97.96 4.92 -19.61
C LEU E 626 -99.20 4.19 -19.12
N LYS E 627 -99.62 4.51 -17.89
CA LYS E 627 -100.83 3.95 -17.32
C LYS E 627 -102.02 4.84 -17.64
N GLU E 628 -103.21 4.27 -17.46
CA GLU E 628 -104.44 5.03 -17.71
C GLU E 628 -104.64 6.10 -16.64
N ALA E 629 -105.32 7.18 -17.04
CA ALA E 629 -105.47 8.36 -16.20
C ALA E 629 -106.76 8.34 -15.39
N LEU E 630 -107.23 7.16 -14.99
CA LEU E 630 -108.44 7.05 -14.20
C LEU E 630 -108.21 7.55 -12.78
N MET E 631 -109.30 7.86 -12.09
CA MET E 631 -109.27 8.30 -10.70
C MET E 631 -110.37 7.59 -9.93
N LEU E 632 -110.06 7.16 -8.71
CA LEU E 632 -111.02 6.49 -7.85
C LEU E 632 -111.22 7.28 -6.58
N LEU E 633 -112.46 7.27 -6.07
CA LEU E 633 -112.82 7.97 -4.86
C LEU E 633 -113.48 7.00 -3.90
N TRP E 634 -113.02 6.99 -2.65
CA TRP E 634 -113.60 6.19 -1.57
C TRP E 634 -113.94 7.12 -0.41
N LEU E 635 -114.65 8.20 -0.72
CA LEU E 635 -114.99 9.22 0.26
C LEU E 635 -116.27 8.87 1.02
N GLY E 636 -116.33 7.67 1.58
CA GLY E 636 -117.52 7.20 2.25
C GLY E 636 -117.18 6.19 3.32
N GLY E 637 -118.02 6.15 4.35
CA GLY E 637 -117.83 5.25 5.46
C GLY E 637 -117.14 5.90 6.64
N GLY E 638 -117.74 5.77 7.83
CA GLY E 638 -117.18 6.38 9.03
C GLY E 638 -116.26 5.44 9.79
N CYS E 639 -116.75 4.25 10.10
CA CYS E 639 -116.00 3.25 10.84
C CYS E 639 -115.85 1.97 10.03
N ASN E 640 -115.62 2.11 8.74
CA ASN E 640 -115.45 0.98 7.84
C ASN E 640 -113.98 0.55 7.84
N GLY E 641 -113.61 -0.32 6.89
CA GLY E 641 -112.26 -0.84 6.76
C GLY E 641 -111.45 -0.06 5.73
N LYS E 642 -111.64 1.26 5.67
CA LYS E 642 -110.95 2.09 4.69
C LYS E 642 -109.45 2.07 4.89
N THR E 643 -108.98 2.15 6.14
CA THR E 643 -107.55 2.22 6.41
C THR E 643 -106.84 0.93 6.02
N PHE E 644 -107.40 -0.21 6.42
CA PHE E 644 -106.71 -1.47 6.20
C PHE E 644 -106.71 -1.86 4.72
N LEU E 645 -107.77 -1.55 3.98
CA LEU E 645 -107.79 -1.80 2.55
C LEU E 645 -107.08 -0.73 1.73
N MET E 646 -106.79 0.45 2.29
CA MET E 646 -106.21 1.54 1.52
C MET E 646 -104.72 1.71 1.79
N ARG E 647 -104.33 1.89 3.06
CA ARG E 647 -102.94 2.16 3.39
C ARG E 647 -102.04 0.94 3.27
N LEU E 648 -102.62 -0.26 3.13
CA LEU E 648 -101.79 -1.45 2.98
C LEU E 648 -101.04 -1.45 1.66
N VAL E 649 -101.67 -0.95 0.59
CA VAL E 649 -101.00 -0.89 -0.70
C VAL E 649 -99.96 0.24 -0.76
N ALA E 650 -100.05 1.20 0.16
CA ALA E 650 -99.02 2.23 0.26
C ALA E 650 -97.86 1.81 1.14
N MET E 651 -98.15 1.04 2.20
CA MET E 651 -97.10 0.51 3.07
C MET E 651 -96.39 -0.68 2.45
N VAL E 652 -97.04 -1.40 1.53
CA VAL E 652 -96.37 -2.49 0.84
C VAL E 652 -95.37 -1.95 -0.17
N LEU E 653 -95.52 -0.69 -0.58
CA LEU E 653 -94.56 0.01 -1.41
C LEU E 653 -93.66 0.86 -0.52
N GLY E 654 -92.90 1.77 -1.13
CA GLY E 654 -91.86 2.47 -0.43
C GLY E 654 -91.30 3.63 -1.24
N ASP E 655 -89.98 3.73 -1.32
CA ASP E 655 -89.33 4.79 -2.09
C ASP E 655 -89.72 4.75 -3.57
N HIS E 656 -90.14 3.59 -4.08
CA HIS E 656 -90.69 3.48 -5.42
C HIS E 656 -91.94 4.31 -5.60
N TYR E 657 -93.03 3.93 -4.91
CA TYR E 657 -94.35 4.52 -5.17
C TYR E 657 -95.02 4.81 -3.82
N ALA E 658 -94.84 6.02 -3.31
CA ALA E 658 -95.52 6.46 -2.11
C ALA E 658 -95.68 7.97 -2.14
N SER E 659 -96.88 8.45 -1.84
CA SER E 659 -97.15 9.88 -1.83
C SER E 659 -98.31 10.14 -0.86
N LYS E 660 -97.98 10.55 0.35
CA LYS E 660 -98.99 10.93 1.34
C LYS E 660 -99.22 12.43 1.30
N LEU E 661 -99.82 12.87 0.20
CA LEU E 661 -100.05 14.29 -0.01
C LEU E 661 -101.14 14.80 0.93
N ASN E 662 -100.85 15.92 1.59
CA ASN E 662 -101.82 16.56 2.47
C ASN E 662 -102.69 17.53 1.67
N ILE E 663 -103.50 18.32 2.36
CA ILE E 663 -104.33 19.31 1.68
C ILE E 663 -103.46 20.42 1.11
N SER E 664 -102.53 20.94 1.90
CA SER E 664 -101.64 22.00 1.46
C SER E 664 -100.52 21.44 0.60
N SER E 678 -92.88 21.60 -3.39
CA SER E 678 -93.15 20.62 -4.45
C SER E 678 -94.43 19.84 -4.14
N ALA E 679 -95.50 20.15 -4.88
CA ALA E 679 -96.77 19.46 -4.71
C ALA E 679 -96.99 18.41 -5.79
N PHE E 680 -96.91 18.81 -7.06
CA PHE E 680 -97.05 17.89 -8.18
C PHE E 680 -95.73 17.36 -8.70
N MET E 681 -94.67 18.16 -8.62
CA MET E 681 -93.35 17.77 -9.12
C MET E 681 -92.69 16.69 -8.26
N ARG E 682 -93.19 16.44 -7.07
CA ARG E 682 -92.66 15.39 -6.21
C ARG E 682 -93.21 14.01 -6.54
N LEU E 683 -94.12 13.92 -7.50
CA LEU E 683 -94.71 12.65 -7.92
C LEU E 683 -93.94 12.00 -9.06
N LYS E 684 -92.80 12.56 -9.44
CA LYS E 684 -92.05 12.05 -10.59
C LYS E 684 -91.40 10.71 -10.23
N GLY E 685 -91.61 9.72 -11.09
CA GLY E 685 -91.08 8.40 -10.87
C GLY E 685 -91.89 7.52 -9.94
N ARG E 686 -92.97 8.04 -9.36
CA ARG E 686 -93.80 7.26 -8.46
C ARG E 686 -94.89 6.54 -9.24
N GLY E 687 -95.73 5.80 -8.53
CA GLY E 687 -96.80 5.06 -9.16
C GLY E 687 -98.06 4.99 -8.32
N TYR E 688 -98.09 5.75 -7.22
CA TYR E 688 -99.23 5.75 -6.33
C TYR E 688 -99.26 7.04 -5.54
N GLY E 689 -100.47 7.53 -5.28
CA GLY E 689 -100.66 8.69 -4.43
C GLY E 689 -101.96 8.57 -3.64
N TYR E 690 -101.88 8.67 -2.32
CA TYR E 690 -103.04 8.55 -1.45
C TYR E 690 -103.18 9.78 -0.58
N PHE E 691 -104.42 10.26 -0.45
CA PHE E 691 -104.76 11.45 0.34
C PHE E 691 -105.48 10.97 1.59
N GLU E 692 -104.73 10.80 2.67
CA GLU E 692 -105.32 10.39 3.94
C GLU E 692 -105.68 11.57 4.84
N GLU E 693 -104.90 12.65 4.77
CA GLU E 693 -105.11 13.78 5.68
C GLU E 693 -106.40 14.53 5.35
N THR E 694 -107.10 14.95 6.40
CA THR E 694 -108.33 15.71 6.29
C THR E 694 -108.17 17.03 7.03
N ASN E 695 -108.48 18.13 6.35
CA ASN E 695 -108.40 19.45 6.97
C ASN E 695 -109.75 19.86 7.57
N LYS E 696 -110.78 19.92 6.72
CA LYS E 696 -112.13 20.26 7.16
C LYS E 696 -113.11 19.51 6.27
N SER E 697 -114.41 19.78 6.47
CA SER E 697 -115.43 19.10 5.68
C SER E 697 -115.50 19.68 4.26
N GLU E 698 -115.10 20.93 4.09
CA GLU E 698 -115.19 21.59 2.79
C GLU E 698 -114.17 22.72 2.73
N VAL E 699 -113.14 22.54 1.91
CA VAL E 699 -112.18 23.61 1.62
C VAL E 699 -112.14 23.85 0.12
N LEU E 700 -111.71 22.84 -0.64
CA LEU E 700 -111.57 22.89 -2.08
C LEU E 700 -111.34 21.46 -2.57
N ASN E 701 -111.51 21.27 -3.88
CA ASN E 701 -111.24 19.93 -4.40
C ASN E 701 -110.33 19.91 -5.61
N THR E 702 -110.45 20.90 -6.52
CA THR E 702 -109.79 20.76 -7.82
C THR E 702 -108.40 21.42 -7.86
N SER E 703 -108.32 22.74 -7.68
CA SER E 703 -107.12 23.53 -7.96
C SER E 703 -106.52 23.18 -9.33
N ARG E 704 -105.41 22.45 -9.31
CA ARG E 704 -104.71 22.03 -10.53
C ARG E 704 -105.00 20.59 -10.92
N LEU E 705 -106.20 20.08 -10.59
CA LEU E 705 -106.51 18.68 -10.86
C LEU E 705 -106.66 18.41 -12.35
N LYS E 706 -107.43 19.25 -13.05
CA LYS E 706 -107.72 19.00 -14.45
C LYS E 706 -106.52 19.24 -15.36
N GLU E 707 -105.54 20.02 -14.90
CA GLU E 707 -104.40 20.36 -15.75
C GLU E 707 -103.44 19.18 -15.91
N MET E 708 -103.19 18.44 -14.82
CA MET E 708 -102.18 17.39 -14.85
C MET E 708 -102.69 16.04 -15.34
N VAL E 709 -104.00 15.81 -15.29
CA VAL E 709 -104.55 14.51 -15.67
C VAL E 709 -104.94 14.54 -17.15
N ASN E 710 -105.26 15.73 -17.65
CA ASN E 710 -105.74 15.88 -19.01
C ASN E 710 -104.71 16.58 -19.87
N PRO E 711 -104.14 15.91 -20.88
CA PRO E 711 -103.22 16.59 -21.82
C PRO E 711 -103.97 17.28 -22.95
N GLY E 712 -104.82 18.24 -22.59
CA GLY E 712 -105.64 18.94 -23.56
C GLY E 712 -104.88 19.98 -24.36
N PHE E 726 -89.52 14.01 -17.50
CA PHE E 726 -90.88 14.45 -17.78
C PHE E 726 -91.75 13.29 -18.21
N GLN E 727 -92.11 12.43 -17.27
CA GLN E 727 -92.94 11.26 -17.53
C GLN E 727 -94.15 11.28 -16.61
N MET E 728 -95.33 11.09 -17.18
CA MET E 728 -96.57 11.12 -16.42
C MET E 728 -96.77 9.81 -15.67
N THR E 729 -97.16 9.92 -14.40
CA THR E 729 -97.51 8.78 -13.57
C THR E 729 -99.03 8.77 -13.35
N ALA E 730 -99.51 7.69 -12.76
CA ALA E 730 -100.95 7.50 -12.61
C ALA E 730 -101.21 6.70 -11.34
N THR E 731 -102.39 6.07 -11.27
CA THR E 731 -102.90 5.35 -10.10
C THR E 731 -102.98 6.26 -8.88
N MET E 732 -103.81 7.30 -9.01
CA MET E 732 -104.03 8.27 -7.95
C MET E 732 -105.36 7.99 -7.27
N VAL E 733 -105.33 7.85 -5.95
CA VAL E 733 -106.50 7.50 -5.15
C VAL E 733 -106.67 8.55 -4.07
N ALA E 734 -107.86 9.14 -3.99
CA ALA E 734 -108.17 10.16 -3.00
C ALA E 734 -109.30 9.67 -2.11
N ALA E 735 -108.99 9.41 -0.85
CA ALA E 735 -110.00 8.98 0.14
C ALA E 735 -109.52 9.43 1.52
N SER E 736 -110.06 10.56 1.97
CA SER E 736 -109.59 11.18 3.20
C SER E 736 -110.43 10.78 4.41
N ASN E 737 -111.74 11.02 4.35
CA ASN E 737 -112.63 10.80 5.48
C ASN E 737 -114.05 10.60 4.95
N TYR E 738 -115.03 10.72 5.84
CA TYR E 738 -116.42 10.64 5.43
C TYR E 738 -116.91 11.93 4.77
N ASN E 739 -116.14 13.01 4.88
CA ASN E 739 -116.57 14.30 4.35
C ASN E 739 -116.57 14.30 2.83
N PHE E 740 -117.63 14.86 2.24
CA PHE E 740 -117.75 14.98 0.79
C PHE E 740 -116.97 16.22 0.33
N ILE E 741 -115.66 16.02 0.19
CA ILE E 741 -114.76 17.12 -0.18
C ILE E 741 -115.01 17.59 -1.61
N ILE E 742 -115.23 16.68 -2.53
CA ILE E 742 -115.37 17.00 -3.95
C ILE E 742 -116.82 17.41 -4.20
N ASP E 743 -117.03 18.70 -4.43
CA ASP E 743 -118.31 19.20 -4.95
C ASP E 743 -118.01 20.49 -5.74
N THR E 744 -117.86 20.35 -7.05
CA THR E 744 -117.60 21.48 -7.92
C THR E 744 -118.14 21.14 -9.31
N THR E 745 -118.85 22.10 -9.90
CA THR E 745 -119.42 21.90 -11.22
C THR E 745 -118.31 21.79 -12.27
N ASP E 746 -118.40 20.76 -13.11
CA ASP E 746 -117.43 20.54 -14.16
C ASP E 746 -118.11 19.85 -15.34
N HIS E 747 -117.73 20.27 -16.55
CA HIS E 747 -118.35 19.76 -17.77
C HIS E 747 -117.30 19.50 -18.83
N GLY E 748 -116.17 18.90 -18.42
CA GLY E 748 -115.09 18.62 -19.34
C GLY E 748 -115.13 17.22 -19.89
N THR E 749 -116.30 16.58 -19.81
CA THR E 749 -116.51 15.17 -20.15
C THR E 749 -115.51 14.26 -19.42
N TRP E 750 -115.49 14.42 -18.09
CA TRP E 750 -114.53 13.70 -17.25
C TRP E 750 -115.04 12.29 -16.97
N ARG E 751 -114.99 11.47 -18.01
CA ARG E 751 -115.23 10.04 -17.86
C ARG E 751 -114.04 9.31 -17.26
N ARG E 752 -112.91 10.01 -17.08
CA ARG E 752 -111.71 9.46 -16.46
C ARG E 752 -111.72 9.63 -14.94
N LEU E 753 -112.90 9.80 -14.34
CA LEU E 753 -113.06 9.86 -12.90
C LEU E 753 -114.11 8.84 -12.48
N ARG E 754 -113.84 8.14 -11.38
CA ARG E 754 -114.73 7.11 -10.87
C ARG E 754 -114.96 7.32 -9.39
N HIS E 755 -116.09 6.82 -8.89
CA HIS E 755 -116.47 6.94 -7.50
C HIS E 755 -116.97 5.59 -7.00
N TYR E 756 -116.61 5.25 -5.76
CA TYR E 756 -117.07 4.01 -5.14
C TYR E 756 -117.10 4.23 -3.63
N ARG E 757 -118.28 4.46 -3.09
CA ARG E 757 -118.45 4.56 -1.65
C ARG E 757 -118.41 3.17 -1.02
N SER E 758 -118.25 3.13 0.30
CA SER E 758 -118.16 1.86 1.01
C SER E 758 -119.54 1.23 1.10
N LYS E 759 -119.68 0.02 0.53
CA LYS E 759 -120.94 -0.70 0.65
C LYS E 759 -121.21 -1.12 2.09
N VAL E 760 -120.16 -1.53 2.80
CA VAL E 760 -120.30 -1.86 4.21
C VAL E 760 -120.34 -0.58 5.04
N LYS E 761 -120.90 -0.68 6.24
CA LYS E 761 -121.01 0.46 7.13
C LYS E 761 -120.02 0.38 8.29
N LYS E 774 -120.37 -6.52 10.59
CA LYS E 774 -119.22 -7.00 11.34
C LYS E 774 -119.00 -6.15 12.59
N LYS E 775 -117.98 -6.51 13.37
CA LYS E 775 -117.65 -5.79 14.59
C LYS E 775 -116.71 -4.63 14.25
N GLU E 776 -116.17 -3.97 15.29
CA GLU E 776 -115.25 -2.87 15.07
C GLU E 776 -113.91 -3.37 14.55
N ASP E 777 -113.36 -4.41 15.19
CA ASP E 777 -112.08 -5.04 14.89
C ASP E 777 -110.94 -4.03 14.84
N PRO E 778 -110.51 -3.49 15.99
CA PRO E 778 -109.46 -2.45 15.97
C PRO E 778 -108.09 -2.97 15.59
N ARG E 779 -107.87 -4.30 15.63
CA ARG E 779 -106.56 -4.87 15.32
C ARG E 779 -106.12 -4.56 13.89
N PHE E 780 -107.08 -4.37 12.98
CA PHE E 780 -106.78 -4.00 11.61
C PHE E 780 -106.06 -2.66 11.52
N ILE E 781 -106.22 -1.78 12.50
CA ILE E 781 -105.43 -0.55 12.56
C ILE E 781 -104.27 -0.67 13.54
N HIS E 782 -104.23 -1.71 14.36
CA HIS E 782 -103.21 -1.80 15.41
C HIS E 782 -101.98 -2.60 14.96
N GLU E 783 -102.18 -3.87 14.61
CA GLU E 783 -101.05 -4.76 14.34
C GLU E 783 -101.18 -5.58 13.07
N TYR E 784 -102.35 -5.59 12.41
CA TYR E 784 -102.51 -6.36 11.19
C TYR E 784 -101.62 -5.85 10.07
N ILE E 785 -101.52 -4.53 9.93
CA ILE E 785 -100.71 -3.95 8.85
C ILE E 785 -99.22 -4.10 9.15
N MET E 786 -98.84 -4.04 10.43
CA MET E 786 -97.44 -4.12 10.83
C MET E 786 -96.82 -5.50 10.59
N ASP E 787 -97.61 -6.54 10.36
CA ASP E 787 -97.05 -7.86 10.09
C ASP E 787 -96.36 -7.86 8.73
N PRO E 788 -95.10 -8.27 8.65
CA PRO E 788 -94.41 -8.23 7.34
C PRO E 788 -94.90 -9.27 6.36
N ASP E 789 -95.16 -10.50 6.83
CA ASP E 789 -95.55 -11.57 5.92
C ASP E 789 -96.92 -11.34 5.33
N CYS E 790 -97.80 -10.62 6.04
CA CYS E 790 -99.08 -10.24 5.44
C CYS E 790 -98.89 -9.26 4.30
N GLN E 791 -97.95 -8.32 4.44
CA GLN E 791 -97.62 -7.43 3.33
C GLN E 791 -97.02 -8.20 2.18
N ASN E 792 -96.20 -9.21 2.48
CA ASN E 792 -95.64 -10.06 1.41
C ASN E 792 -96.73 -10.81 0.66
N ALA E 793 -97.71 -11.35 1.40
CA ALA E 793 -98.82 -12.07 0.76
C ALA E 793 -99.69 -11.12 -0.06
N PHE E 794 -99.94 -9.91 0.47
CA PHE E 794 -100.72 -8.93 -0.28
C PHE E 794 -100.00 -8.49 -1.55
N PHE E 795 -98.68 -8.34 -1.48
CA PHE E 795 -97.90 -8.03 -2.67
C PHE E 795 -97.95 -9.17 -3.68
N SER E 796 -97.93 -10.42 -3.19
CA SER E 796 -98.07 -11.57 -4.08
C SER E 796 -99.41 -11.56 -4.80
N ILE E 797 -100.49 -11.25 -4.06
CA ILE E 797 -101.81 -11.10 -4.67
C ILE E 797 -101.80 -9.96 -5.68
N LEU E 798 -101.10 -8.87 -5.36
CA LEU E 798 -101.03 -7.71 -6.26
C LEU E 798 -100.36 -8.07 -7.58
N VAL E 799 -99.22 -8.76 -7.53
CA VAL E 799 -98.53 -9.09 -8.78
C VAL E 799 -99.32 -10.16 -9.55
N TYR E 800 -99.95 -11.11 -8.84
CA TYR E 800 -100.77 -12.11 -9.51
C TYR E 800 -101.95 -11.48 -10.23
N PHE E 801 -102.63 -10.52 -9.61
CA PHE E 801 -103.76 -9.90 -10.28
C PHE E 801 -103.34 -8.87 -11.31
N TRP E 802 -102.11 -8.33 -11.22
CA TRP E 802 -101.55 -7.59 -12.34
C TRP E 802 -101.33 -8.50 -13.54
N GLU E 803 -100.85 -9.72 -13.29
CA GLU E 803 -100.71 -10.70 -14.36
C GLU E 803 -102.08 -11.07 -14.94
N LYS E 804 -103.09 -11.18 -14.08
CA LYS E 804 -104.46 -11.41 -14.55
C LYS E 804 -104.95 -10.28 -15.43
N LEU E 805 -104.69 -9.03 -15.04
CA LEU E 805 -105.06 -7.89 -15.86
C LEU E 805 -104.25 -7.82 -17.15
N GLN E 806 -103.05 -8.39 -17.19
CA GLN E 806 -102.24 -8.37 -18.40
C GLN E 806 -102.56 -9.47 -19.39
N LYS E 807 -102.92 -10.67 -18.92
CA LYS E 807 -103.13 -11.77 -19.85
C LYS E 807 -104.54 -11.82 -20.42
N GLU E 808 -105.54 -11.32 -19.69
CA GLU E 808 -106.92 -11.41 -20.14
C GLU E 808 -107.36 -10.14 -20.87
N TYR E 809 -107.29 -8.99 -20.20
CA TYR E 809 -107.81 -7.72 -20.72
C TYR E 809 -106.65 -6.75 -20.81
N ASN E 810 -105.91 -6.79 -21.93
CA ASN E 810 -104.70 -5.97 -22.10
C ASN E 810 -105.11 -4.51 -22.30
N GLY E 811 -105.40 -3.86 -21.18
CA GLY E 811 -105.93 -2.51 -21.19
C GLY E 811 -107.03 -2.37 -20.16
N GLN E 812 -106.93 -1.36 -19.29
CA GLN E 812 -107.90 -1.21 -18.22
C GLN E 812 -109.23 -0.63 -18.72
N ILE E 813 -109.20 0.25 -19.72
CA ILE E 813 -110.43 0.85 -20.20
C ILE E 813 -111.19 -0.07 -21.14
N LYS E 814 -110.56 -1.11 -21.68
CA LYS E 814 -111.22 -2.08 -22.52
C LYS E 814 -111.72 -3.29 -21.73
N LYS E 815 -111.80 -3.17 -20.41
CA LYS E 815 -112.31 -4.22 -19.56
C LYS E 815 -113.80 -4.44 -19.83
N VAL E 816 -114.25 -5.69 -19.61
CA VAL E 816 -115.67 -5.97 -19.56
C VAL E 816 -116.30 -5.13 -18.46
N PHE E 817 -117.46 -4.54 -18.76
CA PHE E 817 -118.03 -3.47 -17.95
C PHE E 817 -118.33 -3.93 -16.52
N CYS E 818 -117.95 -3.07 -15.56
CA CYS E 818 -118.26 -3.30 -14.16
C CYS E 818 -119.57 -2.59 -13.83
N PRO E 819 -120.64 -3.29 -13.43
CA PRO E 819 -121.96 -2.65 -13.20
C PRO E 819 -121.93 -1.80 -11.94
N THR E 820 -121.63 -2.42 -10.79
CA THR E 820 -121.67 -1.69 -9.52
C THR E 820 -120.85 -0.42 -9.63
N ILE E 821 -119.61 -0.53 -10.09
CA ILE E 821 -118.73 0.67 -10.14
C ILE E 821 -119.34 1.69 -11.11
N GLU E 822 -119.79 1.22 -12.28
CA GLU E 822 -120.37 2.15 -13.28
C GLU E 822 -121.47 2.96 -12.60
N SER E 823 -122.39 2.26 -11.93
CA SER E 823 -123.52 2.96 -11.26
C SER E 823 -122.96 3.91 -10.20
N GLU E 824 -122.10 3.37 -9.32
CA GLU E 824 -121.50 4.20 -8.26
C GLU E 824 -120.92 5.47 -8.89
N THR E 825 -120.16 5.30 -9.97
CA THR E 825 -119.51 6.46 -10.63
C THR E 825 -120.56 7.43 -11.11
N GLU E 826 -121.47 6.97 -11.97
CA GLU E 826 -122.46 7.90 -12.56
C GLU E 826 -123.28 8.52 -11.42
N ALA E 827 -123.54 7.72 -10.39
CA ALA E 827 -124.32 8.21 -9.23
C ALA E 827 -123.64 9.48 -8.71
N TYR E 828 -122.32 9.40 -8.51
CA TYR E 828 -121.59 10.57 -7.93
C TYR E 828 -121.52 11.70 -8.95
N ARG E 829 -121.39 11.37 -10.25
CA ARG E 829 -121.39 12.42 -11.29
C ARG E 829 -122.71 13.18 -11.19
N LYS E 830 -123.82 12.46 -11.10
CA LYS E 830 -125.14 13.13 -10.92
C LYS E 830 -125.13 13.82 -9.55
N SER E 831 -124.56 13.18 -8.54
CA SER E 831 -124.46 13.81 -7.19
C SER E 831 -123.64 15.09 -7.31
N GLN E 832 -122.63 15.08 -8.18
CA GLN E 832 -121.81 16.31 -8.42
C GLN E 832 -122.73 17.38 -9.03
N ASP E 833 -123.87 16.96 -9.58
CA ASP E 833 -124.85 17.91 -10.19
C ASP E 833 -124.26 18.47 -11.48
N THR E 834 -124.64 17.90 -12.63
CA THR E 834 -124.04 18.33 -13.90
C THR E 834 -125.15 18.72 -14.87
N LEU E 835 -124.82 19.54 -15.87
CA LEU E 835 -125.82 19.88 -16.92
C LEU E 835 -126.22 18.58 -17.63
N HIS E 836 -125.34 17.57 -17.59
CA HIS E 836 -125.68 16.25 -18.19
C HIS E 836 -126.93 15.72 -17.49
N ARG E 837 -127.08 16.01 -16.19
CA ARG E 837 -128.30 15.60 -15.46
C ARG E 837 -129.51 16.25 -16.16
N PHE E 838 -129.40 17.54 -16.49
CA PHE E 838 -130.49 18.22 -17.24
C PHE E 838 -130.63 17.56 -18.61
N ILE E 839 -129.50 17.21 -19.22
CA ILE E 839 -129.52 16.55 -20.56
C ILE E 839 -130.31 15.25 -20.43
N THR E 840 -130.00 14.44 -19.42
CA THR E 840 -130.72 13.17 -19.21
C THR E 840 -132.14 13.47 -18.75
N GLU E 841 -132.41 14.72 -18.38
CA GLU E 841 -133.75 15.08 -17.86
C GLU E 841 -134.62 15.72 -18.97
N ARG E 842 -134.11 16.73 -19.68
CA ARG E 842 -134.95 17.45 -20.66
C ARG E 842 -134.43 17.24 -22.11
N VAL E 843 -133.55 16.27 -22.32
CA VAL E 843 -133.09 15.98 -23.72
C VAL E 843 -133.29 14.48 -23.99
N VAL E 844 -133.78 14.13 -25.18
CA VAL E 844 -134.07 12.70 -25.51
C VAL E 844 -133.40 12.34 -26.85
N GLU E 845 -132.88 11.12 -26.96
CA GLU E 845 -132.27 10.67 -28.24
C GLU E 845 -133.40 10.20 -29.16
N SER E 846 -133.90 11.09 -30.02
CA SER E 846 -135.05 10.72 -30.90
C SER E 846 -134.62 10.79 -32.38
N PRO E 847 -134.22 9.66 -33.01
CA PRO E 847 -133.86 9.66 -34.44
C PRO E 847 -135.04 9.92 -35.36
N SER E 848 -136.27 9.80 -34.88
CA SER E 848 -137.47 9.96 -35.70
C SER E 848 -138.01 11.38 -35.71
N ALA E 849 -137.33 12.33 -35.06
CA ALA E 849 -137.79 13.70 -34.97
C ALA E 849 -137.17 14.53 -36.08
N GLU E 850 -138.01 15.09 -36.94
CA GLU E 850 -137.56 15.98 -38.01
C GLU E 850 -137.64 17.44 -37.65
N THR E 851 -138.10 17.77 -36.44
CA THR E 851 -138.19 19.16 -36.01
C THR E 851 -136.80 19.73 -35.77
N VAL E 852 -136.60 20.97 -36.18
CA VAL E 852 -135.31 21.65 -36.06
C VAL E 852 -135.34 22.55 -34.84
N TYR E 853 -134.42 22.31 -33.91
CA TYR E 853 -134.25 23.13 -32.73
C TYR E 853 -132.92 23.87 -32.81
N ASN E 854 -132.97 25.20 -32.68
CA ASN E 854 -131.76 25.99 -32.76
C ASN E 854 -131.00 25.94 -31.44
N LEU E 855 -129.74 26.36 -31.48
CA LEU E 855 -128.89 26.36 -30.28
C LEU E 855 -129.38 27.39 -29.27
N SER E 856 -129.86 28.54 -29.75
CA SER E 856 -130.43 29.55 -28.86
C SER E 856 -131.69 29.03 -28.18
N GLU E 857 -132.49 28.22 -28.90
CA GLU E 857 -133.66 27.61 -28.29
C GLU E 857 -133.28 26.62 -27.21
N VAL E 858 -132.21 25.85 -27.42
CA VAL E 858 -131.72 24.92 -26.41
C VAL E 858 -131.20 25.68 -25.19
N VAL E 859 -130.51 26.80 -25.43
CA VAL E 859 -130.02 27.65 -24.33
C VAL E 859 -131.18 28.21 -23.52
N THR E 860 -132.22 28.70 -24.21
CA THR E 860 -133.40 29.24 -23.52
C THR E 860 -134.14 28.15 -22.76
N ALA E 861 -134.23 26.95 -23.33
CA ALA E 861 -134.88 25.84 -22.64
C ALA E 861 -134.10 25.43 -21.40
N TYR E 862 -132.77 25.42 -21.47
CA TYR E 862 -131.95 25.13 -20.30
C TYR E 862 -132.11 26.20 -19.23
N ALA E 863 -132.18 27.47 -19.65
CA ALA E 863 -132.40 28.56 -18.70
C ALA E 863 -133.76 28.45 -18.03
N GLU E 864 -134.80 28.11 -18.79
CA GLU E 864 -136.13 27.95 -18.22
C GLU E 864 -136.19 26.75 -17.28
N TRP E 865 -135.50 25.65 -17.63
CA TRP E 865 -135.44 24.49 -16.76
C TRP E 865 -134.72 24.80 -15.45
N TYR E 866 -133.62 25.56 -15.53
CA TYR E 866 -132.92 25.98 -14.32
C TYR E 866 -133.79 26.90 -13.47
N ASN E 867 -134.53 27.81 -14.11
CA ASN E 867 -135.41 28.73 -13.38
C ASN E 867 -136.54 27.98 -12.68
N THR E 868 -137.15 27.00 -13.36
CA THR E 868 -138.31 26.30 -12.83
C THR E 868 -137.95 25.03 -12.07
N ASN E 869 -136.66 24.70 -11.94
CA ASN E 869 -136.24 23.48 -11.27
C ASN E 869 -135.47 23.74 -9.98
N ILE E 870 -134.48 24.64 -10.01
CA ILE E 870 -133.62 24.89 -8.86
C ILE E 870 -133.80 26.32 -8.33
N ASN E 871 -133.45 27.32 -9.14
CA ASN E 871 -133.44 28.70 -8.68
C ASN E 871 -133.40 29.63 -9.89
N VAL E 872 -133.78 30.89 -9.66
CA VAL E 872 -133.58 31.93 -10.66
C VAL E 872 -132.08 32.11 -10.88
N LYS E 873 -131.69 32.24 -12.15
CA LYS E 873 -130.28 32.22 -12.53
C LYS E 873 -129.50 33.38 -11.94
N ARG E 874 -129.79 34.60 -12.41
CA ARG E 874 -129.15 35.85 -11.98
C ARG E 874 -127.63 35.85 -12.16
N HIS E 875 -127.07 34.90 -12.92
CA HIS E 875 -125.63 34.81 -13.09
C HIS E 875 -125.20 34.43 -14.50
N ILE E 876 -126.12 34.33 -15.45
CA ILE E 876 -125.77 33.93 -16.81
C ILE E 876 -125.14 35.12 -17.51
N ALA E 877 -123.87 34.98 -17.90
CA ALA E 877 -123.12 36.07 -18.53
C ALA E 877 -123.25 36.02 -20.05
N LEU E 878 -124.49 35.92 -20.54
CA LEU E 878 -124.92 36.07 -21.93
C LEU E 878 -124.36 35.01 -22.88
N GLU E 879 -123.54 34.06 -22.42
CA GLU E 879 -123.04 33.00 -23.29
C GLU E 879 -123.92 31.76 -23.17
N LEU E 880 -123.93 31.14 -21.98
CA LEU E 880 -124.83 30.04 -21.60
C LEU E 880 -124.82 28.86 -22.58
N SER E 881 -123.78 28.73 -23.41
CA SER E 881 -123.83 27.70 -24.45
C SER E 881 -122.60 26.79 -24.46
N GLN E 882 -121.41 27.33 -24.20
CA GLN E 882 -120.18 26.57 -24.31
C GLN E 882 -120.09 25.44 -23.29
N GLU E 883 -120.84 25.53 -22.18
CA GLU E 883 -120.90 24.44 -21.22
C GLU E 883 -121.55 23.20 -21.84
N LEU E 884 -122.60 23.41 -22.64
CA LEU E 884 -123.26 22.30 -23.32
C LEU E 884 -122.63 21.97 -24.68
N GLU E 885 -121.78 22.85 -25.22
CA GLU E 885 -121.13 22.55 -26.49
C GLU E 885 -120.10 21.46 -26.34
N ASN E 886 -119.32 21.50 -25.25
CA ASN E 886 -118.32 20.48 -24.95
C ASN E 886 -118.80 19.55 -23.84
N SER E 887 -120.09 19.25 -23.82
CA SER E 887 -120.68 18.38 -22.83
C SER E 887 -120.58 16.93 -23.29
N VAL E 888 -121.24 16.02 -22.55
CA VAL E 888 -121.17 14.60 -22.87
C VAL E 888 -121.92 14.26 -24.15
N LEU E 889 -122.82 15.15 -24.61
CA LEU E 889 -123.55 14.92 -25.85
C LEU E 889 -122.67 15.16 -27.07
N GLU E 890 -121.55 15.88 -26.90
CA GLU E 890 -120.71 16.30 -28.02
C GLU E 890 -120.05 15.13 -28.75
N LYS E 891 -119.99 13.95 -28.15
CA LYS E 891 -119.50 12.78 -28.85
C LYS E 891 -120.49 12.26 -29.89
N TYR E 892 -121.74 12.71 -29.87
CA TYR E 892 -122.75 12.35 -30.84
C TYR E 892 -123.33 13.58 -31.52
N LEU E 893 -122.46 14.54 -31.85
CA LEU E 893 -122.87 15.82 -32.42
C LEU E 893 -122.01 16.10 -33.65
N GLN E 894 -122.55 15.79 -34.83
CA GLN E 894 -121.85 16.09 -36.07
C GLN E 894 -121.96 17.58 -36.41
N TRP E 895 -121.06 18.05 -37.25
CA TRP E 895 -121.00 19.46 -37.61
C TRP E 895 -121.84 19.73 -38.85
N SER E 896 -122.77 20.66 -38.74
CA SER E 896 -123.60 21.10 -39.84
C SER E 896 -122.81 22.02 -40.77
N PRO E 897 -123.31 22.27 -41.99
CA PRO E 897 -122.69 23.32 -42.82
C PRO E 897 -122.70 24.69 -42.18
N ASN E 898 -123.64 24.97 -41.28
CA ASN E 898 -123.65 26.21 -40.50
C ASN E 898 -122.82 26.09 -39.22
N LYS E 899 -121.94 25.10 -39.13
CA LYS E 899 -120.99 24.85 -38.04
C LYS E 899 -121.68 24.58 -36.71
N THR E 900 -122.96 24.22 -36.71
CA THR E 900 -123.65 23.86 -35.48
C THR E 900 -123.47 22.37 -35.19
N ARG E 901 -123.25 22.05 -33.92
CA ARG E 901 -123.09 20.65 -33.53
C ARG E 901 -124.42 19.90 -33.48
N ILE E 902 -125.54 20.60 -33.35
CA ILE E 902 -126.83 19.96 -33.17
C ILE E 902 -127.30 19.38 -34.50
N LEU E 903 -127.74 18.13 -34.48
CA LEU E 903 -128.36 17.50 -35.64
C LEU E 903 -129.83 17.91 -35.63
N LYS E 904 -130.08 19.14 -36.10
CA LYS E 904 -131.39 19.80 -36.05
C LYS E 904 -131.95 19.85 -34.64
N GLY E 905 -131.06 19.99 -33.65
CA GLY E 905 -131.44 20.06 -32.26
C GLY E 905 -131.83 18.74 -31.62
N CYS E 906 -131.77 17.63 -32.38
CA CYS E 906 -132.27 16.32 -31.96
C CYS E 906 -133.69 16.41 -31.44
N ARG E 907 -133.87 16.22 -30.13
CA ARG E 907 -135.15 16.46 -29.49
C ARG E 907 -134.93 16.78 -28.02
N ILE E 908 -135.54 17.86 -27.56
CA ILE E 908 -135.50 18.25 -26.15
C ILE E 908 -136.93 18.32 -25.63
N LEU E 909 -137.12 17.86 -24.39
CA LEU E 909 -138.42 17.90 -23.74
C LEU E 909 -138.60 19.26 -23.09
N HIS E 910 -139.71 19.93 -23.40
CA HIS E 910 -139.95 21.27 -22.86
C HIS E 910 -140.33 21.19 -21.38
N LYS E 911 -141.41 20.47 -21.07
CA LYS E 911 -141.86 20.37 -19.68
C LYS E 911 -142.56 19.02 -19.51
N PHE E 912 -141.81 18.03 -19.00
CA PHE E 912 -142.33 16.71 -18.62
C PHE E 912 -143.03 16.00 -19.78
N GLU E 913 -142.42 16.07 -20.96
CA GLU E 913 -142.96 15.37 -22.12
C GLU E 913 -142.83 13.86 -21.94
N THR E 914 -143.89 13.14 -22.28
CA THR E 914 -143.94 11.71 -22.04
C THR E 914 -143.02 10.96 -23.01
N LEU E 915 -142.46 9.85 -22.52
CA LEU E 915 -141.62 8.98 -23.34
C LEU E 915 -142.53 8.05 -24.13
N GLN E 916 -142.81 8.43 -25.38
CA GLN E 916 -143.75 7.68 -26.20
C GLN E 916 -143.29 6.26 -26.54
N PRO E 917 -142.07 6.02 -27.04
CA PRO E 917 -141.68 4.62 -27.31
C PRO E 917 -140.87 3.95 -26.21
N GLY E 918 -140.72 4.58 -25.05
CA GLY E 918 -139.95 4.01 -23.96
C GLY E 918 -138.46 4.03 -24.20
N CYS E 936 -118.68 -16.50 -4.56
CA CYS E 936 -117.72 -16.59 -3.46
C CYS E 936 -117.51 -18.05 -3.05
N GLU E 937 -117.95 -18.97 -3.89
CA GLU E 937 -117.79 -20.40 -3.62
C GLU E 937 -116.37 -20.89 -3.84
N PRO E 938 -115.63 -20.46 -4.88
CA PRO E 938 -114.17 -20.70 -4.85
C PRO E 938 -113.47 -20.03 -3.68
N LYS E 939 -113.93 -18.83 -3.30
CA LYS E 939 -113.52 -18.09 -2.11
C LYS E 939 -112.03 -17.73 -2.09
N ASN E 940 -111.33 -17.85 -3.21
CA ASN E 940 -109.90 -17.55 -3.23
C ASN E 940 -109.54 -16.37 -4.13
N LYS E 941 -109.86 -16.43 -5.42
CA LYS E 941 -109.49 -15.37 -6.34
C LYS E 941 -110.61 -14.83 -7.20
N TRP E 942 -111.68 -15.59 -7.42
CA TRP E 942 -112.92 -15.15 -8.09
C TRP E 942 -112.64 -14.62 -9.50
N TRP E 943 -112.18 -15.54 -10.35
CA TRP E 943 -111.93 -15.18 -11.74
C TRP E 943 -113.24 -14.97 -12.48
N GLU E 944 -113.35 -13.83 -13.14
CA GLU E 944 -114.54 -13.48 -13.93
C GLU E 944 -114.13 -13.43 -15.40
N TRP E 945 -114.65 -14.36 -16.19
CA TRP E 945 -114.32 -14.45 -17.60
C TRP E 945 -115.23 -13.51 -18.41
N SER E 946 -115.17 -13.63 -19.72
CA SER E 946 -115.98 -12.80 -20.60
C SER E 946 -116.97 -13.65 -21.40
N LEU F 21 -47.44 -20.28 -3.05
CA LEU F 21 -46.11 -20.97 -3.11
C LEU F 21 -46.12 -22.03 -4.22
N ALA F 22 -45.04 -22.11 -5.00
CA ALA F 22 -44.90 -22.97 -6.20
C ALA F 22 -45.15 -24.44 -5.85
N GLU F 23 -44.39 -25.00 -4.89
CA GLU F 23 -44.44 -26.44 -4.54
C GLU F 23 -45.82 -26.81 -3.98
N VAL F 24 -46.49 -25.90 -3.27
CA VAL F 24 -47.90 -26.11 -2.78
C VAL F 24 -48.84 -26.15 -3.99
N GLN F 25 -48.65 -25.24 -4.93
CA GLN F 25 -49.41 -25.18 -6.21
C GLN F 25 -49.23 -26.51 -6.96
N ALA F 26 -47.99 -27.01 -7.05
CA ALA F 26 -47.63 -28.29 -7.69
C ALA F 26 -48.39 -29.43 -7.01
N LEU F 27 -48.36 -29.50 -5.68
CA LEU F 27 -49.06 -30.54 -4.88
C LEU F 27 -50.59 -30.45 -5.12
N GLU F 28 -51.12 -29.23 -5.19
CA GLU F 28 -52.58 -28.98 -5.43
C GLU F 28 -52.96 -29.54 -6.81
N THR F 29 -52.14 -29.30 -7.83
CA THR F 29 -52.34 -29.78 -9.21
C THR F 29 -52.28 -31.31 -9.22
N LEU F 30 -51.27 -31.90 -8.57
CA LEU F 30 -51.15 -33.38 -8.50
C LEU F 30 -52.43 -33.96 -7.88
N LEU F 31 -52.87 -33.42 -6.74
CA LEU F 31 -54.02 -33.96 -5.99
C LEU F 31 -55.31 -33.86 -6.83
N THR F 32 -55.60 -32.68 -7.38
CA THR F 32 -56.94 -32.41 -8.00
C THR F 32 -56.97 -33.02 -9.40
N ARG F 33 -55.98 -32.72 -10.23
CA ARG F 33 -55.95 -33.16 -11.66
C ARG F 33 -55.70 -34.67 -11.76
N GLU F 34 -54.78 -35.23 -10.96
CA GLU F 34 -54.24 -36.60 -11.21
C GLU F 34 -54.74 -37.62 -10.18
N LEU F 35 -54.57 -37.38 -8.87
CA LEU F 35 -54.79 -38.42 -7.82
C LEU F 35 -56.27 -38.52 -7.43
N SER F 36 -57.08 -37.53 -7.82
CA SER F 36 -58.56 -37.49 -7.60
C SER F 36 -59.18 -38.83 -8.00
N VAL F 37 -58.62 -39.52 -9.01
CA VAL F 37 -59.14 -40.82 -9.54
C VAL F 37 -58.96 -41.94 -8.52
N PHE F 38 -58.21 -41.73 -7.43
CA PHE F 38 -57.95 -42.75 -6.37
C PHE F 38 -58.71 -42.42 -5.08
N LEU F 39 -59.55 -41.37 -5.09
CA LEU F 39 -60.39 -41.00 -3.93
C LEU F 39 -61.18 -42.22 -3.46
N THR F 40 -61.08 -42.59 -2.18
CA THR F 40 -61.84 -43.67 -1.50
C THR F 40 -63.05 -43.09 -0.76
N GLU F 41 -64.06 -43.92 -0.48
CA GLU F 41 -65.26 -43.55 0.32
C GLU F 41 -64.86 -43.53 1.80
N PRO F 42 -65.61 -42.81 2.66
CA PRO F 42 -65.35 -42.83 4.10
C PRO F 42 -65.42 -44.27 4.65
N GLY F 43 -64.41 -44.68 5.42
CA GLY F 43 -64.33 -46.00 6.08
C GLY F 43 -63.94 -47.11 5.12
N SER F 44 -63.41 -46.78 3.94
CA SER F 44 -62.89 -47.75 2.94
C SER F 44 -61.60 -48.41 3.47
N LYS F 45 -61.40 -49.69 3.20
CA LYS F 45 -60.22 -50.38 3.79
C LYS F 45 -59.06 -50.21 2.80
N LYS F 46 -59.39 -49.89 1.55
CA LYS F 46 -58.34 -49.65 0.54
C LYS F 46 -57.60 -48.36 0.89
N THR F 47 -58.20 -47.51 1.74
CA THR F 47 -57.52 -46.20 1.98
C THR F 47 -56.12 -46.45 2.55
N ASN F 48 -55.08 -45.81 2.00
CA ASN F 48 -53.72 -45.79 2.62
C ASN F 48 -53.30 -44.36 2.98
N ILE F 49 -53.89 -43.33 2.37
CA ILE F 49 -53.48 -41.90 2.56
C ILE F 49 -54.71 -41.07 2.90
N ILE F 50 -54.59 -40.23 3.92
CA ILE F 50 -55.64 -39.32 4.44
C ILE F 50 -55.06 -37.91 4.45
N ASN F 51 -55.69 -36.98 3.72
CA ASN F 51 -55.37 -35.53 3.76
C ASN F 51 -56.41 -34.84 4.66
N ARG F 52 -56.10 -34.68 5.94
CA ARG F 52 -57.07 -34.20 6.96
C ARG F 52 -57.40 -32.71 6.73
N ILE F 53 -56.56 -31.97 5.98
CA ILE F 53 -56.86 -30.56 5.62
C ILE F 53 -58.01 -30.53 4.61
N THR F 54 -57.95 -31.32 3.53
CA THR F 54 -59.00 -31.38 2.48
C THR F 54 -60.08 -32.41 2.86
N GLY F 55 -59.85 -33.22 3.90
CA GLY F 55 -60.79 -34.27 4.35
C GLY F 55 -60.94 -35.38 3.32
N LYS F 56 -59.97 -35.52 2.41
CA LYS F 56 -60.00 -36.52 1.30
C LYS F 56 -59.27 -37.77 1.76
N THR F 57 -59.74 -38.95 1.32
CA THR F 57 -59.10 -40.27 1.55
C THR F 57 -58.78 -40.89 0.19
N TYR F 58 -57.60 -41.51 0.07
CA TYR F 58 -57.08 -42.09 -1.21
C TYR F 58 -56.57 -43.51 -0.98
N ALA F 59 -56.68 -44.36 -2.01
CA ALA F 59 -55.92 -45.62 -2.17
C ALA F 59 -54.92 -45.43 -3.31
N LEU F 60 -53.70 -44.98 -2.99
CA LEU F 60 -52.63 -44.71 -3.98
C LEU F 60 -51.85 -45.98 -4.26
N PRO F 61 -51.77 -46.43 -5.55
CA PRO F 61 -50.77 -47.42 -5.93
C PRO F 61 -49.35 -46.86 -5.74
N SER F 62 -48.38 -47.76 -5.57
CA SER F 62 -46.98 -47.47 -5.22
C SER F 62 -46.40 -46.36 -6.11
N THR F 63 -46.71 -46.36 -7.42
CA THR F 63 -46.16 -45.36 -8.38
C THR F 63 -46.62 -43.95 -7.97
N GLU F 64 -47.89 -43.82 -7.56
CA GLU F 64 -48.55 -42.52 -7.30
C GLU F 64 -48.25 -42.10 -5.86
N LEU F 65 -48.02 -43.07 -4.97
CA LEU F 65 -47.53 -42.80 -3.59
C LEU F 65 -46.16 -42.10 -3.68
N LEU F 66 -45.27 -42.57 -4.51
CA LEU F 66 -43.97 -41.98 -4.67
C LEU F 66 -44.01 -40.58 -5.19
N ARG F 67 -44.87 -40.36 -6.17
CA ARG F 67 -45.05 -39.02 -6.78
C ARG F 67 -45.56 -38.08 -5.71
N LEU F 68 -46.50 -38.55 -4.89
CA LEU F 68 -47.04 -37.78 -3.74
C LEU F 68 -45.89 -37.40 -2.81
N TYR F 69 -45.05 -38.39 -2.44
CA TYR F 69 -43.92 -38.24 -1.48
C TYR F 69 -42.90 -37.22 -2.00
N GLU F 70 -42.64 -37.20 -3.31
CA GLU F 70 -41.71 -36.19 -3.92
C GLU F 70 -42.29 -34.78 -3.71
N HIS F 71 -43.61 -34.62 -3.91
CA HIS F 71 -44.29 -33.30 -3.73
C HIS F 71 -44.32 -32.94 -2.24
N LEU F 72 -44.67 -33.87 -1.36
CA LEU F 72 -44.76 -33.63 0.10
C LEU F 72 -43.36 -33.27 0.63
N GLU F 73 -42.33 -33.95 0.13
CA GLU F 73 -40.92 -33.69 0.53
C GLU F 73 -40.52 -32.26 0.13
N GLN F 74 -40.85 -31.81 -1.08
CA GLN F 74 -40.55 -30.43 -1.54
C GLN F 74 -41.29 -29.43 -0.64
N CYS F 75 -42.56 -29.71 -0.34
CA CYS F 75 -43.40 -28.87 0.57
C CYS F 75 -42.79 -28.86 1.97
N ARG F 76 -42.24 -29.98 2.43
CA ARG F 76 -41.65 -30.12 3.79
C ARG F 76 -40.42 -29.22 3.91
N LYS F 77 -39.52 -29.29 2.92
CA LYS F 77 -38.25 -28.51 2.88
C LYS F 77 -38.53 -27.00 2.87
N GLN F 78 -39.74 -26.57 2.54
CA GLN F 78 -40.15 -25.13 2.50
C GLN F 78 -41.12 -24.81 3.66
N GLY F 79 -41.30 -25.74 4.60
CA GLY F 79 -42.06 -25.52 5.85
C GLY F 79 -43.55 -25.36 5.63
N ALA F 80 -44.09 -25.93 4.56
CA ALA F 80 -45.53 -25.81 4.20
C ALA F 80 -46.38 -26.59 5.21
N LEU F 81 -47.55 -26.05 5.54
CA LEU F 81 -48.60 -26.70 6.37
C LEU F 81 -49.08 -27.96 5.66
N MET F 82 -48.77 -29.14 6.23
CA MET F 82 -49.29 -30.46 5.76
C MET F 82 -49.98 -31.15 6.93
N TYR F 83 -51.07 -31.87 6.64
CA TYR F 83 -51.74 -32.80 7.59
C TYR F 83 -52.10 -34.08 6.83
N PHE F 84 -51.09 -34.78 6.33
CA PHE F 84 -51.22 -36.12 5.69
C PHE F 84 -50.99 -37.21 6.74
N LEU F 85 -51.87 -38.22 6.73
CA LEU F 85 -51.74 -39.46 7.54
C LEU F 85 -51.65 -40.64 6.58
N GLU F 86 -50.91 -41.67 6.95
CA GLU F 86 -50.96 -42.98 6.27
C GLU F 86 -51.67 -43.97 7.21
N ARG F 87 -52.48 -44.86 6.65
CA ARG F 87 -53.17 -45.92 7.41
C ARG F 87 -52.25 -47.14 7.48
N GLN F 88 -52.07 -47.71 8.68
CA GLN F 88 -51.08 -48.80 8.92
C GLN F 88 -51.62 -50.09 8.30
N GLY F 89 -52.94 -50.27 8.35
CA GLY F 89 -53.58 -51.52 7.90
C GLY F 89 -53.02 -52.70 8.68
N THR F 90 -52.99 -53.87 8.06
CA THR F 90 -52.78 -55.18 8.75
C THR F 90 -51.32 -55.62 8.66
N TYR F 91 -50.54 -55.04 7.74
CA TYR F 91 -49.12 -55.44 7.47
C TYR F 91 -48.35 -54.22 6.94
N SER F 92 -47.50 -53.63 7.79
CA SER F 92 -46.72 -52.40 7.48
C SER F 92 -45.63 -52.19 8.53
N GLY F 93 -44.83 -51.13 8.36
CA GLY F 93 -43.75 -50.76 9.28
C GLY F 93 -44.27 -50.43 10.67
N LEU F 94 -43.38 -50.43 11.66
CA LEU F 94 -43.74 -50.19 13.08
C LEU F 94 -43.55 -48.72 13.41
N MET F 95 -44.50 -48.15 14.14
CA MET F 95 -44.46 -46.77 14.68
C MET F 95 -44.71 -46.87 16.19
N LEU F 96 -43.88 -46.21 17.00
CA LEU F 96 -44.06 -46.07 18.47
C LEU F 96 -44.32 -44.59 18.77
N ASP F 97 -45.48 -44.28 19.38
CA ASP F 97 -45.87 -42.90 19.75
C ASP F 97 -45.69 -42.74 21.27
N TYR F 98 -44.65 -41.99 21.68
CA TYR F 98 -44.37 -41.64 23.10
C TYR F 98 -44.90 -40.24 23.43
N ASP F 99 -45.84 -40.16 24.39
CA ASP F 99 -46.37 -38.91 25.00
C ASP F 99 -45.76 -38.75 26.38
N LEU F 100 -44.76 -37.87 26.52
CA LEU F 100 -43.95 -37.70 27.76
C LEU F 100 -44.52 -36.56 28.60
N LYS F 101 -44.63 -36.79 29.92
CA LYS F 101 -44.71 -35.72 30.95
C LYS F 101 -43.29 -35.53 31.52
N LEU F 102 -42.75 -34.31 31.43
CA LEU F 102 -41.35 -33.98 31.86
C LEU F 102 -41.30 -33.23 33.20
N ASN F 103 -40.16 -33.38 33.89
CA ASN F 103 -39.73 -32.67 35.12
C ASN F 103 -39.80 -31.14 34.96
N THR F 104 -39.54 -30.68 33.74
CA THR F 104 -39.32 -29.26 33.37
C THR F 104 -39.85 -29.01 31.96
N ASN F 105 -39.74 -27.77 31.49
CA ASN F 105 -40.19 -27.29 30.16
C ASN F 105 -38.98 -27.20 29.23
N ALA F 106 -37.88 -27.84 29.61
CA ALA F 106 -36.63 -27.96 28.81
C ALA F 106 -36.71 -29.23 27.98
N VAL F 107 -36.47 -29.13 26.67
CA VAL F 107 -36.29 -30.30 25.76
C VAL F 107 -35.27 -31.23 26.39
N PRO F 108 -35.61 -32.53 26.61
CA PRO F 108 -34.66 -33.48 27.19
C PRO F 108 -33.51 -33.72 26.21
N PRO F 109 -32.29 -34.03 26.68
CA PRO F 109 -31.13 -34.10 25.79
C PRO F 109 -31.26 -35.14 24.66
N LEU F 110 -31.77 -36.34 24.96
CA LEU F 110 -31.97 -37.44 23.98
C LEU F 110 -30.80 -37.49 22.99
N GLU F 111 -29.60 -37.74 23.51
CA GLU F 111 -28.36 -37.84 22.70
C GLU F 111 -28.26 -39.25 22.12
N PRO F 112 -27.40 -39.48 21.10
CA PRO F 112 -27.32 -40.80 20.44
C PRO F 112 -27.23 -42.03 21.34
N PRO F 113 -26.42 -42.05 22.43
CA PRO F 113 -26.34 -43.23 23.29
C PRO F 113 -27.68 -43.70 23.90
N ALA F 114 -28.49 -42.77 24.38
CA ALA F 114 -29.83 -43.08 24.94
C ALA F 114 -30.72 -43.64 23.83
N LEU F 115 -30.77 -42.97 22.68
CA LEU F 115 -31.63 -43.38 21.53
C LEU F 115 -31.13 -44.73 20.99
N SER F 116 -29.81 -44.94 20.95
CA SER F 116 -29.16 -46.18 20.49
C SER F 116 -29.64 -47.35 21.36
N ARG F 117 -29.65 -47.15 22.68
CA ARG F 117 -30.06 -48.19 23.65
C ARG F 117 -31.55 -48.49 23.49
N LEU F 118 -32.36 -47.46 23.26
CA LEU F 118 -33.82 -47.58 22.97
C LEU F 118 -34.00 -48.53 21.79
N CYS F 119 -33.27 -48.33 20.69
CA CYS F 119 -33.32 -49.17 19.46
C CYS F 119 -33.04 -50.63 19.81
N HIS F 120 -31.97 -50.88 20.58
CA HIS F 120 -31.56 -52.24 21.00
C HIS F 120 -32.73 -52.90 21.74
N ARG F 121 -33.30 -52.22 22.74
CA ARG F 121 -34.40 -52.75 23.58
C ARG F 121 -35.63 -53.01 22.70
N ILE F 122 -35.99 -52.06 21.81
CA ILE F 122 -37.13 -52.22 20.85
C ILE F 122 -36.91 -53.50 20.03
N PHE F 123 -35.67 -53.72 19.61
CA PHE F 123 -35.29 -54.87 18.74
C PHE F 123 -35.43 -56.18 19.50
N VAL F 124 -34.99 -56.21 20.76
CA VAL F 124 -35.11 -57.42 21.62
C VAL F 124 -36.56 -57.89 21.62
N HIS F 125 -37.54 -56.98 21.67
CA HIS F 125 -38.99 -57.32 21.69
C HIS F 125 -39.44 -57.82 20.31
N ILE F 126 -38.96 -57.17 19.25
CA ILE F 126 -39.21 -57.59 17.83
C ILE F 126 -38.69 -59.03 17.66
N LYS F 127 -37.44 -59.29 18.03
CA LYS F 127 -36.79 -60.63 17.95
C LYS F 127 -37.61 -61.65 18.75
N ASN F 128 -38.09 -61.28 19.93
CA ASN F 128 -38.80 -62.18 20.87
C ASN F 128 -40.19 -62.54 20.32
N SER F 129 -40.71 -61.76 19.36
CA SER F 129 -42.00 -62.02 18.66
C SER F 129 -41.87 -63.22 17.71
N SER F 130 -40.64 -63.59 17.33
CA SER F 130 -40.25 -64.80 16.55
C SER F 130 -40.54 -64.65 15.06
N VAL F 131 -40.87 -63.45 14.56
CA VAL F 131 -41.43 -63.25 13.18
C VAL F 131 -40.34 -62.78 12.21
N LEU F 132 -39.13 -62.50 12.69
CA LEU F 132 -38.04 -61.99 11.81
C LEU F 132 -37.64 -63.10 10.86
N PRO F 133 -37.34 -62.78 9.57
CA PRO F 133 -36.84 -63.78 8.64
C PRO F 133 -35.39 -64.15 8.98
N GLU F 134 -34.97 -65.37 8.62
CA GLU F 134 -33.56 -65.84 8.77
C GLU F 134 -32.68 -65.04 7.80
N GLY F 135 -31.38 -64.96 8.08
CA GLY F 135 -30.39 -64.30 7.20
C GLY F 135 -29.94 -62.98 7.79
N SER F 136 -29.23 -62.19 6.98
CA SER F 136 -28.70 -60.86 7.36
C SER F 136 -29.60 -59.76 6.79
N HIS F 137 -30.05 -58.83 7.63
CA HIS F 137 -30.99 -57.75 7.25
C HIS F 137 -30.64 -56.44 7.98
N LYS F 138 -30.66 -55.33 7.25
CA LYS F 138 -30.64 -53.95 7.80
C LYS F 138 -32.08 -53.52 8.12
N ILE F 139 -32.31 -52.97 9.31
CA ILE F 139 -33.56 -52.21 9.62
C ILE F 139 -33.17 -50.85 10.18
N HIS F 140 -33.87 -49.81 9.72
CA HIS F 140 -33.62 -48.39 10.08
C HIS F 140 -34.65 -47.93 11.13
N PHE F 141 -34.16 -47.29 12.19
CA PHE F 141 -34.95 -46.57 13.23
C PHE F 141 -34.77 -45.07 13.02
N PHE F 142 -35.87 -44.32 13.06
CA PHE F 142 -35.89 -42.84 12.95
C PHE F 142 -36.62 -42.30 14.18
N PHE F 143 -36.02 -41.31 14.84
CA PHE F 143 -36.60 -40.58 15.99
C PHE F 143 -36.94 -39.17 15.54
N THR F 144 -38.24 -38.86 15.48
CA THR F 144 -38.76 -37.51 15.22
C THR F 144 -39.29 -36.97 16.54
N LEU F 145 -38.97 -35.73 16.87
CA LEU F 145 -39.23 -35.13 18.20
C LEU F 145 -40.17 -33.92 18.06
N LYS F 146 -41.13 -33.79 18.98
CA LYS F 146 -41.90 -32.54 19.22
C LYS F 146 -40.92 -31.38 19.29
N PRO F 147 -41.14 -30.28 18.53
CA PRO F 147 -40.14 -29.22 18.44
C PRO F 147 -39.89 -28.50 19.78
N GLU F 148 -40.90 -28.37 20.65
CA GLU F 148 -40.78 -27.73 21.98
C GLU F 148 -41.63 -28.45 23.02
N VAL F 149 -41.28 -28.31 24.30
CA VAL F 149 -42.13 -28.75 25.46
C VAL F 149 -43.18 -27.66 25.68
N VAL F 150 -44.44 -28.08 25.89
CA VAL F 150 -45.57 -27.18 26.23
C VAL F 150 -46.15 -27.69 27.55
N GLN F 151 -46.00 -26.91 28.62
CA GLN F 151 -46.48 -27.23 29.98
C GLN F 151 -45.98 -28.61 30.41
N GLY F 152 -44.69 -28.90 30.15
CA GLY F 152 -44.04 -30.17 30.55
C GLY F 152 -44.43 -31.34 29.67
N LYS F 153 -45.33 -31.15 28.70
CA LYS F 153 -45.77 -32.20 27.74
C LYS F 153 -44.74 -32.26 26.61
N TYR F 154 -44.20 -33.45 26.33
CA TYR F 154 -43.22 -33.66 25.25
C TYR F 154 -43.53 -34.97 24.52
N GLY F 155 -42.94 -35.16 23.34
CA GLY F 155 -43.24 -36.32 22.48
C GLY F 155 -42.10 -36.68 21.56
N PHE F 156 -42.02 -37.97 21.24
CA PHE F 156 -41.27 -38.45 20.06
C PHE F 156 -42.00 -39.64 19.44
N HIS F 157 -41.81 -39.76 18.13
CA HIS F 157 -42.13 -40.97 17.33
C HIS F 157 -40.85 -41.75 17.09
N VAL F 158 -40.90 -43.07 17.27
CA VAL F 158 -39.90 -44.04 16.73
C VAL F 158 -40.54 -44.71 15.52
N LEU F 159 -39.98 -44.48 14.34
CA LEU F 159 -40.44 -45.08 13.07
C LEU F 159 -39.44 -46.19 12.69
N ILE F 160 -39.94 -47.41 12.51
CA ILE F 160 -39.20 -48.55 11.87
C ILE F 160 -39.97 -48.93 10.61
N PRO F 161 -39.94 -48.06 9.57
CA PRO F 161 -40.82 -48.17 8.42
C PRO F 161 -40.59 -49.42 7.54
N GLY F 162 -39.35 -49.89 7.44
CA GLY F 162 -38.93 -51.01 6.58
C GLY F 162 -39.33 -52.39 7.13
N LEU F 163 -39.49 -52.51 8.45
CA LEU F 163 -39.78 -53.81 9.13
C LEU F 163 -41.28 -54.08 9.06
N LYS F 164 -41.70 -54.84 8.05
CA LYS F 164 -43.12 -55.08 7.74
C LYS F 164 -43.66 -56.13 8.70
N LEU F 165 -44.56 -55.72 9.60
CA LEU F 165 -45.10 -56.53 10.74
C LEU F 165 -46.62 -56.63 10.64
N ALA F 166 -47.18 -57.76 11.08
CA ALA F 166 -48.63 -57.94 11.25
C ALA F 166 -49.09 -56.99 12.35
N ALA F 167 -50.29 -56.43 12.26
CA ALA F 167 -50.88 -55.52 13.27
C ALA F 167 -50.83 -56.20 14.65
N SER F 168 -51.23 -57.47 14.72
CA SER F 168 -51.27 -58.28 15.97
C SER F 168 -49.86 -58.36 16.59
N THR F 169 -48.81 -58.51 15.78
CA THR F 169 -47.40 -58.56 16.26
C THR F 169 -46.97 -57.19 16.81
N LYS F 170 -47.34 -56.11 16.13
CA LYS F 170 -47.05 -54.71 16.58
C LYS F 170 -47.65 -54.51 17.98
N LYS F 171 -48.91 -54.90 18.16
CA LYS F 171 -49.66 -54.77 19.45
C LYS F 171 -48.90 -55.53 20.54
N SER F 172 -48.49 -56.76 20.25
CA SER F 172 -47.70 -57.62 21.15
C SER F 172 -46.39 -56.93 21.52
N ILE F 173 -45.63 -56.43 20.53
CA ILE F 173 -44.32 -55.73 20.73
C ILE F 173 -44.54 -54.49 21.60
N ILE F 174 -45.58 -53.71 21.30
CA ILE F 174 -45.94 -52.49 22.08
C ILE F 174 -46.25 -52.87 23.54
N GLY F 175 -47.06 -53.92 23.77
CA GLY F 175 -47.38 -54.43 25.12
C GLY F 175 -46.12 -54.69 25.94
N SER F 176 -45.18 -55.44 25.35
CA SER F 176 -43.86 -55.78 25.96
C SER F 176 -43.04 -54.52 26.25
N LEU F 177 -43.04 -53.56 25.32
CA LEU F 177 -42.20 -52.33 25.42
C LEU F 177 -42.66 -51.46 26.60
N GLN F 178 -43.97 -51.44 26.87
CA GLN F 178 -44.56 -50.63 27.97
C GLN F 178 -43.93 -51.07 29.31
N HIS F 179 -43.63 -52.36 29.49
CA HIS F 179 -43.16 -52.99 30.75
C HIS F 179 -41.64 -53.14 30.80
N ASP F 180 -40.90 -52.60 29.83
CA ASP F 180 -39.42 -52.76 29.73
C ASP F 180 -38.73 -51.84 30.74
N ALA F 181 -38.07 -52.43 31.75
CA ALA F 181 -37.39 -51.75 32.87
C ALA F 181 -36.25 -50.88 32.37
N THR F 182 -35.47 -51.34 31.37
CA THR F 182 -34.33 -50.58 30.80
C THR F 182 -34.86 -49.32 30.09
N VAL F 183 -35.95 -49.44 29.33
CA VAL F 183 -36.58 -48.30 28.59
C VAL F 183 -37.08 -47.28 29.63
N GLN F 184 -37.71 -47.77 30.71
CA GLN F 184 -38.28 -46.92 31.79
C GLN F 184 -37.14 -46.14 32.47
N LYS F 185 -36.01 -46.80 32.70
CA LYS F 185 -34.78 -46.18 33.26
C LYS F 185 -34.33 -45.05 32.33
N ILE F 186 -34.08 -45.35 31.05
CA ILE F 186 -33.60 -44.37 30.04
C ILE F 186 -34.50 -43.13 30.10
N LEU F 187 -35.81 -43.34 30.06
CA LEU F 187 -36.83 -42.25 30.00
C LEU F 187 -36.79 -41.46 31.31
N HIS F 188 -36.66 -42.14 32.45
CA HIS F 188 -36.54 -41.54 33.79
C HIS F 188 -35.32 -40.61 33.83
N GLU F 189 -34.17 -41.05 33.33
CA GLU F 189 -32.90 -40.27 33.36
C GLU F 189 -33.00 -39.08 32.40
N GLN F 190 -33.98 -39.08 31.48
CA GLN F 190 -34.24 -37.96 30.55
C GLN F 190 -35.17 -36.92 31.22
N GLY F 191 -35.75 -37.27 32.38
CA GLY F 191 -36.66 -36.40 33.16
C GLY F 191 -38.14 -36.74 32.95
N VAL F 192 -38.45 -37.93 32.44
CA VAL F 192 -39.85 -38.37 32.17
C VAL F 192 -40.45 -38.87 33.49
N THR F 193 -41.60 -38.33 33.88
CA THR F 193 -42.33 -38.65 35.12
C THR F 193 -43.42 -39.70 34.87
N ASN F 194 -43.69 -40.07 33.61
CA ASN F 194 -44.69 -41.13 33.24
C ASN F 194 -44.03 -42.22 32.40
N PRO F 195 -42.88 -42.79 32.84
CA PRO F 195 -42.18 -43.77 32.03
C PRO F 195 -42.95 -45.10 31.86
N GLU F 196 -43.94 -45.36 32.72
CA GLU F 196 -44.73 -46.62 32.71
C GLU F 196 -45.90 -46.52 31.73
N SER F 197 -46.33 -45.30 31.36
CA SER F 197 -47.61 -45.04 30.67
C SER F 197 -47.47 -43.98 29.56
N CYS F 198 -46.28 -43.78 29.00
CA CYS F 198 -46.00 -42.76 27.98
C CYS F 198 -46.14 -43.35 26.56
N LEU F 199 -45.98 -44.66 26.39
CA LEU F 199 -46.12 -45.33 25.07
C LEU F 199 -47.60 -45.59 24.77
N ASP F 200 -48.13 -44.96 23.72
CA ASP F 200 -49.54 -45.14 23.28
C ASP F 200 -49.77 -46.61 22.87
N PRO F 201 -50.59 -47.38 23.62
CA PRO F 201 -50.83 -48.79 23.31
C PRO F 201 -51.57 -49.03 21.97
N HIS F 202 -52.11 -47.96 21.36
CA HIS F 202 -52.81 -47.98 20.05
C HIS F 202 -51.86 -47.55 18.92
N SER F 203 -50.57 -47.38 19.23
CA SER F 203 -49.48 -47.07 18.26
C SER F 203 -49.57 -47.99 17.03
N ALA F 204 -50.04 -49.23 17.21
CA ALA F 204 -50.14 -50.26 16.14
C ALA F 204 -51.25 -49.95 15.14
N SER F 205 -52.32 -49.27 15.56
CA SER F 205 -53.58 -49.15 14.80
C SER F 205 -53.85 -47.71 14.33
N VAL F 206 -53.37 -46.70 15.04
CA VAL F 206 -53.69 -45.26 14.72
C VAL F 206 -53.10 -44.96 13.34
N PRO F 207 -53.77 -44.12 12.53
CA PRO F 207 -53.15 -43.54 11.34
C PRO F 207 -51.94 -42.72 11.78
N SER F 208 -50.86 -42.75 11.00
CA SER F 208 -49.53 -42.23 11.37
C SER F 208 -49.21 -41.03 10.48
N LEU F 209 -48.83 -39.91 11.08
CA LEU F 209 -48.52 -38.66 10.34
C LEU F 209 -47.35 -38.92 9.41
N LEU F 210 -47.44 -38.46 8.17
CA LEU F 210 -46.28 -38.44 7.25
C LEU F 210 -45.29 -37.42 7.79
N TYR F 211 -44.00 -37.63 7.58
CA TYR F 211 -42.95 -36.69 8.01
C TYR F 211 -43.27 -35.32 7.41
N GLY F 212 -43.26 -34.28 8.23
CA GLY F 212 -43.57 -32.90 7.82
C GLY F 212 -45.02 -32.53 8.10
N SER F 213 -45.86 -33.49 8.49
CA SER F 213 -47.29 -33.28 8.77
C SER F 213 -47.53 -33.23 10.28
N SER F 214 -48.67 -32.66 10.70
CA SER F 214 -49.09 -32.54 12.11
C SER F 214 -50.59 -32.24 12.19
N LYS F 215 -51.21 -32.52 13.34
CA LYS F 215 -52.54 -31.97 13.71
C LYS F 215 -52.48 -30.46 13.50
N LEU F 216 -53.62 -29.83 13.24
CA LEU F 216 -53.66 -28.40 12.81
C LEU F 216 -53.29 -27.51 13.99
N ASN F 217 -53.40 -28.03 15.22
CA ASN F 217 -53.11 -27.28 16.47
C ASN F 217 -51.65 -27.46 16.92
N HIS F 218 -50.89 -28.36 16.28
CA HIS F 218 -49.51 -28.73 16.67
C HIS F 218 -48.53 -28.36 15.54
N LYS F 219 -47.23 -28.41 15.81
CA LYS F 219 -46.18 -28.23 14.76
C LYS F 219 -45.60 -29.61 14.45
N PRO F 220 -45.07 -29.82 13.22
CA PRO F 220 -44.56 -31.14 12.84
C PRO F 220 -43.31 -31.53 13.64
N TYR F 221 -43.24 -32.81 14.01
CA TYR F 221 -42.05 -33.46 14.63
C TYR F 221 -40.89 -33.32 13.65
N GLN F 222 -39.68 -33.14 14.18
CA GLN F 222 -38.42 -32.94 13.43
C GLN F 222 -37.54 -34.17 13.60
N LEU F 223 -36.95 -34.66 12.51
CA LEU F 223 -36.03 -35.83 12.53
C LEU F 223 -34.74 -35.39 13.22
N LYS F 224 -34.42 -36.00 14.36
CA LYS F 224 -33.18 -35.67 15.12
C LYS F 224 -32.07 -36.64 14.69
N THR F 225 -32.34 -37.94 14.77
CA THR F 225 -31.32 -39.01 14.59
C THR F 225 -32.00 -40.24 14.00
N GLY F 226 -31.32 -40.90 13.05
CA GLY F 226 -31.69 -42.24 12.54
C GLY F 226 -30.56 -43.24 12.74
N PHE F 227 -30.91 -44.51 12.93
CA PHE F 227 -29.95 -45.61 13.19
C PHE F 227 -30.19 -46.76 12.23
N GLU F 228 -29.09 -47.39 11.83
CA GLU F 228 -29.06 -48.64 11.04
C GLU F 228 -28.73 -49.80 11.99
N LEU F 229 -29.66 -50.73 12.17
CA LEU F 229 -29.46 -51.98 12.94
C LEU F 229 -29.34 -53.12 11.93
N VAL F 230 -28.24 -53.88 11.97
CA VAL F 230 -28.08 -55.13 11.18
C VAL F 230 -28.27 -56.30 12.16
N PHE F 231 -29.15 -57.25 11.82
CA PHE F 231 -29.28 -58.54 12.54
C PHE F 231 -28.90 -59.67 11.58
N ASP F 232 -28.31 -60.73 12.14
CA ASP F 232 -27.89 -61.94 11.41
C ASP F 232 -28.28 -63.15 12.25
N SER F 233 -29.18 -64.00 11.74
CA SER F 233 -29.73 -65.19 12.44
C SER F 233 -28.59 -66.16 12.82
N SER F 234 -27.54 -66.21 12.01
CA SER F 234 -26.36 -67.10 12.19
C SER F 234 -25.50 -66.59 13.36
N ASP F 235 -25.52 -65.27 13.62
CA ASP F 235 -24.66 -64.58 14.61
C ASP F 235 -25.55 -63.67 15.48
N PRO F 236 -26.47 -64.25 16.28
CA PRO F 236 -27.54 -63.48 16.92
C PRO F 236 -27.08 -62.49 17.99
N ASP F 237 -25.86 -62.67 18.52
CA ASP F 237 -25.30 -61.83 19.62
C ASP F 237 -24.65 -60.58 19.03
N TYR F 238 -24.46 -60.51 17.71
CA TYR F 238 -23.86 -59.32 17.06
C TYR F 238 -24.99 -58.47 16.46
N ILE F 239 -25.30 -57.34 17.11
CA ILE F 239 -26.42 -56.44 16.75
C ILE F 239 -25.89 -55.02 16.63
N PRO F 240 -25.08 -54.73 15.59
CA PRO F 240 -24.49 -53.41 15.40
C PRO F 240 -25.57 -52.36 15.12
N ILE F 241 -25.52 -51.27 15.87
CA ILE F 241 -26.38 -50.07 15.70
C ILE F 241 -25.45 -48.87 15.49
N HIS F 242 -25.59 -48.19 14.36
CA HIS F 242 -24.83 -46.98 13.96
C HIS F 242 -25.79 -45.90 13.46
N GLN F 243 -25.51 -44.65 13.84
CA GLN F 243 -26.17 -43.45 13.26
C GLN F 243 -26.06 -43.52 11.74
N ILE F 244 -27.14 -43.18 11.04
CA ILE F 244 -27.17 -42.91 9.58
C ILE F 244 -26.64 -41.49 9.36
N LYS F 245 -25.70 -41.29 8.45
CA LYS F 245 -24.90 -40.02 8.40
C LYS F 245 -25.44 -39.07 7.33
N ASN F 246 -25.91 -39.58 6.19
CA ASN F 246 -26.32 -38.76 5.02
C ASN F 246 -27.85 -38.79 4.85
N LEU F 247 -28.58 -38.52 5.93
CA LEU F 247 -30.07 -38.54 5.98
C LEU F 247 -30.65 -37.54 4.96
N GLU F 248 -30.09 -36.33 4.90
CA GLU F 248 -30.50 -35.21 4.01
C GLU F 248 -30.48 -35.64 2.53
N SER F 249 -29.67 -36.64 2.18
CA SER F 249 -29.48 -37.16 0.80
C SER F 249 -30.76 -37.85 0.27
N TYR F 250 -31.66 -38.24 1.16
CA TYR F 250 -32.84 -39.09 0.81
C TYR F 250 -34.11 -38.26 0.87
N ASN F 251 -35.16 -38.75 0.23
CA ASN F 251 -36.54 -38.21 0.40
C ASN F 251 -37.09 -38.76 1.72
N LEU F 252 -37.11 -37.95 2.77
CA LEU F 252 -37.43 -38.38 4.14
C LEU F 252 -38.93 -38.73 4.28
N VAL F 253 -39.85 -38.02 3.63
CA VAL F 253 -41.29 -38.40 3.64
C VAL F 253 -41.37 -39.86 3.16
N SER F 254 -40.72 -40.14 2.03
CA SER F 254 -40.61 -41.47 1.38
C SER F 254 -40.02 -42.52 2.36
N GLU F 255 -38.81 -42.31 2.83
CA GLU F 255 -38.04 -43.31 3.63
C GLU F 255 -38.77 -43.62 4.94
N LEU F 256 -39.36 -42.61 5.59
CA LEU F 256 -39.99 -42.73 6.93
C LEU F 256 -41.40 -43.34 6.85
N SER F 257 -41.99 -43.43 5.66
CA SER F 257 -43.38 -43.95 5.44
C SER F 257 -43.44 -45.44 5.81
N LEU F 258 -44.35 -45.80 6.71
CA LEU F 258 -44.57 -47.19 7.20
C LEU F 258 -45.08 -48.10 6.08
N THR F 259 -45.79 -47.53 5.09
CA THR F 259 -46.49 -48.31 4.03
C THR F 259 -45.69 -48.33 2.73
N ASN F 260 -44.65 -47.49 2.59
CA ASN F 260 -43.75 -47.46 1.41
C ASN F 260 -42.95 -48.76 1.33
N GLU F 261 -42.71 -49.26 0.11
CA GLU F 261 -41.88 -50.47 -0.16
C GLU F 261 -40.82 -50.14 -1.22
N GLN F 262 -40.74 -48.89 -1.67
CA GLN F 262 -39.88 -48.45 -2.79
C GLN F 262 -38.98 -47.30 -2.35
N GLY F 263 -38.64 -47.24 -1.05
CA GLY F 263 -37.58 -46.37 -0.53
C GLY F 263 -36.20 -46.78 -1.06
N SER F 264 -35.22 -45.88 -1.03
CA SER F 264 -33.82 -46.11 -1.46
C SER F 264 -32.98 -46.54 -0.26
N LEU F 265 -33.01 -45.77 0.83
CA LEU F 265 -32.34 -46.11 2.12
C LEU F 265 -33.06 -47.30 2.74
N VAL F 266 -34.37 -47.18 2.90
CA VAL F 266 -35.23 -48.17 3.63
C VAL F 266 -35.73 -49.20 2.61
N ARG F 267 -35.16 -50.42 2.66
CA ARG F 267 -35.58 -51.58 1.86
C ARG F 267 -36.38 -52.49 2.77
N PRO F 268 -37.57 -52.96 2.35
CA PRO F 268 -38.43 -53.75 3.23
C PRO F 268 -37.77 -55.06 3.68
N VAL F 269 -37.97 -55.43 4.95
CA VAL F 269 -37.75 -56.82 5.43
C VAL F 269 -39.11 -57.33 5.93
N TYR F 270 -39.55 -58.42 5.31
CA TYR F 270 -40.89 -59.02 5.46
C TYR F 270 -40.86 -60.03 6.61
N CYS F 271 -41.58 -59.72 7.68
CA CYS F 271 -41.77 -60.62 8.85
C CYS F 271 -42.94 -61.56 8.56
N ALA F 272 -42.93 -62.73 9.19
CA ALA F 272 -44.04 -63.73 9.16
C ALA F 272 -45.32 -63.06 9.64
N ALA F 273 -46.45 -63.30 8.95
CA ALA F 273 -47.79 -62.79 9.31
C ALA F 273 -48.41 -63.69 10.37
N MET F 294 -60.58 -34.49 10.20
CA MET F 294 -61.82 -34.04 10.83
C MET F 294 -62.15 -32.62 10.38
N LEU F 295 -63.39 -32.20 10.64
CA LEU F 295 -63.87 -30.88 10.21
C LEU F 295 -63.35 -29.83 11.19
N HIS F 296 -62.21 -29.22 10.84
CA HIS F 296 -61.67 -28.10 11.59
C HIS F 296 -61.66 -26.82 10.77
N ASP F 297 -60.97 -26.82 9.62
CA ASP F 297 -60.86 -25.70 8.68
C ASP F 297 -60.47 -24.38 9.36
N PRO F 298 -59.22 -24.23 9.82
CA PRO F 298 -58.81 -22.95 10.40
C PRO F 298 -58.74 -21.84 9.37
N GLU F 299 -58.02 -22.11 8.27
CA GLU F 299 -57.94 -21.24 7.09
C GLU F 299 -57.43 -19.84 7.42
N ALA F 300 -56.62 -19.73 8.48
CA ALA F 300 -55.93 -18.50 8.90
C ALA F 300 -56.91 -17.35 9.18
N ARG F 301 -58.12 -17.67 9.61
CA ARG F 301 -59.09 -16.64 9.99
C ARG F 301 -59.91 -17.14 11.15
N TYR F 302 -60.31 -16.20 12.02
CA TYR F 302 -61.14 -16.43 13.21
C TYR F 302 -60.53 -17.45 14.17
N LEU F 303 -59.22 -17.64 14.12
CA LEU F 303 -58.55 -18.48 15.12
C LEU F 303 -58.55 -17.79 16.48
N HIS F 304 -58.51 -16.46 16.49
CA HIS F 304 -58.58 -15.70 17.74
C HIS F 304 -59.92 -15.91 18.44
N LYS F 305 -61.00 -16.08 17.67
CA LYS F 305 -62.30 -16.34 18.27
C LYS F 305 -62.32 -17.69 19.00
N ILE F 306 -61.73 -18.72 18.39
CA ILE F 306 -61.62 -20.01 19.05
C ILE F 306 -60.67 -19.92 20.24
N LEU F 307 -59.63 -19.09 20.15
CA LEU F 307 -58.68 -18.95 21.25
C LEU F 307 -59.32 -18.29 22.47
N ASN F 308 -60.11 -17.24 22.26
CA ASN F 308 -60.69 -16.52 23.40
C ASN F 308 -62.10 -16.99 23.73
N LEU F 309 -62.64 -17.98 23.02
CA LEU F 309 -63.93 -18.56 23.38
C LEU F 309 -63.83 -19.51 24.57
N LEU F 310 -62.64 -19.92 24.95
CA LEU F 310 -62.38 -20.78 26.10
C LEU F 310 -62.33 -20.06 27.46
N PRO F 311 -61.73 -18.87 27.61
CA PRO F 311 -61.69 -18.22 28.95
C PRO F 311 -63.06 -17.93 29.56
N PRO F 312 -64.15 -17.74 28.80
CA PRO F 312 -65.48 -17.74 29.46
C PRO F 312 -65.78 -19.06 30.15
N GLU F 313 -66.40 -18.95 31.33
CA GLU F 313 -66.78 -20.08 32.16
C GLU F 313 -68.24 -20.44 31.99
N TYR F 314 -68.75 -20.34 30.76
CA TYR F 314 -70.16 -20.52 30.45
C TYR F 314 -70.44 -21.88 29.84
N TYR F 315 -69.82 -22.93 30.40
CA TYR F 315 -69.84 -24.27 29.81
C TYR F 315 -71.26 -24.81 29.65
N VAL F 316 -72.16 -24.48 30.57
CA VAL F 316 -73.57 -24.83 30.45
C VAL F 316 -74.34 -23.61 29.99
N GLU F 317 -75.16 -23.77 28.95
CA GLU F 317 -75.93 -22.68 28.35
C GLU F 317 -77.39 -23.13 28.22
N TYR F 318 -78.16 -22.95 29.30
CA TYR F 318 -79.60 -23.17 29.17
C TYR F 318 -80.31 -21.94 28.62
N PRO F 319 -80.09 -20.69 29.13
CA PRO F 319 -80.66 -19.53 28.43
C PRO F 319 -79.69 -18.80 27.52
N LEU F 320 -78.41 -19.15 27.57
CA LEU F 320 -77.35 -18.36 26.96
C LEU F 320 -76.81 -18.94 25.67
N TRP F 321 -77.31 -20.10 25.22
CA TRP F 321 -76.91 -20.63 23.92
C TRP F 321 -77.42 -19.74 22.79
N SER F 322 -78.61 -19.15 22.96
CA SER F 322 -79.14 -18.25 21.96
C SER F 322 -78.26 -17.01 21.80
N ASN F 323 -77.74 -16.49 22.91
CA ASN F 323 -76.91 -15.29 22.87
C ASN F 323 -75.64 -15.53 22.05
N VAL F 324 -74.92 -16.61 22.35
CA VAL F 324 -73.69 -16.88 21.62
C VAL F 324 -73.97 -17.30 20.19
N VAL F 325 -75.08 -18.00 19.95
CA VAL F 325 -75.37 -18.43 18.57
C VAL F 325 -75.74 -17.23 17.70
N PHE F 326 -76.48 -16.25 18.24
CA PHE F 326 -76.70 -15.03 17.48
C PHE F 326 -75.46 -14.16 17.42
N ALA F 327 -74.55 -14.32 18.37
CA ALA F 327 -73.30 -13.58 18.33
C ALA F 327 -72.42 -14.04 17.18
N LEU F 328 -72.23 -15.36 17.03
CA LEU F 328 -71.36 -15.89 16.00
C LEU F 328 -72.10 -16.38 14.77
N ALA F 329 -73.40 -16.07 14.65
CA ALA F 329 -74.13 -16.37 13.42
C ALA F 329 -73.70 -15.50 12.24
N ASN F 330 -72.93 -14.43 12.48
CA ASN F 330 -72.41 -13.64 11.37
C ASN F 330 -71.42 -14.43 10.51
N THR F 331 -70.75 -15.41 11.10
CA THR F 331 -69.86 -16.28 10.34
C THR F 331 -70.67 -17.24 9.48
N SER F 332 -70.26 -17.39 8.22
CA SER F 332 -70.96 -18.30 7.32
C SER F 332 -70.69 -19.76 7.69
N ALA F 333 -69.58 -20.03 8.37
CA ALA F 333 -69.21 -21.37 8.79
C ALA F 333 -69.33 -21.52 10.30
N ASN F 334 -70.40 -20.95 10.88
CA ASN F 334 -70.59 -20.90 12.32
C ASN F 334 -70.82 -22.27 12.95
N TYR F 335 -71.17 -23.27 12.14
CA TYR F 335 -71.47 -24.59 12.69
C TYR F 335 -70.22 -25.25 13.27
N ARG F 336 -69.03 -24.95 12.73
CA ARG F 336 -67.82 -25.50 13.35
C ARG F 336 -67.53 -24.89 14.72
N PRO F 337 -67.61 -23.57 14.95
CA PRO F 337 -67.57 -23.09 16.34
C PRO F 337 -68.71 -23.61 17.20
N LEU F 338 -69.90 -23.85 16.63
CA LEU F 338 -70.98 -24.46 17.40
C LEU F 338 -70.59 -25.86 17.88
N ALA F 339 -70.07 -26.68 16.98
CA ALA F 339 -69.65 -28.03 17.34
C ALA F 339 -68.44 -28.01 18.26
N GLU F 340 -67.62 -26.95 18.19
CA GLU F 340 -66.55 -26.80 19.17
C GLU F 340 -67.10 -26.48 20.55
N TRP F 341 -68.11 -25.61 20.63
CA TRP F 341 -68.53 -25.11 21.94
C TRP F 341 -69.46 -26.09 22.65
N PHE F 342 -70.52 -26.58 22.00
CA PHE F 342 -71.40 -27.55 22.65
C PHE F 342 -70.93 -29.00 22.50
N SER F 343 -69.63 -29.23 22.41
CA SER F 343 -69.08 -30.58 22.58
C SER F 343 -68.72 -30.88 24.03
N GLN F 344 -68.88 -29.91 24.93
CA GLN F 344 -68.52 -30.08 26.33
C GLN F 344 -69.56 -30.89 27.09
N THR F 352 -71.47 -30.31 30.47
CA THR F 352 -72.05 -31.58 30.87
C THR F 352 -73.18 -31.99 29.93
N GLY F 353 -72.91 -32.97 29.08
CA GLY F 353 -73.89 -33.44 28.13
C GLY F 353 -74.14 -32.47 26.99
N GLY F 354 -75.32 -31.87 26.96
CA GLY F 354 -75.66 -30.92 25.92
C GLY F 354 -76.03 -31.58 24.62
N LYS F 355 -75.02 -32.16 23.94
CA LYS F 355 -75.18 -32.88 22.67
C LYS F 355 -75.82 -32.00 21.60
N GLU F 356 -75.12 -30.90 21.30
CA GLU F 356 -75.56 -29.87 20.35
C GLU F 356 -76.94 -29.32 20.73
N LYS F 357 -77.12 -29.07 22.03
CA LYS F 357 -78.39 -28.62 22.62
C LYS F 357 -79.54 -29.57 22.28
N LEU F 358 -79.28 -30.87 22.50
CA LEU F 358 -80.17 -31.96 22.11
C LEU F 358 -80.49 -31.90 20.61
N GLU F 359 -79.43 -31.67 19.83
CA GLU F 359 -79.48 -31.59 18.36
C GLU F 359 -80.47 -30.52 17.88
N LYS F 360 -80.36 -29.32 18.47
CA LYS F 360 -81.16 -28.19 18.01
C LYS F 360 -80.74 -27.77 16.60
N LEU F 361 -79.43 -27.68 16.36
CA LEU F 361 -78.84 -27.37 15.06
C LEU F 361 -79.34 -26.04 14.50
N TRP F 362 -79.09 -24.97 15.29
CA TRP F 362 -79.59 -23.62 15.03
C TRP F 362 -81.12 -23.68 14.88
N ASN F 363 -81.76 -24.31 15.86
CA ASN F 363 -83.21 -24.52 15.92
C ASN F 363 -83.75 -25.12 14.61
N ASP F 364 -83.04 -26.14 14.12
CA ASP F 364 -83.26 -26.74 12.80
C ASP F 364 -83.16 -25.71 11.68
N ALA F 365 -82.01 -25.03 11.66
CA ALA F 365 -81.58 -24.12 10.59
C ALA F 365 -82.58 -22.98 10.37
N SER F 366 -82.68 -22.13 11.40
CA SER F 366 -83.53 -20.96 11.32
C SER F 366 -82.95 -19.93 10.35
N HIS F 367 -83.83 -19.04 9.88
CA HIS F 367 -83.46 -18.00 8.95
C HIS F 367 -82.81 -16.83 9.70
N HIS F 368 -82.60 -15.71 9.01
CA HIS F 368 -81.99 -14.55 9.65
C HIS F 368 -82.97 -13.88 10.60
N THR F 369 -82.43 -13.16 11.57
CA THR F 369 -83.23 -12.52 12.60
C THR F 369 -82.87 -11.04 12.71
N GLU F 370 -83.35 -10.39 13.77
CA GLU F 370 -83.05 -8.99 14.03
C GLU F 370 -81.58 -8.82 14.40
N LYS F 371 -81.14 -7.58 14.47
CA LYS F 371 -79.74 -7.28 14.78
C LYS F 371 -79.46 -7.54 16.26
N LYS F 372 -79.14 -8.78 16.59
CA LYS F 372 -78.81 -9.18 17.95
C LYS F 372 -77.36 -8.84 18.28
N ILE F 373 -76.83 -9.43 19.35
CA ILE F 373 -75.46 -9.15 19.76
C ILE F 373 -74.47 -9.63 18.70
N THR F 374 -73.38 -8.88 18.55
CA THR F 374 -72.41 -9.08 17.49
C THR F 374 -71.15 -9.76 18.02
N LYS F 375 -70.11 -9.80 17.19
CA LYS F 375 -68.82 -10.33 17.61
C LYS F 375 -68.23 -9.54 18.77
N ARG F 376 -68.44 -8.21 18.76
CA ARG F 376 -67.89 -7.33 19.78
C ARG F 376 -68.42 -7.63 21.18
N SER F 377 -69.52 -8.40 21.27
CA SER F 377 -70.03 -8.79 22.58
C SER F 377 -69.17 -9.85 23.25
N ILE F 378 -68.54 -10.75 22.48
CA ILE F 378 -67.89 -11.92 23.09
C ILE F 378 -66.70 -11.51 23.96
N MET F 379 -65.91 -10.52 23.52
CA MET F 379 -64.83 -10.07 24.38
C MET F 379 -65.33 -9.34 25.63
N TYR F 380 -66.59 -8.92 25.68
CA TYR F 380 -67.17 -8.51 26.95
C TYR F 380 -67.88 -9.65 27.67
N TRP F 381 -68.21 -10.74 26.96
CA TRP F 381 -68.55 -11.97 27.68
C TRP F 381 -67.34 -12.50 28.43
N ALA F 382 -66.15 -12.35 27.86
CA ALA F 382 -64.90 -12.50 28.59
C ALA F 382 -64.57 -11.19 29.29
N HIS F 383 -63.35 -11.06 29.81
CA HIS F 383 -62.78 -9.88 30.48
C HIS F 383 -63.48 -9.55 31.80
N LYS F 384 -64.51 -10.30 32.20
CA LYS F 384 -65.12 -10.16 33.50
C LYS F 384 -64.90 -11.37 34.40
N HIS F 385 -64.54 -12.52 33.82
CA HIS F 385 -64.17 -13.70 34.57
C HIS F 385 -62.76 -14.17 34.28
N ALA F 386 -62.10 -13.61 33.27
CA ALA F 386 -60.73 -13.97 32.92
C ALA F 386 -60.05 -12.80 32.19
N PRO F 387 -59.64 -11.76 32.92
CA PRO F 387 -59.09 -10.57 32.24
C PRO F 387 -57.65 -10.72 31.78
N GLN F 388 -56.84 -11.44 32.55
CA GLN F 388 -55.41 -11.50 32.27
C GLN F 388 -55.12 -12.28 30.99
N GLN F 389 -55.72 -13.47 30.84
CA GLN F 389 -55.48 -14.27 29.64
C GLN F 389 -56.11 -13.63 28.41
N TYR F 390 -57.26 -12.97 28.57
CA TYR F 390 -57.87 -12.25 27.46
C TYR F 390 -56.99 -11.10 27.00
N LYS F 391 -56.44 -10.33 27.95
CA LYS F 391 -55.55 -9.24 27.61
C LYS F 391 -54.28 -9.76 26.94
N GLU F 392 -53.73 -10.87 27.44
CA GLU F 392 -52.53 -11.44 26.83
C GLU F 392 -52.80 -11.94 25.42
N ILE F 393 -53.95 -12.59 25.20
CA ILE F 393 -54.21 -13.14 23.86
C ILE F 393 -54.54 -12.04 22.86
N VAL F 394 -55.20 -10.95 23.30
CA VAL F 394 -55.44 -9.87 22.34
C VAL F 394 -54.14 -9.12 22.06
N GLU F 395 -53.25 -8.98 23.06
CA GLU F 395 -51.96 -8.36 22.83
C GLU F 395 -51.11 -9.19 21.87
N GLN F 396 -51.16 -10.52 22.02
CA GLN F 396 -50.46 -11.39 21.09
C GLN F 396 -51.03 -11.32 19.70
N GLY F 397 -52.36 -11.20 19.57
CA GLY F 397 -52.95 -10.99 18.26
C GLY F 397 -52.53 -9.67 17.62
N TYR F 398 -52.44 -8.62 18.44
CA TYR F 398 -52.02 -7.31 17.93
C TYR F 398 -50.59 -7.37 17.43
N PHE F 399 -49.72 -8.00 18.23
CA PHE F 399 -48.32 -8.17 17.86
C PHE F 399 -48.19 -9.04 16.62
N SER F 400 -49.03 -10.06 16.48
CA SER F 400 -48.99 -10.91 15.29
C SER F 400 -49.38 -10.16 14.04
N ILE F 401 -50.44 -9.36 14.11
CA ILE F 401 -50.88 -8.59 12.94
C ILE F 401 -49.80 -7.59 12.54
N LEU F 402 -49.27 -6.86 13.52
CA LEU F 402 -48.23 -5.88 13.21
C LEU F 402 -46.95 -6.54 12.73
N ALA F 403 -46.62 -7.73 13.25
CA ALA F 403 -45.42 -8.43 12.82
C ALA F 403 -45.55 -8.93 11.39
N GLU F 404 -46.73 -9.45 11.03
CA GLU F 404 -46.91 -9.89 9.64
C GLU F 404 -46.93 -8.71 8.69
N TYR F 405 -47.43 -7.55 9.14
CA TYR F 405 -47.41 -6.37 8.28
C TYR F 405 -46.00 -5.83 8.11
N VAL F 406 -45.19 -5.86 9.17
CA VAL F 406 -43.81 -5.39 9.08
C VAL F 406 -42.96 -6.35 8.25
N TYR F 407 -43.14 -7.65 8.45
CA TYR F 407 -42.33 -8.63 7.73
C TYR F 407 -42.72 -8.72 6.26
N SER F 408 -44.01 -8.52 5.94
CA SER F 408 -44.42 -8.58 4.54
C SER F 408 -43.87 -7.41 3.74
N TYR F 409 -43.94 -6.20 4.30
CA TYR F 409 -43.41 -4.99 3.68
C TYR F 409 -42.37 -4.42 4.65
N ASN F 410 -41.09 -4.56 4.27
CA ASN F 410 -39.93 -4.61 5.16
C ASN F 410 -39.96 -3.60 6.30
N GLY F 411 -39.99 -2.31 5.99
CA GLY F 411 -40.06 -1.32 7.03
C GLY F 411 -41.16 -0.30 6.83
N MET F 412 -41.73 -0.26 5.64
CA MET F 412 -42.72 0.74 5.29
C MET F 412 -44.04 0.41 5.96
N LEU F 413 -44.51 1.31 6.83
CA LEU F 413 -45.81 1.19 7.48
C LEU F 413 -46.66 2.36 7.01
N GLU F 414 -47.56 2.08 6.07
CA GLU F 414 -48.42 3.10 5.50
C GLU F 414 -49.71 3.19 6.30
N HIS F 415 -50.70 3.91 5.76
CA HIS F 415 -51.89 4.25 6.53
C HIS F 415 -52.79 3.05 6.77
N TYR F 416 -52.89 2.14 5.80
CA TYR F 416 -53.87 1.07 5.93
C TYR F 416 -53.48 0.00 6.94
N MET F 417 -52.19 -0.33 7.05
CA MET F 417 -51.79 -1.32 8.05
C MET F 417 -51.98 -0.80 9.47
N ILE F 418 -51.66 0.48 9.70
CA ILE F 418 -51.94 1.11 10.98
C ILE F 418 -53.44 1.14 11.24
N ALA F 419 -54.23 1.44 10.21
CA ALA F 419 -55.69 1.45 10.36
C ALA F 419 -56.23 0.06 10.66
N LYS F 420 -55.61 -0.98 10.08
CA LYS F 420 -56.05 -2.35 10.32
C LYS F 420 -55.76 -2.76 11.76
N VAL F 421 -54.57 -2.43 12.26
CA VAL F 421 -54.25 -2.73 13.66
C VAL F 421 -55.15 -1.93 14.59
N ILE F 422 -55.44 -0.67 14.24
CA ILE F 422 -56.32 0.16 15.07
C ILE F 422 -57.73 -0.40 15.07
N TYR F 423 -58.21 -0.92 13.94
CA TYR F 423 -59.52 -1.54 13.90
C TYR F 423 -59.56 -2.82 14.72
N ALA F 424 -58.50 -3.62 14.65
CA ALA F 424 -58.43 -4.81 15.49
C ALA F 424 -58.31 -4.48 16.97
N MET F 425 -57.82 -3.27 17.30
CA MET F 425 -57.50 -2.90 18.66
C MET F 425 -58.60 -2.11 19.37
N MET F 426 -59.38 -1.32 18.64
CA MET F 426 -60.46 -0.53 19.19
C MET F 426 -61.74 -0.73 18.39
N GLY F 427 -61.99 -1.95 17.92
CA GLY F 427 -63.13 -2.20 17.06
C GLY F 427 -64.47 -2.22 17.78
N ASN F 428 -64.46 -2.36 19.10
CA ASN F 428 -65.68 -2.38 19.90
C ASN F 428 -65.93 -1.07 20.63
N LYS F 429 -65.34 0.02 20.15
CA LYS F 429 -65.48 1.30 20.83
C LYS F 429 -65.89 2.41 19.86
N PHE F 430 -65.50 2.28 18.60
CA PHE F 430 -65.75 3.30 17.58
C PHE F 430 -66.50 2.69 16.40
N VAL F 431 -67.46 3.45 15.87
CA VAL F 431 -68.07 3.17 14.58
C VAL F 431 -68.13 4.48 13.80
N VAL F 432 -68.53 4.39 12.54
CA VAL F 432 -68.59 5.56 11.66
C VAL F 432 -69.71 5.34 10.65
N ASP F 433 -70.44 6.41 10.33
CA ASP F 433 -71.55 6.32 9.39
C ASP F 433 -71.53 7.52 8.44
N VAL F 434 -72.38 7.43 7.42
CA VAL F 434 -72.40 8.35 6.28
C VAL F 434 -73.78 9.01 6.24
N ASP F 435 -74.31 9.31 7.43
CA ASP F 435 -75.72 9.57 7.71
C ASP F 435 -76.52 10.43 6.74
N SER F 436 -76.18 11.72 6.61
CA SER F 436 -77.07 12.65 5.92
C SER F 436 -76.44 13.27 4.68
N ASN F 437 -75.30 13.94 4.81
CA ASN F 437 -74.73 14.73 3.72
C ASN F 437 -73.54 14.04 3.08
N GLY F 438 -73.42 12.73 3.21
CA GLY F 438 -72.28 12.03 2.67
C GLY F 438 -71.00 12.23 3.46
N LYS F 439 -71.10 12.72 4.69
CA LYS F 439 -69.95 12.92 5.55
C LYS F 439 -69.83 11.75 6.53
N TYR F 440 -68.60 11.42 6.90
CA TYR F 440 -68.35 10.28 7.77
C TYR F 440 -68.26 10.79 9.21
N VAL F 441 -69.36 10.65 9.94
CA VAL F 441 -69.42 11.05 11.35
C VAL F 441 -69.07 9.84 12.20
N TRP F 442 -68.34 10.06 13.29
CA TRP F 442 -67.90 8.99 14.16
C TRP F 442 -68.82 8.87 15.36
N PHE F 443 -68.84 7.69 15.96
CA PHE F 443 -69.56 7.46 17.20
C PHE F 443 -68.65 6.67 18.13
N GLU F 444 -68.43 7.21 19.32
CA GLU F 444 -67.52 6.64 20.29
C GLU F 444 -68.30 6.12 21.48
N PHE F 445 -68.04 4.88 21.86
CA PHE F 445 -68.58 4.33 23.11
C PHE F 445 -67.79 4.90 24.27
N VAL F 446 -68.50 5.37 25.29
CA VAL F 446 -67.87 6.03 26.43
C VAL F 446 -67.75 5.04 27.57
N LEU F 447 -66.77 5.30 28.44
CA LEU F 447 -66.44 4.49 29.59
C LEU F 447 -66.44 5.38 30.82
N PRO F 448 -66.63 4.82 32.02
CA PRO F 448 -66.61 5.66 33.23
C PRO F 448 -65.28 6.34 33.50
N GLY F 449 -64.17 5.84 32.96
CA GLY F 449 -62.90 6.51 33.10
C GLY F 449 -62.59 7.47 31.97
N GLN F 450 -63.62 8.19 31.51
CA GLN F 450 -63.51 9.12 30.41
C GLN F 450 -64.24 10.41 30.76
N PRO F 451 -63.84 11.56 30.19
CA PRO F 451 -64.57 12.80 30.44
C PRO F 451 -65.80 12.90 29.57
N MET F 452 -66.97 12.74 30.19
CA MET F 452 -68.27 12.90 29.55
C MET F 452 -68.85 14.25 29.94
N ASN F 453 -70.10 14.50 29.54
CA ASN F 453 -70.73 15.79 29.88
C ASN F 453 -71.49 15.69 31.20
N GLN F 454 -72.58 14.92 31.21
CA GLN F 454 -73.24 14.62 32.47
C GLN F 454 -73.64 13.15 32.59
N GLY F 455 -74.12 12.58 31.49
CA GLY F 455 -74.77 11.29 31.56
C GLY F 455 -74.46 10.32 30.45
N GLU F 456 -73.56 10.71 29.55
CA GLU F 456 -73.09 9.76 28.55
C GLU F 456 -72.12 8.78 29.21
N ILE F 457 -72.65 7.66 29.70
CA ILE F 457 -71.86 6.69 30.44
C ILE F 457 -71.69 5.39 29.67
N TRP F 458 -72.76 4.89 29.06
CA TRP F 458 -72.70 3.61 28.35
C TRP F 458 -73.45 3.70 27.02
N LYS F 459 -73.23 4.79 26.28
CA LYS F 459 -73.91 4.95 24.99
C LYS F 459 -73.00 5.71 24.04
N TRP F 460 -73.28 5.56 22.76
CA TRP F 460 -72.44 6.15 21.72
C TRP F 460 -72.64 7.65 21.65
N ARG F 461 -71.54 8.40 21.62
CA ARG F 461 -71.58 9.84 21.44
C ARG F 461 -71.07 10.21 20.06
N LYS F 462 -71.66 11.26 19.48
CA LYS F 462 -71.35 11.67 18.13
C LYS F 462 -70.09 12.54 18.13
N GLU F 463 -69.18 12.27 17.20
CA GLU F 463 -67.92 12.98 17.11
C GLU F 463 -67.66 13.39 15.66
N VAL F 464 -67.15 14.60 15.49
CA VAL F 464 -66.74 15.06 14.17
C VAL F 464 -65.30 14.63 13.87
N ASN F 465 -64.42 14.71 14.86
CA ASN F 465 -63.05 14.23 14.75
C ASN F 465 -62.80 13.24 15.89
N PRO F 466 -62.26 12.06 15.60
CA PRO F 466 -62.01 11.09 16.67
C PRO F 466 -60.82 11.49 17.53
N ASP F 467 -61.07 12.38 18.50
CA ASP F 467 -60.01 12.88 19.37
C ASP F 467 -59.41 11.75 20.22
N GLU F 468 -60.27 10.87 20.74
CA GLU F 468 -59.77 9.75 21.53
C GLU F 468 -58.94 8.81 20.68
N LEU F 469 -59.37 8.55 19.44
CA LEU F 469 -58.57 7.72 18.54
C LEU F 469 -57.28 8.43 18.13
N HIS F 470 -57.32 9.75 17.98
CA HIS F 470 -56.11 10.51 17.64
C HIS F 470 -55.09 10.42 18.77
N ILE F 471 -55.55 10.49 20.02
CA ILE F 471 -54.63 10.28 21.15
C ILE F 471 -54.17 8.83 21.20
N TYR F 472 -55.08 7.90 20.88
CA TYR F 472 -54.81 6.48 21.05
C TYR F 472 -53.80 5.96 20.04
N ILE F 473 -53.77 6.54 18.84
CA ILE F 473 -52.80 6.14 17.83
C ILE F 473 -51.37 6.44 18.30
N SER F 474 -51.17 7.58 18.95
CA SER F 474 -49.84 7.98 19.37
C SER F 474 -49.44 7.43 20.73
N GLU F 475 -50.40 7.20 21.62
CA GLU F 475 -50.07 6.78 22.98
C GLU F 475 -50.08 5.26 23.15
N ASN F 476 -51.24 4.63 22.94
CA ASN F 476 -51.36 3.21 23.23
C ASN F 476 -50.72 2.34 22.16
N PHE F 477 -50.84 2.74 20.88
CA PHE F 477 -50.28 1.96 19.79
C PHE F 477 -48.75 2.03 19.75
N SER F 478 -48.16 3.08 20.34
CA SER F 478 -46.71 3.17 20.42
C SER F 478 -46.12 2.07 21.29
N ARG F 479 -46.89 1.56 22.25
CA ARG F 479 -46.42 0.42 23.04
C ARG F 479 -46.25 -0.82 22.18
N VAL F 480 -47.20 -1.07 21.28
CA VAL F 480 -47.05 -2.15 20.30
C VAL F 480 -45.89 -1.84 19.35
N MET F 481 -45.65 -0.55 19.07
CA MET F 481 -44.52 -0.18 18.23
C MET F 481 -43.19 -0.60 18.87
N ASP F 482 -43.02 -0.28 20.17
CA ASP F 482 -41.79 -0.70 20.84
C ASP F 482 -41.76 -2.20 21.06
N ARG F 483 -42.92 -2.87 21.16
CA ARG F 483 -42.91 -4.33 21.23
C ARG F 483 -42.35 -4.94 19.95
N ILE F 484 -42.76 -4.41 18.80
CA ILE F 484 -42.23 -4.89 17.52
C ILE F 484 -40.73 -4.59 17.44
N THR F 485 -40.32 -3.41 17.90
CA THR F 485 -38.91 -3.05 17.92
C THR F 485 -38.10 -4.00 18.81
N GLU F 486 -38.65 -4.36 19.97
CA GLU F 486 -37.97 -5.26 20.89
C GLU F 486 -37.82 -6.65 20.28
N HIS F 487 -38.86 -7.11 19.57
CA HIS F 487 -38.77 -8.40 18.89
C HIS F 487 -37.72 -8.38 17.79
N ILE F 488 -37.64 -7.28 17.04
CA ILE F 488 -36.63 -7.15 15.99
C ILE F 488 -35.23 -7.15 16.60
N LYS F 489 -35.05 -6.45 17.72
CA LYS F 489 -33.76 -6.42 18.39
C LYS F 489 -33.38 -7.79 18.96
N TYR F 490 -34.37 -8.53 19.46
CA TYR F 490 -34.10 -9.87 19.96
C TYR F 490 -33.69 -10.80 18.83
N HIS F 491 -34.34 -10.70 17.67
CA HIS F 491 -33.93 -11.48 16.51
C HIS F 491 -32.56 -11.06 16.01
N LEU F 492 -32.20 -9.79 16.18
CA LEU F 492 -30.88 -9.32 15.79
C LEU F 492 -29.80 -9.86 16.71
N SER F 493 -30.10 -9.97 18.01
CA SER F 493 -29.13 -10.47 18.99
C SER F 493 -29.24 -11.99 19.12
N GLN F 494 -29.03 -12.66 17.98
CA GLN F 494 -29.09 -14.11 17.88
C GLN F 494 -27.90 -14.62 17.08
N PRO F 495 -27.45 -15.84 17.35
CA PRO F 495 -26.34 -16.39 16.53
C PRO F 495 -26.81 -16.91 15.18
N HIS F 496 -27.12 -15.98 14.28
CA HIS F 496 -27.47 -16.29 12.91
C HIS F 496 -26.28 -16.06 12.00
N GLU F 497 -26.50 -16.24 10.70
CA GLU F 497 -25.46 -16.00 9.71
C GLU F 497 -25.37 -14.51 9.39
N SER F 498 -24.46 -14.16 8.48
CA SER F 498 -24.19 -12.75 8.19
C SER F 498 -25.31 -12.14 7.36
N ASN F 499 -25.85 -12.88 6.40
CA ASN F 499 -26.90 -12.34 5.52
C ASN F 499 -28.18 -12.07 6.29
N ILE F 500 -28.53 -12.97 7.21
CA ILE F 500 -29.71 -12.77 8.06
C ILE F 500 -29.54 -11.54 8.93
N LEU F 501 -28.33 -11.36 9.48
CA LEU F 501 -28.06 -10.17 10.29
C LEU F 501 -28.12 -8.89 9.47
N ASN F 502 -27.63 -8.93 8.23
CA ASN F 502 -27.71 -7.75 7.36
C ASN F 502 -29.16 -7.42 7.00
N TYR F 503 -29.95 -8.46 6.71
CA TYR F 503 -31.37 -8.25 6.42
C TYR F 503 -32.11 -7.69 7.63
N TYR F 504 -31.80 -8.19 8.82
CA TYR F 504 -32.44 -7.69 10.03
C TYR F 504 -32.00 -6.26 10.34
N LYS F 505 -30.74 -5.92 10.07
CA LYS F 505 -30.27 -4.54 10.26
C LYS F 505 -30.98 -3.58 9.31
N LYS F 506 -31.13 -3.98 8.04
CA LYS F 506 -31.84 -3.15 7.08
C LYS F 506 -33.31 -2.99 7.48
N LEU F 507 -33.94 -4.08 7.92
CA LEU F 507 -35.32 -4.02 8.38
C LEU F 507 -35.46 -3.13 9.60
N LEU F 508 -34.51 -3.21 10.54
CA LEU F 508 -34.56 -2.41 11.74
C LEU F 508 -34.37 -0.92 11.43
N LYS F 509 -33.46 -0.58 10.52
CA LYS F 509 -33.25 0.84 10.23
C LYS F 509 -34.42 1.43 9.45
N ALA F 510 -34.97 0.69 8.48
CA ALA F 510 -36.14 1.17 7.76
C ALA F 510 -37.34 1.28 8.69
N PHE F 511 -37.50 0.30 9.59
CA PHE F 511 -38.57 0.34 10.57
C PHE F 511 -38.40 1.51 11.55
N GLU F 512 -37.16 1.83 11.91
CA GLU F 512 -36.93 2.92 12.84
C GLU F 512 -37.20 4.27 12.17
N ARG F 513 -36.90 4.39 10.88
CA ARG F 513 -37.30 5.60 10.16
C ARG F 513 -38.82 5.70 10.02
N SER F 514 -39.51 4.57 9.90
CA SER F 514 -40.97 4.62 9.79
C SER F 514 -41.69 4.64 11.13
N LYS F 515 -40.96 4.43 12.24
CA LYS F 515 -41.62 4.36 13.55
C LYS F 515 -42.16 5.72 13.99
N SER F 516 -41.43 6.79 13.71
CA SER F 516 -41.85 8.12 14.13
C SER F 516 -43.00 8.66 13.31
N LYS F 517 -43.37 8.00 12.20
CA LYS F 517 -44.45 8.47 11.34
C LYS F 517 -45.81 8.41 12.02
N ILE F 518 -45.98 7.58 13.05
CA ILE F 518 -47.26 7.48 13.74
C ILE F 518 -47.55 8.69 14.61
N PHE F 519 -46.61 9.60 14.77
CA PHE F 519 -46.83 10.86 15.46
C PHE F 519 -47.07 12.03 14.51
N ASN F 520 -46.81 11.84 13.21
CA ASN F 520 -47.03 12.90 12.23
C ASN F 520 -48.52 13.16 12.06
N ASP F 521 -48.87 14.44 11.92
CA ASP F 521 -50.28 14.81 11.84
C ASP F 521 -50.92 14.37 10.52
N SER F 522 -50.20 14.55 9.41
CA SER F 522 -50.72 14.14 8.11
C SER F 522 -50.90 12.63 8.04
N PHE F 523 -49.93 11.88 8.57
CA PHE F 523 -50.02 10.43 8.61
C PHE F 523 -51.19 9.97 9.47
N LYS F 524 -51.40 10.62 10.62
CA LYS F 524 -52.51 10.23 11.48
C LYS F 524 -53.86 10.59 10.87
N LYS F 525 -53.92 11.72 10.15
CA LYS F 525 -55.15 12.06 9.43
C LYS F 525 -55.44 11.06 8.33
N GLY F 526 -54.39 10.61 7.62
CA GLY F 526 -54.58 9.56 6.63
C GLY F 526 -55.00 8.24 7.24
N VAL F 527 -54.47 7.92 8.42
CA VAL F 527 -54.85 6.70 9.13
C VAL F 527 -56.32 6.77 9.53
N ILE F 528 -56.78 7.93 10.01
CA ILE F 528 -58.18 8.10 10.38
C ILE F 528 -59.07 7.98 9.15
N ARG F 529 -58.68 8.63 8.05
CA ARG F 529 -59.48 8.56 6.83
C ARG F 529 -59.45 7.19 6.17
N GLN F 530 -58.43 6.37 6.48
CA GLN F 530 -58.42 4.99 5.99
C GLN F 530 -59.21 4.06 6.89
N ALA F 531 -59.20 4.30 8.21
CA ALA F 531 -60.01 3.52 9.13
C ALA F 531 -61.48 3.89 9.07
N GLU F 532 -61.81 5.02 8.45
CA GLU F 532 -63.22 5.34 8.20
C GLU F 532 -63.89 4.30 7.32
N PHE F 533 -63.14 3.69 6.40
CA PHE F 533 -63.68 2.60 5.59
C PHE F 533 -63.67 1.26 6.32
N LEU F 534 -62.95 1.15 7.43
CA LEU F 534 -62.79 -0.10 8.15
C LEU F 534 -63.64 -0.18 9.41
N PHE F 535 -63.98 0.95 10.02
CA PHE F 535 -64.85 1.01 11.18
C PHE F 535 -66.32 1.10 10.80
N ARG F 536 -66.67 0.77 9.57
CA ARG F 536 -68.01 0.99 9.07
C ARG F 536 -69.02 0.07 9.72
N GLN F 537 -70.27 0.50 9.75
CA GLN F 537 -71.38 -0.29 10.26
C GLN F 537 -72.50 -0.48 9.27
N ARG F 538 -72.73 0.50 8.38
CA ARG F 538 -73.66 0.47 7.24
C ARG F 538 -75.12 0.52 7.67
N SER F 539 -75.38 0.43 8.98
CA SER F 539 -76.76 0.53 9.47
C SER F 539 -76.85 1.27 10.80
N PHE F 540 -75.77 1.93 11.24
CA PHE F 540 -75.73 2.47 12.60
C PHE F 540 -76.69 3.63 12.78
N ILE F 541 -76.67 4.59 11.85
CA ILE F 541 -77.57 5.74 11.94
C ILE F 541 -79.01 5.31 11.67
N GLN F 542 -79.19 4.31 10.80
CA GLN F 542 -80.53 3.84 10.45
C GLN F 542 -81.28 3.30 11.67
N THR F 543 -80.58 2.57 12.54
CA THR F 543 -81.15 2.15 13.82
C THR F 543 -80.30 2.75 14.95
N LEU F 544 -80.62 3.98 15.33
CA LEU F 544 -80.01 4.63 16.49
C LEU F 544 -80.93 4.58 17.70
N ASP F 545 -82.13 5.13 17.59
CA ASP F 545 -83.14 5.08 18.63
C ASP F 545 -84.45 4.55 18.09
N THR F 546 -84.36 3.50 17.25
CA THR F 546 -85.55 2.97 16.59
C THR F 546 -86.46 2.25 17.59
N ASN F 547 -85.89 1.43 18.45
CA ASN F 547 -86.71 0.69 19.40
C ASN F 547 -87.19 1.63 20.51
N PRO F 548 -88.40 1.39 21.04
CA PRO F 548 -88.92 2.25 22.12
C PRO F 548 -88.60 1.77 23.52
N HIS F 549 -88.15 0.53 23.68
CA HIS F 549 -87.96 -0.06 25.00
C HIS F 549 -86.59 0.23 25.60
N LEU F 550 -85.72 0.92 24.88
CA LEU F 550 -84.41 1.31 25.40
C LEU F 550 -84.36 2.83 25.50
N LEU F 551 -83.90 3.31 26.65
CA LEU F 551 -83.99 4.73 26.98
C LEU F 551 -82.67 5.23 27.53
N GLY F 552 -82.24 6.39 27.05
CA GLY F 552 -81.00 7.00 27.53
C GLY F 552 -81.22 7.65 28.88
N VAL F 553 -80.38 7.27 29.85
CA VAL F 553 -80.51 7.75 31.22
C VAL F 553 -79.14 8.23 31.69
N GLY F 554 -79.15 9.05 32.74
CA GLY F 554 -77.92 9.63 33.24
C GLY F 554 -76.96 8.62 33.83
N ASN F 555 -77.49 7.56 34.44
CA ASN F 555 -76.66 6.54 35.07
C ASN F 555 -76.20 5.46 34.11
N GLY F 556 -76.65 5.48 32.86
CA GLY F 556 -76.34 4.42 31.91
C GLY F 556 -77.43 4.24 30.88
N VAL F 557 -77.93 3.03 30.73
CA VAL F 557 -79.00 2.72 29.77
C VAL F 557 -80.12 2.03 30.52
N LEU F 558 -81.34 2.56 30.41
CA LEU F 558 -82.51 1.99 31.06
C LEU F 558 -83.31 1.17 30.06
N SER F 559 -83.72 -0.02 30.47
CA SER F 559 -84.50 -0.92 29.63
C SER F 559 -85.82 -1.25 30.31
N ILE F 560 -86.89 -1.26 29.52
CA ILE F 560 -88.23 -1.49 30.06
C ILE F 560 -88.92 -2.63 29.33
N GLU F 561 -88.14 -3.60 28.83
CA GLU F 561 -88.72 -4.79 28.21
C GLU F 561 -89.50 -5.60 29.24
N THR F 562 -88.90 -5.87 30.40
CA THR F 562 -89.51 -6.69 31.42
C THR F 562 -90.10 -5.80 32.52
N ILE F 563 -90.71 -6.43 33.52
CA ILE F 563 -91.25 -5.69 34.65
C ILE F 563 -90.17 -4.99 35.47
N PRO F 564 -89.06 -5.63 35.88
CA PRO F 564 -88.02 -4.84 36.54
C PRO F 564 -87.22 -4.02 35.53
N ALA F 565 -86.85 -2.82 35.96
CA ALA F 565 -85.98 -1.97 35.13
C ALA F 565 -84.57 -2.54 35.14
N LYS F 566 -84.03 -2.83 33.95
CA LYS F 566 -82.75 -3.49 33.86
C LYS F 566 -81.61 -2.59 34.30
N LEU F 567 -81.62 -1.33 33.84
CA LEU F 567 -80.58 -0.33 34.11
C LEU F 567 -79.20 -0.86 33.68
N ILE F 568 -79.06 -1.01 32.37
CA ILE F 568 -77.86 -1.59 31.76
C ILE F 568 -76.66 -0.71 32.07
N ASN F 569 -75.74 -1.24 32.88
CA ASN F 569 -74.58 -0.52 33.37
C ASN F 569 -73.30 -1.23 32.94
N HIS F 570 -73.30 -1.79 31.73
CA HIS F 570 -72.16 -2.51 31.20
C HIS F 570 -72.12 -2.32 29.70
N PHE F 571 -71.15 -2.96 29.05
CA PHE F 571 -71.07 -2.92 27.59
C PHE F 571 -72.24 -3.67 26.98
N HIS F 572 -72.76 -3.11 25.88
CA HIS F 572 -73.95 -3.65 25.25
C HIS F 572 -73.94 -3.31 23.77
N GLU F 573 -74.75 -4.02 23.02
CA GLU F 573 -74.86 -3.82 21.57
C GLU F 573 -75.92 -2.81 21.18
N HIS F 574 -76.68 -2.29 22.14
CA HIS F 574 -77.77 -1.36 21.82
C HIS F 574 -77.18 -0.03 21.38
N PRO F 575 -77.44 0.41 20.14
CA PRO F 575 -76.77 1.59 19.59
C PRO F 575 -77.51 2.91 19.80
N ILE F 576 -77.85 3.22 21.04
CA ILE F 576 -78.57 4.44 21.35
C ILE F 576 -77.56 5.58 21.53
N HIS F 577 -77.94 6.76 21.07
CA HIS F 577 -77.07 7.94 21.14
C HIS F 577 -77.66 9.06 21.99
N GLN F 578 -78.94 9.39 21.78
CA GLN F 578 -79.56 10.45 22.55
C GLN F 578 -79.82 9.97 23.98
N TYR F 579 -79.90 10.94 24.89
CA TYR F 579 -79.98 10.62 26.31
C TYR F 579 -80.58 11.78 27.08
N THR F 580 -80.98 11.49 28.32
CA THR F 580 -81.40 12.50 29.28
C THR F 580 -80.34 12.56 30.37
N HIS F 581 -79.75 13.75 30.55
CA HIS F 581 -78.67 13.93 31.51
C HIS F 581 -79.17 14.12 32.94
N ILE F 582 -80.48 14.20 33.15
CA ILE F 582 -81.04 14.59 34.44
C ILE F 582 -82.01 13.55 34.99
N CYS F 583 -82.30 12.49 34.23
CA CYS F 583 -83.20 11.44 34.71
C CYS F 583 -82.63 10.74 35.94
N TYR F 584 -81.49 10.04 35.78
CA TYR F 584 -80.69 9.50 36.88
C TYR F 584 -81.48 8.58 37.79
N VAL F 585 -81.94 7.45 37.24
CA VAL F 585 -82.86 6.58 37.96
C VAL F 585 -82.16 5.83 39.09
N PRO F 586 -82.58 6.04 40.36
CA PRO F 586 -82.08 5.23 41.48
C PRO F 586 -82.99 4.04 41.79
N PHE F 587 -83.31 3.25 40.76
CA PHE F 587 -84.38 2.25 40.80
C PHE F 587 -85.67 2.87 41.32
N ASN F 588 -86.16 2.38 42.47
CA ASN F 588 -87.32 2.97 43.12
C ASN F 588 -87.28 2.69 44.62
N PRO F 589 -86.65 3.54 45.42
CA PRO F 589 -86.69 3.38 46.87
C PRO F 589 -87.94 4.02 47.46
N GLU F 590 -88.05 3.96 48.77
CA GLU F 590 -89.15 4.59 49.49
C GLU F 590 -88.61 5.63 50.47
N ASN F 591 -87.67 6.45 50.00
CA ASN F 591 -87.02 7.43 50.85
C ASN F 591 -87.92 8.65 51.04
N PRO F 592 -87.36 9.73 51.62
CA PRO F 592 -88.14 10.91 51.93
C PRO F 592 -88.61 11.62 50.67
N TRP F 593 -87.76 11.66 49.63
CA TRP F 593 -88.12 12.39 48.41
C TRP F 593 -89.28 11.72 47.68
N THR F 594 -89.24 10.40 47.54
CA THR F 594 -90.34 9.69 46.91
C THR F 594 -91.62 9.81 47.71
N LYS F 595 -91.51 9.74 49.05
CA LYS F 595 -92.67 9.88 49.91
C LYS F 595 -93.31 11.26 49.79
N LEU F 596 -92.49 12.32 49.77
CA LEU F 596 -93.04 13.66 49.66
C LEU F 596 -93.58 13.92 48.26
N LEU F 597 -92.97 13.35 47.22
CA LEU F 597 -93.53 13.46 45.88
C LEU F 597 -94.89 12.78 45.78
N LEU F 598 -95.01 11.59 46.37
CA LEU F 598 -96.29 10.89 46.37
C LEU F 598 -97.35 11.65 47.16
N ASN F 599 -96.96 12.21 48.31
CA ASN F 599 -97.90 13.01 49.10
C ASN F 599 -98.27 14.30 48.39
N ALA F 600 -97.39 14.83 47.54
CA ALA F 600 -97.72 16.00 46.75
C ALA F 600 -98.70 15.68 45.63
N LEU F 601 -98.49 14.55 44.94
CA LEU F 601 -99.33 14.25 43.79
C LEU F 601 -100.73 13.78 44.18
N GLN F 602 -100.85 12.97 45.22
CA GLN F 602 -102.15 12.49 45.67
C GLN F 602 -102.54 13.19 46.97
N ASP F 603 -103.67 12.75 47.54
CA ASP F 603 -104.28 13.30 48.76
C ASP F 603 -104.67 14.77 48.59
N ILE F 604 -104.88 15.21 47.35
CA ILE F 604 -105.40 16.54 47.07
C ILE F 604 -106.73 16.49 46.33
N ILE F 605 -106.86 15.57 45.37
CA ILE F 605 -108.09 15.33 44.65
C ILE F 605 -108.64 13.98 45.09
N PRO F 606 -109.87 13.91 45.61
CA PRO F 606 -110.41 12.63 46.07
C PRO F 606 -110.79 11.73 44.90
N GLU F 607 -110.42 10.46 45.00
CA GLU F 607 -110.70 9.47 43.97
C GLU F 607 -111.48 8.30 44.57
N LEU F 608 -112.23 7.63 43.70
CA LEU F 608 -113.03 6.47 44.08
C LEU F 608 -112.37 5.20 43.56
N ASP F 609 -112.43 4.15 44.39
CA ASP F 609 -111.80 2.83 44.20
C ASP F 609 -110.40 2.88 43.62
N ALA F 610 -109.60 3.84 44.10
CA ALA F 610 -108.22 4.08 43.67
C ALA F 610 -108.13 4.32 42.16
N ARG F 611 -108.82 5.37 41.72
CA ARG F 611 -108.74 5.80 40.33
C ARG F 611 -107.37 6.39 40.04
N LEU F 612 -106.75 5.95 38.94
CA LEU F 612 -105.37 6.35 38.67
C LEU F 612 -105.14 6.72 37.20
N TRP F 613 -106.16 7.17 36.48
CA TRP F 613 -106.07 7.26 35.02
C TRP F 613 -105.15 8.38 34.56
N ILE F 614 -105.21 9.55 35.21
CA ILE F 614 -104.51 10.73 34.68
C ILE F 614 -103.00 10.60 34.84
N MET F 615 -102.53 10.12 35.99
CA MET F 615 -101.08 9.93 36.12
C MET F 615 -100.60 8.61 35.53
N PHE F 616 -101.51 7.70 35.18
CA PHE F 616 -101.12 6.60 34.30
C PHE F 616 -100.90 7.12 32.88
N TYR F 617 -101.69 8.10 32.46
CA TYR F 617 -101.44 8.77 31.18
C TYR F 617 -100.22 9.69 31.25
N LEU F 618 -99.84 10.13 32.46
CA LEU F 618 -98.57 10.84 32.61
C LEU F 618 -97.39 9.94 32.28
N SER F 619 -97.55 8.63 32.43
CA SER F 619 -96.58 7.66 31.96
C SER F 619 -96.75 7.46 30.45
N THR F 620 -96.11 6.42 29.91
CA THR F 620 -96.04 6.10 28.49
C THR F 620 -95.43 7.21 27.63
N ALA F 621 -94.78 8.18 28.25
CA ALA F 621 -94.00 9.18 27.54
C ALA F 621 -92.57 8.73 27.32
N ILE F 622 -92.19 7.57 27.86
CA ILE F 622 -90.86 7.02 27.68
C ILE F 622 -90.89 6.00 26.54
N PHE F 623 -92.01 5.98 25.82
CA PHE F 623 -92.18 5.13 24.64
C PHE F 623 -92.19 6.00 23.39
N ARG F 624 -91.85 5.40 22.24
CA ARG F 624 -91.84 6.15 20.99
C ARG F 624 -93.25 6.35 20.45
N GLY F 625 -93.92 5.26 20.12
CA GLY F 625 -95.24 5.32 19.52
C GLY F 625 -95.96 4.01 19.65
N LEU F 626 -96.70 3.65 18.58
CA LEU F 626 -97.53 2.44 18.49
C LEU F 626 -98.40 2.23 19.73
N LYS F 627 -99.00 3.33 20.20
CA LYS F 627 -99.81 3.31 21.41
C LYS F 627 -101.15 3.99 21.16
N GLU F 628 -101.90 4.24 22.24
CA GLU F 628 -103.19 4.91 22.12
C GLU F 628 -102.98 6.39 21.77
N ALA F 629 -103.93 6.94 21.03
CA ALA F 629 -103.86 8.30 20.50
C ALA F 629 -104.66 9.29 21.35
N LEU F 630 -104.62 9.13 22.67
CA LEU F 630 -105.38 9.99 23.57
C LEU F 630 -104.84 11.41 23.57
N MET F 631 -105.65 12.33 24.10
CA MET F 631 -105.36 13.76 24.01
C MET F 631 -105.96 14.40 25.27
N LEU F 632 -105.11 14.61 26.27
CA LEU F 632 -105.55 15.03 27.60
C LEU F 632 -105.47 16.55 27.77
N LEU F 633 -106.52 17.13 28.33
CA LEU F 633 -106.59 18.57 28.60
C LEU F 633 -106.57 18.78 30.11
N TRP F 634 -105.49 19.38 30.61
CA TRP F 634 -105.34 19.71 32.01
C TRP F 634 -105.85 21.11 32.35
N LEU F 635 -106.28 21.88 31.35
CA LEU F 635 -106.53 23.31 31.54
C LEU F 635 -107.70 23.55 32.48
N GLY F 636 -107.57 24.60 33.29
CA GLY F 636 -108.56 24.93 34.30
C GLY F 636 -107.92 25.30 35.63
N GLY F 637 -108.28 26.46 36.16
CA GLY F 637 -107.71 26.96 37.39
C GLY F 637 -106.59 27.95 37.15
N GLY F 638 -106.38 28.82 38.14
CA GLY F 638 -105.38 29.87 38.02
C GLY F 638 -104.01 29.49 38.55
N CYS F 639 -103.94 29.02 39.79
CA CYS F 639 -102.70 28.64 40.44
C CYS F 639 -102.79 27.22 40.97
N ASN F 640 -103.32 26.32 40.15
CA ASN F 640 -103.50 24.93 40.52
C ASN F 640 -102.25 24.14 40.13
N GLY F 641 -102.34 22.80 40.14
CA GLY F 641 -101.21 21.91 39.87
C GLY F 641 -100.98 21.67 38.39
N LYS F 642 -101.41 22.58 37.51
CA LYS F 642 -101.10 22.46 36.09
C LYS F 642 -99.61 22.68 35.84
N THR F 643 -99.12 23.87 36.16
CA THR F 643 -97.78 24.28 35.73
C THR F 643 -96.69 23.48 36.43
N PHE F 644 -96.83 23.25 37.74
CA PHE F 644 -95.80 22.53 38.49
C PHE F 644 -95.67 21.10 37.99
N LEU F 645 -96.77 20.36 37.90
CA LEU F 645 -96.73 18.97 37.46
C LEU F 645 -96.28 18.88 36.01
N MET F 646 -96.80 19.76 35.15
CA MET F 646 -96.48 19.72 33.73
C MET F 646 -95.01 20.04 33.48
N ARG F 647 -94.50 21.09 34.14
CA ARG F 647 -93.10 21.48 33.99
C ARG F 647 -92.20 20.40 34.56
N LEU F 648 -92.64 19.73 35.64
CA LEU F 648 -91.86 18.66 36.24
C LEU F 648 -91.77 17.46 35.30
N VAL F 649 -92.88 17.11 34.64
CA VAL F 649 -92.84 16.03 33.64
C VAL F 649 -91.91 16.41 32.49
N ALA F 650 -91.92 17.68 32.09
CA ALA F 650 -91.06 18.13 31.00
C ALA F 650 -89.58 18.02 31.37
N MET F 651 -89.19 18.52 32.54
CA MET F 651 -87.78 18.49 32.96
C MET F 651 -87.33 17.17 33.57
N VAL F 652 -88.21 16.21 33.84
CA VAL F 652 -87.71 14.86 34.10
C VAL F 652 -87.11 14.28 32.83
N LEU F 653 -87.82 14.43 31.71
CA LEU F 653 -87.32 14.02 30.41
C LEU F 653 -86.41 15.12 29.87
N GLY F 654 -85.81 14.86 28.70
CA GLY F 654 -84.87 15.82 28.14
C GLY F 654 -85.05 16.00 26.65
N ASP F 655 -83.95 15.85 25.90
CA ASP F 655 -84.02 15.95 24.45
C ASP F 655 -84.78 14.79 23.82
N HIS F 656 -85.01 13.70 24.58
CA HIS F 656 -85.86 12.63 24.09
C HIS F 656 -87.30 13.10 23.90
N TYR F 657 -87.88 13.72 24.94
CA TYR F 657 -89.29 14.11 24.91
C TYR F 657 -89.43 15.51 25.50
N ALA F 658 -89.34 16.53 24.63
CA ALA F 658 -89.63 17.90 25.00
C ALA F 658 -89.88 18.69 23.73
N SER F 659 -91.05 19.34 23.65
CA SER F 659 -91.39 20.11 22.46
C SER F 659 -92.39 21.19 22.85
N LYS F 660 -91.97 22.45 22.78
CA LYS F 660 -92.87 23.59 22.98
C LYS F 660 -93.47 23.91 21.62
N LEU F 661 -94.71 23.48 21.41
CA LEU F 661 -95.44 23.78 20.18
C LEU F 661 -96.15 25.11 20.33
N ASN F 662 -95.93 26.00 19.37
CA ASN F 662 -96.37 27.39 19.50
C ASN F 662 -97.84 27.51 19.11
N ILE F 663 -98.30 28.76 18.98
CA ILE F 663 -99.71 29.04 18.76
C ILE F 663 -100.15 28.64 17.35
N SER F 664 -99.33 28.99 16.35
CA SER F 664 -99.74 28.83 14.96
C SER F 664 -99.71 27.38 14.47
N LEU F 665 -99.15 26.45 15.25
CA LEU F 665 -99.06 25.07 14.80
C LEU F 665 -100.41 24.37 14.83
N LEU F 666 -101.24 24.66 15.84
CA LEU F 666 -102.50 23.96 16.00
C LEU F 666 -103.72 24.87 16.08
N THR F 667 -103.56 26.17 16.32
CA THR F 667 -104.69 27.09 16.35
C THR F 667 -104.77 27.97 15.11
N SER F 668 -103.70 28.67 14.78
CA SER F 668 -103.67 29.53 13.62
C SER F 668 -103.16 28.78 12.39
N ALA F 679 -91.03 23.09 11.41
CA ALA F 679 -92.32 23.66 11.81
C ALA F 679 -92.98 22.79 12.87
N PHE F 680 -93.71 21.77 12.43
CA PHE F 680 -94.41 20.87 13.34
C PHE F 680 -93.88 19.45 13.30
N MET F 681 -92.81 19.18 12.55
CA MET F 681 -92.24 17.84 12.44
C MET F 681 -91.24 17.53 13.55
N ARG F 682 -91.17 18.36 14.59
CA ARG F 682 -90.26 18.13 15.70
C ARG F 682 -90.73 16.99 16.61
N LEU F 683 -91.94 16.50 16.44
CA LEU F 683 -92.46 15.41 17.24
C LEU F 683 -91.98 14.04 16.77
N LYS F 684 -91.25 13.97 15.66
CA LYS F 684 -90.71 12.70 15.19
C LYS F 684 -89.60 12.24 16.13
N GLY F 685 -89.71 11.00 16.59
CA GLY F 685 -88.81 10.52 17.62
C GLY F 685 -89.10 11.06 19.00
N ARG F 686 -90.26 11.69 19.19
CA ARG F 686 -90.63 12.31 20.46
C ARG F 686 -91.90 11.64 20.98
N GLY F 687 -92.06 11.66 22.30
CA GLY F 687 -93.19 11.00 22.92
C GLY F 687 -93.91 11.84 23.96
N TYR F 688 -93.63 13.13 24.00
CA TYR F 688 -94.28 14.03 24.95
C TYR F 688 -94.26 15.43 24.39
N GLY F 689 -95.44 15.93 23.99
CA GLY F 689 -95.59 17.31 23.57
C GLY F 689 -96.48 18.06 24.53
N TYR F 690 -96.16 19.32 24.78
CA TYR F 690 -96.85 20.11 25.79
C TYR F 690 -97.30 21.45 25.22
N PHE F 691 -98.42 21.94 25.75
CA PHE F 691 -98.97 23.25 25.39
C PHE F 691 -99.19 24.01 26.67
N GLU F 692 -98.14 24.69 27.14
CA GLU F 692 -98.22 25.47 28.37
C GLU F 692 -98.64 26.92 28.12
N GLU F 693 -98.17 27.52 27.03
CA GLU F 693 -98.47 28.92 26.76
C GLU F 693 -99.93 29.09 26.32
N THR F 694 -100.44 30.29 26.50
CA THR F 694 -101.80 30.65 26.10
C THR F 694 -101.75 31.87 25.20
N ASN F 695 -102.50 31.82 24.10
CA ASN F 695 -102.57 32.95 23.17
C ASN F 695 -103.60 33.98 23.62
N LYS F 696 -104.87 33.57 23.65
CA LYS F 696 -105.99 34.46 23.97
C LYS F 696 -106.88 33.72 24.96
N SER F 697 -108.08 34.25 25.19
CA SER F 697 -109.08 33.50 25.92
C SER F 697 -109.63 32.35 25.08
N GLU F 698 -109.96 32.65 23.81
CA GLU F 698 -110.59 31.67 22.92
C GLU F 698 -110.21 32.01 21.48
N VAL F 699 -109.46 31.14 20.82
CA VAL F 699 -109.17 31.33 19.40
C VAL F 699 -109.57 30.11 18.56
N LEU F 700 -108.90 28.98 18.76
CA LEU F 700 -109.10 27.76 18.00
C LEU F 700 -108.28 26.66 18.65
N ASN F 701 -108.70 25.41 18.42
CA ASN F 701 -108.04 24.26 19.04
C ASN F 701 -107.44 23.30 18.01
N THR F 702 -108.24 22.82 17.06
CA THR F 702 -107.82 21.66 16.28
C THR F 702 -107.05 22.04 15.01
N SER F 703 -107.69 22.79 14.10
CA SER F 703 -107.19 23.04 12.75
C SER F 703 -106.82 21.72 12.08
N ARG F 704 -105.53 21.38 12.10
CA ARG F 704 -105.02 20.15 11.50
C ARG F 704 -104.77 19.04 12.53
N LEU F 705 -105.26 19.20 13.77
CA LEU F 705 -104.94 18.24 14.84
C LEU F 705 -105.36 16.82 14.50
N LYS F 706 -106.43 16.68 13.70
CA LYS F 706 -106.91 15.37 13.28
C LYS F 706 -105.80 14.56 12.61
N GLU F 707 -105.00 15.20 11.75
CA GLU F 707 -104.02 14.41 11.02
C GLU F 707 -102.82 13.98 11.86
N MET F 708 -102.75 14.32 13.16
CA MET F 708 -101.82 13.57 13.99
C MET F 708 -102.50 13.04 15.26
N VAL F 709 -103.82 12.97 15.29
CA VAL F 709 -104.53 12.19 16.29
C VAL F 709 -105.35 11.05 15.69
N ASN F 710 -105.39 10.95 14.36
CA ASN F 710 -106.12 9.88 13.71
C ASN F 710 -105.17 8.96 12.93
N MET F 728 -95.64 7.45 13.81
CA MET F 728 -96.56 8.27 14.57
C MET F 728 -96.10 8.45 16.01
N THR F 729 -96.63 9.48 16.67
CA THR F 729 -96.28 9.79 18.06
C THR F 729 -97.57 10.08 18.83
N ALA F 730 -97.48 9.94 20.15
CA ALA F 730 -98.64 10.13 21.01
C ALA F 730 -98.17 10.66 22.36
N THR F 731 -99.08 10.59 23.35
CA THR F 731 -98.87 11.03 24.72
C THR F 731 -98.50 12.51 24.78
N MET F 732 -99.48 13.34 24.41
CA MET F 732 -99.41 14.77 24.59
C MET F 732 -100.45 15.22 25.61
N VAL F 733 -100.15 16.35 26.27
CA VAL F 733 -101.05 17.00 27.20
C VAL F 733 -101.09 18.48 26.87
N ALA F 734 -102.15 19.14 27.33
CA ALA F 734 -102.33 20.57 27.08
C ALA F 734 -102.87 21.25 28.33
N ALA F 735 -102.24 22.34 28.73
CA ALA F 735 -102.70 23.14 29.87
C ALA F 735 -102.32 24.59 29.57
N SER F 736 -103.26 25.33 28.98
CA SER F 736 -102.98 26.70 28.53
C SER F 736 -103.40 27.73 29.57
N ASN F 737 -104.67 27.76 29.94
CA ASN F 737 -105.19 28.78 30.84
C ASN F 737 -106.47 28.26 31.48
N TYR F 738 -107.08 29.08 32.32
CA TYR F 738 -108.37 28.74 32.90
C TYR F 738 -109.50 28.88 31.90
N ASN F 739 -109.33 29.73 30.89
CA ASN F 739 -110.32 29.83 29.83
C ASN F 739 -110.29 28.58 28.94
N PHE F 740 -111.44 28.27 28.34
CA PHE F 740 -111.58 27.10 27.48
C PHE F 740 -111.11 27.45 26.08
N ILE F 741 -109.79 27.38 25.90
CA ILE F 741 -109.18 27.58 24.58
C ILE F 741 -109.64 26.50 23.62
N ILE F 742 -109.83 25.29 24.11
CA ILE F 742 -110.26 24.17 23.28
C ILE F 742 -111.78 24.26 23.09
N ASP F 743 -112.20 24.67 21.89
CA ASP F 743 -113.62 24.63 21.53
C ASP F 743 -113.76 24.67 20.01
N THR F 744 -114.53 23.73 19.46
CA THR F 744 -114.84 23.68 18.04
C THR F 744 -116.08 22.83 17.83
N THR F 745 -116.47 22.66 16.57
CA THR F 745 -117.53 21.72 16.20
C THR F 745 -116.87 20.39 15.85
N ASP F 746 -117.01 19.41 16.73
CA ASP F 746 -116.36 18.12 16.55
C ASP F 746 -117.27 17.02 17.07
N HIS F 747 -117.68 16.12 16.18
CA HIS F 747 -118.57 15.03 16.56
C HIS F 747 -118.24 13.71 15.86
N GLY F 748 -117.17 13.62 15.08
CA GLY F 748 -116.91 12.46 14.26
C GLY F 748 -116.35 11.25 14.98
N THR F 749 -117.00 10.87 16.11
CA THR F 749 -116.63 9.72 16.93
C THR F 749 -115.16 9.81 17.36
N TRP F 750 -114.76 10.99 17.79
CA TRP F 750 -113.39 11.22 18.27
C TRP F 750 -113.38 11.15 19.79
N ARG F 751 -113.59 9.94 20.29
CA ARG F 751 -113.63 9.67 21.72
C ARG F 751 -112.25 9.71 22.36
N ARG F 752 -111.18 9.71 21.56
CA ARG F 752 -109.83 9.72 22.12
C ARG F 752 -109.47 11.04 22.77
N LEU F 753 -110.15 12.12 22.41
CA LEU F 753 -109.92 13.40 23.07
C LEU F 753 -110.49 13.36 24.48
N ARG F 754 -109.68 13.78 25.45
CA ARG F 754 -110.06 13.69 26.86
C ARG F 754 -109.90 15.06 27.52
N HIS F 755 -110.70 15.28 28.57
CA HIS F 755 -110.72 16.54 29.29
C HIS F 755 -110.64 16.26 30.79
N TYR F 756 -109.98 17.18 31.49
CA TYR F 756 -109.85 17.10 32.94
C TYR F 756 -109.88 18.50 33.53
N ARG F 757 -110.53 18.64 34.67
CA ARG F 757 -110.59 19.89 35.41
C ARG F 757 -110.01 19.68 36.81
N SER F 758 -109.23 20.64 37.28
CA SER F 758 -108.62 20.56 38.59
C SER F 758 -109.66 20.85 39.66
N LYS F 759 -110.00 19.84 40.47
CA LYS F 759 -110.96 20.04 41.54
C LYS F 759 -110.41 20.93 42.64
N VAL F 760 -109.12 20.78 42.96
CA VAL F 760 -108.47 21.57 43.99
C VAL F 760 -107.98 22.88 43.35
N LYS F 761 -108.23 24.00 44.05
CA LYS F 761 -107.82 25.30 43.56
C LYS F 761 -106.29 25.47 43.65
N GLU F 776 -101.74 25.46 49.08
CA GLU F 776 -101.35 25.61 47.69
C GLU F 776 -99.94 25.07 47.45
N ASP F 777 -99.06 25.30 48.44
CA ASP F 777 -97.65 24.89 48.45
C ASP F 777 -96.91 25.43 47.23
N PRO F 778 -96.65 26.74 47.16
CA PRO F 778 -95.95 27.28 45.98
C PRO F 778 -94.48 26.90 45.91
N ARG F 779 -93.88 26.45 47.03
CA ARG F 779 -92.47 26.11 47.04
C ARG F 779 -92.15 24.95 46.11
N PHE F 780 -93.14 24.09 45.84
CA PHE F 780 -92.96 23.00 44.89
C PHE F 780 -92.67 23.50 43.48
N ILE F 781 -93.15 24.70 43.14
CA ILE F 781 -92.77 25.31 41.88
C ILE F 781 -91.56 26.24 42.02
N HIS F 782 -91.15 26.54 43.25
CA HIS F 782 -90.08 27.51 43.47
C HIS F 782 -88.70 26.83 43.51
N GLU F 783 -88.51 25.89 44.45
CA GLU F 783 -87.22 25.26 44.64
C GLU F 783 -87.26 23.73 44.55
N TYR F 784 -88.41 23.10 44.78
CA TYR F 784 -88.48 21.65 44.71
C TYR F 784 -88.37 21.15 43.27
N ILE F 785 -88.85 21.95 42.31
CA ILE F 785 -88.91 21.49 40.93
C ILE F 785 -87.52 21.46 40.29
N MET F 786 -86.56 22.19 40.85
CA MET F 786 -85.21 22.27 40.30
C MET F 786 -84.30 21.24 40.96
N ASP F 787 -84.73 20.65 42.08
CA ASP F 787 -83.89 19.72 42.83
C ASP F 787 -83.68 18.45 42.02
N PRO F 788 -82.43 18.05 41.76
CA PRO F 788 -82.18 16.82 40.99
C PRO F 788 -82.70 15.56 41.66
N ASP F 789 -82.69 15.52 42.99
CA ASP F 789 -83.24 14.36 43.70
C ASP F 789 -84.75 14.25 43.48
N CYS F 790 -85.45 15.39 43.40
CA CYS F 790 -86.87 15.37 43.08
C CYS F 790 -87.11 14.83 41.67
N GLN F 791 -86.26 15.22 40.72
CA GLN F 791 -86.40 14.72 39.35
C GLN F 791 -86.12 13.22 39.28
N ASN F 792 -85.12 12.74 40.03
CA ASN F 792 -84.86 11.31 40.09
C ASN F 792 -86.03 10.55 40.71
N ALA F 793 -86.60 11.10 41.79
CA ALA F 793 -87.74 10.47 42.43
C ALA F 793 -88.97 10.44 41.52
N PHE F 794 -89.20 11.53 40.78
CA PHE F 794 -90.35 11.54 39.88
C PHE F 794 -90.12 10.65 38.66
N PHE F 795 -88.88 10.49 38.22
CA PHE F 795 -88.59 9.50 37.19
C PHE F 795 -88.83 8.10 37.69
N SER F 796 -88.48 7.81 38.95
CA SER F 796 -88.80 6.53 39.56
C SER F 796 -90.31 6.32 39.64
N ILE F 797 -91.05 7.39 39.98
CA ILE F 797 -92.50 7.33 40.03
C ILE F 797 -93.08 7.06 38.63
N LEU F 798 -92.52 7.71 37.60
CA LEU F 798 -93.00 7.51 36.24
C LEU F 798 -92.74 6.10 35.74
N VAL F 799 -91.55 5.55 36.02
CA VAL F 799 -91.31 4.17 35.59
C VAL F 799 -92.11 3.19 36.43
N TYR F 800 -92.42 3.56 37.69
CA TYR F 800 -93.29 2.74 38.54
C TYR F 800 -94.72 2.73 38.03
N PHE F 801 -95.16 3.82 37.42
CA PHE F 801 -96.47 3.84 36.78
C PHE F 801 -96.42 3.30 35.35
N TRP F 802 -95.22 3.12 34.80
CA TRP F 802 -95.14 2.55 33.45
C TRP F 802 -95.15 1.03 33.47
N GLU F 803 -94.33 0.40 34.32
CA GLU F 803 -94.12 -1.04 34.13
C GLU F 803 -95.33 -1.85 34.59
N LYS F 804 -96.18 -1.30 35.45
CA LYS F 804 -97.32 -2.03 35.95
C LYS F 804 -98.53 -1.96 35.02
N LEU F 805 -98.45 -1.17 33.95
CA LEU F 805 -99.52 -1.18 32.95
C LEU F 805 -99.60 -2.52 32.23
N GLN F 806 -98.45 -3.10 31.88
CA GLN F 806 -98.42 -4.28 31.03
C GLN F 806 -98.92 -5.54 31.72
N LYS F 807 -99.16 -5.51 33.02
CA LYS F 807 -99.57 -6.71 33.73
C LYS F 807 -101.04 -7.04 33.51
N GLU F 808 -101.94 -6.11 33.85
CA GLU F 808 -103.37 -6.42 33.87
C GLU F 808 -104.21 -5.63 32.89
N TYR F 809 -103.82 -4.41 32.51
CA TYR F 809 -104.44 -3.72 31.36
C TYR F 809 -103.32 -3.23 30.46
N ASN F 810 -102.83 -4.09 29.58
CA ASN F 810 -101.73 -3.74 28.67
C ASN F 810 -102.30 -2.86 27.56
N GLY F 811 -102.40 -1.57 27.86
CA GLY F 811 -102.95 -0.59 26.94
C GLY F 811 -103.85 0.37 27.68
N GLN F 812 -103.87 1.62 27.22
CA GLN F 812 -104.65 2.65 27.90
C GLN F 812 -106.14 2.54 27.59
N ILE F 813 -106.49 2.04 26.40
CA ILE F 813 -107.91 1.94 26.06
C ILE F 813 -108.58 0.76 26.77
N LYS F 814 -107.80 -0.19 27.28
CA LYS F 814 -108.33 -1.30 28.06
C LYS F 814 -108.19 -1.08 29.55
N LYS F 815 -107.78 0.11 29.97
CA LYS F 815 -107.72 0.47 31.38
C LYS F 815 -109.13 0.52 31.94
N VAL F 816 -109.27 0.09 33.21
CA VAL F 816 -110.56 0.14 33.90
C VAL F 816 -111.07 1.57 33.91
N PHE F 817 -112.37 1.72 33.62
CA PHE F 817 -112.96 3.03 33.32
C PHE F 817 -112.92 3.96 34.52
N CYS F 818 -112.64 5.23 34.25
CA CYS F 818 -112.72 6.26 35.26
C CYS F 818 -114.03 7.00 35.11
N PRO F 819 -114.91 7.00 36.12
CA PRO F 819 -116.16 7.76 36.01
C PRO F 819 -115.96 9.26 35.85
N THR F 820 -114.93 9.81 36.49
CA THR F 820 -114.70 11.25 36.43
C THR F 820 -114.30 11.70 35.04
N ILE F 821 -113.40 10.96 34.38
CA ILE F 821 -112.92 11.34 33.05
C ILE F 821 -114.06 11.24 32.04
N GLU F 822 -114.84 10.15 32.08
CA GLU F 822 -115.91 9.98 31.10
C GLU F 822 -117.04 10.98 31.36
N SER F 823 -117.33 11.30 32.63
CA SER F 823 -118.34 12.30 32.94
C SER F 823 -117.90 13.69 32.49
N GLU F 824 -116.62 14.03 32.71
CA GLU F 824 -116.11 15.32 32.28
C GLU F 824 -116.12 15.44 30.76
N THR F 825 -115.73 14.38 30.06
CA THR F 825 -115.74 14.42 28.60
C THR F 825 -117.16 14.47 28.06
N GLU F 826 -118.11 13.79 28.71
CA GLU F 826 -119.49 13.86 28.28
C GLU F 826 -120.08 15.26 28.48
N ALA F 827 -119.80 15.88 29.63
CA ALA F 827 -120.26 17.24 29.87
C ALA F 827 -119.61 18.23 28.92
N TYR F 828 -118.32 18.03 28.62
CA TYR F 828 -117.62 18.90 27.68
C TYR F 828 -118.17 18.73 26.27
N ARG F 829 -118.48 17.50 25.86
CA ARG F 829 -119.08 17.27 24.55
C ARG F 829 -120.50 17.83 24.48
N LYS F 830 -121.20 17.86 25.61
CA LYS F 830 -122.46 18.62 25.66
C LYS F 830 -122.19 20.10 25.45
N SER F 831 -121.10 20.62 26.04
CA SER F 831 -120.71 21.99 25.76
C SER F 831 -120.17 22.16 24.35
N GLN F 832 -119.52 21.13 23.80
CA GLN F 832 -119.00 21.16 22.43
C GLN F 832 -120.16 20.92 21.47
N ASP F 833 -120.85 22.01 21.13
CA ASP F 833 -122.02 22.06 20.26
C ASP F 833 -123.21 21.30 20.81
N THR F 834 -124.39 21.48 20.20
CA THR F 834 -125.63 20.98 20.74
C THR F 834 -126.18 19.77 19.99
N LEU F 835 -125.42 19.19 19.07
CA LEU F 835 -125.92 18.03 18.33
C LEU F 835 -125.88 16.76 19.18
N HIS F 836 -124.85 16.61 20.02
CA HIS F 836 -124.77 15.44 20.89
C HIS F 836 -125.81 15.52 22.00
N ARG F 837 -126.03 16.73 22.54
CA ARG F 837 -127.07 16.91 23.55
C ARG F 837 -128.45 16.65 22.96
N PHE F 838 -128.69 17.09 21.72
CA PHE F 838 -129.95 16.80 21.05
C PHE F 838 -130.12 15.30 20.80
N ILE F 839 -129.03 14.61 20.43
CA ILE F 839 -129.10 13.18 20.19
C ILE F 839 -129.38 12.42 21.49
N THR F 840 -128.81 12.87 22.59
CA THR F 840 -128.99 12.19 23.87
C THR F 840 -130.26 12.59 24.61
N GLU F 841 -130.91 13.69 24.22
CA GLU F 841 -132.12 14.13 24.90
C GLU F 841 -133.39 14.00 24.06
N ARG F 842 -133.28 13.81 22.74
CA ARG F 842 -134.45 13.65 21.90
C ARG F 842 -134.53 12.30 21.19
N VAL F 843 -133.43 11.56 21.10
CA VAL F 843 -133.40 10.26 20.44
C VAL F 843 -133.11 9.19 21.48
N VAL F 844 -133.99 8.20 21.56
CA VAL F 844 -133.84 7.10 22.51
C VAL F 844 -134.06 5.79 21.74
N GLU F 845 -133.47 4.72 22.27
CA GLU F 845 -133.58 3.41 21.64
C GLU F 845 -134.02 2.36 22.66
N TYR F 853 -137.13 5.69 11.01
CA TYR F 853 -136.74 7.09 11.07
C TYR F 853 -135.98 7.51 9.82
N ASN F 854 -136.63 8.31 8.98
CA ASN F 854 -136.00 8.79 7.75
C ASN F 854 -134.96 9.86 8.05
N LEU F 855 -133.99 9.99 7.15
CA LEU F 855 -132.93 10.98 7.31
C LEU F 855 -133.48 12.40 7.22
N SER F 856 -134.42 12.64 6.31
CA SER F 856 -135.03 13.97 6.19
C SER F 856 -135.84 14.31 7.43
N GLU F 857 -136.53 13.34 8.00
CA GLU F 857 -137.29 13.56 9.23
C GLU F 857 -136.36 13.92 10.39
N VAL F 858 -135.24 13.20 10.51
CA VAL F 858 -134.27 13.48 11.57
C VAL F 858 -133.65 14.86 11.37
N VAL F 859 -133.33 15.22 10.13
CA VAL F 859 -132.74 16.52 9.84
C VAL F 859 -133.72 17.65 10.16
N THR F 860 -134.99 17.48 9.79
CA THR F 860 -136.00 18.50 10.08
C THR F 860 -136.26 18.62 11.59
N ALA F 861 -136.26 17.48 12.30
CA ALA F 861 -136.43 17.51 13.74
C ALA F 861 -135.27 18.20 14.42
N TYR F 862 -134.04 17.94 13.96
CA TYR F 862 -132.87 18.61 14.53
C TYR F 862 -132.88 20.11 14.22
N ALA F 863 -133.32 20.49 13.02
CA ALA F 863 -133.41 21.90 12.67
C ALA F 863 -134.45 22.61 13.53
N GLU F 864 -135.61 21.98 13.75
CA GLU F 864 -136.64 22.56 14.60
C GLU F 864 -136.15 22.66 16.05
N TRP F 865 -135.44 21.64 16.52
CA TRP F 865 -134.90 21.66 17.89
C TRP F 865 -133.87 22.76 18.06
N TYR F 866 -133.01 22.96 17.05
CA TYR F 866 -132.02 24.04 17.11
C TYR F 866 -132.69 25.40 17.07
N ASN F 867 -133.74 25.55 16.25
CA ASN F 867 -134.44 26.82 16.15
C ASN F 867 -135.19 27.15 17.45
N THR F 868 -135.75 26.14 18.10
CA THR F 868 -136.51 26.35 19.32
C THR F 868 -135.65 26.26 20.58
N ASN F 869 -134.37 25.92 20.47
CA ASN F 869 -133.51 25.72 21.63
C ASN F 869 -132.44 26.80 21.76
N ILE F 870 -131.62 26.99 20.72
CA ILE F 870 -130.47 27.90 20.78
C ILE F 870 -130.75 29.18 20.00
N ASN F 871 -130.93 29.07 18.69
CA ASN F 871 -131.17 30.24 17.85
C ASN F 871 -131.84 29.79 16.56
N VAL F 872 -132.63 30.69 15.98
CA VAL F 872 -133.33 30.41 14.73
C VAL F 872 -132.39 30.72 13.56
N LYS F 873 -132.05 29.70 12.79
CA LYS F 873 -131.17 29.86 11.65
C LYS F 873 -131.47 28.77 10.63
N ARG F 874 -130.98 28.98 9.41
CA ARG F 874 -131.19 28.02 8.34
C ARG F 874 -130.38 26.75 8.59
N HIS F 875 -131.02 25.61 8.41
CA HIS F 875 -130.39 24.31 8.64
C HIS F 875 -130.91 23.33 7.59
N ILE F 876 -130.66 22.04 7.84
CA ILE F 876 -131.07 20.92 6.99
C ILE F 876 -130.51 21.09 5.59
N ALA F 877 -129.23 21.47 5.50
CA ALA F 877 -128.57 21.63 4.22
C ALA F 877 -128.00 20.29 3.76
N LEU F 878 -127.17 20.31 2.72
CA LEU F 878 -126.57 19.09 2.20
C LEU F 878 -125.44 18.56 3.08
N GLU F 879 -124.98 19.34 4.06
CA GLU F 879 -123.90 18.90 4.92
C GLU F 879 -124.38 18.26 6.21
N LEU F 880 -125.59 18.61 6.68
CA LEU F 880 -126.10 18.06 7.93
C LEU F 880 -126.43 16.58 7.82
N SER F 881 -126.76 16.11 6.60
CA SER F 881 -127.00 14.69 6.40
C SER F 881 -125.72 13.87 6.63
N GLN F 882 -124.57 14.43 6.24
CA GLN F 882 -123.30 13.76 6.52
C GLN F 882 -123.02 13.72 8.03
N GLU F 883 -123.39 14.78 8.75
CA GLU F 883 -123.23 14.77 10.20
C GLU F 883 -124.13 13.73 10.85
N LEU F 884 -125.37 13.61 10.37
CA LEU F 884 -126.28 12.62 10.94
C LEU F 884 -125.91 11.20 10.54
N GLU F 885 -125.21 11.04 9.40
CA GLU F 885 -124.81 9.71 8.95
C GLU F 885 -123.66 9.14 9.76
N ASN F 886 -122.81 10.00 10.33
CA ASN F 886 -121.65 9.57 11.10
C ASN F 886 -121.77 9.95 12.57
N SER F 887 -122.98 9.89 13.12
CA SER F 887 -123.19 10.22 14.52
C SER F 887 -122.91 9.00 15.39
N VAL F 888 -123.17 9.15 16.70
CA VAL F 888 -123.03 8.02 17.62
C VAL F 888 -124.08 6.97 17.34
N LEU F 889 -125.29 7.38 16.94
CA LEU F 889 -126.39 6.48 16.65
C LEU F 889 -126.29 5.83 15.27
N GLU F 890 -125.19 6.04 14.54
CA GLU F 890 -125.00 5.42 13.24
C GLU F 890 -124.90 3.90 13.34
N LYS F 891 -124.53 3.36 14.50
CA LYS F 891 -124.58 1.92 14.71
C LYS F 891 -126.01 1.40 14.75
N LEU G 21 25.10 -9.11 -26.43
CA LEU G 21 23.71 -8.65 -26.73
C LEU G 21 22.84 -9.85 -27.15
N ALA G 22 21.60 -9.91 -26.66
CA ALA G 22 20.66 -11.03 -26.83
C ALA G 22 20.41 -11.31 -28.33
N GLU G 23 19.97 -10.30 -29.09
CA GLU G 23 19.57 -10.47 -30.51
C GLU G 23 20.78 -10.87 -31.36
N VAL G 24 22.00 -10.41 -31.03
CA VAL G 24 23.26 -10.83 -31.71
C VAL G 24 23.53 -12.30 -31.38
N GLN G 25 23.34 -12.69 -30.12
CA GLN G 25 23.47 -14.09 -29.66
C GLN G 25 22.48 -14.97 -30.43
N ALA G 26 21.23 -14.53 -30.58
CA ALA G 26 20.16 -15.22 -31.34
C ALA G 26 20.61 -15.41 -32.79
N LEU G 27 21.10 -14.35 -33.44
CA LEU G 27 21.59 -14.40 -34.85
C LEU G 27 22.78 -15.38 -34.97
N GLU G 28 23.68 -15.37 -33.98
CA GLU G 28 24.87 -16.27 -33.93
C GLU G 28 24.39 -17.72 -33.89
N THR G 29 23.41 -18.03 -33.04
CA THR G 29 22.82 -19.38 -32.88
C THR G 29 22.15 -19.79 -34.19
N LEU G 30 21.36 -18.91 -34.81
CA LEU G 30 20.70 -19.21 -36.09
C LEU G 30 21.76 -19.57 -37.14
N LEU G 31 22.80 -18.74 -37.27
CA LEU G 31 23.85 -18.92 -38.31
C LEU G 31 24.59 -20.25 -38.09
N THR G 32 25.08 -20.52 -36.88
CA THR G 32 26.03 -21.64 -36.64
C THR G 32 25.24 -22.94 -36.54
N ARG G 33 24.20 -22.99 -35.71
CA ARG G 33 23.42 -24.23 -35.44
C ARG G 33 22.58 -24.60 -36.67
N GLU G 34 21.92 -23.64 -37.33
CA GLU G 34 20.84 -23.94 -38.30
C GLU G 34 21.26 -23.69 -39.75
N LEU G 35 21.74 -22.50 -40.09
CA LEU G 35 21.94 -22.08 -41.52
C LEU G 35 23.29 -22.59 -42.07
N SER G 36 24.18 -23.04 -41.20
CA SER G 36 25.49 -23.65 -41.56
C SER G 36 25.31 -24.70 -42.67
N VAL G 37 24.17 -25.39 -42.70
CA VAL G 37 23.85 -26.47 -43.69
C VAL G 37 23.69 -25.88 -45.11
N PHE G 38 23.60 -24.55 -45.26
CA PHE G 38 23.41 -23.87 -46.56
C PHE G 38 24.70 -23.16 -47.01
N LEU G 39 25.78 -23.32 -46.26
CA LEU G 39 27.11 -22.73 -46.62
C LEU G 39 27.46 -23.15 -48.06
N THR G 40 27.76 -22.17 -48.93
CA THR G 40 28.23 -22.37 -50.33
C THR G 40 29.75 -22.24 -50.39
N GLU G 41 30.37 -22.81 -51.45
CA GLU G 41 31.82 -22.71 -51.72
C GLU G 41 32.12 -21.33 -52.30
N PRO G 42 33.37 -20.83 -52.21
CA PRO G 42 33.74 -19.55 -52.83
C PRO G 42 33.44 -19.57 -54.34
N GLY G 43 32.78 -18.53 -54.84
CA GLY G 43 32.45 -18.35 -56.27
C GLY G 43 31.29 -19.23 -56.73
N SER G 44 30.50 -19.79 -55.79
CA SER G 44 29.27 -20.58 -56.09
C SER G 44 28.19 -19.65 -56.65
N LYS G 45 27.40 -20.13 -57.61
CA LYS G 45 26.37 -19.27 -58.24
C LYS G 45 25.16 -19.29 -57.32
N LYS G 46 24.92 -20.43 -56.68
CA LYS G 46 23.76 -20.56 -55.77
C LYS G 46 23.86 -19.51 -54.65
N THR G 47 25.04 -18.93 -54.41
CA THR G 47 25.10 -18.02 -53.24
C THR G 47 24.09 -16.87 -53.44
N ASN G 48 23.26 -16.57 -52.43
CA ASN G 48 22.40 -15.35 -52.42
C ASN G 48 22.78 -14.43 -51.26
N ILE G 49 23.42 -14.93 -50.20
CA ILE G 49 23.73 -14.15 -48.97
C ILE G 49 25.22 -14.30 -48.64
N ILE G 50 25.86 -13.17 -48.34
CA ILE G 50 27.31 -13.07 -47.99
C ILE G 50 27.40 -12.34 -46.65
N ASN G 51 27.99 -12.99 -45.64
CA ASN G 51 28.33 -12.37 -44.33
C ASN G 51 29.81 -12.02 -44.35
N ARG G 52 30.15 -10.78 -44.72
CA ARG G 52 31.55 -10.35 -44.95
C ARG G 52 32.31 -10.28 -43.62
N ILE G 53 31.63 -10.22 -42.47
CA ILE G 53 32.29 -10.25 -41.14
C ILE G 53 32.83 -11.67 -40.89
N THR G 54 32.02 -12.71 -41.07
CA THR G 54 32.42 -14.13 -40.87
C THR G 54 33.05 -14.71 -42.15
N GLY G 55 32.97 -13.99 -43.28
CA GLY G 55 33.51 -14.43 -44.58
C GLY G 55 32.76 -15.65 -45.11
N LYS G 56 31.55 -15.91 -44.63
CA LYS G 56 30.71 -17.08 -45.00
C LYS G 56 29.80 -16.69 -46.16
N THR G 57 29.54 -17.62 -47.07
CA THR G 57 28.59 -17.49 -48.20
C THR G 57 27.51 -18.58 -48.07
N TYR G 58 26.25 -18.23 -48.32
CA TYR G 58 25.07 -19.11 -48.14
C TYR G 58 24.18 -19.07 -49.38
N ALA G 59 23.52 -20.19 -49.68
CA ALA G 59 22.32 -20.28 -50.55
C ALA G 59 21.11 -20.59 -49.67
N LEU G 60 20.42 -19.56 -49.19
CA LEU G 60 19.24 -19.68 -48.28
C LEU G 60 17.98 -19.86 -49.12
N PRO G 61 17.21 -20.96 -48.91
CA PRO G 61 15.83 -21.02 -49.40
C PRO G 61 14.97 -19.95 -48.73
N SER G 62 13.89 -19.56 -49.40
CA SER G 62 12.99 -18.44 -49.02
C SER G 62 12.60 -18.52 -47.53
N THR G 63 12.31 -19.72 -47.02
CA THR G 63 11.87 -19.90 -45.61
C THR G 63 12.98 -19.42 -44.64
N GLU G 64 14.23 -19.73 -44.97
CA GLU G 64 15.41 -19.50 -44.08
C GLU G 64 15.92 -18.08 -44.31
N LEU G 65 15.71 -17.53 -45.51
CA LEU G 65 15.97 -16.10 -45.80
C LEU G 65 15.09 -15.23 -44.88
N LEU G 66 13.84 -15.55 -44.74
CA LEU G 66 12.93 -14.79 -43.89
C LEU G 66 13.31 -14.84 -42.45
N ARG G 67 13.71 -16.00 -41.99
CA ARG G 67 14.13 -16.21 -40.58
C ARG G 67 15.38 -15.36 -40.34
N LEU G 68 16.30 -15.34 -41.31
CA LEU G 68 17.51 -14.50 -41.27
C LEU G 68 17.09 -13.04 -41.13
N TYR G 69 16.17 -12.58 -41.98
CA TYR G 69 15.70 -11.18 -42.06
C TYR G 69 15.06 -10.74 -40.74
N GLU G 70 14.31 -11.63 -40.08
CA GLU G 70 13.70 -11.34 -38.74
C GLU G 70 14.82 -11.08 -37.73
N HIS G 71 15.89 -11.88 -37.75
CA HIS G 71 17.04 -11.73 -36.83
C HIS G 71 17.82 -10.46 -37.17
N LEU G 72 18.09 -10.22 -38.47
CA LEU G 72 18.87 -9.03 -38.93
C LEU G 72 18.09 -7.77 -38.58
N GLU G 73 16.76 -7.80 -38.74
CA GLU G 73 15.86 -6.66 -38.42
C GLU G 73 15.94 -6.34 -36.92
N GLN G 74 15.90 -7.36 -36.04
CA GLN G 74 16.02 -7.15 -34.57
C GLN G 74 17.39 -6.56 -34.25
N CYS G 75 18.45 -7.07 -34.87
CA CYS G 75 19.83 -6.57 -34.72
C CYS G 75 19.92 -5.12 -35.23
N ARG G 76 19.21 -4.79 -36.31
CA ARG G 76 19.23 -3.43 -36.92
C ARG G 76 18.62 -2.42 -35.95
N LYS G 77 17.45 -2.74 -35.38
CA LYS G 77 16.70 -1.87 -34.44
C LYS G 77 17.53 -1.58 -33.17
N GLN G 78 18.56 -2.38 -32.89
CA GLN G 78 19.46 -2.21 -31.71
C GLN G 78 20.84 -1.72 -32.14
N GLY G 79 21.02 -1.33 -33.41
CA GLY G 79 22.24 -0.68 -33.93
C GLY G 79 23.44 -1.62 -33.97
N ALA G 80 23.22 -2.92 -34.11
CA ALA G 80 24.29 -3.94 -34.12
C ALA G 80 25.09 -3.82 -35.43
N LEU G 81 26.41 -4.02 -35.34
CA LEU G 81 27.35 -4.12 -36.48
C LEU G 81 26.96 -5.31 -37.36
N MET G 82 26.46 -5.04 -38.57
CA MET G 82 26.16 -6.06 -39.62
C MET G 82 26.93 -5.70 -40.89
N TYR G 83 27.43 -6.71 -41.59
CA TYR G 83 28.00 -6.60 -42.96
C TYR G 83 27.47 -7.76 -43.80
N PHE G 84 26.15 -7.81 -43.99
CA PHE G 84 25.46 -8.78 -44.89
C PHE G 84 25.27 -8.14 -46.28
N LEU G 85 25.58 -8.90 -47.32
CA LEU G 85 25.32 -8.55 -48.73
C LEU G 85 24.39 -9.61 -49.32
N GLU G 86 23.51 -9.22 -50.24
CA GLU G 86 22.75 -10.17 -51.08
C GLU G 86 23.33 -10.08 -52.49
N ARG G 87 23.41 -11.22 -53.18
CA ARG G 87 23.87 -11.29 -54.59
C ARG G 87 22.66 -11.09 -55.50
N GLN G 88 22.77 -10.21 -56.49
CA GLN G 88 21.62 -9.80 -57.36
C GLN G 88 21.30 -10.95 -58.31
N GLY G 89 22.33 -11.68 -58.75
CA GLY G 89 22.17 -12.73 -59.77
C GLY G 89 21.56 -12.16 -61.03
N THR G 90 20.81 -12.97 -61.77
CA THR G 90 20.40 -12.69 -63.18
C THR G 90 18.99 -12.11 -63.22
N TYR G 91 18.20 -12.25 -62.16
CA TYR G 91 16.77 -11.83 -62.09
C TYR G 91 16.41 -11.47 -60.64
N SER G 92 16.30 -10.17 -60.35
CA SER G 92 16.02 -9.65 -58.98
C SER G 92 15.63 -8.16 -59.06
N GLY G 93 15.33 -7.58 -57.90
CA GLY G 93 14.97 -6.15 -57.78
C GLY G 93 16.10 -5.23 -58.22
N LEU G 94 15.78 -3.97 -58.49
CA LEU G 94 16.75 -2.97 -59.00
C LEU G 94 17.31 -2.18 -57.82
N MET G 95 18.62 -1.96 -57.84
CA MET G 95 19.35 -1.09 -56.87
C MET G 95 20.13 -0.07 -57.70
N LEU G 96 20.05 1.21 -57.31
CA LEU G 96 20.86 2.32 -57.89
C LEU G 96 21.79 2.84 -56.80
N ASP G 97 23.10 2.80 -57.02
CA ASP G 97 24.13 3.28 -56.07
C ASP G 97 24.67 4.64 -56.57
N TYR G 98 24.29 5.73 -55.91
CA TYR G 98 24.77 7.12 -56.18
C TYR G 98 25.90 7.50 -55.21
N ASP G 99 27.09 7.78 -55.76
CA ASP G 99 28.28 8.33 -55.06
C ASP G 99 28.40 9.81 -55.43
N LEU G 100 28.00 10.69 -54.52
CA LEU G 100 27.91 12.17 -54.77
C LEU G 100 29.18 12.86 -54.27
N LYS G 101 29.72 13.77 -55.09
CA LYS G 101 30.62 14.87 -54.64
C LYS G 101 29.78 16.13 -54.44
N LEU G 102 29.77 16.70 -53.23
CA LEU G 102 28.93 17.88 -52.87
C LEU G 102 29.75 19.19 -52.81
N ASN G 103 29.03 20.30 -53.02
CA ASN G 103 29.46 21.73 -52.87
C ASN G 103 30.05 21.99 -51.48
N THR G 104 29.52 21.30 -50.47
CA THR G 104 29.77 21.53 -49.03
C THR G 104 29.72 20.20 -48.29
N ASN G 105 29.94 20.24 -46.97
CA ASN G 105 29.95 19.09 -46.04
C ASN G 105 28.61 19.03 -45.30
N ALA G 106 27.60 19.73 -45.82
CA ALA G 106 26.22 19.74 -45.31
C ALA G 106 25.42 18.66 -46.07
N VAL G 107 24.74 17.78 -45.34
CA VAL G 107 23.75 16.83 -45.91
C VAL G 107 22.80 17.61 -46.80
N PRO G 108 22.65 17.23 -48.09
CA PRO G 108 21.73 17.92 -49.00
C PRO G 108 20.29 17.68 -48.54
N PRO G 109 19.36 18.62 -48.78
CA PRO G 109 18.01 18.52 -48.21
C PRO G 109 17.25 17.25 -48.63
N LEU G 110 17.31 16.87 -49.91
CA LEU G 110 16.64 15.66 -50.47
C LEU G 110 15.25 15.49 -49.83
N GLU G 111 14.38 16.48 -50.05
CA GLU G 111 12.99 16.47 -49.52
C GLU G 111 12.10 15.66 -50.47
N PRO G 112 10.89 15.24 -50.05
CA PRO G 112 10.03 14.38 -50.87
C PRO G 112 9.83 14.78 -52.33
N PRO G 113 9.61 16.07 -52.68
CA PRO G 113 9.42 16.47 -54.08
C PRO G 113 10.57 16.10 -55.02
N ALA G 114 11.81 16.32 -54.60
CA ALA G 114 13.02 15.95 -55.38
C ALA G 114 13.07 14.43 -55.55
N LEU G 115 12.91 13.68 -54.46
CA LEU G 115 12.97 12.19 -54.47
C LEU G 115 11.81 11.64 -55.29
N SER G 116 10.63 12.25 -55.20
CA SER G 116 9.40 11.87 -55.95
C SER G 116 9.70 11.98 -57.45
N ARG G 117 10.32 13.07 -57.88
CA ARG G 117 10.65 13.32 -59.30
C ARG G 117 11.68 12.32 -59.79
N LEU G 118 12.67 12.00 -58.94
CA LEU G 118 13.69 10.95 -59.21
C LEU G 118 12.97 9.64 -59.54
N CYS G 119 12.01 9.21 -58.72
CA CYS G 119 11.22 7.97 -58.91
C CYS G 119 10.54 7.99 -60.29
N HIS G 120 9.88 9.09 -60.63
CA HIS G 120 9.18 9.25 -61.93
C HIS G 120 10.18 9.02 -63.07
N ARG G 121 11.32 9.70 -63.03
CA ARG G 121 12.36 9.62 -64.10
C ARG G 121 12.90 8.18 -64.17
N ILE G 122 13.21 7.57 -63.03
CA ILE G 122 13.69 6.15 -62.95
C ILE G 122 12.67 5.25 -63.63
N PHE G 123 11.39 5.52 -63.42
CA PHE G 123 10.26 4.70 -63.93
C PHE G 123 10.16 4.85 -65.45
N VAL G 124 10.31 6.08 -65.96
CA VAL G 124 10.28 6.35 -67.42
C VAL G 124 11.28 5.43 -68.12
N HIS G 125 12.48 5.21 -67.54
CA HIS G 125 13.53 4.35 -68.14
C HIS G 125 13.13 2.87 -68.03
N ILE G 126 12.56 2.46 -66.90
CA ILE G 126 12.02 1.10 -66.68
C ILE G 126 10.96 0.82 -67.76
N LYS G 127 9.97 1.71 -67.89
CA LYS G 127 8.88 1.60 -68.89
C LYS G 127 9.46 1.50 -70.31
N ASN G 128 10.49 2.30 -70.61
CA ASN G 128 11.11 2.40 -71.96
C ASN G 128 11.87 1.11 -72.30
N SER G 129 12.21 0.30 -71.29
CA SER G 129 12.88 -1.02 -71.46
C SER G 129 11.91 -2.06 -72.05
N SER G 130 10.61 -1.80 -71.96
CA SER G 130 9.48 -2.55 -72.58
C SER G 130 9.17 -3.86 -71.83
N VAL G 131 9.71 -4.09 -70.63
CA VAL G 131 9.68 -5.42 -69.95
C VAL G 131 8.58 -5.47 -68.89
N LEU G 132 7.89 -4.36 -68.61
CA LEU G 132 6.84 -4.32 -67.56
C LEU G 132 5.68 -5.19 -68.02
N PRO G 133 5.04 -5.95 -67.10
CA PRO G 133 3.85 -6.71 -67.45
C PRO G 133 2.65 -5.77 -67.64
N GLU G 134 1.67 -6.19 -68.46
CA GLU G 134 0.40 -5.45 -68.66
C GLU G 134 -0.40 -5.52 -67.35
N GLY G 135 -1.33 -4.59 -67.15
CA GLY G 135 -2.25 -4.55 -65.99
C GLY G 135 -1.85 -3.46 -65.01
N SER G 136 -2.45 -3.48 -63.81
CA SER G 136 -2.20 -2.52 -62.71
C SER G 136 -1.25 -3.15 -61.69
N HIS G 137 -0.16 -2.45 -61.34
CA HIS G 137 0.89 -2.95 -60.41
C HIS G 137 1.41 -1.81 -59.54
N LYS G 138 1.58 -2.07 -58.24
CA LYS G 138 2.33 -1.22 -57.29
C LYS G 138 3.81 -1.62 -57.34
N ILE G 139 4.71 -0.64 -57.44
CA ILE G 139 6.17 -0.84 -57.18
C ILE G 139 6.62 0.20 -56.15
N HIS G 140 7.43 -0.24 -55.19
CA HIS G 140 7.94 0.60 -54.07
C HIS G 140 9.39 1.01 -54.34
N PHE G 141 9.67 2.30 -54.16
CA PHE G 141 11.03 2.91 -54.16
C PHE G 141 11.41 3.26 -52.73
N PHE G 142 12.62 2.93 -52.31
CA PHE G 142 13.18 3.25 -50.98
C PHE G 142 14.50 3.99 -51.19
N PHE G 143 14.67 5.13 -50.52
CA PHE G 143 15.91 5.94 -50.52
C PHE G 143 16.57 5.81 -49.15
N THR G 144 17.73 5.16 -49.12
CA THR G 144 18.59 5.06 -47.92
C THR G 144 19.78 5.98 -48.16
N LEU G 145 20.15 6.77 -47.16
CA LEU G 145 21.14 7.86 -47.28
C LEU G 145 22.34 7.58 -46.36
N LYS G 146 23.56 7.84 -46.85
CA LYS G 146 24.79 7.98 -46.03
C LYS G 146 24.47 8.90 -44.86
N PRO G 147 24.78 8.50 -43.60
CA PRO G 147 24.35 9.27 -42.44
C PRO G 147 24.97 10.67 -42.36
N GLU G 148 26.20 10.84 -42.84
CA GLU G 148 26.91 12.16 -42.85
C GLU G 148 27.75 12.32 -44.13
N VAL G 149 28.04 13.56 -44.51
CA VAL G 149 29.03 13.91 -45.58
C VAL G 149 30.43 13.82 -44.94
N VAL G 150 31.37 13.19 -45.64
CA VAL G 150 32.81 13.12 -45.24
C VAL G 150 33.61 13.72 -46.39
N GLN G 151 34.24 14.87 -46.17
CA GLN G 151 35.07 15.60 -47.16
C GLN G 151 34.27 15.80 -48.45
N GLY G 152 33.00 16.21 -48.33
CA GLY G 152 32.13 16.51 -49.48
C GLY G 152 31.63 15.26 -50.20
N LYS G 153 32.04 14.07 -49.76
CA LYS G 153 31.58 12.77 -50.33
C LYS G 153 30.25 12.40 -49.67
N TYR G 154 29.22 12.13 -50.47
CA TYR G 154 27.88 11.73 -49.98
C TYR G 154 27.33 10.61 -50.85
N GLY G 155 26.28 9.94 -50.38
CA GLY G 155 25.71 8.76 -51.05
C GLY G 155 24.25 8.54 -50.72
N PHE G 156 23.54 7.96 -51.68
CA PHE G 156 22.24 7.28 -51.43
C PHE G 156 22.13 6.05 -52.32
N HIS G 157 21.38 5.08 -51.80
CA HIS G 157 20.85 3.93 -52.56
C HIS G 157 19.38 4.20 -52.88
N VAL G 158 18.97 3.93 -54.12
CA VAL G 158 17.54 3.76 -54.52
C VAL G 158 17.31 2.25 -54.69
N LEU G 159 16.45 1.69 -53.84
CA LEU G 159 16.06 0.26 -53.89
C LEU G 159 14.65 0.18 -54.48
N ILE G 160 14.50 -0.59 -55.56
CA ILE G 160 13.18 -1.02 -56.12
C ILE G 160 13.14 -2.54 -56.03
N PRO G 161 13.03 -3.09 -54.80
CA PRO G 161 13.25 -4.52 -54.55
C PRO G 161 12.20 -5.45 -55.20
N GLY G 162 10.95 -5.00 -55.32
CA GLY G 162 9.81 -5.78 -55.83
C GLY G 162 9.82 -5.96 -57.35
N LEU G 163 10.44 -5.04 -58.09
CA LEU G 163 10.43 -5.02 -59.57
C LEU G 163 11.54 -5.96 -60.08
N LYS G 164 11.15 -7.20 -60.38
CA LYS G 164 12.10 -8.28 -60.72
C LYS G 164 12.52 -8.12 -62.18
N LEU G 165 13.79 -7.76 -62.40
CA LEU G 165 14.38 -7.38 -63.72
C LEU G 165 15.54 -8.32 -64.07
N ALA G 166 15.73 -8.58 -65.36
CA ALA G 166 16.92 -9.28 -65.88
C ALA G 166 18.13 -8.37 -65.64
N ALA G 167 19.29 -8.93 -65.35
CA ALA G 167 20.55 -8.19 -65.13
C ALA G 167 20.81 -7.27 -66.33
N SER G 168 20.66 -7.78 -67.55
CA SER G 168 20.88 -7.04 -68.82
C SER G 168 19.94 -5.82 -68.89
N THR G 169 18.69 -5.95 -68.45
CA THR G 169 17.71 -4.82 -68.44
C THR G 169 18.14 -3.76 -67.40
N LYS G 170 18.59 -4.19 -66.22
CA LYS G 170 19.09 -3.27 -65.16
C LYS G 170 20.24 -2.42 -65.73
N LYS G 171 21.20 -3.06 -66.41
CA LYS G 171 22.38 -2.40 -67.01
C LYS G 171 21.91 -1.36 -68.02
N SER G 172 20.96 -1.73 -68.88
CA SER G 172 20.34 -0.83 -69.88
C SER G 172 19.68 0.36 -69.18
N ILE G 173 18.85 0.12 -68.16
CA ILE G 173 18.14 1.19 -67.37
C ILE G 173 19.18 2.12 -66.73
N ILE G 174 20.22 1.55 -66.13
CA ILE G 174 21.32 2.34 -65.48
C ILE G 174 22.02 3.21 -66.53
N GLY G 175 22.36 2.66 -67.71
CA GLY G 175 22.97 3.41 -68.82
C GLY G 175 22.16 4.66 -69.17
N SER G 176 20.85 4.48 -69.37
CA SER G 176 19.89 5.57 -69.69
C SER G 176 19.84 6.60 -68.56
N LEU G 177 19.83 6.15 -67.30
CA LEU G 177 19.68 7.02 -66.10
C LEU G 177 20.89 7.96 -65.97
N GLN G 178 22.08 7.49 -66.33
CA GLN G 178 23.33 8.28 -66.25
C GLN G 178 23.21 9.55 -67.10
N HIS G 179 22.51 9.48 -68.24
CA HIS G 179 22.40 10.55 -69.27
C HIS G 179 21.10 11.37 -69.12
N ASP G 180 20.31 11.14 -68.07
CA ASP G 180 19.00 11.82 -67.87
C ASP G 180 19.21 13.26 -67.39
N ALA G 181 18.84 14.23 -68.23
CA ALA G 181 19.01 15.68 -68.01
C ALA G 181 18.22 16.15 -66.78
N THR G 182 16.99 15.65 -66.59
CA THR G 182 16.12 16.02 -65.45
C THR G 182 16.76 15.54 -64.13
N VAL G 183 17.31 14.31 -64.11
CA VAL G 183 17.98 13.72 -62.92
C VAL G 183 19.21 14.57 -62.60
N GLN G 184 19.98 14.95 -63.62
CA GLN G 184 21.23 15.75 -63.49
C GLN G 184 20.88 17.11 -62.89
N LYS G 185 19.79 17.72 -63.35
CA LYS G 185 19.26 19.01 -62.81
C LYS G 185 18.96 18.83 -61.31
N ILE G 186 18.11 17.87 -60.96
CA ILE G 186 17.69 17.60 -59.55
C ILE G 186 18.95 17.52 -58.68
N LEU G 187 19.93 16.72 -59.10
CA LEU G 187 21.17 16.45 -58.33
C LEU G 187 21.98 17.75 -58.21
N HIS G 188 22.07 18.51 -59.30
CA HIS G 188 22.76 19.82 -59.36
C HIS G 188 22.16 20.78 -58.33
N GLU G 189 20.83 20.86 -58.26
CA GLU G 189 20.11 21.79 -57.34
C GLU G 189 20.26 21.32 -55.89
N GLN G 190 20.69 20.07 -55.67
CA GLN G 190 20.98 19.51 -54.32
C GLN G 190 22.42 19.86 -53.92
N GLY G 191 23.24 20.35 -54.86
CA GLY G 191 24.65 20.73 -54.63
C GLY G 191 25.65 19.68 -55.12
N VAL G 192 25.21 18.76 -56.00
CA VAL G 192 26.07 17.68 -56.54
C VAL G 192 26.91 18.26 -57.67
N THR G 193 28.23 18.09 -57.60
CA THR G 193 29.22 18.61 -58.59
C THR G 193 29.58 17.52 -59.61
N ASN G 194 29.15 16.26 -59.42
CA ASN G 194 29.40 15.13 -60.37
C ASN G 194 28.07 14.51 -60.81
N PRO G 195 27.09 15.31 -61.28
CA PRO G 195 25.77 14.75 -61.63
C PRO G 195 25.81 13.83 -62.86
N GLU G 196 26.86 13.90 -63.67
CA GLU G 196 27.03 13.11 -64.92
C GLU G 196 27.62 11.72 -64.62
N SER G 197 28.30 11.56 -63.47
CA SER G 197 29.17 10.40 -63.20
C SER G 197 29.03 9.89 -61.76
N CYS G 198 27.91 10.15 -61.09
CA CYS G 198 27.67 9.78 -59.67
C CYS G 198 26.96 8.42 -59.59
N LEU G 199 26.24 7.99 -60.63
CA LEU G 199 25.54 6.67 -60.63
C LEU G 199 26.53 5.57 -61.01
N ASP G 200 26.79 4.63 -60.09
CA ASP G 200 27.69 3.47 -60.34
C ASP G 200 27.13 2.61 -61.47
N PRO G 201 27.81 2.54 -62.65
CA PRO G 201 27.31 1.75 -63.78
C PRO G 201 27.28 0.23 -63.53
N HIS G 202 27.90 -0.23 -62.44
CA HIS G 202 27.93 -1.66 -62.00
C HIS G 202 26.84 -1.93 -60.94
N SER G 203 26.00 -0.94 -60.66
CA SER G 203 24.81 -1.03 -59.75
C SER G 203 24.02 -2.32 -60.00
N ALA G 204 23.98 -2.80 -61.26
CA ALA G 204 23.22 -3.99 -61.70
C ALA G 204 23.84 -5.29 -61.20
N SER G 205 25.17 -5.33 -61.00
CA SER G 205 25.94 -6.58 -60.81
C SER G 205 26.54 -6.68 -59.39
N VAL G 206 26.85 -5.57 -58.74
CA VAL G 206 27.54 -5.57 -57.41
C VAL G 206 26.62 -6.27 -56.41
N PRO G 207 27.17 -7.03 -55.44
CA PRO G 207 26.40 -7.47 -54.27
C PRO G 207 25.92 -6.23 -53.52
N SER G 208 24.70 -6.29 -52.98
CA SER G 208 23.96 -5.14 -52.43
C SER G 208 23.82 -5.32 -50.93
N LEU G 209 24.20 -4.32 -50.14
CA LEU G 209 24.14 -4.37 -48.67
C LEU G 209 22.69 -4.56 -48.24
N LEU G 210 22.45 -5.47 -47.30
CA LEU G 210 21.12 -5.57 -46.64
C LEU G 210 20.94 -4.31 -45.79
N TYR G 211 19.70 -3.86 -45.63
CA TYR G 211 19.40 -2.67 -44.80
C TYR G 211 19.96 -2.93 -43.39
N GLY G 212 20.71 -1.96 -42.86
CA GLY G 212 21.35 -2.06 -41.53
C GLY G 212 22.79 -2.52 -41.61
N SER G 213 23.25 -2.93 -42.80
CA SER G 213 24.63 -3.42 -43.04
C SER G 213 25.47 -2.33 -43.71
N SER G 214 26.80 -2.45 -43.63
CA SER G 214 27.78 -1.52 -44.24
C SER G 214 29.15 -2.18 -44.32
N LYS G 215 30.03 -1.68 -45.20
CA LYS G 215 31.49 -1.94 -45.16
C LYS G 215 31.96 -1.62 -43.73
N LEU G 216 33.04 -2.26 -43.29
CA LEU G 216 33.46 -2.22 -41.87
C LEU G 216 34.00 -0.82 -41.54
N ASN G 217 34.38 -0.05 -42.56
CA ASN G 217 34.96 1.32 -42.43
C ASN G 217 33.87 2.39 -42.50
N HIS G 218 32.62 2.04 -42.85
CA HIS G 218 31.50 2.98 -43.07
C HIS G 218 30.39 2.71 -42.05
N LYS G 219 29.40 3.61 -41.94
CA LYS G 219 28.19 3.40 -41.11
C LYS G 219 27.03 3.07 -42.05
N PRO G 220 26.01 2.32 -41.58
CA PRO G 220 24.90 1.90 -42.45
C PRO G 220 24.06 3.09 -42.92
N TYR G 221 23.65 3.05 -44.18
CA TYR G 221 22.67 3.99 -44.78
C TYR G 221 21.36 3.88 -44.00
N GLN G 222 20.66 5.00 -43.84
CA GLN G 222 19.39 5.13 -43.07
C GLN G 222 18.24 5.39 -44.05
N LEU G 223 17.13 4.69 -43.87
CA LEU G 223 15.92 4.87 -44.71
C LEU G 223 15.32 6.24 -44.38
N LYS G 224 15.27 7.14 -45.36
CA LYS G 224 14.71 8.50 -45.18
C LYS G 224 13.24 8.48 -45.60
N THR G 225 12.96 8.01 -46.82
CA THR G 225 11.63 8.10 -47.47
C THR G 225 11.44 6.92 -48.42
N GLY G 226 10.25 6.34 -48.43
CA GLY G 226 9.81 5.35 -49.44
C GLY G 226 8.56 5.83 -50.18
N PHE G 227 8.41 5.43 -51.43
CA PHE G 227 7.30 5.84 -52.32
C PHE G 227 6.64 4.61 -52.93
N GLU G 228 5.32 4.70 -53.09
CA GLU G 228 4.48 3.72 -53.82
C GLU G 228 4.13 4.33 -55.19
N LEU G 229 4.61 3.70 -56.27
CA LEU G 229 4.25 4.06 -57.67
C LEU G 229 3.29 2.99 -58.18
N VAL G 230 2.11 3.39 -58.64
CA VAL G 230 1.14 2.50 -59.34
C VAL G 230 1.23 2.82 -60.83
N PHE G 231 1.44 1.81 -61.67
CA PHE G 231 1.33 1.95 -63.14
C PHE G 231 0.18 1.06 -63.63
N ASP G 232 -0.50 1.51 -64.68
CA ASP G 232 -1.63 0.81 -65.33
C ASP G 232 -1.45 0.92 -66.84
N SER G 233 -1.26 -0.22 -67.53
CA SER G 233 -1.00 -0.30 -68.99
C SER G 233 -2.16 0.33 -69.77
N SER G 234 -3.38 0.24 -69.24
CA SER G 234 -4.62 0.77 -69.87
C SER G 234 -4.65 2.30 -69.78
N ASP G 235 -4.00 2.87 -68.76
CA ASP G 235 -4.01 4.32 -68.42
C ASP G 235 -2.58 4.79 -68.20
N PRO G 236 -1.72 4.77 -69.25
CA PRO G 236 -0.28 4.92 -69.08
C PRO G 236 0.17 6.31 -68.61
N ASP G 237 -0.68 7.33 -68.76
CA ASP G 237 -0.35 8.73 -68.42
C ASP G 237 -0.63 8.98 -66.94
N TYR G 238 -1.30 8.07 -66.24
CA TYR G 238 -1.58 8.20 -64.79
C TYR G 238 -0.56 7.37 -64.01
N ILE G 239 0.41 8.06 -63.38
CA ILE G 239 1.55 7.42 -62.66
C ILE G 239 1.62 8.03 -61.26
N PRO G 240 0.64 7.71 -60.37
CA PRO G 240 0.62 8.26 -59.02
C PRO G 240 1.79 7.75 -58.20
N ILE G 241 2.51 8.70 -57.58
CA ILE G 241 3.62 8.45 -56.63
C ILE G 241 3.25 9.13 -55.30
N HIS G 242 3.18 8.34 -54.23
CA HIS G 242 2.86 8.79 -52.85
C HIS G 242 3.88 8.20 -51.86
N GLN G 243 4.30 8.99 -50.89
CA GLN G 243 5.08 8.54 -49.73
C GLN G 243 4.34 7.37 -49.08
N ILE G 244 5.09 6.33 -48.67
CA ILE G 244 4.62 5.23 -47.79
C ILE G 244 4.66 5.75 -46.35
N LYS G 245 3.58 5.59 -45.58
CA LYS G 245 3.42 6.35 -44.29
C LYS G 245 3.82 5.49 -43.10
N ASN G 246 3.53 4.18 -43.12
CA ASN G 246 3.70 3.27 -41.95
C ASN G 246 4.88 2.31 -42.21
N LEU G 247 6.03 2.86 -42.61
CA LEU G 247 7.27 2.08 -42.94
C LEU G 247 7.72 1.25 -41.74
N GLU G 248 7.72 1.86 -40.54
CA GLU G 248 8.13 1.25 -39.24
C GLU G 248 7.34 -0.02 -38.95
N SER G 249 6.14 -0.17 -39.50
CA SER G 249 5.21 -1.32 -39.29
C SER G 249 5.76 -2.61 -39.91
N TYR G 250 6.72 -2.51 -40.83
CA TYR G 250 7.20 -3.66 -41.64
C TYR G 250 8.60 -4.05 -41.19
N ASN G 251 9.01 -5.27 -41.55
CA ASN G 251 10.42 -5.72 -41.42
C ASN G 251 11.19 -5.12 -42.61
N LEU G 252 11.96 -4.07 -42.37
CA LEU G 252 12.62 -3.28 -43.44
C LEU G 252 13.76 -4.06 -44.10
N VAL G 253 14.53 -4.87 -43.37
CA VAL G 253 15.57 -5.74 -43.99
C VAL G 253 14.85 -6.59 -45.06
N SER G 254 13.75 -7.21 -44.67
CA SER G 254 12.86 -8.05 -45.51
C SER G 254 12.36 -7.28 -46.74
N GLU G 255 11.64 -6.18 -46.54
CA GLU G 255 10.94 -5.43 -47.61
C GLU G 255 11.96 -4.87 -48.62
N LEU G 256 13.11 -4.38 -48.15
CA LEU G 256 14.13 -3.68 -48.98
C LEU G 256 15.00 -4.68 -49.76
N SER G 257 14.97 -5.98 -49.41
CA SER G 257 15.80 -7.03 -50.05
C SER G 257 15.41 -7.21 -51.53
N LEU G 258 16.39 -7.08 -52.42
CA LEU G 258 16.22 -7.21 -53.90
C LEU G 258 15.82 -8.64 -54.28
N THR G 259 16.22 -9.65 -53.48
CA THR G 259 16.05 -11.08 -53.82
C THR G 259 14.84 -11.69 -53.10
N ASN G 260 14.27 -11.01 -52.10
CA ASN G 260 13.06 -11.44 -51.35
C ASN G 260 11.85 -11.45 -52.29
N GLU G 261 10.96 -12.44 -52.14
CA GLU G 261 9.69 -12.56 -52.90
C GLU G 261 8.51 -12.73 -51.93
N GLN G 262 8.76 -12.69 -50.62
CA GLN G 262 7.77 -13.00 -49.56
C GLN G 262 7.68 -11.82 -48.58
N GLY G 263 7.95 -10.60 -49.05
CA GLY G 263 7.63 -9.37 -48.31
C GLY G 263 6.13 -9.17 -48.16
N SER G 264 5.70 -8.36 -47.19
CA SER G 264 4.28 -8.01 -46.93
C SER G 264 3.91 -6.73 -47.68
N LEU G 265 4.69 -5.66 -47.49
CA LEU G 265 4.53 -4.37 -48.24
C LEU G 265 4.90 -4.62 -49.70
N VAL G 266 6.10 -5.16 -49.93
CA VAL G 266 6.70 -5.33 -51.29
C VAL G 266 6.27 -6.69 -51.84
N ARG G 267 5.35 -6.70 -52.79
CA ARG G 267 4.89 -7.90 -53.52
C ARG G 267 5.57 -7.87 -54.90
N PRO G 268 6.19 -8.98 -55.35
CA PRO G 268 6.93 -8.97 -56.60
C PRO G 268 6.06 -8.63 -57.82
N VAL G 269 6.59 -7.83 -58.75
CA VAL G 269 6.06 -7.73 -60.13
C VAL G 269 7.17 -8.22 -61.06
N TYR G 270 6.85 -9.25 -61.83
CA TYR G 270 7.77 -10.04 -62.69
C TYR G 270 7.81 -9.40 -64.07
N CYS G 271 8.97 -8.85 -64.42
CA CYS G 271 9.25 -8.29 -65.76
C CYS G 271 9.70 -9.41 -66.70
N ALA G 272 9.49 -9.24 -68.00
CA ALA G 272 9.98 -10.14 -69.07
C ALA G 272 11.51 -10.26 -68.96
N ALA G 273 12.05 -11.48 -69.08
CA ALA G 273 13.50 -11.76 -69.06
C ALA G 273 14.10 -11.52 -70.45
N MET G 294 40.64 -13.15 -52.67
CA MET G 294 40.76 -12.98 -51.23
C MET G 294 40.72 -14.36 -50.58
N LEU G 295 41.88 -14.90 -50.25
CA LEU G 295 41.98 -16.25 -49.72
C LEU G 295 42.95 -16.40 -48.56
N HIS G 296 43.51 -15.31 -48.05
CA HIS G 296 44.46 -15.43 -46.94
C HIS G 296 43.79 -15.78 -45.62
N ASP G 297 42.47 -15.53 -45.50
CA ASP G 297 41.54 -15.78 -44.38
C ASP G 297 42.19 -15.67 -43.00
N PRO G 298 42.63 -14.47 -42.60
CA PRO G 298 43.36 -14.34 -41.32
C PRO G 298 42.52 -14.66 -40.09
N GLU G 299 41.20 -14.46 -40.16
CA GLU G 299 40.26 -14.76 -39.07
C GLU G 299 40.61 -14.00 -37.79
N ALA G 300 40.80 -12.69 -37.94
CA ALA G 300 40.99 -11.73 -36.85
C ALA G 300 42.25 -11.98 -36.03
N ARG G 301 43.18 -12.81 -36.50
CA ARG G 301 44.41 -13.08 -35.79
C ARG G 301 45.65 -12.68 -36.56
N TYR G 302 45.80 -13.14 -37.80
CA TYR G 302 47.07 -13.04 -38.51
C TYR G 302 47.19 -11.77 -39.35
N LEU G 303 46.15 -10.94 -39.41
CA LEU G 303 46.19 -9.75 -40.25
C LEU G 303 46.94 -8.60 -39.60
N HIS G 304 47.37 -8.76 -38.34
CA HIS G 304 48.05 -7.68 -37.62
C HIS G 304 49.34 -7.29 -38.30
N LYS G 305 50.10 -8.28 -38.79
CA LYS G 305 51.32 -7.98 -39.54
C LYS G 305 51.01 -7.25 -40.85
N ILE G 306 49.82 -7.49 -41.40
CA ILE G 306 49.37 -6.70 -42.55
C ILE G 306 49.34 -5.22 -42.19
N LEU G 307 48.86 -4.91 -40.98
CA LEU G 307 48.84 -3.54 -40.50
C LEU G 307 50.22 -2.92 -40.39
N ASN G 308 51.28 -3.73 -40.24
CA ASN G 308 52.63 -3.18 -40.31
C ASN G 308 53.43 -3.70 -41.50
N LEU G 309 52.76 -4.24 -42.51
CA LEU G 309 53.43 -4.48 -43.79
C LEU G 309 53.17 -3.37 -44.80
N LEU G 310 52.29 -2.43 -44.48
CA LEU G 310 52.08 -1.23 -45.28
C LEU G 310 53.09 -0.10 -45.00
N PRO G 311 53.39 0.30 -43.77
CA PRO G 311 54.29 1.45 -43.58
C PRO G 311 55.78 1.12 -43.60
N PRO G 312 56.24 -0.03 -44.12
CA PRO G 312 57.59 -0.03 -44.68
C PRO G 312 57.73 0.99 -45.81
N GLU G 313 58.91 1.62 -45.86
CA GLU G 313 59.28 2.57 -46.89
C GLU G 313 60.14 1.91 -47.96
N TYR G 314 59.77 0.68 -48.32
CA TYR G 314 60.63 -0.24 -49.08
C TYR G 314 60.31 -0.23 -50.56
N TYR G 315 60.05 0.95 -51.13
CA TYR G 315 59.83 1.04 -52.57
C TYR G 315 61.08 0.65 -53.36
N VAL G 316 62.22 1.26 -53.02
CA VAL G 316 63.47 0.96 -53.71
C VAL G 316 64.22 -0.13 -52.94
N GLU G 317 64.50 -1.24 -53.63
CA GLU G 317 65.10 -2.44 -53.03
C GLU G 317 66.28 -2.90 -53.86
N TYR G 318 67.47 -2.38 -53.58
CA TYR G 318 68.62 -3.00 -54.20
C TYR G 318 69.08 -4.19 -53.35
N PRO G 319 69.31 -4.07 -51.99
CA PRO G 319 69.48 -5.30 -51.20
C PRO G 319 68.26 -5.74 -50.42
N LEU G 320 67.21 -4.92 -50.37
CA LEU G 320 66.16 -5.06 -49.37
C LEU G 320 64.96 -5.86 -49.85
N TRP G 321 64.98 -6.35 -51.09
CA TRP G 321 63.84 -7.10 -51.62
C TRP G 321 63.74 -8.51 -51.03
N SER G 322 64.81 -9.01 -50.42
CA SER G 322 64.92 -10.43 -50.11
C SER G 322 64.83 -10.75 -48.62
N ASN G 323 65.49 -9.97 -47.76
CA ASN G 323 65.58 -10.30 -46.34
C ASN G 323 64.21 -10.38 -45.68
N VAL G 324 63.23 -9.62 -46.18
CA VAL G 324 61.87 -9.71 -45.68
C VAL G 324 61.26 -11.06 -46.03
N VAL G 325 61.56 -11.61 -47.22
CA VAL G 325 60.90 -12.85 -47.58
C VAL G 325 61.61 -14.07 -46.98
N PHE G 326 62.90 -13.97 -46.61
CA PHE G 326 63.36 -15.01 -45.69
C PHE G 326 62.89 -14.77 -44.25
N ALA G 327 62.59 -13.52 -43.87
CA ALA G 327 62.06 -13.28 -42.54
C ALA G 327 60.66 -13.84 -42.37
N LEU G 328 59.87 -13.83 -43.45
CA LEU G 328 58.52 -14.35 -43.44
C LEU G 328 58.45 -15.86 -43.72
N ALA G 329 59.55 -16.58 -43.47
CA ALA G 329 59.57 -18.02 -43.68
C ALA G 329 58.78 -18.80 -42.64
N ASN G 330 58.37 -18.16 -41.55
CA ASN G 330 57.59 -18.83 -40.51
C ASN G 330 56.09 -18.82 -40.83
N THR G 331 55.68 -18.21 -41.93
CA THR G 331 54.28 -18.18 -42.37
C THR G 331 54.19 -18.88 -43.72
N SER G 332 53.23 -19.79 -43.86
CA SER G 332 53.08 -20.59 -45.06
C SER G 332 52.28 -19.89 -46.15
N ALA G 333 51.78 -18.67 -45.91
CA ALA G 333 50.94 -17.95 -46.87
C ALA G 333 51.52 -16.57 -47.15
N ASN G 334 52.82 -16.53 -47.46
CA ASN G 334 53.52 -15.28 -47.71
C ASN G 334 53.39 -14.78 -49.13
N TYR G 335 52.66 -15.50 -50.00
CA TYR G 335 52.57 -15.12 -51.40
C TYR G 335 51.75 -13.83 -51.59
N ARG G 336 50.64 -13.70 -50.86
CA ARG G 336 49.85 -12.47 -50.90
C ARG G 336 50.61 -11.28 -50.30
N PRO G 337 51.33 -11.40 -49.17
CA PRO G 337 52.23 -10.28 -48.80
C PRO G 337 53.31 -9.99 -49.82
N LEU G 338 53.82 -11.00 -50.53
CA LEU G 338 54.82 -10.72 -51.56
C LEU G 338 54.20 -9.97 -52.74
N ALA G 339 52.96 -10.30 -53.09
CA ALA G 339 52.26 -9.58 -54.14
C ALA G 339 51.90 -8.17 -53.70
N GLU G 340 51.71 -7.96 -52.39
CA GLU G 340 51.51 -6.62 -51.86
C GLU G 340 52.81 -5.81 -51.79
N TRP G 341 53.95 -6.51 -51.67
CA TRP G 341 55.22 -5.88 -51.31
C TRP G 341 55.66 -4.83 -52.32
N PHE G 342 55.69 -5.17 -53.61
CA PHE G 342 56.10 -4.23 -54.63
C PHE G 342 54.93 -3.48 -55.25
N SER G 343 53.76 -3.55 -54.63
CA SER G 343 52.58 -2.81 -55.06
C SER G 343 52.49 -1.44 -54.40
N GLN G 344 53.50 -1.06 -53.62
CA GLN G 344 53.52 0.23 -52.93
C GLN G 344 53.59 1.39 -53.91
N THR G 352 60.48 2.44 -59.52
CA THR G 352 59.06 2.55 -59.87
C THR G 352 58.60 1.36 -60.69
N GLY G 353 57.34 0.96 -60.50
CA GLY G 353 56.81 -0.16 -61.24
C GLY G 353 57.33 -1.48 -60.69
N GLY G 354 57.95 -2.28 -61.56
CA GLY G 354 58.49 -3.57 -61.18
C GLY G 354 57.58 -4.74 -61.47
N LYS G 355 56.29 -4.48 -61.78
CA LYS G 355 55.22 -5.43 -62.07
C LYS G 355 55.23 -6.65 -61.15
N GLU G 356 55.41 -6.41 -59.85
CA GLU G 356 55.47 -7.45 -58.81
C GLU G 356 56.58 -8.47 -59.10
N LYS G 357 57.79 -7.94 -59.35
CA LYS G 357 58.99 -8.75 -59.61
C LYS G 357 58.79 -9.71 -60.78
N LEU G 358 58.25 -9.18 -61.89
CA LEU G 358 57.97 -9.90 -63.13
C LEU G 358 56.98 -11.06 -62.92
N GLU G 359 56.25 -11.04 -61.79
CA GLU G 359 55.35 -12.11 -61.36
C GLU G 359 56.08 -13.45 -61.31
N LYS G 360 57.31 -13.44 -60.81
CA LYS G 360 58.07 -14.67 -60.66
C LYS G 360 57.63 -15.51 -59.47
N LEU G 361 56.91 -14.90 -58.51
CA LEU G 361 56.38 -15.57 -57.33
C LEU G 361 57.48 -16.27 -56.52
N TRP G 362 58.39 -15.42 -56.02
CA TRP G 362 59.54 -15.82 -55.20
C TRP G 362 60.42 -16.84 -55.93
N ASN G 363 60.86 -16.43 -57.13
CA ASN G 363 61.76 -17.21 -57.99
C ASN G 363 61.18 -18.59 -58.28
N ASP G 364 59.89 -18.61 -58.63
CA ASP G 364 59.11 -19.83 -58.89
C ASP G 364 59.11 -20.73 -57.66
N ALA G 365 58.47 -20.20 -56.61
CA ALA G 365 58.13 -20.93 -55.38
C ALA G 365 59.38 -21.46 -54.67
N SER G 366 60.19 -20.52 -54.19
CA SER G 366 61.35 -20.87 -53.38
C SER G 366 60.89 -21.51 -52.07
N HIS G 367 61.55 -22.60 -51.69
CA HIS G 367 61.14 -23.38 -50.54
C HIS G 367 61.53 -22.67 -49.24
N HIS G 368 60.94 -23.13 -48.14
CA HIS G 368 61.25 -22.60 -46.83
C HIS G 368 62.50 -23.28 -46.27
N THR G 369 63.18 -22.58 -45.36
CA THR G 369 64.49 -22.97 -44.88
C THR G 369 64.48 -23.07 -43.35
N GLU G 370 65.67 -23.19 -42.77
CA GLU G 370 65.83 -23.37 -41.34
C GLU G 370 65.60 -22.03 -40.61
N LYS G 371 65.89 -22.01 -39.31
CA LYS G 371 65.52 -20.87 -38.48
C LYS G 371 66.39 -19.65 -38.73
N LYS G 372 65.97 -18.80 -39.66
CA LYS G 372 66.57 -17.50 -39.90
C LYS G 372 65.98 -16.47 -38.96
N ILE G 373 66.16 -15.18 -39.27
CA ILE G 373 65.57 -14.10 -38.49
C ILE G 373 64.03 -14.25 -38.44
N THR G 374 63.45 -13.66 -37.39
CA THR G 374 62.06 -13.92 -37.01
C THR G 374 61.24 -12.66 -37.22
N LYS G 375 60.00 -12.69 -36.71
CA LYS G 375 59.04 -11.61 -36.95
C LYS G 375 59.45 -10.29 -36.32
N ARG G 376 60.37 -10.30 -35.36
CA ARG G 376 60.84 -9.07 -34.75
C ARG G 376 61.63 -8.21 -35.73
N SER G 377 62.17 -8.81 -36.80
CA SER G 377 62.92 -8.05 -37.80
C SER G 377 62.04 -7.05 -38.54
N ILE G 378 60.80 -7.43 -38.88
CA ILE G 378 59.91 -6.51 -39.56
C ILE G 378 59.47 -5.38 -38.62
N MET G 379 59.29 -5.69 -37.34
CA MET G 379 59.04 -4.63 -36.36
C MET G 379 60.23 -3.69 -36.22
N TYR G 380 61.45 -4.21 -36.38
CA TYR G 380 62.62 -3.32 -36.43
C TYR G 380 62.65 -2.53 -37.72
N TRP G 381 62.13 -3.10 -38.81
CA TRP G 381 62.14 -2.40 -40.09
C TRP G 381 61.09 -1.30 -40.15
N ALA G 382 60.08 -1.36 -39.30
CA ALA G 382 59.24 -0.21 -39.00
C ALA G 382 59.90 0.58 -37.89
N HIS G 383 59.19 1.57 -37.33
CA HIS G 383 59.60 2.36 -36.17
C HIS G 383 60.80 3.27 -36.44
N LYS G 384 61.36 3.19 -37.65
CA LYS G 384 62.46 4.05 -38.07
C LYS G 384 62.15 4.60 -39.46
N HIS G 385 61.38 3.82 -40.23
CA HIS G 385 60.88 4.29 -41.51
C HIS G 385 59.52 4.95 -41.38
N ALA G 386 58.70 4.50 -40.44
CA ALA G 386 57.43 5.16 -40.11
C ALA G 386 57.19 4.99 -38.62
N PRO G 387 57.84 5.81 -37.79
CA PRO G 387 57.78 5.58 -36.34
C PRO G 387 56.42 5.90 -35.73
N GLN G 388 55.80 7.01 -36.13
CA GLN G 388 54.51 7.38 -35.54
C GLN G 388 53.41 6.41 -35.95
N GLN G 389 53.40 5.99 -37.22
CA GLN G 389 52.41 5.03 -37.69
C GLN G 389 52.57 3.68 -37.00
N TYR G 390 53.81 3.22 -36.86
CA TYR G 390 54.07 1.99 -36.12
C TYR G 390 53.62 2.10 -34.68
N LYS G 391 53.86 3.26 -34.07
CA LYS G 391 53.45 3.48 -32.68
C LYS G 391 51.94 3.39 -32.53
N GLU G 392 51.19 4.08 -33.40
CA GLU G 392 49.74 4.06 -33.23
C GLU G 392 49.16 2.69 -33.55
N ILE G 393 49.72 1.96 -34.52
CA ILE G 393 49.16 0.64 -34.80
C ILE G 393 49.51 -0.36 -33.70
N VAL G 394 50.68 -0.23 -33.05
CA VAL G 394 50.97 -1.18 -31.97
C VAL G 394 50.14 -0.88 -30.74
N GLU G 395 49.92 0.40 -30.39
CA GLU G 395 48.99 0.63 -29.27
C GLU G 395 47.56 0.26 -29.62
N GLN G 396 47.17 0.36 -30.90
CA GLN G 396 45.84 -0.09 -31.29
C GLN G 396 45.71 -1.60 -31.15
N GLY G 397 46.74 -2.36 -31.53
CA GLY G 397 46.71 -3.80 -31.33
C GLY G 397 46.74 -4.19 -29.86
N TYR G 398 47.50 -3.45 -29.05
CA TYR G 398 47.54 -3.63 -27.61
C TYR G 398 46.15 -3.48 -27.01
N PHE G 399 45.49 -2.36 -27.35
CA PHE G 399 44.15 -2.08 -26.87
C PHE G 399 43.15 -3.11 -27.37
N SER G 400 43.31 -3.57 -28.61
CA SER G 400 42.39 -4.56 -29.16
C SER G 400 42.50 -5.90 -28.43
N ILE G 401 43.73 -6.34 -28.15
CA ILE G 401 43.92 -7.60 -27.43
C ILE G 401 43.36 -7.49 -26.02
N LEU G 402 43.65 -6.39 -25.33
CA LEU G 402 43.16 -6.23 -23.96
C LEU G 402 41.64 -6.11 -23.94
N ALA G 403 41.06 -5.40 -24.91
CA ALA G 403 39.61 -5.25 -24.96
C ALA G 403 38.92 -6.56 -25.28
N GLU G 404 39.50 -7.38 -26.16
CA GLU G 404 38.94 -8.69 -26.44
C GLU G 404 38.98 -9.57 -25.20
N TYR G 405 40.11 -9.56 -24.47
CA TYR G 405 40.22 -10.37 -23.28
C TYR G 405 39.32 -9.88 -22.16
N VAL G 406 39.02 -8.58 -22.11
CA VAL G 406 38.10 -8.06 -21.11
C VAL G 406 36.66 -8.41 -21.46
N TYR G 407 36.25 -8.08 -22.69
CA TYR G 407 34.86 -8.29 -23.10
C TYR G 407 34.50 -9.77 -23.16
N SER G 408 35.48 -10.64 -23.41
CA SER G 408 35.20 -12.07 -23.44
C SER G 408 34.88 -12.62 -22.06
N TYR G 409 35.54 -12.10 -21.02
CA TYR G 409 35.42 -12.62 -19.67
C TYR G 409 35.00 -11.54 -18.69
N ASN G 410 34.05 -10.70 -19.10
CA ASN G 410 33.41 -9.67 -18.29
C ASN G 410 34.39 -8.68 -17.68
N GLY G 411 34.68 -8.81 -16.39
CA GLY G 411 35.55 -7.86 -15.74
C GLY G 411 36.88 -8.40 -15.26
N MET G 412 36.89 -9.65 -14.80
CA MET G 412 38.07 -10.20 -14.17
C MET G 412 39.11 -10.60 -15.20
N LEU G 413 40.38 -10.48 -14.81
CA LEU G 413 41.51 -10.87 -15.66
C LEU G 413 42.43 -11.75 -14.85
N GLU G 414 42.72 -12.94 -15.36
CA GLU G 414 43.66 -13.84 -14.71
C GLU G 414 45.05 -13.62 -15.29
N HIS G 415 45.97 -14.54 -15.00
CA HIS G 415 47.37 -14.31 -15.30
C HIS G 415 47.67 -14.43 -16.80
N TYR G 416 46.98 -15.33 -17.51
CA TYR G 416 47.41 -15.66 -18.86
C TYR G 416 47.10 -14.54 -19.85
N MET G 417 45.95 -13.87 -19.70
CA MET G 417 45.62 -12.79 -20.64
C MET G 417 46.57 -11.61 -20.49
N ILE G 418 46.90 -11.24 -19.25
CA ILE G 418 47.85 -10.18 -19.03
C ILE G 418 49.24 -10.60 -19.48
N ALA G 419 49.58 -11.88 -19.33
CA ALA G 419 50.84 -12.39 -19.84
C ALA G 419 50.88 -12.33 -21.36
N LYS G 420 49.76 -12.60 -22.02
CA LYS G 420 49.70 -12.51 -23.48
C LYS G 420 49.86 -11.07 -23.96
N VAL G 421 49.24 -10.12 -23.27
CA VAL G 421 49.39 -8.72 -23.61
C VAL G 421 50.84 -8.27 -23.38
N ILE G 422 51.46 -8.74 -22.29
CA ILE G 422 52.85 -8.40 -22.00
C ILE G 422 53.78 -9.00 -23.05
N TYR G 423 53.49 -10.22 -23.52
CA TYR G 423 54.27 -10.81 -24.59
C TYR G 423 54.10 -10.03 -25.89
N ALA G 424 52.90 -9.53 -26.14
CA ALA G 424 52.70 -8.64 -27.29
C ALA G 424 53.47 -7.34 -27.12
N MET G 425 53.70 -6.91 -25.88
CA MET G 425 54.40 -5.66 -25.65
C MET G 425 55.91 -5.80 -25.81
N MET G 426 56.52 -6.72 -25.08
CA MET G 426 57.98 -6.88 -25.05
C MET G 426 58.44 -8.18 -25.67
N GLY G 427 57.81 -8.60 -26.78
CA GLY G 427 58.20 -9.84 -27.42
C GLY G 427 59.56 -9.81 -28.05
N ASN G 428 60.09 -8.62 -28.35
CA ASN G 428 61.41 -8.47 -28.94
C ASN G 428 62.43 -7.90 -27.97
N LYS G 429 62.23 -8.14 -26.67
CA LYS G 429 63.16 -7.65 -25.67
C LYS G 429 63.56 -8.73 -24.67
N PHE G 430 62.70 -9.74 -24.49
CA PHE G 430 62.90 -10.77 -23.48
C PHE G 430 62.76 -12.15 -24.10
N VAL G 431 63.60 -13.08 -23.64
CA VAL G 431 63.46 -14.50 -23.94
C VAL G 431 63.75 -15.29 -22.68
N VAL G 432 63.52 -16.59 -22.74
CA VAL G 432 63.66 -17.45 -21.57
C VAL G 432 64.01 -18.86 -22.05
N ASP G 433 64.88 -19.54 -21.31
CA ASP G 433 65.29 -20.90 -21.69
C ASP G 433 65.47 -21.77 -20.46
N VAL G 434 65.78 -23.05 -20.72
CA VAL G 434 65.69 -24.14 -19.75
C VAL G 434 67.12 -24.70 -19.67
N ASP G 435 68.10 -23.79 -19.69
CA ASP G 435 69.50 -24.04 -20.03
C ASP G 435 70.17 -25.31 -19.50
N SER G 436 70.34 -25.46 -18.19
CA SER G 436 71.08 -26.59 -17.67
C SER G 436 70.31 -27.44 -16.68
N ASN G 437 69.71 -26.83 -15.66
CA ASN G 437 69.17 -27.56 -14.52
C ASN G 437 67.64 -27.62 -14.55
N GLY G 438 67.04 -27.40 -15.71
CA GLY G 438 65.59 -27.38 -15.80
C GLY G 438 64.95 -26.12 -15.28
N LYS G 439 65.74 -25.09 -15.01
CA LYS G 439 65.21 -23.81 -14.54
C LYS G 439 65.11 -22.83 -15.70
N TYR G 440 64.10 -21.98 -15.63
CA TYR G 440 63.82 -21.00 -16.70
C TYR G 440 64.60 -19.72 -16.38
N VAL G 441 65.71 -19.53 -17.07
CA VAL G 441 66.50 -18.32 -16.91
C VAL G 441 66.09 -17.33 -18.01
N TRP G 442 66.03 -16.05 -17.67
CA TRP G 442 65.60 -15.03 -18.61
C TRP G 442 66.81 -14.36 -19.25
N PHE G 443 66.57 -13.79 -20.43
CA PHE G 443 67.57 -13.00 -21.13
C PHE G 443 66.90 -11.74 -21.64
N GLU G 444 67.44 -10.60 -21.24
CA GLU G 444 66.86 -9.30 -21.56
C GLU G 444 67.74 -8.58 -22.57
N PHE G 445 67.12 -8.09 -23.64
CA PHE G 445 67.80 -7.22 -24.57
C PHE G 445 67.92 -5.83 -23.98
N VAL G 446 69.10 -5.23 -24.12
CA VAL G 446 69.39 -3.95 -23.51
C VAL G 446 69.25 -2.85 -24.56
N LEU G 447 69.03 -1.63 -24.08
CA LEU G 447 68.80 -0.45 -24.89
C LEU G 447 69.73 0.65 -24.39
N PRO G 448 70.00 1.67 -25.22
CA PRO G 448 70.81 2.81 -24.74
C PRO G 448 70.22 3.54 -23.55
N GLY G 449 68.89 3.62 -23.43
CA GLY G 449 68.29 4.25 -22.28
C GLY G 449 68.01 3.29 -21.14
N GLN G 450 69.04 2.56 -20.71
CA GLN G 450 68.87 1.54 -19.68
C GLN G 450 70.07 1.57 -18.76
N PRO G 451 69.90 1.17 -17.49
CA PRO G 451 71.06 0.95 -16.63
C PRO G 451 71.95 -0.16 -17.17
N MET G 452 73.25 -0.03 -16.91
CA MET G 452 74.27 -0.77 -17.64
C MET G 452 75.26 -1.38 -16.65
N ASN G 453 76.03 -2.37 -17.11
CA ASN G 453 77.16 -2.85 -16.31
C ASN G 453 78.46 -2.14 -16.73
N GLN G 454 78.97 -2.46 -17.92
CA GLN G 454 79.97 -1.60 -18.53
C GLN G 454 79.74 -1.43 -20.02
N GLY G 455 79.39 -2.51 -20.71
CA GLY G 455 79.49 -2.50 -22.16
C GLY G 455 78.44 -3.26 -22.95
N GLU G 456 77.46 -3.87 -22.30
CA GLU G 456 76.40 -4.54 -23.02
C GLU G 456 75.39 -3.49 -23.49
N ILE G 457 75.44 -3.17 -24.77
CA ILE G 457 74.59 -2.14 -25.35
C ILE G 457 73.61 -2.68 -26.38
N TRP G 458 73.92 -3.80 -27.04
CA TRP G 458 72.97 -4.39 -27.98
C TRP G 458 72.97 -5.91 -27.87
N LYS G 459 73.30 -6.44 -26.70
CA LYS G 459 73.40 -7.88 -26.50
C LYS G 459 72.53 -8.30 -25.32
N TRP G 460 72.07 -9.55 -25.35
CA TRP G 460 71.25 -10.07 -24.27
C TRP G 460 72.05 -10.21 -22.99
N ARG G 461 71.39 -9.97 -21.86
CA ARG G 461 71.99 -10.18 -20.55
C ARG G 461 71.16 -11.19 -19.77
N LYS G 462 71.86 -12.01 -18.99
CA LYS G 462 71.23 -13.11 -18.27
C LYS G 462 70.64 -12.61 -16.96
N GLU G 463 69.40 -13.00 -16.68
CA GLU G 463 68.69 -12.55 -15.49
C GLU G 463 67.99 -13.73 -14.83
N VAL G 464 67.98 -13.69 -13.49
CA VAL G 464 67.25 -14.68 -12.70
C VAL G 464 65.85 -14.20 -12.33
N ASN G 465 65.54 -12.92 -12.56
CA ASN G 465 64.23 -12.37 -12.30
C ASN G 465 64.05 -11.19 -13.25
N PRO G 466 62.97 -11.16 -14.03
CA PRO G 466 62.77 -10.05 -14.95
C PRO G 466 62.38 -8.76 -14.23
N ASP G 467 63.38 -8.06 -13.69
CA ASP G 467 63.11 -6.83 -12.95
C ASP G 467 62.53 -5.75 -13.86
N GLU G 468 63.04 -5.66 -15.09
CA GLU G 468 62.51 -4.70 -16.05
C GLU G 468 61.06 -5.00 -16.39
N LEU G 469 60.75 -6.29 -16.60
CA LEU G 469 59.37 -6.68 -16.88
C LEU G 469 58.48 -6.51 -15.67
N HIS G 470 59.02 -6.75 -14.46
CA HIS G 470 58.24 -6.54 -13.24
C HIS G 470 57.88 -5.07 -13.07
N ILE G 471 58.82 -4.17 -13.38
CA ILE G 471 58.50 -2.75 -13.36
C ILE G 471 57.52 -2.41 -14.47
N TYR G 472 57.68 -3.02 -15.64
CA TYR G 472 56.88 -2.69 -16.81
C TYR G 472 55.41 -3.04 -16.61
N ILE G 473 55.14 -4.21 -16.00
CA ILE G 473 53.76 -4.65 -15.77
C ILE G 473 53.02 -3.65 -14.89
N SER G 474 53.67 -3.15 -13.85
CA SER G 474 53.03 -2.21 -12.96
C SER G 474 52.95 -0.80 -13.55
N GLU G 475 53.93 -0.39 -14.37
CA GLU G 475 53.98 0.99 -14.83
C GLU G 475 53.30 1.20 -16.18
N ASN G 476 53.76 0.52 -17.23
CA ASN G 476 53.31 0.86 -18.58
C ASN G 476 52.02 0.16 -18.96
N PHE G 477 51.79 -1.03 -18.41
CA PHE G 477 50.52 -1.73 -18.63
C PHE G 477 49.37 -1.03 -17.91
N SER G 478 49.66 -0.26 -16.87
CA SER G 478 48.63 0.53 -16.20
C SER G 478 48.06 1.61 -17.12
N ARG G 479 48.86 2.11 -18.06
CA ARG G 479 48.35 3.08 -19.03
C ARG G 479 47.32 2.43 -19.96
N VAL G 480 47.57 1.20 -20.39
CA VAL G 480 46.59 0.49 -21.21
C VAL G 480 45.35 0.16 -20.39
N MET G 481 45.53 -0.17 -19.10
CA MET G 481 44.38 -0.34 -18.21
C MET G 481 43.56 0.94 -18.11
N ASP G 482 44.22 2.09 -17.99
CA ASP G 482 43.52 3.36 -17.94
C ASP G 482 42.80 3.66 -19.25
N ARG G 483 43.40 3.28 -20.38
CA ARG G 483 42.72 3.42 -21.67
C ARG G 483 41.47 2.55 -21.73
N ILE G 484 41.55 1.34 -21.17
CA ILE G 484 40.38 0.46 -21.12
C ILE G 484 39.27 1.09 -20.27
N THR G 485 39.65 1.67 -19.12
CA THR G 485 38.65 2.33 -18.27
C THR G 485 38.04 3.55 -18.97
N GLU G 486 38.86 4.30 -19.71
CA GLU G 486 38.34 5.44 -20.46
C GLU G 486 37.37 4.99 -21.54
N HIS G 487 37.67 3.89 -22.22
CA HIS G 487 36.75 3.36 -23.22
C HIS G 487 35.43 2.89 -22.59
N ILE G 488 35.51 2.23 -21.44
CA ILE G 488 34.30 1.78 -20.75
C ILE G 488 33.46 2.96 -20.30
N LYS G 489 34.09 3.99 -19.73
CA LYS G 489 33.34 5.17 -19.29
C LYS G 489 32.80 5.96 -20.47
N TYR G 490 33.49 5.95 -21.61
CA TYR G 490 32.96 6.59 -22.81
C TYR G 490 31.74 5.85 -23.34
N HIS G 491 31.76 4.51 -23.29
CA HIS G 491 30.58 3.76 -23.67
C HIS G 491 29.46 3.91 -22.64
N LEU G 492 29.80 4.23 -21.39
CA LEU G 492 28.78 4.43 -20.37
C LEU G 492 27.97 5.69 -20.62
N SER G 493 28.63 6.75 -21.08
CA SER G 493 27.96 8.04 -21.29
C SER G 493 27.42 8.16 -22.71
N GLN G 494 26.62 7.19 -23.13
CA GLN G 494 25.97 7.20 -24.43
C GLN G 494 24.49 6.89 -24.26
N PRO G 495 23.63 7.52 -25.06
CA PRO G 495 22.16 7.33 -24.89
C PRO G 495 21.60 6.08 -25.58
N HIS G 496 21.72 4.95 -24.89
CA HIS G 496 21.09 3.71 -25.37
C HIS G 496 20.26 3.07 -24.28
N GLU G 497 19.77 1.85 -24.52
CA GLU G 497 18.78 1.22 -23.64
C GLU G 497 19.42 0.79 -22.32
N SER G 498 18.55 0.58 -21.33
CA SER G 498 18.98 0.51 -19.94
C SER G 498 19.78 -0.75 -19.61
N ASN G 499 19.49 -1.87 -20.29
CA ASN G 499 20.20 -3.10 -19.98
C ASN G 499 21.67 -3.03 -20.40
N ILE G 500 21.97 -2.28 -21.46
CA ILE G 500 23.36 -2.06 -21.84
C ILE G 500 24.07 -1.19 -20.79
N LEU G 501 23.36 -0.21 -20.23
CA LEU G 501 23.91 0.56 -19.12
C LEU G 501 24.18 -0.31 -17.90
N ASN G 502 23.27 -1.24 -17.60
CA ASN G 502 23.50 -2.14 -16.47
C ASN G 502 24.69 -3.07 -16.72
N TYR G 503 24.80 -3.60 -17.94
CA TYR G 503 25.93 -4.46 -18.28
C TYR G 503 27.24 -3.71 -18.20
N TYR G 504 27.28 -2.48 -18.70
CA TYR G 504 28.50 -1.69 -18.62
C TYR G 504 28.82 -1.29 -17.18
N LYS G 505 27.78 -1.05 -16.36
CA LYS G 505 28.00 -0.70 -14.96
C LYS G 505 28.61 -1.87 -14.20
N LYS G 506 28.08 -3.08 -14.38
CA LYS G 506 28.65 -4.22 -13.69
C LYS G 506 30.02 -4.60 -14.25
N LEU G 507 30.23 -4.40 -15.55
CA LEU G 507 31.56 -4.64 -16.13
C LEU G 507 32.59 -3.68 -15.57
N LEU G 508 32.22 -2.40 -15.41
CA LEU G 508 33.14 -1.43 -14.83
C LEU G 508 33.37 -1.69 -13.35
N LYS G 509 32.33 -2.11 -12.63
CA LYS G 509 32.49 -2.39 -11.21
C LYS G 509 33.30 -3.66 -10.96
N ALA G 510 33.37 -4.57 -11.94
CA ALA G 510 34.28 -5.69 -11.83
C ALA G 510 35.69 -5.34 -12.30
N PHE G 511 35.80 -4.50 -13.33
CA PHE G 511 37.11 -4.15 -13.84
C PHE G 511 37.86 -3.22 -12.91
N GLU G 512 37.15 -2.37 -12.16
CA GLU G 512 37.83 -1.51 -11.19
C GLU G 512 38.36 -2.33 -10.03
N ARG G 513 37.80 -3.51 -9.78
CA ARG G 513 38.36 -4.42 -8.79
C ARG G 513 39.54 -5.20 -9.37
N SER G 514 39.43 -5.61 -10.63
CA SER G 514 40.49 -6.40 -11.25
C SER G 514 41.65 -5.55 -11.77
N LYS G 515 41.51 -4.23 -11.77
CA LYS G 515 42.57 -3.37 -12.30
C LYS G 515 43.74 -3.28 -11.35
N SER G 516 43.48 -3.16 -10.05
CA SER G 516 44.55 -3.04 -9.06
C SER G 516 45.32 -4.32 -8.85
N LYS G 517 44.85 -5.45 -9.40
CA LYS G 517 45.53 -6.72 -9.21
C LYS G 517 46.88 -6.79 -9.92
N ILE G 518 47.11 -5.95 -10.93
CA ILE G 518 48.39 -5.93 -11.60
C ILE G 518 49.50 -5.34 -10.74
N PHE G 519 49.16 -4.69 -9.63
CA PHE G 519 50.15 -4.23 -8.67
C PHE G 519 50.37 -5.23 -7.55
N ASN G 520 49.56 -6.28 -7.46
CA ASN G 520 49.76 -7.31 -6.46
C ASN G 520 51.02 -8.12 -6.76
N ASP G 521 51.76 -8.47 -5.71
CA ASP G 521 53.03 -9.17 -5.91
C ASP G 521 52.82 -10.61 -6.34
N SER G 522 51.89 -11.31 -5.69
CA SER G 522 51.61 -12.70 -6.05
C SER G 522 51.02 -12.79 -7.45
N PHE G 523 50.14 -11.85 -7.81
CA PHE G 523 49.58 -11.83 -9.16
C PHE G 523 50.67 -11.54 -10.20
N LYS G 524 51.61 -10.65 -9.88
CA LYS G 524 52.70 -10.38 -10.81
C LYS G 524 53.61 -11.59 -10.97
N LYS G 525 53.87 -12.31 -9.88
CA LYS G 525 54.65 -13.53 -9.96
C LYS G 525 53.94 -14.58 -10.80
N GLY G 526 52.62 -14.69 -10.65
CA GLY G 526 51.86 -15.60 -11.48
C GLY G 526 51.85 -15.20 -12.95
N VAL G 527 51.82 -13.89 -13.21
CA VAL G 527 51.87 -13.40 -14.59
C VAL G 527 53.22 -13.72 -15.22
N ILE G 528 54.31 -13.54 -14.47
CA ILE G 528 55.64 -13.90 -14.96
C ILE G 528 55.72 -15.42 -15.20
N ARG G 529 55.14 -16.19 -14.28
CA ARG G 529 55.18 -17.64 -14.39
C ARG G 529 54.38 -18.12 -15.60
N GLN G 530 53.27 -17.45 -15.91
CA GLN G 530 52.54 -17.78 -17.13
C GLN G 530 53.24 -17.24 -18.36
N ALA G 531 54.05 -16.20 -18.20
CA ALA G 531 54.71 -15.58 -19.34
C ALA G 531 55.97 -16.32 -19.77
N GLU G 532 56.56 -17.17 -18.91
CA GLU G 532 57.72 -17.91 -19.39
C GLU G 532 57.37 -18.85 -20.53
N PHE G 533 56.14 -19.37 -20.54
CA PHE G 533 55.72 -20.26 -21.62
C PHE G 533 55.53 -19.49 -22.93
N LEU G 534 54.98 -18.28 -22.84
CA LEU G 534 54.76 -17.48 -24.04
C LEU G 534 56.07 -16.93 -24.59
N PHE G 535 57.01 -16.57 -23.71
CA PHE G 535 58.28 -15.99 -24.11
C PHE G 535 59.31 -17.03 -24.53
N ARG G 536 58.91 -18.29 -24.68
CA ARG G 536 59.86 -19.36 -24.98
C ARG G 536 60.45 -19.19 -26.38
N GLN G 537 61.72 -19.54 -26.51
CA GLN G 537 62.43 -19.52 -27.79
C GLN G 537 62.75 -20.90 -28.33
N ARG G 538 63.05 -21.86 -27.43
CA ARG G 538 63.35 -23.27 -27.72
C ARG G 538 64.65 -23.47 -28.50
N SER G 539 65.32 -22.38 -28.87
CA SER G 539 66.55 -22.46 -29.65
C SER G 539 67.54 -21.37 -29.25
N PHE G 540 67.57 -20.98 -27.98
CA PHE G 540 68.37 -19.85 -27.54
C PHE G 540 69.68 -20.28 -26.88
N ILE G 541 69.60 -21.09 -25.83
CA ILE G 541 70.79 -21.43 -25.05
C ILE G 541 71.71 -22.36 -25.84
N GLN G 542 71.13 -23.35 -26.54
CA GLN G 542 71.94 -24.31 -27.26
C GLN G 542 72.73 -23.70 -28.41
N THR G 543 72.32 -22.53 -28.91
CA THR G 543 73.11 -21.73 -29.85
C THR G 543 73.15 -20.27 -29.35
N LEU G 544 74.07 -20.01 -28.43
CA LEU G 544 74.25 -18.67 -27.87
C LEU G 544 75.45 -17.96 -28.51
N ASP G 545 76.64 -18.54 -28.38
CA ASP G 545 77.85 -17.99 -28.98
C ASP G 545 78.47 -18.95 -29.99
N THR G 546 77.67 -19.86 -30.54
CA THR G 546 78.19 -20.83 -31.50
C THR G 546 78.49 -20.20 -32.85
N ASN G 547 78.00 -19.01 -33.12
CA ASN G 547 78.30 -18.33 -34.36
C ASN G 547 79.75 -17.85 -34.33
N PRO G 548 80.62 -18.30 -35.23
CA PRO G 548 82.04 -17.98 -35.13
C PRO G 548 82.42 -16.61 -35.69
N HIS G 549 81.46 -15.81 -36.15
CA HIS G 549 81.76 -14.54 -36.79
C HIS G 549 81.20 -13.34 -36.03
N LEU G 550 80.74 -13.53 -34.80
CA LEU G 550 80.06 -12.47 -34.06
C LEU G 550 80.82 -12.21 -32.76
N LEU G 551 81.10 -10.93 -32.50
CA LEU G 551 81.84 -10.51 -31.32
C LEU G 551 81.00 -9.50 -30.53
N GLY G 552 81.12 -9.54 -29.21
CA GLY G 552 80.46 -8.55 -28.37
C GLY G 552 81.40 -7.42 -27.99
N VAL G 553 81.17 -6.22 -28.52
CA VAL G 553 82.03 -5.07 -28.28
C VAL G 553 81.21 -4.00 -27.57
N GLY G 554 81.93 -2.99 -27.07
CA GLY G 554 81.28 -1.92 -26.31
C GLY G 554 80.32 -1.08 -27.13
N ASN G 555 80.54 -0.99 -28.44
CA ASN G 555 79.58 -0.31 -29.30
C ASN G 555 78.48 -1.21 -29.82
N GLY G 556 78.50 -2.50 -29.46
CA GLY G 556 77.44 -3.39 -29.91
C GLY G 556 77.91 -4.77 -30.29
N VAL G 557 77.58 -5.19 -31.50
CA VAL G 557 77.95 -6.50 -32.01
C VAL G 557 78.75 -6.30 -33.28
N LEU G 558 79.95 -6.87 -33.33
CA LEU G 558 80.83 -6.78 -34.48
C LEU G 558 80.71 -8.06 -35.29
N SER G 559 80.42 -7.93 -36.58
CA SER G 559 80.28 -9.05 -37.48
C SER G 559 81.42 -9.05 -38.48
N ILE G 560 82.09 -10.19 -38.62
CA ILE G 560 83.20 -10.32 -39.56
C ILE G 560 82.79 -11.29 -40.66
N GLU G 561 81.48 -11.42 -40.89
CA GLU G 561 80.99 -12.26 -41.99
C GLU G 561 81.39 -11.69 -43.35
N THR G 562 81.30 -10.37 -43.51
CA THR G 562 81.54 -9.73 -44.79
C THR G 562 82.96 -9.18 -44.86
N ILE G 563 83.27 -8.55 -46.00
CA ILE G 563 84.61 -8.01 -46.21
C ILE G 563 84.98 -6.88 -45.25
N PRO G 564 84.16 -5.85 -45.04
CA PRO G 564 84.51 -4.85 -44.03
C PRO G 564 83.89 -5.17 -42.67
N ALA G 565 84.27 -4.37 -41.68
CA ALA G 565 83.68 -4.48 -40.36
C ALA G 565 82.24 -3.99 -40.38
N LYS G 566 81.36 -4.71 -39.69
CA LYS G 566 79.94 -4.39 -39.74
C LYS G 566 79.53 -3.43 -38.62
N LEU G 567 79.84 -3.78 -37.37
CA LEU G 567 79.52 -2.98 -36.18
C LEU G 567 78.01 -2.74 -36.08
N ILE G 568 77.29 -3.83 -35.83
CA ILE G 568 75.85 -3.79 -35.66
C ILE G 568 75.51 -2.93 -34.44
N ASN G 569 74.90 -1.79 -34.68
CA ASN G 569 74.56 -0.82 -33.64
C ASN G 569 73.06 -0.60 -33.59
N HIS G 570 72.30 -1.69 -33.71
CA HIS G 570 70.84 -1.61 -33.76
C HIS G 570 70.28 -2.96 -33.32
N PHE G 571 68.97 -3.11 -33.47
CA PHE G 571 68.31 -4.36 -33.10
C PHE G 571 68.68 -5.47 -34.05
N HIS G 572 68.78 -6.69 -33.52
CA HIS G 572 69.18 -7.85 -34.31
C HIS G 572 68.67 -9.11 -33.61
N GLU G 573 68.71 -10.21 -34.34
CA GLU G 573 68.31 -11.51 -33.80
C GLU G 573 69.49 -12.42 -33.51
N HIS G 574 70.71 -11.92 -33.62
CA HIS G 574 71.87 -12.71 -33.25
C HIS G 574 71.93 -12.85 -31.73
N PRO G 575 71.89 -14.06 -31.18
CA PRO G 575 71.73 -14.25 -29.73
C PRO G 575 73.06 -14.24 -28.96
N ILE G 576 73.90 -13.26 -29.24
CA ILE G 576 75.21 -13.18 -28.60
C ILE G 576 75.05 -12.67 -27.16
N HIS G 577 75.78 -13.28 -26.24
CA HIS G 577 75.73 -12.92 -24.83
C HIS G 577 77.08 -12.46 -24.29
N GLN G 578 78.14 -13.21 -24.58
CA GLN G 578 79.47 -12.83 -24.12
C GLN G 578 79.95 -11.58 -24.85
N TYR G 579 80.67 -10.73 -24.14
CA TYR G 579 80.96 -9.39 -24.64
C TYR G 579 82.31 -8.92 -24.14
N THR G 580 82.84 -7.92 -24.83
CA THR G 580 84.02 -7.18 -24.38
C THR G 580 83.60 -5.76 -24.04
N HIS G 581 83.88 -5.33 -22.81
CA HIS G 581 83.54 -3.99 -22.36
C HIS G 581 84.58 -2.96 -22.76
N ILE G 582 85.71 -3.39 -23.33
CA ILE G 582 86.84 -2.50 -23.57
C ILE G 582 87.21 -2.39 -25.04
N CYS G 583 86.56 -3.15 -25.92
CA CYS G 583 86.89 -3.14 -27.34
C CYS G 583 86.65 -1.79 -27.99
N TYR G 584 85.38 -1.37 -28.07
CA TYR G 584 84.96 -0.09 -28.63
C TYR G 584 85.54 0.14 -30.03
N VAL G 585 85.27 -0.81 -30.92
CA VAL G 585 85.93 -0.92 -32.23
C VAL G 585 85.69 0.33 -33.09
N PRO G 586 86.74 1.12 -33.32
CA PRO G 586 86.59 2.37 -34.09
C PRO G 586 86.99 2.30 -35.56
N PHE G 587 87.35 1.11 -36.08
CA PHE G 587 88.04 0.88 -37.35
C PHE G 587 89.42 1.51 -37.34
N ASN G 588 90.25 1.20 -38.36
CA ASN G 588 91.64 1.64 -38.41
C ASN G 588 91.77 3.16 -38.49
N PRO G 589 92.19 3.83 -37.41
CA PRO G 589 92.21 5.29 -37.40
C PRO G 589 93.54 5.87 -37.84
N GLU G 590 93.64 7.21 -37.81
CA GLU G 590 94.90 7.90 -38.05
C GLU G 590 95.34 8.77 -36.88
N ASN G 591 94.82 8.57 -35.67
CA ASN G 591 95.13 9.41 -34.53
C ASN G 591 96.49 9.06 -33.93
N PRO G 592 96.84 9.70 -32.81
CA PRO G 592 98.16 9.52 -32.21
C PRO G 592 98.34 8.13 -31.61
N TRP G 593 97.27 7.55 -31.06
CA TRP G 593 97.40 6.28 -30.33
C TRP G 593 97.75 5.13 -31.26
N THR G 594 97.06 5.03 -32.40
CA THR G 594 97.35 3.95 -33.34
C THR G 594 98.74 4.11 -33.97
N LYS G 595 99.17 5.34 -34.22
CA LYS G 595 100.48 5.54 -34.81
C LYS G 595 101.60 5.26 -33.81
N LEU G 596 101.40 5.64 -32.54
CA LEU G 596 102.40 5.30 -31.53
C LEU G 596 102.44 3.81 -31.27
N LEU G 597 101.29 3.12 -31.32
CA LEU G 597 101.28 1.67 -31.18
C LEU G 597 101.99 0.99 -32.35
N LEU G 598 101.74 1.45 -33.58
CA LEU G 598 102.39 0.87 -34.75
C LEU G 598 103.89 1.14 -34.74
N ASN G 599 104.30 2.31 -34.27
CA ASN G 599 105.73 2.60 -34.15
C ASN G 599 106.37 1.81 -33.03
N ALA G 600 105.65 1.56 -31.94
CA ALA G 600 106.17 0.80 -30.82
C ALA G 600 106.13 -0.71 -31.05
N LEU G 601 105.42 -1.16 -32.09
CA LEU G 601 105.52 -2.58 -32.45
C LEU G 601 106.91 -2.91 -32.97
N GLN G 602 107.62 -1.94 -33.54
CA GLN G 602 109.02 -2.06 -33.90
C GLN G 602 109.84 -1.13 -33.02
N ASP G 603 111.15 -1.12 -33.26
CA ASP G 603 112.14 -0.19 -32.71
C ASP G 603 112.35 -0.31 -31.21
N ILE G 604 111.59 -1.16 -30.51
CA ILE G 604 111.80 -1.42 -29.09
C ILE G 604 111.93 -2.92 -28.93
N ILE G 605 110.92 -3.65 -29.41
CA ILE G 605 111.04 -5.09 -29.58
C ILE G 605 111.25 -5.33 -31.08
N PRO G 606 112.16 -6.23 -31.46
CA PRO G 606 112.57 -6.31 -32.86
C PRO G 606 111.55 -7.04 -33.72
N GLU G 607 111.23 -6.47 -34.87
CA GLU G 607 110.40 -7.10 -35.90
C GLU G 607 111.14 -6.96 -37.22
N LEU G 608 111.77 -8.05 -37.65
CA LEU G 608 112.69 -8.00 -38.78
C LEU G 608 111.93 -8.03 -40.10
N ASP G 609 112.23 -7.05 -40.97
CA ASP G 609 111.70 -6.95 -42.33
C ASP G 609 110.17 -6.88 -42.34
N ALA G 610 109.61 -6.20 -41.34
CA ALA G 610 108.17 -6.02 -41.16
C ALA G 610 107.44 -7.36 -41.13
N ARG G 611 107.75 -8.15 -40.12
CA ARG G 611 107.20 -9.49 -39.97
C ARG G 611 105.72 -9.40 -39.65
N LEU G 612 104.88 -9.86 -40.58
CA LEU G 612 103.44 -9.82 -40.41
C LEU G 612 102.84 -11.17 -40.04
N TRP G 613 103.60 -12.26 -40.16
CA TRP G 613 103.10 -13.57 -39.75
C TRP G 613 102.83 -13.59 -38.24
N ILE G 614 103.69 -12.93 -37.46
CA ILE G 614 103.50 -12.90 -36.01
C ILE G 614 102.22 -12.13 -35.66
N MET G 615 102.02 -10.97 -36.28
CA MET G 615 100.84 -10.17 -35.98
C MET G 615 99.59 -10.85 -36.51
N PHE G 616 99.71 -11.56 -37.64
CA PHE G 616 98.61 -12.41 -38.11
C PHE G 616 98.32 -13.53 -37.11
N TYR G 617 99.34 -13.99 -36.37
CA TYR G 617 99.07 -15.01 -35.36
C TYR G 617 98.44 -14.44 -34.10
N LEU G 618 98.79 -13.21 -33.70
CA LEU G 618 97.98 -12.56 -32.68
C LEU G 618 96.63 -12.08 -33.20
N SER G 619 96.41 -12.14 -34.51
CA SER G 619 95.05 -12.08 -35.06
C SER G 619 94.43 -13.47 -34.94
N THR G 620 93.28 -13.67 -35.58
CA THR G 620 92.48 -14.90 -35.58
C THR G 620 91.97 -15.29 -34.19
N ALA G 621 92.24 -14.48 -33.16
CA ALA G 621 91.67 -14.75 -31.84
C ALA G 621 90.20 -14.36 -31.81
N ILE G 622 89.81 -13.37 -32.61
CA ILE G 622 88.41 -13.01 -32.75
C ILE G 622 87.63 -14.12 -33.42
N PHE G 623 88.28 -14.90 -34.28
CA PHE G 623 87.65 -16.05 -34.89
C PHE G 623 87.46 -17.13 -33.83
N ARG G 624 86.21 -17.52 -33.61
CA ARG G 624 85.86 -18.29 -32.41
C ARG G 624 86.33 -19.74 -32.48
N GLY G 625 86.19 -20.38 -33.64
CA GLY G 625 86.50 -21.80 -33.69
C GLY G 625 86.76 -22.27 -35.11
N LEU G 626 87.18 -23.53 -35.20
CA LEU G 626 87.49 -24.22 -36.45
C LEU G 626 88.59 -23.50 -37.23
N LYS G 627 89.78 -23.45 -36.62
CA LYS G 627 90.95 -22.87 -37.28
C LYS G 627 92.13 -23.82 -37.18
N GLU G 628 93.29 -23.39 -37.67
CA GLU G 628 94.50 -24.20 -37.57
C GLU G 628 94.94 -24.33 -36.11
N ALA G 629 95.66 -25.41 -35.83
CA ALA G 629 96.10 -25.75 -34.48
C ALA G 629 97.54 -25.32 -34.22
N LEU G 630 97.93 -24.18 -34.78
CA LEU G 630 99.31 -23.70 -34.65
C LEU G 630 99.59 -23.26 -33.22
N MET G 631 100.83 -23.47 -32.80
CA MET G 631 101.32 -23.06 -31.49
C MET G 631 102.66 -22.38 -31.67
N LEU G 632 102.85 -21.25 -31.00
CA LEU G 632 104.06 -20.44 -31.16
C LEU G 632 104.64 -20.13 -29.79
N LEU G 633 105.95 -20.29 -29.66
CA LEU G 633 106.66 -20.06 -28.40
C LEU G 633 107.44 -18.76 -28.50
N TRP G 634 107.34 -17.94 -27.45
CA TRP G 634 108.09 -16.70 -27.35
C TRP G 634 108.98 -16.74 -26.11
N LEU G 635 109.73 -17.83 -25.96
CA LEU G 635 110.60 -18.04 -24.81
C LEU G 635 111.97 -17.38 -25.01
N GLY G 636 111.95 -16.12 -25.43
CA GLY G 636 113.18 -15.37 -25.63
C GLY G 636 113.13 -13.96 -25.08
N GLY G 637 114.18 -13.56 -24.38
CA GLY G 637 114.25 -12.20 -23.85
C GLY G 637 114.27 -12.18 -22.33
N GLY G 638 115.16 -11.36 -21.78
CA GLY G 638 115.33 -11.27 -20.35
C GLY G 638 114.51 -10.18 -19.68
N CYS G 639 114.65 -8.94 -20.16
CA CYS G 639 114.00 -7.79 -19.54
C CYS G 639 113.38 -6.89 -20.59
N ASN G 640 112.86 -7.48 -21.66
CA ASN G 640 112.18 -6.74 -22.72
C ASN G 640 110.70 -6.67 -22.39
N GLY G 641 109.87 -6.30 -23.37
CA GLY G 641 108.46 -5.98 -23.16
C GLY G 641 107.54 -7.16 -23.45
N LYS G 642 107.95 -8.37 -23.05
CA LYS G 642 107.15 -9.56 -23.28
C LYS G 642 105.80 -9.54 -22.56
N THR G 643 105.63 -8.66 -21.58
CA THR G 643 104.36 -8.49 -20.90
C THR G 643 103.46 -7.45 -21.57
N PHE G 644 103.81 -7.01 -22.78
CA PHE G 644 102.95 -6.10 -23.52
C PHE G 644 102.64 -6.62 -24.92
N LEU G 645 103.60 -7.30 -25.57
CA LEU G 645 103.37 -7.80 -26.92
C LEU G 645 102.29 -8.87 -26.97
N MET G 646 102.09 -9.59 -25.87
CA MET G 646 101.07 -10.63 -25.80
C MET G 646 100.04 -10.40 -24.71
N ARG G 647 100.48 -10.00 -23.51
CA ARG G 647 99.59 -9.86 -22.37
C ARG G 647 98.54 -8.78 -22.58
N LEU G 648 98.87 -7.74 -23.36
CA LEU G 648 97.89 -6.71 -23.69
C LEU G 648 96.73 -7.28 -24.48
N VAL G 649 96.98 -8.31 -25.30
CA VAL G 649 95.94 -9.02 -26.03
C VAL G 649 94.92 -9.62 -25.06
N ALA G 650 95.37 -9.97 -23.85
CA ALA G 650 94.47 -10.44 -22.81
C ALA G 650 93.44 -9.38 -22.42
N MET G 651 93.85 -8.12 -22.26
CA MET G 651 92.89 -7.09 -21.87
C MET G 651 92.65 -6.05 -22.95
N VAL G 652 93.04 -6.35 -24.19
CA VAL G 652 92.43 -5.66 -25.33
C VAL G 652 91.08 -6.28 -25.65
N LEU G 653 90.76 -7.39 -25.01
CA LEU G 653 89.69 -8.28 -25.40
C LEU G 653 89.03 -8.83 -24.14
N GLY G 654 87.80 -9.30 -24.28
CA GLY G 654 86.96 -9.59 -23.14
C GLY G 654 87.30 -10.89 -22.44
N ASP G 655 86.35 -11.32 -21.59
CA ASP G 655 86.51 -12.49 -20.76
C ASP G 655 86.10 -13.77 -21.46
N HIS G 656 85.66 -13.71 -22.71
CA HIS G 656 85.24 -14.93 -23.40
C HIS G 656 86.42 -15.84 -23.73
N TYR G 657 87.59 -15.27 -24.02
CA TYR G 657 88.79 -16.11 -24.08
C TYR G 657 90.00 -15.26 -23.66
N ALA G 658 90.31 -15.28 -22.37
CA ALA G 658 91.48 -14.58 -21.83
C ALA G 658 91.86 -15.29 -20.55
N SER G 659 92.84 -16.18 -20.63
CA SER G 659 93.20 -17.04 -19.51
C SER G 659 94.70 -17.16 -19.39
N LYS G 660 95.21 -17.03 -18.16
CA LYS G 660 96.62 -17.22 -17.87
C LYS G 660 96.85 -18.66 -17.41
N LEU G 661 96.75 -19.58 -18.36
CA LEU G 661 96.90 -20.99 -18.04
C LEU G 661 98.37 -21.33 -17.78
N ASN G 662 98.59 -22.54 -17.28
CA ASN G 662 99.91 -22.99 -16.86
C ASN G 662 100.17 -24.38 -17.40
N ILE G 663 101.46 -24.73 -17.49
CA ILE G 663 101.88 -26.07 -17.87
C ILE G 663 101.64 -27.07 -16.75
N SER G 664 101.28 -26.60 -15.55
CA SER G 664 100.89 -27.49 -14.46
C SER G 664 99.66 -28.32 -14.82
N LEU G 665 98.71 -27.73 -15.56
CA LEU G 665 97.63 -28.51 -16.13
C LEU G 665 98.15 -29.51 -17.16
N LEU G 666 99.12 -29.07 -17.98
CA LEU G 666 99.73 -29.95 -18.97
C LEU G 666 100.65 -30.99 -18.33
N THR G 667 101.12 -30.74 -17.10
CA THR G 667 101.96 -31.72 -16.42
C THR G 667 101.19 -32.97 -16.05
N SER G 668 99.94 -32.81 -15.61
CA SER G 668 99.11 -33.93 -15.20
C SER G 668 98.67 -34.78 -16.40
N SER G 678 89.39 -33.94 -17.48
CA SER G 678 89.14 -32.72 -16.73
C SER G 678 90.24 -31.69 -16.96
N ALA G 679 90.72 -31.60 -18.20
CA ALA G 679 91.80 -30.70 -18.57
C ALA G 679 91.43 -29.69 -19.63
N PHE G 680 90.78 -30.11 -20.71
CA PHE G 680 90.69 -29.31 -21.92
C PHE G 680 89.45 -28.43 -22.00
N MET G 681 88.56 -28.47 -21.00
CA MET G 681 87.37 -27.63 -21.06
C MET G 681 87.65 -26.17 -20.75
N ARG G 682 88.86 -25.83 -20.32
CA ARG G 682 89.22 -24.43 -20.11
C ARG G 682 89.28 -23.66 -21.41
N LEU G 683 89.52 -24.32 -22.54
CA LEU G 683 89.50 -23.70 -23.85
C LEU G 683 88.21 -23.96 -24.62
N LYS G 684 87.27 -24.70 -24.04
CA LYS G 684 85.98 -24.91 -24.69
C LYS G 684 85.15 -23.64 -24.62
N GLY G 685 84.60 -23.24 -25.77
CA GLY G 685 83.96 -21.95 -25.89
C GLY G 685 84.92 -20.80 -26.01
N ARG G 686 86.22 -21.07 -26.11
CA ARG G 686 87.25 -20.06 -26.17
C ARG G 686 87.96 -20.10 -27.52
N GLY G 687 88.78 -19.08 -27.77
CA GLY G 687 89.52 -18.98 -29.00
C GLY G 687 90.92 -18.40 -28.82
N TYR G 688 91.29 -18.09 -27.57
CA TYR G 688 92.61 -17.54 -27.30
C TYR G 688 93.04 -17.94 -25.89
N GLY G 689 94.15 -18.65 -25.80
CA GLY G 689 94.74 -19.01 -24.52
C GLY G 689 96.24 -18.87 -24.54
N TYR G 690 96.82 -18.37 -23.46
CA TYR G 690 98.26 -18.13 -23.39
C TYR G 690 98.84 -18.76 -22.13
N PHE G 691 100.15 -19.01 -22.18
CA PHE G 691 100.85 -19.71 -21.11
C PHE G 691 101.94 -18.81 -20.52
N GLU G 692 101.55 -17.58 -20.19
CA GLU G 692 102.48 -16.55 -19.73
C GLU G 692 103.19 -17.00 -18.47
N GLU G 693 104.51 -17.15 -18.56
CA GLU G 693 105.37 -17.50 -17.44
C GLU G 693 106.63 -16.65 -17.52
N THR G 694 107.21 -16.33 -16.36
CA THR G 694 108.39 -15.50 -16.31
C THR G 694 109.62 -16.21 -15.76
N ASN G 695 109.43 -17.17 -14.87
CA ASN G 695 110.54 -17.92 -14.27
C ASN G 695 110.06 -19.34 -14.02
N LYS G 696 110.80 -20.07 -13.18
CA LYS G 696 110.55 -21.49 -12.87
C LYS G 696 110.59 -22.32 -14.15
N SER G 697 111.77 -22.36 -14.76
CA SER G 697 111.97 -23.00 -16.05
C SER G 697 112.56 -24.39 -15.85
N GLU G 698 111.71 -25.41 -15.91
CA GLU G 698 112.11 -26.80 -15.78
C GLU G 698 111.01 -27.68 -16.35
N VAL G 699 111.29 -28.99 -16.41
CA VAL G 699 110.40 -30.07 -16.85
C VAL G 699 110.39 -29.98 -18.37
N LEU G 700 110.14 -31.08 -19.08
CA LEU G 700 110.05 -30.93 -20.57
C LEU G 700 108.74 -31.68 -20.85
N ASN G 701 107.61 -31.20 -20.31
CA ASN G 701 106.30 -31.85 -20.54
C ASN G 701 106.07 -32.01 -22.04
N THR G 702 105.78 -33.22 -22.51
CA THR G 702 105.61 -33.45 -23.97
C THR G 702 104.62 -34.48 -24.51
N SER G 703 103.38 -34.47 -23.99
CA SER G 703 102.34 -35.39 -24.49
C SER G 703 100.88 -34.97 -24.67
N ARG G 704 100.40 -34.03 -23.86
CA ARG G 704 98.99 -33.59 -23.94
C ARG G 704 99.21 -32.31 -24.75
N LEU G 705 100.45 -32.10 -25.19
CA LEU G 705 100.77 -30.89 -25.99
C LEU G 705 100.20 -31.32 -27.36
N LYS G 706 100.33 -32.61 -27.69
CA LYS G 706 99.89 -33.06 -29.04
C LYS G 706 98.39 -32.77 -29.22
N GLU G 707 97.56 -33.21 -28.27
CA GLU G 707 96.11 -32.89 -28.35
C GLU G 707 95.93 -31.38 -28.25
N MET G 708 96.74 -30.73 -27.40
CA MET G 708 96.69 -29.25 -27.28
C MET G 708 97.06 -28.66 -28.64
N VAL G 709 97.86 -29.39 -29.43
CA VAL G 709 98.21 -28.93 -30.81
C VAL G 709 97.51 -29.84 -31.81
N ASN G 710 96.42 -30.49 -31.38
CA ASN G 710 95.65 -31.38 -32.29
C ASN G 710 94.18 -30.94 -32.31
N THR G 729 90.01 -22.82 -32.75
CA THR G 729 89.44 -22.44 -31.47
C THR G 729 90.50 -22.33 -30.38
N ALA G 730 91.77 -22.31 -30.78
CA ALA G 730 92.85 -22.28 -29.80
C ALA G 730 93.65 -20.98 -29.85
N THR G 731 94.30 -20.68 -30.98
CA THR G 731 95.25 -19.57 -31.14
C THR G 731 96.22 -19.49 -29.95
N MET G 732 96.78 -20.64 -29.60
CA MET G 732 97.61 -20.74 -28.40
C MET G 732 98.98 -20.10 -28.65
N VAL G 733 99.44 -19.35 -27.66
CA VAL G 733 100.77 -18.74 -27.67
C VAL G 733 101.39 -18.95 -26.30
N ALA G 734 102.71 -18.83 -26.22
CA ALA G 734 103.41 -19.03 -24.96
C ALA G 734 104.69 -18.22 -24.95
N ALA G 735 104.93 -17.53 -23.83
CA ALA G 735 106.16 -16.80 -23.60
C ALA G 735 106.70 -17.21 -22.23
N SER G 736 107.98 -17.55 -22.18
CA SER G 736 108.56 -18.09 -20.95
C SER G 736 110.03 -17.67 -20.88
N ASN G 737 110.79 -18.36 -20.03
CA ASN G 737 112.17 -18.02 -19.76
C ASN G 737 113.04 -18.32 -20.98
N TYR G 738 114.24 -17.73 -20.99
CA TYR G 738 115.13 -17.80 -22.14
C TYR G 738 115.60 -19.22 -22.42
N ASN G 739 115.84 -20.01 -21.38
CA ASN G 739 116.30 -21.38 -21.58
C ASN G 739 115.18 -22.25 -22.12
N PHE G 740 115.56 -23.23 -22.93
CA PHE G 740 114.61 -24.07 -23.66
C PHE G 740 113.93 -25.03 -22.70
N ILE G 741 112.62 -24.94 -22.60
CA ILE G 741 111.87 -25.68 -21.59
C ILE G 741 111.23 -26.94 -22.15
N ILE G 742 110.48 -26.82 -23.25
CA ILE G 742 109.75 -27.95 -23.82
C ILE G 742 110.50 -28.40 -25.08
N ASP G 743 111.22 -29.51 -24.98
CA ASP G 743 112.02 -29.99 -26.10
C ASP G 743 111.95 -31.48 -26.36
N THR G 744 111.42 -32.31 -25.45
CA THR G 744 111.50 -33.76 -25.58
C THR G 744 110.37 -34.29 -26.45
N THR G 745 110.32 -33.80 -27.68
CA THR G 745 109.37 -34.26 -28.68
C THR G 745 110.11 -34.99 -29.78
N ASP G 746 109.36 -35.65 -30.65
CA ASP G 746 109.94 -36.40 -31.74
C ASP G 746 108.91 -36.54 -32.87
N HIS G 747 109.44 -36.67 -34.09
CA HIS G 747 108.67 -36.92 -35.32
C HIS G 747 107.56 -35.91 -35.54
N GLY G 748 106.34 -36.29 -35.18
CA GLY G 748 105.19 -35.42 -35.30
C GLY G 748 105.13 -34.42 -34.16
N THR G 749 103.98 -33.75 -34.06
CA THR G 749 103.75 -32.62 -33.15
C THR G 749 104.82 -31.55 -33.33
N TRP G 750 105.18 -31.30 -34.57
CA TRP G 750 106.19 -30.33 -34.98
C TRP G 750 105.66 -29.31 -35.97
N ARG G 751 104.82 -29.74 -36.91
CA ARG G 751 104.25 -28.80 -37.88
C ARG G 751 103.28 -27.83 -37.21
N ARG G 752 102.71 -28.21 -36.07
CA ARG G 752 101.82 -27.35 -35.31
C ARG G 752 102.56 -26.52 -34.27
N LEU G 753 103.88 -26.62 -34.18
CA LEU G 753 104.67 -25.89 -33.21
C LEU G 753 105.59 -24.91 -33.92
N ARG G 754 105.63 -23.67 -33.43
CA ARG G 754 106.53 -22.64 -33.93
C ARG G 754 107.27 -22.03 -32.75
N HIS G 755 108.39 -21.37 -33.05
CA HIS G 755 109.22 -20.76 -32.01
C HIS G 755 109.74 -19.42 -32.52
N TYR G 756 109.75 -18.43 -31.62
CA TYR G 756 110.29 -17.12 -31.93
C TYR G 756 111.05 -16.60 -30.72
N ARG G 757 112.08 -15.79 -30.98
CA ARG G 757 112.86 -15.12 -29.95
C ARG G 757 113.04 -13.66 -30.31
N SER G 758 113.08 -12.82 -29.29
CA SER G 758 113.39 -11.41 -29.51
C SER G 758 114.87 -11.25 -29.83
N LYS G 759 115.18 -10.32 -30.75
CA LYS G 759 116.54 -10.08 -31.20
C LYS G 759 117.25 -9.00 -30.39
N VAL G 760 116.86 -8.79 -29.14
CA VAL G 760 117.53 -7.86 -28.24
C VAL G 760 117.82 -8.60 -26.92
N LYS G 761 118.83 -8.12 -26.22
CA LYS G 761 119.25 -8.73 -24.97
C LYS G 761 118.49 -8.12 -23.79
N LYS G 775 115.58 1.68 -22.32
CA LYS G 775 116.18 0.53 -21.64
C LYS G 775 115.08 -0.46 -21.23
N GLU G 776 114.66 -0.37 -19.96
CA GLU G 776 113.59 -1.24 -19.48
C GLU G 776 112.23 -0.82 -20.05
N ASP G 777 112.01 0.49 -20.18
CA ASP G 777 110.81 1.12 -20.73
C ASP G 777 109.54 0.67 -20.00
N PRO G 778 109.33 1.10 -18.75
CA PRO G 778 108.13 0.69 -18.02
C PRO G 778 106.88 1.49 -18.35
N ARG G 779 106.96 2.42 -19.30
CA ARG G 779 105.79 3.20 -19.69
C ARG G 779 104.72 2.32 -20.33
N PHE G 780 105.12 1.37 -21.17
CA PHE G 780 104.16 0.47 -21.79
C PHE G 780 103.63 -0.56 -20.80
N ILE G 781 104.33 -0.79 -19.70
CA ILE G 781 103.88 -1.76 -18.70
C ILE G 781 103.04 -1.10 -17.61
N HIS G 782 103.14 0.22 -17.44
CA HIS G 782 102.45 0.91 -16.36
C HIS G 782 101.28 1.76 -16.83
N GLU G 783 101.51 2.68 -17.78
CA GLU G 783 100.47 3.64 -18.15
C GLU G 783 99.85 3.40 -19.52
N TYR G 784 100.53 2.70 -20.42
CA TYR G 784 100.00 2.53 -21.77
C TYR G 784 99.13 1.28 -21.93
N ILE G 785 99.38 0.24 -21.13
CA ILE G 785 98.62 -1.00 -21.27
C ILE G 785 97.19 -0.79 -20.76
N MET G 786 97.01 -0.05 -19.67
CA MET G 786 95.70 0.14 -19.07
C MET G 786 94.88 1.26 -19.71
N ASP G 787 95.43 1.94 -20.71
CA ASP G 787 94.70 3.03 -21.35
C ASP G 787 93.58 2.47 -22.22
N PRO G 788 92.35 2.99 -22.09
CA PRO G 788 91.24 2.44 -22.91
C PRO G 788 91.36 2.79 -24.39
N ASP G 789 91.83 4.00 -24.71
CA ASP G 789 92.01 4.36 -26.12
C ASP G 789 93.11 3.55 -26.78
N CYS G 790 94.14 3.17 -26.02
CA CYS G 790 95.15 2.26 -26.52
C CYS G 790 94.56 0.91 -26.87
N GLN G 791 93.66 0.41 -26.03
CA GLN G 791 92.99 -0.86 -26.33
C GLN G 791 92.07 -0.72 -27.54
N ASN G 792 91.41 0.43 -27.69
CA ASN G 792 90.57 0.65 -28.86
C ASN G 792 91.40 0.66 -30.14
N ALA G 793 92.55 1.34 -30.12
CA ALA G 793 93.41 1.38 -31.29
C ALA G 793 94.03 0.00 -31.59
N PHE G 794 94.38 -0.75 -30.55
CA PHE G 794 94.94 -2.08 -30.76
C PHE G 794 93.90 -3.04 -31.31
N PHE G 795 92.65 -2.96 -30.84
CA PHE G 795 91.61 -3.77 -31.43
C PHE G 795 91.30 -3.34 -32.86
N SER G 796 91.42 -2.04 -33.15
CA SER G 796 91.24 -1.54 -34.52
C SER G 796 92.30 -2.12 -35.46
N ILE G 797 93.57 -2.11 -35.04
CA ILE G 797 94.60 -2.71 -35.86
C ILE G 797 94.44 -4.23 -35.91
N LEU G 798 93.83 -4.83 -34.88
CA LEU G 798 93.58 -6.27 -34.92
C LEU G 798 92.54 -6.63 -35.97
N VAL G 799 91.42 -5.90 -36.01
CA VAL G 799 90.40 -6.21 -37.01
C VAL G 799 90.90 -5.84 -38.41
N TYR G 800 91.70 -4.77 -38.53
CA TYR G 800 92.30 -4.43 -39.81
C TYR G 800 93.25 -5.51 -40.30
N PHE G 801 94.05 -6.08 -39.40
CA PHE G 801 94.94 -7.16 -39.79
C PHE G 801 94.18 -8.45 -40.09
N TRP G 802 93.05 -8.67 -39.41
CA TRP G 802 92.20 -9.81 -39.76
C TRP G 802 91.63 -9.65 -41.16
N GLU G 803 91.21 -8.44 -41.53
CA GLU G 803 90.76 -8.19 -42.89
C GLU G 803 91.89 -8.35 -43.88
N LYS G 804 93.11 -7.94 -43.50
CA LYS G 804 94.28 -8.11 -44.35
C LYS G 804 94.56 -9.59 -44.60
N LEU G 805 94.43 -10.42 -43.55
CA LEU G 805 94.56 -11.86 -43.72
C LEU G 805 93.46 -12.42 -44.61
N GLN G 806 92.23 -11.94 -44.44
CA GLN G 806 91.11 -12.40 -45.24
C GLN G 806 91.21 -11.96 -46.69
N LYS G 807 91.99 -10.92 -46.98
CA LYS G 807 92.16 -10.47 -48.36
C LYS G 807 93.34 -11.13 -49.06
N GLU G 808 94.51 -11.14 -48.43
CA GLU G 808 95.72 -11.54 -49.13
C GLU G 808 95.86 -13.06 -49.22
N TYR G 809 95.97 -13.74 -48.09
CA TYR G 809 96.22 -15.17 -48.06
C TYR G 809 95.27 -15.83 -47.06
N ASN G 810 94.20 -16.44 -47.57
CA ASN G 810 93.28 -17.17 -46.71
C ASN G 810 93.93 -18.45 -46.22
N GLY G 811 93.81 -18.73 -44.92
CA GLY G 811 94.48 -19.87 -44.33
C GLY G 811 95.85 -19.51 -43.83
N GLN G 812 96.11 -19.74 -42.53
CA GLN G 812 97.37 -19.33 -41.94
C GLN G 812 98.52 -20.24 -42.37
N ILE G 813 98.24 -21.52 -42.65
CA ILE G 813 99.27 -22.44 -43.11
C ILE G 813 99.77 -22.02 -44.49
N LYS G 814 98.85 -21.69 -45.39
CA LYS G 814 99.21 -21.21 -46.73
C LYS G 814 99.56 -19.72 -46.67
N LYS G 815 100.70 -19.45 -46.04
CA LYS G 815 101.22 -18.11 -45.86
C LYS G 815 102.40 -17.88 -46.80
N VAL G 816 102.64 -16.61 -47.13
CA VAL G 816 103.85 -16.22 -47.82
C VAL G 816 105.06 -16.61 -46.96
N PHE G 817 106.07 -17.19 -47.60
CA PHE G 817 107.22 -17.78 -46.92
C PHE G 817 107.97 -16.78 -46.06
N CYS G 818 107.91 -16.95 -44.75
CA CYS G 818 108.62 -16.10 -43.81
C CYS G 818 109.88 -16.84 -43.35
N PRO G 819 111.07 -16.37 -43.71
CA PRO G 819 112.28 -17.13 -43.35
C PRO G 819 112.64 -17.04 -41.89
N THR G 820 112.30 -15.91 -41.25
CA THR G 820 112.70 -15.66 -39.84
C THR G 820 111.97 -16.57 -38.88
N ILE G 821 110.64 -16.44 -38.78
CA ILE G 821 109.89 -17.22 -37.75
C ILE G 821 110.25 -18.71 -37.88
N GLU G 822 110.15 -19.26 -39.10
CA GLU G 822 110.39 -20.72 -39.27
C GLU G 822 111.85 -21.06 -38.92
N SER G 823 112.79 -20.17 -39.24
CA SER G 823 114.22 -20.43 -38.90
C SER G 823 114.34 -20.56 -37.37
N GLU G 824 113.84 -19.57 -36.63
CA GLU G 824 113.89 -19.64 -35.15
C GLU G 824 113.11 -20.87 -34.68
N THR G 825 111.98 -21.15 -35.33
CA THR G 825 111.18 -22.34 -34.99
C THR G 825 112.05 -23.57 -35.14
N GLU G 826 112.55 -23.82 -36.35
CA GLU G 826 113.33 -25.05 -36.60
C GLU G 826 114.61 -25.01 -35.76
N ALA G 827 115.14 -23.81 -35.51
CA ALA G 827 116.36 -23.68 -34.66
C ALA G 827 116.09 -24.28 -33.28
N TYR G 828 115.00 -23.84 -32.65
CA TYR G 828 114.62 -24.38 -31.31
C TYR G 828 114.27 -25.84 -31.45
N ARG G 829 113.66 -26.22 -32.58
CA ARG G 829 113.22 -27.62 -32.76
C ARG G 829 114.40 -28.50 -33.21
N LYS G 830 115.56 -27.89 -33.48
CA LYS G 830 116.76 -28.71 -33.80
C LYS G 830 117.50 -28.99 -32.48
N SER G 831 117.16 -28.25 -31.42
CA SER G 831 117.76 -28.51 -30.08
C SER G 831 117.35 -29.92 -29.63
N GLN G 832 116.19 -30.40 -30.09
CA GLN G 832 115.73 -31.77 -29.74
C GLN G 832 116.47 -32.78 -30.64
N ASP G 833 117.69 -33.15 -30.26
CA ASP G 833 118.50 -34.08 -31.10
C ASP G 833 117.89 -35.49 -31.00
N THR G 834 117.61 -36.12 -32.15
CA THR G 834 117.03 -37.47 -32.17
C THR G 834 117.12 -38.04 -33.58
N LEU G 835 116.29 -39.04 -33.89
CA LEU G 835 116.34 -39.69 -35.23
C LEU G 835 116.11 -38.62 -36.31
N HIS G 836 115.15 -37.73 -36.10
CA HIS G 836 114.85 -36.69 -37.11
C HIS G 836 116.12 -35.89 -37.40
N ARG G 837 116.85 -35.51 -36.34
CA ARG G 837 118.08 -34.68 -36.52
C ARG G 837 119.11 -35.46 -37.34
N PHE G 838 119.35 -36.73 -36.98
CA PHE G 838 120.31 -37.57 -37.75
C PHE G 838 119.85 -37.64 -39.20
N ILE G 839 118.54 -37.77 -39.41
CA ILE G 839 117.98 -37.87 -40.80
C ILE G 839 118.12 -36.51 -41.50
N THR G 840 117.93 -35.40 -40.77
CA THR G 840 118.09 -34.06 -41.38
C THR G 840 119.55 -33.73 -41.49
N GLU G 841 120.44 -34.69 -41.16
CA GLU G 841 121.90 -34.47 -41.27
C GLU G 841 122.54 -35.60 -42.08
N ARG G 842 122.81 -36.75 -41.45
CA ARG G 842 123.50 -37.87 -42.15
C ARG G 842 122.67 -38.33 -43.36
N VAL G 843 121.36 -38.50 -43.20
CA VAL G 843 120.50 -38.88 -44.36
C VAL G 843 120.50 -37.70 -45.36
N VAL G 844 120.82 -37.97 -46.63
CA VAL G 844 120.84 -36.90 -47.67
C VAL G 844 120.05 -37.40 -48.89
N GLU G 845 119.28 -36.52 -49.55
CA GLU G 845 118.43 -36.95 -50.68
C GLU G 845 119.28 -37.16 -51.94
N SER G 846 119.16 -38.34 -52.58
CA SER G 846 119.89 -38.63 -53.81
C SER G 846 119.18 -39.77 -54.52
N PRO G 847 118.35 -39.48 -55.52
CA PRO G 847 117.68 -40.55 -56.27
C PRO G 847 118.64 -41.46 -57.02
N SER G 848 119.78 -40.95 -57.47
CA SER G 848 120.74 -41.76 -58.21
C SER G 848 121.61 -42.62 -57.31
N ALA G 849 121.59 -42.40 -56.01
CA ALA G 849 122.38 -43.21 -55.09
C ALA G 849 121.75 -44.59 -54.91
N GLU G 850 122.57 -45.54 -54.46
CA GLU G 850 122.09 -46.89 -54.21
C GLU G 850 121.19 -46.93 -52.99
N THR G 851 120.05 -47.59 -53.13
CA THR G 851 119.09 -47.69 -52.04
C THR G 851 119.58 -48.67 -50.98
N VAL G 852 118.95 -48.60 -49.81
CA VAL G 852 119.30 -49.44 -48.67
C VAL G 852 118.11 -50.34 -48.35
N TYR G 853 118.34 -51.65 -48.33
CA TYR G 853 117.29 -52.59 -48.01
C TYR G 853 116.94 -52.51 -46.52
N ASN G 854 115.63 -52.60 -46.24
CA ASN G 854 115.06 -52.57 -44.90
C ASN G 854 115.42 -51.30 -44.13
N LEU G 855 115.21 -51.31 -42.81
CA LEU G 855 115.52 -50.17 -41.97
C LEU G 855 116.56 -50.49 -40.90
N SER G 856 117.11 -51.70 -40.88
CA SER G 856 118.12 -52.06 -39.88
C SER G 856 119.42 -51.32 -40.11
N GLU G 857 119.79 -51.07 -41.38
CA GLU G 857 121.01 -50.34 -41.67
C GLU G 857 120.91 -48.88 -41.20
N VAL G 858 119.75 -48.26 -41.41
CA VAL G 858 119.54 -46.89 -40.95
C VAL G 858 119.53 -46.83 -39.43
N VAL G 859 118.96 -47.86 -38.79
CA VAL G 859 118.95 -47.93 -37.33
C VAL G 859 120.37 -48.05 -36.79
N THR G 860 121.19 -48.90 -37.41
CA THR G 860 122.58 -49.06 -37.00
C THR G 860 123.38 -47.79 -37.23
N ALA G 861 123.13 -47.10 -38.35
CA ALA G 861 123.81 -45.84 -38.63
C ALA G 861 123.44 -44.77 -37.61
N TYR G 862 122.16 -44.69 -37.24
CA TYR G 862 121.72 -43.73 -36.22
C TYR G 862 122.32 -44.05 -34.86
N ALA G 863 122.37 -45.34 -34.51
CA ALA G 863 122.98 -45.74 -33.23
C ALA G 863 124.46 -45.41 -33.20
N GLU G 864 125.18 -45.68 -34.29
CA GLU G 864 126.60 -45.36 -34.37
C GLU G 864 126.84 -43.86 -34.30
N TRP G 865 125.99 -43.07 -34.97
CA TRP G 865 126.12 -41.61 -34.93
C TRP G 865 125.85 -41.07 -33.54
N TYR G 866 124.86 -41.62 -32.83
CA TYR G 866 124.58 -41.15 -31.48
C TYR G 866 125.69 -41.57 -30.53
N ASN G 867 126.25 -42.75 -30.72
CA ASN G 867 127.35 -43.22 -29.86
C ASN G 867 128.61 -42.40 -30.09
N THR G 868 128.86 -41.98 -31.33
CA THR G 868 129.98 -41.11 -31.62
C THR G 868 129.66 -39.63 -31.42
N ASN G 869 128.42 -39.29 -31.05
CA ASN G 869 128.00 -37.90 -30.92
C ASN G 869 127.67 -37.52 -29.49
N ILE G 870 126.75 -38.23 -28.82
CA ILE G 870 126.16 -37.77 -27.56
C ILE G 870 126.57 -38.67 -26.40
N ASN G 871 126.14 -39.93 -26.41
CA ASN G 871 126.32 -40.82 -25.27
C ASN G 871 126.19 -42.26 -25.75
N VAL G 872 126.20 -43.19 -24.80
CA VAL G 872 126.11 -44.63 -25.09
C VAL G 872 124.81 -45.16 -24.49
N LYS G 873 123.99 -45.78 -25.34
CA LYS G 873 122.74 -46.38 -24.90
C LYS G 873 122.36 -47.48 -25.88
N ARG G 874 121.90 -48.61 -25.33
CA ARG G 874 121.51 -49.75 -26.15
C ARG G 874 120.17 -49.45 -26.82
N HIS G 875 120.19 -49.28 -28.15
CA HIS G 875 118.96 -49.03 -28.89
C HIS G 875 118.13 -50.29 -29.00
N ILE G 876 116.81 -50.12 -28.94
CA ILE G 876 115.87 -51.21 -29.18
C ILE G 876 115.34 -51.04 -30.59
N ALA G 877 115.64 -52.01 -31.46
CA ALA G 877 115.32 -51.90 -32.88
C ALA G 877 113.84 -52.11 -33.19
N LEU G 878 113.04 -52.52 -32.20
CA LEU G 878 111.61 -52.75 -32.45
C LEU G 878 110.87 -51.44 -32.69
N GLU G 879 110.89 -50.54 -31.70
CA GLU G 879 110.19 -49.27 -31.84
C GLU G 879 111.03 -48.20 -32.55
N LEU G 880 112.33 -48.43 -32.72
CA LEU G 880 113.15 -47.49 -33.47
C LEU G 880 112.79 -47.50 -34.95
N SER G 881 112.35 -48.64 -35.47
CA SER G 881 111.87 -48.70 -36.85
C SER G 881 110.64 -47.82 -37.05
N GLN G 882 109.70 -47.88 -36.10
CA GLN G 882 108.52 -47.01 -36.17
C GLN G 882 108.90 -45.56 -35.94
N GLU G 883 109.90 -45.30 -35.10
CA GLU G 883 110.36 -43.93 -34.89
C GLU G 883 110.97 -43.34 -36.15
N LEU G 884 111.74 -44.15 -36.89
CA LEU G 884 112.27 -43.71 -38.17
C LEU G 884 111.19 -43.59 -39.23
N GLU G 885 110.17 -44.46 -39.17
CA GLU G 885 109.06 -44.37 -40.11
C GLU G 885 108.24 -43.11 -39.91
N ASN G 886 108.10 -42.66 -38.65
CA ASN G 886 107.32 -41.47 -38.36
C ASN G 886 108.08 -40.18 -38.58
N SER G 887 109.36 -40.24 -38.95
CA SER G 887 110.18 -39.05 -39.08
C SER G 887 109.82 -38.27 -40.34
N VAL G 888 110.58 -37.20 -40.58
CA VAL G 888 110.34 -36.33 -41.72
C VAL G 888 110.69 -36.99 -43.05
N LEU G 889 111.46 -38.08 -43.03
CA LEU G 889 111.82 -38.83 -44.23
C LEU G 889 110.79 -39.90 -44.58
N GLU G 890 109.53 -39.72 -44.16
CA GLU G 890 108.48 -40.70 -44.47
C GLU G 890 108.22 -40.75 -45.97
N LYS G 891 108.28 -39.61 -46.65
CA LYS G 891 108.08 -39.59 -48.10
C LYS G 891 109.22 -40.30 -48.83
N TYR G 892 110.41 -40.34 -48.24
CA TYR G 892 111.54 -41.06 -48.82
C TYR G 892 111.52 -42.55 -48.49
N LEU G 893 110.58 -42.99 -47.66
CA LEU G 893 110.46 -44.40 -47.30
C LEU G 893 109.27 -45.01 -48.04
N GLN G 894 109.49 -46.17 -48.64
CA GLN G 894 108.45 -46.90 -49.36
C GLN G 894 108.37 -48.31 -48.81
N TRP G 895 107.48 -49.11 -49.42
CA TRP G 895 107.26 -50.49 -49.00
C TRP G 895 107.76 -51.44 -50.08
N SER G 896 108.63 -52.36 -49.69
CA SER G 896 109.15 -53.36 -50.60
C SER G 896 108.08 -54.41 -50.89
N PRO G 897 108.22 -55.16 -51.99
CA PRO G 897 107.32 -56.29 -52.23
C PRO G 897 107.39 -57.38 -51.16
N ASN G 898 108.47 -57.44 -50.38
CA ASN G 898 108.60 -58.38 -49.27
C ASN G 898 107.93 -57.88 -47.99
N LYS G 899 107.02 -56.91 -48.10
CA LYS G 899 106.27 -56.34 -46.97
C LYS G 899 107.20 -55.77 -45.89
N THR G 900 108.28 -55.13 -46.32
CA THR G 900 109.23 -54.49 -45.43
C THR G 900 109.44 -53.04 -45.87
N ARG G 901 109.51 -52.14 -44.90
CA ARG G 901 109.76 -50.73 -45.20
C ARG G 901 111.22 -50.54 -45.59
N ILE G 902 111.45 -49.84 -46.70
CA ILE G 902 112.79 -49.60 -47.22
C ILE G 902 112.92 -48.13 -47.58
N LEU G 903 114.17 -47.71 -47.78
CA LEU G 903 114.49 -46.34 -48.14
C LEU G 903 114.81 -46.26 -49.62
N LYS G 904 114.19 -45.30 -50.31
CA LYS G 904 114.39 -45.11 -51.74
C LYS G 904 114.83 -43.67 -51.99
N GLY G 905 115.88 -43.50 -52.79
CA GLY G 905 116.38 -42.18 -53.11
C GLY G 905 116.99 -41.44 -51.95
N CYS G 906 117.74 -42.14 -51.09
CA CYS G 906 118.36 -41.52 -49.93
C CYS G 906 119.77 -42.05 -49.76
N ARG G 907 120.63 -41.24 -49.16
CA ARG G 907 122.01 -41.62 -48.88
C ARG G 907 122.35 -41.26 -47.44
N ILE G 908 123.17 -42.10 -46.82
CA ILE G 908 123.59 -41.94 -45.43
C ILE G 908 125.05 -41.54 -45.41
N LEU G 909 125.35 -40.42 -44.75
CA LEU G 909 126.72 -39.94 -44.65
C LEU G 909 127.44 -40.61 -43.50
N HIS G 910 128.59 -41.20 -43.79
CA HIS G 910 129.39 -41.90 -42.78
C HIS G 910 130.40 -40.92 -42.18
N LYS G 911 131.36 -41.47 -41.42
CA LYS G 911 132.41 -40.66 -40.81
C LYS G 911 133.39 -40.16 -41.86
N GLU G 937 112.67 -3.65 -45.59
CA GLU G 937 111.67 -3.01 -44.74
C GLU G 937 111.47 -1.55 -45.14
N PRO G 938 110.22 -1.19 -45.47
CA PRO G 938 109.93 0.19 -45.84
C PRO G 938 110.03 1.13 -44.64
N LYS G 939 110.32 2.40 -44.94
CA LYS G 939 110.44 3.40 -43.89
C LYS G 939 109.10 3.78 -43.28
N ASN G 940 108.01 3.63 -44.02
CA ASN G 940 106.69 3.96 -43.51
C ASN G 940 105.65 3.07 -44.19
N LYS G 941 104.50 2.94 -43.51
CA LYS G 941 103.37 2.13 -43.97
C LYS G 941 103.78 0.68 -44.23
N TRP G 942 104.41 0.07 -43.22
CA TRP G 942 104.86 -1.31 -43.35
C TRP G 942 103.71 -2.31 -43.29
N TRP G 943 102.54 -1.89 -42.82
CA TRP G 943 101.39 -2.80 -42.76
C TRP G 943 100.82 -3.09 -44.15
N GLU G 944 101.17 -2.28 -45.16
CA GLU G 944 100.73 -2.52 -46.53
C GLU G 944 101.73 -3.36 -47.33
N TRP G 945 102.52 -4.18 -46.65
CA TRP G 945 103.47 -5.03 -47.33
C TRP G 945 102.74 -6.14 -48.09
N SER G 946 103.19 -6.41 -49.31
CA SER G 946 102.57 -7.43 -50.15
C SER G 946 103.10 -8.81 -49.82
N LEU H 21 42.26 10.60 -24.10
CA LEU H 21 40.95 11.29 -24.23
C LEU H 21 40.61 11.46 -25.72
N ALA H 22 39.36 11.22 -26.09
CA ALA H 22 38.85 11.21 -27.49
C ALA H 22 39.12 12.54 -28.19
N GLU H 23 38.66 13.66 -27.62
CA GLU H 23 38.74 15.00 -28.26
C GLU H 23 40.21 15.44 -28.39
N VAL H 24 41.09 15.04 -27.47
CA VAL H 24 42.57 15.30 -27.57
C VAL H 24 43.12 14.46 -28.74
N GLN H 25 42.71 13.21 -28.84
CA GLN H 25 43.08 12.30 -29.96
C GLN H 25 42.64 12.92 -31.29
N ALA H 26 41.41 13.44 -31.35
CA ALA H 26 40.85 14.12 -32.54
C ALA H 26 41.72 15.32 -32.91
N LEU H 27 42.06 16.18 -31.94
CA LEU H 27 42.93 17.37 -32.15
C LEU H 27 44.32 16.94 -32.65
N GLU H 28 44.86 15.85 -32.09
CA GLU H 28 46.19 15.29 -32.47
C GLU H 28 46.15 14.87 -33.95
N THR H 29 45.09 14.18 -34.36
CA THR H 29 44.88 13.71 -35.75
C THR H 29 44.76 14.92 -36.67
N LEU H 30 43.96 15.92 -36.30
CA LEU H 30 43.80 17.15 -37.12
C LEU H 30 45.17 17.79 -37.31
N LEU H 31 45.93 17.98 -36.24
CA LEU H 31 47.24 18.69 -36.29
C LEU H 31 48.23 17.92 -37.18
N THR H 32 48.41 16.61 -36.95
CA THR H 32 49.53 15.85 -37.57
C THR H 32 49.14 15.49 -39.01
N ARG H 33 47.95 14.90 -39.21
CA ARG H 33 47.51 14.39 -40.54
C ARG H 33 47.19 15.57 -41.47
N GLU H 34 46.52 16.63 -40.99
CA GLU H 34 45.87 17.63 -41.89
C GLU H 34 46.61 18.98 -41.87
N LEU H 35 46.82 19.59 -40.69
CA LEU H 35 47.29 21.01 -40.59
C LEU H 35 48.81 21.10 -40.72
N SER H 36 49.52 19.97 -40.60
CA SER H 36 50.99 19.86 -40.78
C SER H 36 51.43 20.59 -42.06
N VAL H 37 50.59 20.61 -43.09
CA VAL H 37 50.88 21.25 -44.42
C VAL H 37 50.96 22.78 -44.29
N PHE H 38 50.56 23.36 -43.16
CA PHE H 38 50.57 24.83 -42.92
C PHE H 38 51.68 25.23 -41.94
N LEU H 39 52.51 24.28 -41.52
CA LEU H 39 53.66 24.55 -40.61
C LEU H 39 54.51 25.69 -41.21
N THR H 40 54.75 26.75 -40.44
CA THR H 40 55.64 27.89 -40.79
C THR H 40 57.02 27.70 -40.16
N GLU H 41 58.05 28.38 -40.71
CA GLU H 41 59.44 28.40 -40.18
C GLU H 41 59.47 29.31 -38.96
N PRO H 42 60.47 29.16 -38.05
CA PRO H 42 60.62 30.06 -36.92
C PRO H 42 60.79 31.52 -37.41
N GLY H 43 60.03 32.44 -36.82
CA GLY H 43 60.08 33.89 -37.12
C GLY H 43 59.39 34.26 -38.43
N SER H 44 58.57 33.36 -38.99
CA SER H 44 57.75 33.61 -40.20
C SER H 44 56.65 34.64 -39.88
N LYS H 45 56.33 35.53 -40.81
CA LYS H 45 55.33 36.59 -40.49
C LYS H 45 53.94 36.02 -40.81
N LYS H 46 53.91 35.02 -41.69
CA LYS H 46 52.62 34.37 -42.03
C LYS H 46 52.07 33.66 -40.80
N THR H 47 52.92 33.39 -39.80
CA THR H 47 52.39 32.60 -38.65
C THR H 47 51.20 33.34 -38.02
N ASN H 48 50.08 32.66 -37.79
CA ASN H 48 48.94 33.20 -36.99
C ASN H 48 48.70 32.35 -35.73
N ILE H 49 49.13 31.09 -35.71
CA ILE H 49 48.84 30.13 -34.60
C ILE H 49 50.14 29.51 -34.14
N ILE H 50 50.34 29.47 -32.82
CA ILE H 50 51.54 28.90 -32.14
C ILE H 50 51.04 27.87 -31.12
N ASN H 51 51.48 26.62 -31.25
CA ASN H 51 51.23 25.54 -30.26
C ASN H 51 52.50 25.38 -29.42
N ARG H 52 52.58 26.05 -28.28
CA ARG H 52 53.81 26.15 -27.45
C ARG H 52 54.11 24.79 -26.80
N ILE H 53 53.13 23.88 -26.70
CA ILE H 53 53.37 22.50 -26.17
C ILE H 53 54.20 21.71 -27.20
N THR H 54 53.79 21.71 -28.48
CA THR H 54 54.50 20.98 -29.57
C THR H 54 55.60 21.85 -30.18
N GLY H 55 55.65 23.15 -29.84
CA GLY H 55 56.64 24.12 -30.37
C GLY H 55 56.44 24.36 -31.86
N LYS H 56 55.25 24.05 -32.40
CA LYS H 56 54.93 24.18 -33.84
C LYS H 56 54.31 25.57 -34.09
N THR H 57 54.59 26.15 -35.25
CA THR H 57 54.01 27.43 -35.73
C THR H 57 53.29 27.15 -37.06
N TYR H 58 52.10 27.74 -37.25
CA TYR H 58 51.22 27.51 -38.41
C TYR H 58 50.74 28.85 -38.99
N ALA H 59 50.53 28.89 -40.31
CA ALA H 59 49.71 29.90 -41.02
C ALA H 59 48.43 29.22 -41.52
N LEU H 60 47.37 29.23 -40.70
CA LEU H 60 46.07 28.58 -41.02
C LEU H 60 45.20 29.53 -41.82
N PRO H 61 44.74 29.13 -43.03
CA PRO H 61 43.63 29.83 -43.69
C PRO H 61 42.35 29.71 -42.86
N SER H 62 41.44 30.66 -43.05
CA SER H 62 40.20 30.84 -42.25
C SER H 62 39.44 29.52 -42.10
N THR H 63 39.36 28.70 -43.16
CA THR H 63 38.61 27.42 -43.13
C THR H 63 39.21 26.47 -42.09
N GLU H 64 40.54 26.43 -42.00
CA GLU H 64 41.30 25.46 -41.18
C GLU H 64 41.44 26.03 -39.75
N LEU H 65 41.44 27.37 -39.63
CA LEU H 65 41.36 28.04 -38.32
C LEU H 65 40.06 27.64 -37.62
N LEU H 66 38.94 27.65 -38.31
CA LEU H 66 37.67 27.27 -37.74
C LEU H 66 37.63 25.85 -37.29
N ARG H 67 38.18 24.96 -38.10
CA ARG H 67 38.22 23.51 -37.80
C ARG H 67 39.06 23.33 -36.53
N LEU H 68 40.17 24.06 -36.42
CA LEU H 68 41.04 24.06 -35.22
C LEU H 68 40.22 24.49 -34.01
N TYR H 69 39.47 25.60 -34.13
CA TYR H 69 38.67 26.22 -33.04
C TYR H 69 37.59 25.25 -32.56
N GLU H 70 36.96 24.49 -33.46
CA GLU H 70 35.94 23.47 -33.08
C GLU H 70 36.61 22.39 -32.21
N HIS H 71 37.82 21.96 -32.57
CA HIS H 71 38.57 20.93 -31.81
C HIS H 71 39.03 21.52 -30.47
N LEU H 72 39.59 22.74 -30.47
CA LEU H 72 40.09 23.40 -29.23
C LEU H 72 38.92 23.63 -28.28
N GLU H 73 37.76 24.02 -28.81
CA GLU H 73 36.53 24.26 -28.01
C GLU H 73 36.09 22.95 -27.33
N GLN H 74 36.08 21.83 -28.06
CA GLN H 74 35.71 20.50 -27.49
C GLN H 74 36.71 20.14 -26.37
N CYS H 75 38.00 20.36 -26.63
CA CYS H 75 39.09 20.11 -25.65
C CYS H 75 38.91 21.03 -24.44
N ARG H 76 38.48 22.27 -24.64
CA ARG H 76 38.29 23.28 -23.56
C ARG H 76 37.18 22.81 -22.62
N LYS H 77 36.03 22.41 -23.18
CA LYS H 77 34.83 21.96 -22.42
C LYS H 77 35.14 20.72 -21.58
N GLN H 78 36.24 20.00 -21.86
CA GLN H 78 36.67 18.79 -21.11
C GLN H 78 37.93 19.09 -20.28
N GLY H 79 38.34 20.35 -20.18
CA GLY H 79 39.43 20.81 -19.29
C GLY H 79 40.80 20.33 -19.72
N ALA H 80 41.01 20.07 -21.02
CA ALA H 80 42.28 19.55 -21.56
C ALA H 80 43.36 20.65 -21.50
N LEU H 81 44.59 20.25 -21.20
CA LEU H 81 45.80 21.10 -21.23
C LEU H 81 46.02 21.60 -22.66
N MET H 82 45.85 22.92 -22.88
CA MET H 82 46.15 23.61 -24.15
C MET H 82 47.12 24.75 -23.88
N TYR H 83 48.05 24.99 -24.79
CA TYR H 83 48.94 26.18 -24.81
C TYR H 83 49.02 26.70 -26.25
N PHE H 84 47.87 27.10 -26.82
CA PHE H 84 47.77 27.75 -28.14
C PHE H 84 47.81 29.28 -27.97
N LEU H 85 48.61 29.94 -28.81
CA LEU H 85 48.67 31.42 -28.92
C LEU H 85 48.28 31.80 -30.35
N GLU H 86 47.62 32.93 -30.52
CA GLU H 86 47.44 33.56 -31.85
C GLU H 86 48.34 34.79 -31.92
N ARG H 87 48.94 35.04 -33.08
CA ARG H 87 49.77 36.25 -33.32
C ARG H 87 48.86 37.39 -33.80
N GLN H 88 49.00 38.57 -33.20
CA GLN H 88 48.08 39.72 -33.44
C GLN H 88 48.38 40.29 -34.83
N GLY H 89 49.65 40.27 -35.23
CA GLY H 89 50.09 40.91 -36.49
C GLY H 89 49.73 42.37 -36.49
N THR H 90 49.48 42.94 -37.66
CA THR H 90 49.43 44.42 -37.90
C THR H 90 47.99 44.92 -37.87
N TYR H 91 46.99 44.03 -38.03
CA TYR H 91 45.56 44.38 -38.13
C TYR H 91 44.71 43.22 -37.58
N SER H 92 44.15 43.38 -36.37
CA SER H 92 43.36 42.34 -35.66
C SER H 92 42.62 42.96 -34.48
N GLY H 93 41.85 42.14 -33.76
CA GLY H 93 41.08 42.55 -32.56
C GLY H 93 41.99 43.04 -31.45
N LEU H 94 41.42 43.76 -30.49
CA LEU H 94 42.18 44.37 -29.37
C LEU H 94 42.13 43.43 -28.16
N MET H 95 43.28 43.26 -27.51
CA MET H 95 43.44 42.51 -26.25
C MET H 95 44.10 43.46 -25.23
N LEU H 96 43.56 43.53 -24.01
CA LEU H 96 44.16 44.27 -22.87
C LEU H 96 44.55 43.24 -21.80
N ASP H 97 45.84 43.19 -21.45
CA ASP H 97 46.37 42.27 -20.41
C ASP H 97 46.63 43.07 -19.12
N TYR H 98 45.79 42.88 -18.11
CA TYR H 98 45.92 43.48 -16.75
C TYR H 98 46.57 42.49 -15.78
N ASP H 99 47.75 42.87 -15.24
CA ASP H 99 48.48 42.16 -14.15
C ASP H 99 48.29 42.95 -12.86
N LEU H 100 47.41 42.49 -11.97
CA LEU H 100 46.99 43.21 -10.74
C LEU H 100 47.82 42.72 -9.54
N LYS H 101 48.29 43.68 -8.73
CA LYS H 101 48.69 43.44 -7.32
C LYS H 101 47.51 43.82 -6.41
N LEU H 102 47.00 42.89 -5.61
CA LEU H 102 45.80 43.09 -4.74
C LEU H 102 46.16 43.31 -3.26
N ASN H 103 45.25 43.99 -2.55
CA ASN H 103 45.22 44.23 -1.08
C ASN H 103 45.28 42.93 -0.30
N THR H 104 44.70 41.86 -0.87
CA THR H 104 44.45 40.56 -0.22
C THR H 104 44.57 39.44 -1.26
N ASN H 105 44.38 38.19 -0.83
CA ASN H 105 44.45 36.95 -1.63
C ASN H 105 43.03 36.51 -1.99
N ALA H 106 42.05 37.40 -1.82
CA ALA H 106 40.63 37.21 -2.19
C ALA H 106 40.43 37.71 -3.62
N VAL H 107 39.82 36.87 -4.47
CA VAL H 107 39.35 37.28 -5.83
C VAL H 107 38.52 38.55 -5.68
N PRO H 108 38.86 39.65 -6.38
CA PRO H 108 38.08 40.88 -6.31
C PRO H 108 36.70 40.65 -6.90
N PRO H 109 35.64 41.36 -6.44
CA PRO H 109 34.28 41.06 -6.86
C PRO H 109 34.05 41.18 -8.38
N LEU H 110 34.57 42.24 -9.02
CA LEU H 110 34.46 42.48 -10.48
C LEU H 110 33.05 42.11 -10.97
N GLU H 111 32.03 42.79 -10.43
CA GLU H 111 30.61 42.57 -10.80
C GLU H 111 30.30 43.35 -12.07
N PRO H 112 29.18 43.06 -12.77
CA PRO H 112 28.86 43.70 -14.05
C PRO H 112 28.98 45.23 -14.11
N PRO H 113 28.52 46.01 -13.11
CA PRO H 113 28.63 47.47 -13.16
C PRO H 113 30.06 48.01 -13.31
N ALA H 114 31.03 47.44 -12.58
CA ALA H 114 32.46 47.83 -12.68
C ALA H 114 32.98 47.48 -14.08
N LEU H 115 32.72 46.26 -14.55
CA LEU H 115 33.20 45.78 -15.87
C LEU H 115 32.52 46.58 -16.98
N SER H 116 31.24 46.92 -16.82
CA SER H 116 30.45 47.73 -17.77
C SER H 116 31.10 49.10 -17.94
N ARG H 117 31.50 49.72 -16.83
CA ARG H 117 32.12 51.07 -16.83
C ARG H 117 33.49 50.99 -17.50
N LEU H 118 34.25 49.91 -17.24
CA LEU H 118 35.55 49.64 -17.89
C LEU H 118 35.35 49.65 -19.41
N CYS H 119 34.36 48.93 -19.93
CA CYS H 119 34.03 48.87 -21.39
C CYS H 119 33.80 50.28 -21.95
N HIS H 120 32.98 51.08 -21.26
CA HIS H 120 32.66 52.47 -21.68
C HIS H 120 33.97 53.26 -21.80
N ARG H 121 34.82 53.22 -20.78
CA ARG H 121 36.10 53.99 -20.76
C ARG H 121 37.01 53.49 -21.88
N ILE H 122 37.14 52.17 -22.05
CA ILE H 122 37.96 51.55 -23.14
C ILE H 122 37.47 52.10 -24.48
N PHE H 123 36.15 52.22 -24.64
CA PHE H 123 35.50 52.65 -25.89
C PHE H 123 35.80 54.13 -26.16
N VAL H 124 35.73 54.97 -25.12
CA VAL H 124 36.05 56.42 -25.24
C VAL H 124 37.43 56.57 -25.89
N HIS H 125 38.41 55.74 -25.53
CA HIS H 125 39.79 55.81 -26.09
C HIS H 125 39.81 55.32 -27.54
N ILE H 126 39.07 54.24 -27.83
CA ILE H 126 38.90 53.70 -29.21
C ILE H 126 38.31 54.81 -30.09
N LYS H 127 37.20 55.41 -29.67
CA LYS H 127 36.51 56.52 -30.38
C LYS H 127 37.47 57.68 -30.62
N ASN H 128 38.28 58.03 -29.61
CA ASN H 128 39.20 59.19 -29.62
C ASN H 128 40.36 58.95 -30.61
N SER H 129 40.62 57.69 -30.98
CA SER H 129 41.63 57.28 -31.98
C SER H 129 41.21 57.69 -33.40
N SER H 130 39.90 57.93 -33.61
CA SER H 130 39.26 58.49 -34.83
C SER H 130 39.13 57.42 -35.94
N VAL H 131 39.34 56.13 -35.67
CA VAL H 131 39.50 55.08 -36.72
C VAL H 131 38.20 54.28 -36.89
N LEU H 132 37.18 54.52 -36.06
CA LEU H 132 35.91 53.76 -36.14
C LEU H 132 35.21 54.12 -37.44
N PRO H 133 34.58 53.15 -38.13
CA PRO H 133 33.80 53.45 -39.32
C PRO H 133 32.49 54.16 -38.94
N GLU H 134 31.94 54.97 -39.85
CA GLU H 134 30.62 55.63 -39.68
C GLU H 134 29.54 54.56 -39.71
N GLY H 135 28.36 54.84 -39.14
CA GLY H 135 27.19 53.96 -39.15
C GLY H 135 26.97 53.32 -37.79
N SER H 136 26.09 52.32 -37.73
CA SER H 136 25.74 51.57 -36.49
C SER H 136 26.50 50.23 -36.48
N HIS H 137 27.19 49.92 -35.39
CA HIS H 137 28.02 48.70 -35.25
C HIS H 137 27.93 48.16 -33.81
N LYS H 138 27.80 46.84 -33.68
CA LYS H 138 27.99 46.09 -32.41
C LYS H 138 29.46 45.73 -32.27
N ILE H 139 30.04 45.96 -31.10
CA ILE H 139 31.36 45.38 -30.70
C ILE H 139 31.19 44.68 -29.35
N HIS H 140 31.78 43.49 -29.23
CA HIS H 140 31.69 42.63 -28.03
C HIS H 140 32.99 42.74 -27.21
N PHE H 141 32.84 42.92 -25.90
CA PHE H 141 33.92 42.87 -24.88
C PHE H 141 33.75 41.58 -24.08
N PHE H 142 34.84 40.85 -23.85
CA PHE H 142 34.89 39.62 -23.04
C PHE H 142 35.95 39.81 -21.96
N PHE H 143 35.60 39.52 -20.72
CA PHE H 143 36.51 39.54 -19.54
C PHE H 143 36.76 38.10 -19.10
N THR H 144 38.00 37.64 -19.27
CA THR H 144 38.47 36.34 -18.77
C THR H 144 39.38 36.63 -17.59
N LEU H 145 39.21 35.88 -16.49
CA LEU H 145 39.85 36.16 -15.19
C LEU H 145 40.76 34.99 -14.79
N LYS H 146 41.94 35.30 -14.26
CA LYS H 146 42.80 34.35 -13.50
C LYS H 146 41.93 33.61 -12.49
N PRO H 147 41.95 32.26 -12.44
CA PRO H 147 41.01 31.52 -11.62
C PRO H 147 41.18 31.78 -10.11
N GLU H 148 42.40 32.05 -9.63
CA GLU H 148 42.68 32.33 -8.20
C GLU H 148 43.77 33.42 -8.07
N VAL H 149 43.81 34.11 -6.93
CA VAL H 149 44.91 35.02 -6.54
C VAL H 149 46.04 34.15 -5.98
N VAL H 150 47.28 34.42 -6.38
CA VAL H 150 48.50 33.75 -5.85
C VAL H 150 49.40 34.85 -5.31
N GLN H 151 49.59 34.89 -3.99
CA GLN H 151 50.43 35.90 -3.28
C GLN H 151 50.02 37.31 -3.68
N GLY H 152 48.70 37.57 -3.74
CA GLY H 152 48.15 38.90 -4.04
C GLY H 152 48.23 39.25 -5.52
N LYS H 153 48.82 38.39 -6.36
CA LYS H 153 48.93 38.59 -7.82
C LYS H 153 47.63 38.11 -8.47
N TYR H 154 46.98 38.97 -9.27
CA TYR H 154 45.72 38.63 -9.98
C TYR H 154 45.78 39.18 -11.39
N GLY H 155 44.86 38.73 -12.25
CA GLY H 155 44.87 39.08 -13.68
C GLY H 155 43.49 38.98 -14.32
N PHE H 156 43.28 39.81 -15.33
CA PHE H 156 42.21 39.61 -16.33
C PHE H 156 42.70 40.06 -17.69
N HIS H 157 42.14 39.41 -18.71
CA HIS H 157 42.18 39.84 -20.13
C HIS H 157 40.84 40.51 -20.48
N VAL H 158 40.90 41.64 -21.16
CA VAL H 158 39.75 42.23 -21.92
C VAL H 158 40.00 41.95 -23.40
N LEU H 159 39.13 41.15 -24.00
CA LEU H 159 39.19 40.81 -25.44
C LEU H 159 38.09 41.59 -26.15
N ILE H 160 38.47 42.38 -27.17
CA ILE H 160 37.54 43.00 -28.15
C ILE H 160 37.91 42.45 -29.52
N PRO H 161 37.61 41.14 -29.76
CA PRO H 161 38.13 40.41 -30.92
C PRO H 161 37.61 40.91 -32.28
N GLY H 162 36.38 41.40 -32.34
CA GLY H 162 35.70 41.85 -33.57
C GLY H 162 36.18 43.19 -34.10
N LEU H 163 36.71 44.06 -33.22
CA LEU H 163 37.12 45.44 -33.58
C LEU H 163 38.53 45.40 -34.16
N LYS H 164 38.62 45.35 -35.49
CA LYS H 164 39.89 45.14 -36.22
C LYS H 164 40.64 46.47 -36.27
N LEU H 165 41.77 46.54 -35.56
CA LEU H 165 42.58 47.77 -35.33
C LEU H 165 44.00 47.58 -35.85
N ALA H 166 44.62 48.65 -36.35
CA ALA H 166 46.07 48.68 -36.68
C ALA H 166 46.84 48.52 -35.37
N ALA H 167 47.98 47.85 -35.41
CA ALA H 167 48.88 47.65 -34.24
C ALA H 167 49.19 49.02 -33.61
N SER H 168 49.55 50.00 -34.43
CA SER H 168 49.90 51.38 -33.98
C SER H 168 48.72 52.02 -33.23
N THR H 169 47.48 51.80 -33.67
CA THR H 169 46.26 52.34 -33.00
C THR H 169 46.06 51.65 -31.64
N LYS H 170 46.26 50.32 -31.58
CA LYS H 170 46.17 49.54 -30.31
C LYS H 170 47.14 50.12 -29.28
N LYS H 171 48.39 50.36 -29.69
CA LYS H 171 49.47 50.91 -28.83
C LYS H 171 49.03 52.28 -28.29
N SER H 172 48.52 53.13 -29.17
CA SER H 172 47.97 54.47 -28.82
C SER H 172 46.84 54.32 -27.79
N ILE H 173 45.85 53.46 -28.06
CA ILE H 173 44.68 53.21 -27.16
C ILE H 173 45.19 52.71 -25.79
N ILE H 174 46.14 51.78 -25.80
CA ILE H 174 46.74 51.22 -24.54
C ILE H 174 47.44 52.34 -23.76
N GLY H 175 48.23 53.19 -24.42
CA GLY H 175 48.90 54.36 -23.80
C GLY H 175 47.91 55.23 -23.04
N SER H 176 46.81 55.61 -23.70
CA SER H 176 45.73 56.44 -23.14
C SER H 176 45.07 55.74 -21.95
N LEU H 177 44.83 54.42 -22.05
CA LEU H 177 44.10 53.63 -21.02
C LEU H 177 44.91 53.57 -19.72
N GLN H 178 46.24 53.53 -19.81
CA GLN H 178 47.15 53.47 -18.64
C GLN H 178 46.91 54.70 -17.74
N HIS H 179 46.62 55.86 -18.33
CA HIS H 179 46.52 57.17 -17.65
C HIS H 179 45.06 57.56 -17.32
N ASP H 180 44.10 56.65 -17.55
CA ASP H 180 42.64 56.93 -17.35
C ASP H 180 42.31 56.92 -15.86
N ALA H 181 41.93 58.07 -15.32
CA ALA H 181 41.63 58.31 -13.88
C ALA H 181 40.42 57.47 -13.45
N THR H 182 39.38 57.37 -14.28
CA THR H 182 38.15 56.58 -13.97
C THR H 182 38.50 55.10 -13.86
N VAL H 183 39.33 54.58 -14.78
CA VAL H 183 39.77 53.15 -14.79
C VAL H 183 40.57 52.89 -13.51
N GLN H 184 41.47 53.82 -13.15
CA GLN H 184 42.35 53.72 -11.95
C GLN H 184 41.47 53.67 -10.70
N LYS H 185 40.44 54.49 -10.64
CA LYS H 185 39.44 54.51 -9.54
C LYS H 185 38.79 53.13 -9.43
N ILE H 186 38.17 52.65 -10.52
CA ILE H 186 37.47 51.33 -10.56
C ILE H 186 38.39 50.26 -9.98
N LEU H 187 39.64 50.21 -10.46
CA LEU H 187 40.63 49.17 -10.09
C LEU H 187 40.98 49.33 -8.61
N HIS H 188 41.16 50.57 -8.15
CA HIS H 188 41.45 50.91 -6.73
C HIS H 188 40.33 50.38 -5.83
N GLU H 189 39.07 50.59 -6.19
CA GLU H 189 37.89 50.18 -5.39
C GLU H 189 37.75 48.65 -5.41
N GLN H 190 38.43 47.97 -6.34
CA GLN H 190 38.46 46.48 -6.41
C GLN H 190 39.57 45.94 -5.50
N GLY H 191 40.46 46.81 -4.99
CA GLY H 191 41.58 46.46 -4.09
C GLY H 191 42.92 46.38 -4.82
N VAL H 192 43.03 46.98 -6.01
CA VAL H 192 44.28 46.97 -6.83
C VAL H 192 45.20 48.06 -6.28
N THR H 193 46.45 47.69 -5.95
CA THR H 193 47.48 48.58 -5.38
C THR H 193 48.41 49.11 -6.48
N ASN H 194 48.31 48.60 -7.73
CA ASN H 194 49.13 49.07 -8.89
C ASN H 194 48.21 49.54 -10.03
N PRO H 195 47.21 50.41 -9.77
CA PRO H 195 46.26 50.80 -10.81
C PRO H 195 46.91 51.64 -11.94
N GLU H 196 48.09 52.22 -11.69
CA GLU H 196 48.81 53.09 -12.66
C GLU H 196 49.65 52.25 -13.63
N SER H 197 50.00 51.01 -13.26
CA SER H 197 51.04 50.21 -13.94
C SER H 197 50.65 48.73 -14.10
N CYS H 198 49.34 48.42 -14.09
CA CYS H 198 48.83 47.03 -14.18
C CYS H 198 48.54 46.64 -15.64
N LEU H 199 48.29 47.61 -16.52
CA LEU H 199 48.02 47.32 -17.97
C LEU H 199 49.34 47.12 -18.71
N ASP H 200 49.59 45.92 -19.23
CA ASP H 200 50.80 45.61 -20.04
C ASP H 200 50.85 46.49 -21.29
N PRO H 201 51.82 47.43 -21.40
CA PRO H 201 51.91 48.32 -22.56
C PRO H 201 52.23 47.61 -23.88
N HIS H 202 52.61 46.32 -23.83
CA HIS H 202 52.92 45.45 -25.00
C HIS H 202 51.70 44.59 -25.36
N SER H 203 50.56 44.81 -24.69
CA SER H 203 49.25 44.15 -24.97
C SER H 203 48.96 44.12 -26.48
N ALA H 204 49.41 45.15 -27.22
CA ALA H 204 49.17 45.33 -28.68
C ALA H 204 49.96 44.31 -29.52
N SER H 205 51.14 43.87 -29.04
CA SER H 205 52.14 43.14 -29.85
C SER H 205 52.30 41.68 -29.40
N VAL H 206 52.09 41.37 -28.11
CA VAL H 206 52.35 40.00 -27.56
C VAL H 206 51.41 39.02 -28.26
N PRO H 207 51.86 37.78 -28.52
CA PRO H 207 50.94 36.71 -28.91
C PRO H 207 49.94 36.49 -27.78
N SER H 208 48.68 36.21 -28.13
CA SER H 208 47.53 36.22 -27.21
C SER H 208 47.02 34.78 -27.06
N LEU H 209 46.87 34.30 -25.82
CA LEU H 209 46.41 32.92 -25.53
C LEU H 209 45.00 32.75 -26.11
N LEU H 210 44.77 31.64 -26.79
CA LEU H 210 43.40 31.24 -27.19
C LEU H 210 42.64 30.90 -25.90
N TYR H 211 41.33 31.12 -25.89
CA TYR H 211 40.48 30.79 -24.72
C TYR H 211 40.67 29.30 -24.41
N GLY H 212 40.92 28.98 -23.16
CA GLY H 212 41.16 27.59 -22.69
C GLY H 212 42.64 27.26 -22.62
N SER H 213 43.52 28.13 -23.12
CA SER H 213 44.99 27.92 -23.13
C SER H 213 45.64 28.74 -22.03
N SER H 214 46.88 28.39 -21.66
CA SER H 214 47.61 29.20 -20.65
C SER H 214 48.99 28.58 -20.45
N LYS H 215 50.02 29.40 -20.25
CA LYS H 215 51.32 28.78 -19.92
C LYS H 215 50.94 27.66 -18.94
N LEU H 216 51.15 26.40 -19.31
CA LEU H 216 50.67 25.29 -18.45
C LEU H 216 51.02 25.61 -16.98
N ASN H 217 52.10 26.37 -16.75
CA ASN H 217 52.46 26.80 -15.37
C ASN H 217 51.23 27.42 -14.71
N HIS H 218 50.52 28.29 -15.44
CA HIS H 218 49.30 28.95 -14.89
C HIS H 218 48.06 28.24 -15.44
N LYS H 219 46.97 28.28 -14.68
CA LYS H 219 45.70 27.66 -15.16
C LYS H 219 45.03 28.65 -16.14
N PRO H 220 44.23 28.17 -17.11
CA PRO H 220 43.59 29.05 -18.09
C PRO H 220 42.61 30.02 -17.41
N TYR H 221 42.60 31.27 -17.91
CA TYR H 221 41.62 32.31 -17.54
C TYR H 221 40.23 31.79 -17.92
N GLN H 222 39.22 32.14 -17.10
CA GLN H 222 37.81 31.70 -17.24
C GLN H 222 36.96 32.92 -17.65
N LEU H 223 36.08 32.74 -18.63
CA LEU H 223 35.16 33.81 -19.10
C LEU H 223 34.14 34.06 -17.99
N LYS H 224 34.12 35.27 -17.43
CA LYS H 224 33.16 35.63 -16.36
C LYS H 224 31.95 36.31 -16.99
N THR H 225 32.18 37.35 -17.80
CA THR H 225 31.11 38.22 -18.35
C THR H 225 31.54 38.75 -19.71
N GLY H 226 30.61 38.80 -20.65
CA GLY H 226 30.77 39.50 -21.95
C GLY H 226 29.71 40.58 -22.13
N PHE H 227 30.04 41.65 -22.85
CA PHE H 227 29.16 42.81 -23.09
C PHE H 227 29.07 43.12 -24.57
N GLU H 228 27.87 43.53 -25.00
CA GLU H 228 27.58 44.06 -26.35
C GLU H 228 27.49 45.59 -26.27
N LEU H 229 28.41 46.30 -26.92
CA LEU H 229 28.38 47.77 -27.06
C LEU H 229 27.94 48.08 -28.49
N VAL H 230 26.87 48.87 -28.65
CA VAL H 230 26.43 49.41 -29.97
C VAL H 230 26.85 50.88 -30.00
N PHE H 231 27.56 51.30 -31.05
CA PHE H 231 27.85 52.72 -31.33
C PHE H 231 27.18 53.11 -32.64
N ASP H 232 26.74 54.36 -32.73
CA ASP H 232 26.07 54.94 -33.93
C ASP H 232 26.64 56.35 -34.13
N SER H 233 27.32 56.59 -35.25
CA SER H 233 28.00 57.87 -35.59
C SER H 233 26.99 59.02 -35.61
N SER H 234 25.75 58.73 -36.00
CA SER H 234 24.64 59.71 -36.11
C SER H 234 24.16 60.13 -34.71
N ASP H 235 24.30 59.24 -33.72
CA ASP H 235 23.79 59.41 -32.33
C ASP H 235 24.91 59.08 -31.34
N PRO H 236 26.00 59.88 -31.32
CA PRO H 236 27.24 59.50 -30.64
C PRO H 236 27.13 59.43 -29.10
N ASP H 237 26.11 60.05 -28.52
CA ASP H 237 25.93 60.12 -27.05
C ASP H 237 25.17 58.90 -26.57
N TYR H 238 24.62 58.07 -27.46
CA TYR H 238 23.91 56.83 -27.08
C TYR H 238 24.85 55.64 -27.29
N ILE H 239 25.36 55.09 -26.18
CA ILE H 239 26.39 53.99 -26.17
C ILE H 239 25.88 52.89 -25.26
N PRO H 240 24.83 52.15 -25.68
CA PRO H 240 24.26 51.08 -24.86
C PRO H 240 25.25 49.93 -24.71
N ILE H 241 25.47 49.52 -23.45
CA ILE H 241 26.28 48.35 -23.06
C ILE H 241 25.37 47.41 -22.25
N HIS H 242 25.22 46.18 -22.73
CA HIS H 242 24.42 45.09 -22.10
C HIS H 242 25.22 43.80 -22.04
N GLN H 243 25.12 43.08 -20.92
CA GLN H 243 25.63 41.70 -20.79
C GLN H 243 25.09 40.86 -21.95
N ILE H 244 25.95 40.02 -22.53
CA ILE H 244 25.57 38.93 -23.48
C ILE H 244 25.06 37.75 -22.64
N LYS H 245 23.89 37.19 -22.97
CA LYS H 245 23.17 36.28 -22.03
C LYS H 245 23.43 34.81 -22.38
N ASN H 246 23.53 34.47 -23.67
CA ASN H 246 23.62 33.06 -24.15
C ASN H 246 25.03 32.76 -24.67
N LEU H 247 26.06 33.09 -23.87
CA LEU H 247 27.49 32.92 -24.22
C LEU H 247 27.80 31.44 -24.52
N GLU H 248 27.29 30.52 -23.69
CA GLU H 248 27.47 29.05 -23.76
C GLU H 248 27.02 28.51 -25.14
N SER H 249 26.11 29.21 -25.82
CA SER H 249 25.52 28.81 -27.12
C SER H 249 26.56 28.87 -28.25
N TYR H 250 27.68 29.58 -28.05
CA TYR H 250 28.66 29.87 -29.12
C TYR H 250 29.93 29.05 -28.88
N ASN H 251 30.74 28.92 -29.92
CA ASN H 251 32.13 28.39 -29.80
C ASN H 251 33.01 29.53 -29.29
N LEU H 252 33.36 29.50 -28.01
CA LEU H 252 34.04 30.63 -27.31
C LEU H 252 35.50 30.77 -27.79
N VAL H 253 36.22 29.67 -28.07
CA VAL H 253 37.60 29.79 -28.64
C VAL H 253 37.48 30.63 -29.93
N SER H 254 36.53 30.28 -30.78
CA SER H 254 36.18 30.96 -32.06
C SER H 254 35.87 32.46 -31.82
N GLU H 255 34.83 32.75 -31.03
CA GLU H 255 34.29 34.12 -30.86
C GLU H 255 35.35 35.05 -30.24
N LEU H 256 36.14 34.55 -29.28
CA LEU H 256 37.12 35.35 -28.50
C LEU H 256 38.42 35.58 -29.28
N SER H 257 38.66 34.85 -30.38
CA SER H 257 39.89 34.94 -31.20
C SER H 257 40.00 36.33 -31.85
N LEU H 258 41.12 37.02 -31.61
CA LEU H 258 41.43 38.38 -32.16
C LEU H 258 41.57 38.34 -33.68
N THR H 259 41.97 37.20 -34.25
CA THR H 259 42.32 37.08 -35.70
C THR H 259 41.17 36.45 -36.49
N ASN H 260 40.18 35.85 -35.82
CA ASN H 260 38.98 35.25 -36.47
C ASN H 260 38.14 36.35 -37.13
N GLU H 261 37.55 36.06 -38.29
CA GLU H 261 36.63 36.96 -39.03
C GLU H 261 35.33 36.24 -39.37
N GLN H 262 35.18 34.99 -38.92
CA GLN H 262 34.05 34.09 -39.29
C GLN H 262 33.35 33.58 -38.02
N GLY H 263 33.40 34.36 -36.94
CA GLY H 263 32.56 34.13 -35.75
C GLY H 263 31.08 34.35 -36.07
N SER H 264 30.18 33.79 -35.24
CA SER H 264 28.70 33.92 -35.37
C SER H 264 28.23 35.10 -34.52
N LEU H 265 28.59 35.13 -33.23
CA LEU H 265 28.29 36.25 -32.31
C LEU H 265 29.12 37.46 -32.75
N VAL H 266 30.44 37.28 -32.88
CA VAL H 266 31.42 38.37 -33.15
C VAL H 266 31.57 38.51 -34.67
N ARG H 267 31.00 39.59 -35.23
CA ARG H 267 31.12 39.97 -36.65
C ARG H 267 32.11 41.11 -36.72
N PRO H 268 33.12 41.05 -37.61
CA PRO H 268 34.17 42.08 -37.65
C PRO H 268 33.61 43.49 -37.94
N VAL H 269 34.14 44.49 -37.27
CA VAL H 269 34.02 45.91 -37.70
C VAL H 269 35.44 46.41 -37.97
N TYR H 270 35.65 46.85 -39.22
CA TYR H 270 36.96 47.21 -39.80
C TYR H 270 37.21 48.70 -39.54
N CYS H 271 38.21 48.99 -38.72
CA CYS H 271 38.71 50.36 -38.44
C CYS H 271 39.70 50.77 -39.53
N ALA H 272 39.84 52.07 -39.77
CA ALA H 272 40.84 52.68 -40.67
C ALA H 272 42.24 52.26 -40.21
N ALA H 273 43.11 51.87 -41.16
CA ALA H 273 44.52 51.48 -40.90
C ALA H 273 45.39 52.74 -40.81
N MET H 294 60.18 27.83 -23.30
CA MET H 294 59.19 26.77 -23.11
C MET H 294 59.39 26.19 -21.72
N LEU H 295 58.44 25.34 -21.29
CA LEU H 295 58.13 25.13 -19.88
C LEU H 295 59.06 24.12 -19.21
N HIS H 296 60.28 23.95 -19.72
CA HIS H 296 61.34 23.09 -19.17
C HIS H 296 60.94 21.62 -19.10
N ASP H 297 59.91 21.23 -19.89
CA ASP H 297 59.32 19.89 -20.08
C ASP H 297 59.29 19.04 -18.82
N PRO H 298 58.48 19.40 -17.81
CA PRO H 298 58.47 18.58 -16.59
C PRO H 298 57.77 17.25 -16.75
N GLU H 299 56.74 17.18 -17.62
CA GLU H 299 55.96 15.97 -17.89
C GLU H 299 55.35 15.39 -16.61
N ALA H 300 54.98 16.28 -15.69
CA ALA H 300 54.38 15.96 -14.39
C ALA H 300 55.26 15.08 -13.51
N ARG H 301 56.55 14.95 -13.84
CA ARG H 301 57.49 14.15 -13.06
C ARG H 301 58.68 14.95 -12.58
N TYR H 302 59.31 15.73 -13.46
CA TYR H 302 60.58 16.37 -13.18
C TYR H 302 60.47 17.65 -12.36
N LEU H 303 59.30 17.94 -11.78
CA LEU H 303 59.18 19.12 -10.93
C LEU H 303 59.88 18.96 -9.59
N HIS H 304 60.18 17.72 -9.18
CA HIS H 304 60.78 17.49 -7.87
C HIS H 304 62.16 18.12 -7.78
N LYS H 305 62.98 17.94 -8.82
CA LYS H 305 64.34 18.47 -8.80
C LYS H 305 64.35 20.00 -8.83
N ILE H 306 63.42 20.61 -9.55
CA ILE H 306 63.41 22.07 -9.59
C ILE H 306 62.80 22.63 -8.30
N LEU H 307 61.92 21.88 -7.63
CA LEU H 307 61.47 22.32 -6.31
C LEU H 307 62.58 22.24 -5.28
N ASN H 308 63.38 21.18 -5.30
CA ASN H 308 64.47 21.08 -4.32
C ASN H 308 65.77 21.72 -4.80
N LEU H 309 65.78 22.35 -5.97
CA LEU H 309 66.99 22.92 -6.52
C LEU H 309 67.10 24.43 -6.33
N LEU H 310 66.00 25.11 -6.04
CA LEU H 310 66.06 26.55 -5.82
C LEU H 310 66.55 26.95 -4.43
N PRO H 311 66.02 26.45 -3.31
CA PRO H 311 66.46 26.98 -2.00
C PRO H 311 67.68 26.30 -1.39
N PRO H 312 68.53 25.57 -2.13
CA PRO H 312 69.92 25.48 -1.69
C PRO H 312 70.61 26.83 -1.71
N GLU H 313 71.57 26.99 -0.80
CA GLU H 313 72.40 28.19 -0.71
C GLU H 313 73.67 28.07 -1.54
N TYR H 314 73.63 27.31 -2.64
CA TYR H 314 74.75 27.11 -3.53
C TYR H 314 74.80 28.13 -4.66
N TYR H 315 74.33 29.35 -4.41
CA TYR H 315 74.25 30.39 -5.43
C TYR H 315 75.62 30.79 -5.96
N VAL H 316 76.67 30.63 -5.15
CA VAL H 316 78.05 30.85 -5.59
C VAL H 316 78.74 29.49 -5.63
N GLU H 317 79.36 29.18 -6.77
CA GLU H 317 79.96 27.88 -7.02
C GLU H 317 81.38 28.09 -7.53
N TYR H 318 82.38 27.87 -6.69
CA TYR H 318 83.73 27.82 -7.26
C TYR H 318 83.97 26.41 -7.82
N PRO H 319 83.79 25.28 -7.05
CA PRO H 319 83.80 23.97 -7.73
C PRO H 319 82.42 23.37 -7.97
N LEU H 320 81.36 23.95 -7.40
CA LEU H 320 80.07 23.28 -7.37
C LEU H 320 79.32 23.31 -8.69
N TRP H 321 79.71 24.20 -9.62
CA TRP H 321 79.04 24.28 -10.91
C TRP H 321 79.23 22.99 -11.70
N SER H 322 80.43 22.42 -11.66
CA SER H 322 80.65 21.11 -12.26
C SER H 322 80.01 20.00 -11.41
N ASN H 323 79.97 20.19 -10.09
CA ASN H 323 79.47 19.16 -9.19
C ASN H 323 77.98 18.89 -9.42
N VAL H 324 77.16 19.93 -9.43
CA VAL H 324 75.72 19.74 -9.60
C VAL H 324 75.40 19.23 -11.01
N VAL H 325 76.14 19.69 -12.01
CA VAL H 325 75.83 19.27 -13.37
C VAL H 325 76.28 17.82 -13.61
N PHE H 326 77.35 17.38 -12.95
CA PHE H 326 77.70 15.96 -13.04
C PHE H 326 76.79 15.11 -12.15
N ALA H 327 76.16 15.74 -11.15
CA ALA H 327 75.17 15.02 -10.36
C ALA H 327 73.90 14.75 -11.16
N LEU H 328 73.41 15.76 -11.89
CA LEU H 328 72.21 15.59 -12.69
C LEU H 328 72.50 15.31 -14.16
N ALA H 329 73.73 14.93 -14.49
CA ALA H 329 74.07 14.47 -15.84
C ALA H 329 73.43 13.14 -16.21
N ASN H 330 72.82 12.42 -15.25
CA ASN H 330 72.06 11.22 -15.57
C ASN H 330 70.83 11.52 -16.43
N THR H 331 70.38 12.77 -16.45
CA THR H 331 69.28 13.19 -17.31
C THR H 331 69.83 13.69 -18.64
N SER H 332 69.31 13.15 -19.74
CA SER H 332 69.75 13.54 -21.07
C SER H 332 69.40 14.97 -21.42
N ALA H 333 68.35 15.52 -20.81
CA ALA H 333 67.89 16.89 -21.07
C ALA H 333 68.31 17.84 -19.95
N ASN H 334 69.53 17.66 -19.43
CA ASN H 334 70.03 18.40 -18.26
C ASN H 334 70.29 19.87 -18.55
N TYR H 335 70.28 20.30 -19.82
CA TYR H 335 70.60 21.67 -20.17
C TYR H 335 69.56 22.65 -19.62
N ARG H 336 68.29 22.28 -19.69
CA ARG H 336 67.25 23.15 -19.12
C ARG H 336 67.35 23.27 -17.60
N PRO H 337 67.55 22.19 -16.82
CA PRO H 337 67.85 22.40 -15.38
C PRO H 337 69.12 23.19 -15.13
N LEU H 338 70.15 23.04 -15.97
CA LEU H 338 71.35 23.85 -15.80
C LEU H 338 71.07 25.34 -15.98
N ALA H 339 70.32 25.68 -17.04
CA ALA H 339 69.97 27.07 -17.30
C ALA H 339 69.05 27.63 -16.23
N GLU H 340 68.13 26.81 -15.72
CA GLU H 340 67.27 27.24 -14.62
C GLU H 340 68.05 27.42 -13.33
N TRP H 341 69.06 26.59 -13.10
CA TRP H 341 69.82 26.67 -11.85
C TRP H 341 70.73 27.88 -11.84
N PHE H 342 71.37 28.19 -12.98
CA PHE H 342 72.31 29.30 -13.00
C PHE H 342 71.61 30.64 -12.77
N SER H 343 70.44 30.84 -13.35
CA SER H 343 69.78 32.13 -13.31
C SER H 343 69.21 32.43 -11.92
N GLN H 344 70.03 33.04 -11.07
CA GLN H 344 69.60 33.39 -9.73
C GLN H 344 70.19 34.73 -9.31
N THR H 352 74.83 35.11 -7.80
CA THR H 352 74.80 36.57 -7.92
C THR H 352 75.18 37.00 -9.35
N GLY H 353 74.18 37.07 -10.22
CA GLY H 353 74.40 37.45 -11.60
C GLY H 353 75.12 36.37 -12.39
N GLY H 354 76.34 36.67 -12.83
CA GLY H 354 77.15 35.70 -13.56
C GLY H 354 77.28 36.00 -15.03
N LYS H 355 76.16 36.41 -15.65
CA LYS H 355 76.09 36.73 -17.09
C LYS H 355 76.55 35.54 -17.93
N GLU H 356 75.80 34.44 -17.81
CA GLU H 356 76.16 33.13 -18.38
C GLU H 356 77.54 32.68 -17.92
N LYS H 357 77.83 32.92 -16.63
CA LYS H 357 79.13 32.67 -16.02
C LYS H 357 80.26 33.34 -16.80
N LEU H 358 80.07 34.64 -17.04
CA LEU H 358 80.94 35.45 -17.91
C LEU H 358 81.05 34.83 -19.30
N GLU H 359 79.90 34.42 -19.83
CA GLU H 359 79.76 33.80 -21.15
C GLU H 359 80.62 32.53 -21.29
N LYS H 360 80.70 31.76 -20.21
CA LYS H 360 81.37 30.47 -20.30
C LYS H 360 80.50 29.44 -21.00
N LEU H 361 79.20 29.44 -20.69
CA LEU H 361 78.20 28.52 -21.28
C LEU H 361 78.62 27.05 -21.09
N TRP H 362 78.72 26.65 -19.82
CA TRP H 362 79.22 25.33 -19.41
C TRP H 362 80.61 25.07 -20.01
N ASN H 363 81.47 26.09 -19.94
CA ASN H 363 82.82 26.08 -20.53
C ASN H 363 82.77 25.69 -22.01
N ASP H 364 81.84 26.34 -22.73
CA ASP H 364 81.51 26.03 -24.12
C ASP H 364 81.12 24.56 -24.29
N ALA H 365 80.04 24.19 -23.59
CA ALA H 365 79.37 22.90 -23.69
C ALA H 365 80.31 21.74 -23.33
N SER H 366 80.70 21.72 -22.05
CA SER H 366 81.48 20.60 -21.52
C SER H 366 80.67 19.31 -21.60
N HIS H 367 81.36 18.23 -21.95
CA HIS H 367 80.70 16.95 -22.16
C HIS H 367 80.65 16.17 -20.84
N HIS H 368 80.28 14.89 -20.92
CA HIS H 368 80.13 14.03 -19.76
C HIS H 368 81.23 12.99 -19.72
N THR H 369 81.42 12.42 -18.53
CA THR H 369 82.56 11.55 -18.26
C THR H 369 82.06 10.29 -17.53
N GLU H 370 83.01 9.56 -16.94
CA GLU H 370 82.70 8.36 -16.16
C GLU H 370 81.84 8.73 -14.94
N LYS H 371 81.07 7.76 -14.45
CA LYS H 371 80.01 7.99 -13.48
C LYS H 371 80.52 8.54 -12.15
N LYS H 372 80.26 9.82 -11.93
CA LYS H 372 80.60 10.53 -10.70
C LYS H 372 79.41 10.45 -9.74
N ILE H 373 79.40 11.33 -8.73
CA ILE H 373 78.27 11.42 -7.79
C ILE H 373 76.95 11.66 -8.52
N THR H 374 75.86 11.25 -7.89
CA THR H 374 74.56 11.09 -8.54
C THR H 374 73.52 12.00 -7.88
N LYS H 375 72.26 11.76 -8.24
CA LYS H 375 71.14 12.61 -7.83
C LYS H 375 70.96 12.63 -6.31
N ARG H 376 71.37 11.57 -5.62
CA ARG H 376 71.19 11.48 -4.17
C ARG H 376 71.98 12.53 -3.41
N SER H 377 72.91 13.22 -4.07
CA SER H 377 73.65 14.29 -3.42
C SER H 377 72.83 15.55 -3.23
N ILE H 378 71.89 15.85 -4.15
CA ILE H 378 71.20 17.15 -4.03
C ILE H 378 70.27 17.19 -2.81
N MET H 379 69.61 16.08 -2.45
CA MET H 379 68.93 16.09 -1.16
C MET H 379 69.90 16.21 0.01
N TYR H 380 71.15 15.76 -0.16
CA TYR H 380 72.16 16.08 0.84
C TYR H 380 72.61 17.54 0.72
N TRP H 381 72.57 18.11 -0.48
CA TRP H 381 72.86 19.54 -0.58
C TRP H 381 71.71 20.39 -0.05
N ALA H 382 70.51 19.83 0.01
CA ALA H 382 69.44 20.39 0.82
C ALA H 382 69.54 19.79 2.22
N HIS H 383 68.53 20.03 3.06
CA HIS H 383 68.37 19.45 4.40
C HIS H 383 69.42 19.93 5.40
N LYS H 384 70.37 20.74 4.95
CA LYS H 384 71.37 21.35 5.82
C LYS H 384 71.38 22.87 5.73
N HIS H 385 71.23 23.43 4.52
CA HIS H 385 71.10 24.86 4.37
C HIS H 385 69.72 25.34 4.78
N ALA H 386 68.68 24.55 4.52
CA ALA H 386 67.31 24.87 4.89
C ALA H 386 66.52 23.58 5.02
N PRO H 387 66.49 22.97 6.21
CA PRO H 387 65.88 21.64 6.34
C PRO H 387 64.37 21.65 6.38
N GLN H 388 63.76 22.73 6.88
CA GLN H 388 62.31 22.74 7.09
C GLN H 388 61.55 22.78 5.77
N GLN H 389 61.99 23.62 4.82
CA GLN H 389 61.32 23.67 3.52
C GLN H 389 61.57 22.40 2.73
N TYR H 390 62.76 21.80 2.88
CA TYR H 390 63.05 20.53 2.23
C TYR H 390 62.13 19.43 2.76
N LYS H 391 61.94 19.38 4.08
CA LYS H 391 61.03 18.40 4.68
C LYS H 391 59.60 18.65 4.23
N GLU H 392 59.20 19.91 4.12
CA GLU H 392 57.85 20.24 3.68
C GLU H 392 57.60 19.78 2.26
N ILE H 393 58.51 20.09 1.33
CA ILE H 393 58.29 19.70 -0.06
C ILE H 393 58.44 18.19 -0.24
N VAL H 394 59.29 17.53 0.56
CA VAL H 394 59.46 16.09 0.45
C VAL H 394 58.22 15.35 0.97
N GLU H 395 57.66 15.81 2.10
CA GLU H 395 56.42 15.24 2.60
C GLU H 395 55.26 15.54 1.65
N GLN H 396 55.26 16.70 1.01
CA GLN H 396 54.25 16.99 0.00
C GLN H 396 54.36 16.06 -1.20
N GLY H 397 55.60 15.72 -1.59
CA GLY H 397 55.78 14.75 -2.66
C GLY H 397 55.29 13.36 -2.28
N TYR H 398 55.57 12.93 -1.04
CA TYR H 398 55.07 11.64 -0.56
C TYR H 398 53.54 11.61 -0.58
N PHE H 399 52.92 12.66 -0.05
CA PHE H 399 51.47 12.74 -0.01
C PHE H 399 50.87 12.81 -1.42
N SER H 400 51.56 13.49 -2.34
CA SER H 400 51.06 13.56 -3.72
C SER H 400 51.11 12.20 -4.40
N ILE H 401 52.19 11.45 -4.22
CA ILE H 401 52.29 10.12 -4.82
C ILE H 401 51.24 9.18 -4.25
N LEU H 402 51.08 9.19 -2.92
CA LEU H 402 50.09 8.31 -2.30
C LEU H 402 48.67 8.74 -2.63
N ALA H 403 48.42 10.04 -2.76
CA ALA H 403 47.09 10.51 -3.13
C ALA H 403 46.75 10.15 -4.56
N GLU H 404 47.71 10.23 -5.48
CA GLU H 404 47.44 9.83 -6.85
C GLU H 404 47.23 8.33 -6.95
N TYR H 405 47.92 7.54 -6.12
CA TYR H 405 47.70 6.09 -6.16
C TYR H 405 46.38 5.71 -5.51
N VAL H 406 45.95 6.44 -4.50
CA VAL H 406 44.66 6.18 -3.88
C VAL H 406 43.52 6.59 -4.81
N TYR H 407 43.63 7.76 -5.44
CA TYR H 407 42.55 8.24 -6.28
C TYR H 407 42.49 7.48 -7.60
N SER H 408 43.62 6.95 -8.08
CA SER H 408 43.60 6.16 -9.31
C SER H 408 42.84 4.86 -9.12
N TYR H 409 43.10 4.17 -7.99
CA TYR H 409 42.41 2.93 -7.65
C TYR H 409 41.86 3.11 -6.24
N ASN H 410 40.53 3.23 -6.15
CA ASN H 410 39.81 3.94 -5.10
C ASN H 410 40.33 3.72 -3.67
N GLY H 411 40.29 2.49 -3.20
CA GLY H 411 40.79 2.21 -1.87
C GLY H 411 41.86 1.15 -1.81
N MET H 412 41.89 0.29 -2.83
CA MET H 412 42.75 -0.88 -2.82
C MET H 412 44.20 -0.46 -2.98
N LEU H 413 44.98 -0.61 -1.92
CA LEU H 413 46.43 -0.45 -1.96
C LEU H 413 47.07 -1.82 -2.12
N GLU H 414 47.97 -1.93 -3.07
CA GLU H 414 48.66 -3.19 -3.34
C GLU H 414 50.16 -2.99 -3.08
N HIS H 415 50.94 -4.01 -3.45
CA HIS H 415 52.35 -4.04 -3.05
C HIS H 415 53.17 -3.00 -3.79
N TYR H 416 52.86 -2.76 -5.08
CA TYR H 416 53.75 -1.93 -5.88
C TYR H 416 53.61 -0.45 -5.53
N MET H 417 52.40 0.01 -5.19
CA MET H 417 52.24 1.42 -4.80
C MET H 417 52.96 1.71 -3.49
N ILE H 418 52.87 0.79 -2.53
CA ILE H 418 53.59 0.92 -1.27
C ILE H 418 55.09 0.91 -1.52
N ALA H 419 55.54 0.02 -2.42
CA ALA H 419 56.97 -0.04 -2.76
C ALA H 419 57.43 1.23 -3.45
N LYS H 420 56.57 1.83 -4.28
CA LYS H 420 56.92 3.06 -4.97
C LYS H 420 57.07 4.22 -3.99
N VAL H 421 56.14 4.35 -3.05
CA VAL H 421 56.28 5.41 -2.04
C VAL H 421 57.48 5.15 -1.15
N ILE H 422 57.76 3.87 -0.83
CA ILE H 422 58.93 3.55 -0.01
C ILE H 422 60.23 3.90 -0.74
N TYR H 423 60.28 3.63 -2.05
CA TYR H 423 61.46 3.98 -2.83
C TYR H 423 61.62 5.49 -2.95
N ALA H 424 60.51 6.22 -3.06
CA ALA H 424 60.60 7.68 -2.98
C ALA H 424 61.02 8.14 -1.59
N MET H 425 60.80 7.32 -0.56
CA MET H 425 61.11 7.70 0.81
C MET H 425 62.60 7.53 1.12
N MET H 426 63.17 6.36 0.85
CA MET H 426 64.59 6.10 1.07
C MET H 426 65.24 5.46 -0.14
N GLY H 427 65.11 6.09 -1.30
CA GLY H 427 65.97 5.74 -2.42
C GLY H 427 67.44 6.03 -2.16
N ASN H 428 67.75 6.86 -1.16
CA ASN H 428 69.10 7.25 -0.81
C ASN H 428 69.62 6.52 0.43
N LYS H 429 68.95 5.47 0.88
CA LYS H 429 69.39 4.73 2.06
C LYS H 429 69.53 3.23 1.86
N PHE H 430 68.81 2.63 0.92
CA PHE H 430 68.87 1.19 0.69
C PHE H 430 69.19 0.93 -0.78
N VAL H 431 69.99 -0.10 -1.04
CA VAL H 431 70.20 -0.63 -2.38
C VAL H 431 70.13 -2.15 -2.30
N VAL H 432 69.91 -2.79 -3.45
CA VAL H 432 69.87 -4.24 -3.54
C VAL H 432 70.77 -4.67 -4.70
N ASP H 433 71.09 -5.97 -4.70
CA ASP H 433 71.86 -6.54 -5.81
C ASP H 433 71.61 -8.04 -5.90
N VAL H 434 72.14 -8.64 -6.96
CA VAL H 434 71.84 -10.01 -7.36
C VAL H 434 73.19 -10.73 -7.39
N ASP H 435 74.05 -10.40 -6.42
CA ASP H 435 75.51 -10.53 -6.46
C ASP H 435 76.10 -11.82 -7.05
N SER H 436 75.89 -12.96 -6.41
CA SER H 436 76.55 -14.18 -6.85
C SER H 436 75.60 -15.31 -7.20
N ASN H 437 74.66 -15.63 -6.30
CA ASN H 437 73.82 -16.81 -6.45
C ASN H 437 72.41 -16.48 -6.92
N GLY H 438 72.19 -15.25 -7.40
CA GLY H 438 70.86 -14.82 -7.75
C GLY H 438 70.03 -14.30 -6.59
N LYS H 439 70.56 -14.34 -5.38
CA LYS H 439 69.85 -13.79 -4.23
C LYS H 439 69.89 -12.28 -4.27
N TYR H 440 68.79 -11.64 -3.86
CA TYR H 440 68.70 -10.19 -3.85
C TYR H 440 69.16 -9.68 -2.48
N VAL H 441 70.48 -9.57 -2.34
CA VAL H 441 71.06 -9.09 -1.10
C VAL H 441 70.80 -7.60 -0.96
N TRP H 442 70.67 -7.15 0.29
CA TRP H 442 70.35 -5.77 0.62
C TRP H 442 71.55 -5.10 1.27
N PHE H 443 71.77 -3.83 0.94
CA PHE H 443 72.77 -3.00 1.59
C PHE H 443 72.10 -1.75 2.11
N GLU H 444 72.34 -1.43 3.37
CA GLU H 444 71.70 -0.30 4.04
C GLU H 444 72.76 0.73 4.42
N PHE H 445 72.51 1.99 4.06
CA PHE H 445 73.33 3.08 4.55
C PHE H 445 72.91 3.43 5.97
N VAL H 446 73.90 3.81 6.79
CA VAL H 446 73.69 4.04 8.21
C VAL H 446 73.96 5.49 8.54
N LEU H 447 73.39 5.93 9.66
CA LEU H 447 73.44 7.29 10.17
C LEU H 447 73.83 7.22 11.63
N PRO H 448 74.33 8.33 12.21
CA PRO H 448 74.70 8.29 13.64
C PRO H 448 73.56 7.96 14.59
N GLY H 449 72.34 8.38 14.28
CA GLY H 449 71.20 8.01 15.10
C GLY H 449 70.65 6.64 14.76
N GLN H 450 71.42 5.59 15.08
CA GLN H 450 71.09 4.23 14.66
C GLN H 450 71.88 3.27 15.53
N PRO H 451 71.36 2.05 15.76
CA PRO H 451 72.18 1.02 16.40
C PRO H 451 73.35 0.61 15.50
N MET H 452 74.57 0.83 16.00
CA MET H 452 75.78 0.51 15.29
C MET H 452 76.06 -0.99 15.33
N ASN H 453 77.10 -1.43 14.62
CA ASN H 453 77.68 -2.74 14.90
C ASN H 453 78.85 -2.54 15.87
N GLN H 454 79.91 -1.90 15.41
CA GLN H 454 80.79 -1.16 16.30
C GLN H 454 81.20 0.17 15.70
N GLY H 455 81.49 0.21 14.41
CA GLY H 455 82.04 1.40 13.79
C GLY H 455 81.64 1.64 12.36
N GLU H 456 80.74 0.82 11.82
CA GLU H 456 80.17 1.06 10.50
C GLU H 456 79.21 2.24 10.64
N ILE H 457 79.75 3.44 10.48
CA ILE H 457 79.05 4.66 10.90
C ILE H 457 78.61 5.47 9.69
N TRP H 458 79.32 5.36 8.57
CA TRP H 458 78.91 6.07 7.36
C TRP H 458 79.07 5.21 6.11
N LYS H 459 79.04 3.88 6.27
CA LYS H 459 79.24 2.96 5.17
C LYS H 459 78.09 1.98 5.10
N TRP H 460 77.89 1.43 3.90
CA TRP H 460 76.82 0.46 3.68
C TRP H 460 77.11 -0.83 4.41
N ARG H 461 76.09 -1.38 5.07
CA ARG H 461 76.19 -2.67 5.74
C ARG H 461 75.26 -3.66 5.04
N LYS H 462 75.76 -4.89 4.89
CA LYS H 462 74.95 -5.94 4.28
C LYS H 462 73.90 -6.42 5.27
N GLU H 463 72.66 -6.51 4.81
CA GLU H 463 71.54 -6.95 5.63
C GLU H 463 70.86 -8.12 4.94
N VAL H 464 70.68 -9.22 5.68
CA VAL H 464 69.98 -10.37 5.12
C VAL H 464 68.50 -10.04 4.93
N ASN H 465 67.91 -9.29 5.85
CA ASN H 465 66.56 -8.79 5.73
C ASN H 465 66.53 -7.31 6.08
N PRO H 466 65.82 -6.49 5.31
CA PRO H 466 65.76 -5.05 5.64
C PRO H 466 64.91 -4.78 6.86
N ASP H 467 65.50 -4.97 8.05
CA ASP H 467 64.75 -4.82 9.30
C ASP H 467 64.30 -3.39 9.51
N GLU H 468 65.17 -2.41 9.21
CA GLU H 468 64.79 -1.02 9.37
C GLU H 468 63.72 -0.61 8.38
N LEU H 469 63.75 -1.19 7.17
CA LEU H 469 62.68 -0.92 6.21
C LEU H 469 61.37 -1.54 6.68
N HIS H 470 61.43 -2.73 7.28
CA HIS H 470 60.24 -3.35 7.85
C HIS H 470 59.66 -2.52 8.98
N ILE H 471 60.53 -1.90 9.78
CA ILE H 471 60.04 -0.99 10.81
C ILE H 471 59.42 0.25 10.17
N TYR H 472 60.05 0.78 9.12
CA TYR H 472 59.58 2.04 8.53
C TYR H 472 58.27 1.88 7.80
N ILE H 473 57.99 0.68 7.26
CA ILE H 473 56.74 0.46 6.54
C ILE H 473 55.55 0.58 7.48
N SER H 474 55.71 0.12 8.72
CA SER H 474 54.60 0.12 9.66
C SER H 474 54.54 1.37 10.53
N GLU H 475 55.68 1.98 10.86
CA GLU H 475 55.68 3.08 11.82
C GLU H 475 55.55 4.45 11.15
N ASN H 476 56.50 4.81 10.29
CA ASN H 476 56.53 6.18 9.76
C ASN H 476 55.64 6.34 8.54
N PHE H 477 55.39 5.25 7.80
CA PHE H 477 54.47 5.31 6.67
C PHE H 477 53.02 5.43 7.12
N SER H 478 52.72 4.97 8.34
CA SER H 478 51.40 5.18 8.92
C SER H 478 51.10 6.66 9.13
N ARG H 479 52.13 7.50 9.27
CA ARG H 479 51.90 8.94 9.31
C ARG H 479 51.32 9.44 8.00
N VAL H 480 51.81 8.94 6.87
CA VAL H 480 51.25 9.30 5.58
C VAL H 480 49.87 8.69 5.41
N MET H 481 49.63 7.51 5.99
CA MET H 481 48.26 6.98 6.05
C MET H 481 47.31 7.93 6.76
N ASP H 482 47.72 8.45 7.92
CA ASP H 482 46.89 9.43 8.63
C ASP H 482 46.73 10.73 7.84
N ARG H 483 47.77 11.14 7.10
CA ARG H 483 47.64 12.32 6.25
C ARG H 483 46.58 12.11 5.17
N ILE H 484 46.59 10.93 4.54
CA ILE H 484 45.60 10.63 3.50
C ILE H 484 44.20 10.58 4.09
N THR H 485 44.04 9.94 5.26
CA THR H 485 42.72 9.86 5.89
C THR H 485 42.23 11.24 6.31
N GLU H 486 43.11 12.10 6.80
CA GLU H 486 42.69 13.44 7.20
C GLU H 486 42.35 14.29 5.98
N HIS H 487 43.03 14.06 4.85
CA HIS H 487 42.65 14.77 3.62
C HIS H 487 41.28 14.32 3.12
N ILE H 488 41.02 13.01 3.16
CA ILE H 488 39.72 12.50 2.73
C ILE H 488 38.61 12.99 3.66
N LYS H 489 38.86 12.99 4.98
CA LYS H 489 37.85 13.47 5.91
C LYS H 489 37.64 14.97 5.82
N TYR H 490 38.68 15.73 5.44
CA TYR H 490 38.48 17.15 5.15
C TYR H 490 37.63 17.33 3.92
N HIS H 491 37.84 16.49 2.89
CA HIS H 491 36.99 16.54 1.71
C HIS H 491 35.56 16.10 2.01
N LEU H 492 35.36 15.28 3.04
CA LEU H 492 34.02 14.90 3.45
C LEU H 492 33.23 16.09 3.99
N SER H 493 33.89 16.95 4.78
CA SER H 493 33.23 18.11 5.37
C SER H 493 33.26 19.30 4.41
N GLN H 494 32.66 19.10 3.25
CA GLN H 494 32.56 20.10 2.21
C GLN H 494 31.14 20.18 1.69
N PRO H 495 30.69 21.36 1.26
CA PRO H 495 29.32 21.47 0.71
C PRO H 495 29.25 21.00 -0.73
N HIS H 496 29.28 19.68 -0.92
CA HIS H 496 29.21 19.06 -2.24
C HIS H 496 27.87 18.36 -2.43
N GLU H 497 27.66 17.88 -3.65
CA GLU H 497 26.43 17.17 -3.98
C GLU H 497 26.47 15.75 -3.44
N SER H 498 25.33 15.06 -3.52
CA SER H 498 25.14 13.80 -2.79
C SER H 498 26.01 12.68 -3.35
N ASN H 499 26.13 12.59 -4.67
CA ASN H 499 26.95 11.53 -5.26
C ASN H 499 28.43 11.72 -4.98
N ILE H 500 28.89 12.96 -4.87
CA ILE H 500 30.28 13.22 -4.50
C ILE H 500 30.55 12.75 -3.08
N LEU H 501 29.64 13.03 -2.15
CA LEU H 501 29.78 12.53 -0.79
C LEU H 501 29.71 11.01 -0.74
N ASN H 502 28.86 10.40 -1.55
CA ASN H 502 28.77 8.95 -1.58
C ASN H 502 30.06 8.31 -2.11
N TYR H 503 30.64 8.90 -3.17
CA TYR H 503 31.91 8.42 -3.71
C TYR H 503 33.02 8.58 -2.69
N TYR H 504 33.07 9.72 -2.00
CA TYR H 504 34.10 9.91 -0.98
C TYR H 504 33.90 8.99 0.21
N LYS H 505 32.65 8.67 0.55
CA LYS H 505 32.39 7.75 1.65
C LYS H 505 32.81 6.33 1.30
N LYS H 506 32.51 5.86 0.09
CA LYS H 506 32.95 4.52 -0.29
C LYS H 506 34.47 4.46 -0.47
N LEU H 507 35.08 5.55 -0.94
CA LEU H 507 36.54 5.61 -1.01
C LEU H 507 37.15 5.57 0.39
N LEU H 508 36.55 6.27 1.33
CA LEU H 508 37.05 6.27 2.71
C LEU H 508 36.91 4.90 3.35
N LYS H 509 35.79 4.22 3.12
CA LYS H 509 35.63 2.90 3.74
C LYS H 509 36.56 1.88 3.11
N ALA H 510 36.79 1.97 1.79
CA ALA H 510 37.73 1.06 1.15
C ALA H 510 39.16 1.34 1.60
N PHE H 511 39.52 2.62 1.75
CA PHE H 511 40.87 2.94 2.19
C PHE H 511 41.08 2.59 3.65
N GLU H 512 40.05 2.72 4.49
CA GLU H 512 40.18 2.29 5.87
C GLU H 512 40.26 0.79 5.99
N ARG H 513 39.61 0.06 5.07
CA ARG H 513 39.79 -1.39 5.01
C ARG H 513 41.21 -1.75 4.60
N SER H 514 41.78 -1.03 3.64
CA SER H 514 43.11 -1.34 3.14
C SER H 514 44.24 -0.72 3.95
N LYS H 515 43.94 0.15 4.91
CA LYS H 515 44.99 0.81 5.67
C LYS H 515 45.69 -0.13 6.64
N SER H 516 44.96 -1.10 7.20
CA SER H 516 45.57 -2.03 8.15
C SER H 516 46.41 -3.10 7.47
N LYS H 517 46.40 -3.16 6.14
CA LYS H 517 47.19 -4.17 5.43
C LYS H 517 48.69 -3.89 5.47
N ILE H 518 49.10 -2.67 5.81
CA ILE H 518 50.53 -2.35 5.88
C ILE H 518 51.20 -2.97 7.10
N PHE H 519 50.43 -3.57 8.01
CA PHE H 519 50.98 -4.29 9.15
C PHE H 519 50.97 -5.80 8.95
N ASN H 520 50.47 -6.29 7.82
CA ASN H 520 50.47 -7.71 7.53
C ASN H 520 51.87 -8.17 7.16
N ASP H 521 52.31 -9.28 7.76
CA ASP H 521 53.64 -9.79 7.45
C ASP H 521 53.73 -10.30 6.02
N SER H 522 52.65 -10.93 5.52
CA SER H 522 52.64 -11.36 4.13
C SER H 522 52.63 -10.16 3.18
N PHE H 523 51.83 -9.13 3.49
CA PHE H 523 51.79 -7.94 2.66
C PHE H 523 53.12 -7.19 2.71
N LYS H 524 53.74 -7.10 3.88
CA LYS H 524 55.02 -6.42 3.98
C LYS H 524 56.13 -7.21 3.29
N LYS H 525 56.06 -8.53 3.35
CA LYS H 525 57.03 -9.36 2.62
C LYS H 525 56.86 -9.18 1.12
N GLY H 526 55.62 -9.11 0.64
CA GLY H 526 55.38 -8.81 -0.76
C GLY H 526 55.83 -7.42 -1.16
N VAL H 527 55.67 -6.44 -0.26
CA VAL H 527 56.13 -5.08 -0.52
C VAL H 527 57.64 -5.03 -0.62
N ILE H 528 58.34 -5.74 0.27
CA ILE H 528 59.80 -5.80 0.21
C ILE H 528 60.26 -6.49 -1.07
N ARG H 529 59.60 -7.59 -1.43
CA ARG H 529 59.94 -8.30 -2.67
C ARG H 529 59.66 -7.45 -3.91
N GLN H 530 58.60 -6.62 -3.86
CA GLN H 530 58.33 -5.71 -4.97
C GLN H 530 59.35 -4.58 -5.03
N ALA H 531 59.73 -4.03 -3.88
CA ALA H 531 60.73 -2.98 -3.82
C ALA H 531 62.13 -3.47 -4.16
N GLU H 532 62.34 -4.79 -4.14
CA GLU H 532 63.62 -5.34 -4.59
C GLU H 532 63.91 -5.03 -6.05
N PHE H 533 62.90 -4.68 -6.84
CA PHE H 533 63.12 -4.25 -8.22
C PHE H 533 63.30 -2.74 -8.34
N LEU H 534 62.65 -1.96 -7.47
CA LEU H 534 62.81 -0.51 -7.52
C LEU H 534 64.16 -0.09 -6.96
N PHE H 535 64.65 -0.80 -5.95
CA PHE H 535 65.89 -0.45 -5.26
C PHE H 535 67.12 -1.04 -5.95
N ARG H 536 66.99 -1.43 -7.21
CA ARG H 536 68.12 -2.00 -7.95
C ARG H 536 69.17 -0.94 -8.24
N GLN H 537 70.42 -1.37 -8.23
CA GLN H 537 71.55 -0.49 -8.54
C GLN H 537 72.39 -0.94 -9.70
N ARG H 538 72.46 -2.26 -9.96
CA ARG H 538 73.05 -2.89 -11.14
C ARG H 538 74.57 -2.79 -11.17
N SER H 539 75.17 -2.04 -10.24
CA SER H 539 76.62 -1.93 -10.19
C SER H 539 77.15 -1.87 -8.77
N PHE H 540 76.32 -2.10 -7.74
CA PHE H 540 76.74 -1.87 -6.37
C PHE H 540 77.73 -2.94 -5.91
N ILE H 541 77.45 -4.21 -6.20
CA ILE H 541 78.34 -5.29 -5.78
C ILE H 541 79.63 -5.27 -6.60
N GLN H 542 79.53 -4.98 -7.90
CA GLN H 542 80.70 -4.94 -8.76
C GLN H 542 81.66 -3.83 -8.36
N THR H 543 81.12 -2.68 -7.97
CA THR H 543 81.94 -1.56 -7.48
C THR H 543 81.61 -1.37 -6.00
N LEU H 544 82.30 -2.14 -5.16
CA LEU H 544 82.15 -2.06 -3.71
C LEU H 544 83.42 -1.62 -3.02
N ASP H 545 84.54 -2.27 -3.29
CA ASP H 545 85.83 -1.87 -2.75
C ASP H 545 86.86 -1.68 -3.86
N THR H 546 86.39 -1.27 -5.03
CA THR H 546 87.27 -1.11 -6.18
C THR H 546 88.13 0.14 -6.08
N ASN H 547 87.69 1.16 -5.36
CA ASN H 547 88.44 2.40 -5.25
C ASN H 547 89.65 2.19 -4.35
N PRO H 548 90.87 2.39 -4.84
CA PRO H 548 92.04 2.15 -3.99
C PRO H 548 92.43 3.36 -3.15
N HIS H 549 91.94 4.54 -3.53
CA HIS H 549 92.25 5.79 -2.84
C HIS H 549 91.28 6.10 -1.72
N LEU H 550 90.64 5.08 -1.14
CA LEU H 550 89.56 5.34 -0.19
C LEU H 550 89.44 4.15 0.75
N LEU H 551 89.23 4.43 2.04
CA LEU H 551 89.27 3.42 3.08
C LEU H 551 88.14 3.67 4.07
N GLY H 552 87.78 2.62 4.81
CA GLY H 552 86.78 2.72 5.86
C GLY H 552 87.43 2.72 7.23
N VAL H 553 87.04 3.69 8.06
CA VAL H 553 87.60 3.87 9.39
C VAL H 553 86.45 4.03 10.38
N GLY H 554 86.80 3.94 11.67
CA GLY H 554 85.78 4.03 12.71
C GLY H 554 85.09 5.37 12.77
N ASN H 555 85.77 6.45 12.37
CA ASN H 555 85.12 7.74 12.25
C ASN H 555 84.20 7.82 11.04
N GLY H 556 84.45 7.03 9.99
CA GLY H 556 83.71 7.18 8.76
C GLY H 556 84.48 6.72 7.55
N VAL H 557 84.63 7.60 6.55
CA VAL H 557 85.30 7.24 5.30
C VAL H 557 86.51 8.15 5.15
N LEU H 558 87.67 7.54 4.96
CA LEU H 558 88.93 8.27 4.77
C LEU H 558 89.23 8.31 3.28
N SER H 559 89.39 9.51 2.74
CA SER H 559 89.70 9.72 1.33
C SER H 559 91.12 10.26 1.22
N ILE H 560 91.96 9.57 0.46
CA ILE H 560 93.34 10.01 0.25
C ILE H 560 93.53 10.33 -1.23
N GLU H 561 92.44 10.72 -1.90
CA GLU H 561 92.56 11.19 -3.28
C GLU H 561 93.37 12.47 -3.37
N THR H 562 93.12 13.41 -2.46
CA THR H 562 93.87 14.65 -2.41
C THR H 562 95.17 14.45 -1.63
N ILE H 563 96.00 15.49 -1.61
CA ILE H 563 97.25 15.43 -0.86
C ILE H 563 97.04 15.29 0.65
N PRO H 564 96.15 16.05 1.30
CA PRO H 564 95.87 15.76 2.71
C PRO H 564 94.72 14.77 2.87
N ALA H 565 94.62 14.23 4.07
CA ALA H 565 93.51 13.32 4.39
C ALA H 565 92.20 14.09 4.49
N LYS H 566 91.13 13.47 4.00
CA LYS H 566 89.83 14.12 3.94
C LYS H 566 88.94 13.78 5.13
N LEU H 567 88.81 12.48 5.44
CA LEU H 567 87.99 11.97 6.54
C LEU H 567 86.52 12.41 6.38
N ILE H 568 85.90 11.84 5.36
CA ILE H 568 84.49 12.08 5.08
C ILE H 568 83.66 11.62 6.28
N ASN H 569 83.08 12.57 6.99
CA ASN H 569 82.33 12.32 8.22
C ASN H 569 80.89 12.78 8.08
N HIS H 570 80.32 12.55 6.90
CA HIS H 570 78.95 12.96 6.60
C HIS H 570 78.41 12.05 5.52
N PHE H 571 77.28 12.44 4.93
CA PHE H 571 76.71 11.70 3.82
C PHE H 571 77.61 11.76 2.61
N HIS H 572 77.63 10.66 1.85
CA HIS H 572 78.46 10.55 0.67
C HIS H 572 77.83 9.52 -0.26
N GLU H 573 78.29 9.52 -1.51
CA GLU H 573 77.82 8.57 -2.50
C GLU H 573 78.83 7.47 -2.79
N HIS H 574 79.90 7.39 -2.03
CA HIS H 574 80.91 6.36 -2.23
C HIS H 574 80.35 5.02 -1.76
N PRO H 575 80.26 4.02 -2.63
CA PRO H 575 79.62 2.74 -2.30
C PRO H 575 80.56 1.68 -1.72
N ILE H 576 80.94 1.86 -0.45
CA ILE H 576 81.88 0.95 0.20
C ILE H 576 81.19 0.21 1.34
N HIS H 577 81.67 -1.01 1.57
CA HIS H 577 81.13 -1.91 2.58
C HIS H 577 82.16 -2.36 3.59
N GLN H 578 83.39 -2.66 3.15
CA GLN H 578 84.43 -3.10 4.06
C GLN H 578 84.90 -1.95 4.93
N TYR H 579 85.27 -2.28 6.17
CA TYR H 579 85.60 -1.26 7.16
C TYR H 579 86.61 -1.82 8.14
N THR H 580 87.32 -0.91 8.80
CA THR H 580 88.19 -1.25 9.91
C THR H 580 87.61 -0.69 11.20
N HIS H 581 87.46 -1.56 12.20
CA HIS H 581 86.80 -1.22 13.44
C HIS H 581 87.74 -0.61 14.49
N ILE H 582 89.04 -0.54 14.23
CA ILE H 582 89.94 0.02 15.24
C ILE H 582 90.92 1.04 14.67
N CYS H 583 90.67 1.57 13.47
CA CYS H 583 91.49 2.69 13.02
C CYS H 583 91.17 3.96 13.79
N TYR H 584 89.94 4.47 13.66
CA TYR H 584 89.43 5.63 14.39
C TYR H 584 90.37 6.83 14.27
N VAL H 585 90.56 7.28 13.04
CA VAL H 585 91.65 8.19 12.66
C VAL H 585 91.55 9.54 13.35
N PRO H 586 92.49 9.86 14.26
CA PRO H 586 92.49 11.14 14.97
C PRO H 586 93.35 12.21 14.29
N PHE H 587 93.11 12.43 13.00
CA PHE H 587 93.82 13.40 12.15
C PHE H 587 95.32 13.15 12.26
N ASN H 588 96.12 14.09 12.74
CA ASN H 588 97.57 13.90 12.89
C ASN H 588 98.08 14.78 14.01
N PRO H 589 97.93 14.33 15.25
CA PRO H 589 98.34 15.15 16.39
C PRO H 589 99.77 15.00 16.92
N GLU H 590 100.03 15.70 18.02
CA GLU H 590 101.32 15.67 18.72
C GLU H 590 101.10 15.41 20.21
N ASN H 591 100.18 14.52 20.54
CA ASN H 591 99.88 14.19 21.92
C ASN H 591 100.93 13.22 22.47
N PRO H 592 100.67 12.65 23.65
CA PRO H 592 101.66 11.80 24.31
C PRO H 592 101.84 10.48 23.56
N TRP H 593 100.74 9.90 23.06
CA TRP H 593 100.81 8.56 22.45
C TRP H 593 101.60 8.57 21.16
N THR H 594 101.32 9.53 20.27
CA THR H 594 102.08 9.60 19.03
C THR H 594 103.53 10.02 19.28
N LYS H 595 103.77 10.83 20.32
CA LYS H 595 105.13 11.22 20.67
C LYS H 595 105.95 10.00 21.13
N LEU H 596 105.35 9.17 22.00
CA LEU H 596 106.07 7.98 22.44
C LEU H 596 106.19 6.95 21.32
N LEU H 597 105.22 6.90 20.41
CA LEU H 597 105.33 6.03 19.26
C LEU H 597 106.50 6.44 18.35
N LEU H 598 106.63 7.74 18.08
CA LEU H 598 107.75 8.21 17.27
C LEU H 598 109.07 8.07 18.00
N ASN H 599 109.06 8.18 19.33
CA ASN H 599 110.30 8.03 20.09
C ASN H 599 110.78 6.59 20.13
N ALA H 600 109.87 5.65 20.38
CA ALA H 600 110.23 4.25 20.48
C ALA H 600 110.17 3.52 19.15
N LEU H 601 109.83 4.22 18.06
CA LEU H 601 109.73 3.60 16.75
C LEU H 601 111.03 3.78 15.94
N GLN H 602 111.43 5.01 15.70
CA GLN H 602 112.73 5.31 15.13
C GLN H 602 113.70 5.64 16.26
N ASP H 603 114.97 5.88 15.89
CA ASP H 603 116.09 6.10 16.81
C ASP H 603 116.32 4.94 17.75
N ILE H 604 115.80 3.75 17.41
CA ILE H 604 116.07 2.52 18.15
C ILE H 604 116.70 1.52 17.19
N ILE H 605 116.41 1.66 15.90
CA ILE H 605 117.10 0.91 14.86
C ILE H 605 118.09 1.83 14.16
N PRO H 606 119.33 1.39 13.95
CA PRO H 606 120.32 2.26 13.29
C PRO H 606 119.98 2.52 11.83
N GLU H 607 120.37 3.71 11.38
CA GLU H 607 120.13 4.14 10.01
C GLU H 607 121.21 5.14 9.63
N LEU H 608 121.40 5.31 8.32
CA LEU H 608 122.39 6.25 7.80
C LEU H 608 121.64 7.47 7.26
N ASP H 609 121.95 8.63 7.83
CA ASP H 609 121.32 9.92 7.49
C ASP H 609 119.79 9.86 7.63
N ALA H 610 119.34 9.20 8.69
CA ALA H 610 117.92 9.06 9.05
C ALA H 610 117.13 8.42 7.90
N ARG H 611 117.48 7.17 7.63
CA ARG H 611 116.81 6.41 6.58
C ARG H 611 115.36 6.12 6.97
N LEU H 612 114.43 6.41 6.05
CA LEU H 612 113.01 6.31 6.33
C LEU H 612 112.31 5.29 5.43
N TRP H 613 113.07 4.36 4.84
CA TRP H 613 112.49 3.45 3.86
C TRP H 613 111.59 2.40 4.50
N ILE H 614 111.88 1.99 5.75
CA ILE H 614 111.11 0.92 6.37
C ILE H 614 109.68 1.37 6.67
N MET H 615 109.50 2.65 7.03
CA MET H 615 108.16 3.15 7.29
C MET H 615 107.43 3.48 6.00
N PHE H 616 108.18 3.92 4.97
CA PHE H 616 107.57 4.19 3.68
C PHE H 616 107.04 2.91 3.04
N TYR H 617 107.81 1.81 3.15
CA TYR H 617 107.29 0.54 2.66
C TYR H 617 106.24 -0.03 3.60
N LEU H 618 106.32 0.29 4.89
CA LEU H 618 105.21 -0.04 5.79
C LEU H 618 104.03 0.89 5.57
N SER H 619 104.26 2.06 4.98
CA SER H 619 103.16 2.82 4.40
C SER H 619 102.78 2.20 3.06
N THR H 620 101.80 2.81 2.39
CA THR H 620 101.15 2.30 1.18
C THR H 620 100.50 0.94 1.36
N ALA H 621 100.40 0.44 2.60
CA ALA H 621 99.51 -0.68 2.87
C ALA H 621 98.06 -0.23 2.87
N ILE H 622 97.84 1.08 3.06
CA ILE H 622 96.51 1.66 2.90
C ILE H 622 96.16 1.85 1.43
N PHE H 623 97.11 1.66 0.52
CA PHE H 623 96.81 1.60 -0.89
C PHE H 623 96.35 0.19 -1.25
N ARG H 624 95.22 0.10 -1.95
CA ARG H 624 94.56 -1.17 -2.20
C ARG H 624 94.90 -1.80 -3.53
N GLY H 625 95.67 -1.14 -4.38
CA GLY H 625 96.04 -1.73 -5.64
C GLY H 625 96.91 -0.80 -6.46
N LEU H 626 97.60 -1.40 -7.43
CA LEU H 626 98.49 -0.73 -8.38
C LEU H 626 99.59 0.02 -7.64
N LYS H 627 100.47 -0.76 -7.02
CA LYS H 627 101.63 -0.23 -6.33
C LYS H 627 102.91 -0.90 -6.82
N GLU H 628 104.02 -0.62 -6.17
CA GLU H 628 105.29 -1.22 -6.56
C GLU H 628 105.31 -2.71 -6.21
N ALA H 629 106.15 -3.45 -6.93
CA ALA H 629 106.18 -4.90 -6.85
C ALA H 629 107.26 -5.43 -5.91
N LEU H 630 107.58 -4.69 -4.85
CA LEU H 630 108.65 -5.08 -3.96
C LEU H 630 108.16 -6.13 -2.94
N MET H 631 109.11 -6.66 -2.18
CA MET H 631 108.81 -7.60 -1.11
C MET H 631 109.89 -7.47 -0.06
N LEU H 632 109.52 -7.01 1.14
CA LEU H 632 110.48 -6.77 2.20
C LEU H 632 110.86 -8.07 2.90
N LEU H 633 112.15 -8.21 3.21
CA LEU H 633 112.67 -9.31 3.99
C LEU H 633 113.17 -8.74 5.32
N TRP H 634 112.37 -8.91 6.37
CA TRP H 634 112.75 -8.47 7.71
C TRP H 634 113.22 -9.63 8.57
N LEU H 635 113.93 -10.58 7.96
CA LEU H 635 114.46 -11.73 8.68
C LEU H 635 115.70 -11.28 9.46
N GLY H 636 115.50 -11.04 10.75
CA GLY H 636 116.58 -10.67 11.64
C GLY H 636 116.11 -10.36 13.04
N GLY H 637 116.78 -10.90 14.04
CA GLY H 637 116.43 -10.62 15.43
C GLY H 637 115.36 -11.54 15.98
N GLY H 638 115.42 -11.79 17.28
CA GLY H 638 114.42 -12.63 17.94
C GLY H 638 113.61 -11.88 18.97
N CYS H 639 114.22 -10.89 19.61
CA CYS H 639 113.56 -10.07 20.61
C CYS H 639 113.52 -8.60 20.21
N ASN H 640 113.46 -8.35 18.90
CA ASN H 640 113.48 -7.01 18.36
C ASN H 640 112.07 -6.45 18.28
N GLY H 641 111.91 -5.32 17.58
CA GLY H 641 110.61 -4.66 17.42
C GLY H 641 109.80 -5.22 16.26
N LYS H 642 110.11 -6.42 15.78
CA LYS H 642 109.32 -7.04 14.72
C LYS H 642 107.92 -7.36 15.21
N THR H 643 107.82 -8.05 16.35
CA THR H 643 106.54 -8.43 16.93
C THR H 643 105.73 -7.22 17.37
N PHE H 644 106.39 -6.09 17.63
CA PHE H 644 105.65 -4.85 17.84
C PHE H 644 105.19 -4.28 16.51
N LEU H 645 106.15 -3.91 15.65
CA LEU H 645 105.84 -3.03 14.52
C LEU H 645 105.03 -3.75 13.45
N MET H 646 105.46 -4.94 13.04
CA MET H 646 104.78 -5.61 11.93
C MET H 646 103.41 -6.12 12.35
N ARG H 647 103.32 -6.69 13.56
CA ARG H 647 102.02 -7.10 14.08
C ARG H 647 101.12 -5.90 14.38
N LEU H 648 101.71 -4.72 14.64
CA LEU H 648 100.89 -3.54 14.85
C LEU H 648 100.32 -3.00 13.54
N VAL H 649 101.11 -3.04 12.47
CA VAL H 649 100.58 -2.74 11.14
C VAL H 649 99.48 -3.72 10.79
N ALA H 650 99.65 -4.98 11.15
CA ALA H 650 98.60 -5.98 10.95
C ALA H 650 97.35 -5.66 11.76
N MET H 651 97.53 -5.25 13.02
CA MET H 651 96.41 -5.12 13.94
C MET H 651 95.60 -3.84 13.73
N VAL H 652 96.26 -2.73 13.39
CA VAL H 652 95.53 -1.47 13.23
C VAL H 652 94.58 -1.55 12.04
N LEU H 653 94.91 -2.37 11.05
CA LEU H 653 94.09 -2.59 9.87
C LEU H 653 93.27 -3.86 10.03
N GLY H 654 92.19 -3.95 9.27
CA GLY H 654 91.17 -4.94 9.59
C GLY H 654 90.93 -6.05 8.57
N ASP H 655 89.67 -6.37 8.34
CA ASP H 655 89.29 -7.52 7.51
C ASP H 655 89.63 -7.35 6.04
N HIS H 656 89.60 -6.11 5.53
CA HIS H 656 89.92 -5.87 4.12
C HIS H 656 91.37 -6.21 3.77
N TYR H 657 92.27 -6.23 4.75
CA TYR H 657 93.57 -6.91 4.60
C TYR H 657 94.17 -7.26 5.96
N ALA H 658 94.23 -8.57 6.23
CA ALA H 658 94.92 -9.14 7.39
C ALA H 658 95.22 -10.59 7.03
N SER H 659 96.46 -10.84 6.61
CA SER H 659 96.80 -12.08 5.91
C SER H 659 97.70 -12.95 6.78
N LYS H 660 97.28 -14.20 6.98
CA LYS H 660 98.01 -15.15 7.81
C LYS H 660 98.40 -16.35 6.95
N LEU H 661 98.99 -16.08 5.79
CA LEU H 661 99.53 -17.15 4.96
C LEU H 661 100.68 -17.83 5.71
N ASN H 662 100.64 -19.16 5.78
CA ASN H 662 101.64 -19.91 6.51
C ASN H 662 102.71 -20.41 5.54
N ILE H 663 103.65 -21.21 6.06
CA ILE H 663 104.78 -21.68 5.26
C ILE H 663 104.31 -22.63 4.16
N SER H 664 103.30 -23.46 4.45
CA SER H 664 102.75 -24.37 3.45
C SER H 664 102.03 -23.62 2.32
N LEU H 665 101.63 -22.38 2.56
CA LEU H 665 100.99 -21.58 1.53
C LEU H 665 101.98 -20.71 0.76
N LEU H 666 103.27 -20.80 1.08
CA LEU H 666 104.30 -20.09 0.33
C LEU H 666 105.40 -20.97 -0.23
N THR H 667 105.53 -22.22 0.23
CA THR H 667 106.64 -23.05 -0.24
C THR H 667 106.27 -24.49 -0.58
N SER H 668 105.08 -24.98 -0.25
CA SER H 668 104.76 -26.40 -0.46
C SER H 668 104.42 -26.64 -1.91
N CYS H 669 105.37 -27.21 -2.66
CA CYS H 669 105.22 -27.62 -4.05
C CYS H 669 104.76 -26.50 -4.99
N PRO H 676 95.45 -20.91 -8.78
CA PRO H 676 95.00 -19.90 -7.81
C PRO H 676 93.96 -20.46 -6.84
N ASN H 677 94.28 -21.57 -6.18
CA ASN H 677 93.36 -22.16 -5.21
C ASN H 677 93.32 -21.33 -3.93
N SER H 678 94.46 -21.19 -3.26
CA SER H 678 94.54 -20.35 -2.07
C SER H 678 95.86 -19.58 -1.99
N ALA H 679 96.56 -19.41 -3.13
CA ALA H 679 97.85 -18.74 -3.10
C ALA H 679 97.70 -17.25 -2.84
N PHE H 680 96.99 -16.54 -3.72
CA PHE H 680 96.69 -15.12 -3.49
C PHE H 680 95.19 -14.85 -3.48
N MET H 681 94.37 -15.90 -3.30
CA MET H 681 92.96 -15.68 -3.00
C MET H 681 92.80 -14.98 -1.64
N ARG H 682 93.69 -15.28 -0.70
CA ARG H 682 93.72 -14.56 0.56
C ARG H 682 94.26 -13.13 0.38
N LEU H 683 94.90 -12.85 -0.75
CA LEU H 683 95.34 -11.50 -1.09
C LEU H 683 94.43 -10.82 -2.11
N LYS H 684 93.30 -11.43 -2.44
CA LYS H 684 92.38 -10.85 -3.41
C LYS H 684 91.64 -9.68 -2.78
N GLY H 685 91.77 -8.50 -3.40
CA GLY H 685 91.15 -7.31 -2.87
C GLY H 685 91.76 -6.80 -1.60
N ARG H 686 93.01 -7.17 -1.31
CA ARG H 686 93.70 -6.79 -0.09
C ARG H 686 94.89 -5.90 -0.43
N GLY H 687 95.56 -5.41 0.61
CA GLY H 687 96.71 -4.55 0.44
C GLY H 687 97.80 -4.74 1.47
N TYR H 688 97.80 -5.88 2.16
CA TYR H 688 98.83 -6.17 3.16
C TYR H 688 98.91 -7.67 3.36
N GLY H 689 100.13 -8.20 3.36
CA GLY H 689 100.36 -9.61 3.60
C GLY H 689 101.61 -9.88 4.39
N TYR H 690 101.58 -10.87 5.27
CA TYR H 690 102.73 -11.17 6.11
C TYR H 690 102.77 -12.65 6.43
N PHE H 691 103.98 -13.13 6.77
CA PHE H 691 104.30 -14.54 6.95
C PHE H 691 105.07 -14.77 8.23
N GLU H 692 104.55 -14.25 9.35
CA GLU H 692 105.22 -14.38 10.64
C GLU H 692 105.43 -15.84 11.03
N GLU H 693 106.69 -16.27 11.06
CA GLU H 693 107.04 -17.66 11.29
C GLU H 693 108.32 -17.73 12.12
N THR H 694 108.34 -18.66 13.08
CA THR H 694 109.53 -18.90 13.89
C THR H 694 109.73 -20.39 14.14
N ASN H 695 109.27 -21.23 13.22
CA ASN H 695 109.32 -22.68 13.38
C ASN H 695 110.48 -23.31 12.63
N LYS H 696 111.54 -22.53 12.37
CA LYS H 696 112.72 -22.96 11.60
C LYS H 696 112.25 -23.40 10.21
N SER H 697 112.41 -24.66 9.82
CA SER H 697 111.90 -25.24 8.57
C SER H 697 112.47 -24.49 7.35
N GLU H 698 113.78 -24.64 7.18
CA GLU H 698 114.46 -24.09 6.01
C GLU H 698 113.89 -24.72 4.74
N VAL H 699 113.38 -23.88 3.85
CA VAL H 699 112.54 -24.32 2.75
C VAL H 699 112.99 -23.64 1.46
N LEU H 700 112.23 -23.90 0.39
CA LEU H 700 112.58 -23.47 -0.95
C LEU H 700 112.31 -21.98 -1.12
N ASN H 701 113.08 -21.35 -2.02
CA ASN H 701 112.98 -19.92 -2.26
C ASN H 701 112.47 -19.63 -3.68
N THR H 702 111.57 -20.49 -4.18
CA THR H 702 110.93 -20.22 -5.46
C THR H 702 109.55 -20.86 -5.53
N SER H 703 109.01 -20.94 -6.75
CA SER H 703 107.69 -21.43 -7.18
C SER H 703 106.55 -20.46 -6.86
N ARG H 704 106.80 -19.36 -6.15
CA ARG H 704 105.72 -18.41 -5.89
C ARG H 704 106.06 -16.95 -6.17
N LEU H 705 107.27 -16.50 -5.86
CA LEU H 705 107.51 -15.06 -5.71
C LEU H 705 107.52 -14.34 -7.04
N LYS H 706 107.61 -15.09 -8.15
CA LYS H 706 107.46 -14.47 -9.46
C LYS H 706 106.06 -13.91 -9.66
N GLU H 707 105.03 -14.60 -9.15
CA GLU H 707 103.67 -14.09 -9.25
C GLU H 707 103.12 -13.56 -7.94
N MET H 708 103.80 -13.80 -6.82
CA MET H 708 103.36 -13.25 -5.55
C MET H 708 103.62 -11.74 -5.45
N VAL H 709 104.64 -11.24 -6.13
CA VAL H 709 104.88 -9.80 -6.17
C VAL H 709 104.44 -9.17 -7.49
N ASN H 710 104.23 -9.95 -8.54
CA ASN H 710 103.88 -9.41 -9.85
C ASN H 710 102.68 -10.12 -10.44
N THR H 729 98.77 -3.81 -4.59
CA THR H 729 97.81 -4.51 -3.76
C THR H 729 98.50 -5.53 -2.85
N ALA H 730 99.82 -5.41 -2.70
CA ALA H 730 100.57 -6.46 -2.01
C ALA H 730 101.19 -5.98 -0.70
N THR H 731 102.10 -5.01 -0.73
CA THR H 731 102.94 -4.59 0.41
C THR H 731 103.40 -5.77 1.26
N MET H 732 104.03 -6.75 0.61
CA MET H 732 104.38 -7.99 1.29
C MET H 732 105.57 -7.77 2.22
N VAL H 733 105.41 -8.20 3.47
CA VAL H 733 106.48 -8.16 4.46
C VAL H 733 106.70 -9.58 4.94
N ALA H 734 107.94 -10.04 4.85
CA ALA H 734 108.29 -11.41 5.22
C ALA H 734 109.14 -11.40 6.47
N ALA H 735 108.65 -12.07 7.51
CA ALA H 735 109.33 -12.15 8.80
C ALA H 735 109.61 -13.60 9.14
N SER H 736 110.86 -13.92 9.44
CA SER H 736 111.26 -15.28 9.76
C SER H 736 112.43 -15.21 10.73
N ASN H 737 113.16 -16.32 10.87
CA ASN H 737 114.30 -16.37 11.76
C ASN H 737 115.44 -15.51 11.23
N TYR H 738 116.40 -15.25 12.12
CA TYR H 738 117.55 -14.42 11.78
C TYR H 738 118.43 -15.06 10.71
N ASN H 739 118.49 -16.39 10.68
CA ASN H 739 119.29 -17.08 9.68
C ASN H 739 118.56 -17.12 8.34
N PHE H 740 119.33 -17.27 7.27
CA PHE H 740 118.81 -17.15 5.91
C PHE H 740 118.01 -18.39 5.54
N ILE H 741 116.71 -18.36 5.81
CA ILE H 741 115.86 -19.54 5.58
C ILE H 741 115.63 -19.75 4.09
N ILE H 742 115.18 -18.72 3.39
CA ILE H 742 114.90 -18.79 1.96
C ILE H 742 116.06 -18.12 1.23
N ASP H 743 116.71 -18.87 0.34
CA ASP H 743 118.03 -18.37 -0.03
C ASP H 743 118.28 -18.34 -1.54
N THR H 744 117.78 -19.32 -2.29
CA THR H 744 118.16 -19.54 -3.69
C THR H 744 117.14 -18.92 -4.65
N THR H 745 117.54 -17.85 -5.34
CA THR H 745 116.74 -17.26 -6.42
C THR H 745 117.70 -16.63 -7.43
N ASP H 746 117.27 -16.61 -8.69
CA ASP H 746 118.05 -16.04 -9.78
C ASP H 746 117.55 -14.64 -10.11
N HIS H 747 118.10 -14.05 -11.18
CA HIS H 747 117.77 -12.70 -11.59
C HIS H 747 116.45 -12.67 -12.37
N GLY H 748 115.91 -11.47 -12.55
CA GLY H 748 114.63 -11.27 -13.21
C GLY H 748 113.54 -10.97 -12.21
N THR H 749 113.55 -11.73 -11.12
CA THR H 749 112.74 -11.47 -9.92
C THR H 749 113.66 -11.34 -8.72
N TRP H 750 114.69 -10.53 -8.87
CA TRP H 750 115.77 -10.35 -7.91
C TRP H 750 115.80 -8.97 -7.31
N ARG H 751 115.61 -7.92 -8.12
CA ARG H 751 115.64 -6.56 -7.63
C ARG H 751 114.42 -6.23 -6.78
N ARG H 752 113.33 -6.97 -6.93
CA ARG H 752 112.12 -6.69 -6.16
C ARG H 752 112.08 -7.48 -4.86
N LEU H 753 113.18 -7.44 -4.12
CA LEU H 753 113.29 -8.06 -2.80
C LEU H 753 114.31 -7.26 -1.99
N ARG H 754 113.85 -6.62 -0.92
CA ARG H 754 114.71 -5.82 -0.06
C ARG H 754 114.84 -6.49 1.30
N HIS H 755 116.07 -6.57 1.79
CA HIS H 755 116.36 -7.25 3.05
C HIS H 755 116.79 -6.25 4.11
N TYR H 756 116.33 -6.47 5.34
CA TYR H 756 116.73 -5.66 6.48
C TYR H 756 116.84 -6.56 7.70
N ARG H 757 117.83 -6.30 8.54
CA ARG H 757 118.04 -7.02 9.78
C ARG H 757 118.06 -6.02 10.93
N SER H 758 117.29 -6.30 11.98
CA SER H 758 117.28 -5.45 13.15
C SER H 758 118.57 -5.63 13.93
N LYS H 759 119.30 -4.53 14.13
CA LYS H 759 120.58 -4.61 14.85
C LYS H 759 120.36 -4.81 16.34
N VAL H 760 119.37 -4.14 16.91
CA VAL H 760 119.11 -4.20 18.34
C VAL H 760 117.97 -5.18 18.59
N LYS H 761 117.89 -5.67 19.83
CA LYS H 761 116.81 -6.56 20.23
C LYS H 761 116.33 -6.21 21.63
N LYS H 775 117.71 -0.64 24.61
CA LYS H 775 116.77 -1.28 25.52
C LYS H 775 115.99 -2.39 24.80
N GLU H 776 115.82 -3.52 25.50
CA GLU H 776 115.05 -4.63 24.94
C GLU H 776 113.58 -4.27 24.80
N ASP H 777 113.03 -3.54 25.78
CA ASP H 777 111.67 -3.03 25.84
C ASP H 777 110.63 -4.16 25.72
N PRO H 778 110.49 -5.01 26.74
CA PRO H 778 109.53 -6.12 26.64
C PRO H 778 108.10 -5.74 26.95
N ARG H 779 107.85 -4.51 27.42
CA ARG H 779 106.48 -4.12 27.78
C ARG H 779 105.64 -3.82 26.54
N PHE H 780 106.27 -3.38 25.46
CA PHE H 780 105.53 -2.87 24.32
C PHE H 780 104.96 -3.97 23.43
N ILE H 781 105.37 -5.22 23.62
CA ILE H 781 104.89 -6.31 22.77
C ILE H 781 103.64 -6.98 23.31
N HIS H 782 103.13 -6.56 24.47
CA HIS H 782 102.02 -7.25 25.12
C HIS H 782 100.76 -6.41 25.25
N GLU H 783 100.82 -5.25 25.90
CA GLU H 783 99.60 -4.57 26.32
C GLU H 783 99.27 -3.30 25.55
N TYR H 784 100.26 -2.51 25.13
CA TYR H 784 99.93 -1.30 24.38
C TYR H 784 99.66 -1.55 22.91
N ILE H 785 99.93 -2.76 22.40
CA ILE H 785 99.50 -3.09 21.04
C ILE H 785 97.98 -3.15 20.97
N MET H 786 97.33 -3.68 22.01
CA MET H 786 95.88 -3.75 22.07
C MET H 786 95.24 -2.46 22.58
N ASP H 787 96.03 -1.46 22.94
CA ASP H 787 95.48 -0.18 23.37
C ASP H 787 94.88 0.54 22.18
N PRO H 788 93.61 0.94 22.23
CA PRO H 788 92.99 1.60 21.06
C PRO H 788 93.63 2.93 20.70
N ASP H 789 94.08 3.71 21.69
CA ASP H 789 94.66 5.01 21.39
C ASP H 789 96.01 4.88 20.69
N CYS H 790 96.80 3.86 21.04
CA CYS H 790 98.05 3.60 20.35
C CYS H 790 97.81 3.23 18.90
N GLN H 791 96.77 2.43 18.63
CA GLN H 791 96.44 2.09 17.25
C GLN H 791 95.93 3.31 16.48
N ASN H 792 95.17 4.19 17.15
CA ASN H 792 94.73 5.43 16.50
C ASN H 792 95.92 6.30 16.13
N ALA H 793 96.87 6.47 17.05
CA ALA H 793 98.06 7.26 16.76
C ALA H 793 98.91 6.62 15.68
N PHE H 794 98.99 5.29 15.65
CA PHE H 794 99.76 4.61 14.62
C PHE H 794 99.12 4.75 13.25
N PHE H 795 97.79 4.70 13.19
CA PHE H 795 97.11 4.96 11.91
C PHE H 795 97.33 6.40 11.47
N SER H 796 97.33 7.34 12.44
CA SER H 796 97.59 8.73 12.11
C SER H 796 98.99 8.92 11.54
N ILE H 797 100.00 8.28 12.13
CA ILE H 797 101.35 8.43 11.58
C ILE H 797 101.55 7.63 10.30
N LEU H 798 100.78 6.56 10.09
CA LEU H 798 100.81 5.88 8.79
C LEU H 798 100.24 6.78 7.69
N VAL H 799 99.15 7.49 7.99
CA VAL H 799 98.61 8.47 7.06
C VAL H 799 99.62 9.60 6.83
N TYR H 800 100.33 9.99 7.90
CA TYR H 800 101.37 11.02 7.79
C TYR H 800 102.45 10.56 6.82
N PHE H 801 102.91 9.32 6.95
CA PHE H 801 103.99 8.84 6.08
C PHE H 801 103.51 8.62 4.65
N TRP H 802 102.23 8.25 4.46
CA TRP H 802 101.67 8.20 3.12
C TRP H 802 101.65 9.58 2.47
N GLU H 803 101.25 10.60 3.25
CA GLU H 803 101.25 11.96 2.74
C GLU H 803 102.66 12.43 2.41
N LYS H 804 103.63 12.08 3.26
CA LYS H 804 105.02 12.42 3.01
C LYS H 804 105.55 11.74 1.74
N LEU H 805 105.16 10.48 1.53
CA LEU H 805 105.59 9.78 0.33
C LEU H 805 105.01 10.39 -0.93
N GLN H 806 103.71 10.71 -0.93
CA GLN H 806 103.14 11.33 -2.13
C GLN H 806 103.48 12.81 -2.26
N LYS H 807 104.03 13.43 -1.23
CA LYS H 807 104.54 14.78 -1.38
C LYS H 807 105.96 14.79 -1.95
N GLU H 808 106.86 14.01 -1.35
CA GLU H 808 108.27 14.08 -1.72
C GLU H 808 108.58 13.23 -2.95
N TYR H 809 108.41 11.91 -2.84
CA TYR H 809 108.83 10.98 -3.88
C TYR H 809 107.64 10.07 -4.21
N ASN H 810 106.81 10.49 -5.16
CA ASN H 810 105.63 9.71 -5.51
C ASN H 810 106.05 8.47 -6.32
N GLY H 811 106.29 7.37 -5.63
CA GLY H 811 106.77 6.15 -6.28
C GLY H 811 107.96 5.57 -5.56
N GLN H 812 107.87 4.29 -5.17
CA GLN H 812 108.93 3.66 -4.40
C GLN H 812 110.16 3.34 -5.23
N ILE H 813 110.02 3.25 -6.55
CA ILE H 813 111.16 2.93 -7.41
C ILE H 813 112.15 4.08 -7.42
N LYS H 814 111.66 5.30 -7.64
CA LYS H 814 112.53 6.48 -7.59
C LYS H 814 112.56 7.10 -6.20
N LYS H 815 112.82 6.26 -5.21
CA LYS H 815 113.00 6.72 -3.84
C LYS H 815 114.45 7.12 -3.65
N VAL H 816 114.68 8.16 -2.83
CA VAL H 816 116.03 8.62 -2.54
C VAL H 816 116.83 7.48 -1.91
N PHE H 817 118.05 7.28 -2.41
CA PHE H 817 118.80 6.07 -2.11
C PHE H 817 119.23 6.02 -0.64
N CYS H 818 119.16 4.82 -0.07
CA CYS H 818 119.61 4.56 1.28
C CYS H 818 120.61 3.41 1.23
N PRO H 819 121.83 3.61 1.76
CA PRO H 819 122.86 2.57 1.61
C PRO H 819 122.66 1.35 2.48
N THR H 820 121.96 1.48 3.61
CA THR H 820 121.80 0.36 4.54
C THR H 820 120.96 -0.75 3.91
N ILE H 821 119.86 -0.38 3.25
CA ILE H 821 118.95 -1.38 2.69
C ILE H 821 119.62 -2.13 1.55
N GLU H 822 120.26 -1.40 0.63
CA GLU H 822 120.91 -2.06 -0.50
C GLU H 822 122.12 -2.86 -0.06
N SER H 823 122.85 -2.38 0.96
CA SER H 823 123.99 -3.14 1.48
C SER H 823 123.54 -4.43 2.14
N GLU H 824 122.44 -4.38 2.90
CA GLU H 824 121.91 -5.59 3.52
C GLU H 824 121.36 -6.54 2.47
N THR H 825 120.76 -6.00 1.40
CA THR H 825 120.29 -6.85 0.30
C THR H 825 121.46 -7.56 -0.39
N GLU H 826 122.55 -6.83 -0.64
CA GLU H 826 123.73 -7.44 -1.25
C GLU H 826 124.35 -8.49 -0.33
N ALA H 827 124.45 -8.16 0.96
CA ALA H 827 124.96 -9.17 1.92
C ALA H 827 124.07 -10.41 1.78
N TYR H 828 122.76 -10.18 1.73
CA TYR H 828 121.80 -11.31 1.56
C TYR H 828 121.88 -11.83 0.12
N ARG H 829 122.01 -10.92 -0.85
CA ARG H 829 122.03 -11.31 -2.29
C ARG H 829 123.34 -12.03 -2.64
N LYS H 830 124.48 -11.54 -2.13
CA LYS H 830 125.74 -12.28 -2.37
C LYS H 830 125.53 -13.70 -1.82
N SER H 831 124.92 -13.82 -0.65
CA SER H 831 124.61 -15.16 -0.08
C SER H 831 123.52 -15.81 -0.94
N GLN H 832 122.53 -15.03 -1.38
CA GLN H 832 121.39 -15.58 -2.15
C GLN H 832 121.85 -15.96 -3.57
N ASP H 833 122.70 -15.15 -4.20
CA ASP H 833 123.11 -15.42 -5.60
C ASP H 833 124.63 -15.60 -5.67
N THR H 834 125.09 -16.82 -5.97
CA THR H 834 126.54 -17.09 -6.08
C THR H 834 127.06 -16.49 -7.37
N LEU H 835 126.29 -16.62 -8.46
CA LEU H 835 126.69 -16.04 -9.76
C LEU H 835 126.90 -14.53 -9.58
N HIS H 836 126.06 -13.89 -8.76
CA HIS H 836 126.17 -12.43 -8.51
C HIS H 836 127.60 -12.10 -8.07
N ARG H 837 128.15 -12.91 -7.16
CA ARG H 837 129.52 -12.64 -6.64
C ARG H 837 130.49 -12.61 -7.82
N PHE H 838 130.51 -13.67 -8.63
CA PHE H 838 131.44 -13.72 -9.80
C PHE H 838 131.15 -12.54 -10.71
N ILE H 839 129.88 -12.23 -10.92
CA ILE H 839 129.48 -11.12 -11.84
C ILE H 839 130.24 -9.84 -11.44
N THR H 840 130.30 -9.54 -10.15
CA THR H 840 130.91 -8.27 -9.71
C THR H 840 132.35 -8.50 -9.30
N GLU H 841 132.61 -9.50 -8.46
CA GLU H 841 133.98 -9.71 -7.93
C GLU H 841 134.95 -10.18 -9.03
N ARG H 842 134.59 -11.24 -9.76
CA ARG H 842 135.54 -11.81 -10.76
C ARG H 842 135.50 -11.00 -12.07
N VAL H 843 134.51 -10.12 -12.23
CA VAL H 843 134.38 -9.39 -13.53
C VAL H 843 134.41 -7.87 -13.28
N VAL H 844 135.50 -7.21 -13.63
CA VAL H 844 135.55 -5.75 -13.52
C VAL H 844 135.12 -5.15 -14.86
N GLU H 845 134.14 -4.27 -14.82
CA GLU H 845 133.65 -3.61 -16.03
C GLU H 845 134.70 -2.60 -16.48
N SER H 846 135.45 -2.94 -17.53
CA SER H 846 136.52 -2.10 -18.03
C SER H 846 136.17 -1.61 -19.43
N PRO H 847 135.70 -0.37 -19.59
CA PRO H 847 135.42 0.16 -20.93
C PRO H 847 136.65 0.31 -21.80
N SER H 848 137.84 0.46 -21.19
CA SER H 848 139.07 0.60 -21.94
C SER H 848 139.65 -0.74 -22.40
N ALA H 849 139.05 -1.86 -21.99
CA ALA H 849 139.51 -3.18 -22.37
C ALA H 849 138.57 -3.77 -23.43
N GLU H 850 139.16 -4.22 -24.53
CA GLU H 850 138.42 -4.82 -25.64
C GLU H 850 138.59 -6.34 -25.67
N THR H 851 138.81 -6.95 -24.50
CA THR H 851 139.00 -8.39 -24.43
C THR H 851 137.68 -9.11 -24.72
N VAL H 852 137.78 -10.22 -25.45
CA VAL H 852 136.62 -11.01 -25.84
C VAL H 852 136.46 -12.15 -24.85
N TYR H 853 135.30 -12.23 -24.20
CA TYR H 853 134.99 -13.30 -23.25
C TYR H 853 133.77 -14.06 -23.79
N ASN H 854 134.02 -15.25 -24.33
CA ASN H 854 132.94 -16.06 -24.87
C ASN H 854 132.07 -16.62 -23.74
N LEU H 855 130.89 -17.10 -24.12
CA LEU H 855 129.97 -17.69 -23.15
C LEU H 855 130.56 -18.96 -22.55
N SER H 856 131.22 -19.79 -23.38
CA SER H 856 131.89 -20.97 -22.87
C SER H 856 133.08 -20.61 -21.98
N GLU H 857 133.77 -19.51 -22.29
CA GLU H 857 134.86 -19.04 -21.43
C GLU H 857 134.33 -18.62 -20.07
N VAL H 858 133.19 -17.92 -20.04
CA VAL H 858 132.57 -17.53 -18.78
C VAL H 858 132.10 -18.78 -18.02
N VAL H 859 131.60 -19.78 -18.74
CA VAL H 859 131.17 -21.03 -18.11
C VAL H 859 132.35 -21.74 -17.45
N THR H 860 133.47 -21.82 -18.16
CA THR H 860 134.66 -22.45 -17.60
C THR H 860 135.22 -21.66 -16.42
N ALA H 861 135.17 -20.33 -16.50
CA ALA H 861 135.59 -19.49 -15.38
C ALA H 861 134.70 -19.72 -14.16
N TYR H 862 133.38 -19.85 -14.38
CA TYR H 862 132.47 -20.16 -13.29
C TYR H 862 132.76 -21.53 -12.69
N ALA H 863 133.04 -22.51 -13.53
CA ALA H 863 133.38 -23.85 -13.04
C ALA H 863 134.66 -23.82 -12.20
N GLU H 864 135.68 -23.12 -12.68
CA GLU H 864 136.94 -23.02 -11.94
C GLU H 864 136.76 -22.28 -10.62
N TRP H 865 135.99 -21.18 -10.63
CA TRP H 865 135.78 -20.41 -9.41
C TRP H 865 134.98 -21.21 -8.38
N TYR H 866 133.96 -21.94 -8.83
CA TYR H 866 133.18 -22.75 -7.90
C TYR H 866 134.01 -23.90 -7.35
N ASN H 867 134.84 -24.53 -8.20
CA ASN H 867 135.64 -25.65 -7.75
C ASN H 867 136.76 -25.22 -6.80
N THR H 868 137.32 -24.03 -7.00
CA THR H 868 138.37 -23.52 -6.13
C THR H 868 137.85 -22.65 -4.99
N ASN H 869 136.54 -22.42 -4.92
CA ASN H 869 135.98 -21.53 -3.90
C ASN H 869 135.01 -22.23 -2.97
N ILE H 870 134.03 -22.96 -3.49
CA ILE H 870 132.92 -23.49 -2.70
C ILE H 870 132.99 -25.00 -2.56
N ASN H 871 132.85 -25.72 -3.68
CA ASN H 871 132.76 -27.18 -3.63
C ASN H 871 133.06 -27.72 -5.03
N VAL H 872 133.17 -29.05 -5.11
CA VAL H 872 133.49 -29.73 -6.35
C VAL H 872 132.24 -30.44 -6.84
N LYS H 873 131.84 -30.14 -8.09
CA LYS H 873 130.67 -30.76 -8.70
C LYS H 873 130.82 -30.64 -10.21
N ARG H 874 130.26 -31.62 -10.93
CA ARG H 874 130.28 -31.59 -12.38
C ARG H 874 129.40 -30.46 -12.91
N HIS H 875 129.77 -29.95 -14.09
CA HIS H 875 129.11 -28.81 -14.69
C HIS H 875 128.57 -29.16 -16.06
N ILE H 876 127.46 -28.51 -16.42
CA ILE H 876 126.90 -28.57 -17.77
C ILE H 876 126.98 -27.16 -18.35
N ALA H 877 127.64 -27.03 -19.50
CA ALA H 877 127.93 -25.72 -20.06
C ALA H 877 126.67 -25.01 -20.56
N LEU H 878 125.70 -25.76 -21.09
CA LEU H 878 124.52 -25.15 -21.68
C LEU H 878 123.68 -24.42 -20.65
N GLU H 879 123.33 -25.10 -19.54
CA GLU H 879 122.49 -24.49 -18.52
C GLU H 879 123.22 -23.35 -17.81
N LEU H 880 124.55 -23.46 -17.67
CA LEU H 880 125.32 -22.35 -17.11
C LEU H 880 125.28 -21.14 -18.04
N SER H 881 125.32 -21.36 -19.36
CA SER H 881 125.19 -20.25 -20.30
C SER H 881 123.80 -19.61 -20.23
N GLN H 882 122.76 -20.45 -20.10
CA GLN H 882 121.40 -19.92 -19.96
C GLN H 882 121.25 -19.10 -18.69
N GLU H 883 121.84 -19.57 -17.58
CA GLU H 883 121.80 -18.81 -16.34
C GLU H 883 122.62 -17.53 -16.45
N LEU H 884 123.73 -17.56 -17.18
CA LEU H 884 124.55 -16.36 -17.34
C LEU H 884 123.86 -15.30 -18.19
N GLU H 885 123.07 -15.72 -19.19
CA GLU H 885 122.34 -14.74 -20.00
C GLU H 885 121.26 -14.03 -19.18
N ASN H 886 120.55 -14.77 -18.33
CA ASN H 886 119.48 -14.19 -17.54
C ASN H 886 119.98 -13.41 -16.33
N SER H 887 121.27 -13.40 -16.07
CA SER H 887 121.84 -12.78 -14.87
C SER H 887 121.94 -11.26 -15.08
N VAL H 888 122.68 -10.60 -14.17
CA VAL H 888 122.81 -9.15 -14.20
C VAL H 888 123.61 -8.66 -15.41
N LEU H 889 124.38 -9.54 -16.04
CA LEU H 889 125.24 -9.18 -17.16
C LEU H 889 124.50 -8.96 -18.47
N GLU H 890 123.18 -8.82 -18.45
CA GLU H 890 122.43 -8.52 -19.66
C GLU H 890 122.69 -7.10 -20.17
N LYS H 891 123.20 -6.22 -19.31
CA LYS H 891 123.56 -4.87 -19.77
C LYS H 891 124.79 -4.92 -20.66
N TYR H 892 125.79 -5.74 -20.29
CA TYR H 892 126.98 -5.91 -21.12
C TYR H 892 126.76 -6.89 -22.26
N LEU H 893 125.62 -7.57 -22.31
CA LEU H 893 125.30 -8.48 -23.40
C LEU H 893 124.58 -7.72 -24.49
N GLN H 894 125.06 -7.87 -25.74
CA GLN H 894 124.48 -7.19 -26.89
C GLN H 894 124.16 -8.20 -27.97
N TRP H 895 122.96 -8.10 -28.54
CA TRP H 895 122.61 -8.89 -29.73
C TRP H 895 123.01 -8.11 -30.98
N SER H 896 124.31 -8.11 -31.22
CA SER H 896 124.90 -7.42 -32.35
C SER H 896 124.55 -8.15 -33.65
N PRO H 897 124.75 -7.50 -34.81
CA PRO H 897 124.62 -8.21 -36.09
C PRO H 897 125.60 -9.38 -36.24
N ASN H 898 126.70 -9.40 -35.49
CA ASN H 898 127.55 -10.58 -35.42
C ASN H 898 126.85 -11.76 -34.74
N LYS H 899 125.80 -11.50 -33.96
CA LYS H 899 124.96 -12.50 -33.32
C LYS H 899 125.77 -13.42 -32.38
N THR H 900 126.31 -12.79 -31.33
CA THR H 900 127.10 -13.52 -30.36
C THR H 900 126.93 -12.87 -28.99
N ARG H 901 127.23 -13.65 -27.95
CA ARG H 901 127.11 -13.20 -26.57
C ARG H 901 128.46 -12.97 -25.92
N ILE H 902 129.48 -12.60 -26.70
CA ILE H 902 130.80 -12.33 -26.14
C ILE H 902 130.80 -10.98 -25.43
N LEU H 903 131.84 -10.76 -24.63
CA LEU H 903 132.04 -9.51 -23.92
C LEU H 903 132.98 -8.60 -24.70
N LYS H 904 132.72 -7.30 -24.63
CA LYS H 904 133.53 -6.31 -25.34
C LYS H 904 133.95 -5.12 -24.49
N GLY H 905 133.27 -4.85 -23.37
CA GLY H 905 133.62 -3.71 -22.54
C GLY H 905 133.79 -4.07 -21.08
N CYS H 906 134.35 -5.24 -20.80
CA CYS H 906 134.56 -5.71 -19.44
C CYS H 906 135.87 -6.47 -19.37
N ARG H 907 136.28 -6.80 -18.14
CA ARG H 907 137.49 -7.58 -17.91
C ARG H 907 137.21 -8.60 -16.81
N ILE H 908 138.03 -9.64 -16.78
CA ILE H 908 137.88 -10.72 -15.80
C ILE H 908 139.14 -10.76 -14.93
N LEU H 909 138.98 -11.37 -13.75
CA LEU H 909 140.08 -11.56 -12.81
C LEU H 909 140.36 -13.04 -12.65
N HIS H 910 141.62 -13.42 -12.85
CA HIS H 910 142.07 -14.79 -12.63
C HIS H 910 142.46 -14.95 -11.16
N LYS H 911 143.14 -16.06 -10.84
CA LYS H 911 143.64 -16.27 -9.50
C LYS H 911 144.74 -15.27 -9.18
N PHE H 912 144.67 -14.70 -7.96
CA PHE H 912 145.60 -13.68 -7.48
C PHE H 912 145.65 -12.47 -8.41
N GLU H 913 144.49 -12.06 -8.90
CA GLU H 913 144.36 -10.90 -9.78
C GLU H 913 143.57 -9.80 -9.08
N THR H 914 144.06 -8.58 -9.18
CA THR H 914 143.45 -7.42 -8.53
C THR H 914 142.87 -6.48 -9.59
N LEU H 915 142.30 -5.38 -9.11
CA LEU H 915 141.70 -4.40 -10.01
C LEU H 915 142.77 -3.57 -10.71
N GLN H 916 142.54 -3.31 -12.00
CA GLN H 916 143.40 -2.48 -12.84
C GLN H 916 142.81 -1.09 -13.01
N PRO H 917 143.64 -0.07 -13.24
CA PRO H 917 143.11 1.25 -13.57
C PRO H 917 142.31 1.22 -14.87
N GLY H 918 141.23 2.00 -14.90
CA GLY H 918 140.30 1.96 -16.00
C GLY H 918 139.26 0.86 -15.92
N GLU H 919 139.30 0.04 -14.88
CA GLU H 919 138.33 -1.03 -14.68
C GLU H 919 137.52 -0.74 -13.42
N SER H 920 136.21 -0.94 -13.52
CA SER H 920 135.30 -0.62 -12.42
C SER H 920 134.54 -1.87 -12.00
N TYR H 921 134.27 -1.96 -10.70
CA TYR H 921 133.48 -3.06 -10.17
C TYR H 921 132.02 -2.94 -10.61
N ILE H 922 131.36 -4.08 -10.78
CA ILE H 922 129.97 -4.10 -11.19
C ILE H 922 129.06 -4.11 -9.97
N GLU H 937 122.56 14.19 9.07
CA GLU H 937 121.74 14.10 10.28
C GLU H 937 121.20 15.46 10.68
N PRO H 938 119.88 15.64 10.55
CA PRO H 938 119.27 16.91 10.97
C PRO H 938 119.32 17.10 12.47
N LYS H 939 119.43 18.36 12.90
CA LYS H 939 119.46 18.67 14.32
C LYS H 939 118.09 18.50 14.96
N ASN H 940 117.02 18.71 14.19
CA ASN H 940 115.66 18.59 14.70
C ASN H 940 115.22 17.13 14.64
N LYS H 941 113.91 16.90 14.81
CA LYS H 941 113.38 15.56 14.86
C LYS H 941 113.41 14.88 13.50
N TRP H 942 113.35 13.55 13.53
CA TRP H 942 113.53 12.75 12.32
C TRP H 942 112.30 12.79 11.41
N TRP H 943 111.10 12.93 11.99
CA TRP H 943 109.88 12.87 11.20
C TRP H 943 109.62 14.11 10.37
N GLU H 944 110.41 15.16 10.53
CA GLU H 944 110.25 16.36 9.72
C GLU H 944 110.76 16.10 8.30
N TRP H 945 110.54 17.10 7.44
CA TRP H 945 110.91 16.99 6.03
C TRP H 945 112.43 16.95 5.88
N SER H 946 112.91 16.06 5.00
CA SER H 946 114.34 15.91 4.76
C SER H 946 114.66 16.09 3.28
N LEU I 21 46.97 18.31 10.08
CA LEU I 21 45.68 19.07 10.11
C LEU I 21 45.86 20.42 9.41
N ALA I 22 44.88 20.82 8.59
CA ALA I 22 44.91 22.02 7.72
C ALA I 22 45.16 23.29 8.55
N GLU I 23 44.33 23.56 9.56
CA GLU I 23 44.38 24.82 10.35
C GLU I 23 45.71 24.89 11.14
N VAL I 24 46.27 23.76 11.59
CA VAL I 24 47.61 23.70 12.25
C VAL I 24 48.68 24.05 11.21
N GLN I 25 48.56 23.51 10.00
CA GLN I 25 49.46 23.81 8.87
C GLN I 25 49.42 25.31 8.57
N ALA I 26 48.22 25.89 8.52
CA ALA I 26 47.98 27.33 8.29
C ALA I 26 48.70 28.15 9.38
N LEU I 27 48.52 27.80 10.64
CA LEU I 27 49.17 28.48 11.80
C LEU I 27 50.70 28.36 11.70
N GLU I 28 51.19 27.20 11.28
CA GLU I 28 52.65 26.92 11.12
C GLU I 28 53.21 27.88 10.04
N THR I 29 52.50 28.01 8.92
CA THR I 29 52.89 28.89 7.79
C THR I 29 52.88 30.34 8.27
N LEU I 30 51.84 30.77 8.98
CA LEU I 30 51.75 32.15 9.50
C LEU I 30 52.97 32.41 10.40
N LEU I 31 53.25 31.51 11.34
CA LEU I 31 54.34 31.71 12.34
C LEU I 31 55.70 31.79 11.63
N THR I 32 56.03 30.83 10.77
CA THR I 32 57.41 30.68 10.24
C THR I 32 57.62 31.69 9.11
N ARG I 33 56.72 31.75 8.12
CA ARG I 33 56.87 32.61 6.92
C ARG I 33 56.69 34.09 7.29
N GLU I 34 55.70 34.43 8.14
CA GLU I 34 55.25 35.84 8.28
C GLU I 34 55.66 36.45 9.63
N LEU I 35 55.34 35.83 10.76
CA LEU I 35 55.47 36.46 12.11
C LEU I 35 56.90 36.32 12.66
N SER I 36 57.72 35.45 12.05
CA SER I 36 59.15 35.25 12.39
C SER I 36 59.87 36.60 12.51
N VAL I 37 59.45 37.60 11.72
CA VAL I 37 60.07 38.95 11.69
C VAL I 37 59.82 39.72 13.00
N PHE I 38 58.94 39.23 13.88
CA PHE I 38 58.60 39.88 15.18
C PHE I 38 59.20 39.10 16.36
N LEU I 39 59.98 38.06 16.09
CA LEU I 39 60.68 37.27 17.15
C LEU I 39 61.45 38.24 18.06
N THR I 40 61.21 38.18 19.38
CA THR I 40 61.94 38.94 20.44
C THR I 40 63.03 38.07 21.06
N GLU I 41 64.02 38.69 21.70
CA GLU I 41 65.11 38.01 22.45
C GLU I 41 64.55 37.55 23.80
N PRO I 42 65.17 36.55 24.45
CA PRO I 42 64.75 36.13 25.79
C PRO I 42 64.81 37.32 26.77
N GLY I 43 63.73 37.52 27.54
CA GLY I 43 63.62 38.58 28.56
C GLY I 43 63.38 39.97 27.98
N SER I 44 62.98 40.05 26.71
CA SER I 44 62.61 41.33 26.03
C SER I 44 61.30 41.86 26.62
N LYS I 45 61.18 43.18 26.78
CA LYS I 45 59.96 43.72 27.44
C LYS I 45 58.91 43.98 26.36
N LYS I 46 59.37 44.03 25.10
CA LYS I 46 58.42 44.21 23.97
C LYS I 46 57.60 42.92 23.80
N THR I 47 58.08 41.80 24.37
CA THR I 47 57.34 40.53 24.11
C THR I 47 55.89 40.69 24.59
N ASN I 48 54.90 40.33 23.77
CA ASN I 48 53.48 40.22 24.21
C ASN I 48 52.96 38.78 24.05
N ILE I 49 53.58 37.95 23.20
CA ILE I 49 53.11 36.58 22.88
C ILE I 49 54.25 35.59 23.06
N ILE I 50 53.98 34.48 23.74
CA ILE I 50 54.94 33.39 24.03
C ILE I 50 54.32 32.08 23.54
N ASN I 51 54.99 31.38 22.62
CA ASN I 51 54.62 30.03 22.15
C ASN I 51 55.52 29.04 22.88
N ARG I 52 55.06 28.49 24.00
CA ARG I 52 55.88 27.65 24.91
C ARG I 52 56.17 26.29 24.25
N ILE I 53 55.42 25.89 23.22
CA ILE I 53 55.70 24.63 22.46
C ILE I 53 56.96 24.85 21.61
N THR I 54 57.05 25.93 20.84
CA THR I 54 58.21 26.26 19.98
C THR I 54 59.28 27.04 20.76
N GLY I 55 58.97 27.49 21.98
CA GLY I 55 59.88 28.28 22.83
C GLY I 55 60.18 29.64 22.23
N LYS I 56 59.33 30.12 21.32
CA LYS I 56 59.53 31.41 20.60
C LYS I 56 58.79 32.51 21.37
N THR I 57 59.35 33.72 21.38
CA THR I 57 58.74 34.95 21.96
C THR I 57 58.59 35.99 20.84
N TYR I 58 57.47 36.71 20.81
CA TYR I 58 57.11 37.68 19.74
C TYR I 58 56.64 38.99 20.37
N ALA I 59 56.89 40.11 19.68
CA ALA I 59 56.21 41.41 19.85
C ALA I 59 55.33 41.66 18.63
N LEU I 60 54.08 41.22 18.66
CA LEU I 60 53.11 41.34 17.53
C LEU I 60 52.41 42.70 17.61
N PRO I 61 52.50 43.53 16.54
CA PRO I 61 51.59 44.66 16.40
C PRO I 61 50.13 44.18 16.25
N SER I 62 49.19 45.04 16.62
CA SER I 62 47.73 44.75 16.71
C SER I 62 47.24 44.02 15.46
N THR I 63 47.68 44.42 14.26
CA THR I 63 47.22 43.81 12.99
C THR I 63 47.58 42.32 12.95
N GLU I 64 48.77 41.98 13.43
CA GLU I 64 49.36 40.60 13.32
C GLU I 64 48.88 39.78 14.51
N LEU I 65 48.59 40.44 15.64
CA LEU I 65 47.94 39.79 16.80
C LEU I 65 46.56 39.25 16.36
N LEU I 66 45.78 40.02 15.63
CA LEU I 66 44.49 39.60 15.18
C LEU I 66 44.55 38.44 14.24
N ARG I 67 45.50 38.47 13.33
CA ARG I 67 45.70 37.39 12.33
C ARG I 67 46.06 36.12 13.10
N LEU I 68 46.91 36.23 14.12
CA LEU I 68 47.29 35.11 15.01
C LEU I 68 46.02 34.55 15.65
N TYR I 69 45.18 35.41 16.22
CA TYR I 69 43.94 35.06 16.97
C TYR I 69 42.96 34.32 16.05
N GLU I 70 42.84 34.74 14.79
CA GLU I 70 41.96 34.04 13.80
C GLU I 70 42.46 32.60 13.60
N HIS I 71 43.78 32.41 13.50
CA HIS I 71 44.39 31.07 13.30
C HIS I 71 44.23 30.26 14.59
N LEU I 72 44.52 30.83 15.76
CA LEU I 72 44.42 30.13 17.06
C LEU I 72 42.97 29.72 17.31
N GLU I 73 42.02 30.59 16.96
CA GLU I 73 40.57 30.34 17.12
C GLU I 73 40.16 29.13 16.24
N GLN I 74 40.62 29.07 14.98
CA GLN I 74 40.33 27.92 14.08
C GLN I 74 40.92 26.65 14.67
N CYS I 75 42.15 26.71 15.17
CA CYS I 75 42.86 25.59 15.84
C CYS I 75 42.09 25.17 17.10
N ARG I 76 41.54 26.13 17.85
CA ARG I 76 40.80 25.87 19.12
C ARG I 76 39.53 25.07 18.82
N LYS I 77 38.75 25.51 17.82
CA LYS I 77 37.46 24.88 17.40
C LYS I 77 37.68 23.44 16.94
N GLN I 78 38.92 23.05 16.61
CA GLN I 78 39.28 21.66 16.15
C GLN I 78 40.09 20.94 17.24
N GLY I 79 40.20 21.49 18.44
CA GLY I 79 40.79 20.85 19.62
C GLY I 79 42.30 20.65 19.50
N ALA I 80 42.98 21.49 18.73
CA ALA I 80 44.45 21.40 18.50
C ALA I 80 45.21 21.76 19.77
N LEU I 81 46.30 21.06 20.03
CA LEU I 81 47.28 21.33 21.12
C LEU I 81 47.89 22.72 20.90
N MET I 82 47.55 23.68 21.79
CA MET I 82 48.16 25.03 21.82
C MET I 82 48.74 25.27 23.21
N TYR I 83 49.88 25.96 23.28
CA TYR I 83 50.48 26.49 24.53
C TYR I 83 50.96 27.93 24.26
N PHE I 84 50.03 28.82 23.92
CA PHE I 84 50.29 30.27 23.76
C PHE I 84 49.98 31.00 25.08
N LEU I 85 50.89 31.88 25.48
CA LEU I 85 50.72 32.82 26.62
C LEU I 85 50.79 34.24 26.09
N GLU I 86 50.04 35.16 26.70
CA GLU I 86 50.21 36.61 26.48
C GLU I 86 50.84 37.19 27.74
N ARG I 87 51.75 38.15 27.59
CA ARG I 87 52.38 38.87 28.71
C ARG I 87 51.51 40.07 29.09
N GLN I 88 51.21 40.24 30.37
CA GLN I 88 50.24 41.27 30.85
C GLN I 88 50.90 42.64 30.74
N GLY I 89 52.20 42.72 30.97
CA GLY I 89 52.93 43.98 31.02
C GLY I 89 52.33 44.90 32.06
N THR I 90 52.41 46.21 31.86
CA THR I 90 52.19 47.24 32.92
C THR I 90 50.76 47.79 32.82
N TYR I 91 50.06 47.59 31.69
CA TYR I 91 48.71 48.15 31.42
C TYR I 91 47.95 47.21 30.47
N SER I 92 46.99 46.45 30.99
CA SER I 92 46.21 45.44 30.23
C SER I 92 44.99 44.99 31.05
N GLY I 93 44.18 44.10 30.47
CA GLY I 93 42.99 43.53 31.12
C GLY I 93 43.34 42.73 32.36
N LEU I 94 42.34 42.49 33.21
CA LEU I 94 42.53 41.79 34.51
C LEU I 94 42.24 40.31 34.34
N MET I 95 43.09 39.47 34.92
CA MET I 95 42.92 38.00 34.99
C MET I 95 43.01 37.61 36.47
N LEU I 96 42.07 36.78 36.93
CA LEU I 96 42.08 36.18 38.29
C LEU I 96 42.26 34.66 38.13
N ASP I 97 43.31 34.09 38.71
CA ASP I 97 43.62 32.64 38.66
C ASP I 97 43.25 32.02 40.02
N TYR I 98 42.15 31.26 40.07
CA TYR I 98 41.69 30.49 41.27
C TYR I 98 42.14 29.03 41.17
N ASP I 99 42.94 28.59 42.15
CA ASP I 99 43.36 27.18 42.37
C ASP I 99 42.59 26.64 43.57
N LEU I 100 41.55 25.83 43.32
CA LEU I 100 40.60 25.33 44.34
C LEU I 100 41.03 23.94 44.84
N LYS I 101 41.00 23.74 46.15
CA LYS I 101 40.91 22.41 46.80
C LYS I 101 39.44 22.12 47.13
N LEU I 102 38.87 21.05 46.60
CA LEU I 102 37.42 20.71 46.76
C LEU I 102 37.19 19.57 47.79
N ASN I 103 35.98 19.58 48.37
CA ASN I 103 35.39 18.55 49.26
C ASN I 103 35.42 17.16 48.62
N THR I 104 35.28 17.12 47.30
CA THR I 104 35.06 15.91 46.48
C THR I 104 35.74 16.08 45.13
N ASN I 105 35.64 15.06 44.27
CA ASN I 105 36.22 14.99 42.90
C ASN I 105 35.12 15.28 41.88
N ALA I 106 34.00 15.85 42.34
CA ALA I 106 32.86 16.30 41.51
C ALA I 106 33.08 17.77 41.14
N VAL I 107 32.98 18.10 39.85
CA VAL I 107 32.95 19.50 39.34
C VAL I 107 31.91 20.25 40.15
N PRO I 108 32.27 21.39 40.80
CA PRO I 108 31.29 22.17 41.56
C PRO I 108 30.27 22.79 40.60
N PRO I 109 29.01 23.02 41.02
CA PRO I 109 27.96 23.46 40.10
C PRO I 109 28.27 24.78 39.38
N LEU I 110 28.77 25.79 40.10
CA LEU I 110 29.14 27.12 39.54
C LEU I 110 28.09 27.57 38.52
N GLU I 111 26.85 27.72 38.96
CA GLU I 111 25.71 28.16 38.11
C GLU I 111 25.72 29.68 38.01
N PRO I 112 25.00 30.29 37.04
CA PRO I 112 25.04 31.74 36.83
C PRO I 112 24.89 32.63 38.07
N PRO I 113 23.98 32.37 39.02
CA PRO I 113 23.83 33.22 40.21
C PRO I 113 25.10 33.37 41.05
N ALA I 114 25.82 32.29 41.29
CA ALA I 114 27.10 32.30 42.05
C ALA I 114 28.13 33.12 41.27
N LEU I 115 28.29 32.85 39.97
CA LEU I 115 29.28 33.54 39.11
C LEU I 115 28.90 35.03 38.98
N SER I 116 27.61 35.32 38.87
CA SER I 116 27.06 36.70 38.78
C SER I 116 27.48 37.49 40.03
N ARG I 117 27.33 36.89 41.20
CA ARG I 117 27.66 37.53 42.50
C ARG I 117 29.17 37.76 42.59
N LEU I 118 29.97 36.80 42.12
CA LEU I 118 31.44 36.91 42.02
C LEU I 118 31.79 38.17 41.23
N CYS I 119 31.19 38.37 40.06
CA CYS I 119 31.42 39.55 39.17
C CYS I 119 31.15 40.85 39.96
N HIS I 120 30.01 40.91 40.65
CA HIS I 120 29.61 42.10 41.45
C HIS I 120 30.70 42.40 42.47
N ARG I 121 31.13 41.41 43.24
CA ARG I 121 32.15 41.57 44.31
C ARG I 121 33.48 42.01 43.68
N ILE I 122 33.89 41.37 42.59
CA ILE I 122 35.15 41.73 41.84
C ILE I 122 35.07 43.21 41.46
N PHE I 123 33.89 43.65 41.02
CA PHE I 123 33.65 45.03 40.52
C PHE I 123 33.75 46.02 41.68
N VAL I 124 33.18 45.69 42.83
CA VAL I 124 33.24 46.56 44.05
C VAL I 124 34.70 46.90 44.33
N HIS I 125 35.63 45.94 44.18
CA HIS I 125 37.07 46.17 44.45
C HIS I 125 37.70 47.03 43.34
N ILE I 126 37.32 46.80 42.09
CA ILE I 126 37.75 47.63 40.92
C ILE I 126 37.31 49.08 41.18
N LYS I 127 36.03 49.29 41.48
CA LYS I 127 35.44 50.63 41.77
C LYS I 127 36.20 51.30 42.93
N ASN I 128 36.52 50.53 43.97
CA ASN I 128 37.16 51.03 45.22
C ASN I 128 38.61 51.45 44.95
N SER I 129 39.21 50.98 43.85
CA SER I 129 40.58 51.35 43.39
C SER I 129 40.60 52.80 42.87
N SER I 130 39.44 53.35 42.52
CA SER I 130 39.18 54.77 42.14
C SER I 130 39.64 55.08 40.71
N VAL I 131 39.98 54.08 39.87
CA VAL I 131 40.69 54.29 38.57
C VAL I 131 39.70 54.22 37.40
N LEU I 132 38.43 53.89 37.64
CA LEU I 132 37.43 53.77 36.55
C LEU I 132 37.19 55.15 35.96
N PRO I 133 37.03 55.27 34.63
CA PRO I 133 36.67 56.54 34.02
C PRO I 133 35.21 56.89 34.31
N GLU I 134 34.88 58.18 34.32
CA GLU I 134 33.48 58.68 34.48
C GLU I 134 32.69 58.29 33.23
N GLY I 135 31.36 58.22 33.33
CA GLY I 135 30.45 57.95 32.20
C GLY I 135 29.89 56.54 32.29
N SER I 136 29.25 56.10 31.21
CA SER I 136 28.63 54.75 31.08
C SER I 136 29.56 53.84 30.28
N HIS I 137 29.87 52.65 30.81
CA HIS I 137 30.82 51.68 30.20
C HIS I 137 30.34 50.25 30.43
N LYS I 138 30.40 49.41 29.39
CA LYS I 138 30.26 47.94 29.47
C LYS I 138 31.63 47.33 29.77
N ILE I 139 31.71 46.42 30.73
CA ILE I 139 32.89 45.52 30.91
C ILE I 139 32.39 44.07 30.96
N HIS I 140 33.11 43.19 30.27
CA HIS I 140 32.76 41.75 30.14
C HIS I 140 33.65 40.91 31.06
N PHE I 141 33.02 40.00 31.81
CA PHE I 141 33.65 38.94 32.64
C PHE I 141 33.45 37.59 31.93
N PHE I 142 34.50 36.80 31.84
CA PHE I 142 34.48 35.43 31.26
C PHE I 142 35.04 34.47 32.32
N PHE I 143 34.34 33.38 32.57
CA PHE I 143 34.76 32.28 33.48
C PHE I 143 35.10 31.06 32.62
N THR I 144 36.38 30.70 32.61
CA THR I 144 36.88 29.47 31.97
C THR I 144 37.24 28.51 33.10
N LEU I 145 36.84 27.24 32.97
CA LEU I 145 36.92 26.24 34.06
C LEU I 145 37.83 25.08 33.62
N LYS I 146 38.67 24.60 34.54
CA LYS I 146 39.36 23.29 34.46
C LYS I 146 38.34 22.23 34.06
N PRO I 147 38.60 21.43 33.01
CA PRO I 147 37.58 20.51 32.48
C PRO I 147 37.15 19.43 33.49
N GLU I 148 38.06 18.96 34.36
CA GLU I 148 37.76 17.93 35.39
C GLU I 148 38.51 18.23 36.69
N VAL I 149 38.02 17.72 37.82
CA VAL I 149 38.72 17.71 39.13
C VAL I 149 39.72 16.55 39.09
N VAL I 150 40.95 16.78 39.54
CA VAL I 150 42.01 15.75 39.69
C VAL I 150 42.44 15.77 41.16
N GLN I 151 42.15 14.70 41.90
CA GLN I 151 42.48 14.55 43.34
C GLN I 151 41.98 15.75 44.12
N GLY I 152 40.75 16.20 43.86
CA GLY I 152 40.10 17.31 44.57
C GLY I 152 40.63 18.67 44.16
N LYS I 153 41.63 18.73 43.26
CA LYS I 153 42.20 20.00 42.75
C LYS I 153 41.33 20.49 41.60
N TYR I 154 40.85 21.74 41.67
CA TYR I 154 40.01 22.35 40.61
C TYR I 154 40.45 23.80 40.38
N GLY I 155 40.01 24.39 39.28
CA GLY I 155 40.45 25.74 38.87
C GLY I 155 39.44 26.45 38.00
N PHE I 156 39.44 27.77 38.10
CA PHE I 156 38.85 28.66 37.08
C PHE I 156 39.70 29.92 36.94
N HIS I 157 39.65 30.47 35.72
CA HIS I 157 40.12 31.84 35.40
C HIS I 157 38.89 32.75 35.30
N VAL I 158 38.97 33.94 35.90
CA VAL I 158 38.07 35.09 35.60
C VAL I 158 38.88 36.07 34.74
N LEU I 159 38.45 36.25 33.50
CA LEU I 159 39.06 37.20 32.54
C LEU I 159 38.16 38.44 32.44
N ILE I 160 38.72 39.62 32.71
CA ILE I 160 38.10 40.93 32.41
C ILE I 160 39.03 41.64 31.41
N PRO I 161 39.07 41.15 30.15
CA PRO I 161 40.09 41.56 29.18
C PRO I 161 40.01 43.03 28.74
N GLY I 162 38.80 43.60 28.67
CA GLY I 162 38.53 44.96 28.19
C GLY I 162 38.91 46.06 29.18
N LEU I 163 38.92 45.76 30.48
CA LEU I 163 39.17 46.74 31.57
C LEU I 163 40.68 46.92 31.73
N LYS I 164 41.24 47.92 31.07
CA LYS I 164 42.71 48.15 30.99
C LYS I 164 43.16 48.80 32.29
N LEU I 165 43.94 48.07 33.09
CA LEU I 165 44.38 48.43 34.47
C LEU I 165 45.89 48.46 34.55
N ALA I 166 46.44 49.35 35.39
CA ALA I 166 47.88 49.35 35.75
C ALA I 166 48.16 48.08 36.53
N ALA I 167 49.35 47.50 36.37
CA ALA I 167 49.79 46.28 37.09
C ALA I 167 49.61 46.49 38.60
N SER I 168 50.04 47.64 39.11
CA SER I 168 49.95 48.00 40.56
C SER I 168 48.49 47.98 41.03
N THR I 169 47.55 48.46 40.21
CA THR I 169 46.09 48.46 40.55
C THR I 169 45.56 47.01 40.58
N LYS I 170 45.96 46.17 39.62
CA LYS I 170 45.58 44.74 39.58
C LYS I 170 46.00 44.05 40.89
N LYS I 171 47.25 44.28 41.32
CA LYS I 171 47.84 43.69 42.56
C LYS I 171 46.99 44.13 43.75
N SER I 172 46.66 45.42 43.82
CA SER I 172 45.80 46.01 44.88
C SER I 172 44.42 45.32 44.88
N ILE I 173 43.77 45.23 43.71
CA ILE I 173 42.42 44.58 43.55
C ILE I 173 42.49 43.12 43.99
N ILE I 174 43.55 42.41 43.57
CA ILE I 174 43.76 40.98 43.94
C ILE I 174 43.92 40.86 45.46
N GLY I 175 44.73 41.72 46.09
CA GLY I 175 44.91 41.75 47.57
C GLY I 175 43.57 41.83 48.29
N SER I 176 42.73 42.79 47.89
CA SER I 176 41.38 43.02 48.46
C SER I 176 40.48 41.80 48.24
N LEU I 177 40.54 41.17 47.06
CA LEU I 177 39.66 40.04 46.67
C LEU I 177 39.96 38.81 47.54
N GLN I 178 41.21 38.61 47.92
CA GLN I 178 41.64 37.47 48.76
C GLN I 178 40.89 37.49 50.10
N HIS I 179 40.61 38.68 50.65
CA HIS I 179 40.03 38.91 51.99
C HIS I 179 38.51 39.15 51.95
N ASP I 180 37.88 39.00 50.79
CA ASP I 180 36.42 39.29 50.60
C ASP I 180 35.59 38.14 51.19
N ALA I 181 34.84 38.43 52.26
CA ALA I 181 34.02 37.48 53.04
C ALA I 181 32.90 36.89 52.16
N THR I 182 32.27 37.70 51.31
CA THR I 182 31.16 37.25 50.42
C THR I 182 31.72 36.24 49.39
N VAL I 183 32.90 36.51 48.82
CA VAL I 183 33.57 35.62 47.82
C VAL I 183 33.91 34.29 48.53
N GLN I 184 34.43 34.37 49.75
CA GLN I 184 34.84 33.19 50.57
C GLN I 184 33.61 32.32 50.83
N LYS I 185 32.48 32.95 51.16
CA LYS I 185 31.17 32.27 51.36
C LYS I 185 30.79 31.52 50.09
N ILE I 186 30.70 32.24 48.96
CA ILE I 186 30.31 31.65 47.64
C ILE I 186 31.16 30.40 47.37
N LEU I 187 32.47 30.52 47.54
CA LEU I 187 33.43 29.43 47.23
C LEU I 187 33.21 28.27 48.21
N HIS I 188 32.99 28.58 49.48
CA HIS I 188 32.69 27.58 50.56
C HIS I 188 31.44 26.78 50.17
N GLU I 189 30.37 27.43 49.73
CA GLU I 189 29.09 26.78 49.38
C GLU I 189 29.25 25.96 48.09
N GLN I 190 30.32 26.17 47.34
CA GLN I 190 30.65 25.38 46.12
C GLN I 190 31.46 24.13 46.52
N GLY I 191 31.93 24.05 47.77
CA GLY I 191 32.69 22.91 48.31
C GLY I 191 34.19 23.20 48.36
N VAL I 192 34.61 24.47 48.30
CA VAL I 192 36.04 24.87 48.33
C VAL I 192 36.51 24.88 49.79
N THR I 193 37.59 24.16 50.08
CA THR I 193 38.19 24.02 51.44
C THR I 193 39.33 25.03 51.64
N ASN I 194 39.77 25.74 50.60
CA ASN I 194 40.83 26.79 50.69
C ASN I 194 40.31 28.14 50.18
N PRO I 195 39.14 28.61 50.67
CA PRO I 195 38.57 29.86 50.15
C PRO I 195 39.40 31.11 50.49
N GLU I 196 40.29 31.02 51.48
CA GLU I 196 41.13 32.15 51.96
C GLU I 196 42.40 32.28 51.11
N SER I 197 42.81 31.22 50.41
CA SER I 197 44.16 31.11 49.80
C SER I 197 44.12 30.47 48.41
N CYS I 198 43.00 30.54 47.71
CA CYS I 198 42.80 29.90 46.37
C CYS I 198 43.12 30.90 45.26
N LEU I 199 43.02 32.21 45.50
CA LEU I 199 43.34 33.25 44.48
C LEU I 199 44.85 33.48 44.42
N ASP I 200 45.47 33.17 43.29
CA ASP I 200 46.94 33.40 43.06
C ASP I 200 47.25 34.88 43.18
N PRO I 201 48.02 35.33 44.21
CA PRO I 201 48.34 36.75 44.38
C PRO I 201 49.24 37.33 43.27
N HIS I 202 49.80 36.48 42.41
CA HIS I 202 50.65 36.85 41.25
C HIS I 202 49.82 36.89 39.96
N SER I 203 48.50 36.70 40.05
CA SER I 203 47.51 36.81 38.94
C SER I 203 47.78 38.05 38.09
N ALA I 204 48.27 39.13 38.69
CA ALA I 204 48.53 40.44 38.05
C ALA I 204 49.73 40.39 37.11
N SER I 205 50.72 39.53 37.39
CA SER I 205 52.07 39.58 36.76
C SER I 205 52.33 38.34 35.87
N VAL I 206 51.74 37.18 36.18
CA VAL I 206 52.03 35.91 35.44
C VAL I 206 51.60 36.10 33.98
N PRO I 207 52.34 35.51 33.02
CA PRO I 207 51.82 35.38 31.65
C PRO I 207 50.54 34.55 31.68
N SER I 208 49.57 34.90 30.85
CA SER I 208 48.18 34.40 30.91
C SER I 208 47.93 33.56 29.65
N LEU I 209 47.44 32.32 29.82
CA LEU I 209 47.17 31.40 28.70
C LEU I 209 46.12 32.03 27.78
N LEU I 210 46.34 31.98 26.48
CA LEU I 210 45.29 32.33 25.49
C LEU I 210 44.21 31.26 25.58
N TYR I 211 42.96 31.63 25.32
CA TYR I 211 41.84 30.66 25.33
C TYR I 211 42.18 29.54 24.35
N GLY I 212 42.02 28.30 24.79
CA GLY I 212 42.33 27.10 23.99
C GLY I 212 43.73 26.55 24.27
N SER I 213 44.55 27.29 25.02
CA SER I 213 45.94 26.90 25.36
C SER I 213 46.00 26.35 26.79
N SER I 214 47.07 25.60 27.11
CA SER I 214 47.32 25.01 28.45
C SER I 214 48.78 24.60 28.57
N LYS I 215 49.28 24.46 29.80
CA LYS I 215 50.54 23.74 30.11
C LYS I 215 50.45 22.37 29.43
N LEU I 216 51.59 21.77 29.08
CA LEU I 216 51.62 20.56 28.22
C LEU I 216 51.09 19.36 29.02
N ASN I 217 51.07 19.46 30.35
CA ASN I 217 50.62 18.37 31.27
C ASN I 217 49.12 18.51 31.59
N HIS I 218 48.47 19.62 31.22
CA HIS I 218 47.06 19.94 31.57
C HIS I 218 46.22 20.02 30.29
N LYS I 219 44.89 20.07 30.43
CA LYS I 219 43.96 20.30 29.29
C LYS I 219 43.47 21.75 29.37
N PRO I 220 43.09 22.38 28.24
CA PRO I 220 42.68 23.78 28.25
C PRO I 220 41.36 23.99 29.02
N TYR I 221 41.30 25.09 29.76
CA TYR I 221 40.07 25.58 30.44
C TYR I 221 39.02 25.85 29.36
N GLN I 222 37.75 25.59 29.68
CA GLN I 222 36.58 25.73 28.77
C GLN I 222 35.73 26.91 29.26
N LEU I 223 35.29 27.75 28.33
CA LEU I 223 34.41 28.92 28.63
C LEU I 223 33.04 28.37 29.01
N LYS I 224 32.61 28.62 30.25
CA LYS I 224 31.28 28.15 30.73
C LYS I 224 30.27 29.28 30.55
N THR I 225 30.57 30.47 31.06
CA THR I 225 29.63 31.62 31.13
C THR I 225 30.40 32.92 31.03
N GLY I 226 29.86 33.89 30.29
CA GLY I 226 30.34 35.28 30.28
C GLY I 226 29.24 36.25 30.67
N PHE I 227 29.61 37.38 31.29
CA PHE I 227 28.65 38.39 31.80
C PHE I 227 29.05 39.77 31.29
N GLU I 228 28.02 40.58 31.01
CA GLU I 228 28.13 42.02 30.67
C GLU I 228 27.73 42.84 31.90
N LEU I 229 28.68 43.58 32.46
CA LEU I 229 28.43 44.54 33.56
C LEU I 229 28.47 45.95 32.97
N VAL I 230 27.40 46.74 33.15
CA VAL I 230 27.37 48.18 32.79
C VAL I 230 27.49 48.97 34.09
N PHE I 231 28.44 49.90 34.16
CA PHE I 231 28.53 50.88 35.27
C PHE I 231 28.30 52.29 34.70
N ASP I 232 27.70 53.15 35.51
CA ASP I 232 27.41 54.57 35.16
C ASP I 232 27.75 55.42 36.38
N SER I 233 28.72 56.31 36.26
CA SER I 233 29.23 57.18 37.36
C SER I 233 28.10 58.06 37.92
N SER I 234 27.14 58.44 37.07
CA SER I 234 25.98 59.30 37.41
C SER I 234 24.97 58.52 38.26
N ASP I 235 24.92 57.19 38.09
CA ASP I 235 23.93 56.28 38.72
C ASP I 235 24.67 55.08 39.33
N PRO I 236 25.52 55.31 40.35
CA PRO I 236 26.48 54.31 40.81
C PRO I 236 25.86 53.07 41.47
N ASP I 237 24.60 53.16 41.90
CA ASP I 237 23.90 52.05 42.61
C ASP I 237 23.26 51.11 41.59
N TYR I 238 23.22 51.46 40.32
CA TYR I 238 22.67 50.58 39.25
C TYR I 238 23.82 49.88 38.53
N ILE I 239 24.01 48.60 38.81
CA ILE I 239 25.14 47.78 38.30
C ILE I 239 24.56 46.51 37.66
N PRO I 240 23.88 46.61 36.51
CA PRO I 240 23.26 45.47 35.86
C PRO I 240 24.33 44.50 35.35
N ILE I 241 24.16 43.22 35.72
CA ILE I 241 24.99 42.07 35.25
C ILE I 241 24.05 41.08 34.59
N HIS I 242 24.30 40.78 33.31
CA HIS I 242 23.53 39.82 32.47
C HIS I 242 24.50 38.87 31.74
N GLN I 243 24.14 37.60 31.67
CA GLN I 243 24.81 36.60 30.81
C GLN I 243 24.89 37.16 29.38
N ILE I 244 26.03 36.97 28.73
CA ILE I 244 26.22 37.18 27.26
C ILE I 244 25.67 35.93 26.55
N LYS I 245 24.81 36.10 25.54
CA LYS I 245 23.99 34.97 25.01
C LYS I 245 24.62 34.37 23.75
N ASN I 246 25.24 35.18 22.88
CA ASN I 246 25.74 34.74 21.55
C ASN I 246 27.28 34.72 21.56
N LEU I 247 27.88 34.07 22.56
CA LEU I 247 29.35 33.98 22.75
C LEU I 247 30.01 33.31 21.53
N GLU I 248 29.41 32.22 21.03
CA GLU I 248 29.88 31.41 19.87
C GLU I 248 30.05 32.28 18.61
N SER I 249 29.32 33.41 18.52
CA SER I 249 29.31 34.34 17.37
C SER I 249 30.66 35.07 17.22
N TYR I 250 31.48 35.09 18.27
CA TYR I 250 32.71 35.93 18.33
C TYR I 250 33.93 35.02 18.24
N ASN I 251 35.07 35.62 17.90
CA ASN I 251 36.41 34.96 18.02
C ASN I 251 36.81 35.03 19.49
N LEU I 252 36.69 33.93 20.22
CA LEU I 252 36.87 33.88 21.69
C LEU I 252 38.35 34.06 22.07
N VAL I 253 39.31 33.53 21.32
CA VAL I 253 40.76 33.79 21.60
C VAL I 253 40.95 35.31 21.62
N SER I 254 40.42 35.98 20.58
CA SER I 254 40.44 37.45 20.39
C SER I 254 39.79 38.18 21.58
N GLU I 255 38.52 37.91 21.84
CA GLU I 255 37.71 38.66 22.84
C GLU I 255 38.29 38.49 24.25
N LEU I 256 38.76 37.29 24.60
CA LEU I 256 39.24 36.93 25.96
C LEU I 256 40.68 37.44 26.22
N SER I 257 41.41 37.86 25.17
CA SER I 257 42.81 38.32 25.28
C SER I 257 42.89 39.61 26.11
N LEU I 258 43.71 39.61 27.16
CA LEU I 258 43.92 40.75 28.10
C LEU I 258 44.59 41.93 27.37
N THR I 259 45.38 41.65 26.32
CA THR I 259 46.23 42.67 25.64
C THR I 259 45.58 43.16 24.36
N ASN I 260 44.54 42.49 23.85
CA ASN I 260 43.77 42.89 22.63
C ASN I 260 43.03 44.20 22.91
N GLU I 261 42.95 45.07 21.90
CA GLU I 261 42.20 46.36 21.94
C GLU I 261 41.26 46.46 20.74
N GLN I 262 41.18 45.42 19.91
CA GLN I 262 40.45 45.42 18.62
C GLN I 262 39.46 44.24 18.59
N GLY I 263 38.98 43.82 19.76
CA GLY I 263 37.83 42.90 19.86
C GLY I 263 36.55 43.56 19.36
N SER I 264 35.54 42.76 19.01
CA SER I 264 34.20 43.22 18.54
C SER I 264 33.24 43.30 19.74
N LEU I 265 33.11 42.22 20.50
CA LEU I 265 32.31 42.19 21.76
C LEU I 265 33.01 43.06 22.80
N VAL I 266 34.29 42.81 23.05
CA VAL I 266 35.09 43.46 24.13
C VAL I 266 35.73 44.73 23.56
N ARG I 267 35.21 45.89 23.94
CA ARG I 267 35.76 47.23 23.59
C ARG I 267 36.49 47.74 24.82
N PRO I 268 37.73 48.23 24.69
CA PRO I 268 38.51 48.64 25.86
C PRO I 268 37.85 49.79 26.64
N VAL I 269 37.92 49.72 27.97
CA VAL I 269 37.70 50.90 28.85
C VAL I 269 39.00 51.12 29.62
N TYR I 270 39.56 52.32 29.43
CA TYR I 270 40.89 52.75 29.89
C TYR I 270 40.76 53.35 31.29
N CYS I 271 41.35 52.67 32.27
CA CYS I 271 41.44 53.12 33.68
C CYS I 271 42.66 54.04 33.81
N ALA I 272 42.63 54.95 34.80
CA ALA I 272 43.75 55.82 35.19
C ALA I 272 44.96 54.94 35.56
N ALA I 273 46.15 55.31 35.09
CA ALA I 273 47.43 54.61 35.40
C ALA I 273 47.97 55.10 36.75
N MET I 294 62.96 25.20 29.88
CA MET I 294 62.00 24.76 28.88
C MET I 294 61.14 23.60 29.40
N LEU I 295 60.04 23.35 28.70
CA LEU I 295 59.09 22.32 29.11
C LEU I 295 59.64 20.93 28.79
N HIS I 296 58.89 19.90 29.20
CA HIS I 296 59.32 18.53 28.97
C HIS I 296 59.22 18.14 27.51
N ASP I 297 58.13 18.59 26.83
CA ASP I 297 57.67 18.25 25.49
C ASP I 297 57.97 16.80 25.09
N PRO I 298 57.45 15.81 25.82
CA PRO I 298 57.83 14.41 25.53
C PRO I 298 57.14 13.82 24.31
N GLU I 299 56.08 14.46 23.82
CA GLU I 299 55.32 14.04 22.64
C GLU I 299 54.73 12.64 22.80
N ALA I 300 54.42 12.27 24.05
CA ALA I 300 53.76 11.00 24.40
C ALA I 300 54.53 9.77 23.89
N ARG I 301 55.86 9.83 23.95
CA ARG I 301 56.69 8.70 23.57
C ARG I 301 57.76 8.35 24.59
N TYR I 302 58.16 9.27 25.45
CA TYR I 302 59.13 8.99 26.51
C TYR I 302 58.56 9.32 27.89
N LEU I 303 57.24 9.45 28.02
CA LEU I 303 56.64 9.61 29.34
C LEU I 303 56.83 8.38 30.21
N HIS I 304 56.99 7.20 29.61
CA HIS I 304 57.10 5.94 30.34
C HIS I 304 58.29 5.95 31.28
N LYS I 305 59.41 6.52 30.83
CA LYS I 305 60.57 6.68 31.70
C LYS I 305 60.24 7.58 32.88
N ILE I 306 59.42 8.61 32.66
CA ILE I 306 59.07 9.51 33.76
C ILE I 306 58.16 8.81 34.77
N LEU I 307 57.16 8.04 34.29
CA LEU I 307 56.32 7.33 35.24
C LEU I 307 57.05 6.18 35.92
N ASN I 308 58.11 5.65 35.31
CA ASN I 308 58.85 4.56 35.93
C ASN I 308 60.09 5.00 36.70
N LEU I 309 60.45 6.27 36.65
CA LEU I 309 61.61 6.77 37.38
C LEU I 309 61.25 7.36 38.75
N LEU I 310 59.98 7.64 38.99
CA LEU I 310 59.55 8.16 40.29
C LEU I 310 59.33 7.08 41.36
N PRO I 311 58.60 5.98 41.14
CA PRO I 311 58.34 5.06 42.26
C PRO I 311 59.43 4.04 42.54
N PRO I 312 60.68 4.18 42.06
CA PRO I 312 61.77 3.57 42.81
C PRO I 312 61.89 4.15 44.21
N GLU I 313 62.25 3.27 45.16
CA GLU I 313 62.71 3.66 46.48
C GLU I 313 64.21 3.92 46.48
N TYR I 314 64.78 4.27 45.33
CA TYR I 314 66.21 4.48 45.14
C TYR I 314 66.55 5.96 45.27
N TYR I 315 65.90 6.63 46.22
CA TYR I 315 66.06 8.07 46.40
C TYR I 315 67.49 8.43 46.80
N VAL I 316 68.22 7.50 47.41
CA VAL I 316 69.63 7.68 47.72
C VAL I 316 70.44 6.79 46.77
N GLU I 317 71.44 7.40 46.13
CA GLU I 317 72.31 6.70 45.17
C GLU I 317 73.76 7.06 45.49
N TYR I 318 74.41 6.24 46.32
CA TYR I 318 75.83 6.47 46.56
C TYR I 318 76.68 5.89 45.43
N PRO I 319 76.46 4.62 44.95
CA PRO I 319 77.16 4.24 43.71
C PRO I 319 76.29 4.31 42.45
N LEU I 320 74.99 4.54 42.62
CA LEU I 320 74.02 4.38 41.54
C LEU I 320 73.69 5.68 40.83
N TRP I 321 74.42 6.76 41.13
CA TRP I 321 74.22 8.01 40.40
C TRP I 321 74.66 7.86 38.94
N SER I 322 75.70 7.07 38.70
CA SER I 322 76.27 6.97 37.36
C SER I 322 75.54 5.94 36.50
N ASN I 323 75.11 4.82 37.11
CA ASN I 323 74.53 3.72 36.34
C ASN I 323 73.27 4.14 35.60
N VAL I 324 72.42 4.92 36.26
CA VAL I 324 71.19 5.39 35.65
C VAL I 324 71.50 6.33 34.48
N VAL I 325 72.55 7.15 34.60
CA VAL I 325 72.78 8.11 33.53
C VAL I 325 73.47 7.44 32.33
N PHE I 326 74.33 6.43 32.51
CA PHE I 326 74.70 5.71 31.29
C PHE I 326 73.57 4.84 30.76
N ALA I 327 72.62 4.45 31.63
CA ALA I 327 71.48 3.66 31.15
C ALA I 327 70.57 4.49 30.24
N LEU I 328 70.31 5.74 30.61
CA LEU I 328 69.50 6.61 29.77
C LEU I 328 70.31 7.63 28.98
N ALA I 329 71.61 7.38 28.81
CA ALA I 329 72.42 8.20 27.90
C ALA I 329 72.00 8.02 26.44
N ASN I 330 71.27 6.95 26.11
CA ASN I 330 70.74 6.79 24.77
C ASN I 330 69.68 7.84 24.44
N THR I 331 69.06 8.45 25.45
CA THR I 331 68.17 9.58 25.22
C THR I 331 68.95 10.79 24.75
N SER I 332 68.43 11.45 23.71
CA SER I 332 69.10 12.62 23.17
C SER I 332 69.05 13.82 24.11
N ALA I 333 68.04 13.89 24.98
CA ALA I 333 67.91 15.00 25.90
C ALA I 333 67.93 14.51 27.35
N ASN I 334 68.92 13.67 27.68
CA ASN I 334 68.96 12.98 28.97
C ASN I 334 69.16 13.92 30.17
N TYR I 335 69.59 15.16 29.92
CA TYR I 335 69.82 16.10 31.02
C TYR I 335 68.53 16.45 31.73
N ARG I 336 67.42 16.55 30.99
CA ARG I 336 66.13 16.85 31.64
C ARG I 336 65.66 15.72 32.55
N PRO I 337 65.67 14.43 32.15
CA PRO I 337 65.40 13.39 33.16
C PRO I 337 66.43 13.33 34.27
N LEU I 338 67.71 13.66 33.99
CA LEU I 338 68.73 13.67 35.03
C LEU I 338 68.39 14.69 36.12
N ALA I 339 68.03 15.90 35.70
CA ALA I 339 67.60 16.92 36.65
C ALA I 339 66.24 16.61 37.26
N GLU I 340 65.40 15.84 36.55
CA GLU I 340 64.10 15.47 37.12
C GLU I 340 64.24 14.45 38.23
N TRP I 341 65.18 13.51 38.10
CA TRP I 341 65.26 12.41 39.05
C TRP I 341 66.33 12.58 40.12
N PHE I 342 67.43 13.28 39.83
CA PHE I 342 68.51 13.36 40.81
C PHE I 342 68.56 14.67 41.58
N SER I 343 67.63 15.60 41.31
CA SER I 343 67.51 16.82 42.10
C SER I 343 66.50 16.67 43.22
N GLN I 344 66.36 15.44 43.73
CA GLN I 344 65.38 15.09 44.75
C GLN I 344 65.73 15.72 46.10
N THR I 352 65.33 11.57 51.38
CA THR I 352 65.32 13.03 51.24
C THR I 352 66.72 13.54 50.91
N GLY I 353 66.83 14.87 50.74
CA GLY I 353 68.10 15.48 50.43
C GLY I 353 68.19 15.95 48.99
N GLY I 354 69.14 15.40 48.23
CA GLY I 354 69.33 15.78 46.85
C GLY I 354 70.08 17.09 46.71
N LYS I 355 69.40 18.19 47.01
CA LYS I 355 69.99 19.54 47.03
C LYS I 355 70.58 19.91 45.67
N GLU I 356 69.73 19.87 44.63
CA GLU I 356 70.10 20.16 43.25
C GLU I 356 71.25 19.27 42.79
N LYS I 357 71.08 17.96 43.00
CA LYS I 357 72.09 16.92 42.70
C LYS I 357 73.40 17.15 43.43
N LEU I 358 73.33 17.83 44.59
CA LEU I 358 74.49 18.28 45.36
C LEU I 358 75.44 19.14 44.53
N GLU I 359 74.89 19.86 43.54
CA GLU I 359 75.62 20.81 42.69
C GLU I 359 76.79 20.14 41.96
N LYS I 360 76.49 19.05 41.25
CA LYS I 360 77.47 18.38 40.40
C LYS I 360 77.22 18.57 38.92
N LEU I 361 75.94 18.51 38.49
CA LEU I 361 75.53 18.67 37.10
C LEU I 361 76.22 17.65 36.19
N TRP I 362 75.96 16.37 36.50
CA TRP I 362 76.60 15.21 35.85
C TRP I 362 78.12 15.32 35.94
N ASN I 363 78.60 15.75 37.12
CA ASN I 363 80.02 16.05 37.37
C ASN I 363 80.58 16.99 36.30
N ASP I 364 79.83 18.05 36.04
CA ASP I 364 80.09 19.03 34.97
C ASP I 364 80.16 18.34 33.60
N ALA I 365 79.05 17.69 33.25
CA ALA I 365 78.80 17.12 31.91
C ALA I 365 79.85 16.09 31.53
N SER I 366 79.82 14.97 32.25
CA SER I 366 80.79 13.90 32.06
C SER I 366 80.70 13.28 30.67
N HIS I 367 81.84 12.78 30.20
CA HIS I 367 81.97 12.22 28.86
C HIS I 367 81.30 10.85 28.83
N HIS I 368 80.63 10.54 27.72
CA HIS I 368 80.01 9.24 27.51
C HIS I 368 81.08 8.13 27.45
N THR I 369 80.59 6.89 27.32
CA THR I 369 81.45 5.71 27.36
C THR I 369 80.99 4.75 26.27
N GLU I 370 81.46 3.51 26.36
CA GLU I 370 81.12 2.46 25.39
C GLU I 370 79.72 1.92 25.71
N LYS I 371 79.38 0.78 25.10
CA LYS I 371 78.05 0.19 25.27
C LYS I 371 77.93 -0.34 26.70
N LYS I 372 77.36 0.48 27.56
CA LYS I 372 77.06 0.12 28.94
C LYS I 372 75.64 -0.41 29.01
N ILE I 373 75.10 -0.47 30.24
CA ILE I 373 73.74 -0.95 30.45
C ILE I 373 72.72 -0.04 29.77
N THR I 374 71.52 -0.58 29.59
CA THR I 374 70.45 0.05 28.82
C THR I 374 69.26 0.35 29.74
N LYS I 375 68.13 0.70 29.13
CA LYS I 375 66.91 1.00 29.88
C LYS I 375 66.37 -0.20 30.64
N ARG I 376 66.82 -1.41 30.32
CA ARG I 376 66.43 -2.59 31.07
C ARG I 376 66.91 -2.55 32.52
N SER I 377 67.93 -1.74 32.83
CA SER I 377 68.35 -1.59 34.22
C SER I 377 67.29 -0.88 35.05
N ILE I 378 66.77 0.25 34.56
CA ILE I 378 65.67 0.92 35.26
C ILE I 378 64.40 0.08 35.17
N MET I 379 64.27 -0.70 34.10
CA MET I 379 63.13 -1.62 33.98
C MET I 379 63.15 -2.66 35.10
N TYR I 380 64.35 -3.16 35.42
CA TYR I 380 64.53 -4.16 36.47
C TYR I 380 64.53 -3.54 37.86
N TRP I 381 64.91 -2.27 38.00
CA TRP I 381 65.05 -1.68 39.33
C TRP I 381 63.72 -1.41 40.03
N ALA I 382 62.60 -1.65 39.36
CA ALA I 382 61.30 -1.76 39.98
C ALA I 382 61.02 -3.24 40.29
N HIS I 383 59.75 -3.59 40.51
CA HIS I 383 59.23 -4.96 40.46
C HIS I 383 59.65 -5.82 41.65
N LYS I 384 60.53 -5.32 42.49
CA LYS I 384 60.82 -5.95 43.78
C LYS I 384 60.97 -4.97 44.92
N HIS I 385 61.13 -3.67 44.62
CA HIS I 385 61.13 -2.61 45.62
C HIS I 385 59.78 -1.91 45.72
N ALA I 386 59.16 -1.60 44.58
CA ALA I 386 57.77 -1.14 44.53
C ALA I 386 57.08 -1.84 43.38
N PRO I 387 56.66 -3.09 43.57
CA PRO I 387 56.13 -3.87 42.45
C PRO I 387 54.70 -3.52 42.06
N GLN I 388 53.88 -3.07 43.02
CA GLN I 388 52.47 -2.85 42.74
C GLN I 388 52.25 -1.67 41.80
N GLN I 389 52.87 -0.53 42.12
CA GLN I 389 52.71 0.66 41.27
C GLN I 389 53.38 0.46 39.92
N TYR I 390 54.52 -0.23 39.90
CA TYR I 390 55.20 -0.55 38.65
C TYR I 390 54.32 -1.44 37.77
N LYS I 391 53.71 -2.46 38.37
CA LYS I 391 52.82 -3.33 37.62
C LYS I 391 51.61 -2.56 37.11
N GLU I 392 51.08 -1.65 37.92
CA GLU I 392 49.94 -0.84 37.50
C GLU I 392 50.29 0.05 36.30
N ILE I 393 51.46 0.70 36.34
CA ILE I 393 51.80 1.60 35.23
C ILE I 393 52.17 0.82 33.98
N VAL I 394 52.76 -0.38 34.12
CA VAL I 394 53.06 -1.19 32.94
C VAL I 394 51.77 -1.74 32.33
N GLU I 395 50.81 -2.16 33.16
CA GLU I 395 49.51 -2.58 32.64
C GLU I 395 48.79 -1.43 31.95
N GLN I 396 48.88 -0.21 32.52
CA GLN I 396 48.23 0.94 31.91
C GLN I 396 48.87 1.30 30.57
N GLY I 397 50.20 1.24 30.48
CA GLY I 397 50.86 1.48 29.21
C GLY I 397 50.53 0.40 28.18
N TYR I 398 50.41 -0.85 28.63
CA TYR I 398 50.04 -1.96 27.77
C TYR I 398 48.67 -1.72 27.15
N PHE I 399 47.70 -1.39 28.00
CA PHE I 399 46.35 -1.07 27.57
C PHE I 399 46.32 0.18 26.71
N SER I 400 47.20 1.15 26.98
CA SER I 400 47.23 2.37 26.18
C SER I 400 47.71 2.09 24.77
N ILE I 401 48.76 1.29 24.62
CA ILE I 401 49.26 0.93 23.29
C ILE I 401 48.20 0.15 22.53
N LEU I 402 47.56 -0.83 23.19
CA LEU I 402 46.54 -1.61 22.49
C LEU I 402 45.31 -0.78 22.18
N ALA I 403 44.95 0.17 23.03
CA ALA I 403 43.78 1.02 22.77
C ALA I 403 44.05 1.97 21.61
N GLU I 404 45.27 2.51 21.54
CA GLU I 404 45.64 3.33 20.38
C GLU I 404 45.59 2.51 19.10
N TYR I 405 46.04 1.26 19.15
CA TYR I 405 46.07 0.45 17.94
C TYR I 405 44.68 -0.05 17.53
N VAL I 406 43.75 -0.20 18.49
CA VAL I 406 42.39 -0.55 18.14
C VAL I 406 41.49 0.67 17.93
N TYR I 407 41.99 1.87 18.19
CA TYR I 407 41.23 3.08 17.88
C TYR I 407 41.64 3.74 16.58
N SER I 408 42.93 3.70 16.24
CA SER I 408 43.36 4.22 14.94
C SER I 408 42.79 3.41 13.79
N TYR I 409 42.82 2.09 13.93
CA TYR I 409 42.17 1.17 12.99
C TYR I 409 41.03 0.51 13.73
N ASN I 410 39.87 0.39 13.06
CA ASN I 410 38.59 0.32 13.74
C ASN I 410 38.48 -0.90 14.65
N GLY I 411 38.45 -2.09 14.08
CA GLY I 411 38.37 -3.26 14.92
C GLY I 411 39.40 -4.33 14.65
N MET I 412 39.97 -4.32 13.45
CA MET I 412 40.84 -5.42 13.05
C MET I 412 42.25 -5.20 13.58
N LEU I 413 42.85 -6.29 14.06
CA LEU I 413 44.21 -6.33 14.56
C LEU I 413 45.00 -7.35 13.77
N GLU I 414 46.25 -7.03 13.48
CA GLU I 414 47.07 -7.80 12.56
C GLU I 414 48.46 -7.92 13.17
N HIS I 415 49.42 -8.37 12.36
CA HIS I 415 50.65 -8.95 12.90
C HIS I 415 51.53 -7.92 13.61
N TYR I 416 51.72 -6.73 13.03
CA TYR I 416 52.74 -5.83 13.54
C TYR I 416 52.36 -5.21 14.88
N MET I 417 51.09 -4.84 15.08
CA MET I 417 50.74 -4.26 16.38
C MET I 417 50.72 -5.28 17.51
N ILE I 418 50.35 -6.54 17.22
CA ILE I 418 50.54 -7.60 18.21
C ILE I 418 52.02 -7.77 18.52
N ALA I 419 52.88 -7.69 17.48
CA ALA I 419 54.32 -7.74 17.69
C ALA I 419 54.81 -6.57 18.53
N LYS I 420 54.23 -5.38 18.33
CA LYS I 420 54.65 -4.20 19.07
C LYS I 420 54.27 -4.31 20.55
N VAL I 421 53.06 -4.78 20.85
CA VAL I 421 52.68 -4.98 22.24
C VAL I 421 53.50 -6.10 22.87
N ILE I 422 53.85 -7.13 22.09
CA ILE I 422 54.70 -8.21 22.60
C ILE I 422 56.09 -7.68 22.93
N TYR I 423 56.64 -6.82 22.08
CA TYR I 423 57.95 -6.22 22.35
C TYR I 423 57.90 -5.33 23.58
N ALA I 424 56.82 -4.57 23.75
CA ALA I 424 56.61 -3.84 25.00
C ALA I 424 56.43 -4.78 26.18
N MET I 425 56.00 -6.01 25.92
CA MET I 425 55.69 -6.97 26.99
C MET I 425 56.95 -7.63 27.55
N MET I 426 57.81 -8.14 26.67
CA MET I 426 59.05 -8.78 27.12
C MET I 426 60.25 -8.31 26.29
N GLY I 427 60.42 -7.00 26.19
CA GLY I 427 61.65 -6.47 25.62
C GLY I 427 62.88 -6.77 26.44
N ASN I 428 62.71 -7.16 27.71
CA ASN I 428 63.80 -7.50 28.62
C ASN I 428 63.87 -9.00 28.89
N LYS I 429 63.31 -9.83 28.03
CA LYS I 429 63.37 -11.27 28.25
C LYS I 429 63.84 -12.01 27.00
N PHE I 430 63.53 -11.49 25.82
CA PHE I 430 63.87 -12.13 24.56
C PHE I 430 64.69 -11.17 23.70
N VAL I 431 65.70 -11.72 23.01
CA VAL I 431 66.39 -11.03 21.93
C VAL I 431 66.46 -11.98 20.74
N VAL I 432 66.82 -11.44 19.59
CA VAL I 432 66.97 -12.22 18.38
C VAL I 432 68.11 -11.62 17.57
N ASP I 433 68.92 -12.47 16.95
CA ASP I 433 70.03 -11.96 16.15
C ASP I 433 70.32 -12.93 15.00
N VAL I 434 71.00 -12.41 13.99
CA VAL I 434 71.48 -13.23 12.87
C VAL I 434 72.95 -13.58 13.13
N ASP I 435 73.26 -14.88 13.06
CA ASP I 435 74.59 -15.35 13.44
C ASP I 435 75.47 -15.69 12.25
N SER I 436 75.13 -16.73 11.48
CA SER I 436 76.02 -17.19 10.43
C SER I 436 75.36 -17.25 9.06
N ASN I 437 74.23 -17.96 8.96
CA ASN I 437 73.67 -18.40 7.69
C ASN I 437 72.50 -17.55 7.24
N GLY I 438 72.35 -16.35 7.78
CA GLY I 438 71.24 -15.50 7.41
C GLY I 438 69.95 -15.77 8.15
N LYS I 439 69.94 -16.73 9.07
CA LYS I 439 68.74 -17.06 9.84
C LYS I 439 68.75 -16.32 11.17
N TYR I 440 67.56 -16.11 11.71
CA TYR I 440 67.38 -15.39 12.97
C TYR I 440 67.24 -16.41 14.09
N VAL I 441 68.13 -16.34 15.07
CA VAL I 441 68.07 -17.20 16.24
C VAL I 441 67.60 -16.38 17.44
N TRP I 442 66.73 -16.98 18.24
CA TRP I 442 66.16 -16.35 19.42
C TRP I 442 66.92 -16.76 20.66
N PHE I 443 67.15 -15.80 21.55
CA PHE I 443 67.74 -16.05 22.86
C PHE I 443 66.77 -15.61 23.92
N GLU I 444 66.50 -16.50 24.87
CA GLU I 444 65.52 -16.28 25.92
C GLU I 444 66.23 -16.19 27.26
N PHE I 445 65.94 -15.14 28.02
CA PHE I 445 66.39 -15.03 29.39
C PHE I 445 65.51 -15.89 30.28
N VAL I 446 66.14 -16.59 31.23
CA VAL I 446 65.43 -17.55 32.06
C VAL I 446 65.27 -16.98 33.47
N LEU I 447 64.28 -17.50 34.17
CA LEU I 447 63.90 -17.12 35.52
C LEU I 447 63.82 -18.38 36.37
N PRO I 448 63.88 -18.25 37.70
CA PRO I 448 63.70 -19.43 38.56
C PRO I 448 62.38 -20.17 38.36
N GLY I 449 61.30 -19.47 38.06
CA GLY I 449 60.04 -20.12 37.78
C GLY I 449 59.91 -20.55 36.34
N GLN I 450 60.77 -21.47 35.90
CA GLN I 450 60.83 -21.89 34.51
C GLN I 450 61.55 -23.22 34.42
N PRO I 451 61.14 -24.13 33.54
CA PRO I 451 61.89 -25.38 33.39
C PRO I 451 63.22 -25.17 32.68
N MET I 452 64.31 -25.24 33.44
CA MET I 452 65.64 -25.06 32.91
C MET I 452 66.25 -26.42 32.61
N ASN I 453 67.52 -26.44 32.20
CA ASN I 453 68.18 -27.72 31.91
C ASN I 453 68.87 -28.26 33.16
N GLN I 454 69.91 -27.59 33.62
CA GLN I 454 70.39 -27.83 34.98
C GLN I 454 70.69 -26.48 35.62
N GLY I 455 71.29 -25.58 34.85
CA GLY I 455 71.92 -24.42 35.45
C GLY I 455 71.79 -23.13 34.66
N GLU I 456 71.05 -23.17 33.56
CA GLU I 456 70.69 -21.92 32.90
C GLU I 456 69.63 -21.24 33.74
N ILE I 457 70.05 -20.34 34.64
CA ILE I 457 69.15 -19.72 35.60
C ILE I 457 69.04 -18.21 35.39
N TRP I 458 70.16 -17.55 35.09
CA TRP I 458 70.13 -16.14 34.71
C TRP I 458 70.98 -15.91 33.46
N LYS I 459 70.82 -16.76 32.45
CA LYS I 459 71.60 -16.68 31.23
C LYS I 459 70.70 -16.86 30.02
N TRP I 460 71.14 -16.30 28.90
CA TRP I 460 70.39 -16.42 27.65
C TRP I 460 70.57 -17.83 27.08
N ARG I 461 69.46 -18.50 26.78
CA ARG I 461 69.48 -19.80 26.14
C ARG I 461 68.98 -19.68 24.71
N LYS I 462 69.53 -20.51 23.82
CA LYS I 462 69.20 -20.46 22.41
C LYS I 462 67.97 -21.32 22.14
N GLU I 463 66.96 -20.72 21.53
CA GLU I 463 65.73 -21.41 21.16
C GLU I 463 65.60 -21.44 19.66
N VAL I 464 65.35 -22.63 19.10
CA VAL I 464 65.08 -22.73 17.67
C VAL I 464 63.75 -22.05 17.34
N ASN I 465 62.76 -22.20 18.21
CA ASN I 465 61.52 -21.45 18.13
C ASN I 465 61.17 -20.91 19.51
N PRO I 466 60.70 -19.67 19.60
CA PRO I 466 60.32 -19.12 20.92
C PRO I 466 58.99 -19.70 21.40
N ASP I 467 59.09 -20.88 22.02
CA ASP I 467 57.91 -21.60 22.49
C ASP I 467 57.21 -20.82 23.59
N GLU I 468 57.98 -20.23 24.49
CA GLU I 468 57.42 -19.42 25.56
C GLU I 468 56.70 -18.20 24.99
N LEU I 469 57.23 -17.63 23.91
CA LEU I 469 56.58 -16.48 23.30
C LEU I 469 55.26 -16.86 22.64
N HIS I 470 55.20 -18.02 21.98
CA HIS I 470 53.94 -18.50 21.43
C HIS I 470 52.91 -18.74 22.53
N ILE I 471 53.35 -19.37 23.63
CA ILE I 471 52.48 -19.61 24.77
C ILE I 471 51.98 -18.30 25.36
N TYR I 472 52.85 -17.30 25.43
CA TYR I 472 52.49 -16.03 26.06
C TYR I 472 51.56 -15.23 25.16
N ILE I 473 51.73 -15.34 23.84
CA ILE I 473 50.80 -14.72 22.90
C ILE I 473 49.43 -15.37 23.02
N SER I 474 49.39 -16.70 23.17
CA SER I 474 48.11 -17.38 23.22
C SER I 474 47.36 -17.12 24.52
N GLU I 475 48.04 -17.17 25.66
CA GLU I 475 47.36 -17.08 26.94
C GLU I 475 47.40 -15.69 27.56
N ASN I 476 48.60 -15.14 27.77
CA ASN I 476 48.72 -13.92 28.56
C ASN I 476 48.25 -12.68 27.80
N PHE I 477 48.32 -12.70 26.47
CA PHE I 477 47.79 -11.60 25.69
C PHE I 477 46.27 -11.57 25.73
N SER I 478 45.62 -12.71 25.99
CA SER I 478 44.17 -12.76 26.08
C SER I 478 43.64 -11.95 27.25
N ARG I 479 44.45 -11.77 28.31
CA ARG I 479 44.05 -10.90 29.40
C ARG I 479 43.92 -9.45 28.94
N VAL I 480 44.88 -8.97 28.15
CA VAL I 480 44.80 -7.61 27.63
C VAL I 480 43.69 -7.49 26.59
N MET I 481 43.46 -8.55 25.81
CA MET I 481 42.33 -8.56 24.89
C MET I 481 41.00 -8.44 25.64
N ASP I 482 40.86 -9.15 26.75
CA ASP I 482 39.66 -9.03 27.57
C ASP I 482 39.58 -7.67 28.25
N ARG I 483 40.71 -7.05 28.57
CA ARG I 483 40.71 -5.69 29.09
C ARG I 483 40.17 -4.71 28.05
N ILE I 484 40.62 -4.86 26.80
CA ILE I 484 40.12 -4.03 25.70
C ILE I 484 38.62 -4.25 25.51
N THR I 485 38.18 -5.52 25.55
CA THR I 485 36.76 -5.83 25.40
C THR I 485 35.93 -5.26 26.53
N GLU I 486 36.44 -5.31 27.76
CA GLU I 486 35.74 -4.74 28.89
C GLU I 486 35.65 -3.22 28.78
N HIS I 487 36.71 -2.58 28.31
CA HIS I 487 36.67 -1.14 28.09
C HIS I 487 35.65 -0.77 27.01
N ILE I 488 35.59 -1.55 25.93
CA ILE I 488 34.62 -1.31 24.88
C ILE I 488 33.19 -1.49 25.38
N LYS I 489 32.95 -2.55 26.16
CA LYS I 489 31.62 -2.78 26.70
C LYS I 489 31.23 -1.73 27.74
N TYR I 490 32.21 -1.19 28.47
CA TYR I 490 31.92 -0.09 29.38
C TYR I 490 31.57 1.18 28.62
N HIS I 491 32.28 1.44 27.52
CA HIS I 491 31.96 2.62 26.70
C HIS I 491 30.63 2.46 25.98
N LEU I 492 30.22 1.22 25.71
CA LEU I 492 28.94 0.99 25.05
C LEU I 492 27.77 1.36 25.96
N SER I 493 27.87 1.05 27.24
CA SER I 493 26.79 1.33 28.19
C SER I 493 26.98 2.70 28.84
N GLN I 494 27.00 3.72 27.98
CA GLN I 494 27.13 5.10 28.40
C GLN I 494 26.09 5.96 27.69
N PRO I 495 25.57 7.00 28.35
CA PRO I 495 24.49 7.80 27.74
C PRO I 495 24.94 8.89 26.79
N HIS I 496 25.20 8.51 25.55
CA HIS I 496 25.34 9.46 24.45
C HIS I 496 24.51 9.01 23.26
N GLU I 497 24.56 9.74 22.16
CA GLU I 497 23.60 9.53 21.08
C GLU I 497 23.91 8.24 20.30
N SER I 498 22.93 7.81 19.51
CA SER I 498 22.94 6.48 18.91
C SER I 498 24.01 6.30 17.84
N ASN I 499 24.58 7.39 17.32
CA ASN I 499 25.64 7.24 16.32
C ASN I 499 26.91 6.68 16.95
N ILE I 500 27.29 7.20 18.11
CA ILE I 500 28.44 6.65 18.83
C ILE I 500 28.13 5.24 19.33
N LEU I 501 26.87 4.96 19.66
CA LEU I 501 26.48 3.60 20.02
C LEU I 501 26.67 2.64 18.85
N ASN I 502 26.29 3.06 17.64
CA ASN I 502 26.46 2.20 16.48
C ASN I 502 27.94 2.04 16.12
N TYR I 503 28.72 3.12 16.26
CA TYR I 503 30.16 3.04 16.02
C TYR I 503 30.83 2.08 17.00
N TYR I 504 30.45 2.15 18.27
CA TYR I 504 31.01 1.22 19.26
C TYR I 504 30.53 -0.20 19.02
N LYS I 505 29.30 -0.38 18.53
CA LYS I 505 28.80 -1.71 18.22
C LYS I 505 29.59 -2.34 17.08
N LYS I 506 29.83 -1.59 16.00
CA LYS I 506 30.58 -2.17 14.90
C LYS I 506 32.06 -2.33 15.25
N LEU I 507 32.60 -1.43 16.09
CA LEU I 507 33.96 -1.60 16.59
C LEU I 507 34.09 -2.86 17.43
N LEU I 508 33.11 -3.11 18.31
CA LEU I 508 33.11 -4.32 19.12
C LEU I 508 32.97 -5.57 18.28
N LYS I 509 32.12 -5.52 17.25
CA LYS I 509 31.94 -6.68 16.37
C LYS I 509 33.23 -7.00 15.61
N ALA I 510 33.88 -5.97 15.05
CA ALA I 510 35.12 -6.21 14.32
C ALA I 510 36.25 -6.65 15.24
N PHE I 511 36.33 -6.07 16.44
CA PHE I 511 37.36 -6.49 17.39
C PHE I 511 37.10 -7.90 17.89
N GLU I 512 35.84 -8.28 18.07
CA GLU I 512 35.52 -9.65 18.45
C GLU I 512 35.88 -10.63 17.35
N ARG I 513 35.68 -10.23 16.09
CA ARG I 513 36.11 -11.06 14.96
C ARG I 513 37.62 -11.21 14.92
N SER I 514 38.35 -10.14 15.25
CA SER I 514 39.80 -10.19 15.23
C SER I 514 40.42 -10.74 16.52
N LYS I 515 39.62 -10.96 17.56
CA LYS I 515 40.15 -11.41 18.84
C LYS I 515 40.65 -12.84 18.78
N SER I 516 39.93 -13.72 18.09
CA SER I 516 40.31 -15.13 18.03
C SER I 516 41.51 -15.39 17.14
N LYS I 517 41.98 -14.38 16.40
CA LYS I 517 43.11 -14.56 15.51
C LYS I 517 44.42 -14.79 16.27
N ILE I 518 44.52 -14.34 17.51
CA ILE I 518 45.74 -14.54 18.29
C ILE I 518 45.95 -15.99 18.70
N PHE I 519 44.93 -16.84 18.55
CA PHE I 519 45.07 -18.26 18.76
C PHE I 519 45.40 -19.03 17.48
N ASN I 520 45.35 -18.36 16.33
CA ASN I 520 45.67 -19.00 15.06
C ASN I 520 47.17 -19.26 14.95
N ASP I 521 47.52 -20.38 14.32
CA ASP I 521 48.93 -20.74 14.18
C ASP I 521 49.63 -19.88 13.15
N SER I 522 48.99 -19.64 11.99
CA SER I 522 49.60 -18.82 10.96
C SER I 522 49.72 -17.37 11.40
N PHE I 523 48.70 -16.86 12.09
CA PHE I 523 48.76 -15.50 12.64
C PHE I 523 49.88 -15.37 13.65
N LYS I 524 50.06 -16.37 14.52
CA LYS I 524 51.12 -16.30 15.51
C LYS I 524 52.50 -16.42 14.86
N LYS I 525 52.61 -17.23 13.81
CA LYS I 525 53.87 -17.31 13.08
C LYS I 525 54.20 -15.98 12.41
N GLY I 526 53.19 -15.31 11.85
CA GLY I 526 53.41 -13.99 11.30
C GLY I 526 53.80 -12.97 12.35
N VAL I 527 53.19 -13.06 13.54
CA VAL I 527 53.53 -12.15 14.64
C VAL I 527 54.96 -12.38 15.09
N ILE I 528 55.40 -13.65 15.15
CA ILE I 528 56.78 -13.95 15.53
C ILE I 528 57.76 -13.44 14.48
N ARG I 529 57.48 -13.69 13.20
CA ARG I 529 58.38 -13.23 12.15
C ARG I 529 58.34 -11.71 11.99
N GLN I 530 57.31 -11.05 12.50
CA GLN I 530 57.27 -9.59 12.53
C GLN I 530 57.99 -9.02 13.74
N ALA I 531 57.90 -9.68 14.89
CA ALA I 531 58.61 -9.26 16.09
C ALA I 531 60.09 -9.60 16.02
N GLU I 532 60.51 -10.43 15.07
CA GLU I 532 61.93 -10.67 14.85
C GLU I 532 62.67 -9.38 14.47
N PHE I 533 61.97 -8.42 13.88
CA PHE I 533 62.56 -7.11 13.60
C PHE I 533 62.52 -6.17 14.79
N LEU I 534 61.71 -6.47 15.80
CA LEU I 534 61.56 -5.59 16.94
C LEU I 534 62.45 -5.99 18.11
N PHE I 535 62.65 -7.30 18.31
CA PHE I 535 63.53 -7.80 19.36
C PHE I 535 64.99 -7.81 18.94
N ARG I 536 65.32 -7.24 17.79
CA ARG I 536 66.67 -7.33 17.24
C ARG I 536 67.65 -6.55 18.11
N GLN I 537 68.83 -7.14 18.31
CA GLN I 537 69.88 -6.52 19.11
C GLN I 537 71.10 -6.15 18.29
N ARG I 538 71.55 -7.04 17.40
CA ARG I 538 72.58 -6.85 16.38
C ARG I 538 73.98 -6.66 16.96
N SER I 539 74.10 -6.60 18.29
CA SER I 539 75.38 -6.62 18.98
C SER I 539 75.42 -7.78 19.97
N PHE I 540 74.65 -8.82 19.71
CA PHE I 540 74.47 -9.94 20.64
C PHE I 540 75.34 -11.14 20.29
N ILE I 541 75.36 -11.55 19.02
CA ILE I 541 76.15 -12.73 18.63
C ILE I 541 77.64 -12.42 18.72
N GLN I 542 78.07 -11.28 18.18
CA GLN I 542 79.50 -10.97 18.17
C GLN I 542 80.01 -10.54 19.54
N THR I 543 79.13 -10.10 20.43
CA THR I 543 79.49 -9.89 21.84
C THR I 543 78.61 -10.81 22.67
N LEU I 544 79.03 -12.06 22.79
CA LEU I 544 78.32 -13.06 23.58
C LEU I 544 79.13 -13.50 24.78
N ASP I 545 80.33 -14.02 24.57
CA ASP I 545 81.21 -14.42 25.65
C ASP I 545 82.61 -13.85 25.45
N THR I 546 82.69 -12.66 24.84
CA THR I 546 83.98 -12.02 24.66
C THR I 546 84.53 -11.48 25.97
N ASN I 547 83.66 -11.20 26.94
CA ASN I 547 84.11 -10.73 28.23
C ASN I 547 84.75 -11.87 29.01
N PRO I 548 86.03 -11.77 29.38
CA PRO I 548 86.68 -12.88 30.09
C PRO I 548 86.37 -12.92 31.58
N HIS I 549 85.82 -11.86 32.15
CA HIS I 549 85.58 -11.78 33.58
C HIS I 549 84.18 -12.25 33.97
N LEU I 550 83.56 -13.09 33.15
CA LEU I 550 82.21 -13.60 33.42
C LEU I 550 82.18 -15.11 33.28
N LEU I 551 81.51 -15.77 34.21
CA LEU I 551 81.38 -17.21 34.23
C LEU I 551 79.91 -17.58 34.34
N GLY I 552 79.48 -18.55 33.53
CA GLY I 552 78.14 -19.07 33.66
C GLY I 552 78.10 -20.22 34.64
N VAL I 553 77.67 -19.95 35.87
CA VAL I 553 77.65 -20.95 36.93
C VAL I 553 76.20 -21.38 37.16
N GLY I 554 76.04 -22.47 37.91
CA GLY I 554 74.72 -22.99 38.23
C GLY I 554 73.89 -22.06 39.09
N ASN I 555 74.52 -21.15 39.83
CA ASN I 555 73.80 -20.12 40.57
C ASN I 555 73.49 -18.91 39.71
N GLY I 556 74.05 -18.80 38.51
CA GLY I 556 73.84 -17.62 37.71
C GLY I 556 75.10 -17.12 37.03
N VAL I 557 75.51 -15.89 37.32
CA VAL I 557 76.64 -15.25 36.68
C VAL I 557 77.67 -14.95 37.76
N LEU I 558 78.90 -15.38 37.53
CA LEU I 558 80.01 -15.08 38.43
C LEU I 558 80.92 -14.04 37.76
N SER I 559 81.10 -12.91 38.41
CA SER I 559 81.92 -11.83 37.88
C SER I 559 83.16 -11.67 38.74
N ILE I 560 84.33 -11.70 38.10
CA ILE I 560 85.60 -11.58 38.82
C ILE I 560 86.24 -10.24 38.48
N GLU I 561 85.43 -9.26 38.11
CA GLU I 561 85.93 -7.91 37.91
C GLU I 561 86.41 -7.30 39.22
N THR I 562 85.63 -7.49 40.29
CA THR I 562 85.97 -6.97 41.60
C THR I 562 86.90 -7.94 42.33
N ILE I 563 87.50 -7.43 43.42
CA ILE I 563 88.34 -8.29 44.26
C ILE I 563 87.55 -9.43 44.90
N PRO I 564 86.36 -9.22 45.48
CA PRO I 564 85.53 -10.38 45.83
C PRO I 564 84.67 -10.83 44.67
N ALA I 565 84.22 -12.08 44.76
CA ALA I 565 83.32 -12.63 43.76
C ALA I 565 81.96 -11.96 43.84
N LYS I 566 81.36 -11.73 42.68
CA LYS I 566 80.11 -10.96 42.63
C LYS I 566 78.88 -11.85 42.79
N LEU I 567 78.81 -12.93 41.99
CA LEU I 567 77.70 -13.89 41.99
C LEU I 567 76.37 -13.19 41.70
N ILE I 568 76.27 -12.70 40.46
CA ILE I 568 75.05 -12.05 40.00
C ILE I 568 73.91 -13.06 39.98
N ASN I 569 72.94 -12.86 40.87
CA ASN I 569 71.83 -13.78 41.06
C ASN I 569 70.50 -13.13 40.70
N HIS I 570 70.53 -12.13 39.81
CA HIS I 570 69.36 -11.36 39.45
C HIS I 570 69.43 -11.05 37.96
N PHE I 571 68.54 -10.18 37.50
CA PHE I 571 68.54 -9.78 36.10
C PHE I 571 69.76 -8.92 35.80
N HIS I 572 70.33 -9.11 34.61
CA HIS I 572 71.55 -8.42 34.22
C HIS I 572 71.56 -8.26 32.71
N GLU I 573 72.40 -7.33 32.24
CA GLU I 573 72.57 -7.08 30.82
C GLU I 573 73.80 -7.79 30.25
N HIS I 574 74.44 -8.65 31.02
CA HIS I 574 75.58 -9.39 30.53
C HIS I 574 75.10 -10.50 29.60
N PRO I 575 75.46 -10.47 28.32
CA PRO I 575 74.82 -11.34 27.32
C PRO I 575 75.56 -12.66 27.07
N ILE I 576 75.80 -13.42 28.13
CA ILE I 576 76.50 -14.69 27.95
C ILE I 576 75.50 -15.82 27.78
N HIS I 577 75.94 -16.87 27.09
CA HIS I 577 75.09 -18.00 26.74
C HIS I 577 75.58 -19.31 27.32
N GLN I 578 76.86 -19.63 27.17
CA GLN I 578 77.37 -20.89 27.69
C GLN I 578 77.50 -20.84 29.21
N TYR I 579 77.43 -22.00 29.84
CA TYR I 579 77.31 -22.09 31.28
C TYR I 579 78.05 -23.33 31.78
N THR I 580 78.12 -23.45 33.10
CA THR I 580 78.66 -24.63 33.75
C THR I 580 77.69 -25.08 34.83
N HIS I 581 77.33 -26.36 34.82
CA HIS I 581 76.27 -26.88 35.66
C HIS I 581 76.69 -27.22 37.08
N ILE I 582 78.00 -27.20 37.38
CA ILE I 582 78.49 -27.76 38.63
C ILE I 582 79.22 -26.74 39.50
N CYS I 583 79.46 -25.53 39.00
CA CYS I 583 80.25 -24.54 39.72
C CYS I 583 79.62 -24.13 41.05
N TYR I 584 78.46 -23.46 40.99
CA TYR I 584 77.54 -23.30 42.13
C TYR I 584 78.20 -22.63 43.35
N VAL I 585 79.09 -21.67 43.11
CA VAL I 585 80.00 -21.17 44.15
C VAL I 585 79.31 -20.36 45.24
N PRO I 586 79.26 -20.88 46.48
CA PRO I 586 78.78 -20.07 47.61
C PRO I 586 79.91 -19.42 48.39
N PHE I 587 80.78 -18.67 47.70
CA PHE I 587 82.02 -18.12 48.24
C PHE I 587 82.92 -19.23 48.78
N ASN I 588 83.91 -18.87 49.60
CA ASN I 588 84.88 -19.83 50.12
C ASN I 588 84.43 -20.31 51.49
N PRO I 589 84.02 -21.58 51.65
CA PRO I 589 83.60 -22.06 52.97
C PRO I 589 84.73 -22.67 53.76
N GLU I 590 84.42 -23.15 54.96
CA GLU I 590 85.35 -23.90 55.80
C GLU I 590 84.70 -25.18 56.32
N ASN I 591 83.83 -25.78 55.52
CA ASN I 591 83.12 -26.99 55.91
C ASN I 591 84.02 -28.21 55.72
N PRO I 592 83.41 -29.41 55.82
CA PRO I 592 84.19 -30.64 55.76
C PRO I 592 84.76 -30.90 54.38
N TRP I 593 83.99 -30.57 53.32
CA TRP I 593 84.41 -30.94 51.97
C TRP I 593 85.59 -30.10 51.50
N THR I 594 85.54 -28.78 51.73
CA THR I 594 86.66 -27.94 51.31
C THR I 594 87.91 -28.21 52.15
N LYS I 595 87.74 -28.55 53.44
CA LYS I 595 88.89 -28.92 54.26
C LYS I 595 89.50 -30.24 53.79
N LEU I 596 88.64 -31.20 53.41
CA LEU I 596 89.13 -32.45 52.86
C LEU I 596 89.88 -32.23 51.55
N LEU I 597 89.36 -31.34 50.70
CA LEU I 597 90.04 -31.03 49.44
C LEU I 597 91.37 -30.33 49.67
N LEU I 598 91.41 -29.42 50.66
CA LEU I 598 92.65 -28.74 50.98
C LEU I 598 93.69 -29.71 51.52
N ASN I 599 93.27 -30.67 52.35
CA ASN I 599 94.20 -31.68 52.84
C ASN I 599 94.54 -32.72 51.79
N ALA I 600 93.74 -32.82 50.72
CA ALA I 600 93.97 -33.85 49.70
C ALA I 600 94.85 -33.37 48.55
N LEU I 601 94.65 -32.14 48.07
CA LEU I 601 95.41 -31.71 46.89
C LEU I 601 96.86 -31.40 47.26
N GLN I 602 97.12 -31.00 48.51
CA GLN I 602 98.47 -30.77 48.97
C GLN I 602 98.72 -31.56 50.24
N ASP I 603 99.87 -31.31 50.89
CA ASP I 603 100.36 -31.99 52.10
C ASP I 603 100.73 -33.44 51.83
N ILE I 604 100.52 -33.91 50.61
CA ILE I 604 101.08 -35.18 50.18
C ILE I 604 102.43 -34.97 49.52
N ILE I 605 102.58 -33.85 48.81
CA ILE I 605 103.86 -33.48 48.20
C ILE I 605 104.65 -32.62 49.20
N PRO I 606 105.90 -32.97 49.49
CA PRO I 606 106.71 -32.12 50.36
C PRO I 606 107.14 -30.84 49.65
N GLU I 607 106.51 -29.73 50.00
CA GLU I 607 106.76 -28.45 49.35
C GLU I 607 107.64 -27.57 50.23
N LEU I 608 108.40 -26.69 49.57
CA LEU I 608 109.35 -25.83 50.26
C LEU I 608 108.74 -24.45 50.44
N ASP I 609 108.64 -24.02 51.71
CA ASP I 609 108.09 -22.71 52.09
C ASP I 609 106.68 -22.51 51.53
N ALA I 610 105.86 -23.55 51.66
CA ALA I 610 104.49 -23.62 51.11
C ALA I 610 104.50 -23.33 49.60
N ARG I 611 105.19 -24.19 48.87
CA ARG I 611 105.31 -24.04 47.42
C ARG I 611 103.98 -24.41 46.76
N LEU I 612 103.39 -23.45 46.06
CA LEU I 612 102.01 -23.56 45.61
C LEU I 612 101.82 -23.06 44.18
N TRP I 613 102.90 -22.89 43.43
CA TRP I 613 102.81 -22.37 42.06
C TRP I 613 102.08 -23.31 41.13
N ILE I 614 102.06 -24.62 41.42
CA ILE I 614 101.48 -25.60 40.50
C ILE I 614 99.99 -25.39 40.38
N MET I 615 99.29 -25.41 41.51
CA MET I 615 97.86 -25.13 41.52
C MET I 615 97.57 -23.66 41.29
N PHE I 616 98.56 -22.79 41.51
CA PHE I 616 98.42 -21.38 41.15
C PHE I 616 98.27 -21.23 39.64
N TYR I 617 99.05 -22.01 38.88
CA TYR I 617 98.85 -22.08 37.44
C TYR I 617 97.64 -22.91 37.06
N LEU I 618 97.24 -23.86 37.92
CA LEU I 618 95.96 -24.54 37.71
C LEU I 618 94.78 -23.62 37.98
N SER I 619 94.99 -22.49 38.63
CA SER I 619 94.02 -21.40 38.64
C SER I 619 94.13 -20.65 37.32
N THR I 620 93.46 -19.50 37.21
CA THR I 620 93.37 -18.66 36.01
C THR I 620 92.82 -19.41 34.81
N ALA I 621 92.21 -20.59 35.00
CA ALA I 621 91.49 -21.27 33.94
C ALA I 621 90.08 -20.73 33.78
N ILE I 622 89.64 -19.89 34.71
CA ILE I 622 88.36 -19.20 34.55
C ILE I 622 88.51 -17.98 33.66
N PHE I 623 89.75 -17.53 33.45
CA PHE I 623 89.99 -16.44 32.52
C PHE I 623 89.95 -16.96 31.09
N ARG I 624 89.24 -16.24 30.22
CA ARG I 624 89.03 -16.71 28.84
C ARG I 624 90.30 -16.63 28.01
N GLY I 625 90.82 -15.41 27.82
CA GLY I 625 92.00 -15.20 27.01
C GLY I 625 92.72 -13.95 27.43
N LEU I 626 93.73 -13.59 26.62
CA LEU I 626 94.60 -12.43 26.85
C LEU I 626 95.28 -12.50 28.22
N LYS I 627 96.09 -13.54 28.37
CA LYS I 627 96.83 -13.78 29.61
C LYS I 627 98.28 -14.13 29.28
N GLU I 628 99.02 -14.60 30.29
CA GLU I 628 100.37 -15.08 30.06
C GLU I 628 100.33 -16.37 29.25
N ALA I 629 101.47 -16.70 28.64
CA ALA I 629 101.56 -17.79 27.68
C ALA I 629 102.42 -18.95 28.20
N LEU I 630 102.24 -19.32 29.46
CA LEU I 630 103.01 -20.41 30.03
C LEU I 630 102.35 -21.76 29.73
N MET I 631 103.14 -22.82 29.86
CA MET I 631 102.67 -24.19 29.71
C MET I 631 103.33 -25.06 30.77
N LEU I 632 102.54 -25.93 31.39
CA LEU I 632 103.00 -26.79 32.47
C LEU I 632 103.06 -28.24 32.00
N LEU I 633 104.15 -28.92 32.33
CA LEU I 633 104.32 -30.35 32.06
C LEU I 633 104.29 -31.09 33.39
N TRP I 634 103.41 -32.08 33.49
CA TRP I 634 103.30 -32.87 34.71
C TRP I 634 103.41 -34.36 34.39
N LEU I 635 104.42 -34.74 33.61
CA LEU I 635 104.66 -36.16 33.34
C LEU I 635 105.65 -36.71 34.38
N GLY I 636 105.11 -36.91 35.57
CA GLY I 636 105.85 -37.50 36.68
C GLY I 636 104.96 -38.25 37.64
N GLY I 637 105.32 -39.49 37.95
CA GLY I 637 104.55 -40.31 38.87
C GLY I 637 103.68 -41.33 38.14
N GLY I 638 103.48 -42.48 38.79
CA GLY I 638 102.68 -43.53 38.21
C GLY I 638 101.27 -43.61 38.73
N CYS I 639 101.11 -43.60 40.05
CA CYS I 639 99.81 -43.70 40.70
C CYS I 639 99.56 -42.51 41.62
N ASN I 640 100.05 -41.34 41.21
CA ASN I 640 99.97 -40.12 41.99
C ASN I 640 98.60 -39.45 41.79
N GLY I 641 98.48 -38.20 42.21
CA GLY I 641 97.33 -37.36 41.86
C GLY I 641 97.53 -36.74 40.48
N LYS I 642 97.77 -37.59 39.50
CA LYS I 642 98.12 -37.14 38.14
C LYS I 642 96.87 -36.79 37.34
N THR I 643 96.03 -37.79 37.08
CA THR I 643 94.80 -37.54 36.35
C THR I 643 93.72 -36.97 37.25
N PHE I 644 93.86 -37.12 38.57
CA PHE I 644 92.82 -36.71 39.51
C PHE I 644 92.57 -35.22 39.45
N LEU I 645 93.63 -34.41 39.60
CA LEU I 645 93.46 -32.97 39.62
C LEU I 645 93.09 -32.43 38.23
N MET I 646 93.72 -32.95 37.18
CA MET I 646 93.39 -32.53 35.82
C MET I 646 91.93 -32.80 35.48
N ARG I 647 91.47 -34.03 35.68
CA ARG I 647 90.08 -34.35 35.39
C ARG I 647 89.12 -33.67 36.35
N LEU I 648 89.55 -33.32 37.56
CA LEU I 648 88.63 -32.67 38.47
C LEU I 648 88.44 -31.20 38.10
N VAL I 649 89.50 -30.52 37.65
CA VAL I 649 89.31 -29.17 37.10
C VAL I 649 88.53 -29.25 35.79
N ALA I 650 88.71 -30.33 35.01
CA ALA I 650 87.93 -30.51 33.80
C ALA I 650 86.44 -30.66 34.11
N MET I 651 86.10 -31.42 35.16
CA MET I 651 84.71 -31.58 35.55
C MET I 651 84.16 -30.35 36.25
N VAL I 652 85.03 -29.57 36.90
CA VAL I 652 84.59 -28.33 37.54
C VAL I 652 84.07 -27.34 36.49
N LEU I 653 84.75 -27.26 35.35
CA LEU I 653 84.27 -26.47 34.23
C LEU I 653 83.46 -27.36 33.30
N GLY I 654 82.99 -26.79 32.19
CA GLY I 654 82.17 -27.52 31.24
C GLY I 654 82.56 -27.19 29.82
N ASP I 655 81.58 -26.83 28.98
CA ASP I 655 81.91 -26.33 27.65
C ASP I 655 82.57 -24.97 27.68
N HIS I 656 82.56 -24.30 28.84
CA HIS I 656 83.35 -23.09 29.05
C HIS I 656 84.84 -23.36 28.85
N TYR I 657 85.42 -24.22 29.68
CA TYR I 657 86.86 -24.52 29.61
C TYR I 657 87.07 -26.01 29.80
N ALA I 658 87.00 -26.76 28.70
CA ALA I 658 87.39 -28.18 28.71
C ALA I 658 87.66 -28.61 27.28
N SER I 659 88.65 -29.49 27.11
CA SER I 659 89.02 -30.00 25.80
C SER I 659 89.86 -31.26 26.05
N LYS I 660 89.36 -32.41 25.57
CA LYS I 660 90.05 -33.67 25.86
C LYS I 660 91.42 -33.72 25.22
N LEU I 661 91.55 -33.22 23.99
CA LEU I 661 92.83 -32.90 23.33
C LEU I 661 93.80 -34.09 23.34
N ASN I 662 93.44 -35.10 22.56
CA ASN I 662 94.35 -36.21 22.32
C ASN I 662 95.69 -35.70 21.81
N ILE I 663 96.78 -36.26 22.36
CA ILE I 663 98.09 -35.67 22.17
C ILE I 663 98.58 -35.78 20.73
N SER I 664 97.93 -36.62 19.91
CA SER I 664 98.28 -36.75 18.50
C SER I 664 98.01 -35.46 17.71
N LEU I 665 97.27 -34.52 18.30
CA LEU I 665 97.20 -33.16 17.77
C LEU I 665 98.59 -32.53 17.74
N LEU I 666 99.40 -32.80 18.77
CA LEU I 666 100.72 -32.22 18.90
C LEU I 666 101.82 -33.28 18.94
N THR I 667 101.51 -34.52 18.58
CA THR I 667 102.45 -35.62 18.64
C THR I 667 102.18 -36.52 17.44
N SER I 668 103.19 -37.33 17.07
CA SER I 668 103.14 -38.26 15.93
C SER I 668 102.85 -37.51 14.63
N CYS I 669 103.83 -36.68 14.27
CA CYS I 669 103.83 -35.78 13.11
C CYS I 669 102.71 -34.75 13.20
N ARG I 670 102.60 -33.90 12.18
CA ARG I 670 101.57 -32.87 12.14
C ARG I 670 100.30 -33.38 11.48
N GLU I 671 99.77 -34.51 12.02
CA GLU I 671 98.74 -35.36 11.44
C GLU I 671 98.82 -35.44 9.92
N THR I 672 97.84 -34.88 9.21
CA THR I 672 97.81 -34.85 7.76
C THR I 672 98.28 -33.51 7.21
N ALA I 673 99.29 -32.91 7.87
CA ALA I 673 99.78 -31.56 7.55
C ALA I 673 98.66 -30.53 7.58
N GLU I 674 97.79 -30.63 8.59
CA GLU I 674 96.59 -29.81 8.68
C GLU I 674 96.53 -29.14 10.05
N LYS I 675 96.80 -27.84 10.06
CA LYS I 675 96.56 -26.96 11.21
C LYS I 675 95.08 -26.59 11.41
N PRO I 676 94.24 -26.34 10.33
CA PRO I 676 92.83 -26.02 10.60
C PRO I 676 91.93 -27.18 11.02
N ASN I 677 92.50 -28.30 11.48
CA ASN I 677 91.73 -29.34 12.13
C ASN I 677 91.94 -29.29 13.64
N SER I 678 90.83 -29.21 14.38
CA SER I 678 90.80 -29.05 15.83
C SER I 678 91.67 -27.89 16.29
N ALA I 679 92.79 -28.19 16.95
CA ALA I 679 93.85 -27.25 17.31
C ALA I 679 93.36 -25.96 17.96
N PHE I 680 93.36 -24.87 17.19
CA PHE I 680 92.96 -23.58 17.73
C PHE I 680 91.46 -23.50 17.96
N MET I 681 90.65 -23.91 16.98
CA MET I 681 89.20 -23.75 17.12
C MET I 681 88.57 -24.80 18.02
N ARG I 682 89.28 -25.88 18.35
CA ARG I 682 88.83 -26.69 19.47
C ARG I 682 89.03 -25.95 20.78
N LEU I 683 90.11 -25.19 20.90
CA LEU I 683 90.38 -24.35 22.05
C LEU I 683 89.81 -22.94 21.91
N LYS I 684 88.91 -22.72 20.94
CA LYS I 684 88.34 -21.41 20.70
C LYS I 684 87.40 -21.03 21.84
N GLY I 685 87.74 -19.97 22.56
CA GLY I 685 86.98 -19.59 23.73
C GLY I 685 87.30 -20.38 24.97
N ARG I 686 88.11 -21.44 24.85
CA ARG I 686 88.50 -22.26 25.98
C ARG I 686 89.62 -21.59 26.75
N GLY I 687 89.89 -22.11 27.94
CA GLY I 687 90.94 -21.60 28.79
C GLY I 687 91.63 -22.71 29.55
N TYR I 688 91.47 -23.94 29.07
CA TYR I 688 92.13 -25.10 29.67
C TYR I 688 92.26 -26.17 28.59
N GLY I 689 93.50 -26.57 28.31
CA GLY I 689 93.74 -27.74 27.51
C GLY I 689 94.54 -28.75 28.30
N TYR I 690 94.31 -30.02 28.01
CA TYR I 690 94.97 -31.09 28.76
C TYR I 690 95.16 -32.30 27.86
N PHE I 691 96.26 -33.03 28.11
CA PHE I 691 96.67 -34.16 27.27
C PHE I 691 97.01 -35.31 28.23
N GLU I 692 96.16 -36.32 28.27
CA GLU I 692 96.34 -37.38 29.26
C GLU I 692 96.65 -38.75 28.66
N GLU I 693 96.16 -39.05 27.46
CA GLU I 693 96.38 -40.39 26.94
C GLU I 693 97.80 -40.55 26.41
N THR I 694 98.22 -41.80 26.25
CA THR I 694 99.60 -42.15 25.95
C THR I 694 99.65 -42.89 24.62
N ASN I 695 100.61 -42.53 23.77
CA ASN I 695 100.70 -43.22 22.48
C ASN I 695 101.42 -44.56 22.62
N LYS I 696 102.73 -44.54 22.86
CA LYS I 696 103.35 -45.72 23.44
C LYS I 696 104.16 -45.40 24.69
N SER I 697 105.31 -44.73 24.52
CA SER I 697 106.06 -44.18 25.63
C SER I 697 106.60 -42.82 25.16
N GLU I 698 107.19 -42.78 23.97
CA GLU I 698 107.88 -41.60 23.46
C GLU I 698 107.68 -41.42 21.96
N VAL I 699 107.14 -40.27 21.52
CA VAL I 699 107.14 -39.98 20.09
C VAL I 699 107.76 -38.63 19.79
N LEU I 700 107.13 -37.55 20.24
CA LEU I 700 107.44 -36.22 19.72
C LEU I 700 106.83 -35.15 20.62
N ASN I 701 107.40 -33.93 20.54
CA ASN I 701 106.79 -32.76 21.19
C ASN I 701 106.61 -31.57 20.27
N THR I 702 107.53 -31.36 19.32
CA THR I 702 107.62 -30.05 18.66
C THR I 702 106.42 -29.77 17.77
N SER I 703 106.25 -30.55 16.68
CA SER I 703 105.16 -30.44 15.72
C SER I 703 104.84 -29.00 15.33
N ARG I 704 103.76 -28.46 15.90
CA ARG I 704 103.39 -27.06 15.78
C ARG I 704 103.18 -26.40 17.14
N LEU I 705 103.90 -26.87 18.18
CA LEU I 705 103.77 -26.26 19.50
C LEU I 705 104.27 -24.83 19.50
N LYS I 706 105.34 -24.56 18.75
CA LYS I 706 105.90 -23.21 18.67
C LYS I 706 104.92 -22.24 18.02
N GLU I 707 104.09 -22.72 17.09
CA GLU I 707 103.10 -21.86 16.48
C GLU I 707 101.94 -21.58 17.43
N MET I 708 101.45 -22.62 18.14
CA MET I 708 100.25 -22.46 18.95
C MET I 708 100.53 -21.74 20.28
N VAL I 709 101.72 -21.94 20.85
CA VAL I 709 102.00 -21.31 22.14
C VAL I 709 102.32 -19.82 21.98
N ASN I 710 102.68 -19.37 20.78
CA ASN I 710 102.88 -17.95 20.53
C ASN I 710 101.54 -17.25 20.33
N PRO I 711 101.43 -15.98 20.74
CA PRO I 711 100.17 -15.26 20.54
C PRO I 711 99.95 -14.86 19.09
N GLY I 712 99.49 -15.80 18.28
CA GLY I 712 99.23 -15.54 16.88
C GLY I 712 99.54 -16.73 15.98
N PHE I 726 93.00 -18.43 15.74
CA PHE I 726 92.80 -17.00 15.53
C PHE I 726 93.24 -16.20 16.75
N GLN I 727 92.37 -16.12 17.75
CA GLN I 727 92.69 -15.44 18.99
C GLN I 727 93.59 -16.31 19.85
N MET I 728 94.02 -15.76 20.98
CA MET I 728 95.02 -16.40 21.82
C MET I 728 94.37 -16.82 23.14
N THR I 729 94.64 -18.06 23.55
CA THR I 729 94.23 -18.58 24.84
C THR I 729 95.36 -19.45 25.38
N ALA I 730 95.27 -19.83 26.65
CA ALA I 730 96.41 -20.40 27.32
C ALA I 730 95.93 -21.41 28.36
N THR I 731 96.81 -21.72 29.31
CA THR I 731 96.63 -22.73 30.37
C THR I 731 96.43 -24.13 29.77
N MET I 732 97.49 -24.61 29.11
CA MET I 732 97.59 -25.99 28.71
C MET I 732 98.48 -26.74 29.69
N VAL I 733 97.97 -27.84 30.24
CA VAL I 733 98.72 -28.69 31.14
C VAL I 733 98.89 -30.06 30.49
N ALA I 734 100.13 -30.45 30.25
CA ALA I 734 100.43 -31.73 29.62
C ALA I 734 100.87 -32.73 30.68
N ALA I 735 100.07 -33.78 30.88
CA ALA I 735 100.39 -34.83 31.84
C ALA I 735 99.83 -36.14 31.27
N SER I 736 100.68 -36.85 30.52
CA SER I 736 100.26 -38.03 29.79
C SER I 736 100.57 -39.33 30.52
N ASN I 737 101.85 -39.57 30.83
CA ASN I 737 102.24 -40.79 31.51
C ASN I 737 103.55 -40.57 32.24
N TYR I 738 103.94 -41.59 33.01
CA TYR I 738 105.24 -41.59 33.67
C TYR I 738 106.39 -41.57 32.66
N ASN I 739 106.18 -42.15 31.48
CA ASN I 739 107.21 -42.13 30.44
C ASN I 739 107.39 -40.72 29.91
N PHE I 740 108.64 -40.38 29.61
CA PHE I 740 108.97 -39.10 28.99
C PHE I 740 108.63 -39.20 27.52
N ILE I 741 107.45 -38.71 27.15
CA ILE I 741 106.97 -38.81 25.77
C ILE I 741 107.39 -37.60 24.95
N ILE I 742 107.34 -36.42 25.55
CA ILE I 742 107.55 -35.16 24.80
C ILE I 742 109.03 -34.83 24.92
N ASP I 743 109.83 -35.48 24.06
CA ASP I 743 111.29 -35.32 24.09
C ASP I 743 111.85 -35.35 22.67
N THR I 744 111.98 -34.18 22.06
CA THR I 744 112.78 -34.00 20.84
C THR I 744 113.64 -32.76 21.00
N THR I 745 114.34 -32.38 19.94
CA THR I 745 115.21 -31.22 19.98
C THR I 745 114.40 -29.92 19.96
N ASP I 746 114.80 -29.00 20.84
CA ASP I 746 114.21 -27.66 20.86
C ASP I 746 115.21 -26.72 21.51
N HIS I 747 115.54 -25.62 20.82
CA HIS I 747 116.51 -24.68 21.34
C HIS I 747 116.10 -23.23 21.08
N GLY I 748 114.79 -22.96 21.10
CA GLY I 748 114.30 -21.62 20.88
C GLY I 748 114.14 -20.81 22.15
N THR I 749 114.97 -21.12 23.16
CA THR I 749 114.97 -20.58 24.53
C THR I 749 113.55 -20.31 25.05
N TRP I 750 112.75 -21.37 25.07
CA TRP I 750 111.35 -21.28 25.51
C TRP I 750 111.33 -21.15 27.03
N ARG I 751 111.37 -19.90 27.49
CA ARG I 751 111.20 -19.62 28.92
C ARG I 751 109.76 -19.82 29.38
N ARG I 752 108.82 -19.92 28.45
CA ARG I 752 107.40 -20.07 28.75
C ARG I 752 106.99 -21.53 28.98
N LEU I 753 107.96 -22.45 29.06
CA LEU I 753 107.68 -23.84 29.31
C LEU I 753 108.15 -24.20 30.71
N ARG I 754 107.29 -24.86 31.48
CA ARG I 754 107.59 -25.24 32.85
C ARG I 754 107.36 -26.74 33.03
N HIS I 755 108.28 -27.38 33.75
CA HIS I 755 108.22 -28.81 34.01
C HIS I 755 108.04 -29.06 35.51
N TYR I 756 107.26 -30.10 35.83
CA TYR I 756 107.06 -30.52 37.20
C TYR I 756 106.78 -32.02 37.22
N ARG I 757 107.25 -32.67 38.28
CA ARG I 757 106.93 -34.06 38.54
C ARG I 757 106.43 -34.19 39.96
N SER I 758 105.60 -35.20 40.21
CA SER I 758 105.08 -35.44 41.55
C SER I 758 106.08 -36.30 42.32
N LYS I 759 106.56 -35.76 43.43
CA LYS I 759 107.56 -36.45 44.25
C LYS I 759 106.99 -37.60 45.05
N VAL I 760 105.67 -37.65 45.26
CA VAL I 760 105.03 -38.73 45.98
C VAL I 760 104.01 -39.38 45.06
N LYS I 761 104.14 -40.69 44.88
CA LYS I 761 103.22 -41.44 44.01
C LYS I 761 101.89 -41.68 44.72
N LYS I 774 100.27 -49.51 53.28
CA LYS I 774 98.91 -49.26 52.83
C LYS I 774 98.78 -49.47 51.33
N LYS I 775 97.54 -49.39 50.82
CA LYS I 775 97.28 -49.60 49.42
C LYS I 775 97.40 -48.28 48.65
N GLU I 776 97.04 -48.33 47.36
CA GLU I 776 97.16 -47.16 46.50
C GLU I 776 96.08 -46.12 46.77
N ASP I 777 94.93 -46.54 47.27
CA ASP I 777 93.72 -45.73 47.48
C ASP I 777 93.31 -44.99 46.21
N PRO I 778 92.78 -45.70 45.19
CA PRO I 778 92.37 -45.02 43.96
C PRO I 778 90.96 -44.47 44.01
N ARG I 779 90.27 -44.56 45.16
CA ARG I 779 88.89 -44.10 45.27
C ARG I 779 88.76 -42.60 45.11
N PHE I 780 89.85 -41.85 45.24
CA PHE I 780 89.82 -40.42 44.97
C PHE I 780 89.62 -40.11 43.49
N ILE I 781 89.88 -41.08 42.61
CA ILE I 781 89.57 -40.92 41.18
C ILE I 781 88.38 -41.77 40.75
N HIS I 782 87.90 -42.68 41.59
CA HIS I 782 86.78 -43.53 41.21
C HIS I 782 85.45 -42.81 41.36
N GLU I 783 85.13 -42.36 42.58
CA GLU I 783 83.83 -41.76 42.87
C GLU I 783 83.90 -40.46 43.64
N TYR I 784 85.07 -40.05 44.12
CA TYR I 784 85.16 -38.83 44.91
C TYR I 784 85.00 -37.59 44.03
N ILE I 785 85.45 -37.65 42.78
CA ILE I 785 85.35 -36.51 41.87
C ILE I 785 83.89 -36.25 41.48
N MET I 786 83.11 -37.33 41.28
CA MET I 786 81.73 -37.24 40.82
C MET I 786 80.80 -36.52 41.79
N ASP I 787 81.20 -36.34 43.04
CA ASP I 787 80.36 -35.61 44.00
C ASP I 787 80.25 -34.15 43.58
N PRO I 788 79.03 -33.61 43.45
CA PRO I 788 78.90 -32.17 43.14
C PRO I 788 79.45 -31.26 44.21
N ASP I 789 79.44 -31.69 45.47
CA ASP I 789 79.90 -30.84 46.56
C ASP I 789 81.40 -30.58 46.49
N CYS I 790 82.18 -31.61 46.12
CA CYS I 790 83.62 -31.41 46.00
C CYS I 790 83.96 -30.52 44.81
N GLN I 791 83.22 -30.65 43.70
CA GLN I 791 83.40 -29.76 42.56
C GLN I 791 83.07 -28.32 42.93
N ASN I 792 82.00 -28.12 43.70
CA ASN I 792 81.65 -26.79 44.20
C ASN I 792 82.75 -26.23 45.09
N ALA I 793 83.27 -27.05 46.00
CA ALA I 793 84.33 -26.60 46.90
C ALA I 793 85.60 -26.27 46.14
N PHE I 794 85.92 -27.04 45.10
CA PHE I 794 87.14 -26.74 44.35
C PHE I 794 86.96 -25.51 43.48
N PHE I 795 85.75 -25.26 42.98
CA PHE I 795 85.52 -24.01 42.27
C PHE I 795 85.63 -22.82 43.21
N SER I 796 85.17 -22.98 44.45
CA SER I 796 85.38 -21.94 45.46
C SER I 796 86.86 -21.70 45.73
N ILE I 797 87.63 -22.78 45.83
CA ILE I 797 89.08 -22.68 46.04
C ILE I 797 89.74 -21.98 44.84
N LEU I 798 89.29 -22.32 43.63
CA LEU I 798 89.85 -21.76 42.41
C LEU I 798 89.57 -20.26 42.32
N VAL I 799 88.35 -19.83 42.62
CA VAL I 799 88.07 -18.39 42.56
C VAL I 799 88.76 -17.65 43.70
N TYR I 800 88.92 -18.30 44.87
CA TYR I 800 89.68 -17.71 45.96
C TYR I 800 91.14 -17.49 45.56
N PHE I 801 91.73 -18.45 44.86
CA PHE I 801 93.13 -18.29 44.49
C PHE I 801 93.30 -17.40 43.27
N TRP I 802 92.28 -17.30 42.42
CA TRP I 802 92.28 -16.29 41.36
C TRP I 802 92.26 -14.88 41.94
N GLU I 803 91.42 -14.63 42.95
CA GLU I 803 91.44 -13.30 43.55
C GLU I 803 92.68 -13.11 44.44
N LYS I 804 93.30 -14.20 44.91
CA LYS I 804 94.59 -14.09 45.56
C LYS I 804 95.67 -13.62 44.58
N LEU I 805 95.62 -14.13 43.34
CA LEU I 805 96.45 -13.59 42.27
C LEU I 805 96.13 -12.13 42.02
N GLN I 806 94.83 -11.79 41.97
CA GLN I 806 94.42 -10.43 41.64
C GLN I 806 94.83 -9.44 42.72
N LYS I 807 95.00 -9.90 43.96
CA LYS I 807 95.36 -9.00 45.05
C LYS I 807 96.86 -8.70 45.07
N GLU I 808 97.68 -9.74 45.28
CA GLU I 808 99.10 -9.51 45.53
C GLU I 808 99.91 -9.43 44.24
N TYR I 809 99.91 -10.49 43.44
CA TYR I 809 100.78 -10.60 42.27
C TYR I 809 99.91 -10.69 41.02
N ASN I 810 99.59 -9.53 40.43
CA ASN I 810 98.80 -9.51 39.19
C ASN I 810 99.71 -9.91 38.04
N GLY I 811 99.88 -11.22 37.89
CA GLY I 811 100.79 -11.81 36.90
C GLY I 811 101.75 -12.75 37.62
N GLN I 812 101.94 -13.93 37.03
CA GLN I 812 102.80 -14.94 37.63
C GLN I 812 104.28 -14.71 37.33
N ILE I 813 104.61 -13.80 36.41
CA ILE I 813 106.00 -13.45 36.18
C ILE I 813 106.55 -12.65 37.35
N LYS I 814 105.74 -11.75 37.90
CA LYS I 814 106.17 -10.84 38.95
C LYS I 814 105.91 -11.37 40.35
N LYS I 815 105.48 -12.62 40.49
CA LYS I 815 105.17 -13.18 41.79
C LYS I 815 106.45 -13.55 42.53
N VAL I 816 106.29 -14.14 43.72
CA VAL I 816 107.43 -14.59 44.51
C VAL I 816 108.13 -15.74 43.79
N PHE I 817 109.42 -15.91 44.07
CA PHE I 817 110.23 -16.86 43.33
C PHE I 817 109.87 -18.29 43.70
N CYS I 818 109.61 -19.11 42.68
CA CYS I 818 109.29 -20.52 42.87
C CYS I 818 110.50 -21.35 42.45
N PRO I 819 111.25 -21.94 43.39
CA PRO I 819 112.51 -22.59 43.02
C PRO I 819 112.33 -23.96 42.39
N THR I 820 111.41 -24.75 42.97
CA THR I 820 111.22 -26.15 42.53
C THR I 820 110.75 -26.21 41.09
N ILE I 821 109.65 -25.52 40.78
CA ILE I 821 109.11 -25.66 39.40
C ILE I 821 110.24 -25.34 38.42
N GLU I 822 110.96 -24.23 38.64
CA GLU I 822 112.03 -23.83 37.70
C GLU I 822 113.15 -24.88 37.74
N SER I 823 113.42 -25.47 38.90
CA SER I 823 114.43 -26.53 39.00
C SER I 823 113.99 -27.74 38.16
N GLU I 824 112.75 -28.20 38.36
CA GLU I 824 112.22 -29.34 37.55
C GLU I 824 112.11 -28.86 36.10
N THR I 825 111.80 -27.57 35.89
CA THR I 825 111.69 -27.02 34.53
C THR I 825 113.04 -27.11 33.85
N GLU I 826 114.09 -26.59 34.50
CA GLU I 826 115.44 -26.59 33.89
C GLU I 826 115.89 -28.05 33.76
N ALA I 827 115.38 -28.93 34.63
CA ALA I 827 115.72 -30.38 34.55
C ALA I 827 115.25 -30.92 33.21
N TYR I 828 113.99 -30.64 32.85
CA TYR I 828 113.46 -31.11 31.53
C TYR I 828 114.13 -30.30 30.42
N ARG I 829 114.44 -29.04 30.69
CA ARG I 829 115.18 -28.23 29.68
C ARG I 829 116.51 -28.93 29.42
N LYS I 830 117.17 -29.41 30.48
CA LYS I 830 118.44 -30.16 30.32
C LYS I 830 118.14 -31.50 29.63
N SER I 831 116.97 -32.09 29.89
CA SER I 831 116.58 -33.34 29.20
C SER I 831 116.70 -33.14 27.69
N GLN I 832 116.42 -31.92 27.21
CA GLN I 832 116.59 -31.61 25.76
C GLN I 832 117.43 -30.32 25.61
N ASP I 833 118.69 -30.35 26.08
CA ASP I 833 119.58 -29.17 25.95
C ASP I 833 120.93 -29.61 25.37
N THR I 834 121.56 -28.75 24.56
CA THR I 834 122.88 -29.05 23.99
C THR I 834 123.72 -27.80 24.09
N LEU I 835 123.33 -26.75 23.36
CA LEU I 835 124.03 -25.45 23.47
C LEU I 835 124.00 -25.02 24.94
N HIS I 836 122.84 -25.16 25.59
CA HIS I 836 122.69 -24.74 27.00
C HIS I 836 123.76 -25.43 27.85
N ARG I 837 123.99 -26.73 27.60
CA ARG I 837 125.01 -27.49 28.38
C ARG I 837 126.38 -26.80 28.23
N PHE I 838 126.81 -26.56 26.99
CA PHE I 838 128.12 -25.89 26.76
C PHE I 838 128.12 -24.54 27.47
N ILE I 839 127.04 -23.79 27.34
CA ILE I 839 126.97 -22.42 27.95
C ILE I 839 127.09 -22.55 29.47
N THR I 840 126.30 -23.44 30.09
CA THR I 840 126.31 -23.56 31.56
C THR I 840 127.65 -24.08 32.03
N GLU I 841 128.30 -24.93 31.22
CA GLU I 841 129.57 -25.56 31.67
C GLU I 841 130.78 -24.90 31.01
N ARG I 842 131.02 -25.19 29.72
CA ARG I 842 132.24 -24.67 29.05
C ARG I 842 132.18 -23.14 28.86
N VAL I 843 131.39 -22.42 29.65
CA VAL I 843 131.42 -20.97 29.51
C VAL I 843 131.04 -20.35 30.85
N VAL I 844 131.81 -19.35 31.27
CA VAL I 844 131.58 -18.65 32.53
C VAL I 844 131.52 -17.16 32.27
N GLU I 845 130.83 -16.45 33.15
CA GLU I 845 130.74 -14.99 33.05
C GLU I 845 131.87 -14.35 33.82
N SER I 846 132.71 -13.60 33.11
CA SER I 846 133.92 -13.00 33.71
C SER I 846 134.02 -11.54 33.28
N PRO I 847 133.48 -10.61 34.09
CA PRO I 847 133.62 -9.18 33.76
C PRO I 847 135.07 -8.70 33.76
N SER I 848 135.93 -9.29 34.57
CA SER I 848 137.32 -8.87 34.66
C SER I 848 138.19 -9.42 33.53
N ALA I 849 137.66 -10.32 32.71
CA ALA I 849 138.43 -10.88 31.61
C ALA I 849 138.37 -9.94 30.41
N GLU I 850 139.53 -9.55 29.89
CA GLU I 850 139.60 -8.69 28.72
C GLU I 850 139.52 -9.45 27.41
N THR I 851 139.43 -10.77 27.45
CA THR I 851 139.35 -11.57 26.24
C THR I 851 137.98 -11.40 25.57
N VAL I 852 137.99 -11.46 24.24
CA VAL I 852 136.78 -11.35 23.44
C VAL I 852 136.65 -12.62 22.59
N TYR I 853 135.51 -13.28 22.70
CA TYR I 853 135.27 -14.54 22.02
C TYR I 853 134.65 -14.29 20.66
N ASN I 854 135.28 -14.77 19.60
CA ASN I 854 134.75 -14.66 18.26
C ASN I 854 133.70 -15.74 18.01
N LEU I 855 132.96 -15.59 16.90
CA LEU I 855 131.91 -16.56 16.58
C LEU I 855 132.49 -17.93 16.26
N SER I 856 133.54 -17.98 15.45
CA SER I 856 134.14 -19.25 15.07
C SER I 856 134.81 -19.92 16.26
N GLU I 857 135.37 -19.13 17.19
CA GLU I 857 135.97 -19.69 18.38
C GLU I 857 134.93 -20.38 19.27
N VAL I 858 133.79 -19.74 19.46
CA VAL I 858 132.71 -20.34 20.26
C VAL I 858 132.14 -21.57 19.54
N VAL I 859 132.02 -21.50 18.22
CA VAL I 859 131.52 -22.65 17.45
C VAL I 859 132.47 -23.84 17.56
N THR I 860 133.78 -23.58 17.44
CA THR I 860 134.76 -24.65 17.57
C THR I 860 134.81 -25.21 18.98
N ALA I 861 134.66 -24.34 19.99
CA ALA I 861 134.62 -24.80 21.38
C ALA I 861 133.41 -25.69 21.63
N TYR I 862 132.24 -25.30 21.09
CA TYR I 862 131.04 -26.12 21.23
C TYR I 862 131.20 -27.46 20.51
N ALA I 863 131.80 -27.44 19.32
CA ALA I 863 132.03 -28.68 18.58
C ALA I 863 132.98 -29.60 19.33
N GLU I 864 134.06 -29.05 19.89
CA GLU I 864 135.01 -29.85 20.65
C GLU I 864 134.38 -30.41 21.92
N TRP I 865 133.57 -29.61 22.60
CA TRP I 865 132.89 -30.06 23.82
C TRP I 865 131.88 -31.17 23.51
N TYR I 866 131.15 -31.05 22.39
CA TYR I 866 130.21 -32.10 22.03
C TYR I 866 130.93 -33.36 21.59
N ASN I 867 132.06 -33.21 20.89
CA ASN I 867 132.83 -34.38 20.47
C ASN I 867 133.45 -35.10 21.65
N THR I 868 133.91 -34.36 22.66
CA THR I 868 134.49 -34.97 23.85
C THR I 868 133.45 -35.27 24.92
N ASN I 869 132.17 -34.97 24.68
CA ASN I 869 131.14 -35.16 25.68
C ASN I 869 130.06 -36.16 25.28
N ILE I 870 129.53 -36.07 24.06
CA ILE I 870 128.36 -36.87 23.70
C ILE I 870 128.68 -37.83 22.56
N ASN I 871 128.98 -37.28 21.38
CA ASN I 871 129.14 -38.08 20.18
C ASN I 871 129.89 -37.24 19.15
N VAL I 872 130.07 -37.81 17.95
CA VAL I 872 130.78 -37.16 16.86
C VAL I 872 129.87 -37.09 15.64
N LYS I 873 129.80 -35.92 15.03
CA LYS I 873 129.03 -35.71 13.81
C LYS I 873 129.57 -34.48 13.10
N ARG I 874 129.09 -34.27 11.88
CA ARG I 874 129.49 -33.11 11.09
C ARG I 874 128.93 -31.83 11.69
N HIS I 875 129.70 -30.75 11.55
CA HIS I 875 129.34 -29.45 12.12
C HIS I 875 129.22 -28.41 11.02
N ILE I 876 128.27 -27.49 11.21
CA ILE I 876 128.10 -26.33 10.35
C ILE I 876 128.33 -25.09 11.22
N ALA I 877 129.28 -24.24 10.82
CA ALA I 877 129.64 -23.09 11.63
C ALA I 877 128.51 -22.06 11.67
N LEU I 878 127.85 -21.81 10.53
CA LEU I 878 126.77 -20.83 10.49
C LEU I 878 125.57 -21.31 11.29
N GLU I 879 125.22 -22.60 11.17
CA GLU I 879 124.09 -23.15 11.91
C GLU I 879 124.32 -23.10 13.41
N LEU I 880 125.52 -23.49 13.86
CA LEU I 880 125.85 -23.40 15.28
C LEU I 880 125.87 -21.96 15.76
N SER I 881 126.36 -21.04 14.91
CA SER I 881 126.40 -19.63 15.28
C SER I 881 125.00 -19.06 15.47
N GLN I 882 124.07 -19.38 14.57
CA GLN I 882 122.72 -18.86 14.74
C GLN I 882 121.99 -19.59 15.88
N GLU I 883 122.38 -20.84 16.16
CA GLU I 883 121.80 -21.54 17.30
C GLU I 883 122.24 -20.93 18.62
N LEU I 884 123.52 -20.54 18.73
CA LEU I 884 123.99 -19.90 19.94
C LEU I 884 123.71 -18.41 19.97
N GLU I 885 123.22 -17.83 18.87
CA GLU I 885 122.95 -16.40 18.83
C GLU I 885 121.77 -16.02 19.72
N ASN I 886 120.71 -16.82 19.72
CA ASN I 886 119.49 -16.50 20.46
C ASN I 886 119.47 -17.09 21.86
N SER I 887 120.55 -17.73 22.30
CA SER I 887 120.56 -18.40 23.59
C SER I 887 120.73 -17.39 24.72
N VAL I 888 121.02 -17.89 25.93
CA VAL I 888 121.08 -17.05 27.11
C VAL I 888 122.28 -16.11 27.10
N LEU I 889 123.25 -16.33 26.21
CA LEU I 889 124.38 -15.42 26.06
C LEU I 889 124.08 -14.25 25.15
N GLU I 890 122.81 -13.98 24.85
CA GLU I 890 122.44 -12.85 24.00
C GLU I 890 122.81 -11.52 24.67
N LYS I 891 122.65 -11.44 25.99
CA LYS I 891 123.02 -10.22 26.71
C LYS I 891 124.52 -9.98 26.69
N TYR I 892 125.32 -11.04 26.60
CA TYR I 892 126.77 -10.94 26.58
C TYR I 892 127.34 -10.80 25.18
N LEU I 893 126.49 -10.79 24.16
CA LEU I 893 126.91 -10.58 22.77
C LEU I 893 126.53 -9.18 22.34
N GLN I 894 127.52 -8.40 21.91
CA GLN I 894 127.33 -7.00 21.54
C GLN I 894 127.78 -6.79 20.10
N TRP I 895 127.52 -5.59 19.59
CA TRP I 895 127.86 -5.24 18.22
C TRP I 895 129.27 -4.68 18.17
N SER I 896 130.14 -5.30 17.37
CA SER I 896 131.48 -4.80 17.18
C SER I 896 131.46 -3.56 16.28
N PRO I 897 132.45 -2.66 16.42
CA PRO I 897 132.56 -1.54 15.48
C PRO I 897 132.86 -1.97 14.04
N ASN I 898 133.35 -3.19 13.83
CA ASN I 898 133.64 -3.73 12.50
C ASN I 898 132.44 -4.45 11.90
N LYS I 899 131.22 -4.08 12.31
CA LYS I 899 129.96 -4.66 11.82
C LYS I 899 129.91 -6.18 12.03
N THR I 900 130.35 -6.62 13.21
CA THR I 900 130.31 -8.03 13.60
C THR I 900 129.80 -8.13 15.03
N ARG I 901 129.82 -9.35 15.56
CA ARG I 901 129.35 -9.63 16.91
C ARG I 901 130.55 -10.01 17.78
N ILE I 902 130.59 -9.45 18.99
CA ILE I 902 131.68 -9.70 19.92
C ILE I 902 131.09 -10.21 21.23
N LEU I 903 131.64 -11.30 21.75
CA LEU I 903 131.20 -11.89 23.01
C LEU I 903 132.10 -11.34 24.11
N LYS I 904 131.56 -10.43 24.92
CA LYS I 904 132.35 -9.67 25.88
C LYS I 904 131.96 -10.04 27.31
N GLY I 905 132.92 -9.88 28.22
CA GLY I 905 132.71 -10.14 29.63
C GLY I 905 132.44 -11.59 29.98
N CYS I 906 133.22 -12.50 29.39
CA CYS I 906 133.03 -13.92 29.63
C CYS I 906 134.32 -14.66 29.28
N ARG I 907 134.36 -15.93 29.67
CA ARG I 907 135.48 -16.81 29.37
C ARG I 907 134.95 -18.17 28.97
N ILE I 908 135.73 -18.90 28.18
CA ILE I 908 135.38 -20.25 27.72
C ILE I 908 136.33 -21.22 28.41
N LEU I 909 135.75 -22.16 29.17
CA LEU I 909 136.55 -23.15 29.87
C LEU I 909 136.99 -24.26 28.92
N HIS I 910 138.23 -24.69 29.07
CA HIS I 910 138.79 -25.77 28.29
C HIS I 910 138.57 -27.09 29.02
N LYS I 911 139.24 -28.15 28.56
CA LYS I 911 139.11 -29.46 29.20
C LYS I 911 139.73 -29.46 30.59
N PHE I 912 138.99 -30.03 31.56
CA PHE I 912 139.40 -30.13 32.96
C PHE I 912 139.72 -28.76 33.55
N GLU I 913 138.91 -27.76 33.21
CA GLU I 913 139.09 -26.39 33.69
C GLU I 913 138.02 -26.07 34.72
N THR I 914 138.43 -25.57 35.87
CA THR I 914 137.54 -25.25 36.97
C THR I 914 137.27 -23.75 37.00
N LEU I 915 136.57 -23.30 38.05
CA LEU I 915 136.22 -21.90 38.19
C LEU I 915 137.42 -21.09 38.71
N GLN I 916 137.61 -19.91 38.14
CA GLN I 916 138.60 -18.90 38.50
C GLN I 916 137.94 -17.81 39.34
N PRO I 917 138.61 -17.33 40.39
CA PRO I 917 138.06 -16.25 41.20
C PRO I 917 137.82 -14.98 40.38
N GLY I 918 136.74 -14.29 40.71
CA GLY I 918 136.28 -13.17 39.92
C GLY I 918 135.35 -13.54 38.78
N GLU I 919 134.97 -14.81 38.67
CA GLU I 919 134.05 -15.28 37.65
C GLU I 919 132.81 -15.87 38.32
N SER I 920 131.68 -15.75 37.62
CA SER I 920 130.41 -16.27 38.10
C SER I 920 129.77 -17.15 37.03
N TYR I 921 128.94 -18.09 37.47
CA TYR I 921 128.26 -18.98 36.55
C TYR I 921 127.13 -18.24 35.83
N ILE I 922 126.69 -18.83 34.71
CA ILE I 922 125.68 -18.22 33.86
C ILE I 922 124.30 -18.77 34.19
N GLU I 937 108.86 -22.30 55.99
CA GLU I 937 107.78 -23.19 56.39
C GLU I 937 106.88 -22.53 57.44
N PRO I 938 105.66 -22.18 57.06
CA PRO I 938 104.76 -21.51 58.00
C PRO I 938 104.24 -22.45 59.07
N LYS I 939 104.14 -21.94 60.29
CA LYS I 939 103.56 -22.71 61.38
C LYS I 939 102.05 -22.87 61.22
N ASN I 940 101.39 -21.85 60.66
CA ASN I 940 99.95 -21.89 60.43
C ASN I 940 99.67 -22.63 59.13
N LYS I 941 98.43 -22.54 58.66
CA LYS I 941 98.01 -23.27 57.48
C LYS I 941 98.65 -22.69 56.21
N TRP I 942 98.72 -23.52 55.17
CA TRP I 942 99.49 -23.19 53.98
C TRP I 942 98.79 -22.17 53.10
N TRP I 943 97.45 -22.16 53.06
CA TRP I 943 96.72 -21.33 52.11
C TRP I 943 96.54 -19.90 52.60
N GLU I 944 97.07 -19.56 53.77
CA GLU I 944 97.01 -18.20 54.28
C GLU I 944 98.10 -17.35 53.62
N TRP I 945 98.33 -16.16 54.17
CA TRP I 945 99.33 -15.25 53.61
C TRP I 945 100.74 -15.81 53.77
N SER I 946 101.52 -15.69 52.70
CA SER I 946 102.90 -16.18 52.71
C SER I 946 103.82 -15.22 51.97
N LEU J 21 37.76 -6.87 36.16
CA LEU J 21 36.42 -6.21 36.25
C LEU J 21 36.54 -4.93 37.10
N ALA J 22 35.89 -3.85 36.66
CA ALA J 22 35.97 -2.49 37.26
C ALA J 22 35.57 -2.51 38.74
N GLU J 23 34.37 -3.00 39.06
CA GLU J 23 33.81 -2.96 40.44
C GLU J 23 34.65 -3.83 41.37
N VAL J 24 35.25 -4.93 40.90
CA VAL J 24 36.19 -5.78 41.69
C VAL J 24 37.47 -4.97 41.96
N GLN J 25 37.96 -4.28 40.93
CA GLN J 25 39.14 -3.38 41.04
C GLN J 25 38.87 -2.30 42.09
N ALA J 26 37.68 -1.69 42.04
CA ALA J 26 37.22 -0.65 43.01
C ALA J 26 37.23 -1.23 44.43
N LEU J 27 36.66 -2.42 44.63
CA LEU J 27 36.62 -3.10 45.95
C LEU J 27 38.05 -3.41 46.43
N GLU J 28 38.93 -3.83 45.53
CA GLU J 28 40.35 -4.14 45.83
C GLU J 28 41.05 -2.87 46.34
N THR J 29 40.83 -1.73 45.67
CA THR J 29 41.40 -0.42 46.04
C THR J 29 40.86 0.00 47.40
N LEU J 30 39.55 -0.13 47.62
CA LEU J 30 38.94 0.23 48.93
C LEU J 30 39.60 -0.60 50.03
N LEU J 31 39.71 -1.91 49.84
CA LEU J 31 40.24 -2.84 50.88
C LEU J 31 41.70 -2.51 51.20
N THR J 32 42.56 -2.40 50.17
CA THR J 32 44.03 -2.35 50.38
C THR J 32 44.42 -0.93 50.78
N ARG J 33 43.99 0.09 50.02
CA ARG J 33 44.39 1.50 50.25
C ARG J 33 43.73 2.06 51.53
N GLU J 34 42.45 1.77 51.76
CA GLU J 34 41.64 2.52 52.77
C GLU J 34 41.34 1.69 54.02
N LEU J 35 40.76 0.49 53.89
CA LEU J 35 40.20 -0.28 55.05
C LEU J 35 41.28 -1.09 55.75
N SER J 36 42.46 -1.25 55.12
CA SER J 36 43.65 -1.93 55.70
C SER J 36 43.92 -1.43 57.11
N VAL J 37 43.62 -0.16 57.41
CA VAL J 37 43.87 0.49 58.73
C VAL J 37 42.94 -0.10 59.82
N PHE J 38 41.93 -0.90 59.45
CA PHE J 38 40.97 -1.52 60.40
C PHE J 38 41.22 -3.02 60.55
N LEU J 39 42.27 -3.55 59.92
CA LEU J 39 42.66 -4.98 60.04
C LEU J 39 42.76 -5.35 61.52
N THR J 40 42.05 -6.39 61.96
CA THR J 40 42.10 -6.98 63.33
C THR J 40 43.03 -8.20 63.35
N GLU J 41 43.52 -8.57 64.55
CA GLU J 41 44.35 -9.78 64.77
C GLU J 41 43.43 -11.00 64.77
N PRO J 42 43.96 -12.22 64.51
CA PRO J 42 43.16 -13.44 64.60
C PRO J 42 42.55 -13.59 66.00
N GLY J 43 41.24 -13.87 66.06
CA GLY J 43 40.50 -14.10 67.31
C GLY J 43 40.18 -12.81 68.06
N SER J 44 40.31 -11.65 67.41
CA SER J 44 39.94 -10.32 67.98
C SER J 44 38.41 -10.23 68.14
N LYS J 45 37.94 -9.60 69.20
CA LYS J 45 36.46 -9.57 69.44
C LYS J 45 35.91 -8.35 68.70
N LYS J 46 36.78 -7.38 68.41
CA LYS J 46 36.36 -6.18 67.65
C LYS J 46 36.00 -6.60 66.22
N THR J 47 36.44 -7.78 65.78
CA THR J 47 36.19 -8.10 64.35
C THR J 47 34.68 -8.12 64.09
N ASN J 48 34.21 -7.44 63.04
CA ASN J 48 32.80 -7.56 62.57
C ASN J 48 32.75 -8.12 61.13
N ILE J 49 33.83 -8.02 60.35
CA ILE J 49 33.85 -8.41 58.92
C ILE J 49 35.04 -9.34 58.68
N ILE J 50 34.79 -10.45 57.97
CA ILE J 50 35.80 -11.49 57.63
C ILE J 50 35.75 -11.68 56.10
N ASN J 51 36.87 -11.46 55.42
CA ASN J 51 37.04 -11.75 53.97
C ASN J 51 37.79 -13.08 53.87
N ARG J 52 37.08 -14.18 53.73
CA ARG J 52 37.66 -15.56 53.80
C ARG J 52 38.50 -15.83 52.54
N ILE J 53 38.32 -15.07 51.45
CA ILE J 53 39.18 -15.20 50.23
C ILE J 53 40.57 -14.66 50.54
N THR J 54 40.69 -13.46 51.11
CA THR J 54 41.98 -12.82 51.47
C THR J 54 42.45 -13.25 52.87
N GLY J 55 41.58 -13.92 53.64
CA GLY J 55 41.86 -14.36 55.02
C GLY J 55 42.05 -13.20 55.97
N LYS J 56 41.54 -12.01 55.61
CA LYS J 56 41.68 -10.76 56.40
C LYS J 56 40.46 -10.62 57.32
N THR J 57 40.66 -10.08 58.52
CA THR J 57 39.61 -9.74 59.51
C THR J 57 39.67 -8.23 59.79
N TYR J 58 38.51 -7.59 59.89
CA TYR J 58 38.38 -6.12 60.05
C TYR J 58 37.40 -5.79 61.17
N ALA J 59 37.63 -4.68 61.87
CA ALA J 59 36.65 -3.96 62.71
C ALA J 59 36.30 -2.64 62.02
N LEU J 60 35.26 -2.65 61.17
CA LEU J 60 34.82 -1.47 60.38
C LEU J 60 33.85 -0.64 61.21
N PRO J 61 34.14 0.67 61.43
CA PRO J 61 33.12 1.60 61.90
C PRO J 61 32.00 1.75 60.86
N SER J 62 30.81 2.13 61.33
CA SER J 62 29.55 2.20 60.54
C SER J 62 29.77 2.91 59.21
N THR J 63 30.54 4.00 59.18
CA THR J 63 30.78 4.79 57.94
C THR J 63 31.46 3.92 56.88
N GLU J 64 32.42 3.10 57.30
CA GLU J 64 33.31 2.31 56.40
C GLU J 64 32.62 0.99 56.06
N LEU J 65 31.76 0.50 56.97
CA LEU J 65 30.87 -0.65 56.69
C LEU J 65 29.95 -0.31 55.51
N LEU J 66 29.36 0.86 55.49
CA LEU J 66 28.49 1.27 54.42
C LEU J 66 29.19 1.38 53.10
N ARG J 67 30.38 1.93 53.12
CA ARG J 67 31.21 2.09 51.89
C ARG J 67 31.52 0.70 51.36
N LEU J 68 31.86 -0.24 52.25
CA LEU J 68 32.11 -1.65 51.90
C LEU J 68 30.87 -2.22 51.22
N TYR J 69 29.69 -2.03 51.82
CA TYR J 69 28.38 -2.58 51.36
C TYR J 69 28.04 -2.03 49.97
N GLU J 70 28.33 -0.76 49.69
CA GLU J 70 28.11 -0.15 48.34
C GLU J 70 28.97 -0.90 47.31
N HIS J 71 30.23 -1.19 47.64
CA HIS J 71 31.16 -1.90 46.74
C HIS J 71 30.72 -3.35 46.59
N LEU J 72 30.37 -4.04 47.68
CA LEU J 72 29.95 -5.46 47.65
C LEU J 72 28.66 -5.59 46.85
N GLU J 73 27.74 -4.63 47.00
CA GLU J 73 26.46 -4.58 46.26
C GLU J 73 26.73 -4.46 44.76
N GLN J 74 27.64 -3.58 44.34
CA GLN J 74 27.99 -3.42 42.90
C GLN J 74 28.60 -4.72 42.39
N CYS J 75 29.49 -5.35 43.17
CA CYS J 75 30.12 -6.66 42.84
C CYS J 75 29.04 -7.74 42.76
N ARG J 76 28.03 -7.70 43.62
CA ARG J 76 26.93 -8.72 43.67
C ARG J 76 26.11 -8.65 42.38
N LYS J 77 25.70 -7.44 41.98
CA LYS J 77 24.87 -7.18 40.77
C LYS J 77 25.60 -7.65 39.49
N GLN J 78 26.93 -7.86 39.54
CA GLN J 78 27.74 -8.32 38.38
C GLN J 78 28.21 -9.77 38.60
N GLY J 79 27.71 -10.45 39.63
CA GLY J 79 27.93 -11.89 39.87
C GLY J 79 29.37 -12.22 40.27
N ALA J 80 30.07 -11.27 40.89
CA ALA J 80 31.48 -11.44 41.31
C ALA J 80 31.57 -12.43 42.47
N LEU J 81 32.62 -13.25 42.47
CA LEU J 81 32.99 -14.19 43.57
C LEU J 81 33.28 -13.38 44.84
N MET J 82 32.42 -13.50 45.85
CA MET J 82 32.62 -12.90 47.20
C MET J 82 32.53 -14.00 48.24
N TYR J 83 33.35 -13.92 49.28
CA TYR J 83 33.27 -14.76 50.50
C TYR J 83 33.46 -13.86 51.73
N PHE J 84 32.56 -12.89 51.91
CA PHE J 84 32.51 -12.02 53.11
C PHE J 84 31.54 -12.62 54.14
N LEU J 85 31.98 -12.64 55.41
CA LEU J 85 31.16 -13.02 56.58
C LEU J 85 31.09 -11.81 57.51
N GLU J 86 29.97 -11.64 58.21
CA GLU J 86 29.87 -10.70 59.35
C GLU J 86 29.79 -11.53 60.62
N ARG J 87 30.43 -11.07 61.70
CA ARG J 87 30.39 -11.72 63.03
C ARG J 87 29.17 -11.18 63.78
N GLN J 88 28.36 -12.05 64.37
CA GLN J 88 27.07 -11.68 65.01
C GLN J 88 27.36 -10.97 66.33
N GLY J 89 28.42 -11.39 67.02
CA GLY J 89 28.75 -10.87 68.35
C GLY J 89 27.59 -11.09 69.30
N THR J 90 27.43 -10.22 70.29
CA THR J 90 26.57 -10.46 71.48
C THR J 90 25.20 -9.78 71.30
N TYR J 91 25.07 -8.83 70.36
CA TYR J 91 23.84 -8.03 70.14
C TYR J 91 23.77 -7.61 68.65
N SER J 92 22.89 -8.26 67.88
CA SER J 92 22.73 -8.04 66.42
C SER J 92 21.44 -8.69 65.93
N GLY J 93 21.16 -8.54 64.64
CA GLY J 93 19.98 -9.13 63.96
C GLY J 93 19.99 -10.65 64.03
N LEU J 94 18.84 -11.26 63.80
CA LEU J 94 18.65 -12.73 63.89
C LEU J 94 18.83 -13.35 62.51
N MET J 95 19.55 -14.46 62.45
CA MET J 95 19.72 -15.29 61.24
C MET J 95 19.32 -16.72 61.60
N LEU J 96 18.50 -17.36 60.76
CA LEU J 96 18.11 -18.80 60.88
C LEU J 96 18.69 -19.54 59.67
N ASP J 97 19.55 -20.54 59.91
CA ASP J 97 20.18 -21.37 58.85
C ASP J 97 19.47 -22.72 58.79
N TYR J 98 18.65 -22.96 57.76
CA TYR J 98 17.95 -24.24 57.49
C TYR J 98 18.74 -25.08 56.46
N ASP J 99 19.18 -26.27 56.86
CA ASP J 99 19.81 -27.31 56.00
C ASP J 99 18.77 -28.42 55.78
N LEU J 100 18.14 -28.44 54.60
CA LEU J 100 17.01 -29.35 54.28
C LEU J 100 17.53 -30.61 53.55
N LYS J 101 17.03 -31.77 53.96
CA LYS J 101 17.02 -33.02 53.13
C LYS J 101 15.65 -33.13 52.46
N LEU J 102 15.60 -33.18 51.13
CA LEU J 102 14.33 -33.20 50.35
C LEU J 102 14.00 -34.60 49.80
N ASN J 103 12.70 -34.82 49.56
CA ASN J 103 12.06 -35.98 48.88
C ASN J 103 12.68 -36.23 47.50
N THR J 104 13.08 -35.16 46.83
CA THR J 104 13.49 -35.13 45.41
C THR J 104 14.59 -34.07 45.23
N ASN J 105 15.08 -33.92 44.00
CA ASN J 105 16.14 -32.98 43.58
C ASN J 105 15.50 -31.76 42.91
N ALA J 106 14.19 -31.59 43.11
CA ALA J 106 13.39 -30.43 42.64
C ALA J 106 13.38 -29.37 43.74
N VAL J 107 13.73 -28.12 43.39
CA VAL J 107 13.56 -26.94 44.28
C VAL J 107 12.14 -26.95 44.82
N PRO J 108 11.93 -26.92 46.15
CA PRO J 108 10.58 -26.90 46.72
C PRO J 108 9.91 -25.58 46.38
N PRO J 109 8.56 -25.53 46.24
CA PRO J 109 7.89 -24.33 45.74
C PRO J 109 8.13 -23.08 46.61
N LEU J 110 8.06 -23.20 47.93
CA LEU J 110 8.28 -22.10 48.91
C LEU J 110 7.64 -20.81 48.38
N GLU J 111 6.32 -20.83 48.20
CA GLU J 111 5.54 -19.66 47.71
C GLU J 111 5.23 -18.74 48.89
N PRO J 112 4.82 -17.47 48.65
CA PRO J 112 4.60 -16.51 49.74
C PRO J 112 3.77 -16.98 50.94
N PRO J 113 2.64 -17.71 50.77
CA PRO J 113 1.84 -18.17 51.91
C PRO J 113 2.61 -19.03 52.92
N ALA J 114 3.42 -19.98 52.46
CA ALA J 114 4.25 -20.84 53.32
C ALA J 114 5.28 -19.98 54.06
N LEU J 115 5.99 -19.11 53.34
CA LEU J 115 7.05 -18.24 53.91
C LEU J 115 6.41 -17.24 54.89
N SER J 116 5.23 -16.72 54.55
CA SER J 116 4.44 -15.77 55.38
C SER J 116 4.14 -16.43 56.74
N ARG J 117 3.70 -17.68 56.72
CA ARG J 117 3.33 -18.44 57.93
C ARG J 117 4.58 -18.70 58.77
N LEU J 118 5.70 -19.03 58.11
CA LEU J 118 7.03 -19.19 58.77
C LEU J 118 7.35 -17.92 59.57
N CYS J 119 7.23 -16.74 58.97
CA CYS J 119 7.48 -15.42 59.62
C CYS J 119 6.63 -15.29 60.89
N HIS J 120 5.34 -15.58 60.77
CA HIS J 120 4.38 -15.48 61.91
C HIS J 120 4.87 -16.37 63.06
N ARG J 121 5.20 -17.63 62.77
CA ARG J 121 5.64 -18.61 63.79
C ARG J 121 6.97 -18.14 64.41
N ILE J 122 7.93 -17.69 63.59
CA ILE J 122 9.24 -17.16 64.06
C ILE J 122 8.96 -16.00 65.04
N PHE J 123 7.98 -15.16 64.71
CA PHE J 123 7.65 -13.95 65.50
C PHE J 123 7.05 -14.36 66.85
N VAL J 124 6.16 -15.36 66.85
CA VAL J 124 5.53 -15.88 68.10
C VAL J 124 6.65 -16.22 69.10
N HIS J 125 7.75 -16.82 68.65
CA HIS J 125 8.88 -17.21 69.54
C HIS J 125 9.65 -15.98 70.00
N ILE J 126 9.87 -15.02 69.10
CA ILE J 126 10.50 -13.70 69.42
C ILE J 126 9.68 -13.02 70.52
N LYS J 127 8.37 -12.88 70.31
CA LYS J 127 7.42 -12.25 71.26
C LYS J 127 7.48 -12.98 72.62
N ASN J 128 7.53 -14.32 72.60
CA ASN J 128 7.49 -15.18 73.80
C ASN J 128 8.79 -15.02 74.61
N SER J 129 9.86 -14.53 74.00
CA SER J 129 11.17 -14.23 74.65
C SER J 129 11.05 -13.02 75.59
N SER J 130 10.03 -12.18 75.40
CA SER J 130 9.61 -11.04 76.26
C SER J 130 10.51 -9.82 76.06
N VAL J 131 11.37 -9.76 75.04
CA VAL J 131 12.46 -8.75 74.91
C VAL J 131 12.05 -7.63 73.95
N LEU J 132 10.91 -7.74 73.27
CA LEU J 132 10.48 -6.72 72.28
C LEU J 132 10.16 -5.43 73.03
N PRO J 133 10.51 -4.26 72.47
CA PRO J 133 10.13 -2.98 73.07
C PRO J 133 8.63 -2.73 72.88
N GLU J 134 8.02 -1.96 73.79
CA GLU J 134 6.61 -1.52 73.69
C GLU J 134 6.49 -0.55 72.50
N GLY J 135 5.29 -0.40 71.96
CA GLY J 135 4.98 0.56 70.87
C GLY J 135 4.78 -0.17 69.55
N SER J 136 4.74 0.58 68.45
CA SER J 136 4.55 0.07 67.07
C SER J 136 5.92 0.02 66.36
N HIS J 137 6.27 -1.13 65.77
CA HIS J 137 7.58 -1.35 65.12
C HIS J 137 7.39 -2.24 63.87
N LYS J 138 8.06 -1.87 62.78
CA LYS J 138 8.27 -2.71 61.57
C LYS J 138 9.51 -3.57 61.78
N ILE J 139 9.42 -4.88 61.50
CA ILE J 139 10.61 -5.77 61.34
C ILE J 139 10.49 -6.49 60.01
N HIS J 140 11.61 -6.57 59.29
CA HIS J 140 11.70 -7.19 57.94
C HIS J 140 12.32 -8.58 58.03
N PHE J 141 11.68 -9.56 57.39
CA PHE J 141 12.18 -10.94 57.16
C PHE J 141 12.59 -11.07 55.69
N PHE J 142 13.76 -11.66 55.45
CA PHE J 142 14.29 -11.94 54.09
C PHE J 142 14.61 -13.44 54.02
N PHE J 143 14.14 -14.10 52.97
CA PHE J 143 14.42 -15.52 52.66
C PHE J 143 15.34 -15.58 51.45
N THR J 144 16.58 -16.02 51.67
CA THR J 144 17.57 -16.30 50.61
C THR J 144 17.66 -17.81 50.49
N LEU J 145 17.66 -18.32 49.26
CA LEU J 145 17.55 -19.77 48.96
C LEU J 145 18.80 -20.25 48.21
N LYS J 146 19.30 -21.43 48.59
CA LYS J 146 20.27 -22.24 47.78
C LYS J 146 19.77 -22.28 46.34
N PRO J 147 20.60 -21.94 45.33
CA PRO J 147 20.12 -21.80 43.95
C PRO J 147 19.61 -23.12 43.35
N GLU J 148 20.18 -24.27 43.74
CA GLU J 148 19.75 -25.61 43.25
C GLU J 148 19.84 -26.64 44.37
N VAL J 149 19.08 -27.75 44.26
CA VAL J 149 19.20 -28.95 45.12
C VAL J 149 20.37 -29.78 44.57
N VAL J 150 21.24 -30.26 45.46
CA VAL J 150 22.37 -31.17 45.13
C VAL J 150 22.17 -32.42 45.97
N GLN J 151 21.87 -33.55 45.32
CA GLN J 151 21.64 -34.87 45.96
C GLN J 151 20.60 -34.74 47.08
N GLY J 152 19.51 -34.02 46.81
CA GLY J 152 18.38 -33.86 47.75
C GLY J 152 18.69 -32.88 48.88
N LYS J 153 19.91 -32.34 48.94
CA LYS J 153 20.33 -31.34 49.96
C LYS J 153 19.89 -29.95 49.49
N TYR J 154 19.14 -29.22 50.32
CA TYR J 154 18.65 -27.86 50.01
C TYR J 154 18.80 -26.97 51.24
N GLY J 155 18.69 -25.66 51.04
CA GLY J 155 18.92 -24.68 52.12
C GLY J 155 18.19 -23.37 51.90
N PHE J 156 17.84 -22.72 53.00
CA PHE J 156 17.50 -21.28 53.02
C PHE J 156 18.01 -20.66 54.31
N HIS J 157 18.32 -19.37 54.20
CA HIS J 157 18.53 -18.43 55.33
C HIS J 157 17.27 -17.60 55.52
N VAL J 158 16.82 -17.44 56.76
CA VAL J 158 15.87 -16.38 57.19
C VAL J 158 16.69 -15.32 57.93
N LEU J 159 16.74 -14.12 57.34
CA LEU J 159 17.43 -12.95 57.94
C LEU J 159 16.38 -12.01 58.51
N ILE J 160 16.50 -11.68 59.81
CA ILE J 160 15.75 -10.58 60.47
C ILE J 160 16.79 -9.59 60.97
N PRO J 161 17.44 -8.85 60.04
CA PRO J 161 18.63 -8.05 60.36
C PRO J 161 18.38 -6.86 61.30
N GLY J 162 17.20 -6.24 61.23
CA GLY J 162 16.82 -5.04 62.01
C GLY J 162 16.51 -5.33 63.47
N LEU J 163 16.09 -6.55 63.81
CA LEU J 163 15.65 -6.93 65.18
C LEU J 163 16.88 -7.28 66.01
N LYS J 164 17.40 -6.31 66.75
CA LYS J 164 18.68 -6.42 67.49
C LYS J 164 18.42 -7.20 68.78
N LEU J 165 18.97 -8.42 68.86
CA LEU J 165 18.73 -9.43 69.93
C LEU J 165 20.05 -9.80 70.62
N ALA J 166 19.99 -10.09 71.91
CA ALA J 166 21.13 -10.68 72.67
C ALA J 166 21.37 -12.08 72.10
N ALA J 167 22.63 -12.51 72.05
CA ALA J 167 23.03 -13.86 71.57
C ALA J 167 22.22 -14.93 72.34
N SER J 168 22.14 -14.80 73.66
CA SER J 168 21.41 -15.75 74.55
C SER J 168 19.93 -15.83 74.14
N THR J 169 19.30 -14.71 73.78
CA THR J 169 17.87 -14.68 73.33
C THR J 169 17.73 -15.39 71.97
N LYS J 170 18.66 -15.17 71.05
CA LYS J 170 18.68 -15.84 69.72
C LYS J 170 18.71 -17.36 69.92
N LYS J 171 19.60 -17.85 70.80
CA LYS J 171 19.77 -19.29 71.12
C LYS J 171 18.45 -19.85 71.65
N SER J 172 17.82 -19.13 72.58
CA SER J 172 16.50 -19.47 73.17
C SER J 172 15.45 -19.56 72.05
N ILE J 173 15.34 -18.53 71.20
CA ILE J 173 14.36 -18.47 70.06
C ILE J 173 14.60 -19.66 69.12
N ILE J 174 15.86 -19.93 68.78
CA ILE J 174 16.25 -21.06 67.89
C ILE J 174 15.82 -22.39 68.53
N GLY J 175 16.09 -22.60 69.83
CA GLY J 175 15.66 -23.81 70.58
C GLY J 175 14.17 -24.07 70.41
N SER J 176 13.36 -23.04 70.66
CA SER J 176 11.87 -23.08 70.55
C SER J 176 11.46 -23.40 69.10
N LEU J 177 12.12 -22.79 68.11
CA LEU J 177 11.76 -22.92 66.67
C LEU J 177 11.97 -24.37 66.19
N GLN J 178 13.00 -25.06 66.72
CA GLN J 178 13.32 -26.45 66.35
C GLN J 178 12.12 -27.36 66.65
N HIS J 179 11.37 -27.09 67.73
CA HIS J 179 10.27 -27.93 68.27
C HIS J 179 8.89 -27.45 67.82
N ASP J 180 8.81 -26.46 66.92
CA ASP J 180 7.52 -25.84 66.47
C ASP J 180 6.82 -26.79 65.49
N ALA J 181 5.67 -27.32 65.89
CA ALA J 181 4.86 -28.31 65.13
C ALA J 181 4.35 -27.69 63.82
N THR J 182 3.93 -26.43 63.83
CA THR J 182 3.41 -25.73 62.62
C THR J 182 4.55 -25.56 61.59
N VAL J 183 5.76 -25.20 62.04
CA VAL J 183 6.95 -25.03 61.17
C VAL J 183 7.30 -26.39 60.56
N GLN J 184 7.26 -27.45 61.36
CA GLN J 184 7.59 -28.84 60.94
C GLN J 184 6.59 -29.29 59.86
N LYS J 185 5.31 -28.96 60.05
CA LYS J 185 4.23 -29.23 59.06
C LYS J 185 4.58 -28.53 57.75
N ILE J 186 4.76 -27.21 57.78
CA ILE J 186 5.07 -26.38 56.57
C ILE J 186 6.22 -27.05 55.80
N LEU J 187 7.30 -27.38 56.50
CA LEU J 187 8.54 -27.93 55.90
C LEU J 187 8.24 -29.31 55.30
N HIS J 188 7.46 -30.13 56.03
CA HIS J 188 7.01 -31.48 55.57
C HIS J 188 6.25 -31.36 54.25
N GLU J 189 5.31 -30.42 54.15
CA GLU J 189 4.46 -30.22 52.95
C GLU J 189 5.30 -29.67 51.79
N GLN J 190 6.50 -29.16 52.06
CA GLN J 190 7.46 -28.68 51.03
C GLN J 190 8.31 -29.86 50.53
N GLY J 191 8.26 -31.02 51.21
CA GLY J 191 9.01 -32.25 50.86
C GLY J 191 10.26 -32.44 51.73
N VAL J 192 10.34 -31.78 52.88
CA VAL J 192 11.52 -31.88 53.80
C VAL J 192 11.35 -33.15 54.63
N THR J 193 12.37 -34.01 54.63
CA THR J 193 12.40 -35.30 55.36
C THR J 193 13.10 -35.15 56.72
N ASN J 194 13.72 -34.01 57.02
CA ASN J 194 14.38 -33.72 58.33
C ASN J 194 13.80 -32.46 58.97
N PRO J 195 12.46 -32.35 59.09
CA PRO J 195 11.85 -31.12 59.61
C PRO J 195 12.16 -30.88 61.11
N GLU J 196 12.59 -31.92 61.83
CA GLU J 196 12.87 -31.85 63.29
C GLU J 196 14.30 -31.36 63.55
N SER J 197 15.20 -31.47 62.56
CA SER J 197 16.67 -31.33 62.75
C SER J 197 17.32 -30.54 61.61
N CYS J 198 16.58 -29.70 60.89
CA CYS J 198 17.08 -28.94 59.72
C CYS J 198 17.56 -27.55 60.15
N LEU J 199 17.07 -26.99 61.27
CA LEU J 199 17.51 -25.66 61.77
C LEU J 199 18.81 -25.81 62.55
N ASP J 200 19.90 -25.20 62.06
CA ASP J 200 21.22 -25.19 62.74
C ASP J 200 21.10 -24.52 64.11
N PRO J 201 21.28 -25.28 65.23
CA PRO J 201 21.16 -24.70 66.57
C PRO J 201 22.25 -23.67 66.92
N HIS J 202 23.29 -23.56 66.08
CA HIS J 202 24.42 -22.59 66.23
C HIS J 202 24.17 -21.35 65.35
N SER J 203 23.01 -21.27 64.70
CA SER J 203 22.54 -20.10 63.89
C SER J 203 22.81 -18.78 64.61
N ALA J 204 22.75 -18.78 65.95
CA ALA J 204 22.92 -17.58 66.82
C ALA J 204 24.38 -17.10 66.85
N SER J 205 25.35 -18.01 66.69
CA SER J 205 26.79 -17.76 66.99
C SER J 205 27.66 -17.78 65.73
N VAL J 206 27.30 -18.54 64.69
CA VAL J 206 28.14 -18.71 63.47
C VAL J 206 28.27 -17.34 62.80
N PRO J 207 29.45 -17.03 62.20
CA PRO J 207 29.57 -15.89 61.30
C PRO J 207 28.61 -16.12 60.12
N SER J 208 27.99 -15.04 59.64
CA SER J 208 26.85 -15.08 58.69
C SER J 208 27.31 -14.48 57.37
N LEU J 209 27.11 -15.19 56.26
CA LEU J 209 27.53 -14.73 54.91
C LEU J 209 26.81 -13.43 54.58
N LEU J 210 27.52 -12.45 54.06
CA LEU J 210 26.90 -11.24 53.48
C LEU J 210 26.15 -11.68 52.21
N TYR J 211 25.06 -11.00 51.89
CA TYR J 211 24.28 -11.30 50.66
C TYR J 211 25.24 -11.20 49.47
N GLY J 212 25.23 -12.21 48.61
CA GLY J 212 26.11 -12.30 47.43
C GLY J 212 27.36 -13.11 47.69
N SER J 213 27.62 -13.49 48.93
CA SER J 213 28.81 -14.27 49.35
C SER J 213 28.44 -15.74 49.57
N SER J 214 29.43 -16.63 49.54
CA SER J 214 29.28 -18.08 49.75
C SER J 214 30.64 -18.72 50.08
N LYS J 215 30.62 -19.90 50.71
CA LYS J 215 31.80 -20.81 50.78
C LYS J 215 32.31 -20.99 49.35
N LEU J 216 33.59 -21.27 49.19
CA LEU J 216 34.25 -21.25 47.86
C LEU J 216 33.76 -22.45 47.03
N ASN J 217 33.20 -23.47 47.68
CA ASN J 217 32.69 -24.71 47.03
C ASN J 217 31.20 -24.59 46.68
N HIS J 218 30.51 -23.53 47.14
CA HIS J 218 29.04 -23.35 46.98
C HIS J 218 28.77 -22.09 46.13
N LYS J 219 27.53 -21.91 45.69
CA LYS J 219 27.09 -20.66 44.99
C LYS J 219 26.27 -19.83 45.98
N PRO J 220 26.23 -18.49 45.82
CA PRO J 220 25.52 -17.63 46.79
C PRO J 220 24.01 -17.87 46.76
N TYR J 221 23.40 -17.86 47.94
CA TYR J 221 21.93 -17.87 48.13
C TYR J 221 21.36 -16.63 47.44
N GLN J 222 20.17 -16.77 46.86
CA GLN J 222 19.44 -15.72 46.09
C GLN J 222 18.21 -15.27 46.89
N LEU J 223 17.98 -13.96 46.99
CA LEU J 223 16.81 -13.39 47.69
C LEU J 223 15.57 -13.72 46.87
N LYS J 224 14.64 -14.49 47.43
CA LYS J 224 13.38 -14.86 46.74
C LYS J 224 12.28 -13.88 47.14
N THR J 225 12.07 -13.69 48.44
CA THR J 225 10.93 -12.94 48.99
C THR J 225 11.36 -12.29 50.32
N GLY J 226 10.94 -11.05 50.54
CA GLY J 226 11.03 -10.36 51.84
C GLY J 226 9.66 -9.92 52.34
N PHE J 227 9.48 -9.88 53.67
CA PHE J 227 8.19 -9.54 54.32
C PHE J 227 8.41 -8.44 55.35
N GLU J 228 7.42 -7.55 55.46
CA GLU J 228 7.31 -6.50 56.50
C GLU J 228 6.28 -6.97 57.53
N LEU J 229 6.72 -7.21 58.77
CA LEU J 229 5.84 -7.52 59.92
C LEU J 229 5.77 -6.27 60.79
N VAL J 230 4.57 -5.76 61.06
CA VAL J 230 4.34 -4.66 62.06
C VAL J 230 3.74 -5.31 63.30
N PHE J 231 4.33 -5.05 64.47
CA PHE J 231 3.75 -5.43 65.78
C PHE J 231 3.45 -4.14 66.55
N ASP J 232 2.39 -4.19 67.36
CA ASP J 232 1.92 -3.07 68.21
C ASP J 232 1.53 -3.66 69.58
N SER J 233 2.25 -3.27 70.64
CA SER J 233 2.06 -3.78 72.03
C SER J 233 0.62 -3.51 72.51
N SER J 234 0.02 -2.41 72.04
CA SER J 234 -1.36 -1.98 72.41
C SER J 234 -2.40 -2.89 71.75
N ASP J 235 -2.06 -3.47 70.59
CA ASP J 235 -2.97 -4.28 69.73
C ASP J 235 -2.26 -5.58 69.36
N PRO J 236 -1.97 -6.46 70.33
CA PRO J 236 -1.05 -7.58 70.13
C PRO J 236 -1.57 -8.67 69.16
N ASP J 237 -2.87 -8.71 68.91
CA ASP J 237 -3.51 -9.75 68.06
C ASP J 237 -3.46 -9.31 66.59
N TYR J 238 -3.08 -8.07 66.29
CA TYR J 238 -2.94 -7.58 64.90
C TYR J 238 -1.47 -7.62 64.50
N ILE J 239 -1.11 -8.60 63.66
CA ILE J 239 0.30 -8.87 63.24
C ILE J 239 0.33 -8.95 61.72
N PRO J 240 0.15 -7.80 61.02
CA PRO J 240 0.12 -7.78 59.56
C PRO J 240 1.51 -8.14 58.99
N ILE J 241 1.52 -9.09 58.07
CA ILE J 241 2.71 -9.53 57.29
C ILE J 241 2.37 -9.33 55.80
N HIS J 242 3.17 -8.52 55.10
CA HIS J 242 3.04 -8.22 53.66
C HIS J 242 4.41 -8.35 52.98
N GLN J 243 4.42 -8.93 51.78
CA GLN J 243 5.60 -8.93 50.88
C GLN J 243 6.09 -7.47 50.72
N ILE J 244 7.40 -7.29 50.75
CA ILE J 244 8.09 -6.02 50.35
C ILE J 244 8.18 -6.02 48.81
N LYS J 245 7.78 -4.93 48.16
CA LYS J 245 7.53 -4.95 46.69
C LYS J 245 8.73 -4.41 45.90
N ASN J 246 9.41 -3.38 46.43
CA ASN J 246 10.49 -2.65 45.69
C ASN J 246 11.85 -2.99 46.31
N LEU J 247 12.15 -4.28 46.47
CA LEU J 247 13.41 -4.80 47.08
C LEU J 247 14.63 -4.32 46.29
N GLU J 248 14.55 -4.39 44.94
CA GLU J 248 15.61 -3.99 43.98
C GLU J 248 16.04 -2.54 44.19
N SER J 249 15.17 -1.69 44.75
CA SER J 249 15.40 -0.24 44.99
C SER J 249 16.48 -0.01 46.05
N TYR J 250 16.78 -1.01 46.87
CA TYR J 250 17.65 -0.85 48.07
C TYR J 250 19.00 -1.52 47.80
N ASN J 251 20.01 -1.17 48.59
CA ASN J 251 21.29 -1.90 48.67
C ASN J 251 21.07 -3.14 49.54
N LEU J 252 20.94 -4.31 48.92
CA LEU J 252 20.53 -5.56 49.61
C LEU J 252 21.65 -6.07 50.53
N VAL J 253 22.92 -5.96 50.16
CA VAL J 253 24.04 -6.35 51.07
C VAL J 253 23.84 -5.56 52.38
N SER J 254 23.63 -4.25 52.25
CA SER J 254 23.37 -3.28 53.35
C SER J 254 22.14 -3.72 54.19
N GLU J 255 20.97 -3.81 53.56
CA GLU J 255 19.68 -4.03 54.27
C GLU J 255 19.69 -5.38 55.00
N LEU J 256 20.27 -6.42 54.39
CA LEU J 256 20.24 -7.82 54.90
C LEU J 256 21.29 -8.04 56.00
N SER J 257 22.26 -7.13 56.18
CA SER J 257 23.35 -7.25 57.16
C SER J 257 22.79 -7.22 58.60
N LEU J 258 23.10 -8.25 59.39
CA LEU J 258 22.65 -8.41 60.80
C LEU J 258 23.26 -7.32 61.69
N THR J 259 24.43 -6.79 61.33
CA THR J 259 25.21 -5.86 62.20
C THR J 259 25.02 -4.41 61.76
N ASN J 260 24.45 -4.16 60.56
CA ASN J 260 24.15 -2.80 60.04
C ASN J 260 23.08 -2.14 60.91
N GLU J 261 23.19 -0.82 61.13
CA GLU J 261 22.21 0.00 61.88
C GLU J 261 21.81 1.23 61.04
N GLN J 262 22.33 1.34 59.81
CA GLN J 262 22.17 2.54 58.95
C GLN J 262 21.58 2.13 57.59
N GLY J 263 20.79 1.04 57.56
CA GLY J 263 19.95 0.70 56.40
C GLY J 263 18.85 1.72 56.19
N SER J 264 18.28 1.78 54.98
CA SER J 264 17.17 2.69 54.60
C SER J 264 15.83 1.97 54.81
N LEU J 265 15.67 0.78 54.23
CA LEU J 265 14.48 -0.09 54.42
C LEU J 265 14.47 -0.59 55.87
N VAL J 266 15.59 -1.19 56.30
CA VAL J 266 15.71 -1.88 57.62
C VAL J 266 16.21 -0.85 58.64
N ARG J 267 15.32 -0.41 59.53
CA ARG J 267 15.62 0.50 60.66
C ARG J 267 15.66 -0.37 61.91
N PRO J 268 16.71 -0.25 62.76
CA PRO J 268 16.84 -1.13 63.91
C PRO J 268 15.68 -1.00 64.91
N VAL J 269 15.22 -2.12 65.46
CA VAL J 269 14.40 -2.13 66.71
C VAL J 269 15.22 -2.90 67.76
N TYR J 270 15.49 -2.20 68.86
CA TYR J 270 16.41 -2.62 69.95
C TYR J 270 15.59 -3.39 70.99
N CYS J 271 15.89 -4.68 71.12
CA CYS J 271 15.32 -5.58 72.14
C CYS J 271 16.13 -5.45 73.43
N ALA J 272 15.50 -5.73 74.58
CA ALA J 272 16.14 -5.80 75.90
C ALA J 272 17.27 -6.83 75.86
N ALA J 273 18.43 -6.50 76.44
CA ALA J 273 19.62 -7.40 76.53
C ALA J 273 19.44 -8.34 77.73
N MET J 294 43.72 -23.61 55.12
CA MET J 294 42.67 -22.62 55.17
C MET J 294 42.51 -21.93 53.82
N LEU J 295 43.60 -21.34 53.33
CA LEU J 295 43.60 -20.65 52.05
C LEU J 295 43.74 -21.67 50.92
N HIS J 296 42.88 -21.57 49.91
CA HIS J 296 42.83 -22.54 48.83
C HIS J 296 43.30 -21.95 47.50
N ASP J 297 42.65 -20.87 47.04
CA ASP J 297 42.72 -20.22 45.72
C ASP J 297 42.99 -21.21 44.59
N PRO J 298 42.07 -22.14 44.32
CA PRO J 298 42.37 -23.19 43.33
C PRO J 298 42.36 -22.69 41.89
N GLU J 299 41.68 -21.57 41.62
CA GLU J 299 41.54 -20.98 40.28
C GLU J 299 40.95 -21.95 39.27
N ALA J 300 40.06 -22.84 39.76
CA ALA J 300 39.41 -23.89 38.96
C ALA J 300 40.43 -24.78 38.24
N ARG J 301 41.56 -25.03 38.91
CA ARG J 301 42.60 -25.86 38.31
C ARG J 301 43.01 -27.02 39.21
N TYR J 302 43.08 -26.81 40.52
CA TYR J 302 43.42 -27.88 41.44
C TYR J 302 42.18 -28.56 42.02
N LEU J 303 40.99 -28.05 41.72
CA LEU J 303 39.76 -28.78 42.01
C LEU J 303 39.71 -30.09 41.24
N HIS J 304 40.29 -30.11 40.03
CA HIS J 304 40.45 -31.37 39.31
C HIS J 304 41.34 -32.33 40.06
N LYS J 305 42.43 -31.82 40.66
CA LYS J 305 43.31 -32.66 41.46
C LYS J 305 42.60 -33.20 42.70
N ILE J 306 41.76 -32.37 43.32
CA ILE J 306 40.94 -32.85 44.44
C ILE J 306 39.97 -33.93 43.97
N LEU J 307 39.36 -33.73 42.80
CA LEU J 307 38.38 -34.68 42.28
C LEU J 307 39.02 -36.02 41.92
N ASN J 308 40.28 -36.02 41.49
CA ASN J 308 40.93 -37.29 41.19
C ASN J 308 41.76 -37.85 42.34
N LEU J 309 41.93 -37.09 43.43
CA LEU J 309 42.77 -37.54 44.54
C LEU J 309 41.98 -38.34 45.57
N LEU J 310 40.75 -37.93 45.87
CA LEU J 310 39.91 -38.66 46.81
C LEU J 310 39.52 -40.09 46.41
N PRO J 311 39.15 -40.43 45.17
CA PRO J 311 38.58 -41.78 44.87
C PRO J 311 39.46 -42.97 45.23
N PRO J 312 40.80 -42.93 45.13
CA PRO J 312 41.57 -44.11 45.58
C PRO J 312 41.44 -44.37 47.08
N GLU J 313 41.56 -45.64 47.44
CA GLU J 313 41.44 -46.11 48.82
C GLU J 313 42.77 -46.02 49.57
N TYR J 314 43.65 -45.11 49.17
CA TYR J 314 44.98 -44.98 49.73
C TYR J 314 45.06 -43.94 50.83
N TYR J 315 44.00 -43.81 51.64
CA TYR J 315 44.03 -42.84 52.73
C TYR J 315 45.08 -43.22 53.76
N VAL J 316 45.20 -44.51 54.07
CA VAL J 316 46.37 -45.05 54.76
C VAL J 316 47.32 -45.60 53.71
N GLU J 317 48.63 -45.44 53.96
CA GLU J 317 49.65 -45.81 52.97
C GLU J 317 50.84 -46.42 53.71
N TYR J 318 50.89 -47.75 53.75
CA TYR J 318 52.07 -48.41 54.30
C TYR J 318 53.22 -48.51 53.29
N PRO J 319 53.01 -48.92 51.98
CA PRO J 319 54.18 -48.92 51.08
C PRO J 319 54.29 -47.70 50.17
N LEU J 320 53.26 -46.85 50.13
CA LEU J 320 53.20 -45.76 49.15
C LEU J 320 52.99 -44.40 49.80
N TRP J 321 53.39 -44.25 51.07
CA TRP J 321 53.26 -42.96 51.74
C TRP J 321 54.19 -41.93 51.11
N SER J 322 55.44 -42.31 50.84
CA SER J 322 56.37 -41.39 50.21
C SER J 322 56.07 -41.17 48.73
N ASN J 323 55.40 -42.11 48.08
CA ASN J 323 55.18 -42.05 46.64
C ASN J 323 54.13 -41.04 46.22
N VAL J 324 53.43 -40.41 47.16
CA VAL J 324 52.42 -39.41 46.83
C VAL J 324 53.00 -38.01 46.91
N VAL J 325 53.79 -37.72 47.94
CA VAL J 325 54.30 -36.35 48.14
C VAL J 325 55.35 -36.01 47.07
N PHE J 326 56.21 -36.95 46.71
CA PHE J 326 57.16 -36.71 45.63
C PHE J 326 56.48 -36.70 44.27
N ALA J 327 55.25 -37.22 44.17
CA ALA J 327 54.48 -37.05 42.96
C ALA J 327 53.96 -35.63 42.81
N LEU J 328 53.80 -34.90 43.91
CA LEU J 328 53.48 -33.49 43.89
C LEU J 328 54.71 -32.61 44.06
N ALA J 329 55.91 -33.16 43.84
CA ALA J 329 57.12 -32.36 43.91
C ALA J 329 57.20 -31.36 42.77
N ASN J 330 56.59 -31.67 41.62
CA ASN J 330 56.50 -30.71 40.53
C ASN J 330 55.61 -29.54 40.91
N THR J 331 54.59 -29.77 41.74
CA THR J 331 53.75 -28.69 42.21
C THR J 331 54.52 -27.79 43.17
N SER J 332 54.50 -26.49 42.90
CA SER J 332 55.21 -25.53 43.74
C SER J 332 54.49 -25.35 45.08
N ALA J 333 53.25 -24.90 45.04
CA ALA J 333 52.45 -24.71 46.26
C ALA J 333 51.75 -26.02 46.59
N ASN J 334 52.54 -26.96 47.11
CA ASN J 334 52.04 -28.28 47.48
C ASN J 334 51.59 -28.37 48.93
N TYR J 335 51.76 -27.29 49.70
CA TYR J 335 51.45 -27.33 51.13
C TYR J 335 49.96 -27.53 51.38
N ARG J 336 49.12 -26.73 50.71
CA ARG J 336 47.67 -26.90 50.82
C ARG J 336 47.19 -28.24 50.24
N PRO J 337 47.68 -28.72 49.08
CA PRO J 337 47.32 -30.10 48.68
C PRO J 337 47.70 -31.18 49.67
N LEU J 338 48.90 -31.11 50.28
CA LEU J 338 49.26 -32.15 51.24
C LEU J 338 48.45 -32.02 52.52
N ALA J 339 48.14 -30.79 52.94
CA ALA J 339 47.31 -30.59 54.12
C ALA J 339 45.87 -31.02 53.88
N GLU J 340 45.39 -30.94 52.64
CA GLU J 340 44.07 -31.47 52.33
C GLU J 340 44.09 -33.00 52.21
N TRP J 341 45.19 -33.56 51.74
CA TRP J 341 45.23 -35.01 51.47
C TRP J 341 45.52 -35.81 52.73
N PHE J 342 46.65 -35.56 53.37
CA PHE J 342 47.18 -36.45 54.41
C PHE J 342 46.98 -35.90 55.82
N SER J 343 45.83 -35.30 56.10
CA SER J 343 45.53 -34.76 57.43
C SER J 343 44.21 -35.30 57.96
N GLN J 344 43.88 -36.55 57.63
CA GLN J 344 42.67 -37.18 58.13
C GLN J 344 42.83 -38.69 58.22
N THR J 352 42.88 -44.15 60.50
CA THR J 352 42.63 -42.75 60.20
C THR J 352 43.44 -41.83 61.10
N GLY J 353 43.40 -40.54 60.81
CA GLY J 353 44.14 -39.56 61.59
C GLY J 353 45.64 -39.67 61.38
N GLY J 354 46.35 -40.15 62.40
CA GLY J 354 47.79 -40.31 62.31
C GLY J 354 48.59 -39.05 62.55
N LYS J 355 47.94 -37.97 63.01
CA LYS J 355 48.49 -36.63 63.30
C LYS J 355 49.47 -36.13 62.24
N GLU J 356 49.16 -36.41 60.96
CA GLU J 356 49.97 -36.02 59.81
C GLU J 356 51.41 -36.52 59.95
N LYS J 357 51.56 -37.77 60.40
CA LYS J 357 52.81 -38.38 60.88
C LYS J 357 53.64 -37.39 61.71
N LEU J 358 52.99 -36.86 62.76
CA LEU J 358 53.51 -35.83 63.68
C LEU J 358 54.10 -34.63 62.95
N GLU J 359 53.56 -34.33 61.75
CA GLU J 359 53.92 -33.17 60.94
C GLU J 359 55.43 -33.08 60.68
N LYS J 360 56.05 -34.23 60.43
CA LYS J 360 57.47 -34.22 60.11
C LYS J 360 57.73 -33.82 58.66
N LEU J 361 56.68 -33.80 57.83
CA LEU J 361 56.69 -33.19 56.50
C LEU J 361 57.71 -33.82 55.56
N TRP J 362 57.98 -35.11 55.75
CA TRP J 362 59.06 -35.83 55.07
C TRP J 362 60.39 -35.10 55.24
N ASN J 363 60.74 -34.85 56.50
CA ASN J 363 61.94 -34.09 56.89
C ASN J 363 61.94 -32.70 56.26
N ASP J 364 60.82 -31.99 56.44
CA ASP J 364 60.64 -30.58 56.05
C ASP J 364 60.85 -30.38 54.54
N ALA J 365 59.94 -30.99 53.78
CA ALA J 365 59.83 -30.85 52.32
C ALA J 365 61.12 -31.30 51.62
N SER J 366 61.38 -32.59 51.73
CA SER J 366 62.53 -33.19 51.06
C SER J 366 62.39 -33.06 49.54
N HIS J 367 63.47 -32.65 48.89
CA HIS J 367 63.47 -32.50 47.45
C HIS J 367 63.47 -33.85 46.76
N HIS J 368 63.09 -33.85 45.48
CA HIS J 368 63.08 -35.06 44.69
C HIS J 368 64.51 -35.54 44.44
N THR J 369 64.73 -36.85 44.61
CA THR J 369 66.04 -37.41 44.33
C THR J 369 66.38 -37.32 42.84
N GLU J 370 65.40 -37.57 41.98
CA GLU J 370 65.56 -37.48 40.54
C GLU J 370 64.18 -37.21 39.93
N LYS J 371 64.08 -37.38 38.62
CA LYS J 371 62.79 -37.24 37.92
C LYS J 371 62.01 -38.55 38.08
N LYS J 372 61.50 -38.75 39.29
CA LYS J 372 60.83 -39.99 39.64
C LYS J 372 59.41 -40.04 39.10
N ILE J 373 58.56 -39.11 39.56
CA ILE J 373 57.13 -39.14 39.28
C ILE J 373 56.61 -37.71 39.13
N THR J 374 55.45 -37.61 38.48
CA THR J 374 54.80 -36.33 38.24
C THR J 374 53.30 -36.53 38.43
N LYS J 375 52.50 -35.61 37.89
CA LYS J 375 51.04 -35.69 37.98
C LYS J 375 50.51 -36.96 37.32
N ARG J 376 51.21 -37.50 36.33
CA ARG J 376 50.79 -38.71 35.65
C ARG J 376 50.79 -39.93 36.57
N SER J 377 51.58 -39.92 37.65
CA SER J 377 51.54 -41.01 38.61
C SER J 377 50.20 -41.06 39.32
N ILE J 378 49.71 -39.91 39.79
CA ILE J 378 48.38 -39.87 40.41
C ILE J 378 47.31 -40.10 39.35
N MET J 379 47.58 -39.69 38.11
CA MET J 379 46.61 -39.88 37.03
C MET J 379 46.41 -41.38 36.74
N TYR J 380 47.51 -42.15 36.79
CA TYR J 380 47.44 -43.59 36.68
C TYR J 380 47.05 -44.28 37.99
N TRP J 381 47.07 -43.55 39.10
CA TRP J 381 46.54 -44.13 40.32
C TRP J 381 45.01 -44.15 40.32
N ALA J 382 44.39 -43.29 39.51
CA ALA J 382 43.03 -43.50 39.07
C ALA J 382 43.03 -44.47 37.89
N HIS J 383 41.85 -44.76 37.34
CA HIS J 383 41.66 -45.70 36.21
C HIS J 383 42.16 -47.11 36.54
N LYS J 384 42.30 -47.43 37.82
CA LYS J 384 42.74 -48.75 38.26
C LYS J 384 41.77 -49.28 39.30
N HIS J 385 41.15 -48.37 40.05
CA HIS J 385 40.14 -48.70 41.05
C HIS J 385 38.76 -48.25 40.63
N ALA J 386 38.63 -47.03 40.11
CA ALA J 386 37.36 -46.49 39.64
C ALA J 386 37.56 -45.95 38.24
N PRO J 387 37.49 -46.81 37.22
CA PRO J 387 37.72 -46.33 35.84
C PRO J 387 36.61 -45.44 35.31
N GLN J 388 35.34 -45.79 35.57
CA GLN J 388 34.24 -45.00 35.03
C GLN J 388 34.13 -43.65 35.72
N GLN J 389 34.42 -43.58 37.02
CA GLN J 389 34.40 -42.31 37.73
C GLN J 389 35.50 -41.39 37.23
N TYR J 390 36.71 -41.94 37.06
CA TYR J 390 37.82 -41.17 36.51
C TYR J 390 37.50 -40.68 35.10
N LYS J 391 36.88 -41.55 34.29
CA LYS J 391 36.50 -41.18 32.92
C LYS J 391 35.48 -40.05 32.91
N GLU J 392 34.47 -40.10 33.78
CA GLU J 392 33.49 -39.02 33.77
C GLU J 392 34.07 -37.74 34.36
N ILE J 393 34.99 -37.84 35.32
CA ILE J 393 35.64 -36.63 35.85
C ILE J 393 36.47 -35.95 34.76
N VAL J 394 37.29 -36.73 34.03
CA VAL J 394 38.12 -36.10 33.01
C VAL J 394 37.25 -35.61 31.85
N GLU J 395 36.16 -36.31 31.53
CA GLU J 395 35.26 -35.84 30.47
C GLU J 395 34.57 -34.54 30.86
N GLN J 396 34.17 -34.42 32.13
CA GLN J 396 33.59 -33.16 32.60
C GLN J 396 34.60 -32.03 32.55
N GLY J 397 35.86 -32.31 32.91
CA GLY J 397 36.89 -31.30 32.75
C GLY J 397 37.12 -30.91 31.31
N TYR J 398 37.07 -31.89 30.40
CA TYR J 398 37.34 -31.64 29.00
C TYR J 398 36.25 -30.76 28.40
N PHE J 399 35.00 -31.12 28.71
CA PHE J 399 33.84 -30.34 28.31
C PHE J 399 33.86 -28.95 28.92
N SER J 400 34.33 -28.82 30.17
CA SER J 400 34.40 -27.51 30.80
C SER J 400 35.42 -26.61 30.12
N ILE J 401 36.59 -27.16 29.78
CA ILE J 401 37.61 -26.36 29.09
C ILE J 401 37.12 -25.92 27.72
N LEU J 402 36.55 -26.85 26.96
CA LEU J 402 36.04 -26.49 25.64
C LEU J 402 34.86 -25.54 25.72
N ALA J 403 34.03 -25.66 26.76
CA ALA J 403 32.90 -24.76 26.93
C ALA J 403 33.36 -23.35 27.27
N GLU J 404 34.38 -23.22 28.12
CA GLU J 404 34.87 -21.88 28.42
C GLU J 404 35.57 -21.27 27.21
N TYR J 405 36.20 -22.09 26.36
CA TYR J 405 36.80 -21.54 25.15
C TYR J 405 35.72 -21.14 24.13
N VAL J 406 34.62 -21.89 24.07
CA VAL J 406 33.55 -21.56 23.15
C VAL J 406 32.81 -20.31 23.62
N TYR J 407 32.52 -20.21 24.91
CA TYR J 407 31.78 -19.05 25.42
C TYR J 407 32.65 -17.80 25.46
N SER J 408 33.97 -17.96 25.55
CA SER J 408 34.84 -16.78 25.50
C SER J 408 34.85 -16.16 24.11
N TYR J 409 35.03 -16.98 23.07
CA TYR J 409 35.02 -16.54 21.69
C TYR J 409 33.98 -17.40 20.96
N ASN J 410 32.91 -16.73 20.48
CA ASN J 410 31.59 -17.36 20.39
C ASN J 410 31.58 -18.60 19.51
N GLY J 411 32.06 -18.48 18.27
CA GLY J 411 32.07 -19.63 17.39
C GLY J 411 33.42 -19.95 16.81
N MET J 412 34.28 -18.93 16.73
CA MET J 412 35.58 -19.05 16.09
C MET J 412 36.51 -19.84 17.00
N LEU J 413 36.59 -21.15 16.76
CA LEU J 413 37.51 -22.02 17.48
C LEU J 413 38.76 -22.20 16.64
N GLU J 414 39.92 -21.88 17.22
CA GLU J 414 41.16 -21.79 16.46
C GLU J 414 42.16 -22.85 16.95
N HIS J 415 43.39 -22.73 16.45
CA HIS J 415 44.38 -23.81 16.57
C HIS J 415 44.79 -24.03 18.02
N TYR J 416 45.04 -22.95 18.77
CA TYR J 416 45.56 -23.11 20.12
C TYR J 416 44.51 -23.66 21.07
N MET J 417 43.23 -23.40 20.82
CA MET J 417 42.19 -23.95 21.68
C MET J 417 42.13 -25.47 21.55
N ILE J 418 42.18 -25.98 20.33
CA ILE J 418 42.22 -27.43 20.10
C ILE J 418 43.51 -28.01 20.65
N ALA J 419 44.62 -27.26 20.52
CA ALA J 419 45.89 -27.74 21.06
C ALA J 419 45.83 -27.84 22.59
N LYS J 420 45.20 -26.87 23.24
CA LYS J 420 45.07 -26.89 24.70
C LYS J 420 44.20 -28.04 25.17
N VAL J 421 43.07 -28.26 24.51
CA VAL J 421 42.20 -29.36 24.91
C VAL J 421 42.86 -30.70 24.64
N ILE J 422 43.63 -30.81 23.55
CA ILE J 422 44.36 -32.04 23.25
C ILE J 422 45.46 -32.28 24.27
N TYR J 423 46.18 -31.23 24.67
CA TYR J 423 47.20 -31.39 25.70
C TYR J 423 46.60 -31.80 27.03
N ALA J 424 45.42 -31.28 27.36
CA ALA J 424 44.69 -31.80 28.51
C ALA J 424 44.26 -33.24 28.28
N MET J 425 44.06 -33.64 27.01
CA MET J 425 43.50 -34.96 26.72
C MET J 425 44.55 -36.05 26.77
N MET J 426 45.61 -35.93 25.99
CA MET J 426 46.66 -36.94 25.94
C MET J 426 48.02 -36.36 26.31
N GLY J 427 48.06 -35.58 27.39
CA GLY J 427 49.33 -35.15 27.93
C GLY J 427 50.11 -36.26 28.62
N ASN J 428 49.46 -37.39 28.88
CA ASN J 428 50.09 -38.53 29.53
C ASN J 428 50.69 -39.52 28.54
N LYS J 429 50.64 -39.21 27.24
CA LYS J 429 51.01 -40.16 26.20
C LYS J 429 51.98 -39.63 25.16
N PHE J 430 52.06 -38.32 24.94
CA PHE J 430 52.96 -37.74 23.95
C PHE J 430 53.84 -36.68 24.60
N VAL J 431 55.10 -36.64 24.15
CA VAL J 431 55.99 -35.51 24.40
C VAL J 431 56.68 -35.15 23.09
N VAL J 432 57.45 -34.07 23.11
CA VAL J 432 58.07 -33.56 21.89
C VAL J 432 59.38 -32.87 22.27
N ASP J 433 60.38 -32.96 21.39
CA ASP J 433 61.68 -32.33 21.67
C ASP J 433 62.29 -31.76 20.39
N VAL J 434 63.46 -31.16 20.55
CA VAL J 434 64.18 -30.42 19.51
C VAL J 434 65.58 -31.00 19.32
N ASP J 435 65.69 -32.33 19.46
CA ASP J 435 66.89 -33.05 19.89
C ASP J 435 68.26 -32.60 19.35
N SER J 436 68.51 -32.67 18.04
CA SER J 436 69.83 -32.34 17.53
C SER J 436 69.81 -31.26 16.47
N ASN J 437 68.96 -31.38 15.46
CA ASN J 437 68.91 -30.43 14.35
C ASN J 437 67.85 -29.36 14.53
N GLY J 438 67.29 -29.23 15.74
CA GLY J 438 66.26 -28.26 15.98
C GLY J 438 64.89 -28.63 15.45
N LYS J 439 64.68 -29.89 15.08
CA LYS J 439 63.39 -30.36 14.60
C LYS J 439 62.61 -31.00 15.72
N TYR J 440 61.35 -30.63 15.86
CA TYR J 440 60.48 -31.14 16.91
C TYR J 440 60.08 -32.57 16.57
N VAL J 441 60.76 -33.54 17.16
CA VAL J 441 60.39 -34.95 17.01
C VAL J 441 59.45 -35.33 18.14
N TRP J 442 58.47 -36.18 17.84
CA TRP J 442 57.48 -36.58 18.82
C TRP J 442 57.86 -37.92 19.42
N PHE J 443 57.42 -38.15 20.65
CA PHE J 443 57.60 -39.43 21.31
C PHE J 443 56.26 -39.85 21.89
N GLU J 444 55.82 -41.05 21.52
CA GLU J 444 54.52 -41.57 21.90
C GLU J 444 54.69 -42.72 22.87
N PHE J 445 54.02 -42.63 24.01
CA PHE J 445 53.93 -43.77 24.92
C PHE J 445 53.00 -44.83 24.31
N VAL J 446 53.42 -46.08 24.38
CA VAL J 446 52.69 -47.18 23.75
C VAL J 446 51.99 -47.99 24.84
N LEU J 447 50.73 -48.33 24.58
CA LEU J 447 49.89 -49.12 25.45
C LEU J 447 49.63 -50.49 24.83
N PRO J 448 49.22 -51.49 25.62
CA PRO J 448 48.95 -52.82 25.05
C PRO J 448 47.85 -52.85 24.00
N GLY J 449 46.86 -51.97 24.10
CA GLY J 449 45.81 -51.93 23.09
C GLY J 449 46.17 -51.09 21.88
N GLN J 450 47.36 -51.31 21.32
CA GLN J 450 47.89 -50.51 20.24
C GLN J 450 48.64 -51.43 19.28
N PRO J 451 48.82 -51.03 18.02
CA PRO J 451 49.73 -51.76 17.13
C PRO J 451 51.18 -51.43 17.41
N MET J 452 51.89 -52.37 18.02
CA MET J 452 53.32 -52.20 18.32
C MET J 452 54.14 -52.49 17.07
N ASN J 453 55.46 -52.47 17.22
CA ASN J 453 56.35 -52.94 16.15
C ASN J 453 56.70 -54.40 16.38
N GLN J 454 57.45 -54.70 17.44
CA GLN J 454 57.54 -56.06 17.92
C GLN J 454 57.40 -56.09 19.44
N GLY J 455 58.04 -55.14 20.12
CA GLY J 455 58.17 -55.23 21.56
C GLY J 455 58.15 -53.91 22.31
N GLU J 456 57.83 -52.82 21.62
CA GLU J 456 57.72 -51.51 22.26
C GLU J 456 56.37 -51.43 22.98
N ILE J 457 56.29 -52.13 24.11
CA ILE J 457 55.01 -52.36 24.76
C ILE J 457 54.69 -51.32 25.84
N TRP J 458 55.69 -50.79 26.55
CA TRP J 458 55.43 -49.84 27.61
C TRP J 458 56.43 -48.69 27.61
N LYS J 459 57.01 -48.38 26.45
CA LYS J 459 58.08 -47.41 26.33
C LYS J 459 57.75 -46.41 25.24
N TRP J 460 58.49 -45.30 25.25
CA TRP J 460 58.30 -44.27 24.25
C TRP J 460 58.87 -44.71 22.91
N ARG J 461 58.15 -44.38 21.84
CA ARG J 461 58.64 -44.61 20.49
C ARG J 461 58.73 -43.27 19.75
N LYS J 462 59.74 -43.16 18.90
CA LYS J 462 60.02 -41.92 18.20
C LYS J 462 59.19 -41.84 16.93
N GLU J 463 58.59 -40.68 16.70
CA GLU J 463 57.76 -40.44 15.53
C GLU J 463 58.13 -39.10 14.91
N VAL J 464 58.14 -39.07 13.57
CA VAL J 464 58.32 -37.82 12.85
C VAL J 464 57.00 -37.11 12.60
N ASN J 465 55.88 -37.79 12.82
CA ASN J 465 54.55 -37.20 12.70
C ASN J 465 53.59 -37.97 13.59
N PRO J 466 52.89 -37.29 14.49
CA PRO J 466 52.02 -38.01 15.43
C PRO J 466 50.76 -38.55 14.77
N ASP J 467 50.87 -39.76 14.20
CA ASP J 467 49.75 -40.37 13.50
C ASP J 467 48.57 -40.61 14.43
N GLU J 468 48.85 -41.09 15.64
CA GLU J 468 47.79 -41.38 16.60
C GLU J 468 47.10 -40.10 17.05
N LEU J 469 47.84 -39.01 17.20
CA LEU J 469 47.24 -37.73 17.56
C LEU J 469 46.38 -37.18 16.42
N HIS J 470 46.84 -37.36 15.18
CA HIS J 470 46.05 -36.94 14.03
C HIS J 470 44.74 -37.71 13.93
N ILE J 471 44.78 -39.01 14.21
CA ILE J 471 43.53 -39.78 14.25
C ILE J 471 42.67 -39.35 15.43
N TYR J 472 43.32 -39.07 16.58
CA TYR J 472 42.60 -38.77 17.81
C TYR J 472 41.81 -37.47 17.71
N ILE J 473 42.40 -36.44 17.10
CA ILE J 473 41.74 -35.16 16.94
C ILE J 473 40.45 -35.31 16.14
N SER J 474 40.47 -36.17 15.11
CA SER J 474 39.27 -36.37 14.31
C SER J 474 38.25 -37.25 15.00
N GLU J 475 38.68 -38.31 15.70
CA GLU J 475 37.72 -39.24 16.28
C GLU J 475 37.25 -38.84 17.68
N ASN J 476 38.16 -38.78 18.64
CA ASN J 476 37.74 -38.67 20.03
C ASN J 476 37.39 -37.25 20.42
N PHE J 477 38.04 -36.25 19.82
CA PHE J 477 37.69 -34.86 20.08
C PHE J 477 36.34 -34.49 19.48
N SER J 478 35.90 -35.22 18.45
CA SER J 478 34.58 -35.00 17.88
C SER J 478 33.48 -35.35 18.87
N ARG J 479 33.73 -36.28 19.79
CA ARG J 479 32.76 -36.57 20.84
C ARG J 479 32.59 -35.36 21.77
N VAL J 480 33.69 -34.69 22.12
CA VAL J 480 33.60 -33.51 22.96
C VAL J 480 32.93 -32.36 22.21
N MET J 481 33.21 -32.25 20.90
CA MET J 481 32.50 -31.26 20.07
C MET J 481 31.00 -31.53 20.05
N ASP J 482 30.61 -32.80 19.92
CA ASP J 482 29.19 -33.15 19.94
C ASP J 482 28.58 -32.87 21.31
N ARG J 483 29.35 -33.07 22.38
CA ARG J 483 28.88 -32.72 23.72
C ARG J 483 28.64 -31.22 23.85
N ILE J 484 29.52 -30.41 23.24
CA ILE J 484 29.33 -28.96 23.20
C ILE J 484 28.01 -28.63 22.49
N THR J 485 27.78 -29.29 21.34
CA THR J 485 26.55 -29.02 20.58
C THR J 485 25.30 -29.45 21.35
N GLU J 486 25.36 -30.58 22.05
CA GLU J 486 24.22 -31.01 22.86
C GLU J 486 23.98 -30.06 24.02
N HIS J 487 25.04 -29.52 24.62
CA HIS J 487 24.85 -28.54 25.68
C HIS J 487 24.20 -27.27 25.16
N ILE J 488 24.63 -26.82 23.97
CA ILE J 488 24.03 -25.62 23.38
C ILE J 488 22.57 -25.88 23.02
N LYS J 489 22.26 -27.05 22.45
CA LYS J 489 20.88 -27.36 22.10
C LYS J 489 20.01 -27.53 23.33
N TYR J 490 20.57 -28.02 24.43
CA TYR J 490 19.82 -28.09 25.68
C TYR J 490 19.56 -26.70 26.24
N HIS J 491 20.53 -25.79 26.09
CA HIS J 491 20.31 -24.41 26.48
C HIS J 491 19.31 -23.69 25.57
N LEU J 492 19.15 -24.17 24.34
CA LEU J 492 18.12 -23.63 23.46
C LEU J 492 16.72 -23.91 24.01
N SER J 493 16.51 -25.10 24.55
CA SER J 493 15.19 -25.50 25.06
C SER J 493 15.00 -25.08 26.52
N GLN J 494 15.22 -23.79 26.79
CA GLN J 494 15.01 -23.22 28.09
C GLN J 494 14.17 -21.95 27.95
N PRO J 495 13.21 -21.72 28.84
CA PRO J 495 12.28 -20.57 28.68
C PRO J 495 12.80 -19.26 29.26
N HIS J 496 13.68 -18.61 28.51
CA HIS J 496 14.16 -17.27 28.84
C HIS J 496 13.94 -16.35 27.63
N GLU J 497 14.44 -15.12 27.74
CA GLU J 497 14.06 -14.05 26.83
C GLU J 497 14.67 -14.25 25.45
N SER J 498 14.24 -13.40 24.51
CA SER J 498 14.56 -13.58 23.10
C SER J 498 16.01 -13.21 22.77
N ASN J 499 16.62 -12.32 23.53
CA ASN J 499 18.00 -11.93 23.24
C ASN J 499 18.97 -13.07 23.55
N ILE J 500 18.70 -13.83 24.62
CA ILE J 500 19.49 -15.02 24.91
C ILE J 500 19.31 -16.06 23.81
N LEU J 501 18.07 -16.20 23.30
CA LEU J 501 17.81 -17.10 22.19
C LEU J 501 18.58 -16.70 20.95
N ASN J 502 18.61 -15.40 20.64
CA ASN J 502 19.34 -14.92 19.46
C ASN J 502 20.83 -15.13 19.61
N TYR J 503 21.38 -14.84 20.80
CA TYR J 503 22.81 -15.04 21.04
C TYR J 503 23.18 -16.52 20.94
N TYR J 504 22.37 -17.39 21.51
CA TYR J 504 22.65 -18.82 21.44
C TYR J 504 22.53 -19.34 20.02
N LYS J 505 21.54 -18.86 19.26
CA LYS J 505 21.38 -19.30 17.88
C LYS J 505 22.54 -18.86 17.00
N LYS J 506 22.97 -17.61 17.14
CA LYS J 506 24.11 -17.17 16.33
C LYS J 506 25.42 -17.82 16.79
N LEU J 507 25.54 -18.13 18.08
CA LEU J 507 26.70 -18.87 18.56
C LEU J 507 26.74 -20.27 17.98
N LEU J 508 25.58 -20.94 17.94
CA LEU J 508 25.51 -22.27 17.34
C LEU J 508 25.80 -22.24 15.85
N LYS J 509 25.27 -21.22 15.15
CA LYS J 509 25.52 -21.09 13.71
C LYS J 509 27.00 -20.85 13.44
N ALA J 510 27.65 -20.02 14.26
CA ALA J 510 29.09 -19.80 14.11
C ALA J 510 29.89 -21.04 14.48
N PHE J 511 29.39 -21.85 15.42
CA PHE J 511 30.10 -23.05 15.84
C PHE J 511 29.94 -24.20 14.84
N GLU J 512 28.90 -24.19 14.01
CA GLU J 512 28.74 -25.25 13.01
C GLU J 512 29.89 -25.28 12.02
N ARG J 513 30.32 -24.12 11.51
CA ARG J 513 31.42 -24.11 10.56
C ARG J 513 32.77 -24.33 11.20
N SER J 514 32.88 -24.21 12.52
CA SER J 514 34.12 -24.53 13.21
C SER J 514 34.17 -25.98 13.67
N LYS J 515 33.02 -26.63 13.84
CA LYS J 515 33.00 -28.04 14.22
C LYS J 515 33.58 -28.92 13.13
N SER J 516 33.27 -28.62 11.87
CA SER J 516 33.80 -29.40 10.76
C SER J 516 35.23 -29.05 10.42
N LYS J 517 35.80 -28.01 11.04
CA LYS J 517 37.16 -27.61 10.73
C LYS J 517 38.19 -28.56 11.34
N ILE J 518 37.81 -29.37 12.33
CA ILE J 518 38.74 -30.30 12.95
C ILE J 518 39.05 -31.50 12.05
N PHE J 519 38.33 -31.66 10.94
CA PHE J 519 38.65 -32.67 9.96
C PHE J 519 39.50 -32.13 8.82
N ASN J 520 39.74 -30.83 8.78
CA ASN J 520 40.57 -30.24 7.75
C ASN J 520 42.04 -30.62 7.97
N ASP J 521 42.74 -30.92 6.88
CA ASP J 521 44.13 -31.35 7.00
C ASP J 521 45.04 -30.20 7.39
N SER J 522 44.84 -29.01 6.81
CA SER J 522 45.65 -27.86 7.17
C SER J 522 45.38 -27.42 8.61
N PHE J 523 44.12 -27.46 9.03
CA PHE J 523 43.78 -27.12 10.41
C PHE J 523 44.40 -28.13 11.39
N LYS J 524 44.37 -29.42 11.06
CA LYS J 524 44.96 -30.41 11.95
C LYS J 524 46.47 -30.28 12.00
N LYS J 525 47.11 -29.99 10.86
CA LYS J 525 48.55 -29.78 10.85
C LYS J 525 48.93 -28.55 11.66
N GLY J 526 48.14 -27.49 11.56
CA GLY J 526 48.40 -26.32 12.38
C GLY J 526 48.16 -26.56 13.85
N VAL J 527 47.17 -27.38 14.19
CA VAL J 527 46.92 -27.73 15.59
C VAL J 527 48.08 -28.55 16.15
N ILE J 528 48.62 -29.47 15.34
CA ILE J 528 49.79 -30.24 15.76
C ILE J 528 50.99 -29.34 15.95
N ARG J 529 51.22 -28.41 15.02
CA ARG J 529 52.34 -27.48 15.14
C ARG J 529 52.17 -26.55 16.34
N GLN J 530 50.94 -26.21 16.70
CA GLN J 530 50.70 -25.39 17.87
C GLN J 530 50.88 -26.17 19.16
N ALA J 531 50.44 -27.43 19.18
CA ALA J 531 50.60 -28.28 20.35
C ALA J 531 52.04 -28.74 20.54
N GLU J 532 52.89 -28.59 19.51
CA GLU J 532 54.31 -28.85 19.68
C GLU J 532 54.93 -27.94 20.75
N PHE J 533 54.39 -26.74 20.91
CA PHE J 533 54.84 -25.85 21.98
C PHE J 533 54.24 -26.19 23.34
N LEU J 534 53.18 -26.99 23.37
CA LEU J 534 52.48 -27.32 24.60
C LEU J 534 52.90 -28.66 25.19
N PHE J 535 53.33 -29.60 24.36
CA PHE J 535 53.79 -30.91 24.82
C PHE J 535 55.27 -30.93 25.16
N ARG J 536 55.90 -29.76 25.30
CA ARG J 536 57.34 -29.67 25.51
C ARG J 536 57.72 -30.22 26.89
N GLN J 537 58.94 -30.74 26.97
CA GLN J 537 59.44 -31.29 28.22
C GLN J 537 60.79 -30.67 28.58
N ARG J 538 61.52 -30.22 27.57
CA ARG J 538 62.77 -29.46 27.65
C ARG J 538 63.95 -30.29 28.14
N SER J 539 63.70 -31.53 28.55
CA SER J 539 64.77 -32.41 29.00
C SER J 539 64.57 -33.87 28.62
N PHE J 540 63.53 -34.20 27.84
CA PHE J 540 63.20 -35.60 27.57
C PHE J 540 64.31 -36.30 26.78
N ILE J 541 64.85 -35.63 25.76
CA ILE J 541 65.98 -36.18 25.02
C ILE J 541 67.23 -36.20 25.90
N GLN J 542 67.38 -35.20 26.76
CA GLN J 542 68.56 -35.09 27.61
C GLN J 542 68.68 -36.27 28.57
N THR J 543 67.56 -36.70 29.15
CA THR J 543 67.51 -37.92 29.94
C THR J 543 66.55 -38.90 29.25
N LEU J 544 67.09 -39.64 28.27
CA LEU J 544 66.34 -40.69 27.58
C LEU J 544 66.74 -42.07 28.08
N ASP J 545 68.01 -42.43 27.96
CA ASP J 545 68.49 -43.73 28.40
C ASP J 545 69.68 -43.56 29.34
N THR J 546 69.62 -42.56 30.20
CA THR J 546 70.70 -42.29 31.13
C THR J 546 70.58 -43.08 32.43
N ASN J 547 69.47 -43.75 32.67
CA ASN J 547 69.32 -44.54 33.88
C ASN J 547 70.00 -45.89 33.68
N PRO J 548 70.99 -46.25 34.49
CA PRO J 548 71.73 -47.51 34.26
C PRO J 548 70.94 -48.73 34.66
N HIS J 549 70.00 -48.58 35.59
CA HIS J 549 69.25 -49.70 36.14
C HIS J 549 67.94 -49.95 35.41
N LEU J 550 67.85 -49.60 34.14
CA LEU J 550 66.63 -49.78 33.35
C LEU J 550 66.97 -50.47 32.04
N LEU J 551 66.08 -51.38 31.63
CA LEU J 551 66.26 -52.15 30.41
C LEU J 551 64.96 -52.20 29.63
N GLY J 552 65.05 -51.98 28.32
CA GLY J 552 63.90 -52.09 27.46
C GLY J 552 63.71 -53.50 26.94
N VAL J 553 62.74 -54.21 27.50
CA VAL J 553 62.53 -55.63 27.20
C VAL J 553 61.20 -55.75 26.46
N GLY J 554 61.07 -56.83 25.69
CA GLY J 554 59.84 -57.06 24.93
C GLY J 554 58.60 -57.20 25.78
N ASN J 555 58.74 -57.62 27.03
CA ASN J 555 57.63 -57.65 27.97
C ASN J 555 57.40 -56.32 28.67
N GLY J 556 58.35 -55.39 28.61
CA GLY J 556 58.20 -54.13 29.30
C GLY J 556 59.50 -53.47 29.72
N VAL J 557 59.59 -53.14 31.00
CA VAL J 557 60.77 -52.46 31.56
C VAL J 557 61.35 -53.33 32.66
N LEU J 558 62.62 -53.68 32.52
CA LEU J 558 63.33 -54.40 33.56
C LEU J 558 64.08 -53.40 34.43
N SER J 559 63.74 -53.34 35.71
CA SER J 559 64.39 -52.44 36.65
C SER J 559 65.18 -53.26 37.65
N ILE J 560 66.46 -52.92 37.80
CA ILE J 560 67.36 -53.67 38.67
C ILE J 560 67.94 -52.74 39.74
N GLU J 561 67.13 -51.77 40.17
CA GLU J 561 67.57 -50.81 41.19
C GLU J 561 67.84 -51.51 42.52
N THR J 562 66.92 -52.34 42.98
CA THR J 562 67.12 -53.16 44.16
C THR J 562 67.44 -54.59 43.72
N ILE J 563 67.44 -55.52 44.67
CA ILE J 563 67.90 -56.89 44.42
C ILE J 563 67.03 -57.65 43.42
N PRO J 564 65.72 -57.86 43.61
CA PRO J 564 64.98 -58.68 42.64
C PRO J 564 64.67 -57.91 41.37
N ALA J 565 64.31 -58.66 40.33
CA ALA J 565 63.87 -58.06 39.08
C ALA J 565 62.40 -57.69 39.18
N LYS J 566 62.04 -56.53 38.62
CA LYS J 566 60.67 -56.04 38.68
C LYS J 566 59.83 -56.48 37.49
N LEU J 567 60.35 -56.30 36.27
CA LEU J 567 59.59 -56.47 35.02
C LEU J 567 58.33 -55.59 35.04
N ILE J 568 58.59 -54.28 35.00
CA ILE J 568 57.55 -53.26 35.04
C ILE J 568 56.63 -53.44 33.84
N ASN J 569 55.39 -53.80 34.10
CA ASN J 569 54.41 -54.15 33.08
C ASN J 569 53.17 -53.27 33.20
N HIS J 570 53.37 -52.02 33.60
CA HIS J 570 52.27 -51.07 33.75
C HIS J 570 52.79 -49.69 33.38
N PHE J 571 51.96 -48.68 33.62
CA PHE J 571 52.36 -47.30 33.34
C PHE J 571 53.48 -46.87 34.27
N HIS J 572 54.42 -46.10 33.73
CA HIS J 572 55.57 -45.64 34.49
C HIS J 572 56.05 -44.32 33.91
N GLU J 573 56.80 -43.58 34.71
CA GLU J 573 57.33 -42.29 34.30
C GLU J 573 58.78 -42.39 33.85
N HIS J 574 59.31 -43.59 33.71
CA HIS J 574 60.69 -43.77 33.28
C HIS J 574 60.81 -43.46 31.80
N PRO J 575 61.68 -42.51 31.41
CA PRO J 575 61.65 -41.94 30.06
C PRO J 575 62.51 -42.65 29.03
N ILE J 576 62.40 -43.98 28.98
CA ILE J 576 63.27 -44.76 28.10
C ILE J 576 62.61 -44.96 26.74
N HIS J 577 63.44 -45.08 25.72
CA HIS J 577 63.00 -45.30 24.34
C HIS J 577 63.66 -46.50 23.69
N GLN J 578 64.94 -46.74 23.98
CA GLN J 578 65.64 -47.87 23.40
C GLN J 578 65.12 -49.17 24.01
N TYR J 579 65.00 -50.19 23.17
CA TYR J 579 64.35 -51.43 23.60
C TYR J 579 65.02 -52.61 22.93
N THR J 580 64.82 -53.78 23.52
CA THR J 580 65.32 -55.05 22.99
C THR J 580 64.16 -56.00 22.82
N HIS J 581 63.85 -56.36 21.58
CA HIS J 581 62.73 -57.24 21.28
C HIS J 581 63.09 -58.71 21.35
N ILE J 582 64.35 -59.03 21.66
CA ILE J 582 64.78 -60.42 21.71
C ILE J 582 64.83 -60.93 23.15
N CYS J 583 64.90 -60.04 24.14
CA CYS J 583 65.18 -60.44 25.52
C CYS J 583 64.01 -61.22 26.12
N TYR J 584 62.86 -60.56 26.28
CA TYR J 584 61.58 -61.17 26.67
C TYR J 584 61.71 -62.01 27.94
N VAL J 585 62.03 -61.34 29.05
CA VAL J 585 62.47 -62.03 30.27
C VAL J 585 61.31 -62.77 30.94
N PRO J 586 61.41 -64.10 31.10
CA PRO J 586 60.44 -64.85 31.90
C PRO J 586 60.89 -65.02 33.35
N PHE J 587 61.21 -63.90 34.01
CA PHE J 587 61.84 -63.86 35.33
C PHE J 587 63.08 -64.75 35.39
N ASN J 588 62.98 -65.88 36.09
CA ASN J 588 64.05 -66.87 36.13
C ASN J 588 63.49 -68.24 36.47
N PRO J 589 63.10 -69.03 35.47
CA PRO J 589 62.55 -70.36 35.75
C PRO J 589 63.66 -71.39 35.92
N GLU J 590 63.24 -72.60 36.29
CA GLU J 590 64.14 -73.75 36.39
C GLU J 590 63.65 -74.89 35.50
N ASN J 591 63.09 -74.56 34.35
CA ASN J 591 62.49 -75.55 33.47
C ASN J 591 63.57 -76.26 32.65
N PRO J 592 63.14 -77.05 31.67
CA PRO J 592 64.09 -77.87 30.90
C PRO J 592 64.94 -77.03 29.95
N TRP J 593 64.40 -75.93 29.42
CA TRP J 593 65.14 -75.13 28.46
C TRP J 593 66.31 -74.41 29.13
N THR J 594 66.06 -73.76 30.26
CA THR J 594 67.15 -73.10 30.97
C THR J 594 68.11 -74.11 31.59
N LYS J 595 67.63 -75.31 31.89
CA LYS J 595 68.53 -76.37 32.36
C LYS J 595 69.47 -76.81 31.25
N LEU J 596 68.96 -76.94 30.03
CA LEU J 596 69.81 -77.28 28.90
C LEU J 596 70.79 -76.16 28.58
N LEU J 597 70.34 -74.90 28.71
CA LEU J 597 71.25 -73.77 28.51
C LEU J 597 72.37 -73.74 29.53
N LEU J 598 72.05 -73.98 30.81
CA LEU J 598 73.12 -73.98 31.81
C LEU J 598 74.00 -75.22 31.74
N ASN J 599 73.47 -76.34 31.24
CA ASN J 599 74.27 -77.55 31.10
C ASN J 599 75.21 -77.49 29.90
N ALA J 600 74.80 -76.82 28.82
CA ALA J 600 75.65 -76.74 27.64
C ALA J 600 76.48 -75.46 27.58
N LEU J 601 76.13 -74.43 28.36
CA LEU J 601 76.85 -73.18 28.37
C LEU J 601 77.99 -73.22 29.39
N GLN J 602 77.66 -73.45 30.65
CA GLN J 602 78.65 -73.79 31.66
C GLN J 602 78.67 -75.32 31.70
N ASP J 603 79.45 -75.90 32.62
CA ASP J 603 79.69 -77.34 32.77
C ASP J 603 80.36 -77.95 31.54
N ILE J 604 80.96 -77.13 30.68
CA ILE J 604 81.79 -77.62 29.59
C ILE J 604 83.24 -77.16 29.76
N ILE J 605 83.46 -75.93 30.19
CA ILE J 605 84.81 -75.41 30.46
C ILE J 605 85.18 -75.80 31.89
N PRO J 606 86.31 -76.48 32.09
CA PRO J 606 86.73 -76.79 33.46
C PRO J 606 87.11 -75.54 34.23
N GLU J 607 86.92 -75.61 35.55
CA GLU J 607 87.18 -74.48 36.42
C GLU J 607 87.48 -75.00 37.82
N LEU J 608 88.12 -74.15 38.62
CA LEU J 608 88.48 -74.49 39.98
C LEU J 608 87.52 -73.85 40.97
N ASP J 609 87.26 -74.58 42.07
CA ASP J 609 86.34 -74.27 43.17
C ASP J 609 85.03 -73.63 42.72
N ALA J 610 84.46 -74.15 41.63
CA ALA J 610 83.22 -73.66 41.02
C ALA J 610 83.33 -72.17 40.70
N ARG J 611 84.24 -71.87 39.77
CA ARG J 611 84.50 -70.49 39.36
C ARG J 611 83.28 -69.88 38.68
N LEU J 612 82.94 -68.66 39.09
CA LEU J 612 81.81 -67.94 38.54
C LEU J 612 82.21 -66.67 37.82
N TRP J 613 83.51 -66.32 37.81
CA TRP J 613 83.96 -65.02 37.33
C TRP J 613 83.75 -64.84 35.84
N ILE J 614 83.84 -65.93 35.06
CA ILE J 614 83.90 -65.82 33.61
C ILE J 614 82.57 -65.28 33.06
N MET J 615 81.45 -65.86 33.48
CA MET J 615 80.18 -65.33 33.02
C MET J 615 79.60 -64.33 34.00
N PHE J 616 80.26 -64.07 35.13
CA PHE J 616 80.04 -62.84 35.86
C PHE J 616 80.46 -61.64 35.04
N TYR J 617 81.63 -61.74 34.37
CA TYR J 617 82.04 -60.67 33.48
C TYR J 617 81.28 -60.72 32.16
N LEU J 618 80.86 -61.90 31.72
CA LEU J 618 79.91 -61.94 30.62
C LEU J 618 78.53 -61.41 31.04
N SER J 619 78.24 -61.40 32.33
CA SER J 619 77.13 -60.63 32.86
C SER J 619 77.56 -59.17 33.00
N THR J 620 76.77 -58.37 33.71
CA THR J 620 76.94 -56.92 33.90
C THR J 620 76.94 -56.15 32.59
N ALA J 621 76.60 -56.79 31.47
CA ALA J 621 76.42 -56.09 30.20
C ALA J 621 75.11 -55.33 30.16
N ILE J 622 74.15 -55.71 31.01
CA ILE J 622 72.89 -55.01 31.11
C ILE J 622 73.04 -53.65 31.77
N PHE J 623 74.16 -53.40 32.44
CA PHE J 623 74.47 -52.09 32.97
C PHE J 623 74.95 -51.16 31.85
N ARG J 624 74.67 -49.88 31.99
CA ARG J 624 75.07 -48.91 30.98
C ARG J 624 76.53 -48.51 31.14
N GLY J 625 76.87 -47.92 32.27
CA GLY J 625 78.22 -47.44 32.49
C GLY J 625 78.52 -47.28 33.97
N LEU J 626 79.66 -46.66 34.24
CA LEU J 626 80.19 -46.44 35.59
C LEU J 626 80.34 -47.75 36.33
N LYS J 627 81.13 -48.65 35.75
CA LYS J 627 81.36 -49.98 36.29
C LYS J 627 82.84 -50.32 36.16
N GLU J 628 83.20 -51.54 36.55
CA GLU J 628 84.59 -51.95 36.56
C GLU J 628 85.11 -52.13 35.13
N ALA J 629 86.35 -51.70 34.91
CA ALA J 629 86.94 -51.57 33.59
C ALA J 629 87.79 -52.78 33.18
N LEU J 630 87.38 -53.98 33.55
CA LEU J 630 88.10 -55.17 33.11
C LEU J 630 87.81 -55.46 31.64
N MET J 631 88.76 -56.12 30.98
CA MET J 631 88.65 -56.50 29.58
C MET J 631 89.06 -57.96 29.45
N LEU J 632 88.27 -58.74 28.71
CA LEU J 632 88.49 -60.17 28.59
C LEU J 632 89.15 -60.52 27.26
N LEU J 633 90.08 -61.46 27.31
CA LEU J 633 90.68 -62.05 26.13
C LEU J 633 90.38 -63.54 26.15
N TRP J 634 89.70 -64.03 25.11
CA TRP J 634 89.33 -65.43 25.02
C TRP J 634 90.22 -66.19 24.04
N LEU J 635 91.52 -65.90 24.05
CA LEU J 635 92.49 -66.58 23.18
C LEU J 635 92.68 -68.00 23.69
N GLY J 636 91.71 -68.86 23.37
CA GLY J 636 91.72 -70.25 23.80
C GLY J 636 90.54 -71.02 23.24
N GLY J 637 90.82 -72.23 22.72
CA GLY J 637 89.79 -73.04 22.11
C GLY J 637 89.58 -72.72 20.64
N GLY J 638 89.40 -73.75 19.82
CA GLY J 638 89.16 -73.56 18.41
C GLY J 638 87.69 -73.63 18.04
N CYS J 639 86.99 -74.63 18.56
CA CYS J 639 85.56 -74.81 18.36
C CYS J 639 84.83 -74.69 19.70
N ASN J 640 85.25 -73.74 20.52
CA ASN J 640 84.74 -73.58 21.87
C ASN J 640 83.54 -72.64 21.87
N GLY J 641 83.16 -72.18 23.07
CA GLY J 641 82.02 -71.28 23.24
C GLY J 641 82.35 -69.82 22.91
N LYS J 642 83.55 -69.53 22.41
CA LYS J 642 83.88 -68.18 21.98
C LYS J 642 83.10 -67.74 20.76
N THR J 643 82.49 -68.68 20.02
CA THR J 643 81.54 -68.36 18.97
C THR J 643 80.10 -68.49 19.42
N PHE J 644 79.84 -69.25 20.49
CA PHE J 644 78.48 -69.44 20.98
C PHE J 644 78.10 -68.40 22.03
N LEU J 645 78.84 -68.38 23.15
CA LEU J 645 78.52 -67.47 24.25
C LEU J 645 78.70 -66.01 23.82
N MET J 646 79.82 -65.71 23.17
CA MET J 646 80.19 -64.34 22.86
C MET J 646 79.30 -63.74 21.77
N ARG J 647 78.58 -64.58 21.02
CA ARG J 647 77.61 -64.12 20.05
C ARG J 647 76.18 -64.16 20.56
N LEU J 648 75.82 -65.18 21.36
CA LEU J 648 74.49 -65.23 21.95
C LEU J 648 74.28 -64.10 22.95
N VAL J 649 75.32 -63.71 23.66
CA VAL J 649 75.21 -62.61 24.62
C VAL J 649 75.03 -61.26 23.92
N ALA J 650 75.36 -61.18 22.63
CA ALA J 650 75.10 -59.96 21.87
C ALA J 650 73.79 -60.04 21.09
N MET J 651 73.38 -61.25 20.71
CA MET J 651 72.09 -61.42 20.04
C MET J 651 70.93 -61.28 21.02
N VAL J 652 71.16 -61.63 22.29
CA VAL J 652 70.13 -61.43 23.31
C VAL J 652 69.86 -59.94 23.49
N LEU J 653 70.92 -59.13 23.54
CA LEU J 653 70.76 -57.69 23.59
C LEU J 653 70.55 -57.16 22.17
N GLY J 654 70.39 -55.85 22.03
CA GLY J 654 70.12 -55.25 20.74
C GLY J 654 70.88 -53.95 20.56
N ASP J 655 70.17 -52.87 20.21
CA ASP J 655 70.79 -51.56 20.15
C ASP J 655 71.19 -51.04 21.53
N HIS J 656 70.72 -51.68 22.60
CA HIS J 656 71.12 -51.35 23.96
C HIS J 656 72.61 -51.57 24.17
N TYR J 657 73.05 -52.83 24.08
CA TYR J 657 74.47 -53.16 24.24
C TYR J 657 74.84 -54.25 23.23
N ALA J 658 75.19 -53.84 22.02
CA ALA J 658 75.80 -54.73 21.04
C ALA J 658 76.47 -53.87 19.97
N SER J 659 77.79 -53.95 19.87
CA SER J 659 78.55 -53.19 18.90
C SER J 659 79.41 -54.16 18.11
N LYS J 660 79.07 -54.38 16.84
CA LYS J 660 79.82 -55.28 15.97
C LYS J 660 81.11 -54.58 15.59
N LEU J 661 82.07 -54.63 16.49
CA LEU J 661 83.32 -53.89 16.35
C LEU J 661 84.37 -54.78 15.69
N ASN J 662 85.01 -54.25 14.65
CA ASN J 662 86.00 -55.01 13.91
C ASN J 662 87.38 -54.90 14.54
N ILE J 663 88.34 -55.60 13.95
CA ILE J 663 89.69 -55.68 14.53
C ILE J 663 90.45 -54.38 14.32
N SER J 664 90.09 -53.60 13.29
CA SER J 664 90.82 -52.38 12.94
C SER J 664 90.75 -51.30 14.02
N LEU J 665 89.80 -51.39 14.96
CA LEU J 665 89.86 -50.54 16.14
C LEU J 665 91.06 -50.88 17.00
N LEU J 666 91.41 -52.15 17.10
CA LEU J 666 92.61 -52.59 17.81
C LEU J 666 93.86 -52.50 16.95
N THR J 667 93.76 -52.84 15.68
CA THR J 667 94.88 -52.79 14.74
C THR J 667 94.72 -51.53 13.89
N SER J 668 95.28 -50.42 14.37
CA SER J 668 95.16 -49.15 13.66
C SER J 668 96.46 -48.35 13.60
N CYS J 669 97.56 -48.87 14.17
CA CYS J 669 98.84 -48.17 14.28
C CYS J 669 98.67 -46.81 14.97
N ARG J 670 98.57 -45.75 14.17
CA ARG J 670 98.27 -44.44 14.73
C ARG J 670 96.82 -44.38 15.17
N GLU J 671 96.59 -43.91 16.40
CA GLU J 671 95.28 -43.82 17.04
C GLU J 671 94.52 -45.15 17.03
N ASN J 677 87.79 -40.59 17.69
CA ASN J 677 86.57 -39.96 17.19
C ASN J 677 86.02 -40.71 15.99
N SER J 678 84.68 -40.83 15.94
CA SER J 678 83.93 -41.46 14.87
C SER J 678 84.28 -42.95 14.68
N ALA J 679 84.87 -43.58 15.69
CA ALA J 679 85.24 -44.98 15.61
C ALA J 679 84.56 -45.83 16.67
N PHE J 680 84.63 -45.42 17.95
CA PHE J 680 84.08 -46.20 19.05
C PHE J 680 82.79 -45.63 19.60
N MET J 681 82.11 -44.75 18.83
CA MET J 681 80.87 -44.16 19.28
C MET J 681 79.75 -45.19 19.39
N ARG J 682 79.83 -46.28 18.62
CA ARG J 682 78.89 -47.37 18.81
C ARG J 682 79.10 -48.09 20.13
N LEU J 683 80.29 -47.96 20.73
CA LEU J 683 80.53 -48.44 22.08
C LEU J 683 80.22 -47.38 23.14
N LYS J 684 80.28 -46.10 22.77
CA LYS J 684 80.06 -45.02 23.72
C LYS J 684 78.61 -44.98 24.20
N GLY J 685 77.67 -45.13 23.26
CA GLY J 685 76.25 -45.16 23.62
C GLY J 685 75.75 -46.50 24.11
N ARG J 686 76.62 -47.49 24.16
CA ARG J 686 76.26 -48.85 24.55
C ARG J 686 77.16 -49.30 25.70
N GLY J 687 77.07 -50.58 26.04
CA GLY J 687 77.84 -51.11 27.15
C GLY J 687 78.41 -52.48 26.90
N TYR J 688 78.48 -52.88 25.62
CA TYR J 688 79.17 -54.12 25.26
C TYR J 688 79.75 -53.92 23.87
N GLY J 689 81.04 -54.20 23.75
CA GLY J 689 81.70 -54.29 22.47
C GLY J 689 82.41 -55.61 22.32
N TYR J 690 82.48 -56.14 21.11
CA TYR J 690 83.05 -57.47 20.91
C TYR J 690 83.64 -57.55 19.51
N PHE J 691 84.67 -58.40 19.37
CA PHE J 691 85.40 -58.58 18.11
C PHE J 691 85.42 -60.08 17.82
N GLU J 692 84.36 -60.59 17.19
CA GLU J 692 84.22 -62.03 17.03
C GLU J 692 85.11 -62.60 15.92
N GLU J 693 85.35 -61.82 14.86
CA GLU J 693 85.95 -62.36 13.65
C GLU J 693 87.40 -62.77 13.86
N THR J 694 87.80 -63.86 13.20
CA THR J 694 89.19 -64.29 13.15
C THR J 694 89.83 -63.70 11.91
N ASN J 695 90.74 -62.75 12.11
CA ASN J 695 91.20 -61.88 11.01
C ASN J 695 92.48 -62.39 10.37
N LYS J 696 93.57 -62.42 11.14
CA LYS J 696 94.91 -62.75 10.65
C LYS J 696 95.51 -63.87 11.47
N SER J 697 96.82 -64.07 11.33
CA SER J 697 97.58 -64.97 12.18
C SER J 697 98.36 -64.26 13.27
N GLU J 698 99.00 -63.14 12.95
CA GLU J 698 99.83 -62.42 13.93
C GLU J 698 99.99 -60.98 13.47
N VAL J 699 99.51 -60.04 14.28
CA VAL J 699 99.66 -58.60 14.02
C VAL J 699 100.00 -57.90 15.33
N LEU J 700 100.52 -56.68 15.18
CA LEU J 700 100.82 -55.82 16.32
C LEU J 700 99.66 -54.86 16.56
N ASN J 701 99.21 -54.78 17.82
CA ASN J 701 98.03 -53.98 18.13
C ASN J 701 98.13 -53.44 19.56
N THR J 702 98.59 -52.20 19.68
CA THR J 702 98.45 -51.47 20.94
C THR J 702 97.60 -50.22 20.81
N SER J 703 97.76 -49.44 19.72
CA SER J 703 96.83 -48.41 19.23
C SER J 703 96.50 -47.42 20.34
N ARG J 704 95.22 -47.16 20.62
CA ARG J 704 94.79 -46.30 21.72
C ARG J 704 94.08 -47.11 22.81
N LEU J 705 94.49 -48.36 23.00
CA LEU J 705 93.86 -49.23 23.99
C LEU J 705 94.20 -48.85 25.43
N LYS J 706 95.20 -47.98 25.63
CA LYS J 706 95.55 -47.56 26.98
C LYS J 706 94.46 -46.70 27.62
N GLU J 707 93.63 -46.03 26.80
CA GLU J 707 92.49 -45.28 27.31
C GLU J 707 91.16 -45.94 26.96
N MET J 708 91.15 -46.92 26.05
CA MET J 708 89.91 -47.59 25.67
C MET J 708 89.38 -48.47 26.80
N VAL J 709 90.28 -49.21 27.46
CA VAL J 709 89.85 -50.17 28.46
C VAL J 709 89.33 -49.48 29.72
N ASN J 710 89.99 -48.40 30.15
CA ASN J 710 89.66 -47.66 31.35
C ASN J 710 88.71 -46.51 31.04
N PRO J 711 87.98 -46.00 32.03
CA PRO J 711 87.18 -44.79 31.80
C PRO J 711 88.07 -43.59 31.50
N GLY J 712 87.57 -42.71 30.63
CA GLY J 712 88.31 -41.54 30.23
C GLY J 712 89.25 -41.78 29.06
N PHE J 726 83.89 -38.96 26.93
CA PHE J 726 82.52 -38.52 27.13
C PHE J 726 81.90 -39.20 28.34
N GLN J 727 81.36 -40.39 28.14
CA GLN J 727 80.73 -41.17 29.19
C GLN J 727 81.48 -42.49 29.38
N MET J 728 81.67 -42.88 30.64
CA MET J 728 82.40 -44.10 30.96
C MET J 728 81.54 -45.32 30.67
N THR J 729 82.13 -46.31 30.00
CA THR J 729 81.46 -47.57 29.74
C THR J 729 82.52 -48.67 29.67
N ALA J 730 82.07 -49.91 29.83
CA ALA J 730 82.98 -51.03 29.99
C ALA J 730 82.33 -52.28 29.40
N THR J 731 82.83 -53.46 29.82
CA THR J 731 82.43 -54.79 29.36
C THR J 731 82.70 -54.96 27.87
N MET J 732 83.99 -54.92 27.53
CA MET J 732 84.48 -55.37 26.23
C MET J 732 85.06 -56.77 26.38
N VAL J 733 84.65 -57.67 25.49
CA VAL J 733 85.18 -59.03 25.44
C VAL J 733 85.83 -59.22 24.07
N ALA J 734 87.08 -59.66 24.07
CA ALA J 734 87.87 -59.81 22.85
C ALA J 734 88.19 -61.28 22.62
N ALA J 735 87.95 -61.76 21.40
CA ALA J 735 88.29 -63.13 21.03
C ALA J 735 88.51 -63.17 19.52
N SER J 736 89.78 -63.10 19.12
CA SER J 736 90.07 -63.22 17.69
C SER J 736 89.99 -64.68 17.25
N ASN J 737 90.89 -65.50 17.77
CA ASN J 737 90.99 -66.93 17.45
C ASN J 737 91.95 -67.56 18.45
N TYR J 738 92.33 -68.81 18.19
CA TYR J 738 93.45 -69.42 18.90
C TYR J 738 94.80 -68.91 18.42
N ASN J 739 94.82 -68.16 17.31
CA ASN J 739 96.08 -67.61 16.81
C ASN J 739 96.59 -66.50 17.74
N PHE J 740 97.88 -66.21 17.61
CA PHE J 740 98.61 -65.40 18.58
C PHE J 740 98.51 -63.92 18.20
N ILE J 741 97.27 -63.45 18.03
CA ILE J 741 97.03 -62.18 17.36
C ILE J 741 97.28 -61.00 18.30
N ILE J 742 96.56 -60.97 19.43
CA ILE J 742 96.44 -59.72 20.21
C ILE J 742 97.64 -59.67 21.16
N ASP J 743 98.75 -59.18 20.61
CA ASP J 743 99.99 -59.05 21.37
C ASP J 743 100.76 -57.81 20.95
N THR J 744 101.11 -56.99 21.93
CA THR J 744 102.09 -55.93 21.77
C THR J 744 102.69 -55.67 23.14
N THR J 745 104.02 -55.55 23.19
CA THR J 745 104.71 -55.39 24.47
C THR J 745 104.41 -54.03 25.08
N ASP J 746 103.87 -54.05 26.30
CA ASP J 746 103.55 -52.83 27.02
C ASP J 746 104.07 -52.95 28.44
N HIS J 747 104.38 -51.81 29.05
CA HIS J 747 104.93 -51.74 30.39
C HIS J 747 104.03 -50.91 31.31
N GLY J 748 102.73 -50.95 31.05
CA GLY J 748 101.78 -50.18 31.84
C GLY J 748 101.34 -50.83 33.13
N THR J 749 101.70 -52.11 33.35
CA THR J 749 101.20 -52.93 34.44
C THR J 749 99.68 -52.93 34.49
N TRP J 750 99.06 -53.15 33.32
CA TRP J 750 97.61 -53.17 33.18
C TRP J 750 97.07 -54.44 33.82
N ARG J 751 96.56 -54.28 35.05
CA ARG J 751 95.86 -55.37 35.71
C ARG J 751 94.41 -55.51 35.26
N ARG J 752 93.93 -54.57 34.44
CA ARG J 752 92.57 -54.62 33.93
C ARG J 752 92.43 -55.46 32.67
N LEU J 753 93.52 -56.10 32.22
CA LEU J 753 93.48 -56.99 31.08
C LEU J 753 93.42 -58.43 31.58
N ARG J 754 92.39 -59.16 31.19
CA ARG J 754 92.18 -60.53 31.62
C ARG J 754 92.14 -61.44 30.40
N HIS J 755 92.82 -62.58 30.50
CA HIS J 755 92.86 -63.53 29.40
C HIS J 755 92.50 -64.89 30.00
N TYR J 756 91.49 -65.53 29.42
CA TYR J 756 91.13 -66.90 29.76
C TYR J 756 91.16 -67.77 28.51
N ARG J 757 91.74 -68.95 28.63
CA ARG J 757 91.77 -69.93 27.55
C ARG J 757 90.83 -71.07 27.90
N SER J 758 89.87 -71.35 27.02
CA SER J 758 88.98 -72.48 27.22
C SER J 758 89.73 -73.78 26.99
N LYS J 759 89.54 -74.74 27.90
CA LYS J 759 90.27 -76.00 27.83
C LYS J 759 89.68 -76.99 26.85
N VAL J 760 88.50 -76.70 26.29
CA VAL J 760 87.89 -77.58 25.30
C VAL J 760 88.38 -77.20 23.91
N LYS J 761 88.18 -78.09 22.94
CA LYS J 761 88.57 -77.84 21.56
C LYS J 761 87.57 -76.94 20.86
N LYS J 774 82.08 -85.17 23.98
CA LYS J 774 82.61 -86.08 22.98
C LYS J 774 82.11 -85.72 21.58
N LYS J 775 81.14 -84.81 21.53
CA LYS J 775 80.55 -84.38 20.28
C LYS J 775 80.59 -82.86 20.18
N GLU J 776 80.67 -82.37 18.94
CA GLU J 776 80.68 -80.92 18.72
C GLU J 776 79.34 -80.28 19.02
N ASP J 777 78.24 -81.04 18.87
CA ASP J 777 76.85 -80.62 19.05
C ASP J 777 76.53 -79.41 18.18
N PRO J 778 76.42 -79.59 16.86
CA PRO J 778 76.19 -78.44 15.97
C PRO J 778 74.82 -77.79 16.15
N ARG J 779 73.85 -78.47 16.77
CA ARG J 779 72.53 -77.90 16.98
C ARG J 779 72.57 -76.70 17.92
N PHE J 780 73.58 -76.59 18.77
CA PHE J 780 73.76 -75.42 19.61
C PHE J 780 74.39 -74.25 18.86
N ILE J 781 74.93 -74.48 17.66
CA ILE J 781 75.58 -73.43 16.89
C ILE J 781 74.81 -73.09 15.62
N HIS J 782 73.85 -73.92 15.21
CA HIS J 782 73.13 -73.71 13.95
C HIS J 782 71.82 -72.95 14.16
N GLU J 783 70.91 -73.48 14.98
CA GLU J 783 69.56 -72.94 15.06
C GLU J 783 69.03 -72.73 16.47
N TYR J 784 69.75 -73.17 17.51
CA TYR J 784 69.24 -73.00 18.87
C TYR J 784 69.26 -71.53 19.30
N ILE J 785 70.23 -70.74 18.81
CA ILE J 785 70.25 -69.32 19.13
C ILE J 785 69.35 -68.50 18.21
N MET J 786 68.84 -69.08 17.11
CA MET J 786 67.68 -68.52 16.43
C MET J 786 66.40 -68.65 17.23
N ASP J 787 66.31 -69.61 18.15
CA ASP J 787 65.10 -69.84 18.93
C ASP J 787 64.90 -68.70 19.93
N PRO J 788 63.76 -67.98 19.89
CA PRO J 788 63.53 -66.93 20.89
C PRO J 788 63.44 -67.44 22.31
N ASP J 789 62.92 -68.65 22.52
CA ASP J 789 62.77 -69.17 23.88
C ASP J 789 64.13 -69.43 24.52
N CYS J 790 65.10 -69.90 23.74
CA CYS J 790 66.46 -70.08 24.25
C CYS J 790 67.07 -68.75 24.64
N GLN J 791 66.83 -67.71 23.84
CA GLN J 791 67.34 -66.37 24.17
C GLN J 791 66.68 -65.82 25.43
N ASN J 792 65.37 -66.08 25.60
CA ASN J 792 64.70 -65.68 26.83
C ASN J 792 65.29 -66.39 28.05
N ALA J 793 65.54 -67.69 27.92
CA ALA J 793 66.13 -68.44 29.04
C ALA J 793 67.54 -67.96 29.35
N PHE J 794 68.34 -67.68 28.32
CA PHE J 794 69.70 -67.20 28.56
C PHE J 794 69.71 -65.81 29.17
N PHE J 795 68.78 -64.94 28.75
CA PHE J 795 68.67 -63.62 29.37
C PHE J 795 68.22 -63.74 30.82
N SER J 796 67.34 -64.70 31.10
CA SER J 796 66.94 -64.96 32.48
C SER J 796 68.13 -65.41 33.32
N ILE J 797 68.97 -66.28 32.77
CA ILE J 797 70.17 -66.73 33.46
C ILE J 797 71.12 -65.55 33.70
N LEU J 798 71.29 -64.71 32.68
CA LEU J 798 72.16 -63.54 32.78
C LEU J 798 71.71 -62.60 33.89
N VAL J 799 70.42 -62.27 33.91
CA VAL J 799 69.93 -61.35 34.94
C VAL J 799 69.93 -62.01 36.31
N TYR J 800 69.66 -63.31 36.39
CA TYR J 800 69.69 -64.01 37.67
C TYR J 800 71.09 -63.98 38.28
N PHE J 801 72.11 -64.23 37.46
CA PHE J 801 73.46 -64.10 37.98
C PHE J 801 73.87 -62.65 38.17
N TRP J 802 73.19 -61.71 37.51
CA TRP J 802 73.46 -60.29 37.79
C TRP J 802 73.07 -59.92 39.22
N GLU J 803 71.85 -60.25 39.65
CA GLU J 803 71.66 -59.97 41.08
C GLU J 803 72.26 -61.03 41.99
N LYS J 804 72.70 -62.18 41.47
CA LYS J 804 73.54 -63.04 42.30
C LYS J 804 74.91 -62.43 42.58
N LEU J 805 75.37 -61.55 41.68
CA LEU J 805 76.69 -60.95 41.86
C LEU J 805 76.72 -59.97 43.03
N GLN J 806 75.94 -58.88 42.97
CA GLN J 806 76.26 -57.73 43.80
C GLN J 806 75.82 -57.90 45.26
N LYS J 807 74.94 -58.85 45.56
CA LYS J 807 74.61 -59.06 46.96
C LYS J 807 75.68 -59.84 47.70
N GLU J 808 76.63 -60.45 46.98
CA GLU J 808 77.77 -61.11 47.59
C GLU J 808 79.07 -60.35 47.37
N TYR J 809 79.36 -59.99 46.12
CA TYR J 809 80.56 -59.23 45.77
C TYR J 809 80.11 -58.07 44.89
N ASN J 810 79.75 -56.95 45.51
CA ASN J 810 79.34 -55.76 44.78
C ASN J 810 80.57 -55.14 44.13
N GLY J 811 80.75 -55.38 42.84
CA GLY J 811 81.98 -55.00 42.16
C GLY J 811 82.89 -56.18 41.99
N GLN J 812 83.45 -56.36 40.79
CA GLN J 812 84.22 -57.56 40.49
C GLN J 812 85.65 -57.51 41.03
N ILE J 813 86.12 -56.34 41.47
CA ILE J 813 87.45 -56.26 42.06
C ILE J 813 87.48 -56.98 43.41
N LYS J 814 86.48 -56.72 44.25
CA LYS J 814 86.40 -57.33 45.58
C LYS J 814 85.79 -58.73 45.55
N LYS J 815 85.70 -59.35 44.38
CA LYS J 815 85.24 -60.73 44.28
C LYS J 815 86.26 -61.68 44.87
N VAL J 816 85.80 -62.88 45.23
CA VAL J 816 86.69 -63.90 45.78
C VAL J 816 87.65 -64.34 44.68
N PHE J 817 88.92 -64.49 45.04
CA PHE J 817 89.95 -64.82 44.07
C PHE J 817 89.73 -66.21 43.49
N CYS J 818 90.05 -66.36 42.21
CA CYS J 818 90.09 -67.65 41.55
C CYS J 818 91.48 -67.88 41.01
N PRO J 819 92.14 -68.99 41.35
CA PRO J 819 93.51 -69.22 40.86
C PRO J 819 93.61 -69.39 39.35
N THR J 820 92.56 -69.93 38.71
CA THR J 820 92.65 -70.29 37.30
C THR J 820 92.79 -69.06 36.40
N ILE J 821 91.90 -68.07 36.57
CA ILE J 821 91.89 -66.92 35.68
C ILE J 821 93.12 -66.04 35.91
N GLU J 822 93.47 -65.78 37.18
CA GLU J 822 94.64 -64.95 37.45
C GLU J 822 95.94 -65.67 37.08
N SER J 823 95.96 -67.00 37.22
CA SER J 823 97.13 -67.77 36.76
C SER J 823 97.27 -67.68 35.25
N GLU J 824 96.16 -67.75 34.51
CA GLU J 824 96.23 -67.62 33.07
C GLU J 824 96.67 -66.22 32.65
N THR J 825 96.20 -65.18 33.35
CA THR J 825 96.61 -63.82 33.03
C THR J 825 98.09 -63.60 33.29
N GLU J 826 98.60 -64.09 34.44
CA GLU J 826 100.02 -63.90 34.71
C GLU J 826 100.89 -64.78 33.80
N ALA J 827 100.38 -65.94 33.39
CA ALA J 827 101.10 -66.75 32.41
C ALA J 827 101.17 -66.05 31.06
N TYR J 828 100.08 -65.41 30.64
CA TYR J 828 100.10 -64.63 29.41
C TYR J 828 101.03 -63.43 29.51
N ARG J 829 101.03 -62.77 30.67
CA ARG J 829 101.90 -61.62 30.87
C ARG J 829 103.37 -62.02 30.85
N LYS J 830 103.70 -63.18 31.42
CA LYS J 830 105.05 -63.72 31.28
C LYS J 830 105.33 -64.21 29.87
N SER J 831 104.30 -64.60 29.12
CA SER J 831 104.48 -64.95 27.72
C SER J 831 104.80 -63.71 26.89
N GLN J 832 104.35 -62.53 27.33
CA GLN J 832 104.81 -61.29 26.71
C GLN J 832 106.27 -60.99 27.03
N ASP J 833 106.87 -61.70 27.98
CA ASP J 833 108.30 -61.69 28.30
C ASP J 833 108.67 -60.30 28.83
N THR J 834 109.90 -59.87 28.54
CA THR J 834 110.45 -58.56 28.91
C THR J 834 110.40 -58.30 30.40
N LEU J 835 109.50 -57.40 30.83
CA LEU J 835 109.57 -56.85 32.18
C LEU J 835 109.12 -57.86 33.23
N HIS J 836 108.04 -58.60 32.98
CA HIS J 836 107.52 -59.50 34.00
C HIS J 836 108.40 -60.73 34.19
N ARG J 837 108.97 -61.25 33.10
CA ARG J 837 109.96 -62.33 33.24
C ARG J 837 111.18 -61.83 34.01
N PHE J 838 111.60 -60.59 33.75
CA PHE J 838 112.73 -59.99 34.47
C PHE J 838 112.45 -59.90 35.96
N ILE J 839 111.49 -59.06 36.37
CA ILE J 839 111.16 -59.11 37.79
C ILE J 839 110.02 -60.09 38.02
N THR J 840 110.26 -61.36 37.68
CA THR J 840 109.81 -62.54 38.41
C THR J 840 110.90 -63.59 38.53
N GLU J 841 111.88 -63.61 37.63
CA GLU J 841 112.94 -64.62 37.64
C GLU J 841 114.26 -64.11 38.19
N ARG J 842 114.74 -62.97 37.68
CA ARG J 842 116.04 -62.45 38.06
C ARG J 842 116.01 -61.61 39.33
N VAL J 843 114.83 -61.37 39.90
CA VAL J 843 114.70 -60.55 41.10
C VAL J 843 113.86 -61.30 42.11
N VAL J 844 114.32 -61.30 43.37
CA VAL J 844 113.58 -61.89 44.48
C VAL J 844 113.58 -60.87 45.61
N GLU J 845 112.43 -60.70 46.25
CA GLU J 845 112.30 -59.72 47.33
C GLU J 845 113.03 -60.23 48.58
N SER J 846 114.06 -59.52 48.99
CA SER J 846 114.89 -59.92 50.13
C SER J 846 114.96 -58.76 51.12
N PRO J 847 114.12 -58.76 52.16
CA PRO J 847 114.24 -57.73 53.19
C PRO J 847 115.56 -57.79 53.96
N SER J 848 116.15 -58.98 54.11
CA SER J 848 117.39 -59.14 54.85
C SER J 848 118.61 -58.69 54.06
N ALA J 849 118.49 -58.45 52.77
CA ALA J 849 119.63 -58.03 51.94
C ALA J 849 119.94 -56.56 52.20
N GLU J 850 121.13 -56.29 52.70
CA GLU J 850 121.57 -54.92 52.93
C GLU J 850 122.14 -54.26 51.69
N THR J 851 122.29 -55.01 50.59
CA THR J 851 122.81 -54.46 49.35
C THR J 851 121.75 -53.61 48.68
N VAL J 852 121.99 -52.31 48.63
CA VAL J 852 121.08 -51.37 47.98
C VAL J 852 121.48 -51.26 46.51
N TYR J 853 120.54 -51.58 45.62
CA TYR J 853 120.82 -51.64 44.19
C TYR J 853 120.41 -50.34 43.51
N ASN J 854 121.32 -49.77 42.74
CA ASN J 854 121.05 -48.55 42.00
C ASN J 854 120.26 -48.87 40.73
N LEU J 855 119.68 -47.81 40.16
CA LEU J 855 118.92 -47.98 38.92
C LEU J 855 119.84 -48.30 37.74
N SER J 856 121.03 -47.72 37.72
CA SER J 856 122.00 -48.02 36.66
C SER J 856 122.47 -49.47 36.74
N GLU J 857 122.68 -49.98 37.95
CA GLU J 857 123.04 -51.38 38.11
C GLU J 857 121.91 -52.30 37.68
N VAL J 858 120.66 -51.89 37.95
CA VAL J 858 119.50 -52.67 37.50
C VAL J 858 119.42 -52.69 35.98
N VAL J 859 119.69 -51.55 35.34
CA VAL J 859 119.68 -51.48 33.87
C VAL J 859 120.80 -52.32 33.28
N THR J 860 121.98 -52.30 33.91
CA THR J 860 123.09 -53.12 33.43
C THR J 860 122.78 -54.60 33.58
N ALA J 861 122.16 -54.99 34.70
CA ALA J 861 121.75 -56.38 34.89
C ALA J 861 120.69 -56.78 33.89
N TYR J 862 119.76 -55.86 33.56
CA TYR J 862 118.76 -56.11 32.54
C TYR J 862 119.41 -56.36 31.19
N ALA J 863 120.38 -55.52 30.82
CA ALA J 863 121.06 -55.67 29.53
C ALA J 863 121.85 -56.98 29.47
N GLU J 864 122.57 -57.31 30.54
CA GLU J 864 123.35 -58.54 30.57
C GLU J 864 122.45 -59.78 30.53
N TRP J 865 121.35 -59.75 31.29
CA TRP J 865 120.43 -60.89 31.32
C TRP J 865 119.71 -61.06 29.99
N TYR J 866 119.34 -59.95 29.34
CA TYR J 866 118.68 -60.05 28.04
C TYR J 866 119.65 -60.54 26.97
N ASN J 867 120.92 -60.12 27.03
CA ASN J 867 121.89 -60.57 26.05
C ASN J 867 122.29 -62.03 26.26
N THR J 868 122.35 -62.48 27.51
CA THR J 868 122.74 -63.84 27.82
C THR J 868 121.56 -64.80 27.89
N ASN J 869 120.33 -64.31 27.75
CA ASN J 869 119.15 -65.16 27.86
C ASN J 869 118.31 -65.20 26.59
N ILE J 870 118.11 -64.07 25.93
CA ILE J 870 117.18 -64.02 24.80
C ILE J 870 117.89 -63.58 23.53
N ASN J 871 118.42 -62.36 23.52
CA ASN J 871 118.97 -61.79 22.30
C ASN J 871 119.99 -60.72 22.64
N VAL J 872 121.09 -60.70 21.90
CA VAL J 872 122.12 -59.68 22.06
C VAL J 872 121.71 -58.45 21.27
N LYS J 873 121.59 -57.31 21.95
CA LYS J 873 121.22 -56.06 21.31
C LYS J 873 121.78 -54.90 22.13
N ARG J 874 121.87 -53.74 21.49
CA ARG J 874 122.33 -52.54 22.17
C ARG J 874 121.21 -51.95 23.03
N HIS J 875 121.60 -51.26 24.09
CA HIS J 875 120.65 -50.65 25.01
C HIS J 875 121.07 -49.21 25.30
N ILE J 876 120.06 -48.33 25.37
CA ILE J 876 120.23 -46.96 25.83
C ILE J 876 119.55 -46.87 27.19
N ALA J 877 120.28 -46.34 28.19
CA ALA J 877 119.90 -46.49 29.59
C ALA J 877 118.56 -45.83 29.95
N LEU J 878 118.17 -44.78 29.22
CA LEU J 878 117.02 -43.97 29.62
C LEU J 878 115.71 -44.75 29.53
N GLU J 879 115.51 -45.47 28.43
CA GLU J 879 114.20 -46.09 28.18
C GLU J 879 113.92 -47.23 29.16
N LEU J 880 114.87 -48.14 29.35
CA LEU J 880 114.63 -49.19 30.34
C LEU J 880 114.77 -48.66 31.76
N SER J 881 115.47 -47.54 31.97
CA SER J 881 115.49 -46.91 33.27
C SER J 881 114.09 -46.43 33.67
N GLN J 882 113.42 -45.71 32.78
CA GLN J 882 112.07 -45.25 33.09
C GLN J 882 111.07 -46.40 33.09
N GLU J 883 111.32 -47.45 32.27
CA GLU J 883 110.46 -48.63 32.29
C GLU J 883 110.55 -49.36 33.63
N LEU J 884 111.77 -49.47 34.19
CA LEU J 884 111.92 -50.09 35.49
C LEU J 884 111.38 -49.20 36.60
N GLU J 885 111.52 -47.89 36.45
CA GLU J 885 110.98 -46.97 37.45
C GLU J 885 109.45 -46.91 37.41
N ASN J 886 108.83 -47.32 36.31
CA ASN J 886 107.38 -47.32 36.20
C ASN J 886 106.79 -48.73 36.12
N SER J 887 107.55 -49.74 36.54
CA SER J 887 107.10 -51.13 36.46
C SER J 887 106.42 -51.53 37.77
N VAL J 888 106.22 -52.84 37.95
CA VAL J 888 105.70 -53.39 39.19
C VAL J 888 106.65 -53.14 40.36
N LEU J 889 107.94 -52.92 40.08
CA LEU J 889 108.99 -52.66 41.05
C LEU J 889 108.80 -51.34 41.81
N GLU J 890 107.80 -50.52 41.43
CA GLU J 890 107.57 -49.23 42.08
C GLU J 890 107.20 -49.35 43.55
N LYS J 891 106.68 -50.50 43.99
CA LYS J 891 106.47 -50.70 45.42
C LYS J 891 107.80 -50.86 46.16
N TYR J 892 108.79 -51.49 45.52
CA TYR J 892 110.14 -51.56 46.08
C TYR J 892 110.87 -50.22 46.03
N LEU J 893 110.41 -49.30 45.18
CA LEU J 893 111.04 -48.00 45.02
C LEU J 893 110.38 -46.99 45.95
N GLN J 894 111.18 -46.34 46.78
CA GLN J 894 110.71 -45.35 47.71
C GLN J 894 111.44 -44.03 47.50
N TRP J 895 110.73 -42.93 47.69
CA TRP J 895 111.33 -41.60 47.58
C TRP J 895 112.18 -41.35 48.82
N SER J 896 113.49 -41.58 48.68
CA SER J 896 114.41 -41.44 49.78
C SER J 896 114.63 -39.97 50.11
N PRO J 897 115.17 -39.66 51.30
CA PRO J 897 115.63 -38.29 51.56
C PRO J 897 116.69 -37.80 50.58
N ASN J 898 117.49 -38.71 50.02
CA ASN J 898 118.42 -38.37 48.96
C ASN J 898 117.73 -38.22 47.60
N LYS J 899 116.43 -38.52 47.52
CA LYS J 899 115.62 -38.41 46.30
C LYS J 899 116.21 -39.28 45.17
N THR J 900 116.22 -40.58 45.41
CA THR J 900 116.76 -41.55 44.48
C THR J 900 115.80 -42.73 44.33
N ARG J 901 115.90 -43.41 43.19
CA ARG J 901 115.09 -44.59 42.88
C ARG J 901 115.86 -45.88 43.13
N ILE J 902 116.67 -45.91 44.18
CA ILE J 902 117.45 -47.10 44.50
C ILE J 902 116.54 -48.21 45.02
N LEU J 903 117.02 -49.45 44.92
CA LEU J 903 116.24 -50.61 45.30
C LEU J 903 116.45 -50.92 46.78
N LYS J 904 115.35 -51.06 47.51
CA LYS J 904 115.37 -51.37 48.92
C LYS J 904 114.48 -52.58 49.18
N GLY J 905 114.97 -53.51 50.00
CA GLY J 905 114.23 -54.72 50.31
C GLY J 905 114.04 -55.66 49.14
N CYS J 906 115.05 -55.79 48.29
CA CYS J 906 114.98 -56.69 47.15
C CYS J 906 116.39 -57.14 46.78
N ARG J 907 116.48 -58.24 46.04
CA ARG J 907 117.76 -58.79 45.62
C ARG J 907 117.68 -59.19 44.16
N ILE J 908 118.84 -59.23 43.52
CA ILE J 908 118.97 -59.63 42.12
C ILE J 908 119.77 -60.93 42.07
N LEU J 909 119.22 -61.93 41.40
CA LEU J 909 119.86 -63.24 41.31
C LEU J 909 120.74 -63.32 40.07
N HIS J 910 121.91 -63.91 40.23
CA HIS J 910 122.85 -64.09 39.13
C HIS J 910 122.49 -65.38 38.37
N LYS J 911 123.40 -65.83 37.50
CA LYS J 911 123.15 -67.03 36.72
C LYS J 911 123.21 -68.26 37.61
N PHE J 912 122.16 -69.09 37.53
CA PHE J 912 122.03 -70.34 38.31
C PHE J 912 122.16 -70.09 39.81
N GLU J 913 121.56 -69.00 40.28
CA GLU J 913 121.62 -68.62 41.69
C GLU J 913 120.40 -69.15 42.41
N THR J 914 120.63 -69.89 43.50
CA THR J 914 119.54 -70.42 44.30
C THR J 914 119.01 -69.35 45.25
N LEU J 915 117.70 -69.34 45.46
CA LEU J 915 117.08 -68.36 46.33
C LEU J 915 117.45 -68.62 47.78
N GLN J 916 117.99 -67.59 48.44
CA GLN J 916 118.45 -67.71 49.82
C GLN J 916 117.26 -67.77 50.78
N PRO J 917 117.45 -68.37 51.96
CA PRO J 917 116.39 -68.33 52.98
C PRO J 917 116.10 -66.90 53.42
N GLY J 918 114.82 -66.65 53.73
CA GLY J 918 114.37 -65.32 54.07
C GLY J 918 114.00 -64.45 52.90
N GLU J 919 114.04 -64.97 51.67
CA GLU J 919 113.68 -64.23 50.48
C GLU J 919 112.43 -64.82 49.86
N SER J 920 111.66 -64.00 49.16
CA SER J 920 110.39 -64.40 48.56
C SER J 920 110.43 -64.18 47.06
N TYR J 921 109.76 -65.06 46.32
CA TYR J 921 109.68 -64.91 44.87
C TYR J 921 108.75 -63.77 44.50
N ILE J 922 109.08 -63.09 43.40
CA ILE J 922 108.27 -61.98 42.91
C ILE J 922 107.36 -62.45 41.78
N CYS J 936 83.82 -79.48 43.58
CA CYS J 936 82.97 -80.40 42.83
C CYS J 936 82.19 -79.64 41.74
N GLU J 937 81.72 -80.39 40.75
CA GLU J 937 80.96 -79.83 39.63
C GLU J 937 79.67 -80.63 39.45
N PRO J 938 78.67 -80.39 40.30
CA PRO J 938 77.41 -81.13 40.17
C PRO J 938 76.52 -80.52 39.08
N LYS J 939 75.75 -81.39 38.44
CA LYS J 939 74.84 -80.93 37.39
C LYS J 939 73.67 -80.16 37.99
N ASN J 940 73.09 -80.66 39.07
CA ASN J 940 71.99 -80.00 39.76
C ASN J 940 72.52 -79.07 40.84
N LYS J 941 71.74 -78.02 41.12
CA LYS J 941 72.12 -76.96 42.08
C LYS J 941 73.47 -76.35 41.72
N TRP J 942 73.67 -76.09 40.43
CA TRP J 942 74.97 -75.67 39.91
C TRP J 942 75.03 -74.13 39.90
N TRP J 943 75.10 -73.59 41.12
CA TRP J 943 75.25 -72.16 41.35
C TRP J 943 75.75 -71.97 42.77
N GLU J 944 76.08 -70.72 43.09
CA GLU J 944 76.46 -70.21 44.42
C GLU J 944 77.82 -70.73 44.88
N TRP J 945 78.55 -69.89 45.62
CA TRP J 945 79.83 -70.27 46.20
C TRP J 945 80.06 -69.44 47.44
N SER J 946 80.93 -69.95 48.32
CA SER J 946 81.23 -69.27 49.57
C SER J 946 82.09 -68.04 49.34
N LEU K 21 16.53 -33.72 14.29
CA LEU K 21 15.11 -33.38 14.61
C LEU K 21 15.01 -32.97 16.09
N ALA K 22 14.25 -31.91 16.37
CA ALA K 22 14.11 -31.27 17.71
C ALA K 22 13.64 -32.30 18.76
N GLU K 23 12.50 -32.96 18.52
CA GLU K 23 11.87 -33.87 19.51
C GLU K 23 12.77 -35.09 19.76
N VAL K 24 13.53 -35.56 18.77
CA VAL K 24 14.54 -36.65 18.94
C VAL K 24 15.68 -36.13 19.83
N GLN K 25 16.13 -34.90 19.57
CA GLN K 25 17.17 -34.22 20.39
C GLN K 25 16.69 -34.12 21.84
N ALA K 26 15.44 -33.71 22.05
CA ALA K 26 14.79 -33.61 23.38
C ALA K 26 14.81 -34.97 24.07
N LEU K 27 14.39 -36.04 23.38
CA LEU K 27 14.38 -37.43 23.92
C LEU K 27 15.80 -37.87 24.28
N GLU K 28 16.78 -37.52 23.43
CA GLU K 28 18.22 -37.86 23.64
C GLU K 28 18.71 -37.19 24.94
N THR K 29 18.37 -35.92 25.14
CA THR K 29 18.74 -35.13 26.35
C THR K 29 18.07 -35.75 27.58
N LEU K 30 16.78 -36.09 27.49
CA LEU K 30 16.06 -36.72 28.63
C LEU K 30 16.78 -38.02 29.00
N LEU K 31 17.07 -38.88 28.02
CA LEU K 31 17.66 -40.22 28.26
C LEU K 31 19.05 -40.08 28.90
N THR K 32 19.93 -39.26 28.31
CA THR K 32 21.38 -39.26 28.69
C THR K 32 21.55 -38.43 29.98
N ARG K 33 21.02 -37.20 30.01
CA ARG K 33 21.22 -36.26 31.14
C ARG K 33 20.42 -36.73 32.37
N GLU K 34 19.17 -37.18 32.20
CA GLU K 34 18.23 -37.35 33.34
C GLU K 34 17.97 -38.81 33.69
N LEU K 35 17.57 -39.66 32.74
CA LEU K 35 17.05 -41.03 33.05
C LEU K 35 18.20 -42.04 33.19
N SER K 36 19.42 -41.66 32.77
CA SER K 36 20.66 -42.47 32.90
C SER K 36 20.79 -43.01 34.34
N VAL K 37 20.31 -42.28 35.34
CA VAL K 37 20.39 -42.64 36.79
C VAL K 37 19.50 -43.86 37.10
N PHE K 38 18.62 -44.29 36.18
CA PHE K 38 17.71 -45.44 36.35
C PHE K 38 18.16 -46.65 35.53
N LEU K 39 19.30 -46.56 34.85
CA LEU K 39 19.87 -47.68 34.07
C LEU K 39 19.95 -48.93 34.96
N THR K 40 19.36 -50.05 34.51
CA THR K 40 19.42 -51.38 35.18
C THR K 40 20.51 -52.25 34.52
N GLU K 41 20.98 -53.28 35.24
CA GLU K 41 21.95 -54.28 34.73
C GLU K 41 21.22 -55.25 33.83
N PRO K 42 21.92 -55.96 32.91
CA PRO K 42 21.30 -56.99 32.07
C PRO K 42 20.63 -58.06 32.95
N GLY K 43 19.37 -58.41 32.65
CA GLY K 43 18.59 -59.45 33.34
C GLY K 43 18.07 -59.01 34.70
N SER K 44 18.07 -57.69 34.99
CA SER K 44 17.50 -57.10 36.22
C SER K 44 15.96 -57.24 36.20
N LYS K 45 15.34 -57.50 37.35
CA LYS K 45 13.87 -57.73 37.36
C LYS K 45 13.19 -56.38 37.59
N LYS K 46 13.98 -55.39 38.02
CA LYS K 46 13.42 -54.02 38.20
C LYS K 46 13.20 -53.42 36.82
N THR K 47 13.81 -53.98 35.76
CA THR K 47 13.67 -53.31 34.45
C THR K 47 12.19 -53.25 34.05
N ASN K 48 11.69 -52.08 33.64
CA ASN K 48 10.33 -51.96 33.02
C ASN K 48 10.43 -51.44 31.58
N ILE K 49 11.53 -50.77 31.20
CA ILE K 49 11.69 -50.13 29.86
C ILE K 49 13.00 -50.58 29.23
N ILE K 50 12.95 -50.96 27.97
CA ILE K 50 14.10 -51.44 27.15
C ILE K 50 14.16 -50.59 25.89
N ASN K 51 15.27 -49.90 25.66
CA ASN K 51 15.56 -49.15 24.41
C ASN K 51 16.49 -50.02 23.56
N ARG K 52 15.94 -50.81 22.65
CA ARG K 52 16.69 -51.85 21.89
C ARG K 52 17.63 -51.17 20.87
N ILE K 53 17.40 -49.90 20.53
CA ILE K 53 18.33 -49.13 19.64
C ILE K 53 19.63 -48.83 20.41
N THR K 54 19.55 -48.29 21.62
CA THR K 54 20.73 -47.96 22.47
C THR K 54 21.16 -49.18 23.30
N GLY K 55 20.36 -50.25 23.33
CA GLY K 55 20.63 -51.47 24.12
C GLY K 55 20.61 -51.20 25.61
N LYS K 56 19.96 -50.11 26.04
CA LYS K 56 19.89 -49.69 27.46
C LYS K 56 18.62 -50.27 28.09
N THR K 57 18.68 -50.64 29.37
CA THR K 57 17.54 -51.11 30.19
C THR K 57 17.38 -50.17 31.39
N TYR K 58 16.13 -49.82 31.74
CA TYR K 58 15.80 -48.83 32.79
C TYR K 58 14.72 -49.40 33.72
N ALA K 59 14.76 -49.00 35.00
CA ALA K 59 13.64 -49.09 35.97
C ALA K 59 13.15 -47.66 36.24
N LEU K 60 12.17 -47.19 35.47
CA LEU K 60 11.62 -45.81 35.58
C LEU K 60 10.50 -45.80 36.62
N PRO K 61 10.60 -44.95 37.67
CA PRO K 61 9.44 -44.63 38.50
C PRO K 61 8.36 -43.91 37.67
N SER K 62 7.11 -44.02 38.11
CA SER K 62 5.90 -43.54 37.40
C SER K 62 6.09 -42.11 36.89
N THR K 63 6.70 -41.22 37.67
CA THR K 63 6.90 -39.79 37.29
C THR K 63 7.74 -39.70 36.01
N GLU K 64 8.79 -40.53 35.92
CA GLU K 64 9.82 -40.47 34.85
C GLU K 64 9.33 -41.28 33.65
N LEU K 65 8.50 -42.30 33.90
CA LEU K 65 7.80 -43.04 32.83
C LEU K 65 6.91 -42.08 32.04
N LEU K 66 6.16 -41.23 32.72
CA LEU K 66 5.30 -40.28 32.06
C LEU K 66 6.04 -39.28 31.24
N ARG K 67 7.15 -38.80 31.76
CA ARG K 67 8.00 -37.81 31.06
C ARG K 67 8.54 -38.48 29.80
N LEU K 68 8.94 -39.74 29.90
CA LEU K 68 9.41 -40.56 28.75
C LEU K 68 8.30 -40.61 27.70
N TYR K 69 7.07 -40.95 28.13
CA TYR K 69 5.87 -41.15 27.26
C TYR K 69 5.54 -39.84 26.52
N GLU K 70 5.67 -38.69 27.18
CA GLU K 70 5.43 -37.37 26.52
C GLU K 70 6.44 -37.18 25.39
N HIS K 71 7.71 -37.54 25.61
CA HIS K 71 8.77 -37.41 24.59
C HIS K 71 8.55 -38.43 23.47
N LEU K 72 8.24 -39.69 23.81
CA LEU K 72 8.02 -40.77 22.81
C LEU K 72 6.80 -40.42 21.97
N GLU K 73 5.75 -39.86 22.58
CA GLU K 73 4.50 -39.44 21.88
C GLU K 73 4.83 -38.33 20.86
N GLN K 74 5.64 -37.33 21.25
CA GLN K 74 6.05 -36.24 20.32
C GLN K 74 6.85 -36.84 19.16
N CYS K 75 7.77 -37.75 19.46
CA CYS K 75 8.59 -38.48 18.45
C CYS K 75 7.68 -39.32 17.54
N ARG K 76 6.63 -39.92 18.08
CA ARG K 76 5.69 -40.79 17.33
C ARG K 76 4.93 -39.94 16.30
N LYS K 77 4.38 -38.81 16.73
CA LYS K 77 3.59 -37.88 15.87
C LYS K 77 4.44 -37.34 14.71
N GLN K 78 5.77 -37.43 14.78
CA GLN K 78 6.71 -36.96 13.72
C GLN K 78 7.36 -38.16 13.00
N GLY K 79 6.89 -39.38 13.26
CA GLY K 79 7.31 -40.60 12.55
C GLY K 79 8.74 -41.02 12.82
N ALA K 80 9.28 -40.67 13.99
CA ALA K 80 10.68 -40.96 14.38
C ALA K 80 10.84 -42.47 14.62
N LEU K 81 11.99 -43.01 14.22
CA LEU K 81 12.43 -44.41 14.49
C LEU K 81 12.54 -44.61 16.00
N MET K 82 11.65 -45.43 16.58
CA MET K 82 11.70 -45.85 18.01
C MET K 82 11.71 -47.38 18.05
N TYR K 83 12.45 -47.95 19.00
CA TYR K 83 12.42 -49.38 19.36
C TYR K 83 12.42 -49.50 20.89
N PHE K 84 11.40 -48.96 21.54
CA PHE K 84 11.16 -49.10 22.99
C PHE K 84 10.24 -50.29 23.26
N LEU K 85 10.60 -51.11 24.25
CA LEU K 85 9.78 -52.22 24.78
C LEU K 85 9.50 -51.94 26.25
N GLU K 86 8.33 -52.35 26.74
CA GLU K 86 8.04 -52.39 28.19
C GLU K 86 8.01 -53.87 28.60
N ARG K 87 8.53 -54.18 29.79
CA ARG K 87 8.50 -55.55 30.36
C ARG K 87 7.18 -55.72 31.13
N GLN K 88 6.47 -56.83 30.89
CA GLN K 88 5.10 -57.04 31.44
C GLN K 88 5.23 -57.36 32.94
N GLY K 89 6.30 -58.06 33.32
CA GLY K 89 6.48 -58.53 34.70
C GLY K 89 5.32 -59.40 35.11
N THR K 90 4.99 -59.41 36.40
CA THR K 90 4.10 -60.43 37.03
C THR K 90 2.67 -59.89 37.16
N TYR K 91 2.46 -58.58 37.06
CA TYR K 91 1.15 -57.90 37.25
C TYR K 91 1.10 -56.63 36.39
N SER K 92 0.35 -56.66 35.29
CA SER K 92 0.25 -55.55 34.31
C SER K 92 -0.92 -55.80 33.35
N GLY K 93 -1.14 -54.86 32.44
CA GLY K 93 -2.20 -54.94 31.40
C GLY K 93 -1.99 -56.12 30.46
N LEU K 94 -3.03 -56.51 29.75
CA LEU K 94 -3.01 -57.68 28.84
C LEU K 94 -2.69 -57.22 27.42
N MET K 95 -1.82 -57.97 26.75
CA MET K 95 -1.46 -57.78 25.32
C MET K 95 -1.69 -59.12 24.62
N LEU K 96 -2.37 -59.11 23.47
CA LEU K 96 -2.57 -60.28 22.58
C LEU K 96 -1.82 -60.00 21.27
N ASP K 97 -0.86 -60.85 20.90
CA ASP K 97 -0.07 -60.72 19.66
C ASP K 97 -0.58 -61.76 18.65
N TYR K 98 -1.30 -61.31 17.61
CA TYR K 98 -1.80 -62.15 16.48
C TYR K 98 -0.86 -62.04 15.27
N ASP K 99 -0.28 -63.17 14.87
CA ASP K 99 0.53 -63.34 13.62
C ASP K 99 -0.33 -64.10 12.61
N LEU K 100 -0.89 -63.38 11.62
CA LEU K 100 -1.86 -63.93 10.64
C LEU K 100 -1.14 -64.35 9.36
N LYS K 101 -1.49 -65.53 8.85
CA LYS K 101 -1.29 -65.92 7.42
C LYS K 101 -2.60 -65.66 6.66
N LEU K 102 -2.58 -64.82 5.62
CA LEU K 102 -3.78 -64.40 4.85
C LEU K 102 -3.89 -65.11 3.49
N ASN K 103 -5.13 -65.22 3.01
CA ASN K 103 -5.56 -65.69 1.66
C ASN K 103 -4.86 -64.93 0.54
N THR K 104 -4.57 -63.64 0.79
CA THR K 104 -4.09 -62.65 -0.21
C THR K 104 -3.14 -61.67 0.48
N ASN K 105 -2.61 -60.72 -0.29
CA ASN K 105 -1.66 -59.66 0.15
C ASN K 105 -2.43 -58.36 0.36
N ALA K 106 -3.77 -58.44 0.45
CA ALA K 106 -4.68 -57.32 0.74
C ALA K 106 -4.90 -57.25 2.26
N VAL K 107 -4.71 -56.06 2.84
CA VAL K 107 -5.08 -55.77 4.26
C VAL K 107 -6.52 -56.23 4.47
N PRO K 108 -6.80 -57.11 5.46
CA PRO K 108 -8.17 -57.56 5.73
C PRO K 108 -9.00 -56.38 6.24
N PRO K 109 -10.32 -56.35 5.99
CA PRO K 109 -11.12 -55.17 6.31
C PRO K 109 -11.11 -54.79 7.81
N LEU K 110 -11.23 -55.76 8.71
CA LEU K 110 -11.21 -55.55 10.19
C LEU K 110 -12.00 -54.29 10.54
N GLU K 111 -13.29 -54.26 10.22
CA GLU K 111 -14.19 -53.13 10.51
C GLU K 111 -14.69 -53.23 11.95
N PRO K 112 -15.25 -52.15 12.54
CA PRO K 112 -15.66 -52.16 13.95
C PRO K 112 -16.47 -53.36 14.43
N PRO K 113 -17.49 -53.88 13.69
CA PRO K 113 -18.27 -55.03 14.15
C PRO K 113 -17.46 -56.29 14.45
N ALA K 114 -16.50 -56.63 13.59
CA ALA K 114 -15.61 -57.80 13.79
C ALA K 114 -14.75 -57.55 15.04
N LEU K 115 -14.12 -56.38 15.15
CA LEU K 115 -13.22 -56.04 16.27
C LEU K 115 -14.04 -55.98 17.58
N SER K 116 -15.26 -55.45 17.51
CA SER K 116 -16.20 -55.34 18.65
C SER K 116 -16.48 -56.74 19.20
N ARG K 117 -16.76 -57.70 18.32
CA ARG K 117 -17.09 -59.09 18.69
C ARG K 117 -15.86 -59.75 19.31
N LEU K 118 -14.67 -59.48 18.76
CA LEU K 118 -13.36 -59.95 19.31
C LEU K 118 -13.26 -59.51 20.77
N CYS K 119 -13.52 -58.24 21.07
CA CYS K 119 -13.48 -57.65 22.44
C CYS K 119 -14.40 -58.44 23.38
N HIS K 120 -15.64 -58.68 22.95
CA HIS K 120 -16.65 -59.42 23.74
C HIS K 120 -16.10 -60.80 24.08
N ARG K 121 -15.60 -61.54 23.09
CA ARG K 121 -15.08 -62.92 23.28
C ARG K 121 -13.86 -62.88 24.22
N ILE K 122 -12.93 -61.93 24.01
CA ILE K 122 -11.74 -61.75 24.89
C ILE K 122 -12.21 -61.55 26.32
N PHE K 123 -13.28 -60.79 26.50
CA PHE K 123 -13.83 -60.41 27.84
C PHE K 123 -14.43 -61.64 28.51
N VAL K 124 -15.17 -62.46 27.75
CA VAL K 124 -15.79 -63.72 28.27
C VAL K 124 -14.69 -64.55 28.94
N HIS K 125 -13.49 -64.62 28.36
CA HIS K 125 -12.36 -65.43 28.92
C HIS K 125 -11.79 -64.76 30.16
N ILE K 126 -11.67 -63.43 30.14
CA ILE K 126 -11.23 -62.61 31.31
C ILE K 126 -12.21 -62.88 32.48
N LYS K 127 -13.50 -62.73 32.24
CA LYS K 127 -14.58 -62.95 33.23
C LYS K 127 -14.50 -64.38 33.79
N ASN K 128 -14.25 -65.35 32.92
CA ASN K 128 -14.24 -66.81 33.26
C ASN K 128 -13.03 -67.14 34.13
N SER K 129 -11.99 -66.29 34.13
CA SER K 129 -10.77 -66.40 34.98
C SER K 129 -11.11 -66.12 36.45
N SER K 130 -12.22 -65.44 36.72
CA SER K 130 -12.83 -65.18 38.05
C SER K 130 -12.11 -64.07 38.82
N VAL K 131 -11.20 -63.30 38.19
CA VAL K 131 -10.27 -62.38 38.90
C VAL K 131 -10.77 -60.93 38.85
N LEU K 132 -11.85 -60.64 38.12
CA LEU K 132 -12.36 -59.26 37.98
C LEU K 132 -12.89 -58.81 39.33
N PRO K 133 -12.67 -57.53 39.71
CA PRO K 133 -13.25 -57.00 40.95
C PRO K 133 -14.76 -56.79 40.78
N GLU K 134 -15.51 -56.85 41.87
CA GLU K 134 -16.98 -56.55 41.90
C GLU K 134 -17.17 -55.06 41.62
N GLY K 135 -18.35 -54.66 41.16
CA GLY K 135 -18.72 -53.26 40.91
C GLY K 135 -18.75 -52.95 39.43
N SER K 136 -18.84 -51.66 39.08
CA SER K 136 -18.87 -51.15 37.70
C SER K 136 -17.49 -50.62 37.31
N HIS K 137 -16.95 -51.07 36.18
CA HIS K 137 -15.59 -50.73 35.70
C HIS K 137 -15.58 -50.58 34.17
N LYS K 138 -14.92 -49.52 33.67
CA LYS K 138 -14.55 -49.37 32.24
C LYS K 138 -13.20 -50.06 32.00
N ILE K 139 -13.10 -50.86 30.94
CA ILE K 139 -11.79 -51.34 30.41
C ILE K 139 -11.74 -51.01 28.90
N HIS K 140 -10.58 -50.51 28.46
CA HIS K 140 -10.33 -50.08 27.06
C HIS K 140 -9.54 -51.15 26.31
N PHE K 141 -10.01 -51.50 25.11
CA PHE K 141 -9.32 -52.36 24.11
C PHE K 141 -8.81 -51.46 22.96
N PHE K 142 -7.56 -51.66 22.56
CA PHE K 142 -6.93 -50.94 21.43
C PHE K 142 -6.40 -51.99 20.45
N PHE K 143 -6.72 -51.82 19.16
CA PHE K 143 -6.23 -52.67 18.05
C PHE K 143 -5.25 -51.85 17.22
N THR K 144 -3.98 -52.25 17.26
CA THR K 144 -2.91 -51.69 16.42
C THR K 144 -2.59 -52.74 15.36
N LEU K 145 -2.46 -52.32 14.10
CA LEU K 145 -2.36 -53.21 12.92
C LEU K 145 -1.02 -53.00 12.22
N LYS K 146 -0.38 -54.08 11.80
CA LYS K 146 0.73 -54.08 10.79
C LYS K 146 0.31 -53.20 9.62
N PRO K 147 1.14 -52.23 9.20
CA PRO K 147 0.71 -51.26 8.19
C PRO K 147 0.42 -51.89 6.81
N GLU K 148 1.12 -52.95 6.44
CA GLU K 148 0.91 -53.67 5.15
C GLU K 148 1.08 -55.18 5.33
N VAL K 149 0.49 -55.98 4.43
CA VAL K 149 0.72 -57.45 4.31
C VAL K 149 2.03 -57.62 3.51
N VAL K 150 2.90 -58.52 3.98
CA VAL K 150 4.16 -58.89 3.29
C VAL K 150 4.10 -60.41 3.08
N GLN K 151 3.99 -60.84 1.82
CA GLN K 151 3.91 -62.27 1.42
C GLN K 151 2.80 -62.98 2.21
N GLY K 152 1.64 -62.33 2.33
CA GLY K 152 0.45 -62.91 3.00
C GLY K 152 0.57 -62.90 4.53
N LYS K 153 1.69 -62.45 5.08
CA LYS K 153 1.91 -62.34 6.55
C LYS K 153 1.31 -61.03 7.03
N TYR K 154 0.43 -61.08 8.04
CA TYR K 154 -0.22 -59.87 8.61
C TYR K 154 -0.26 -60.02 10.14
N GLY K 155 -0.54 -58.92 10.83
CA GLY K 155 -0.49 -58.87 12.30
C GLY K 155 -1.38 -57.79 12.89
N PHE K 156 -1.88 -58.06 14.09
CA PHE K 156 -2.41 -57.02 14.99
C PHE K 156 -2.07 -57.36 16.43
N HIS K 157 -1.93 -56.30 17.22
CA HIS K 157 -1.90 -56.33 18.70
C HIS K 157 -3.28 -55.92 19.22
N VAL K 158 -3.81 -56.65 20.20
CA VAL K 158 -4.93 -56.20 21.08
C VAL K 158 -4.29 -55.82 22.43
N LEU K 159 -4.37 -54.54 22.78
CA LEU K 159 -3.87 -54.01 24.07
C LEU K 159 -5.08 -53.75 24.97
N ILE K 160 -5.08 -54.36 26.17
CA ILE K 160 -6.00 -54.02 27.28
C ILE K 160 -5.14 -53.53 28.44
N PRO K 161 -4.54 -52.31 28.30
CA PRO K 161 -3.50 -51.85 29.22
C PRO K 161 -3.95 -51.60 30.66
N GLY K 162 -5.20 -51.18 30.86
CA GLY K 162 -5.78 -50.81 32.17
C GLY K 162 -6.13 -52.00 33.05
N LEU K 163 -6.39 -53.16 32.45
CA LEU K 163 -6.85 -54.38 33.18
C LEU K 163 -5.62 -55.12 33.74
N LYS K 164 -5.29 -54.84 34.99
CA LYS K 164 -4.04 -55.32 35.64
C LYS K 164 -4.26 -56.77 36.06
N LEU K 165 -3.55 -57.70 35.40
CA LEU K 165 -3.71 -59.17 35.53
C LEU K 165 -2.39 -59.81 35.97
N ALA K 166 -2.47 -60.89 36.75
CA ALA K 166 -1.31 -61.75 37.07
C ALA K 166 -0.84 -62.40 35.78
N ALA K 167 0.46 -62.61 35.62
CA ALA K 167 1.07 -63.28 34.45
C ALA K 167 0.37 -64.63 34.22
N SER K 168 0.20 -65.42 35.28
CA SER K 168 -0.44 -66.77 35.25
C SER K 168 -1.87 -66.67 34.70
N THR K 169 -2.62 -65.63 35.06
CA THR K 169 -4.01 -65.41 34.56
C THR K 169 -3.99 -65.06 33.07
N LYS K 170 -3.05 -64.21 32.63
CA LYS K 170 -2.87 -63.85 31.21
C LYS K 170 -2.65 -65.11 30.37
N LYS K 171 -1.74 -65.99 30.84
CA LYS K 171 -1.39 -67.27 30.16
C LYS K 171 -2.65 -68.13 30.03
N SER K 172 -3.42 -68.25 31.12
CA SER K 172 -4.72 -68.98 31.16
C SER K 172 -5.68 -68.40 30.13
N ILE K 173 -5.88 -67.07 30.14
CA ILE K 173 -6.80 -66.34 29.20
C ILE K 173 -6.35 -66.59 27.76
N ILE K 174 -5.05 -66.49 27.50
CA ILE K 174 -4.47 -66.72 26.15
C ILE K 174 -4.74 -68.17 25.70
N GLY K 175 -4.51 -69.16 26.58
CA GLY K 175 -4.80 -70.59 26.31
C GLY K 175 -6.24 -70.78 25.82
N SER K 176 -7.20 -70.23 26.57
CA SER K 176 -8.65 -70.28 26.26
C SER K 176 -8.95 -69.61 24.91
N LEU K 177 -8.32 -68.46 24.65
CA LEU K 177 -8.58 -67.62 23.43
C LEU K 177 -8.15 -68.38 22.17
N GLN K 178 -7.08 -69.17 22.25
CA GLN K 178 -6.55 -69.95 21.11
C GLN K 178 -7.63 -70.92 20.59
N HIS K 179 -8.45 -71.48 21.49
CA HIS K 179 -9.46 -72.53 21.20
C HIS K 179 -10.87 -71.96 20.99
N ASP K 180 -11.03 -70.64 20.95
CA ASP K 180 -12.37 -69.99 20.85
C ASP K 180 -12.88 -70.08 19.41
N ALA K 181 -13.96 -70.83 19.21
CA ALA K 181 -14.60 -71.12 17.90
C ALA K 181 -15.12 -69.83 17.24
N THR K 182 -15.71 -68.92 18.02
CA THR K 182 -16.24 -67.63 17.50
C THR K 182 -15.10 -66.76 16.98
N VAL K 183 -13.97 -66.70 17.71
CA VAL K 183 -12.77 -65.91 17.32
C VAL K 183 -12.21 -66.51 16.01
N GLN K 184 -12.14 -67.84 15.93
CA GLN K 184 -11.61 -68.57 14.76
C GLN K 184 -12.47 -68.27 13.54
N LYS K 185 -13.79 -68.24 13.72
CA LYS K 185 -14.77 -67.86 12.66
C LYS K 185 -14.46 -66.45 12.17
N ILE K 186 -14.46 -65.47 13.08
CA ILE K 186 -14.21 -64.02 12.75
C ILE K 186 -12.93 -63.93 11.89
N LEU K 187 -11.86 -64.58 12.35
CA LEU K 187 -10.53 -64.51 11.68
C LEU K 187 -10.61 -65.17 10.31
N HIS K 188 -11.30 -66.32 10.22
CA HIS K 188 -11.53 -67.06 8.96
C HIS K 188 -12.23 -66.15 7.94
N GLU K 189 -13.29 -65.45 8.35
CA GLU K 189 -14.09 -64.56 7.46
C GLU K 189 -13.28 -63.33 7.06
N GLN K 190 -12.16 -63.05 7.75
CA GLN K 190 -11.23 -61.95 7.40
C GLN K 190 -10.20 -62.44 6.38
N GLY K 191 -10.13 -63.75 6.13
CA GLY K 191 -9.20 -64.40 5.17
C GLY K 191 -7.99 -65.02 5.85
N VAL K 192 -8.06 -65.28 7.15
CA VAL K 192 -6.93 -65.88 7.94
C VAL K 192 -6.97 -67.39 7.73
N THR K 193 -5.84 -67.97 7.30
CA THR K 193 -5.67 -69.42 7.01
C THR K 193 -5.07 -70.15 8.21
N ASN K 194 -4.63 -69.43 9.27
CA ASN K 194 -4.08 -70.05 10.52
C ASN K 194 -4.86 -69.57 11.74
N PRO K 195 -6.21 -69.65 11.74
CA PRO K 195 -7.00 -69.13 12.84
C PRO K 195 -6.81 -69.90 14.16
N GLU K 196 -6.28 -71.12 14.09
CA GLU K 196 -6.09 -72.02 15.25
C GLU K 196 -4.76 -71.72 15.96
N SER K 197 -3.80 -71.09 15.26
CA SER K 197 -2.37 -71.00 15.69
C SER K 197 -1.78 -69.61 15.42
N CYS K 198 -2.59 -68.57 15.33
CA CYS K 198 -2.13 -67.19 15.01
C CYS K 198 -1.87 -66.40 16.30
N LEU K 199 -2.49 -66.75 17.43
CA LEU K 199 -2.27 -66.06 18.73
C LEU K 199 -1.00 -66.59 19.38
N ASP K 200 0.01 -65.74 19.56
CA ASP K 200 1.28 -66.09 20.24
C ASP K 200 1.01 -66.49 21.68
N PRO K 201 1.23 -67.79 22.06
CA PRO K 201 0.96 -68.25 23.43
C PRO K 201 1.88 -67.63 24.50
N HIS K 202 2.93 -66.92 24.08
CA HIS K 202 3.91 -66.22 24.96
C HIS K 202 3.55 -64.73 25.06
N SER K 203 2.41 -64.31 24.48
CA SER K 203 1.84 -62.94 24.56
C SER K 203 1.89 -62.41 26.00
N ALA K 204 1.76 -63.29 27.00
CA ALA K 204 1.72 -62.95 28.45
C ALA K 204 3.09 -62.52 28.98
N SER K 205 4.19 -63.03 28.38
CA SER K 205 5.55 -62.93 28.96
C SER K 205 6.48 -62.06 28.11
N VAL K 206 6.27 -61.98 26.80
CA VAL K 206 7.21 -61.23 25.88
C VAL K 206 7.19 -59.75 26.28
N PRO K 207 8.34 -59.06 26.18
CA PRO K 207 8.34 -57.60 26.25
C PRO K 207 7.50 -57.05 25.10
N SER K 208 6.76 -55.97 25.36
CA SER K 208 5.69 -55.45 24.47
C SER K 208 6.13 -54.09 23.93
N LEU K 209 6.09 -53.92 22.61
CA LEU K 209 6.51 -52.66 21.95
C LEU K 209 5.63 -51.52 22.45
N LEU K 210 6.24 -50.39 22.79
CA LEU K 210 5.49 -49.14 23.05
C LEU K 210 4.87 -48.70 21.73
N TYR K 211 3.72 -48.05 21.77
CA TYR K 211 3.05 -47.52 20.56
C TYR K 211 4.04 -46.58 19.85
N GLY K 212 4.22 -46.78 18.55
CA GLY K 212 5.16 -46.00 17.71
C GLY K 212 6.50 -46.69 17.55
N SER K 213 6.74 -47.79 18.28
CA SER K 213 8.01 -48.56 18.23
C SER K 213 7.83 -49.83 17.39
N SER K 214 8.93 -50.41 16.93
CA SER K 214 8.97 -51.65 16.13
C SER K 214 10.37 -52.26 16.15
N LYS K 215 10.49 -53.56 15.85
CA LYS K 215 11.78 -54.20 15.47
C LYS K 215 12.38 -53.36 14.34
N LEU K 216 13.70 -53.38 14.20
CA LEU K 216 14.42 -52.44 13.29
C LEU K 216 14.13 -52.82 11.84
N ASN K 217 13.69 -54.05 11.59
CA ASN K 217 13.39 -54.59 10.24
C ASN K 217 11.91 -54.38 9.86
N HIS K 218 11.07 -53.94 10.80
CA HIS K 218 9.59 -53.79 10.61
C HIS K 218 9.20 -52.32 10.74
N LYS K 219 7.97 -51.96 10.38
CA LYS K 219 7.40 -50.60 10.61
C LYS K 219 6.43 -50.68 11.78
N PRO K 220 6.22 -49.59 12.52
CA PRO K 220 5.35 -49.63 13.70
C PRO K 220 3.88 -49.88 13.34
N TYR K 221 3.21 -50.69 14.16
CA TYR K 221 1.75 -50.93 14.10
C TYR K 221 1.05 -49.59 14.31
N GLN K 222 -0.08 -49.39 13.63
CA GLN K 222 -0.90 -48.16 13.63
C GLN K 222 -2.22 -48.43 14.37
N LEU K 223 -2.62 -47.53 15.27
CA LEU K 223 -3.90 -47.64 16.01
C LEU K 223 -5.04 -47.43 15.02
N LYS K 224 -5.88 -48.44 14.82
CA LYS K 224 -7.04 -48.35 13.89
C LYS K 224 -8.27 -47.95 14.69
N THR K 225 -8.58 -48.68 15.76
CA THR K 225 -9.85 -48.55 16.53
C THR K 225 -9.59 -48.92 17.98
N GLY K 226 -10.18 -48.17 18.91
CA GLY K 226 -10.25 -48.50 20.34
C GLY K 226 -11.69 -48.59 20.82
N PHE K 227 -11.95 -49.44 21.82
CA PHE K 227 -13.30 -49.70 22.37
C PHE K 227 -13.29 -49.54 23.88
N GLU K 228 -14.39 -49.02 24.40
CA GLU K 228 -14.69 -48.93 25.85
C GLU K 228 -15.71 -50.03 26.19
N LEU K 229 -15.31 -50.99 27.03
CA LEU K 229 -16.20 -52.05 27.58
C LEU K 229 -16.48 -51.69 29.04
N VAL K 230 -17.76 -51.57 29.41
CA VAL K 230 -18.18 -51.41 30.83
C VAL K 230 -18.75 -52.76 31.28
N PHE K 231 -18.25 -53.29 32.39
CA PHE K 231 -18.85 -54.47 33.06
C PHE K 231 -19.38 -54.04 34.44
N ASP K 232 -20.45 -54.69 34.88
CA ASP K 232 -21.11 -54.44 36.18
C ASP K 232 -21.48 -55.80 36.77
N SER K 233 -20.89 -56.17 37.91
CA SER K 233 -21.08 -57.47 38.60
C SER K 233 -22.57 -57.68 38.95
N SER K 234 -23.29 -56.60 39.23
CA SER K 234 -24.72 -56.61 39.62
C SER K 234 -25.60 -56.92 38.39
N ASP K 235 -25.13 -56.58 37.19
CA ASP K 235 -25.86 -56.68 35.91
C ASP K 235 -24.97 -57.35 34.87
N PRO K 236 -24.61 -58.64 35.07
CA PRO K 236 -23.54 -59.29 34.31
C PRO K 236 -23.84 -59.50 32.82
N ASP K 237 -25.13 -59.45 32.44
CA ASP K 237 -25.57 -59.71 31.04
C ASP K 237 -25.50 -58.42 30.22
N TYR K 238 -25.28 -57.27 30.85
CA TYR K 238 -25.14 -55.97 30.15
C TYR K 238 -23.65 -55.63 30.00
N ILE K 239 -23.12 -55.80 28.79
CA ILE K 239 -21.67 -55.62 28.48
C ILE K 239 -21.54 -54.68 27.29
N PRO K 240 -21.85 -53.37 27.48
CA PRO K 240 -21.79 -52.40 26.39
C PRO K 240 -20.35 -52.19 25.92
N ILE K 241 -20.16 -52.30 24.61
CA ILE K 241 -18.88 -52.03 23.89
C ILE K 241 -19.17 -50.94 22.85
N HIS K 242 -18.45 -49.81 22.96
CA HIS K 242 -18.54 -48.63 22.07
C HIS K 242 -17.13 -48.20 21.64
N GLN K 243 -16.98 -47.84 20.37
CA GLN K 243 -15.77 -47.16 19.85
C GLN K 243 -15.48 -45.93 20.73
N ILE K 244 -14.20 -45.72 21.05
CA ILE K 244 -13.66 -44.47 21.65
C ILE K 244 -13.51 -43.44 20.51
N LYS K 245 -14.01 -42.22 20.68
CA LYS K 245 -14.19 -41.29 19.51
C LYS K 245 -13.04 -40.28 19.44
N ASN K 246 -12.52 -39.81 20.59
CA ASN K 246 -11.51 -38.71 20.65
C ASN K 246 -10.15 -39.27 21.06
N LEU K 247 -9.69 -40.33 20.39
CA LEU K 247 -8.41 -41.03 20.68
C LEU K 247 -7.22 -40.06 20.54
N GLU K 248 -7.22 -39.24 19.49
CA GLU K 248 -6.17 -38.23 19.15
C GLU K 248 -5.96 -37.25 20.31
N SER K 249 -6.97 -37.04 21.16
CA SER K 249 -6.95 -36.10 22.31
C SER K 249 -5.97 -36.55 23.40
N TYR K 250 -5.57 -37.82 23.41
CA TYR K 250 -4.80 -38.42 24.52
C TYR K 250 -3.36 -38.67 24.05
N ASN K 251 -2.46 -38.85 25.02
CA ASN K 251 -1.09 -39.35 24.76
C ASN K 251 -1.19 -40.87 24.58
N LEU K 252 -1.13 -41.36 23.35
CA LEU K 252 -1.39 -42.77 23.00
C LEU K 252 -0.26 -43.69 23.49
N VAL K 253 1.00 -43.27 23.46
CA VAL K 253 2.11 -44.09 24.05
C VAL K 253 1.74 -44.37 25.51
N SER K 254 1.35 -43.31 26.23
CA SER K 254 0.90 -43.34 27.65
C SER K 254 -0.29 -44.30 27.85
N GLU K 255 -1.40 -44.04 27.17
CA GLU K 255 -2.69 -44.75 27.39
C GLU K 255 -2.52 -46.25 27.06
N LEU K 256 -1.78 -46.59 25.99
CA LEU K 256 -1.65 -47.97 25.47
C LEU K 256 -0.64 -48.80 26.29
N SER K 257 0.18 -48.16 27.14
CA SER K 257 1.23 -48.81 27.95
C SER K 257 0.59 -49.78 28.96
N LEU K 258 1.00 -51.05 28.93
CA LEU K 258 0.51 -52.13 29.83
C LEU K 258 0.91 -51.86 31.28
N THR K 259 2.02 -51.14 31.52
CA THR K 259 2.62 -50.96 32.86
C THR K 259 2.25 -49.60 33.45
N ASN K 260 1.72 -48.66 32.64
CA ASN K 260 1.27 -47.32 33.09
C ASN K 260 0.06 -47.47 34.03
N GLU K 261 -0.01 -46.62 35.07
CA GLU K 261 -1.14 -46.57 36.03
C GLU K 261 -1.65 -45.12 36.16
N GLN K 262 -1.10 -44.19 35.37
CA GLN K 262 -1.37 -42.74 35.47
C GLN K 262 -1.83 -42.20 34.11
N GLY K 263 -2.45 -43.04 33.28
CA GLY K 263 -3.18 -42.59 32.08
C GLY K 263 -4.40 -41.76 32.45
N SER K 264 -4.90 -40.96 31.50
CA SER K 264 -6.10 -40.11 31.65
C SER K 264 -7.35 -40.87 31.17
N LEU K 265 -7.30 -41.40 29.95
CA LEU K 265 -8.38 -42.26 29.38
C LEU K 265 -8.39 -43.59 30.14
N VAL K 266 -7.23 -44.24 30.21
CA VAL K 266 -7.08 -45.61 30.78
C VAL K 266 -6.78 -45.49 32.27
N ARG K 267 -7.77 -45.80 33.12
CA ARG K 267 -7.66 -45.84 34.59
C ARG K 267 -7.57 -47.32 34.97
N PRO K 268 -6.58 -47.72 35.81
CA PRO K 268 -6.39 -49.13 36.14
C PRO K 268 -7.62 -49.76 36.82
N VAL K 269 -7.94 -51.00 36.45
CA VAL K 269 -8.81 -51.89 37.27
C VAL K 269 -7.96 -53.09 37.67
N TYR K 270 -7.84 -53.28 38.98
CA TYR K 270 -6.94 -54.24 39.65
C TYR K 270 -7.69 -55.56 39.82
N CYS K 271 -7.23 -56.58 39.12
CA CYS K 271 -7.73 -57.98 39.23
C CYS K 271 -7.01 -58.67 40.40
N ALA K 272 -7.65 -59.68 40.98
CA ALA K 272 -7.08 -60.57 42.02
C ALA K 272 -5.82 -61.23 41.46
N ALA K 273 -4.75 -61.29 42.26
CA ALA K 273 -3.46 -61.94 41.91
C ALA K 273 -3.56 -63.45 42.18
N MET K 294 23.76 -62.43 24.85
CA MET K 294 23.20 -61.37 24.03
C MET K 294 24.22 -60.95 22.99
N LEU K 295 23.75 -60.14 22.04
CA LEU K 295 24.63 -59.60 21.01
C LEU K 295 25.52 -58.53 21.62
N HIS K 296 26.82 -58.82 21.73
CA HIS K 296 27.76 -57.89 22.35
C HIS K 296 27.98 -56.70 21.42
N ASP K 297 27.90 -55.48 22.01
CA ASP K 297 28.02 -54.14 21.43
C ASP K 297 27.47 -54.04 20.00
N PRO K 298 26.14 -54.19 19.81
CA PRO K 298 25.59 -54.22 18.45
C PRO K 298 25.44 -52.84 17.83
N GLU K 299 26.58 -52.16 17.62
CA GLU K 299 26.61 -50.87 16.97
C GLU K 299 27.03 -50.95 15.51
N ALA K 300 27.17 -52.17 14.99
CA ALA K 300 27.37 -52.52 13.57
C ALA K 300 28.70 -52.06 12.99
N ARG K 301 29.57 -51.39 13.74
CA ARG K 301 30.88 -51.07 13.20
C ARG K 301 31.80 -52.29 13.21
N TYR K 302 31.57 -53.24 14.11
CA TYR K 302 32.23 -54.53 14.07
C TYR K 302 31.30 -55.66 13.68
N LEU K 303 29.99 -55.46 13.84
CA LEU K 303 28.99 -56.42 13.37
C LEU K 303 28.77 -56.34 11.86
N HIS K 304 29.51 -55.46 11.17
CA HIS K 304 29.65 -55.60 9.73
C HIS K 304 30.27 -56.95 9.38
N LYS K 305 31.15 -57.46 10.24
CA LYS K 305 31.65 -58.83 10.08
C LYS K 305 30.52 -59.84 10.22
N ILE K 306 29.60 -59.61 11.15
CA ILE K 306 28.43 -60.48 11.28
C ILE K 306 27.58 -60.41 10.01
N LEU K 307 27.52 -59.22 9.39
CA LEU K 307 26.81 -59.08 8.13
C LEU K 307 27.50 -59.86 7.01
N ASN K 308 28.84 -59.82 6.93
CA ASN K 308 29.51 -60.38 5.77
C ASN K 308 30.01 -61.82 5.93
N LEU K 309 29.90 -62.42 7.12
CA LEU K 309 30.16 -63.86 7.23
C LEU K 309 28.96 -64.71 6.84
N LEU K 310 27.81 -64.12 6.59
CA LEU K 310 26.66 -64.85 6.08
C LEU K 310 26.69 -65.15 4.57
N PRO K 311 27.18 -64.27 3.68
CA PRO K 311 27.28 -64.64 2.24
C PRO K 311 28.15 -65.86 1.94
N PRO K 312 29.32 -66.09 2.59
CA PRO K 312 30.13 -67.24 2.19
C PRO K 312 29.47 -68.59 2.51
N GLU K 313 29.77 -69.56 1.65
CA GLU K 313 29.30 -70.93 1.81
C GLU K 313 30.26 -71.79 2.62
N TYR K 314 31.06 -71.18 3.49
CA TYR K 314 32.06 -71.88 4.29
C TYR K 314 31.55 -72.19 5.68
N TYR K 315 30.26 -72.57 5.77
CA TYR K 315 29.64 -72.90 7.04
C TYR K 315 30.25 -74.15 7.69
N VAL K 316 30.71 -75.11 6.89
CA VAL K 316 31.38 -76.29 7.39
C VAL K 316 32.82 -76.28 6.88
N GLU K 317 33.77 -76.28 7.80
CA GLU K 317 35.20 -76.18 7.46
C GLU K 317 35.95 -77.25 8.23
N TYR K 318 36.33 -78.33 7.54
CA TYR K 318 37.15 -79.35 8.19
C TYR K 318 38.62 -78.93 8.29
N PRO K 319 39.30 -78.42 7.21
CA PRO K 319 40.67 -77.96 7.43
C PRO K 319 40.82 -76.45 7.63
N LEU K 320 39.75 -75.69 7.44
CA LEU K 320 39.82 -74.23 7.44
C LEU K 320 38.98 -73.62 8.55
N TRP K 321 38.74 -74.37 9.62
CA TRP K 321 38.01 -73.83 10.76
C TRP K 321 38.84 -72.79 11.51
N SER K 322 40.15 -72.99 11.60
CA SER K 322 41.01 -72.14 12.40
C SER K 322 41.56 -70.93 11.65
N ASN K 323 41.50 -70.94 10.31
CA ASN K 323 42.02 -69.81 9.55
C ASN K 323 41.21 -68.54 9.80
N VAL K 324 39.88 -68.68 9.88
CA VAL K 324 39.02 -67.55 10.22
C VAL K 324 39.33 -67.05 11.62
N VAL K 325 39.60 -67.97 12.55
CA VAL K 325 39.93 -67.60 13.92
C VAL K 325 41.25 -66.82 13.95
N PHE K 326 42.24 -67.25 13.18
CA PHE K 326 43.48 -66.48 13.05
C PHE K 326 43.22 -65.11 12.46
N ALA K 327 42.29 -65.02 11.50
CA ALA K 327 41.98 -63.74 10.87
C ALA K 327 41.34 -62.76 11.86
N LEU K 328 40.40 -63.23 12.67
CA LEU K 328 39.71 -62.35 13.61
C LEU K 328 40.29 -62.39 15.02
N ALA K 329 41.47 -63.00 15.21
CA ALA K 329 42.15 -62.95 16.49
C ALA K 329 42.65 -61.55 16.87
N ASN K 330 42.64 -60.60 15.94
CA ASN K 330 43.06 -59.23 16.23
C ASN K 330 42.06 -58.48 17.11
N THR K 331 40.86 -59.00 17.32
CA THR K 331 39.83 -58.35 18.11
C THR K 331 39.66 -59.08 19.44
N SER K 332 39.50 -58.32 20.52
CA SER K 332 39.34 -58.90 21.85
C SER K 332 37.92 -59.35 22.13
N ALA K 333 36.95 -58.90 21.35
CA ALA K 333 35.54 -59.29 21.51
C ALA K 333 35.10 -60.19 20.37
N ASN K 334 35.97 -61.12 19.98
CA ASN K 334 35.80 -61.91 18.77
C ASN K 334 35.15 -63.27 19.03
N TYR K 335 34.71 -63.54 20.26
CA TYR K 335 34.15 -64.85 20.60
C TYR K 335 32.83 -65.08 19.90
N ARG K 336 31.95 -64.08 19.91
CA ARG K 336 30.64 -64.22 19.29
C ARG K 336 30.66 -64.47 17.79
N PRO K 337 31.48 -63.79 16.95
CA PRO K 337 31.50 -64.15 15.52
C PRO K 337 31.92 -65.57 15.23
N LEU K 338 32.99 -66.06 15.86
CA LEU K 338 33.41 -67.44 15.61
C LEU K 338 32.40 -68.44 16.18
N ALA K 339 31.81 -68.11 17.33
CA ALA K 339 30.81 -68.98 17.94
C ALA K 339 29.57 -69.10 17.07
N GLU K 340 29.17 -68.01 16.42
CA GLU K 340 28.05 -68.08 15.48
C GLU K 340 28.46 -68.76 14.17
N TRP K 341 29.70 -68.56 13.72
CA TRP K 341 30.09 -69.01 12.39
C TRP K 341 30.39 -70.50 12.34
N PHE K 342 30.91 -71.09 13.42
CA PHE K 342 31.19 -72.51 13.37
C PHE K 342 30.15 -73.37 14.09
N SER K 343 29.06 -72.78 14.59
CA SER K 343 28.00 -73.59 15.18
C SER K 343 27.12 -74.25 14.14
N GLN K 344 27.15 -73.77 12.90
CA GLN K 344 26.34 -74.34 11.83
C GLN K 344 27.00 -75.59 11.24
N THR K 352 25.21 -81.60 10.21
CA THR K 352 26.59 -81.70 10.65
C THR K 352 26.74 -81.24 12.10
N GLY K 353 26.46 -79.95 12.33
CA GLY K 353 26.56 -79.40 13.66
C GLY K 353 27.97 -79.06 14.08
N GLY K 354 28.53 -79.85 14.99
CA GLY K 354 29.86 -79.58 15.51
C GLY K 354 29.82 -78.86 16.85
N LYS K 355 28.91 -77.88 16.94
CA LYS K 355 28.63 -77.12 18.17
C LYS K 355 29.90 -76.46 18.73
N GLU K 356 30.59 -75.70 17.86
CA GLU K 356 31.85 -75.03 18.19
C GLU K 356 32.89 -76.02 18.68
N LYS K 357 33.00 -77.15 17.98
CA LYS K 357 33.86 -78.28 18.35
C LYS K 357 33.55 -78.76 19.76
N LEU K 358 32.26 -78.89 20.05
CA LEU K 358 31.74 -79.20 21.39
C LEU K 358 32.24 -78.21 22.43
N GLU K 359 32.13 -76.92 22.07
CA GLU K 359 32.56 -75.79 22.90
C GLU K 359 34.04 -75.89 23.28
N LYS K 360 34.88 -76.19 22.28
CA LYS K 360 36.32 -76.26 22.52
C LYS K 360 36.92 -74.88 22.73
N LEU K 361 36.30 -73.84 22.16
CA LEU K 361 36.73 -72.45 22.30
C LEU K 361 38.16 -72.25 21.82
N TRP K 362 38.50 -72.89 20.70
CA TRP K 362 39.83 -72.83 20.06
C TRP K 362 40.93 -73.26 21.04
N ASN K 363 40.86 -74.53 21.44
CA ASN K 363 41.78 -75.15 22.40
C ASN K 363 41.82 -74.37 23.72
N ASP K 364 40.65 -73.89 24.15
CA ASP K 364 40.46 -73.12 25.39
C ASP K 364 41.33 -71.86 25.40
N ALA K 365 41.00 -70.97 24.46
CA ALA K 365 41.59 -69.62 24.36
C ALA K 365 43.11 -69.69 24.14
N SER K 366 43.46 -70.21 22.97
CA SER K 366 44.86 -70.33 22.58
C SER K 366 45.52 -68.96 22.46
N HIS K 367 46.81 -68.92 22.78
CA HIS K 367 47.58 -67.69 22.69
C HIS K 367 47.83 -67.38 21.21
N HIS K 368 47.90 -66.09 20.89
CA HIS K 368 48.06 -65.64 19.52
C HIS K 368 49.45 -65.97 18.99
N THR K 369 49.72 -65.54 17.77
CA THR K 369 50.95 -65.90 17.07
C THR K 369 51.45 -64.66 16.33
N GLU K 370 52.37 -64.88 15.38
CA GLU K 370 52.94 -63.78 14.60
C GLU K 370 51.91 -63.22 13.62
N LYS K 371 52.36 -62.30 12.77
CA LYS K 371 51.45 -61.57 11.89
C LYS K 371 50.91 -62.47 10.79
N LYS K 372 49.80 -63.15 11.09
CA LYS K 372 49.13 -64.05 10.16
C LYS K 372 48.08 -63.26 9.38
N ILE K 373 47.16 -63.96 8.72
CA ILE K 373 46.14 -63.29 7.92
C ILE K 373 45.19 -62.49 8.81
N THR K 374 44.52 -61.52 8.18
CA THR K 374 43.65 -60.58 8.89
C THR K 374 42.28 -60.53 8.23
N LYS K 375 41.48 -59.52 8.58
CA LYS K 375 40.14 -59.36 8.03
C LYS K 375 40.13 -59.06 6.53
N ARG K 376 41.27 -58.69 5.95
CA ARG K 376 41.35 -58.60 4.49
C ARG K 376 41.13 -59.97 3.86
N SER K 377 41.67 -61.02 4.48
CA SER K 377 41.35 -62.37 4.04
C SER K 377 39.88 -62.70 4.26
N ILE K 378 39.26 -62.12 5.28
CA ILE K 378 37.83 -62.34 5.52
C ILE K 378 37.00 -61.74 4.39
N MET K 379 37.35 -60.53 3.94
CA MET K 379 36.71 -59.99 2.74
C MET K 379 37.07 -60.79 1.50
N TYR K 380 38.26 -61.42 1.49
CA TYR K 380 38.62 -62.27 0.37
C TYR K 380 37.80 -63.56 0.30
N TRP K 381 37.35 -64.06 1.45
CA TRP K 381 36.47 -65.23 1.43
C TRP K 381 35.12 -64.88 0.83
N ALA K 382 34.64 -63.66 1.09
CA ALA K 382 33.52 -63.13 0.34
C ALA K 382 34.00 -62.68 -1.05
N HIS K 383 33.05 -62.30 -1.90
CA HIS K 383 33.21 -61.90 -3.29
C HIS K 383 33.64 -63.04 -4.21
N LYS K 384 33.88 -64.23 -3.67
CA LYS K 384 34.16 -65.42 -4.47
C LYS K 384 33.10 -66.49 -4.28
N HIS K 385 32.75 -66.82 -3.04
CA HIS K 385 31.64 -67.72 -2.79
C HIS K 385 30.30 -67.04 -3.09
N ALA K 386 30.16 -65.77 -2.75
CA ALA K 386 28.96 -65.00 -3.05
C ALA K 386 29.38 -63.63 -3.58
N PRO K 387 29.74 -63.55 -4.86
CA PRO K 387 30.18 -62.25 -5.42
C PRO K 387 29.08 -61.22 -5.50
N GLN K 388 27.83 -61.63 -5.65
CA GLN K 388 26.71 -60.70 -5.76
C GLN K 388 26.06 -60.41 -4.42
N GLN K 389 26.51 -61.04 -3.34
CA GLN K 389 26.03 -60.76 -2.00
C GLN K 389 27.03 -59.96 -1.18
N TYR K 390 28.07 -59.43 -1.80
CA TYR K 390 29.12 -58.66 -1.16
C TYR K 390 29.23 -57.25 -1.69
N LYS K 391 28.97 -57.05 -2.97
CA LYS K 391 29.06 -55.72 -3.58
C LYS K 391 28.02 -54.78 -2.98
N GLU K 392 26.79 -55.24 -2.84
CA GLU K 392 25.76 -54.39 -2.26
C GLU K 392 25.99 -54.20 -0.76
N ILE K 393 26.63 -55.16 -0.09
CA ILE K 393 26.94 -55.01 1.33
C ILE K 393 27.97 -53.90 1.53
N VAL K 394 29.06 -53.93 0.75
CA VAL K 394 30.07 -52.90 0.91
C VAL K 394 29.55 -51.55 0.39
N GLU K 395 28.68 -51.56 -0.62
CA GLU K 395 28.09 -50.31 -1.08
C GLU K 395 27.19 -49.69 -0.03
N GLN K 396 26.41 -50.52 0.67
CA GLN K 396 25.59 -50.03 1.78
C GLN K 396 26.45 -49.52 2.93
N GLY K 397 27.58 -50.18 3.19
CA GLY K 397 28.50 -49.66 4.21
C GLY K 397 29.08 -48.30 3.85
N TYR K 398 29.49 -48.14 2.59
CA TYR K 398 30.03 -46.87 2.13
C TYR K 398 28.96 -45.77 2.20
N PHE K 399 27.75 -46.12 1.78
CA PHE K 399 26.61 -45.21 1.85
C PHE K 399 26.31 -44.81 3.29
N SER K 400 26.40 -45.76 4.22
CA SER K 400 26.13 -45.47 5.62
C SER K 400 27.19 -44.53 6.21
N ILE K 401 28.46 -44.76 5.88
CA ILE K 401 29.51 -43.89 6.40
C ILE K 401 29.36 -42.47 5.85
N LEU K 402 29.12 -42.36 4.53
CA LEU K 402 28.91 -41.04 3.94
C LEU K 402 27.64 -40.36 4.47
N ALA K 403 26.58 -41.14 4.71
CA ALA K 403 25.35 -40.57 5.24
C ALA K 403 25.55 -40.05 6.66
N GLU K 404 26.31 -40.79 7.49
CA GLU K 404 26.60 -40.31 8.84
C GLU K 404 27.44 -39.04 8.79
N TYR K 405 28.46 -39.02 7.92
CA TYR K 405 29.33 -37.85 7.84
C TYR K 405 28.64 -36.65 7.22
N VAL K 406 27.62 -36.86 6.40
CA VAL K 406 26.88 -35.74 5.80
C VAL K 406 25.84 -35.22 6.78
N TYR K 407 25.11 -36.12 7.44
CA TYR K 407 24.05 -35.68 8.34
C TYR K 407 24.59 -35.07 9.62
N SER K 408 25.73 -35.56 10.11
CA SER K 408 26.28 -35.03 11.34
C SER K 408 26.83 -33.61 11.15
N TYR K 409 27.61 -33.39 10.10
CA TYR K 409 28.09 -32.07 9.71
C TYR K 409 27.51 -31.77 8.34
N ASN K 410 26.63 -30.76 8.29
CA ASN K 410 25.59 -30.59 7.28
C ASN K 410 26.03 -30.83 5.84
N GLY K 411 26.98 -30.04 5.36
CA GLY K 411 27.46 -30.25 4.01
C GLY K 411 28.96 -30.24 3.89
N MET K 412 29.66 -29.81 4.94
CA MET K 412 31.10 -29.62 4.89
C MET K 412 31.80 -30.96 4.95
N LEU K 413 32.26 -31.44 3.80
CA LEU K 413 33.03 -32.68 3.71
C LEU K 413 34.50 -32.30 3.64
N GLU K 414 35.22 -32.49 4.74
CA GLU K 414 36.62 -32.11 4.81
C GLU K 414 37.50 -33.32 4.44
N HIS K 415 38.81 -33.21 4.70
CA HIS K 415 39.75 -34.19 4.20
C HIS K 415 39.65 -35.52 4.93
N TYR K 416 39.49 -35.50 6.26
CA TYR K 416 39.52 -36.75 7.01
C TYR K 416 38.29 -37.60 6.75
N MET K 417 37.14 -36.97 6.50
CA MET K 417 35.93 -37.72 6.22
C MET K 417 36.06 -38.53 4.93
N ILE K 418 36.59 -37.88 3.88
CA ILE K 418 36.84 -38.55 2.61
C ILE K 418 37.92 -39.60 2.78
N ALA K 419 38.94 -39.32 3.62
CA ALA K 419 39.98 -40.30 3.88
C ALA K 419 39.44 -41.53 4.58
N LYS K 420 38.52 -41.35 5.52
CA LYS K 420 37.91 -42.47 6.22
C LYS K 420 37.07 -43.32 5.26
N VAL K 421 36.31 -42.67 4.38
CA VAL K 421 35.52 -43.43 3.41
C VAL K 421 36.44 -44.17 2.44
N ILE K 422 37.55 -43.54 2.04
CA ILE K 422 38.48 -44.18 1.11
C ILE K 422 39.15 -45.39 1.77
N TYR K 423 39.53 -45.25 3.05
CA TYR K 423 40.12 -46.38 3.78
C TYR K 423 39.13 -47.52 3.93
N ALA K 424 37.86 -47.21 4.20
CA ALA K 424 36.85 -48.26 4.21
C ALA K 424 36.59 -48.83 2.82
N MET K 425 36.90 -48.06 1.76
CA MET K 425 36.59 -48.46 0.40
C MET K 425 37.62 -49.42 -0.16
N MET K 426 38.88 -49.03 -0.14
CA MET K 426 39.95 -49.78 -0.81
C MET K 426 41.15 -49.98 0.11
N GLY K 427 40.87 -50.13 1.41
CA GLY K 427 41.92 -50.33 2.40
C GLY K 427 42.70 -51.61 2.25
N ASN K 428 42.17 -52.59 1.53
CA ASN K 428 42.86 -53.85 1.28
C ASN K 428 43.69 -53.81 0.01
N LYS K 429 44.09 -52.62 -0.45
CA LYS K 429 44.84 -52.48 -1.69
C LYS K 429 46.07 -51.62 -1.48
N PHE K 430 46.00 -50.68 -0.55
CA PHE K 430 47.07 -49.70 -0.33
C PHE K 430 47.52 -49.73 1.13
N VAL K 431 48.82 -49.64 1.35
CA VAL K 431 49.41 -49.42 2.66
C VAL K 431 50.47 -48.32 2.53
N VAL K 432 51.05 -47.93 3.67
CA VAL K 432 51.98 -46.80 3.70
C VAL K 432 52.96 -47.01 4.85
N ASP K 433 54.19 -46.53 4.66
CA ASP K 433 55.19 -46.60 5.72
C ASP K 433 56.09 -45.37 5.71
N VAL K 434 56.81 -45.18 6.82
CA VAL K 434 57.58 -43.97 7.08
C VAL K 434 59.02 -44.45 7.34
N ASP K 435 59.42 -45.49 6.61
CA ASP K 435 60.54 -46.39 6.92
C ASP K 435 61.85 -45.77 7.40
N SER K 436 62.54 -45.01 6.55
CA SER K 436 63.90 -44.57 6.86
C SER K 436 64.04 -43.06 6.89
N ASN K 437 63.66 -42.37 5.82
CA ASN K 437 63.89 -40.94 5.70
C ASN K 437 62.74 -40.11 6.25
N GLY K 438 61.75 -40.74 6.85
CA GLY K 438 60.60 -40.03 7.38
C GLY K 438 59.52 -39.74 6.36
N LYS K 439 59.69 -40.15 5.11
CA LYS K 439 58.69 -39.94 4.08
C LYS K 439 57.72 -41.12 4.05
N TYR K 440 56.45 -40.82 3.83
CA TYR K 440 55.39 -41.83 3.84
C TYR K 440 55.25 -42.41 2.44
N VAL K 441 56.08 -43.39 2.12
CA VAL K 441 56.02 -44.06 0.83
C VAL K 441 54.83 -45.03 0.84
N TRP K 442 54.18 -45.16 -0.31
CA TRP K 442 52.98 -45.97 -0.43
C TRP K 442 53.31 -47.31 -1.08
N PHE K 443 52.43 -48.28 -0.87
CA PHE K 443 52.52 -49.56 -1.54
C PHE K 443 51.14 -49.95 -2.03
N GLU K 444 51.04 -50.26 -3.31
CA GLU K 444 49.77 -50.61 -3.93
C GLU K 444 49.78 -52.09 -4.30
N PHE K 445 48.76 -52.82 -3.88
CA PHE K 445 48.59 -54.19 -4.32
C PHE K 445 48.05 -54.18 -5.75
N VAL K 446 48.71 -54.92 -6.63
CA VAL K 446 48.34 -54.95 -8.04
C VAL K 446 47.39 -56.11 -8.29
N LEU K 447 46.65 -56.01 -9.39
CA LEU K 447 45.65 -56.97 -9.79
C LEU K 447 45.79 -57.22 -11.28
N PRO K 448 45.27 -58.34 -11.80
CA PRO K 448 45.32 -58.56 -13.25
C PRO K 448 44.59 -57.50 -14.06
N GLY K 449 43.53 -56.91 -13.53
CA GLY K 449 42.86 -55.83 -14.23
C GLY K 449 43.47 -54.47 -13.94
N GLN K 450 44.75 -54.33 -14.22
CA GLN K 450 45.48 -53.09 -13.94
C GLN K 450 46.66 -53.01 -14.89
N PRO K 451 47.15 -51.80 -15.20
CA PRO K 451 48.38 -51.69 -16.00
C PRO K 451 49.59 -52.17 -15.23
N MET K 452 50.14 -53.32 -15.66
CA MET K 452 51.29 -53.91 -15.02
C MET K 452 52.56 -53.12 -15.35
N ASN K 453 53.63 -53.41 -14.62
CA ASN K 453 54.94 -52.93 -15.05
C ASN K 453 55.48 -53.85 -16.13
N GLN K 454 55.80 -55.09 -15.77
CA GLN K 454 55.76 -56.18 -16.73
C GLN K 454 55.15 -57.48 -16.20
N GLY K 455 55.32 -57.80 -14.91
CA GLY K 455 54.89 -59.08 -14.40
C GLY K 455 54.46 -59.10 -12.94
N GLU K 456 54.33 -57.93 -12.32
CA GLU K 456 53.84 -57.84 -10.95
C GLU K 456 52.33 -58.08 -10.96
N ILE K 457 51.90 -59.25 -10.48
CA ILE K 457 50.51 -59.65 -10.54
C ILE K 457 49.86 -59.65 -9.16
N TRP K 458 50.55 -60.16 -8.14
CA TRP K 458 49.97 -60.21 -6.81
C TRP K 458 50.94 -59.74 -5.73
N LYS K 459 51.78 -58.77 -6.05
CA LYS K 459 52.75 -58.24 -5.09
C LYS K 459 52.59 -56.74 -4.98
N TRP K 460 52.93 -56.21 -3.81
CA TRP K 460 52.88 -54.78 -3.58
C TRP K 460 53.97 -54.07 -4.38
N ARG K 461 53.60 -52.96 -5.01
CA ARG K 461 54.57 -52.12 -5.72
C ARG K 461 54.70 -50.78 -5.00
N LYS K 462 55.94 -50.29 -4.94
CA LYS K 462 56.24 -49.06 -4.23
C LYS K 462 55.85 -47.85 -5.07
N GLU K 463 55.16 -46.90 -4.44
CA GLU K 463 54.71 -45.70 -5.10
C GLU K 463 55.12 -44.47 -4.29
N VAL K 464 55.53 -43.43 -4.99
CA VAL K 464 55.78 -42.14 -4.34
C VAL K 464 54.56 -41.24 -4.40
N ASN K 465 53.65 -41.48 -5.34
CA ASN K 465 52.39 -40.76 -5.44
C ASN K 465 51.31 -41.79 -5.74
N PRO K 466 50.29 -41.92 -4.90
CA PRO K 466 49.21 -42.89 -5.17
C PRO K 466 48.29 -42.43 -6.29
N ASP K 467 48.74 -42.66 -7.53
CA ASP K 467 48.02 -42.20 -8.71
C ASP K 467 46.66 -42.87 -8.84
N GLU K 468 46.62 -44.19 -8.63
CA GLU K 468 45.37 -44.93 -8.71
C GLU K 468 44.41 -44.47 -7.62
N LEU K 469 44.94 -44.07 -6.46
CA LEU K 469 44.09 -43.53 -5.41
C LEU K 469 43.49 -42.18 -5.80
N HIS K 470 44.27 -41.34 -6.48
CA HIS K 470 43.74 -40.05 -6.96
C HIS K 470 42.63 -40.26 -7.97
N ILE K 471 42.86 -41.16 -8.94
CA ILE K 471 41.85 -41.45 -9.95
C ILE K 471 40.62 -42.10 -9.31
N TYR K 472 40.83 -42.91 -8.27
CA TYR K 472 39.73 -43.56 -7.59
C TYR K 472 38.90 -42.59 -6.78
N ILE K 473 39.55 -41.59 -6.15
CA ILE K 473 38.83 -40.55 -5.44
C ILE K 473 38.01 -39.72 -6.41
N SER K 474 38.60 -39.36 -7.55
CA SER K 474 37.92 -38.48 -8.49
C SER K 474 36.78 -39.19 -9.22
N GLU K 475 36.99 -40.44 -9.62
CA GLU K 475 36.06 -41.13 -10.52
C GLU K 475 35.07 -42.02 -9.77
N ASN K 476 35.57 -43.03 -9.04
CA ASN K 476 34.68 -44.02 -8.46
C ASN K 476 33.96 -43.52 -7.21
N PHE K 477 34.61 -42.66 -6.42
CA PHE K 477 33.97 -42.12 -5.23
C PHE K 477 32.84 -41.16 -5.58
N SER K 478 32.89 -40.56 -6.76
CA SER K 478 31.82 -39.69 -7.23
C SER K 478 30.51 -40.45 -7.42
N ARG K 479 30.56 -41.76 -7.63
CA ARG K 479 29.33 -42.54 -7.71
C ARG K 479 28.58 -42.55 -6.38
N VAL K 480 29.30 -42.75 -5.27
CA VAL K 480 28.68 -42.69 -3.95
C VAL K 480 28.32 -41.25 -3.60
N MET K 481 29.08 -40.28 -4.12
CA MET K 481 28.72 -38.87 -3.98
C MET K 481 27.33 -38.60 -4.57
N ASP K 482 27.10 -39.07 -5.80
CA ASP K 482 25.79 -38.93 -6.43
C ASP K 482 24.75 -39.82 -5.76
N ARG K 483 25.15 -40.93 -5.13
CA ARG K 483 24.20 -41.73 -4.38
C ARG K 483 23.65 -40.98 -3.18
N ILE K 484 24.52 -40.28 -2.45
CA ILE K 484 24.08 -39.44 -1.34
C ILE K 484 23.22 -38.30 -1.86
N THR K 485 23.60 -37.74 -3.01
CA THR K 485 22.82 -36.66 -3.64
C THR K 485 21.40 -37.14 -3.98
N GLU K 486 21.28 -38.33 -4.57
CA GLU K 486 19.97 -38.83 -4.94
C GLU K 486 19.16 -39.24 -3.71
N HIS K 487 19.83 -39.65 -2.63
CA HIS K 487 19.11 -39.91 -1.38
C HIS K 487 18.52 -38.63 -0.82
N ILE K 488 19.29 -37.54 -0.85
CA ILE K 488 18.78 -36.25 -0.37
C ILE K 488 17.64 -35.77 -1.26
N LYS K 489 17.76 -35.94 -2.58
CA LYS K 489 16.70 -35.53 -3.49
C LYS K 489 15.44 -36.39 -3.31
N TYR K 490 15.60 -37.68 -2.98
CA TYR K 490 14.43 -38.50 -2.67
C TYR K 490 13.77 -38.04 -1.37
N HIS K 491 14.57 -37.66 -0.37
CA HIS K 491 14.01 -37.12 0.86
C HIS K 491 13.36 -35.76 0.66
N LEU K 492 13.76 -35.03 -0.39
CA LEU K 492 13.09 -33.77 -0.71
C LEU K 492 11.63 -34.01 -1.12
N SER K 493 11.39 -35.04 -1.93
CA SER K 493 10.05 -35.31 -2.45
C SER K 493 9.28 -36.24 -1.51
N GLN K 494 9.13 -35.79 -0.26
CA GLN K 494 8.37 -36.51 0.74
C GLN K 494 7.43 -35.54 1.45
N PRO K 495 6.23 -36.00 1.83
CA PRO K 495 5.21 -35.07 2.38
C PRO K 495 5.30 -34.82 3.90
N HIS K 496 6.21 -33.93 4.28
CA HIS K 496 6.29 -33.44 5.65
C HIS K 496 6.31 -31.91 5.63
N GLU K 497 6.37 -31.32 6.82
CA GLU K 497 6.15 -29.88 6.98
C GLU K 497 7.37 -29.08 6.53
N SER K 498 7.23 -27.75 6.59
CA SER K 498 8.09 -26.84 5.84
C SER K 498 9.50 -26.71 6.41
N ASN K 499 9.66 -26.82 7.74
CA ASN K 499 10.99 -26.63 8.32
C ASN K 499 11.93 -27.77 7.97
N ILE K 500 11.40 -28.98 7.80
CA ILE K 500 12.23 -30.10 7.35
C ILE K 500 12.67 -29.89 5.91
N LEU K 501 11.77 -29.35 5.07
CA LEU K 501 12.15 -28.97 3.71
C LEU K 501 13.23 -27.90 3.71
N ASN K 502 13.13 -26.93 4.62
CA ASN K 502 14.13 -25.87 4.71
C ASN K 502 15.49 -26.42 5.12
N TYR K 503 15.51 -27.30 6.13
CA TYR K 503 16.77 -27.91 6.57
C TYR K 503 17.37 -28.78 5.47
N TYR K 504 16.54 -29.56 4.78
CA TYR K 504 17.03 -30.41 3.69
C TYR K 504 17.53 -29.57 2.52
N LYS K 505 16.89 -28.42 2.25
CA LYS K 505 17.34 -27.56 1.16
C LYS K 505 18.68 -26.91 1.50
N LYS K 506 18.85 -26.46 2.75
CA LYS K 506 20.15 -25.90 3.15
C LYS K 506 21.24 -26.96 3.09
N LEU K 507 20.92 -28.18 3.55
CA LEU K 507 21.88 -29.28 3.47
C LEU K 507 22.23 -29.61 2.02
N LEU K 508 21.23 -29.58 1.13
CA LEU K 508 21.47 -29.84 -0.28
C LEU K 508 22.35 -28.76 -0.90
N LYS K 509 22.09 -27.50 -0.58
CA LYS K 509 22.89 -26.42 -1.14
C LYS K 509 24.34 -26.50 -0.69
N ALA K 510 24.56 -26.71 0.61
CA ALA K 510 25.93 -26.89 1.11
C ALA K 510 26.57 -28.15 0.54
N PHE K 511 25.77 -29.17 0.27
CA PHE K 511 26.31 -30.43 -0.22
C PHE K 511 26.75 -30.32 -1.68
N GLU K 512 25.97 -29.65 -2.53
CA GLU K 512 26.46 -29.40 -3.88
C GLU K 512 27.59 -28.37 -3.90
N ARG K 513 27.66 -27.50 -2.89
CA ARG K 513 28.82 -26.63 -2.78
C ARG K 513 30.09 -27.43 -2.49
N SER K 514 30.00 -28.43 -1.62
CA SER K 514 31.18 -29.21 -1.25
C SER K 514 31.40 -30.46 -2.10
N LYS K 515 30.49 -30.79 -3.01
CA LYS K 515 30.65 -32.00 -3.81
C LYS K 515 31.78 -31.87 -4.81
N SER K 516 31.89 -30.72 -5.47
CA SER K 516 32.92 -30.50 -6.47
C SER K 516 34.32 -30.42 -5.88
N LYS K 517 34.45 -30.32 -4.56
CA LYS K 517 35.75 -30.24 -3.92
C LYS K 517 36.56 -31.52 -4.09
N ILE K 518 35.91 -32.67 -4.34
CA ILE K 518 36.65 -33.91 -4.55
C ILE K 518 37.44 -33.92 -5.85
N PHE K 519 37.20 -32.96 -6.74
CA PHE K 519 38.01 -32.79 -7.94
C PHE K 519 39.10 -31.75 -7.78
N ASN K 520 39.10 -31.01 -6.67
CA ASN K 520 40.13 -30.01 -6.42
C ASN K 520 41.46 -30.68 -6.13
N ASP K 521 42.54 -30.08 -6.65
CA ASP K 521 43.86 -30.69 -6.49
C ASP K 521 44.37 -30.56 -5.05
N SER K 522 44.22 -29.38 -4.46
CA SER K 522 44.66 -29.18 -3.08
C SER K 522 43.83 -30.02 -2.11
N PHE K 523 42.53 -30.12 -2.36
CA PHE K 523 41.68 -30.97 -1.53
C PHE K 523 42.06 -32.44 -1.65
N LYS K 524 42.37 -32.90 -2.86
CA LYS K 524 42.76 -34.30 -3.04
C LYS K 524 44.11 -34.59 -2.40
N LYS K 525 45.05 -33.63 -2.48
CA LYS K 525 46.33 -33.82 -1.80
C LYS K 525 46.14 -33.85 -0.29
N GLY K 526 45.23 -33.01 0.23
CA GLY K 526 44.93 -33.06 1.65
C GLY K 526 44.28 -34.37 2.07
N VAL K 527 43.39 -34.91 1.23
CA VAL K 527 42.77 -36.19 1.52
C VAL K 527 43.82 -37.31 1.52
N ILE K 528 44.76 -37.27 0.57
CA ILE K 528 45.82 -38.27 0.53
C ILE K 528 46.72 -38.16 1.76
N ARG K 529 47.11 -36.94 2.13
CA ARG K 529 47.97 -36.76 3.30
C ARG K 529 47.23 -37.04 4.60
N GLN K 530 45.89 -36.98 4.60
CA GLN K 530 45.13 -37.37 5.78
C GLN K 530 44.94 -38.87 5.86
N ALA K 531 44.78 -39.54 4.72
CA ALA K 531 44.69 -40.99 4.68
C ALA K 531 46.03 -41.67 4.88
N GLU K 532 47.13 -40.91 4.77
CA GLU K 532 48.44 -41.47 5.08
C GLU K 532 48.54 -41.93 6.54
N PHE K 533 47.74 -41.34 7.42
CA PHE K 533 47.67 -41.79 8.80
C PHE K 533 46.67 -42.91 9.01
N LEU K 534 45.88 -43.25 8.00
CA LEU K 534 44.85 -44.28 8.13
C LEU K 534 45.22 -45.59 7.45
N PHE K 535 46.06 -45.57 6.43
CA PHE K 535 46.50 -46.77 5.74
C PHE K 535 47.77 -47.37 6.36
N ARG K 536 48.04 -47.05 7.62
CA ARG K 536 49.28 -47.48 8.27
C ARG K 536 49.24 -48.98 8.55
N GLN K 537 50.43 -49.56 8.68
CA GLN K 537 50.56 -50.98 8.98
C GLN K 537 51.53 -51.21 10.13
N ARG K 538 52.48 -50.29 10.29
CA ARG K 538 53.47 -50.20 11.37
C ARG K 538 54.54 -51.28 11.31
N SER K 539 54.39 -52.26 10.41
CA SER K 539 55.39 -53.30 10.26
C SER K 539 55.52 -53.78 8.81
N PHE K 540 55.11 -52.98 7.84
CA PHE K 540 55.06 -53.45 6.46
C PHE K 540 56.45 -53.54 5.86
N ILE K 541 57.23 -52.46 5.90
CA ILE K 541 58.58 -52.49 5.36
C ILE K 541 59.49 -53.36 6.22
N GLN K 542 59.22 -53.41 7.53
CA GLN K 542 60.01 -54.26 8.43
C GLN K 542 59.90 -55.73 8.05
N THR K 543 58.70 -56.19 7.72
CA THR K 543 58.48 -57.54 7.21
C THR K 543 58.04 -57.44 5.76
N LEU K 544 59.02 -57.31 4.87
CA LEU K 544 58.77 -57.21 3.43
C LEU K 544 59.33 -58.40 2.68
N ASP K 545 60.62 -58.68 2.80
CA ASP K 545 61.24 -59.85 2.18
C ASP K 545 61.96 -60.68 3.23
N THR K 546 61.53 -60.57 4.49
CA THR K 546 62.13 -61.36 5.56
C THR K 546 61.82 -62.84 5.43
N ASN K 547 60.64 -63.18 4.94
CA ASN K 547 60.27 -64.57 4.75
C ASN K 547 61.01 -65.14 3.55
N PRO K 548 61.84 -66.17 3.71
CA PRO K 548 62.55 -66.74 2.56
C PRO K 548 61.76 -67.80 1.80
N HIS K 549 60.60 -68.22 2.32
CA HIS K 549 59.79 -69.22 1.67
C HIS K 549 58.86 -68.64 0.61
N LEU K 550 58.85 -67.32 0.44
CA LEU K 550 57.99 -66.66 -0.53
C LEU K 550 58.83 -66.09 -1.66
N LEU K 551 58.36 -66.28 -2.89
CA LEU K 551 59.11 -65.96 -4.09
C LEU K 551 58.27 -65.11 -5.02
N GLY K 552 58.84 -64.02 -5.52
CA GLY K 552 58.11 -63.19 -6.46
C GLY K 552 58.34 -63.61 -7.90
N VAL K 553 57.40 -64.37 -8.45
CA VAL K 553 57.51 -64.88 -9.81
C VAL K 553 56.56 -64.10 -10.72
N GLY K 554 56.73 -64.29 -12.03
CA GLY K 554 55.94 -63.55 -13.00
C GLY K 554 54.46 -63.85 -12.97
N ASN K 555 54.06 -65.00 -12.43
CA ASN K 555 52.66 -65.33 -12.26
C ASN K 555 52.12 -64.95 -10.89
N GLY K 556 52.96 -64.38 -10.02
CA GLY K 556 52.51 -64.01 -8.69
C GLY K 556 53.48 -64.41 -7.60
N VAL K 557 53.01 -65.20 -6.65
CA VAL K 557 53.80 -65.61 -5.49
C VAL K 557 53.94 -67.12 -5.51
N LEU K 558 55.18 -67.59 -5.40
CA LEU K 558 55.48 -69.00 -5.25
C LEU K 558 55.84 -69.30 -3.81
N SER K 559 55.16 -70.27 -3.21
CA SER K 559 55.41 -70.67 -1.83
C SER K 559 56.05 -72.05 -1.82
N ILE K 560 57.15 -72.18 -1.11
CA ILE K 560 57.91 -73.42 -1.03
C ILE K 560 57.85 -74.02 0.38
N GLU K 561 56.84 -73.66 1.17
CA GLU K 561 56.71 -74.21 2.51
C GLU K 561 56.36 -75.69 2.47
N THR K 562 55.42 -76.07 1.62
CA THR K 562 54.98 -77.46 1.53
C THR K 562 55.76 -78.20 0.45
N ILE K 563 55.57 -79.51 0.42
CA ILE K 563 56.21 -80.33 -0.63
C ILE K 563 55.72 -79.99 -2.03
N PRO K 564 54.41 -79.83 -2.30
CA PRO K 564 54.03 -79.30 -3.61
C PRO K 564 54.24 -77.80 -3.69
N ALA K 565 54.52 -77.32 -4.90
CA ALA K 565 54.63 -75.89 -5.13
C ALA K 565 53.25 -75.26 -5.13
N LYS K 566 53.10 -74.16 -4.38
CA LYS K 566 51.78 -73.58 -4.20
C LYS K 566 51.38 -72.71 -5.39
N LEU K 567 52.24 -71.75 -5.77
CA LEU K 567 52.01 -70.82 -6.88
C LEU K 567 50.71 -70.03 -6.68
N ILE K 568 50.75 -69.18 -5.65
CA ILE K 568 49.60 -68.36 -5.29
C ILE K 568 49.28 -67.41 -6.43
N ASN K 569 48.10 -67.58 -7.03
CA ASN K 569 47.63 -66.77 -8.14
C ASN K 569 46.31 -66.10 -7.81
N HIS K 570 46.21 -65.58 -6.59
CA HIS K 570 44.99 -64.92 -6.13
C HIS K 570 45.39 -63.90 -5.07
N PHE K 571 44.38 -63.31 -4.43
CA PHE K 571 44.65 -62.37 -3.34
C PHE K 571 45.19 -63.10 -2.12
N HIS K 572 46.12 -62.47 -1.43
CA HIS K 572 46.76 -63.05 -0.26
C HIS K 572 47.12 -61.94 0.71
N GLU K 573 47.87 -62.30 1.74
CA GLU K 573 48.34 -61.33 2.73
C GLU K 573 49.84 -61.35 2.90
N HIS K 574 50.56 -62.08 2.07
CA HIS K 574 52.02 -62.10 2.14
C HIS K 574 52.55 -60.77 1.64
N PRO K 575 53.26 -60.01 2.46
CA PRO K 575 53.65 -58.64 2.08
C PRO K 575 55.01 -58.57 1.37
N ILE K 576 55.08 -59.17 0.18
CA ILE K 576 56.32 -59.18 -0.57
C ILE K 576 56.27 -58.10 -1.64
N HIS K 577 57.44 -57.51 -1.91
CA HIS K 577 57.58 -56.44 -2.90
C HIS K 577 58.54 -56.80 -4.02
N GLN K 578 59.73 -57.30 -3.68
CA GLN K 578 60.72 -57.64 -4.69
C GLN K 578 60.28 -58.88 -5.47
N TYR K 579 60.63 -58.92 -6.75
CA TYR K 579 60.19 -59.98 -7.63
C TYR K 579 61.27 -60.29 -8.65
N THR K 580 60.94 -61.19 -9.57
CA THR K 580 61.83 -61.54 -10.67
C THR K 580 61.09 -61.34 -11.98
N HIS K 581 61.71 -60.62 -12.91
CA HIS K 581 61.07 -60.26 -14.17
C HIS K 581 61.39 -61.22 -15.31
N ILE K 582 61.77 -62.47 -15.02
CA ILE K 582 61.83 -63.52 -16.03
C ILE K 582 61.05 -64.77 -15.64
N CYS K 583 60.87 -65.04 -14.33
CA CYS K 583 60.61 -66.36 -13.78
C CYS K 583 59.43 -67.11 -14.39
N TYR K 584 58.20 -66.61 -14.19
CA TYR K 584 56.99 -67.05 -14.90
C TYR K 584 56.81 -68.57 -14.85
N VAL K 585 56.85 -69.14 -13.66
CA VAL K 585 57.01 -70.58 -13.48
C VAL K 585 55.75 -71.35 -13.90
N PRO K 586 55.86 -72.23 -14.90
CA PRO K 586 54.71 -73.04 -15.35
C PRO K 586 54.64 -74.40 -14.67
N PHE K 587 54.62 -74.40 -13.33
CA PHE K 587 54.58 -75.58 -12.47
C PHE K 587 55.80 -76.45 -12.82
N ASN K 588 55.62 -77.48 -13.68
CA ASN K 588 56.68 -78.37 -14.13
C ASN K 588 56.22 -79.15 -15.35
N PRO K 589 56.30 -78.57 -16.54
CA PRO K 589 55.82 -79.26 -17.74
C PRO K 589 56.75 -80.39 -18.16
N GLU K 590 56.25 -81.22 -19.07
CA GLU K 590 57.00 -82.30 -19.68
C GLU K 590 57.06 -82.13 -21.20
N ASN K 591 57.18 -80.88 -21.64
CA ASN K 591 57.21 -80.55 -23.06
C ASN K 591 58.61 -80.80 -23.63
N PRO K 592 58.84 -80.36 -24.87
CA PRO K 592 60.13 -80.63 -25.51
C PRO K 592 61.26 -79.80 -24.92
N TRP K 593 60.98 -78.57 -24.51
CA TRP K 593 62.03 -77.67 -24.04
C TRP K 593 62.63 -78.14 -22.72
N THR K 594 61.80 -78.62 -21.79
CA THR K 594 62.33 -79.10 -20.52
C THR K 594 63.10 -80.41 -20.70
N LYS K 595 62.67 -81.26 -21.63
CA LYS K 595 63.41 -82.50 -21.89
C LYS K 595 64.76 -82.22 -22.54
N LEU K 596 64.82 -81.28 -23.49
CA LEU K 596 66.10 -80.92 -24.07
C LEU K 596 66.99 -80.20 -23.06
N LEU K 597 66.40 -79.43 -22.14
CA LEU K 597 67.18 -78.82 -21.07
C LEU K 597 67.79 -79.89 -20.16
N LEU K 598 66.98 -80.86 -19.75
CA LEU K 598 67.46 -81.93 -18.88
C LEU K 598 68.52 -82.78 -19.58
N ASN K 599 68.41 -82.92 -20.90
CA ASN K 599 69.52 -83.50 -21.65
C ASN K 599 70.72 -82.55 -21.74
N ALA K 600 70.49 -81.25 -21.57
CA ALA K 600 71.58 -80.28 -21.70
C ALA K 600 72.40 -80.13 -20.42
N LEU K 601 71.82 -80.33 -19.23
CA LEU K 601 72.67 -80.27 -18.04
C LEU K 601 73.64 -81.45 -17.99
N GLN K 602 73.11 -82.67 -17.96
CA GLN K 602 73.98 -83.84 -17.91
C GLN K 602 73.51 -84.91 -18.88
N ASP K 603 74.07 -86.12 -18.74
CA ASP K 603 74.20 -87.23 -19.69
C ASP K 603 75.27 -86.92 -20.72
N ILE K 604 75.91 -85.75 -20.64
CA ILE K 604 77.11 -85.44 -21.38
C ILE K 604 78.33 -85.25 -20.48
N ILE K 605 78.13 -84.83 -19.24
CA ILE K 605 79.21 -84.73 -18.25
C ILE K 605 79.20 -86.00 -17.42
N PRO K 606 80.23 -86.85 -17.49
CA PRO K 606 80.21 -88.13 -16.77
C PRO K 606 80.26 -87.96 -15.26
N GLU K 607 79.21 -88.41 -14.59
CA GLU K 607 79.12 -88.40 -13.14
C GLU K 607 78.82 -89.80 -12.65
N LEU K 608 79.33 -90.13 -11.46
CA LEU K 608 79.15 -91.46 -10.89
C LEU K 608 77.70 -91.63 -10.44
N ASP K 609 76.98 -92.50 -11.15
CA ASP K 609 75.56 -92.80 -10.90
C ASP K 609 74.70 -91.52 -10.94
N ALA K 610 75.00 -90.65 -11.91
CA ALA K 610 74.28 -89.40 -12.18
C ALA K 610 74.27 -88.50 -10.93
N ARG K 611 75.47 -88.06 -10.57
CA ARG K 611 75.64 -87.20 -9.40
C ARG K 611 75.05 -85.82 -9.67
N LEU K 612 74.15 -85.37 -8.80
CA LEU K 612 73.48 -84.08 -8.95
C LEU K 612 73.84 -83.11 -7.84
N TRP K 613 74.96 -83.33 -7.14
CA TRP K 613 75.33 -82.47 -6.03
C TRP K 613 75.68 -81.06 -6.49
N ILE K 614 76.33 -80.95 -7.65
CA ILE K 614 76.66 -79.63 -8.20
C ILE K 614 75.38 -78.87 -8.55
N MET K 615 74.44 -79.56 -9.20
CA MET K 615 73.16 -78.94 -9.53
C MET K 615 72.35 -78.67 -8.26
N PHE K 616 72.54 -79.47 -7.22
CA PHE K 616 71.85 -79.21 -5.96
C PHE K 616 72.41 -77.97 -5.26
N TYR K 617 73.72 -77.75 -5.35
CA TYR K 617 74.28 -76.56 -4.72
C TYR K 617 73.99 -75.31 -5.53
N LEU K 618 74.00 -75.39 -6.86
CA LEU K 618 73.59 -74.22 -7.62
C LEU K 618 72.08 -73.99 -7.55
N SER K 619 71.32 -74.98 -7.11
CA SER K 619 69.94 -74.78 -6.69
C SER K 619 69.95 -74.23 -5.26
N THR K 620 68.78 -74.21 -4.62
CA THR K 620 68.54 -73.61 -3.30
C THR K 620 68.98 -72.14 -3.24
N ALA K 621 69.06 -71.48 -4.41
CA ALA K 621 69.25 -70.04 -4.46
C ALA K 621 67.93 -69.30 -4.32
N ILE K 622 66.81 -70.03 -4.34
CA ILE K 622 65.50 -69.45 -4.07
C ILE K 622 65.30 -69.16 -2.59
N PHE K 623 66.19 -69.65 -1.73
CA PHE K 623 66.13 -69.38 -0.30
C PHE K 623 67.06 -68.21 0.04
N ARG K 624 66.66 -67.41 1.02
CA ARG K 624 67.37 -66.18 1.35
C ARG K 624 68.38 -66.38 2.48
N GLY K 625 67.90 -66.84 3.65
CA GLY K 625 68.73 -66.95 4.82
C GLY K 625 68.79 -68.37 5.37
N LEU K 626 69.57 -68.51 6.46
CA LEU K 626 69.75 -69.75 7.23
C LEU K 626 70.17 -70.93 6.36
N LYS K 627 70.87 -70.64 5.27
CA LYS K 627 71.41 -71.66 4.39
C LYS K 627 72.82 -72.05 4.84
N GLU K 628 73.29 -73.19 4.34
CA GLU K 628 74.62 -73.66 4.67
C GLU K 628 75.69 -72.79 3.99
N ALA K 629 76.85 -72.70 4.63
CA ALA K 629 77.91 -71.81 4.21
C ALA K 629 78.92 -72.48 3.28
N LEU K 630 78.48 -73.43 2.46
CA LEU K 630 79.36 -74.10 1.53
C LEU K 630 79.76 -73.16 0.39
N MET K 631 80.84 -73.53 -0.28
CA MET K 631 81.35 -72.79 -1.44
C MET K 631 81.72 -73.78 -2.53
N LEU K 632 81.40 -73.44 -3.78
CA LEU K 632 81.72 -74.29 -4.92
C LEU K 632 82.61 -73.52 -5.88
N LEU K 633 83.53 -74.24 -6.51
CA LEU K 633 84.46 -73.67 -7.48
C LEU K 633 84.39 -74.45 -8.78
N TRP K 634 84.25 -73.74 -9.88
CA TRP K 634 84.26 -74.31 -11.22
C TRP K 634 85.31 -73.60 -12.06
N LEU K 635 86.52 -73.51 -11.50
CA LEU K 635 87.63 -72.79 -12.13
C LEU K 635 88.38 -73.68 -13.11
N GLY K 636 87.67 -74.31 -14.03
CA GLY K 636 88.28 -75.23 -14.98
C GLY K 636 87.49 -75.30 -16.27
N GLY K 637 88.20 -75.59 -17.35
CA GLY K 637 87.60 -75.68 -18.66
C GLY K 637 87.76 -74.40 -19.47
N GLY K 638 88.27 -74.53 -20.69
CA GLY K 638 88.48 -73.38 -21.54
C GLY K 638 87.31 -73.07 -22.45
N CYS K 639 86.85 -74.08 -23.19
CA CYS K 639 85.74 -73.94 -24.13
C CYS K 639 84.61 -74.90 -23.76
N ASN K 640 84.36 -75.06 -22.47
CA ASN K 640 83.31 -75.94 -21.99
C ASN K 640 81.98 -75.17 -21.94
N GLY K 641 80.98 -75.76 -21.28
CA GLY K 641 79.65 -75.16 -21.16
C GLY K 641 79.48 -74.43 -19.84
N LYS K 642 80.54 -73.75 -19.38
CA LYS K 642 80.48 -73.05 -18.10
C LYS K 642 79.45 -71.93 -18.10
N THR K 643 79.38 -71.16 -19.19
CA THR K 643 78.47 -70.02 -19.23
C THR K 643 77.02 -70.46 -19.21
N PHE K 644 76.66 -71.44 -20.03
CA PHE K 644 75.25 -71.83 -20.14
C PHE K 644 74.76 -72.53 -18.88
N LEU K 645 75.62 -73.32 -18.23
CA LEU K 645 75.23 -73.94 -16.96
C LEU K 645 75.36 -73.02 -15.76
N MET K 646 76.07 -71.90 -15.87
CA MET K 646 76.32 -71.04 -14.72
C MET K 646 75.44 -69.79 -14.72
N ARG K 647 75.49 -69.00 -15.80
CA ARG K 647 74.77 -67.75 -15.84
C ARG K 647 73.26 -67.92 -16.02
N LEU K 648 72.80 -69.12 -16.35
CA LEU K 648 71.36 -69.35 -16.50
C LEU K 648 70.64 -69.23 -15.17
N VAL K 649 71.27 -69.70 -14.08
CA VAL K 649 70.65 -69.60 -12.77
C VAL K 649 70.73 -68.18 -12.22
N ALA K 650 71.59 -67.32 -12.77
CA ALA K 650 71.61 -65.92 -12.39
C ALA K 650 70.64 -65.10 -13.23
N MET K 651 70.46 -65.45 -14.50
CA MET K 651 69.50 -64.76 -15.35
C MET K 651 68.07 -65.21 -15.06
N VAL K 652 67.88 -66.41 -14.54
CA VAL K 652 66.54 -66.85 -14.15
C VAL K 652 66.07 -66.11 -12.90
N LEU K 653 67.00 -65.55 -12.13
CA LEU K 653 66.70 -64.70 -11.00
C LEU K 653 66.80 -63.23 -11.44
N GLY K 654 66.82 -62.33 -10.47
CA GLY K 654 66.69 -60.91 -10.77
C GLY K 654 67.00 -60.05 -9.57
N ASP K 655 66.14 -59.07 -9.29
CA ASP K 655 66.32 -58.19 -8.13
C ASP K 655 66.33 -58.96 -6.81
N HIS K 656 65.74 -60.15 -6.78
CA HIS K 656 65.83 -61.03 -5.62
C HIS K 656 67.27 -61.45 -5.33
N TYR K 657 67.86 -62.23 -6.24
CA TYR K 657 69.15 -62.88 -5.98
C TYR K 657 70.03 -62.76 -7.24
N ALA K 658 70.83 -61.69 -7.28
CA ALA K 658 71.79 -61.52 -8.35
C ALA K 658 72.95 -60.68 -7.86
N SER K 659 74.18 -61.14 -8.13
CA SER K 659 75.37 -60.42 -7.70
C SER K 659 76.51 -60.77 -8.66
N LYS K 660 76.75 -59.89 -9.63
CA LYS K 660 77.87 -60.07 -10.57
C LYS K 660 79.08 -59.27 -10.06
N LEU K 661 79.64 -59.78 -8.96
CA LEU K 661 80.76 -59.11 -8.33
C LEU K 661 82.02 -59.26 -9.18
N ASN K 662 82.71 -58.15 -9.41
CA ASN K 662 83.96 -58.14 -10.14
C ASN K 662 85.11 -58.40 -9.17
N ILE K 663 86.34 -58.26 -9.67
CA ILE K 663 87.52 -58.43 -8.81
C ILE K 663 87.62 -57.30 -7.80
N SER K 664 87.45 -56.06 -8.27
CA SER K 664 87.51 -54.90 -7.39
C SER K 664 86.20 -54.73 -6.63
N SER K 678 80.40 -50.48 -1.87
CA SER K 678 79.74 -51.62 -1.24
C SER K 678 80.12 -52.93 -1.94
N ALA K 679 80.97 -53.72 -1.30
CA ALA K 679 81.40 -55.01 -1.83
C ALA K 679 80.65 -56.17 -1.19
N PHE K 680 80.68 -56.25 0.14
CA PHE K 680 79.97 -57.30 0.88
C PHE K 680 78.59 -56.85 1.35
N MET K 681 78.43 -55.56 1.68
CA MET K 681 77.16 -55.05 2.18
C MET K 681 76.08 -54.98 1.11
N ARG K 682 76.43 -55.12 -0.16
CA ARG K 682 75.45 -55.14 -1.24
C ARG K 682 74.82 -56.51 -1.44
N LEU K 683 75.24 -57.51 -0.69
CA LEU K 683 74.70 -58.87 -0.79
C LEU K 683 73.53 -59.09 0.17
N LYS K 684 73.07 -58.05 0.85
CA LYS K 684 72.02 -58.20 1.84
C LYS K 684 70.68 -58.48 1.16
N GLY K 685 70.01 -59.53 1.61
CA GLY K 685 68.73 -59.93 1.04
C GLY K 685 68.82 -60.75 -0.22
N ARG K 686 70.02 -61.00 -0.73
CA ARG K 686 70.20 -61.80 -1.94
C ARG K 686 70.33 -63.27 -1.57
N GLY K 687 70.50 -64.12 -2.59
CA GLY K 687 70.62 -65.54 -2.37
C GLY K 687 71.58 -66.20 -3.34
N TYR K 688 72.31 -65.39 -4.13
CA TYR K 688 73.23 -65.93 -5.10
C TYR K 688 74.28 -64.87 -5.43
N GLY K 689 75.51 -65.34 -5.65
CA GLY K 689 76.58 -64.48 -6.11
C GLY K 689 77.52 -65.22 -7.04
N TYR K 690 77.74 -64.69 -8.23
CA TYR K 690 78.60 -65.31 -9.24
C TYR K 690 79.69 -64.35 -9.67
N PHE K 691 80.90 -64.88 -9.79
CA PHE K 691 82.09 -64.12 -10.18
C PHE K 691 82.45 -64.54 -11.60
N GLU K 692 81.97 -63.78 -12.58
CA GLU K 692 82.29 -64.05 -13.97
C GLU K 692 83.50 -63.28 -14.47
N GLU K 693 83.71 -62.07 -13.96
CA GLU K 693 84.78 -61.21 -14.46
C GLU K 693 86.15 -61.75 -14.08
N THR K 694 87.09 -61.65 -15.01
CA THR K 694 88.48 -62.08 -14.81
C THR K 694 89.39 -60.90 -15.05
N ASN K 695 90.28 -60.63 -14.10
CA ASN K 695 91.25 -59.54 -14.24
C ASN K 695 92.57 -60.06 -14.84
N LYS K 696 93.20 -61.02 -14.15
CA LYS K 696 94.44 -61.61 -14.62
C LYS K 696 94.46 -63.06 -14.16
N SER K 697 95.58 -63.75 -14.43
CA SER K 697 95.70 -65.14 -14.03
C SER K 697 95.94 -65.28 -12.52
N GLU K 698 96.52 -64.26 -11.90
CA GLU K 698 96.84 -64.32 -10.48
C GLU K 698 96.91 -62.90 -9.93
N VAL K 699 95.94 -62.54 -9.08
CA VAL K 699 95.99 -61.28 -8.35
C VAL K 699 95.91 -61.58 -6.85
N LEU K 700 94.77 -62.14 -6.42
CA LEU K 700 94.49 -62.48 -5.04
C LEU K 700 93.26 -63.37 -5.01
N ASN K 701 93.05 -64.02 -3.88
CA ASN K 701 91.84 -64.85 -3.79
C ASN K 701 91.02 -64.59 -2.54
N THR K 702 91.65 -64.34 -1.39
CA THR K 702 90.90 -64.37 -0.14
C THR K 702 90.38 -62.99 0.30
N SER K 703 91.28 -62.04 0.56
CA SER K 703 90.96 -60.79 1.25
C SER K 703 90.10 -61.01 2.47
N ARG K 704 88.80 -60.68 2.37
CA ARG K 704 87.84 -60.83 3.46
C ARG K 704 86.98 -62.07 3.32
N LEU K 705 87.50 -63.14 2.70
CA LEU K 705 86.69 -64.33 2.45
C LEU K 705 86.38 -65.08 3.74
N LYS K 706 87.40 -65.31 4.57
CA LYS K 706 87.22 -66.12 5.77
C LYS K 706 86.42 -65.40 6.85
N GLU K 707 86.35 -64.07 6.80
CA GLU K 707 85.66 -63.33 7.84
C GLU K 707 84.14 -63.43 7.72
N MET K 708 83.62 -63.39 6.50
CA MET K 708 82.17 -63.34 6.31
C MET K 708 81.51 -64.71 6.26
N VAL K 709 82.25 -65.77 5.97
CA VAL K 709 81.66 -67.10 5.84
C VAL K 709 81.75 -67.82 7.18
N ASN K 710 82.73 -67.46 8.01
CA ASN K 710 82.96 -68.14 9.27
C ASN K 710 82.60 -67.23 10.44
N PRO K 711 81.58 -67.56 11.23
CA PRO K 711 81.27 -66.78 12.44
C PRO K 711 82.11 -67.24 13.64
N GLY K 712 83.42 -67.12 13.50
CA GLY K 712 84.35 -67.56 14.53
C GLY K 712 84.41 -66.63 15.72
N PHE K 726 70.58 -57.36 9.28
CA PHE K 726 71.81 -58.12 9.52
C PHE K 726 71.53 -59.62 9.44
N GLN K 727 71.31 -60.11 8.22
CA GLN K 727 71.03 -61.52 7.98
C GLN K 727 72.03 -62.07 6.98
N MET K 728 72.63 -63.21 7.30
CA MET K 728 73.63 -63.83 6.43
C MET K 728 72.96 -64.57 5.28
N THR K 729 73.50 -64.37 4.09
CA THR K 729 73.07 -65.08 2.89
C THR K 729 74.15 -66.08 2.48
N ALA K 730 73.82 -66.93 1.51
CA ALA K 730 74.70 -68.02 1.14
C ALA K 730 74.52 -68.30 -0.35
N THR K 731 74.91 -69.52 -0.77
CA THR K 731 74.92 -69.97 -2.16
C THR K 731 75.81 -69.06 -3.02
N MET K 732 77.09 -69.03 -2.66
CA MET K 732 78.10 -68.23 -3.36
C MET K 732 78.93 -69.15 -4.26
N VAL K 733 79.00 -68.79 -5.54
CA VAL K 733 79.70 -69.59 -6.55
C VAL K 733 80.72 -68.70 -7.24
N ALA K 734 81.97 -69.14 -7.27
CA ALA K 734 83.06 -68.40 -7.91
C ALA K 734 83.63 -69.24 -9.04
N ALA K 735 83.43 -68.78 -10.28
CA ALA K 735 83.96 -69.46 -11.46
C ALA K 735 84.16 -68.40 -12.54
N SER K 736 85.40 -67.92 -12.67
CA SER K 736 85.69 -66.80 -13.57
C SER K 736 86.19 -67.27 -14.93
N ASN K 737 87.25 -68.06 -14.95
CA ASN K 737 87.90 -68.48 -16.20
C ASN K 737 88.66 -69.77 -15.95
N TYR K 738 89.56 -70.12 -16.87
CA TYR K 738 90.42 -71.28 -16.69
C TYR K 738 91.56 -71.02 -15.71
N ASN K 739 91.79 -69.76 -15.36
CA ASN K 739 92.92 -69.41 -14.50
C ASN K 739 92.68 -69.89 -13.07
N PHE K 740 93.72 -70.47 -12.48
CA PHE K 740 93.67 -70.94 -11.09
C PHE K 740 93.93 -69.76 -10.15
N ILE K 741 92.85 -68.99 -9.92
CA ILE K 741 92.95 -67.78 -9.11
C ILE K 741 93.25 -68.10 -7.64
N ILE K 742 92.61 -69.13 -7.11
CA ILE K 742 92.72 -69.48 -5.69
C ILE K 742 93.98 -70.32 -5.51
N ASP K 743 95.01 -69.73 -4.89
CA ASP K 743 96.16 -70.48 -4.40
C ASP K 743 96.73 -69.71 -3.22
N THR K 744 96.33 -70.10 -2.01
CA THR K 744 96.81 -69.48 -0.78
C THR K 744 96.74 -70.51 0.33
N THR K 745 97.82 -70.59 1.12
CA THR K 745 97.88 -71.54 2.22
C THR K 745 96.88 -71.16 3.30
N ASP K 746 96.08 -72.14 3.73
CA ASP K 746 95.09 -71.93 4.78
C ASP K 746 94.90 -73.21 5.57
N HIS K 747 94.76 -73.07 6.88
CA HIS K 747 94.65 -74.21 7.78
C HIS K 747 93.56 -73.96 8.82
N GLY K 748 92.43 -73.41 8.38
CA GLY K 748 91.34 -73.11 9.30
C GLY K 748 90.28 -74.21 9.34
N THR K 749 90.66 -75.41 8.90
CA THR K 749 89.77 -76.56 8.74
C THR K 749 88.55 -76.19 7.89
N TRP K 750 88.85 -75.66 6.70
CA TRP K 750 87.81 -75.17 5.79
C TRP K 750 87.21 -76.33 5.00
N ARG K 751 86.43 -77.15 5.72
CA ARG K 751 85.62 -78.18 5.09
C ARG K 751 84.38 -77.60 4.43
N ARG K 752 84.11 -76.31 4.63
CA ARG K 752 82.99 -75.61 4.02
C ARG K 752 83.34 -75.04 2.65
N LEU K 753 84.37 -75.57 2.00
CA LEU K 753 84.75 -75.19 0.65
C LEU K 753 84.82 -76.44 -0.21
N ARG K 754 84.30 -76.34 -1.43
CA ARG K 754 84.28 -77.47 -2.35
C ARG K 754 84.82 -77.03 -3.71
N HIS K 755 85.33 -77.99 -4.48
CA HIS K 755 85.88 -77.74 -5.79
C HIS K 755 85.36 -78.78 -6.77
N TYR K 756 85.05 -78.35 -7.99
CA TYR K 756 84.60 -79.26 -9.04
C TYR K 756 85.00 -78.67 -10.39
N ARG K 757 86.08 -79.20 -10.96
CA ARG K 757 86.47 -78.80 -12.31
C ARG K 757 85.56 -79.45 -13.33
N SER K 758 85.61 -78.94 -14.56
CA SER K 758 84.79 -79.46 -15.64
C SER K 758 85.32 -80.81 -16.09
N LYS K 759 84.47 -81.84 -15.97
CA LYS K 759 84.85 -83.16 -16.48
C LYS K 759 84.96 -83.16 -18.00
N VAL K 760 84.05 -82.46 -18.68
CA VAL K 760 84.14 -82.32 -20.13
C VAL K 760 85.20 -81.27 -20.48
N LYS K 761 85.68 -81.35 -21.71
CA LYS K 761 86.71 -80.42 -22.18
C LYS K 761 86.13 -79.42 -23.17
N LYS K 774 81.88 -83.30 -27.63
CA LYS K 774 80.87 -82.55 -28.34
C LYS K 774 81.49 -81.46 -29.21
N LYS K 775 80.64 -80.72 -29.93
CA LYS K 775 81.11 -79.64 -30.79
C LYS K 775 81.21 -78.36 -29.98
N GLU K 776 81.46 -77.23 -30.66
CA GLU K 776 81.56 -75.94 -29.98
C GLU K 776 80.20 -75.48 -29.49
N ASP K 777 79.18 -75.55 -30.36
CA ASP K 777 77.80 -75.13 -30.13
C ASP K 777 77.72 -73.69 -29.60
N PRO K 778 77.97 -72.69 -30.45
CA PRO K 778 77.97 -71.31 -29.96
C PRO K 778 76.58 -70.78 -29.61
N ARG K 779 75.51 -71.45 -30.04
CA ARG K 779 74.15 -70.98 -29.77
C ARG K 779 73.85 -70.93 -28.28
N PHE K 780 74.52 -71.78 -27.49
CA PHE K 780 74.36 -71.77 -26.04
C PHE K 780 74.77 -70.44 -25.43
N ILE K 781 75.67 -69.68 -26.09
CA ILE K 781 75.99 -68.33 -25.65
C ILE K 781 75.24 -67.27 -26.44
N HIS K 782 74.61 -67.64 -27.56
CA HIS K 782 73.99 -66.65 -28.43
C HIS K 782 72.51 -66.43 -28.12
N GLU K 783 71.70 -67.48 -28.23
CA GLU K 783 70.25 -67.33 -28.13
C GLU K 783 69.58 -68.34 -27.23
N TYR K 784 70.28 -69.38 -26.76
CA TYR K 784 69.67 -70.37 -25.89
C TYR K 784 69.23 -69.76 -24.56
N ILE K 785 70.07 -68.91 -23.98
CA ILE K 785 69.75 -68.31 -22.68
C ILE K 785 68.65 -67.26 -22.83
N MET K 786 68.63 -66.55 -23.95
CA MET K 786 67.65 -65.49 -24.18
C MET K 786 66.21 -65.98 -24.33
N ASP K 787 66.01 -67.27 -24.55
CA ASP K 787 64.64 -67.80 -24.66
C ASP K 787 63.96 -67.74 -23.30
N PRO K 788 62.78 -67.13 -23.20
CA PRO K 788 62.13 -67.02 -21.87
C PRO K 788 61.60 -68.35 -21.36
N ASP K 789 60.99 -69.16 -22.23
CA ASP K 789 60.36 -70.39 -21.78
C ASP K 789 61.39 -71.42 -21.32
N CYS K 790 62.62 -71.35 -21.86
CA CYS K 790 63.67 -72.21 -21.34
C CYS K 790 64.06 -71.82 -19.92
N GLN K 791 64.10 -70.51 -19.63
CA GLN K 791 64.32 -70.07 -18.26
C GLN K 791 63.18 -70.49 -17.35
N ASN K 792 61.94 -70.46 -17.85
CA ASN K 792 60.80 -70.93 -17.07
C ASN K 792 60.93 -72.42 -16.76
N ALA K 793 61.33 -73.23 -17.74
CA ALA K 793 61.50 -74.65 -17.52
C ALA K 793 62.66 -74.92 -16.55
N PHE K 794 63.75 -74.18 -16.67
CA PHE K 794 64.88 -74.35 -15.76
C PHE K 794 64.49 -73.96 -14.34
N PHE K 795 63.69 -72.91 -14.19
CA PHE K 795 63.19 -72.53 -12.86
C PHE K 795 62.26 -73.61 -12.30
N SER K 796 61.45 -74.24 -13.16
CA SER K 796 60.60 -75.34 -12.72
C SER K 796 61.43 -76.52 -12.23
N ILE K 797 62.51 -76.85 -12.95
CA ILE K 797 63.44 -77.87 -12.49
C ILE K 797 64.09 -77.47 -11.18
N LEU K 798 64.40 -76.18 -11.03
CA LEU K 798 65.03 -75.69 -9.81
C LEU K 798 64.12 -75.86 -8.59
N VAL K 799 62.85 -75.47 -8.72
CA VAL K 799 61.95 -75.59 -7.57
C VAL K 799 61.64 -77.06 -7.30
N TYR K 800 61.51 -77.88 -8.35
CA TYR K 800 61.28 -79.31 -8.16
C TYR K 800 62.43 -79.98 -7.42
N PHE K 801 63.67 -79.65 -7.77
CA PHE K 801 64.79 -80.27 -7.09
C PHE K 801 65.07 -79.64 -5.73
N TRP K 802 64.61 -78.40 -5.50
CA TRP K 802 64.57 -77.90 -4.13
C TRP K 802 63.59 -78.70 -3.27
N GLU K 803 62.44 -79.04 -3.85
CA GLU K 803 61.49 -79.91 -3.15
C GLU K 803 62.09 -81.29 -2.90
N LYS K 804 62.86 -81.81 -3.86
CA LYS K 804 63.57 -83.07 -3.67
C LYS K 804 64.58 -82.98 -2.54
N LEU K 805 65.34 -81.88 -2.47
CA LEU K 805 66.26 -81.68 -1.36
C LEU K 805 65.55 -81.47 -0.04
N GLN K 806 64.31 -81.00 -0.04
CA GLN K 806 63.58 -80.79 1.21
C GLN K 806 62.88 -82.03 1.73
N LYS K 807 62.35 -82.89 0.86
CA LYS K 807 61.59 -84.03 1.34
C LYS K 807 62.45 -85.24 1.68
N GLU K 808 63.60 -85.40 1.03
CA GLU K 808 64.44 -86.58 1.26
C GLU K 808 65.52 -86.31 2.30
N TYR K 809 66.38 -85.33 2.05
CA TYR K 809 67.55 -85.06 2.88
C TYR K 809 67.42 -83.65 3.44
N ASN K 810 66.71 -83.51 4.56
CA ASN K 810 66.41 -82.20 5.14
C ASN K 810 67.69 -81.62 5.75
N GLY K 811 68.52 -81.06 4.89
CA GLY K 811 69.84 -80.58 5.26
C GLY K 811 70.86 -80.94 4.20
N GLN K 812 71.63 -79.96 3.74
CA GLN K 812 72.58 -80.22 2.66
C GLN K 812 73.82 -80.96 3.15
N ILE K 813 74.27 -80.69 4.38
CA ILE K 813 75.48 -81.32 4.88
C ILE K 813 75.22 -82.75 5.36
N LYS K 814 73.97 -83.12 5.61
CA LYS K 814 73.62 -84.48 5.99
C LYS K 814 73.23 -85.34 4.79
N LYS K 815 73.57 -84.90 3.58
CA LYS K 815 73.33 -85.66 2.38
C LYS K 815 74.17 -86.95 2.37
N VAL K 816 73.63 -87.97 1.70
CA VAL K 816 74.43 -89.15 1.38
C VAL K 816 75.62 -88.70 0.55
N PHE K 817 76.79 -89.25 0.87
CA PHE K 817 78.06 -88.72 0.39
C PHE K 817 78.18 -88.76 -1.13
N CYS K 818 78.66 -87.66 -1.70
CA CYS K 818 78.92 -87.58 -3.13
C CYS K 818 80.38 -87.96 -3.36
N PRO K 819 80.67 -89.05 -4.06
CA PRO K 819 82.07 -89.50 -4.15
C PRO K 819 82.94 -88.62 -5.02
N THR K 820 82.45 -88.21 -6.19
CA THR K 820 83.28 -87.43 -7.11
C THR K 820 83.57 -86.03 -6.56
N ILE K 821 82.60 -85.40 -5.91
CA ILE K 821 82.81 -84.05 -5.38
C ILE K 821 83.75 -84.10 -4.18
N GLU K 822 83.56 -85.07 -3.29
CA GLU K 822 84.46 -85.21 -2.15
C GLU K 822 85.88 -85.55 -2.60
N SER K 823 86.01 -86.42 -3.60
CA SER K 823 87.32 -86.77 -4.13
C SER K 823 88.01 -85.56 -4.77
N GLU K 824 87.25 -84.77 -5.54
CA GLU K 824 87.81 -83.57 -6.14
C GLU K 824 88.21 -82.55 -5.10
N THR K 825 87.40 -82.39 -4.05
CA THR K 825 87.73 -81.47 -2.97
C THR K 825 88.98 -81.90 -2.22
N GLU K 826 89.11 -83.21 -1.94
CA GLU K 826 90.29 -83.71 -1.27
C GLU K 826 91.53 -83.58 -2.14
N ALA K 827 91.36 -83.74 -3.45
CA ALA K 827 92.50 -83.51 -4.37
C ALA K 827 92.87 -82.02 -4.28
N TYR K 828 91.86 -81.15 -4.41
CA TYR K 828 92.11 -79.69 -4.37
C TYR K 828 92.57 -79.27 -2.97
N ARG K 829 92.00 -79.89 -1.94
CA ARG K 829 92.37 -79.54 -0.54
C ARG K 829 93.85 -79.88 -0.33
N LYS K 830 94.28 -81.04 -0.82
CA LYS K 830 95.72 -81.39 -0.73
C LYS K 830 96.50 -80.42 -1.62
N SER K 831 95.91 -80.01 -2.74
CA SER K 831 96.57 -79.03 -3.65
C SER K 831 96.68 -77.68 -2.93
N GLN K 832 95.90 -77.48 -1.86
CA GLN K 832 95.98 -76.21 -1.08
C GLN K 832 97.19 -76.28 -0.14
N ASP K 833 98.36 -76.66 -0.66
CA ASP K 833 99.62 -76.65 0.15
C ASP K 833 99.57 -77.72 1.24
N THR K 834 100.44 -77.56 2.25
CA THR K 834 101.52 -78.51 2.59
C THR K 834 101.20 -79.23 3.87
N LEU K 835 100.50 -78.56 4.80
CA LEU K 835 100.19 -79.17 6.11
C LEU K 835 99.42 -80.48 5.87
N HIS K 836 98.36 -80.41 5.07
CA HIS K 836 97.55 -81.63 4.76
C HIS K 836 98.47 -82.68 4.14
N ARG K 837 99.36 -82.26 3.24
CA ARG K 837 100.25 -83.22 2.54
C ARG K 837 101.11 -83.98 3.56
N PHE K 838 101.80 -83.26 4.45
CA PHE K 838 102.68 -83.92 5.45
C PHE K 838 101.84 -84.84 6.33
N ILE K 839 100.67 -84.35 6.75
CA ILE K 839 99.77 -85.15 7.64
C ILE K 839 99.39 -86.44 6.92
N THR K 840 99.05 -86.36 5.63
CA THR K 840 98.60 -87.55 4.88
C THR K 840 99.79 -88.34 4.38
N GLU K 841 101.01 -87.89 4.67
CA GLU K 841 102.22 -88.56 4.13
C GLU K 841 103.10 -89.08 5.27
N ARG K 842 103.06 -88.43 6.44
CA ARG K 842 103.97 -88.82 7.51
C ARG K 842 103.29 -88.93 8.88
N VAL K 843 101.96 -88.80 8.95
CA VAL K 843 101.23 -88.92 10.20
C VAL K 843 100.19 -90.02 10.03
N VAL K 844 100.17 -90.98 10.96
CA VAL K 844 99.29 -92.14 10.86
C VAL K 844 98.50 -92.27 12.16
N GLU K 845 97.20 -92.55 12.04
CA GLU K 845 96.35 -92.80 13.21
C GLU K 845 96.57 -94.24 13.64
N SER K 846 97.49 -94.42 14.60
CA SER K 846 97.84 -95.74 15.09
C SER K 846 97.37 -95.91 16.52
N PRO K 847 96.27 -96.64 16.76
CA PRO K 847 95.81 -96.83 18.14
C PRO K 847 96.67 -97.80 18.94
N SER K 848 97.51 -98.58 18.29
CA SER K 848 98.32 -99.59 18.97
C SER K 848 99.71 -99.08 19.36
N ALA K 849 99.99 -97.80 19.16
CA ALA K 849 101.29 -97.23 19.46
C ALA K 849 101.27 -96.61 20.85
N GLU K 850 102.12 -97.12 21.74
CA GLU K 850 102.27 -96.58 23.08
C GLU K 850 103.41 -95.59 23.21
N THR K 851 104.14 -95.34 22.13
CA THR K 851 105.24 -94.38 22.17
C THR K 851 104.72 -92.96 22.30
N VAL K 852 105.39 -92.16 23.12
CA VAL K 852 104.99 -90.79 23.40
C VAL K 852 105.83 -89.85 22.54
N TYR K 853 105.15 -89.06 21.70
CA TYR K 853 105.80 -88.05 20.88
C TYR K 853 105.37 -86.67 21.38
N ASN K 854 106.35 -85.82 21.69
CA ASN K 854 106.07 -84.49 22.17
C ASN K 854 105.71 -83.56 21.00
N LEU K 855 105.12 -82.41 21.35
CA LEU K 855 104.70 -81.45 20.33
C LEU K 855 105.92 -80.81 19.65
N SER K 856 107.00 -80.59 20.42
CA SER K 856 108.22 -80.07 19.84
C SER K 856 108.84 -81.08 18.87
N GLU K 857 108.73 -82.37 19.18
CA GLU K 857 109.21 -83.40 18.28
C GLU K 857 108.41 -83.42 16.98
N VAL K 858 107.09 -83.21 17.06
CA VAL K 858 106.25 -83.13 15.87
C VAL K 858 106.61 -81.90 15.04
N VAL K 859 106.89 -80.77 15.72
CA VAL K 859 107.30 -79.55 15.03
C VAL K 859 108.63 -79.76 14.31
N THR K 860 109.58 -80.40 14.98
CA THR K 860 110.88 -80.67 14.37
C THR K 860 110.76 -81.65 13.21
N ALA K 861 109.89 -82.65 13.33
CA ALA K 861 109.66 -83.59 12.25
C ALA K 861 109.02 -82.91 11.04
N TYR K 862 108.08 -82.00 11.28
CA TYR K 862 107.48 -81.23 10.18
C TYR K 862 108.51 -80.33 9.52
N ALA K 863 109.38 -79.71 10.31
CA ALA K 863 110.45 -78.87 9.76
C ALA K 863 111.42 -79.69 8.92
N GLU K 864 111.79 -80.88 9.39
CA GLU K 864 112.68 -81.75 8.63
C GLU K 864 112.02 -82.25 7.36
N TRP K 865 110.73 -82.57 7.42
CA TRP K 865 110.00 -82.99 6.22
C TRP K 865 109.91 -81.86 5.20
N TYR K 866 109.67 -80.64 5.65
CA TYR K 866 109.67 -79.49 4.74
C TYR K 866 111.05 -79.26 4.14
N ASN K 867 112.10 -79.41 4.95
CA ASN K 867 113.46 -79.23 4.45
C ASN K 867 113.83 -80.27 3.41
N THR K 868 113.46 -81.53 3.65
CA THR K 868 113.86 -82.63 2.77
C THR K 868 112.82 -82.94 1.69
N ASN K 869 111.72 -82.19 1.63
CA ASN K 869 110.68 -82.46 0.65
C ASN K 869 110.53 -81.34 -0.37
N ILE K 870 110.46 -80.08 0.08
CA ILE K 870 110.22 -78.95 -0.82
C ILE K 870 111.42 -78.00 -0.86
N ASN K 871 111.75 -77.38 0.26
CA ASN K 871 112.80 -76.36 0.29
C ASN K 871 113.23 -76.13 1.72
N VAL K 872 114.42 -75.52 1.87
CA VAL K 872 114.85 -75.05 3.18
C VAL K 872 113.91 -73.94 3.63
N LYS K 873 113.52 -73.98 4.91
CA LYS K 873 112.47 -73.11 5.44
C LYS K 873 112.84 -71.64 5.37
N ARG K 874 113.84 -71.22 6.17
CA ARG K 874 114.33 -69.85 6.26
C ARG K 874 113.24 -68.83 6.61
N HIS K 875 112.08 -69.27 7.09
CA HIS K 875 110.98 -68.37 7.40
C HIS K 875 110.20 -68.74 8.65
N ILE K 876 110.62 -69.77 9.39
CA ILE K 876 109.89 -70.19 10.58
C ILE K 876 110.18 -69.22 11.70
N ALA K 877 109.14 -68.53 12.18
CA ALA K 877 109.30 -67.52 13.23
C ALA K 877 109.12 -68.12 14.62
N LEU K 878 109.84 -69.21 14.88
CA LEU K 878 110.02 -69.86 16.19
C LEU K 878 108.76 -70.43 16.79
N GLU K 879 107.59 -70.31 16.15
CA GLU K 879 106.36 -70.90 16.69
C GLU K 879 106.12 -72.27 16.06
N LEU K 880 105.87 -72.29 14.75
CA LEU K 880 105.78 -73.50 13.91
C LEU K 880 104.80 -74.55 14.44
N SER K 881 103.85 -74.16 15.31
CA SER K 881 103.01 -75.17 15.95
C SER K 881 101.52 -74.88 15.81
N GLN K 882 101.12 -73.61 15.89
CA GLN K 882 99.69 -73.27 15.90
C GLN K 882 99.00 -73.59 14.58
N GLU K 883 99.76 -73.71 13.49
CA GLU K 883 99.17 -74.14 12.22
C GLU K 883 98.66 -75.58 12.31
N LEU K 884 99.41 -76.44 13.00
CA LEU K 884 99.00 -77.83 13.19
C LEU K 884 98.13 -78.01 14.43
N GLU K 885 98.07 -77.04 15.34
CA GLU K 885 97.22 -77.17 16.51
C GLU K 885 95.74 -77.07 16.14
N ASN K 886 95.40 -76.16 15.24
CA ASN K 886 94.03 -76.01 14.75
C ASN K 886 93.88 -76.57 13.35
N SER K 887 94.58 -77.68 13.07
CA SER K 887 94.51 -78.32 11.77
C SER K 887 93.36 -79.31 11.74
N VAL K 888 93.29 -80.13 10.68
CA VAL K 888 92.20 -81.08 10.51
C VAL K 888 92.29 -82.23 11.52
N LEU K 889 93.47 -82.44 12.12
CA LEU K 889 93.63 -83.49 13.11
C LEU K 889 93.00 -83.10 14.44
N GLU K 890 92.76 -81.81 14.65
CA GLU K 890 92.29 -81.31 15.95
C GLU K 890 90.91 -81.81 16.34
N LYS K 891 90.13 -82.33 15.39
CA LYS K 891 88.86 -82.94 15.73
C LYS K 891 89.02 -84.30 16.41
N TYR K 892 90.21 -84.88 16.37
CA TYR K 892 90.51 -86.15 17.04
C TYR K 892 91.67 -85.98 18.01
N LEU K 893 91.69 -84.86 18.74
CA LEU K 893 92.79 -84.53 19.65
C LEU K 893 92.21 -84.12 21.00
N GLN K 894 92.18 -85.07 21.93
CA GLN K 894 91.72 -84.79 23.28
C GLN K 894 92.80 -84.03 24.06
N TRP K 895 92.37 -83.35 25.12
CA TRP K 895 93.26 -82.54 25.93
C TRP K 895 93.84 -83.35 27.08
N SER K 896 95.16 -83.39 27.16
CA SER K 896 95.88 -84.05 28.24
C SER K 896 95.83 -83.19 29.50
N PRO K 897 96.18 -83.78 30.66
CA PRO K 897 96.36 -82.94 31.86
C PRO K 897 97.43 -81.86 31.70
N ASN K 898 98.42 -82.08 30.84
CA ASN K 898 99.40 -81.06 30.51
C ASN K 898 98.94 -80.14 29.38
N LYS K 899 97.64 -80.12 29.09
CA LYS K 899 96.98 -79.26 28.10
C LYS K 899 97.47 -79.50 26.67
N THR K 900 98.10 -80.63 26.40
CA THR K 900 98.52 -80.95 25.04
C THR K 900 97.40 -81.68 24.30
N ARG K 901 97.21 -81.33 23.04
CA ARG K 901 96.17 -81.97 22.23
C ARG K 901 96.57 -83.37 21.78
N ILE K 902 97.86 -83.68 21.75
CA ILE K 902 98.35 -84.94 21.20
C ILE K 902 98.07 -86.06 22.20
N LEU K 903 97.49 -87.16 21.72
CA LEU K 903 97.30 -88.37 22.51
C LEU K 903 98.62 -89.14 22.45
N LYS K 904 99.58 -88.69 23.27
CA LYS K 904 100.96 -89.18 23.27
C LYS K 904 101.60 -89.10 21.89
N GLY K 905 101.23 -88.07 21.13
CA GLY K 905 101.76 -87.86 19.80
C GLY K 905 101.20 -88.77 18.73
N CYS K 906 100.27 -89.66 19.07
CA CYS K 906 99.74 -90.71 18.19
C CYS K 906 100.88 -91.50 17.55
N ARG K 907 101.06 -91.33 16.24
CA ARG K 907 102.24 -91.88 15.56
C ARG K 907 102.53 -91.06 14.32
N ILE K 908 103.78 -90.66 14.16
CA ILE K 908 104.24 -89.94 12.98
C ILE K 908 105.36 -90.74 12.33
N LEU K 909 105.35 -90.78 11.00
CA LEU K 909 106.39 -91.46 10.24
C LEU K 909 107.57 -90.53 10.05
N HIS K 910 108.76 -90.99 10.42
CA HIS K 910 109.95 -90.15 10.32
C HIS K 910 110.39 -89.99 8.87
N LYS K 911 110.67 -91.11 8.19
CA LYS K 911 111.12 -91.05 6.80
C LYS K 911 110.69 -92.35 6.11
N PHE K 912 109.55 -92.28 5.41
CA PHE K 912 109.04 -93.36 4.56
C PHE K 912 108.86 -94.67 5.33
N GLU K 913 108.30 -94.58 6.53
CA GLU K 913 108.02 -95.77 7.31
C GLU K 913 106.89 -96.57 6.67
N THR K 914 107.07 -97.88 6.62
CA THR K 914 106.12 -98.75 5.93
C THR K 914 104.82 -98.87 6.70
N LEU K 915 103.73 -99.04 5.96
CA LEU K 915 102.40 -99.24 6.54
C LEU K 915 102.26 -100.73 6.86
N GLN K 916 102.53 -101.08 8.13
CA GLN K 916 102.54 -102.48 8.53
C GLN K 916 101.16 -103.15 8.44
N PRO K 917 100.07 -102.61 8.98
CA PRO K 917 98.78 -103.30 8.82
C PRO K 917 97.92 -102.79 7.67
N GLY K 918 98.43 -101.93 6.81
CA GLY K 918 97.66 -101.40 5.70
C GLY K 918 96.60 -100.41 6.12
N CYS K 936 71.39 -93.19 -16.49
CA CYS K 936 70.83 -92.23 -17.42
C CYS K 936 69.73 -92.87 -18.26
N GLU K 937 69.26 -94.03 -17.83
CA GLU K 937 68.19 -94.73 -18.54
C GLU K 937 66.81 -94.10 -18.30
N PRO K 938 66.44 -93.63 -17.09
CA PRO K 938 65.26 -92.75 -17.01
C PRO K 938 65.43 -91.46 -17.81
N LYS K 939 66.65 -90.91 -17.83
CA LYS K 939 67.06 -89.77 -18.65
C LYS K 939 66.29 -88.49 -18.37
N ASN K 940 65.54 -88.41 -17.26
CA ASN K 940 64.75 -87.22 -16.98
C ASN K 940 65.20 -86.51 -15.70
N LYS K 941 65.20 -87.18 -14.55
CA LYS K 941 65.53 -86.52 -13.29
C LYS K 941 66.56 -87.26 -12.44
N TRP K 942 66.73 -88.57 -12.62
CA TRP K 942 67.81 -89.37 -12.01
C TRP K 942 67.77 -89.30 -10.48
N TRP K 943 66.68 -89.81 -9.93
CA TRP K 943 66.54 -89.85 -8.48
C TRP K 943 67.49 -90.87 -7.88
N GLU K 944 68.28 -90.44 -6.90
CA GLU K 944 69.22 -91.30 -6.21
C GLU K 944 68.75 -91.45 -4.76
N TRP K 945 68.34 -92.66 -4.39
CA TRP K 945 67.83 -92.93 -3.05
C TRP K 945 69.00 -93.23 -2.11
N SER K 946 68.67 -93.68 -0.90
CA SER K 946 69.70 -94.01 0.09
C SER K 946 69.66 -95.50 0.43
N LEU L 21 19.43 -44.71 -10.16
CA LEU L 21 18.01 -44.22 -10.16
C LEU L 21 17.11 -45.25 -9.46
N ALA L 22 16.18 -44.78 -8.63
CA ALA L 22 15.29 -45.61 -7.76
C ALA L 22 14.49 -46.60 -8.61
N GLU L 23 13.72 -46.11 -9.59
CA GLU L 23 12.79 -46.95 -10.39
C GLU L 23 13.57 -47.98 -11.23
N VAL L 24 14.79 -47.66 -11.67
CA VAL L 24 15.69 -48.63 -12.38
C VAL L 24 16.14 -49.70 -11.38
N GLN L 25 16.50 -49.28 -10.16
CA GLN L 25 16.88 -50.20 -9.05
C GLN L 25 15.70 -51.14 -8.76
N ALA L 26 14.49 -50.61 -8.68
CA ALA L 26 13.23 -51.37 -8.46
C ALA L 26 13.07 -52.42 -9.56
N LEU L 27 13.19 -52.01 -10.82
CA LEU L 27 13.08 -52.93 -12.00
C LEU L 27 14.16 -54.01 -11.94
N GLU L 28 15.38 -53.65 -11.54
CA GLU L 28 16.53 -54.58 -11.41
C GLU L 28 16.19 -55.65 -10.36
N THR L 29 15.65 -55.24 -9.22
CA THR L 29 15.23 -56.13 -8.10
C THR L 29 14.12 -57.05 -8.59
N LEU L 30 13.10 -56.51 -9.27
CA LEU L 30 11.99 -57.34 -9.80
C LEU L 30 12.56 -58.40 -10.74
N LEU L 31 13.42 -58.01 -11.68
CA LEU L 31 13.96 -58.93 -12.70
C LEU L 31 14.79 -60.05 -12.05
N THR L 32 15.75 -59.69 -11.18
CA THR L 32 16.77 -60.66 -10.69
C THR L 32 16.15 -61.52 -9.57
N ARG L 33 15.54 -60.88 -8.57
CA ARG L 33 14.99 -61.58 -7.37
C ARG L 33 13.75 -62.40 -7.75
N GLU L 34 12.83 -61.85 -8.56
CA GLU L 34 11.46 -62.42 -8.70
C GLU L 34 11.24 -63.09 -10.06
N LEU L 35 11.50 -62.40 -11.19
CA LEU L 35 11.08 -62.88 -12.54
C LEU L 35 12.10 -63.86 -13.13
N SER L 36 13.30 -63.94 -12.54
CA SER L 36 14.37 -64.89 -12.92
C SER L 36 13.82 -66.30 -13.06
N VAL L 37 12.80 -66.66 -12.28
CA VAL L 37 12.16 -68.02 -12.26
C VAL L 37 11.39 -68.29 -13.57
N PHE L 38 11.20 -67.27 -14.43
CA PHE L 38 10.46 -67.39 -15.72
C PHE L 38 11.41 -67.32 -16.91
N LEU L 39 12.73 -67.25 -16.66
CA LEU L 39 13.75 -67.25 -17.74
C LEU L 39 13.51 -68.43 -18.68
N THR L 40 13.37 -68.18 -19.99
CA THR L 40 13.25 -69.20 -21.06
C THR L 40 14.62 -69.44 -21.72
N GLU L 41 14.78 -70.60 -22.38
CA GLU L 41 15.98 -70.96 -23.17
C GLU L 41 15.95 -70.20 -24.49
N PRO L 42 17.11 -70.00 -25.17
CA PRO L 42 17.12 -69.38 -26.48
C PRO L 42 16.25 -70.16 -27.47
N GLY L 43 15.38 -69.46 -28.21
CA GLY L 43 14.50 -70.03 -29.24
C GLY L 43 13.29 -70.76 -28.66
N SER L 44 12.98 -70.55 -27.37
CA SER L 44 11.78 -71.12 -26.69
C SER L 44 10.51 -70.45 -27.25
N LYS L 45 9.42 -71.21 -27.40
CA LYS L 45 8.20 -70.63 -28.02
C LYS L 45 7.40 -69.96 -26.90
N LYS L 46 7.61 -70.43 -25.66
CA LYS L 46 6.90 -69.84 -24.50
C LYS L 46 7.36 -68.38 -24.32
N THR L 47 8.52 -68.01 -24.90
CA THR L 47 9.00 -66.64 -24.61
C THR L 47 7.93 -65.61 -25.06
N ASN L 48 7.58 -64.65 -24.19
CA ASN L 48 6.73 -63.49 -24.59
C ASN L 48 7.50 -62.17 -24.42
N ILE L 49 8.55 -62.12 -23.58
CA ILE L 49 9.29 -60.88 -23.24
C ILE L 49 10.78 -61.12 -23.44
N ILE L 50 11.44 -60.17 -24.11
CA ILE L 50 12.90 -60.18 -24.42
C ILE L 50 13.49 -58.87 -23.90
N ASN L 51 14.47 -58.97 -23.01
CA ASN L 51 15.27 -57.80 -22.52
C ASN L 51 16.60 -57.83 -23.27
N ARG L 52 16.71 -57.10 -24.37
CA ARG L 52 17.87 -57.16 -25.29
C ARG L 52 19.10 -56.52 -24.63
N ILE L 53 18.93 -55.70 -23.59
CA ILE L 53 20.09 -55.12 -22.83
C ILE L 53 20.75 -56.25 -22.02
N THR L 54 19.98 -57.03 -21.26
CA THR L 54 20.51 -58.16 -20.43
C THR L 54 20.59 -59.46 -21.25
N GLY L 55 20.03 -59.47 -22.46
CA GLY L 55 20.00 -60.66 -23.34
C GLY L 55 19.17 -61.79 -22.77
N LYS L 56 18.27 -61.48 -21.83
CA LYS L 56 17.42 -62.48 -21.12
C LYS L 56 16.09 -62.61 -21.87
N THR L 57 15.53 -63.82 -21.90
CA THR L 57 14.20 -64.14 -22.47
C THR L 57 13.33 -64.73 -21.36
N TYR L 58 12.05 -64.33 -21.30
CA TYR L 58 11.10 -64.73 -20.22
C TYR L 58 9.78 -65.20 -20.84
N ALA L 59 9.11 -66.13 -20.17
CA ALA L 59 7.67 -66.45 -20.33
C ALA L 59 6.93 -65.98 -19.07
N LEU L 60 6.45 -64.73 -19.08
CA LEU L 60 5.75 -64.11 -17.92
C LEU L 60 4.26 -64.46 -17.98
N PRO L 61 3.70 -65.09 -16.91
CA PRO L 61 2.25 -65.13 -16.76
C PRO L 61 1.68 -63.72 -16.57
N SER L 62 0.40 -63.55 -16.90
CA SER L 62 -0.32 -62.25 -16.95
C SER L 62 -0.07 -61.43 -15.68
N THR L 63 -0.07 -62.05 -14.51
CA THR L 63 0.12 -61.35 -13.21
C THR L 63 1.49 -60.65 -13.17
N GLU L 64 2.52 -61.34 -13.68
CA GLU L 64 3.94 -60.90 -13.59
C GLU L 64 4.24 -59.95 -14.76
N LEU L 65 3.54 -60.13 -15.88
CA LEU L 65 3.59 -59.19 -17.02
C LEU L 65 3.11 -57.80 -16.54
N LEU L 66 2.04 -57.72 -15.80
CA LEU L 66 1.53 -56.47 -15.30
C LEU L 66 2.46 -55.80 -14.35
N ARG L 67 3.06 -56.56 -13.48
CA ARG L 67 4.04 -56.04 -12.48
C ARG L 67 5.22 -55.47 -13.25
N LEU L 68 5.67 -56.17 -14.29
CA LEU L 68 6.75 -55.71 -15.19
C LEU L 68 6.35 -54.36 -15.79
N TYR L 69 5.14 -54.27 -16.34
CA TYR L 69 4.60 -53.08 -17.05
C TYR L 69 4.54 -51.87 -16.11
N GLU L 70 4.17 -52.08 -14.84
CA GLU L 70 4.14 -50.99 -13.82
C GLU L 70 5.57 -50.45 -13.63
N HIS L 71 6.56 -51.33 -13.56
CA HIS L 71 7.98 -50.93 -13.37
C HIS L 71 8.49 -50.24 -14.65
N LEU L 72 8.21 -50.81 -15.83
CA LEU L 72 8.67 -50.25 -17.13
C LEU L 72 8.03 -48.88 -17.33
N GLU L 73 6.76 -48.72 -16.96
CA GLU L 73 6.01 -47.44 -17.06
C GLU L 73 6.68 -46.38 -16.18
N GLN L 74 7.05 -46.71 -14.94
CA GLN L 74 7.74 -45.77 -14.02
C GLN L 74 9.09 -45.37 -14.62
N CYS L 75 9.83 -46.36 -15.16
CA CYS L 75 11.13 -46.14 -15.83
C CYS L 75 10.93 -45.25 -17.07
N ARG L 76 9.83 -45.44 -17.81
CA ARG L 76 9.53 -44.67 -19.06
C ARG L 76 9.32 -43.20 -18.71
N LYS L 77 8.50 -42.91 -17.70
CA LYS L 77 8.15 -41.53 -17.24
C LYS L 77 9.41 -40.78 -16.77
N GLN L 78 10.51 -41.48 -16.47
CA GLN L 78 11.79 -40.87 -16.02
C GLN L 78 12.86 -40.98 -17.13
N GLY L 79 12.48 -41.39 -18.33
CA GLY L 79 13.35 -41.40 -19.53
C GLY L 79 14.48 -42.42 -19.45
N ALA L 80 14.29 -43.52 -18.71
CA ALA L 80 15.31 -44.56 -18.51
C ALA L 80 15.51 -45.35 -19.82
N LEU L 81 16.75 -45.71 -20.11
CA LEU L 81 17.16 -46.61 -21.23
C LEU L 81 16.50 -47.98 -21.03
N MET L 82 15.54 -48.33 -21.91
CA MET L 82 14.90 -49.66 -21.97
C MET L 82 15.07 -50.23 -23.38
N TYR L 83 15.28 -51.54 -23.48
CA TYR L 83 15.25 -52.30 -24.75
C TYR L 83 14.48 -53.60 -24.51
N PHE L 84 13.20 -53.49 -24.14
CA PHE L 84 12.25 -54.63 -24.00
C PHE L 84 11.49 -54.83 -25.30
N LEU L 85 11.39 -56.09 -25.74
CA LEU L 85 10.55 -56.52 -26.88
C LEU L 85 9.52 -57.52 -26.36
N GLU L 86 8.33 -57.53 -26.95
CA GLU L 86 7.34 -58.61 -26.75
C GLU L 86 7.29 -59.43 -28.04
N ARG L 87 7.14 -60.75 -27.91
CA ARG L 87 6.99 -61.67 -29.07
C ARG L 87 5.50 -61.76 -29.41
N GLN L 88 5.16 -61.62 -30.69
CA GLN L 88 3.74 -61.53 -31.15
C GLN L 88 3.13 -62.92 -31.06
N GLY L 89 3.91 -63.96 -31.33
CA GLY L 89 3.41 -65.34 -31.40
C GLY L 89 2.32 -65.44 -32.44
N THR L 90 1.38 -66.36 -32.25
CA THR L 90 0.42 -66.82 -33.29
C THR L 90 -0.92 -66.10 -33.16
N TYR L 91 -1.21 -65.47 -32.02
CA TYR L 91 -2.50 -64.81 -31.71
C TYR L 91 -2.26 -63.65 -30.72
N SER L 92 -2.31 -62.41 -31.22
CA SER L 92 -2.04 -61.18 -30.43
C SER L 92 -2.49 -59.94 -31.21
N GLY L 93 -2.34 -58.76 -30.60
CA GLY L 93 -2.68 -57.47 -31.21
C GLY L 93 -1.87 -57.18 -32.46
N LEU L 94 -2.34 -56.25 -33.28
CA LEU L 94 -1.71 -55.91 -34.58
C LEU L 94 -0.76 -54.73 -34.38
N MET L 95 0.42 -54.82 -34.99
CA MET L 95 1.43 -53.74 -35.04
C MET L 95 1.77 -53.51 -36.53
N LEU L 96 1.78 -52.25 -36.96
CA LEU L 96 2.22 -51.83 -38.31
C LEU L 96 3.50 -50.99 -38.16
N ASP L 97 4.61 -51.40 -38.76
CA ASP L 97 5.91 -50.69 -38.72
C ASP L 97 6.12 -49.98 -40.05
N TYR L 98 5.99 -48.65 -40.07
CA TYR L 98 6.25 -47.77 -41.24
C TYR L 98 7.66 -47.16 -41.16
N ASP L 99 8.51 -47.47 -42.15
CA ASP L 99 9.85 -46.86 -42.38
C ASP L 99 9.75 -45.90 -43.56
N LEU L 100 9.69 -44.59 -43.27
CA LEU L 100 9.44 -43.52 -44.26
C LEU L 100 10.76 -42.94 -44.76
N LYS L 101 10.87 -42.75 -46.07
CA LYS L 101 11.84 -41.80 -46.71
C LYS L 101 11.08 -40.48 -47.00
N LEU L 102 11.54 -39.36 -46.44
CA LEU L 102 10.86 -38.04 -46.56
C LEU L 102 11.56 -37.11 -47.57
N ASN L 103 10.77 -36.18 -48.12
CA ASN L 103 11.15 -35.02 -48.99
C ASN L 103 12.24 -34.17 -48.34
N THR L 104 12.20 -34.07 -47.01
CA THR L 104 13.00 -33.13 -46.18
C THR L 104 13.33 -33.80 -44.85
N ASN L 105 14.06 -33.10 -43.99
CA ASN L 105 14.50 -33.52 -42.63
C ASN L 105 13.58 -32.90 -41.58
N ALA L 106 12.42 -32.41 -42.01
CA ALA L 106 11.35 -31.85 -41.15
C ALA L 106 10.38 -32.98 -40.79
N VAL L 107 10.08 -33.15 -39.50
CA VAL L 107 9.00 -34.05 -39.01
C VAL L 107 7.74 -33.72 -39.78
N PRO L 108 7.09 -34.71 -40.45
CA PRO L 108 5.85 -34.46 -41.19
C PRO L 108 4.74 -34.11 -40.20
N PRO L 109 3.74 -33.29 -40.59
CA PRO L 109 2.75 -32.79 -39.64
C PRO L 109 1.95 -33.90 -38.93
N LEU L 110 1.49 -34.93 -39.67
CA LEU L 110 0.73 -36.08 -39.14
C LEU L 110 -0.28 -35.60 -38.08
N GLU L 111 -1.22 -34.74 -38.49
CA GLU L 111 -2.27 -34.17 -37.61
C GLU L 111 -3.42 -35.18 -37.52
N PRO L 112 -4.34 -35.04 -36.53
CA PRO L 112 -5.41 -36.02 -36.33
C PRO L 112 -6.21 -36.45 -37.56
N PRO L 113 -6.61 -35.56 -38.48
CA PRO L 113 -7.38 -35.97 -39.67
C PRO L 113 -6.68 -37.01 -40.56
N ALA L 114 -5.39 -36.85 -40.81
CA ALA L 114 -4.58 -37.82 -41.60
C ALA L 114 -4.53 -39.16 -40.86
N LEU L 115 -4.20 -39.13 -39.56
CA LEU L 115 -4.07 -40.36 -38.74
C LEU L 115 -5.44 -41.04 -38.60
N SER L 116 -6.51 -40.24 -38.46
CA SER L 116 -7.91 -40.72 -38.36
C SER L 116 -8.26 -41.52 -39.63
N ARG L 117 -7.91 -40.98 -40.79
CA ARG L 117 -8.21 -41.63 -42.10
C ARG L 117 -7.41 -42.91 -42.23
N LEU L 118 -6.15 -42.91 -41.79
CA LEU L 118 -5.28 -44.11 -41.73
C LEU L 118 -6.01 -45.22 -40.96
N CYS L 119 -6.53 -44.92 -39.77
CA CYS L 119 -7.26 -45.87 -38.90
C CYS L 119 -8.44 -46.48 -39.68
N HIS L 120 -9.24 -45.65 -40.34
CA HIS L 120 -10.42 -46.08 -41.13
C HIS L 120 -9.95 -47.09 -42.19
N ARG L 121 -8.93 -46.75 -42.97
CA ARG L 121 -8.41 -47.60 -44.07
C ARG L 121 -7.88 -48.92 -43.47
N ILE L 122 -7.09 -48.85 -42.39
CA ILE L 122 -6.55 -50.06 -41.68
C ILE L 122 -7.72 -50.96 -41.30
N PHE L 123 -8.82 -50.37 -40.83
CA PHE L 123 -10.02 -51.09 -40.33
C PHE L 123 -10.72 -51.79 -41.50
N VAL L 124 -10.86 -51.10 -42.64
CA VAL L 124 -11.49 -51.67 -43.85
C VAL L 124 -10.81 -53.00 -44.19
N HIS L 125 -9.49 -53.10 -44.06
CA HIS L 125 -8.72 -54.33 -44.37
C HIS L 125 -8.96 -55.40 -43.30
N ILE L 126 -9.00 -54.99 -42.02
CA ILE L 126 -9.35 -55.88 -40.88
C ILE L 126 -10.74 -56.48 -41.12
N LYS L 127 -11.73 -55.64 -41.39
CA LYS L 127 -13.13 -56.05 -41.67
C LYS L 127 -13.17 -57.03 -42.85
N ASN L 128 -12.39 -56.75 -43.91
CA ASN L 128 -12.37 -57.53 -45.17
C ASN L 128 -11.75 -58.91 -44.95
N SER L 129 -10.99 -59.09 -43.86
CA SER L 129 -10.38 -60.39 -43.44
C SER L 129 -11.46 -61.36 -42.94
N SER L 130 -12.63 -60.84 -42.55
CA SER L 130 -13.87 -61.57 -42.17
C SER L 130 -13.78 -62.15 -40.75
N VAL L 131 -12.80 -61.79 -39.93
CA VAL L 131 -12.48 -62.49 -38.65
C VAL L 131 -13.05 -61.73 -37.45
N LEU L 132 -13.62 -60.54 -37.65
CA LEU L 132 -14.15 -59.73 -36.52
C LEU L 132 -15.37 -60.45 -35.94
N PRO L 133 -15.53 -60.44 -34.60
CA PRO L 133 -16.73 -61.01 -33.98
C PRO L 133 -17.94 -60.12 -34.24
N GLU L 134 -19.15 -60.71 -34.25
CA GLU L 134 -20.43 -59.96 -34.37
C GLU L 134 -20.62 -59.14 -33.10
N GLY L 135 -21.44 -58.08 -33.15
CA GLY L 135 -21.80 -57.25 -32.00
C GLY L 135 -21.09 -55.91 -32.06
N SER L 136 -21.15 -55.14 -30.96
CA SER L 136 -20.53 -53.81 -30.81
C SER L 136 -19.22 -53.94 -30.03
N HIS L 137 -18.12 -53.40 -30.56
CA HIS L 137 -16.76 -53.50 -29.97
C HIS L 137 -15.98 -52.21 -30.19
N LYS L 138 -15.29 -51.74 -29.14
CA LYS L 138 -14.25 -50.67 -29.20
C LYS L 138 -12.91 -51.32 -29.54
N ILE L 139 -12.18 -50.76 -30.51
CA ILE L 139 -10.74 -51.07 -30.72
C ILE L 139 -9.96 -49.75 -30.73
N HIS L 140 -8.81 -49.74 -30.06
CA HIS L 140 -7.93 -48.55 -29.91
C HIS L 140 -6.73 -48.66 -30.86
N PHE L 141 -6.47 -47.57 -31.59
CA PHE L 141 -5.26 -47.34 -32.43
C PHE L 141 -4.35 -46.33 -31.70
N PHE L 142 -3.06 -46.63 -31.64
CA PHE L 142 -2.03 -45.74 -31.06
C PHE L 142 -0.95 -45.53 -32.12
N PHE L 143 -0.57 -44.27 -32.35
CA PHE L 143 0.52 -43.86 -33.26
C PHE L 143 1.68 -43.34 -32.42
N THR L 144 2.79 -44.09 -32.43
CA THR L 144 4.06 -43.69 -31.80
C THR L 144 5.01 -43.31 -32.93
N LEU L 145 5.71 -42.18 -32.79
CA LEU L 145 6.51 -41.58 -33.88
C LEU L 145 7.99 -41.52 -33.47
N LYS L 146 8.89 -41.83 -34.41
CA LYS L 146 10.34 -41.51 -34.33
C LYS L 146 10.49 -40.06 -33.89
N PRO L 147 11.29 -39.75 -32.85
CA PRO L 147 11.33 -38.41 -32.29
C PRO L 147 11.86 -37.34 -33.27
N GLU L 148 12.79 -37.71 -34.16
CA GLU L 148 13.36 -36.79 -35.19
C GLU L 148 13.60 -37.53 -36.51
N VAL L 149 13.66 -36.79 -37.63
CA VAL L 149 14.10 -37.30 -38.95
C VAL L 149 15.64 -37.29 -38.94
N VAL L 150 16.25 -38.37 -39.43
CA VAL L 150 17.72 -38.50 -39.60
C VAL L 150 17.96 -38.81 -41.07
N GLN L 151 18.57 -37.87 -41.80
CA GLN L 151 18.89 -37.99 -43.25
C GLN L 151 17.62 -38.37 -44.02
N GLY L 152 16.49 -37.73 -43.72
CA GLY L 152 15.22 -37.93 -44.43
C GLY L 152 14.53 -39.24 -44.04
N LYS L 153 15.15 -40.05 -43.19
CA LYS L 153 14.56 -41.33 -42.69
C LYS L 153 13.64 -41.01 -41.51
N TYR L 154 12.38 -41.46 -41.57
CA TYR L 154 11.38 -41.23 -40.50
C TYR L 154 10.57 -42.52 -40.29
N GLY L 155 9.84 -42.58 -39.18
CA GLY L 155 9.11 -43.81 -38.78
C GLY L 155 7.93 -43.53 -37.89
N PHE L 156 6.92 -44.38 -38.00
CA PHE L 156 5.88 -44.53 -36.97
C PHE L 156 5.46 -45.99 -36.87
N HIS L 157 5.05 -46.35 -35.65
CA HIS L 157 4.30 -47.59 -35.34
C HIS L 157 2.82 -47.25 -35.21
N VAL L 158 1.96 -48.07 -35.81
CA VAL L 158 0.50 -48.15 -35.50
C VAL L 158 0.29 -49.41 -34.66
N LEU L 159 -0.12 -49.23 -33.41
CA LEU L 159 -0.42 -50.34 -32.48
C LEU L 159 -1.94 -50.45 -32.37
N ILE L 160 -2.48 -51.64 -32.65
CA ILE L 160 -3.89 -52.04 -32.33
C ILE L 160 -3.82 -53.21 -31.37
N PRO L 161 -3.38 -52.96 -30.11
CA PRO L 161 -3.03 -54.04 -29.18
C PRO L 161 -4.19 -54.93 -28.74
N GLY L 162 -5.40 -54.39 -28.64
CA GLY L 162 -6.62 -55.08 -28.16
C GLY L 162 -7.22 -56.05 -29.16
N LEU L 163 -7.00 -55.83 -30.46
CA LEU L 163 -7.60 -56.63 -31.56
C LEU L 163 -6.76 -57.90 -31.77
N LYS L 164 -7.16 -58.98 -31.13
CA LYS L 164 -6.38 -60.24 -31.10
C LYS L 164 -6.60 -60.99 -32.41
N LEU L 165 -5.55 -61.07 -33.23
CA LEU L 165 -5.57 -61.61 -34.62
C LEU L 165 -4.59 -62.79 -34.75
N ALA L 166 -4.93 -63.76 -35.61
CA ALA L 166 -4.02 -64.85 -36.01
C ALA L 166 -2.88 -64.21 -36.79
N ALA L 167 -1.66 -64.75 -36.67
CA ALA L 167 -0.46 -64.27 -37.40
C ALA L 167 -0.76 -64.23 -38.90
N SER L 168 -1.36 -65.29 -39.44
CA SER L 168 -1.72 -65.42 -40.87
C SER L 168 -2.66 -64.29 -41.30
N THR L 169 -3.61 -63.89 -40.45
CA THR L 169 -4.57 -62.78 -40.75
C THR L 169 -3.81 -61.43 -40.77
N LYS L 170 -2.90 -61.22 -39.81
CA LYS L 170 -2.05 -60.00 -39.75
C LYS L 170 -1.28 -59.85 -41.07
N LYS L 171 -0.65 -60.93 -41.53
CA LYS L 171 0.15 -60.97 -42.78
C LYS L 171 -0.74 -60.57 -43.96
N SER L 172 -1.93 -61.16 -44.03
CA SER L 172 -2.96 -60.86 -45.06
C SER L 172 -3.32 -59.37 -45.01
N ILE L 173 -3.65 -58.83 -43.82
CA ILE L 173 -4.04 -57.40 -43.62
C ILE L 173 -2.89 -56.50 -44.07
N ILE L 174 -1.65 -56.84 -43.67
CA ILE L 174 -0.44 -56.07 -44.04
C ILE L 174 -0.26 -56.07 -45.57
N GLY L 175 -0.40 -57.23 -46.23
CA GLY L 175 -0.34 -57.35 -47.69
C GLY L 175 -1.27 -56.37 -48.39
N SER L 176 -2.54 -56.36 -47.97
CA SER L 176 -3.60 -55.46 -48.48
C SER L 176 -3.24 -53.99 -48.24
N LEU L 177 -2.71 -53.67 -47.05
CA LEU L 177 -2.41 -52.27 -46.63
C LEU L 177 -1.31 -51.67 -47.51
N GLN L 178 -0.34 -52.50 -47.93
CA GLN L 178 0.80 -52.06 -48.77
C GLN L 178 0.27 -51.46 -50.09
N HIS L 179 -0.82 -52.01 -50.63
CA HIS L 179 -1.39 -51.68 -51.97
C HIS L 179 -2.55 -50.68 -51.87
N ASP L 180 -2.84 -50.13 -50.69
CA ASP L 180 -3.99 -49.21 -50.47
C ASP L 180 -3.67 -47.83 -51.03
N ALA L 181 -4.40 -47.42 -52.07
CA ALA L 181 -4.22 -46.15 -52.83
C ALA L 181 -4.48 -44.94 -51.92
N THR L 182 -5.49 -45.00 -51.04
CA THR L 182 -5.84 -43.89 -50.11
C THR L 182 -4.70 -43.70 -49.10
N VAL L 183 -4.14 -44.79 -48.57
CA VAL L 183 -3.00 -44.75 -47.59
C VAL L 183 -1.79 -44.13 -48.29
N GLN L 184 -1.54 -44.54 -49.53
CA GLN L 184 -0.38 -44.07 -50.34
C GLN L 184 -0.52 -42.56 -50.58
N LYS L 185 -1.73 -42.10 -50.88
CA LYS L 185 -2.06 -40.65 -51.03
C LYS L 185 -1.72 -39.92 -49.74
N ILE L 186 -2.30 -40.33 -48.61
CA ILE L 186 -2.09 -39.69 -47.27
C ILE L 186 -0.59 -39.53 -47.04
N LEU L 187 0.17 -40.61 -47.24
CA LEU L 187 1.62 -40.64 -46.96
C LEU L 187 2.35 -39.70 -47.91
N HIS L 188 1.95 -39.69 -49.19
CA HIS L 188 2.50 -38.80 -50.24
C HIS L 188 2.31 -37.34 -49.82
N GLU L 189 1.13 -36.96 -49.35
CA GLU L 189 0.79 -35.56 -48.96
C GLU L 189 1.55 -35.18 -47.68
N GLN L 190 2.09 -36.16 -46.95
CA GLN L 190 2.93 -35.93 -45.74
C GLN L 190 4.39 -35.72 -46.15
N GLY L 191 4.74 -35.99 -47.42
CA GLY L 191 6.10 -35.83 -47.99
C GLY L 191 6.85 -37.15 -48.08
N VAL L 192 6.15 -38.30 -48.04
CA VAL L 192 6.78 -39.65 -48.10
C VAL L 192 7.04 -39.97 -49.57
N THR L 193 8.29 -40.32 -49.90
CA THR L 193 8.76 -40.64 -51.28
C THR L 193 8.74 -42.16 -51.52
N ASN L 194 8.49 -42.99 -50.49
CA ASN L 194 8.38 -44.47 -50.62
C ASN L 194 7.02 -44.96 -50.11
N PRO L 195 5.90 -44.38 -50.55
CA PRO L 195 4.58 -44.75 -50.03
C PRO L 195 4.16 -46.19 -50.40
N GLU L 196 4.80 -46.78 -51.41
CA GLU L 196 4.47 -48.14 -51.92
C GLU L 196 5.20 -49.22 -51.12
N SER L 197 6.30 -48.86 -50.42
CA SER L 197 7.27 -49.84 -49.85
C SER L 197 7.75 -49.42 -48.46
N CYS L 198 6.97 -48.62 -47.73
CA CYS L 198 7.35 -48.10 -46.38
C CYS L 198 6.81 -49.01 -45.28
N LEU L 199 5.75 -49.79 -45.53
CA LEU L 199 5.17 -50.72 -44.52
C LEU L 199 5.97 -52.03 -44.51
N ASP L 200 6.64 -52.34 -43.39
CA ASP L 200 7.42 -53.60 -43.21
C ASP L 200 6.48 -54.80 -43.34
N PRO L 201 6.62 -55.64 -44.39
CA PRO L 201 5.75 -56.81 -44.59
C PRO L 201 5.91 -57.89 -43.51
N HIS L 202 6.93 -57.80 -42.66
CA HIS L 202 7.22 -58.72 -41.52
C HIS L 202 6.67 -58.14 -40.21
N SER L 203 5.96 -57.01 -40.27
CA SER L 203 5.26 -56.35 -39.13
C SER L 203 4.49 -57.38 -38.29
N ALA L 204 3.97 -58.45 -38.91
CA ALA L 204 3.15 -59.51 -38.28
C ALA L 204 3.99 -60.42 -37.37
N SER L 205 5.28 -60.61 -37.68
CA SER L 205 6.13 -61.67 -37.09
C SER L 205 7.25 -61.09 -36.21
N VAL L 206 7.75 -59.89 -36.49
CA VAL L 206 8.91 -59.30 -35.75
C VAL L 206 8.52 -59.14 -34.29
N PRO L 207 9.45 -59.33 -33.34
CA PRO L 207 9.25 -58.90 -31.96
C PRO L 207 9.04 -57.39 -31.95
N SER L 208 8.16 -56.89 -31.09
CA SER L 208 7.65 -55.50 -31.10
C SER L 208 8.14 -54.81 -29.84
N LEU L 209 8.76 -53.64 -29.99
CA LEU L 209 9.30 -52.85 -28.85
C LEU L 209 8.16 -52.49 -27.91
N LEU L 210 8.36 -52.66 -26.61
CA LEU L 210 7.42 -52.12 -25.60
C LEU L 210 7.54 -50.60 -25.65
N TYR L 211 6.45 -49.89 -25.35
CA TYR L 211 6.45 -48.41 -25.32
C TYR L 211 7.55 -47.96 -24.34
N GLY L 212 8.40 -47.03 -24.77
CA GLY L 212 9.53 -46.51 -23.97
C GLY L 212 10.83 -47.21 -24.29
N SER L 213 10.79 -48.29 -25.07
CA SER L 213 11.99 -49.09 -25.45
C SER L 213 12.42 -48.75 -26.88
N SER L 214 13.67 -49.06 -27.23
CA SER L 214 14.27 -48.84 -28.57
C SER L 214 15.53 -49.68 -28.73
N LYS L 215 15.94 -49.94 -29.98
CA LYS L 215 17.30 -50.42 -30.31
C LYS L 215 18.29 -49.48 -29.63
N LEU L 216 19.49 -49.97 -29.32
CA LEU L 216 20.45 -49.24 -28.45
C LEU L 216 21.01 -48.03 -29.21
N ASN L 217 20.91 -48.04 -30.55
CA ASN L 217 21.42 -46.97 -31.44
C ASN L 217 20.34 -45.92 -31.74
N HIS L 218 19.09 -46.15 -31.34
CA HIS L 218 17.92 -45.28 -31.65
C HIS L 218 17.33 -44.72 -30.36
N LYS L 219 16.43 -43.74 -30.45
CA LYS L 219 15.66 -43.21 -29.28
C LYS L 219 14.25 -43.77 -29.36
N PRO L 220 13.54 -43.91 -28.23
CA PRO L 220 12.21 -44.51 -28.23
C PRO L 220 11.19 -43.63 -28.95
N TYR L 221 10.29 -44.27 -29.71
CA TYR L 221 9.11 -43.64 -30.34
C TYR L 221 8.24 -43.05 -29.23
N GLN L 222 7.62 -41.89 -29.53
CA GLN L 222 6.76 -41.12 -28.58
C GLN L 222 5.31 -41.22 -29.04
N LEU L 223 4.39 -41.46 -28.11
CA LEU L 223 2.93 -41.55 -28.39
C LEU L 223 2.45 -40.13 -28.73
N LYS L 224 1.97 -39.93 -29.95
CA LYS L 224 1.46 -38.61 -30.41
C LYS L 224 -0.06 -38.57 -30.19
N THR L 225 -0.77 -39.55 -30.72
CA THR L 225 -2.26 -39.57 -30.77
C THR L 225 -2.75 -41.02 -30.70
N GLY L 226 -3.83 -41.25 -29.94
CA GLY L 226 -4.59 -42.52 -29.96
C GLY L 226 -6.04 -42.29 -30.32
N PHE L 227 -6.66 -43.28 -30.96
CA PHE L 227 -8.06 -43.21 -31.44
C PHE L 227 -8.86 -44.42 -30.95
N GLU L 228 -10.12 -44.16 -30.64
CA GLU L 228 -11.14 -45.19 -30.30
C GLU L 228 -12.04 -45.38 -31.54
N LEU L 229 -12.02 -46.57 -32.13
CA LEU L 229 -12.92 -46.98 -33.24
C LEU L 229 -13.95 -47.94 -32.65
N VAL L 230 -15.25 -47.63 -32.79
CA VAL L 230 -16.37 -48.55 -32.44
C VAL L 230 -16.91 -49.11 -33.75
N PHE L 231 -17.00 -50.44 -33.86
CA PHE L 231 -17.71 -51.12 -34.97
C PHE L 231 -18.91 -51.87 -34.39
N ASP L 232 -19.98 -51.95 -35.20
CA ASP L 232 -21.24 -52.65 -34.85
C ASP L 232 -21.69 -53.43 -36.08
N SER L 233 -21.74 -54.76 -36.00
CA SER L 233 -22.09 -55.68 -37.12
C SER L 233 -23.50 -55.37 -37.64
N SER L 234 -24.39 -54.91 -36.76
CA SER L 234 -25.80 -54.58 -37.08
C SER L 234 -25.88 -53.28 -37.90
N ASP L 235 -24.89 -52.39 -37.71
CA ASP L 235 -24.84 -51.02 -38.31
C ASP L 235 -23.47 -50.80 -38.93
N PRO L 236 -23.11 -51.56 -39.99
CA PRO L 236 -21.72 -51.63 -40.47
C PRO L 236 -21.19 -50.34 -41.10
N ASP L 237 -22.08 -49.43 -41.49
CA ASP L 237 -21.71 -48.16 -42.18
C ASP L 237 -21.39 -47.09 -41.14
N TYR L 238 -21.67 -47.32 -39.86
CA TYR L 238 -21.34 -46.36 -38.77
C TYR L 238 -20.05 -46.81 -38.09
N ILE L 239 -18.95 -46.10 -38.36
CA ILE L 239 -17.58 -46.44 -37.87
C ILE L 239 -16.98 -45.20 -37.23
N PRO L 240 -17.49 -44.79 -36.05
CA PRO L 240 -17.01 -43.58 -35.38
C PRO L 240 -15.56 -43.77 -34.90
N ILE L 241 -14.71 -42.81 -35.24
CA ILE L 241 -13.29 -42.72 -34.80
C ILE L 241 -13.14 -41.37 -34.10
N HIS L 242 -12.73 -41.40 -32.83
CA HIS L 242 -12.48 -40.21 -31.97
C HIS L 242 -11.12 -40.36 -31.27
N GLN L 243 -10.38 -39.27 -31.17
CA GLN L 243 -9.17 -39.15 -30.33
C GLN L 243 -9.52 -39.60 -28.90
N ILE L 244 -8.63 -40.38 -28.28
CA ILE L 244 -8.65 -40.69 -26.83
C ILE L 244 -8.05 -39.49 -26.09
N LYS L 245 -8.71 -38.97 -25.06
CA LYS L 245 -8.38 -37.62 -24.49
C LYS L 245 -7.49 -37.74 -23.25
N ASN L 246 -7.70 -38.76 -22.40
CA ASN L 246 -7.02 -38.89 -21.09
C ASN L 246 -6.00 -40.06 -21.15
N LEU L 247 -5.13 -40.06 -22.16
CA LEU L 247 -4.11 -41.11 -22.39
C LEU L 247 -3.16 -41.21 -21.19
N GLU L 248 -2.71 -40.07 -20.67
CA GLU L 248 -1.77 -39.93 -19.51
C GLU L 248 -2.31 -40.65 -18.27
N SER L 249 -3.63 -40.83 -18.16
CA SER L 249 -4.33 -41.46 -17.01
C SER L 249 -4.01 -42.96 -16.91
N TYR L 250 -3.52 -43.58 -17.99
CA TYR L 250 -3.36 -45.05 -18.08
C TYR L 250 -1.88 -45.40 -18.01
N ASN L 251 -1.58 -46.66 -17.72
CA ASN L 251 -0.22 -47.25 -17.87
C ASN L 251 -0.02 -47.56 -19.36
N LEU L 252 0.72 -46.73 -20.07
CA LEU L 252 0.85 -46.80 -21.55
C LEU L 252 1.66 -48.04 -21.98
N VAL L 253 2.70 -48.44 -21.25
CA VAL L 253 3.44 -49.70 -21.57
C VAL L 253 2.40 -50.83 -21.61
N SER L 254 1.58 -50.90 -20.56
CA SER L 254 0.46 -51.87 -20.37
C SER L 254 -0.53 -51.81 -21.55
N GLU L 255 -1.16 -50.66 -21.78
CA GLU L 255 -2.27 -50.51 -22.75
C GLU L 255 -1.78 -50.81 -24.17
N LEU L 256 -0.56 -50.38 -24.53
CA LEU L 256 -0.01 -50.47 -25.90
C LEU L 256 0.53 -51.89 -26.21
N SER L 257 0.71 -52.74 -25.19
CA SER L 257 1.26 -54.11 -25.34
C SER L 257 0.32 -54.99 -26.18
N LEU L 258 0.83 -55.57 -27.26
CA LEU L 258 0.08 -56.45 -28.20
C LEU L 258 -0.36 -57.74 -27.50
N THR L 259 0.37 -58.19 -26.47
CA THR L 259 0.16 -59.53 -25.83
C THR L 259 -0.62 -59.37 -24.52
N ASN L 260 -0.77 -58.16 -23.98
CA ASN L 260 -1.55 -57.87 -22.74
C ASN L 260 -3.04 -58.14 -23.00
N GLU L 261 -3.74 -58.68 -22.00
CA GLU L 261 -5.20 -58.95 -22.03
C GLU L 261 -5.88 -58.33 -20.80
N GLN L 262 -5.12 -57.61 -19.96
CA GLN L 262 -5.58 -57.10 -18.65
C GLN L 262 -5.32 -55.58 -18.58
N GLY L 263 -5.33 -54.90 -19.73
CA GLY L 263 -5.38 -53.43 -19.80
C GLY L 263 -6.70 -52.89 -19.27
N SER L 264 -6.74 -51.61 -18.88
CA SER L 264 -7.95 -50.90 -18.37
C SER L 264 -8.65 -50.20 -19.54
N LEU L 265 -7.91 -49.38 -20.30
CA LEU L 265 -8.42 -48.72 -21.53
C LEU L 265 -8.67 -49.79 -22.60
N VAL L 266 -7.65 -50.59 -22.87
CA VAL L 266 -7.64 -51.59 -23.98
C VAL L 266 -8.17 -52.91 -23.44
N ARG L 267 -9.41 -53.27 -23.82
CA ARG L 267 -10.06 -54.56 -23.49
C ARG L 267 -10.01 -55.42 -24.75
N PRO L 268 -9.57 -56.69 -24.65
CA PRO L 268 -9.40 -57.51 -25.85
C PRO L 268 -10.71 -57.73 -26.61
N VAL L 269 -10.63 -57.70 -27.95
CA VAL L 269 -11.69 -58.27 -28.83
C VAL L 269 -11.02 -59.39 -29.63
N TYR L 270 -11.58 -60.60 -29.47
CA TYR L 270 -11.04 -61.88 -29.97
C TYR L 270 -11.61 -62.13 -31.37
N CYS L 271 -10.72 -62.10 -32.36
CA CYS L 271 -11.04 -62.44 -33.77
C CYS L 271 -10.94 -63.95 -33.95
N ALA L 272 -11.67 -64.49 -34.94
CA ALA L 272 -11.61 -65.91 -35.36
C ALA L 272 -10.17 -66.25 -35.77
N ALA L 273 -9.67 -67.40 -35.33
CA ALA L 273 -8.31 -67.92 -35.68
C ALA L 273 -8.35 -68.61 -37.04
N MET L 294 20.60 -58.80 -28.87
CA MET L 294 21.87 -59.19 -29.46
C MET L 294 23.03 -58.67 -28.63
N LEU L 295 24.22 -59.21 -28.88
CA LEU L 295 25.42 -58.84 -28.11
C LEU L 295 25.94 -57.50 -28.62
N HIS L 296 25.52 -56.43 -27.95
CA HIS L 296 26.06 -55.09 -28.22
C HIS L 296 26.82 -54.53 -27.03
N ASP L 297 26.17 -54.41 -25.87
CA ASP L 297 26.73 -53.92 -24.61
C ASP L 297 27.49 -52.60 -24.76
N PRO L 298 26.80 -51.47 -24.99
CA PRO L 298 27.51 -50.18 -25.06
C PRO L 298 28.08 -49.77 -23.72
N GLU L 299 27.22 -49.77 -22.69
CA GLU L 299 27.60 -49.54 -21.29
C GLU L 299 28.27 -48.18 -21.08
N ALA L 300 27.94 -47.21 -21.93
CA ALA L 300 28.40 -45.81 -21.83
C ALA L 300 29.92 -45.69 -21.85
N ARG L 301 30.61 -46.62 -22.51
CA ARG L 301 32.06 -46.53 -22.64
C ARG L 301 32.47 -47.06 -24.01
N TYR L 302 33.53 -46.47 -24.55
CA TYR L 302 34.13 -46.84 -25.85
C TYR L 302 33.14 -46.74 -27.01
N LEU L 303 32.07 -45.94 -26.86
CA LEU L 303 31.19 -45.69 -27.99
C LEU L 303 31.86 -44.83 -29.04
N HIS L 304 32.77 -43.95 -28.60
CA HIS L 304 33.54 -43.13 -29.54
C HIS L 304 34.43 -43.98 -30.43
N LYS L 305 34.95 -45.09 -29.90
CA LYS L 305 35.77 -46.00 -30.71
C LYS L 305 34.95 -46.63 -31.83
N ILE L 306 33.71 -47.05 -31.53
CA ILE L 306 32.83 -47.58 -32.55
C ILE L 306 32.42 -46.49 -33.52
N LEU L 307 32.27 -45.25 -33.03
CA LEU L 307 31.87 -44.14 -33.90
C LEU L 307 32.96 -43.79 -34.90
N ASN L 308 34.22 -43.74 -34.47
CA ASN L 308 35.30 -43.36 -35.37
C ASN L 308 36.00 -44.55 -36.01
N LEU L 309 35.57 -45.78 -35.73
CA LEU L 309 36.12 -46.93 -36.43
C LEU L 309 35.56 -47.10 -37.84
N LEU L 310 34.49 -46.39 -38.18
CA LEU L 310 33.89 -46.39 -39.51
C LEU L 310 34.56 -45.46 -40.55
N PRO L 311 35.01 -44.24 -40.21
CA PRO L 311 35.65 -43.38 -41.25
C PRO L 311 36.89 -43.97 -41.90
N PRO L 312 37.66 -44.86 -41.26
CA PRO L 312 38.68 -45.60 -42.04
C PRO L 312 38.07 -46.42 -43.16
N GLU L 313 38.76 -46.42 -44.31
CA GLU L 313 38.35 -47.14 -45.51
C GLU L 313 39.09 -48.46 -45.65
N TYR L 314 39.32 -49.14 -44.53
CA TYR L 314 40.14 -50.34 -44.47
C TYR L 314 39.28 -51.60 -44.39
N TYR L 315 38.21 -51.64 -45.18
CA TYR L 315 37.19 -52.70 -45.06
C TYR L 315 37.76 -54.10 -45.27
N VAL L 316 38.76 -54.23 -46.13
CA VAL L 316 39.48 -55.49 -46.32
C VAL L 316 40.81 -55.41 -45.58
N GLU L 317 41.10 -56.42 -44.76
CA GLU L 317 42.31 -56.46 -43.95
C GLU L 317 42.99 -57.81 -44.16
N TYR L 318 43.82 -57.92 -45.20
CA TYR L 318 44.64 -59.11 -45.33
C TYR L 318 45.92 -59.01 -44.50
N PRO L 319 46.72 -57.89 -44.55
CA PRO L 319 47.83 -57.79 -43.58
C PRO L 319 47.53 -56.92 -42.37
N LEU L 320 46.39 -56.22 -42.37
CA LEU L 320 46.13 -55.17 -41.40
C LEU L 320 45.14 -55.57 -40.32
N TRP L 321 44.62 -56.79 -40.35
CA TRP L 321 43.77 -57.25 -39.25
C TRP L 321 44.57 -57.42 -37.97
N SER L 322 45.84 -57.82 -38.08
CA SER L 322 46.70 -57.95 -36.91
C SER L 322 46.93 -56.59 -36.25
N ASN L 323 47.10 -55.54 -37.05
CA ASN L 323 47.36 -54.21 -36.52
C ASN L 323 46.19 -53.73 -35.67
N VAL L 324 44.97 -53.81 -36.21
CA VAL L 324 43.81 -53.33 -35.46
C VAL L 324 43.49 -54.25 -34.29
N VAL L 325 43.74 -55.57 -34.43
CA VAL L 325 43.43 -56.47 -33.32
C VAL L 325 44.40 -56.25 -32.16
N PHE L 326 45.68 -55.98 -32.45
CA PHE L 326 46.58 -55.61 -31.35
C PHE L 326 46.32 -54.20 -30.86
N ALA L 327 45.72 -53.34 -31.70
CA ALA L 327 45.35 -52.00 -31.25
C ALA L 327 44.24 -52.05 -30.21
N LEU L 328 43.17 -52.78 -30.48
CA LEU L 328 42.04 -52.83 -29.58
C LEU L 328 42.02 -54.06 -28.69
N ALA L 329 43.12 -54.82 -28.63
CA ALA L 329 43.24 -55.91 -27.67
C ALA L 329 43.37 -55.43 -26.23
N ASN L 330 43.61 -54.14 -26.00
CA ASN L 330 43.65 -53.62 -24.64
C ASN L 330 42.28 -53.69 -23.97
N THR L 331 41.21 -53.64 -24.76
CA THR L 331 39.87 -53.80 -24.22
C THR L 331 39.62 -55.25 -23.82
N SER L 332 39.04 -55.46 -22.64
CA SER L 332 38.75 -56.81 -22.19
C SER L 332 37.59 -57.43 -22.98
N ALA L 333 36.72 -56.61 -23.55
CA ALA L 333 35.59 -57.06 -24.35
C ALA L 333 35.81 -56.76 -25.83
N ASN L 334 37.04 -56.98 -26.31
CA ASN L 334 37.42 -56.62 -27.67
C ASN L 334 36.71 -57.44 -28.73
N TYR L 335 36.13 -58.58 -28.36
CA TYR L 335 35.49 -59.46 -29.33
C TYR L 335 34.25 -58.81 -29.93
N ARG L 336 33.55 -57.95 -29.19
CA ARG L 336 32.43 -57.25 -29.79
C ARG L 336 32.86 -56.23 -30.85
N PRO L 337 33.88 -55.37 -30.63
CA PRO L 337 34.39 -54.60 -31.78
C PRO L 337 34.96 -55.46 -32.90
N LEU L 338 35.52 -56.63 -32.59
CA LEU L 338 35.96 -57.54 -33.64
C LEU L 338 34.78 -58.00 -34.51
N ALA L 339 33.71 -58.44 -33.85
CA ALA L 339 32.52 -58.88 -34.58
C ALA L 339 31.84 -57.72 -35.29
N GLU L 340 32.00 -56.50 -34.78
CA GLU L 340 31.50 -55.33 -35.50
C GLU L 340 32.32 -55.07 -36.76
N TRP L 341 33.65 -55.22 -36.68
CA TRP L 341 34.49 -54.79 -37.79
C TRP L 341 34.56 -55.84 -38.90
N PHE L 342 34.85 -57.11 -38.59
CA PHE L 342 34.88 -58.13 -39.63
C PHE L 342 33.52 -58.77 -39.89
N SER L 343 32.43 -58.02 -39.73
CA SER L 343 31.13 -58.42 -40.25
C SER L 343 30.90 -57.91 -41.67
N GLN L 344 31.81 -57.12 -42.21
CA GLN L 344 31.65 -56.53 -43.53
C GLN L 344 31.92 -57.54 -44.64
N THR L 352 34.17 -57.46 -47.86
CA THR L 352 33.75 -58.54 -48.73
C THR L 352 34.11 -59.90 -48.12
N GLY L 353 33.10 -60.60 -47.61
CA GLY L 353 33.31 -61.90 -47.00
C GLY L 353 33.98 -61.81 -45.65
N GLY L 354 35.23 -62.28 -45.57
CA GLY L 354 35.97 -62.25 -44.33
C GLY L 354 35.57 -63.34 -43.37
N LYS L 355 34.36 -63.21 -42.79
CA LYS L 355 33.76 -64.17 -41.86
C LYS L 355 34.66 -64.40 -40.65
N GLU L 356 34.91 -63.31 -39.92
CA GLU L 356 35.80 -63.28 -38.75
C GLU L 356 37.20 -63.78 -39.10
N LYS L 357 37.70 -63.34 -40.26
CA LYS L 357 38.99 -63.77 -40.83
C LYS L 357 39.05 -65.29 -40.96
N LEU L 358 38.01 -65.86 -41.56
CA LEU L 358 37.79 -67.30 -41.67
C LEU L 358 37.83 -67.96 -40.28
N GLU L 359 37.14 -67.31 -39.34
CA GLU L 359 37.02 -67.76 -37.95
C GLU L 359 38.38 -67.93 -37.28
N LYS L 360 39.23 -66.91 -37.42
CA LYS L 360 40.51 -66.91 -36.72
C LYS L 360 40.31 -66.80 -35.21
N LEU L 361 39.43 -65.89 -34.80
CA LEU L 361 39.02 -65.68 -33.40
C LEU L 361 40.23 -65.37 -32.50
N TRP L 362 40.93 -64.28 -32.86
CA TRP L 362 42.19 -63.85 -32.24
C TRP L 362 43.18 -65.01 -32.30
N ASN L 363 43.33 -65.56 -33.52
CA ASN L 363 44.20 -66.70 -33.81
C ASN L 363 43.96 -67.87 -32.86
N ASP L 364 42.68 -68.17 -32.64
CA ASP L 364 42.20 -69.13 -31.64
C ASP L 364 42.69 -68.76 -30.23
N ALA L 365 42.37 -67.52 -29.84
CA ALA L 365 42.54 -66.98 -28.48
C ALA L 365 44.01 -67.03 -28.05
N SER L 366 44.82 -66.24 -28.74
CA SER L 366 46.23 -66.12 -28.39
C SER L 366 46.41 -65.38 -27.07
N HIS L 367 47.57 -65.58 -26.45
CA HIS L 367 47.91 -64.96 -25.18
C HIS L 367 48.38 -63.53 -25.43
N HIS L 368 48.92 -62.89 -24.39
CA HIS L 368 49.40 -61.52 -24.53
C HIS L 368 50.71 -61.49 -25.33
N THR L 369 50.98 -60.34 -25.94
CA THR L 369 52.14 -60.17 -26.79
C THR L 369 52.95 -58.95 -26.37
N GLU L 370 53.90 -58.55 -27.21
CA GLU L 370 54.70 -57.37 -26.95
C GLU L 370 53.86 -56.10 -27.06
N LYS L 371 54.44 -54.97 -26.66
CA LYS L 371 53.73 -53.71 -26.68
C LYS L 371 53.58 -53.20 -28.11
N LYS L 372 52.52 -53.66 -28.79
CA LYS L 372 52.21 -53.25 -30.15
C LYS L 372 51.50 -51.90 -30.16
N ILE L 373 50.89 -51.56 -31.30
CA ILE L 373 50.20 -50.28 -31.41
C ILE L 373 49.00 -50.22 -30.45
N THR L 374 48.75 -49.03 -29.93
CA THR L 374 47.78 -48.80 -28.88
C THR L 374 46.50 -48.18 -29.44
N LYS L 375 45.63 -47.72 -28.54
CA LYS L 375 44.41 -47.01 -28.95
C LYS L 375 44.74 -45.73 -29.69
N ARG L 376 45.82 -45.05 -29.28
CA ARG L 376 46.22 -43.77 -29.89
C ARG L 376 46.58 -43.90 -31.35
N SER L 377 46.81 -45.13 -31.83
CA SER L 377 47.10 -45.33 -33.25
C SER L 377 45.86 -45.17 -34.11
N ILE L 378 44.66 -45.54 -33.61
CA ILE L 378 43.48 -45.63 -34.48
C ILE L 378 43.08 -44.26 -35.01
N MET L 379 43.16 -43.21 -34.19
CA MET L 379 42.86 -41.89 -34.71
C MET L 379 43.90 -41.39 -35.70
N TYR L 380 45.08 -41.99 -35.76
CA TYR L 380 45.97 -41.76 -36.89
C TYR L 380 45.77 -42.75 -38.03
N TRP L 381 45.13 -43.89 -37.77
CA TRP L 381 44.61 -44.67 -38.88
C TRP L 381 43.51 -43.91 -39.61
N ALA L 382 42.69 -43.16 -38.88
CA ALA L 382 41.83 -42.15 -39.45
C ALA L 382 42.64 -40.86 -39.64
N HIS L 383 41.95 -39.75 -39.93
CA HIS L 383 42.48 -38.40 -40.09
C HIS L 383 43.39 -38.26 -41.31
N LYS L 384 43.65 -39.34 -42.05
CA LYS L 384 44.38 -39.27 -43.31
C LYS L 384 43.50 -39.60 -44.52
N HIS L 385 42.36 -40.25 -44.30
CA HIS L 385 41.39 -40.50 -45.36
C HIS L 385 40.03 -39.89 -45.06
N ALA L 386 39.80 -39.39 -43.84
CA ALA L 386 38.55 -38.74 -43.46
C ALA L 386 38.79 -37.77 -42.32
N PRO L 387 39.35 -36.58 -42.60
CA PRO L 387 39.71 -35.67 -41.50
C PRO L 387 38.53 -34.89 -40.93
N GLN L 388 37.56 -34.53 -41.79
CA GLN L 388 36.48 -33.64 -41.37
C GLN L 388 35.55 -34.33 -40.39
N GLN L 389 35.11 -35.54 -40.72
CA GLN L 389 34.20 -36.27 -39.82
C GLN L 389 34.90 -36.70 -38.54
N TYR L 390 36.19 -37.05 -38.62
CA TYR L 390 36.95 -37.38 -37.41
C TYR L 390 37.08 -36.16 -36.50
N LYS L 391 37.37 -34.99 -37.08
CA LYS L 391 37.47 -33.78 -36.29
C LYS L 391 36.13 -33.42 -35.66
N GLU L 392 35.04 -33.57 -36.43
CA GLU L 392 33.71 -33.28 -35.90
C GLU L 392 33.33 -34.24 -34.77
N ILE L 393 33.64 -35.53 -34.92
CA ILE L 393 33.23 -36.48 -33.89
C ILE L 393 34.09 -36.32 -32.63
N VAL L 394 35.38 -35.98 -32.76
CA VAL L 394 36.15 -35.76 -31.54
C VAL L 394 35.74 -34.45 -30.88
N GLU L 395 35.37 -33.43 -31.66
CA GLU L 395 34.87 -32.20 -31.06
C GLU L 395 33.55 -32.42 -30.34
N GLN L 396 32.68 -33.25 -30.92
CA GLN L 396 31.43 -33.59 -30.25
C GLN L 396 31.67 -34.40 -28.98
N GLY L 397 32.66 -35.30 -28.99
CA GLY L 397 33.02 -36.00 -27.76
C GLY L 397 33.56 -35.07 -26.69
N TYR L 398 34.36 -34.08 -27.10
CA TYR L 398 34.91 -33.12 -26.15
C TYR L 398 33.79 -32.31 -25.51
N PHE L 399 32.86 -31.84 -26.36
CA PHE L 399 31.72 -31.08 -25.89
C PHE L 399 30.82 -31.91 -25.00
N SER L 400 30.68 -33.21 -25.30
CA SER L 400 29.86 -34.09 -24.48
C SER L 400 30.47 -34.29 -23.09
N ILE L 401 31.79 -34.51 -23.03
CA ILE L 401 32.46 -34.70 -21.75
C ILE L 401 32.36 -33.43 -20.90
N LEU L 402 32.64 -32.28 -21.52
CA LEU L 402 32.56 -31.02 -20.78
C LEU L 402 31.13 -30.69 -20.38
N ALA L 403 30.15 -31.04 -21.21
CA ALA L 403 28.75 -30.77 -20.88
C ALA L 403 28.28 -31.63 -19.73
N GLU L 404 28.67 -32.91 -19.70
CA GLU L 404 28.28 -33.75 -18.58
C GLU L 404 28.99 -33.32 -17.30
N TYR L 405 30.22 -32.80 -17.40
CA TYR L 405 30.90 -32.31 -16.22
C TYR L 405 30.27 -31.02 -15.70
N VAL L 406 29.85 -30.14 -16.61
CA VAL L 406 29.21 -28.89 -16.19
C VAL L 406 27.81 -29.16 -15.62
N TYR L 407 27.05 -30.05 -16.26
CA TYR L 407 25.69 -30.32 -15.80
C TYR L 407 25.68 -31.12 -14.50
N SER L 408 26.66 -31.99 -14.30
CA SER L 408 26.70 -32.77 -13.05
C SER L 408 27.02 -31.88 -11.85
N TYR L 409 28.00 -31.01 -12.00
CA TYR L 409 28.38 -30.06 -10.96
C TYR L 409 28.22 -28.66 -11.54
N ASN L 410 27.16 -27.96 -11.07
CA ASN L 410 26.46 -26.89 -11.77
C ASN L 410 27.36 -25.91 -12.53
N GLY L 411 28.25 -25.23 -11.81
CA GLY L 411 29.14 -24.30 -12.47
C GLY L 411 30.60 -24.51 -12.10
N MET L 412 30.84 -25.26 -11.03
CA MET L 412 32.18 -25.44 -10.50
C MET L 412 32.96 -26.37 -11.41
N LEU L 413 34.05 -25.86 -11.98
CA LEU L 413 34.97 -26.65 -12.80
C LEU L 413 36.31 -26.66 -12.07
N GLU L 414 36.61 -27.77 -11.41
CA GLU L 414 37.84 -27.91 -10.65
C GLU L 414 38.92 -28.52 -11.53
N HIS L 415 40.02 -28.94 -10.91
CA HIS L 415 41.22 -29.31 -11.67
C HIS L 415 41.03 -30.64 -12.41
N TYR L 416 40.31 -31.59 -11.80
CA TYR L 416 40.27 -32.93 -12.40
C TYR L 416 39.39 -32.99 -13.65
N MET L 417 38.28 -32.26 -13.70
CA MET L 417 37.46 -32.29 -14.90
C MET L 417 38.18 -31.65 -16.09
N ILE L 418 38.88 -30.54 -15.84
CA ILE L 418 39.71 -29.93 -16.87
C ILE L 418 40.82 -30.89 -17.29
N ALA L 419 41.42 -31.59 -16.34
CA ALA L 419 42.46 -32.57 -16.66
C ALA L 419 41.90 -33.73 -17.46
N LYS L 420 40.66 -34.14 -17.17
CA LYS L 420 40.03 -35.24 -17.91
C LYS L 420 39.76 -34.84 -19.35
N VAL L 421 39.24 -33.63 -19.56
CA VAL L 421 39.02 -33.15 -20.93
C VAL L 421 40.36 -32.99 -21.66
N ILE L 422 41.38 -32.51 -20.95
CA ILE L 422 42.71 -32.34 -21.56
C ILE L 422 43.30 -33.70 -21.93
N TYR L 423 43.09 -34.72 -21.10
CA TYR L 423 43.57 -36.05 -21.44
C TYR L 423 42.82 -36.63 -22.62
N ALA L 424 41.50 -36.40 -22.69
CA ALA L 424 40.75 -36.84 -23.84
C ALA L 424 41.13 -36.07 -25.11
N MET L 425 41.68 -34.87 -24.96
CA MET L 425 41.92 -33.98 -26.08
C MET L 425 43.35 -34.03 -26.61
N MET L 426 44.33 -34.32 -25.77
CA MET L 426 45.73 -34.41 -26.18
C MET L 426 46.36 -35.69 -25.65
N GLY L 427 45.60 -36.79 -25.64
CA GLY L 427 46.10 -38.02 -25.06
C GLY L 427 47.11 -38.75 -25.91
N ASN L 428 47.21 -38.42 -27.19
CA ASN L 428 48.16 -39.05 -28.09
C ASN L 428 49.37 -38.16 -28.39
N LYS L 429 49.66 -37.20 -27.51
CA LYS L 429 50.76 -36.28 -27.75
C LYS L 429 51.67 -36.17 -26.52
N PHE L 430 51.12 -36.38 -25.33
CA PHE L 430 51.85 -36.23 -24.08
C PHE L 430 51.77 -37.51 -23.27
N VAL L 431 52.90 -37.89 -22.65
CA VAL L 431 52.92 -38.90 -21.60
C VAL L 431 53.77 -38.37 -20.46
N VAL L 432 53.79 -39.11 -19.35
CA VAL L 432 54.51 -38.69 -18.15
C VAL L 432 54.99 -39.93 -17.42
N ASP L 433 56.20 -39.87 -16.87
CA ASP L 433 56.77 -41.01 -16.15
C ASP L 433 57.46 -40.55 -14.87
N VAL L 434 57.83 -41.52 -14.04
CA VAL L 434 58.31 -41.32 -12.68
C VAL L 434 59.73 -41.90 -12.60
N ASP L 435 60.50 -41.69 -13.69
CA ASP L 435 61.70 -42.44 -14.05
C ASP L 435 62.71 -42.77 -12.95
N SER L 436 63.36 -41.76 -12.37
CA SER L 436 64.53 -42.01 -11.53
C SER L 436 64.34 -41.57 -10.09
N ASN L 437 64.03 -40.29 -9.85
CA ASN L 437 64.03 -39.75 -8.50
C ASN L 437 62.61 -39.53 -7.96
N GLY L 438 61.63 -40.25 -8.50
CA GLY L 438 60.26 -40.04 -8.08
C GLY L 438 59.64 -38.76 -8.59
N LYS L 439 60.24 -38.14 -9.60
CA LYS L 439 59.71 -36.92 -10.20
C LYS L 439 58.96 -37.27 -11.48
N TYR L 440 57.93 -36.50 -11.78
CA TYR L 440 57.07 -36.75 -12.93
C TYR L 440 57.59 -35.93 -14.10
N VAL L 441 58.37 -36.55 -14.98
CA VAL L 441 58.90 -35.90 -16.17
C VAL L 441 57.94 -36.15 -17.31
N TRP L 442 57.77 -35.14 -18.17
CA TRP L 442 56.83 -35.24 -19.28
C TRP L 442 57.57 -35.59 -20.57
N PHE L 443 56.84 -36.16 -21.51
CA PHE L 443 57.36 -36.43 -22.84
C PHE L 443 56.31 -35.99 -23.85
N GLU L 444 56.73 -35.11 -24.77
CA GLU L 444 55.84 -34.52 -25.75
C GLU L 444 56.20 -35.02 -27.13
N PHE L 445 55.20 -35.50 -27.87
CA PHE L 445 55.38 -35.84 -29.26
C PHE L 445 55.41 -34.55 -30.08
N VAL L 446 56.39 -34.44 -30.97
CA VAL L 446 56.59 -33.21 -31.74
C VAL L 446 55.98 -33.39 -33.12
N LEU L 447 55.61 -32.26 -33.72
CA LEU L 447 54.99 -32.17 -35.03
C LEU L 447 55.80 -31.23 -35.89
N PRO L 448 55.73 -31.34 -37.22
CA PRO L 448 56.48 -30.41 -38.08
C PRO L 448 56.08 -28.95 -37.93
N GLY L 449 54.88 -28.66 -37.45
CA GLY L 449 54.48 -27.28 -37.21
C GLY L 449 54.77 -26.82 -35.80
N GLN L 450 55.91 -27.23 -35.26
CA GLN L 450 56.33 -26.92 -33.91
C GLN L 450 57.79 -26.51 -33.92
N PRO L 451 58.23 -25.68 -32.95
CA PRO L 451 59.65 -25.33 -32.87
C PRO L 451 60.45 -26.42 -32.17
N MET L 452 61.24 -27.15 -32.96
CA MET L 452 62.16 -28.17 -32.47
C MET L 452 63.57 -27.60 -32.47
N ASN L 453 64.56 -28.44 -32.17
CA ASN L 453 65.94 -27.98 -32.15
C ASN L 453 66.60 -28.16 -33.51
N GLN L 454 66.84 -29.41 -33.91
CA GLN L 454 67.28 -29.68 -35.27
C GLN L 454 66.54 -30.84 -35.90
N GLY L 455 66.30 -31.90 -35.12
CA GLY L 455 65.87 -33.16 -35.70
C GLY L 455 64.79 -33.89 -34.94
N GLU L 456 64.30 -33.30 -33.85
CA GLU L 456 63.16 -33.88 -33.16
C GLU L 456 61.90 -33.60 -33.98
N ILE L 457 61.55 -34.53 -34.88
CA ILE L 457 60.43 -34.35 -35.79
C ILE L 457 59.29 -35.30 -35.47
N TRP L 458 59.58 -36.57 -35.20
CA TRP L 458 58.54 -37.56 -34.94
C TRP L 458 58.92 -38.45 -33.76
N LYS L 459 59.42 -37.84 -32.68
CA LYS L 459 59.81 -38.62 -31.52
C LYS L 459 59.57 -37.80 -30.25
N TRP L 460 59.47 -38.50 -29.13
CA TRP L 460 59.13 -37.86 -27.87
C TRP L 460 60.33 -37.07 -27.34
N ARG L 461 60.08 -35.83 -26.92
CA ARG L 461 61.10 -35.01 -26.29
C ARG L 461 60.78 -34.85 -24.81
N LYS L 462 61.84 -34.79 -24.00
CA LYS L 462 61.70 -34.72 -22.55
C LYS L 462 61.45 -33.29 -22.11
N GLU L 463 60.48 -33.11 -21.23
CA GLU L 463 60.09 -31.79 -20.74
C GLU L 463 59.98 -31.82 -19.23
N VAL L 464 60.45 -30.74 -18.60
CA VAL L 464 60.28 -30.57 -17.16
C VAL L 464 58.93 -29.93 -16.84
N ASN L 465 58.53 -28.94 -17.64
CA ASN L 465 57.23 -28.31 -17.52
C ASN L 465 56.53 -28.40 -18.87
N PRO L 466 55.28 -28.86 -18.92
CA PRO L 466 54.58 -28.95 -20.21
C PRO L 466 54.17 -27.58 -20.74
N ASP L 467 55.12 -26.90 -21.38
CA ASP L 467 54.85 -25.55 -21.89
C ASP L 467 53.79 -25.58 -22.98
N GLU L 468 53.84 -26.57 -23.87
CA GLU L 468 52.83 -26.68 -24.92
C GLU L 468 51.46 -26.95 -24.32
N LEU L 469 51.39 -27.81 -23.30
CA LEU L 469 50.11 -28.05 -22.63
C LEU L 469 49.65 -26.83 -21.85
N HIS L 470 50.59 -26.07 -21.27
CA HIS L 470 50.23 -24.84 -20.57
C HIS L 470 49.62 -23.81 -21.52
N ILE L 471 50.18 -23.70 -22.73
CA ILE L 471 49.57 -22.82 -23.73
C ILE L 471 48.24 -23.40 -24.20
N TYR L 472 48.16 -24.73 -24.32
CA TYR L 472 47.00 -25.39 -24.92
C TYR L 472 45.78 -25.33 -24.01
N ILE L 473 45.99 -25.31 -22.69
CA ILE L 473 44.87 -25.20 -21.76
C ILE L 473 44.17 -23.85 -21.92
N SER L 474 44.93 -22.79 -22.12
CA SER L 474 44.34 -21.46 -22.21
C SER L 474 43.90 -21.09 -23.62
N GLU L 475 44.53 -21.64 -24.66
CA GLU L 475 44.21 -21.23 -26.03
C GLU L 475 43.18 -22.15 -26.68
N ASN L 476 43.50 -23.43 -26.83
CA ASN L 476 42.64 -24.33 -27.58
C ASN L 476 41.42 -24.75 -26.78
N PHE L 477 41.59 -25.00 -25.48
CA PHE L 477 40.49 -25.44 -24.63
C PHE L 477 39.47 -24.32 -24.38
N SER L 478 39.89 -23.06 -24.52
CA SER L 478 38.95 -21.95 -24.38
C SER L 478 37.90 -21.95 -25.49
N ARG L 479 38.22 -22.52 -26.65
CA ARG L 479 37.21 -22.66 -27.70
C ARG L 479 36.09 -23.59 -27.28
N VAL L 480 36.44 -24.71 -26.63
CA VAL L 480 35.43 -25.59 -26.05
C VAL L 480 34.70 -24.87 -24.92
N MET L 481 35.39 -23.97 -24.21
CA MET L 481 34.75 -23.21 -23.15
C MET L 481 33.63 -22.33 -23.72
N ASP L 482 33.92 -21.60 -24.81
CA ASP L 482 32.88 -20.79 -25.42
C ASP L 482 31.83 -21.64 -26.12
N ARG L 483 32.18 -22.85 -26.56
CA ARG L 483 31.16 -23.75 -27.11
C ARG L 483 30.15 -24.14 -26.04
N ILE L 484 30.63 -24.46 -24.84
CA ILE L 484 29.74 -24.79 -23.73
C ILE L 484 28.90 -23.58 -23.37
N THR L 485 29.51 -22.38 -23.37
CA THR L 485 28.78 -21.15 -23.08
C THR L 485 27.68 -20.89 -24.13
N GLU L 486 27.99 -21.16 -25.40
CA GLU L 486 27.03 -20.94 -26.47
C GLU L 486 25.86 -21.91 -26.33
N HIS L 487 26.15 -23.17 -25.95
CA HIS L 487 25.07 -24.13 -25.73
C HIS L 487 24.19 -23.72 -24.55
N ILE L 488 24.80 -23.21 -23.49
CA ILE L 488 24.02 -22.74 -22.33
C ILE L 488 23.14 -21.56 -22.73
N LYS L 489 23.68 -20.63 -23.52
CA LYS L 489 22.90 -19.48 -23.98
C LYS L 489 21.77 -19.91 -24.90
N TYR L 490 22.01 -20.92 -25.76
CA TYR L 490 20.95 -21.42 -26.62
C TYR L 490 19.83 -22.07 -25.81
N HIS L 491 20.19 -22.83 -24.78
CA HIS L 491 19.18 -23.41 -23.90
C HIS L 491 18.44 -22.33 -23.12
N LEU L 492 19.12 -21.21 -22.81
CA LEU L 492 18.47 -20.11 -22.13
C LEU L 492 17.48 -19.40 -23.03
N SER L 493 17.81 -19.27 -24.32
CA SER L 493 16.93 -18.59 -25.28
C SER L 493 15.95 -19.59 -25.91
N GLN L 494 15.17 -20.22 -25.05
CA GLN L 494 14.18 -21.21 -25.43
C GLN L 494 12.87 -20.95 -24.69
N PRO L 495 11.74 -21.32 -25.28
CA PRO L 495 10.45 -21.13 -24.57
C PRO L 495 10.21 -22.22 -23.53
N HIS L 496 10.95 -22.14 -22.42
CA HIS L 496 10.76 -23.03 -21.29
C HIS L 496 9.96 -22.31 -20.20
N GLU L 497 9.79 -22.99 -19.07
CA GLU L 497 9.08 -22.42 -17.94
C GLU L 497 10.02 -21.52 -17.14
N SER L 498 9.50 -20.93 -16.06
CA SER L 498 10.26 -19.95 -15.30
C SER L 498 11.35 -20.61 -14.45
N ASN L 499 11.04 -21.78 -13.86
CA ASN L 499 12.02 -22.44 -13.00
C ASN L 499 13.21 -22.95 -13.80
N ILE L 500 12.97 -23.46 -15.00
CA ILE L 500 14.05 -23.91 -15.87
C ILE L 500 14.93 -22.73 -16.26
N LEU L 501 14.31 -21.58 -16.56
CA LEU L 501 15.08 -20.39 -16.90
C LEU L 501 15.90 -19.89 -15.72
N ASN L 502 15.33 -19.95 -14.51
CA ASN L 502 16.10 -19.54 -13.32
C ASN L 502 17.27 -20.47 -13.06
N TYR L 503 17.05 -21.78 -13.23
CA TYR L 503 18.14 -22.74 -13.07
C TYR L 503 19.23 -22.52 -14.10
N TYR L 504 18.85 -22.25 -15.35
CA TYR L 504 19.83 -21.99 -16.40
C TYR L 504 20.57 -20.69 -16.17
N LYS L 505 19.89 -19.67 -15.64
CA LYS L 505 20.56 -18.42 -15.31
C LYS L 505 21.58 -18.59 -14.20
N LYS L 506 21.22 -19.36 -13.16
CA LYS L 506 22.16 -19.64 -12.08
C LYS L 506 23.35 -20.45 -12.58
N LEU L 507 23.08 -21.45 -13.43
CA LEU L 507 24.16 -22.25 -14.02
C LEU L 507 25.06 -21.39 -14.88
N LEU L 508 24.48 -20.48 -15.67
CA LEU L 508 25.27 -19.61 -16.54
C LEU L 508 26.13 -18.65 -15.74
N LYS L 509 25.60 -18.07 -14.66
CA LYS L 509 26.41 -17.11 -13.91
C LYS L 509 27.52 -17.82 -13.12
N ALA L 510 27.23 -18.98 -12.53
CA ALA L 510 28.28 -19.74 -11.85
C ALA L 510 29.34 -20.22 -12.83
N PHE L 511 28.89 -20.67 -14.01
CA PHE L 511 29.82 -21.09 -15.06
C PHE L 511 30.66 -19.93 -15.56
N GLU L 512 30.08 -18.73 -15.64
CA GLU L 512 30.84 -17.58 -16.13
C GLU L 512 31.87 -17.13 -15.10
N ARG L 513 31.54 -17.25 -13.81
CA ARG L 513 32.56 -17.00 -12.80
C ARG L 513 33.66 -18.05 -12.83
N SER L 514 33.34 -19.30 -13.16
CA SER L 514 34.37 -20.33 -13.23
C SER L 514 35.09 -20.40 -14.57
N LYS L 515 34.61 -19.68 -15.58
CA LYS L 515 35.21 -19.76 -16.91
C LYS L 515 36.60 -19.15 -16.95
N SER L 516 36.80 -18.04 -16.25
CA SER L 516 38.09 -17.37 -16.25
C SER L 516 39.15 -18.10 -15.45
N LYS L 517 38.77 -19.13 -14.69
CA LYS L 517 39.73 -19.87 -13.86
C LYS L 517 40.74 -20.65 -14.69
N ILE L 518 40.42 -20.98 -15.94
CA ILE L 518 41.35 -21.73 -16.78
C ILE L 518 42.53 -20.89 -17.24
N PHE L 519 42.54 -19.59 -16.97
CA PHE L 519 43.68 -18.74 -17.24
C PHE L 519 44.53 -18.47 -15.99
N ASN L 520 44.02 -18.82 -14.82
CA ASN L 520 44.77 -18.61 -13.57
C ASN L 520 45.96 -19.56 -13.51
N ASP L 521 47.07 -19.05 -13.00
CA ASP L 521 48.31 -19.83 -12.99
C ASP L 521 48.25 -20.97 -11.98
N SER L 522 47.70 -20.70 -10.79
CA SER L 522 47.59 -21.74 -9.77
C SER L 522 46.63 -22.84 -10.22
N PHE L 523 45.51 -22.46 -10.85
CA PHE L 523 44.56 -23.43 -11.37
C PHE L 523 45.19 -24.28 -12.47
N LYS L 524 45.96 -23.66 -13.36
CA LYS L 524 46.60 -24.41 -14.44
C LYS L 524 47.69 -25.33 -13.91
N LYS L 525 48.42 -24.90 -12.88
CA LYS L 525 49.40 -25.77 -12.25
C LYS L 525 48.72 -26.96 -11.58
N GLY L 526 47.58 -26.73 -10.93
CA GLY L 526 46.83 -27.83 -10.36
C GLY L 526 46.28 -28.77 -11.42
N VAL L 527 45.86 -28.22 -12.57
CA VAL L 527 45.39 -29.05 -13.67
C VAL L 527 46.52 -29.91 -14.22
N ILE L 528 47.71 -29.34 -14.34
CA ILE L 528 48.88 -30.12 -14.81
C ILE L 528 49.21 -31.22 -13.81
N ARG L 529 49.23 -30.88 -12.51
CA ARG L 529 49.56 -31.87 -11.50
C ARG L 529 48.47 -32.92 -11.33
N GLN L 530 47.24 -32.63 -11.75
CA GLN L 530 46.19 -33.64 -11.75
C GLN L 530 46.22 -34.51 -12.99
N ALA L 531 46.57 -33.93 -14.14
CA ALA L 531 46.73 -34.70 -15.37
C ALA L 531 48.01 -35.53 -15.38
N GLU L 532 48.94 -35.25 -14.47
CA GLU L 532 50.11 -36.11 -14.30
C GLU L 532 49.70 -37.53 -13.91
N PHE L 533 48.62 -37.69 -13.15
CA PHE L 533 48.11 -39.00 -12.82
C PHE L 533 47.27 -39.61 -13.93
N LEU L 534 46.86 -38.81 -14.92
CA LEU L 534 45.98 -39.28 -15.98
C LEU L 534 46.71 -39.53 -17.30
N PHE L 535 47.82 -38.85 -17.53
CA PHE L 535 48.64 -39.07 -18.72
C PHE L 535 49.67 -40.17 -18.53
N ARG L 536 49.50 -41.01 -17.52
CA ARG L 536 50.52 -41.98 -17.15
C ARG L 536 50.66 -43.07 -18.19
N GLN L 537 51.84 -43.68 -18.23
CA GLN L 537 52.14 -44.79 -19.11
C GLN L 537 52.63 -46.03 -18.38
N ARG L 538 53.35 -45.85 -17.25
CA ARG L 538 53.80 -46.88 -16.32
C ARG L 538 54.91 -47.75 -16.89
N SER L 539 55.24 -47.58 -18.17
CA SER L 539 56.33 -48.33 -18.78
C SER L 539 57.12 -47.52 -19.79
N PHE L 540 56.90 -46.19 -19.85
CA PHE L 540 57.46 -45.39 -20.94
C PHE L 540 58.97 -45.28 -20.85
N ILE L 541 59.49 -44.95 -19.67
CA ILE L 541 60.93 -44.83 -19.49
C ILE L 541 61.59 -46.20 -19.55
N GLN L 542 60.89 -47.24 -19.09
CA GLN L 542 61.43 -48.61 -19.09
C GLN L 542 61.75 -49.09 -20.50
N THR L 543 60.89 -48.78 -21.46
CA THR L 543 61.18 -49.04 -22.88
C THR L 543 61.19 -47.71 -23.63
N LEU L 544 62.33 -47.04 -23.62
CA LEU L 544 62.54 -45.83 -24.41
C LEU L 544 63.33 -46.13 -25.69
N ASP L 545 64.53 -46.67 -25.55
CA ASP L 545 65.35 -47.08 -26.68
C ASP L 545 65.81 -48.52 -26.50
N THR L 546 64.89 -49.37 -26.04
CA THR L 546 65.24 -50.76 -25.75
C THR L 546 65.52 -51.55 -27.03
N ASN L 547 64.68 -51.40 -28.05
CA ASN L 547 64.88 -52.14 -29.28
C ASN L 547 66.03 -51.53 -30.07
N PRO L 548 66.80 -52.37 -30.80
CA PRO L 548 67.91 -51.86 -31.59
C PRO L 548 67.56 -51.49 -33.02
N HIS L 549 66.41 -51.91 -33.52
CA HIS L 549 66.07 -51.73 -34.93
C HIS L 549 65.41 -50.39 -35.22
N LEU L 550 65.17 -49.55 -34.21
CA LEU L 550 64.62 -48.23 -34.40
C LEU L 550 65.66 -47.20 -33.99
N LEU L 551 65.86 -46.20 -34.86
CA LEU L 551 66.97 -45.27 -34.71
C LEU L 551 66.47 -43.84 -34.90
N GLY L 552 66.92 -42.95 -34.02
CA GLY L 552 66.56 -41.55 -34.12
C GLY L 552 67.37 -40.85 -35.19
N VAL L 553 66.68 -40.20 -36.12
CA VAL L 553 67.31 -39.56 -37.26
C VAL L 553 66.77 -38.13 -37.36
N GLY L 554 67.52 -37.29 -38.09
CA GLY L 554 67.14 -35.89 -38.21
C GLY L 554 65.85 -35.66 -38.98
N ASN L 555 65.56 -36.52 -39.96
CA ASN L 555 64.36 -36.37 -40.77
C ASN L 555 63.14 -37.04 -40.17
N GLY L 556 63.28 -37.74 -39.05
CA GLY L 556 62.18 -38.49 -38.48
C GLY L 556 62.65 -39.70 -37.69
N VAL L 557 62.13 -40.87 -38.02
CA VAL L 557 62.51 -42.12 -37.36
C VAL L 557 62.91 -43.12 -38.43
N LEU L 558 64.11 -43.68 -38.30
CA LEU L 558 64.64 -44.66 -39.24
C LEU L 558 64.46 -46.06 -38.67
N SER L 559 63.96 -46.98 -39.50
CA SER L 559 63.74 -48.36 -39.11
C SER L 559 64.54 -49.29 -40.02
N ILE L 560 65.16 -50.31 -39.42
CA ILE L 560 66.01 -51.22 -40.17
C ILE L 560 65.58 -52.67 -39.95
N GLU L 561 64.28 -52.88 -39.69
CA GLU L 561 63.76 -54.25 -39.58
C GLU L 561 63.89 -54.99 -40.90
N THR L 562 63.45 -54.37 -42.00
CA THR L 562 63.46 -54.99 -43.30
C THR L 562 64.67 -54.50 -44.11
N ILE L 563 64.78 -55.01 -45.33
CA ILE L 563 65.86 -54.57 -46.23
C ILE L 563 65.73 -53.09 -46.62
N PRO L 564 64.57 -52.60 -47.07
CA PRO L 564 64.49 -51.15 -47.30
C PRO L 564 64.37 -50.38 -45.99
N ALA L 565 65.00 -49.22 -45.95
CA ALA L 565 64.88 -48.34 -44.79
C ALA L 565 63.50 -47.70 -44.81
N LYS L 566 62.75 -47.87 -43.72
CA LYS L 566 61.37 -47.41 -43.69
C LYS L 566 61.27 -45.89 -43.65
N LEU L 567 62.11 -45.25 -42.82
CA LEU L 567 62.12 -43.80 -42.62
C LEU L 567 60.73 -43.29 -42.22
N ILE L 568 60.32 -43.70 -41.01
CA ILE L 568 58.99 -43.41 -40.48
C ILE L 568 58.81 -41.91 -40.34
N ASN L 569 57.93 -41.35 -41.15
CA ASN L 569 57.69 -39.91 -41.23
C ASN L 569 56.25 -39.59 -40.90
N HIS L 570 55.68 -40.33 -39.94
CA HIS L 570 54.29 -40.15 -39.54
C HIS L 570 54.17 -40.47 -38.07
N PHE L 571 52.95 -40.39 -37.55
CA PHE L 571 52.70 -40.76 -36.17
C PHE L 571 52.90 -42.26 -35.97
N HIS L 572 53.49 -42.62 -34.84
CA HIS L 572 53.83 -44.01 -34.58
C HIS L 572 53.84 -44.25 -33.07
N GLU L 573 53.80 -45.52 -32.69
CA GLU L 573 53.79 -45.92 -31.29
C GLU L 573 55.19 -46.16 -30.73
N HIS L 574 56.23 -46.07 -31.56
CA HIS L 574 57.58 -46.34 -31.09
C HIS L 574 58.05 -45.22 -30.16
N PRO L 575 58.35 -45.52 -28.90
CA PRO L 575 58.62 -44.48 -27.91
C PRO L 575 60.09 -44.10 -27.76
N ILE L 576 60.73 -43.76 -28.88
CA ILE L 576 62.14 -43.38 -28.84
C ILE L 576 62.27 -41.90 -28.52
N HIS L 577 63.30 -41.56 -27.76
CA HIS L 577 63.53 -40.19 -27.32
C HIS L 577 64.85 -39.63 -27.83
N GLN L 578 65.93 -40.38 -27.68
CA GLN L 578 67.24 -39.92 -28.14
C GLN L 578 67.30 -39.95 -29.66
N TYR L 579 68.17 -39.11 -30.22
CA TYR L 579 68.21 -38.92 -31.66
C TYR L 579 69.56 -38.36 -32.08
N THR L 580 69.82 -38.44 -33.37
CA THR L 580 70.96 -37.79 -34.01
C THR L 580 70.44 -36.65 -34.87
N HIS L 581 70.90 -35.43 -34.58
CA HIS L 581 70.42 -34.26 -35.28
C HIS L 581 71.11 -34.04 -36.62
N ILE L 582 72.12 -34.85 -36.95
CA ILE L 582 72.97 -34.59 -38.11
C ILE L 582 73.00 -35.76 -39.07
N CYS L 583 72.34 -36.88 -38.76
CA CYS L 583 72.30 -38.02 -39.66
C CYS L 583 71.60 -37.67 -40.97
N TYR L 584 70.30 -37.37 -40.90
CA TYR L 584 69.52 -36.78 -42.00
C TYR L 584 69.56 -37.65 -43.28
N VAL L 585 69.01 -38.86 -43.18
CA VAL L 585 69.15 -39.83 -44.26
C VAL L 585 68.30 -39.45 -45.47
N PRO L 586 68.93 -39.21 -46.64
CA PRO L 586 68.18 -39.02 -47.88
C PRO L 586 68.03 -40.31 -48.68
N PHE L 587 67.54 -41.37 -48.02
CA PHE L 587 67.59 -42.74 -48.51
C PHE L 587 69.00 -43.10 -48.96
N ASN L 588 69.17 -43.39 -50.26
CA ASN L 588 70.49 -43.63 -50.83
C ASN L 588 70.50 -43.32 -52.32
N PRO L 589 70.78 -42.08 -52.71
CA PRO L 589 70.90 -41.75 -54.13
C PRO L 589 72.32 -42.05 -54.62
N GLU L 590 72.55 -41.74 -55.90
CA GLU L 590 73.87 -41.89 -56.49
C GLU L 590 74.37 -40.55 -57.00
N ASN L 591 74.23 -39.51 -56.18
CA ASN L 591 74.59 -38.15 -56.57
C ASN L 591 76.10 -37.96 -56.46
N PRO L 592 76.55 -36.71 -56.59
CA PRO L 592 77.98 -36.41 -56.59
C PRO L 592 78.61 -36.69 -55.23
N TRP L 593 77.90 -36.41 -54.14
CA TRP L 593 78.46 -36.57 -52.80
C TRP L 593 78.71 -38.05 -52.47
N THR L 594 77.72 -38.90 -52.78
CA THR L 594 77.89 -40.34 -52.55
C THR L 594 78.98 -40.91 -53.44
N LYS L 595 79.06 -40.45 -54.70
CA LYS L 595 80.09 -40.92 -55.61
C LYS L 595 81.49 -40.52 -55.12
N LEU L 596 81.66 -39.28 -54.66
CA LEU L 596 82.97 -38.85 -54.17
C LEU L 596 83.33 -39.52 -52.85
N LEU L 597 82.33 -39.77 -52.00
CA LEU L 597 82.59 -40.52 -50.76
C LEU L 597 83.04 -41.95 -51.06
N LEU L 598 82.39 -42.60 -52.03
CA LEU L 598 82.79 -43.96 -52.41
C LEU L 598 84.17 -43.96 -53.03
N ASN L 599 84.47 -42.97 -53.88
CA ASN L 599 85.81 -42.88 -54.48
C ASN L 599 86.87 -42.55 -53.44
N ALA L 600 86.49 -41.87 -52.35
CA ALA L 600 87.44 -41.60 -51.28
C ALA L 600 87.71 -42.86 -50.46
N LEU L 601 86.68 -43.64 -50.16
CA LEU L 601 86.87 -44.79 -49.28
C LEU L 601 87.57 -45.95 -49.98
N GLN L 602 87.25 -46.22 -51.23
CA GLN L 602 87.87 -47.31 -51.97
C GLN L 602 88.84 -46.73 -53.01
N ASP L 603 89.40 -47.63 -53.84
CA ASP L 603 90.40 -47.33 -54.87
C ASP L 603 91.67 -46.72 -54.28
N ILE L 604 91.95 -46.98 -53.00
CA ILE L 604 93.19 -46.59 -52.37
C ILE L 604 93.97 -47.80 -51.86
N ILE L 605 93.27 -48.78 -51.29
CA ILE L 605 93.86 -50.03 -50.84
C ILE L 605 93.36 -51.13 -51.76
N PRO L 606 94.24 -51.88 -52.43
CA PRO L 606 93.78 -52.93 -53.34
C PRO L 606 93.24 -54.13 -52.59
N GLU L 607 92.11 -54.65 -53.05
CA GLU L 607 91.45 -55.80 -52.45
C GLU L 607 91.26 -56.89 -53.48
N LEU L 608 91.18 -58.13 -52.99
CA LEU L 608 90.98 -59.31 -53.82
C LEU L 608 89.55 -59.81 -53.67
N ASP L 609 88.97 -60.26 -54.80
CA ASP L 609 87.58 -60.70 -54.98
C ASP L 609 86.56 -59.85 -54.22
N ALA L 610 86.74 -58.53 -54.27
CA ALA L 610 85.88 -57.54 -53.62
C ALA L 610 85.77 -57.81 -52.11
N ARG L 611 86.92 -57.76 -51.44
CA ARG L 611 86.95 -57.89 -49.99
C ARG L 611 86.38 -56.63 -49.36
N LEU L 612 85.47 -56.82 -48.39
CA LEU L 612 84.75 -55.69 -47.82
C LEU L 612 84.62 -55.74 -46.30
N TRP L 613 85.54 -56.41 -45.61
CA TRP L 613 85.32 -56.75 -44.21
C TRP L 613 85.39 -55.52 -43.28
N ILE L 614 86.36 -54.63 -43.51
CA ILE L 614 86.61 -53.56 -42.55
C ILE L 614 85.49 -52.52 -42.55
N MET L 615 85.00 -52.12 -43.72
CA MET L 615 83.89 -51.18 -43.74
C MET L 615 82.54 -51.86 -43.55
N PHE L 616 82.48 -53.19 -43.63
CA PHE L 616 81.30 -53.88 -43.11
C PHE L 616 81.30 -53.85 -41.59
N TYR L 617 82.48 -53.92 -40.97
CA TYR L 617 82.58 -53.72 -39.53
C TYR L 617 82.38 -52.27 -39.15
N LEU L 618 82.61 -51.33 -40.08
CA LEU L 618 82.25 -49.94 -39.83
C LEU L 618 80.75 -49.77 -39.67
N SER L 619 79.96 -50.68 -40.25
CA SER L 619 78.53 -50.75 -40.01
C SER L 619 78.28 -51.46 -38.68
N THR L 620 77.03 -51.84 -38.43
CA THR L 620 76.53 -52.45 -37.20
C THR L 620 76.77 -51.59 -35.96
N ALA L 621 77.09 -50.31 -36.14
CA ALA L 621 77.13 -49.36 -35.05
C ALA L 621 75.79 -48.69 -34.81
N ILE L 622 74.80 -49.00 -35.64
CA ILE L 622 73.45 -48.46 -35.48
C ILE L 622 72.60 -49.49 -34.75
N PHE L 623 73.24 -50.53 -34.22
CA PHE L 623 72.59 -51.55 -33.42
C PHE L 623 73.02 -51.40 -31.97
N ARG L 624 72.18 -51.90 -31.06
CA ARG L 624 72.52 -51.81 -29.63
C ARG L 624 73.55 -52.86 -29.24
N GLY L 625 73.21 -54.13 -29.37
CA GLY L 625 74.07 -55.21 -28.95
C GLY L 625 73.67 -56.50 -29.59
N LEU L 626 73.78 -57.59 -28.81
CA LEU L 626 73.49 -58.97 -29.21
C LEU L 626 74.14 -59.32 -30.55
N LYS L 627 75.40 -58.91 -30.71
CA LYS L 627 76.13 -59.12 -31.95
C LYS L 627 77.50 -59.71 -31.68
N GLU L 628 78.36 -59.74 -32.69
CA GLU L 628 79.71 -60.27 -32.52
C GLU L 628 80.55 -59.29 -31.69
N ALA L 629 81.49 -59.86 -30.93
CA ALA L 629 82.32 -59.11 -29.98
C ALA L 629 83.69 -58.79 -30.55
N LEU L 630 83.75 -58.43 -31.84
CA LEU L 630 85.02 -58.15 -32.50
C LEU L 630 85.64 -56.87 -31.96
N MET L 631 86.93 -56.69 -32.26
CA MET L 631 87.73 -55.61 -31.67
C MET L 631 88.77 -55.23 -32.72
N LEU L 632 88.49 -54.17 -33.48
CA LEU L 632 89.30 -53.81 -34.64
C LEU L 632 90.32 -52.74 -34.29
N LEU L 633 91.55 -52.94 -34.77
CA LEU L 633 92.65 -52.00 -34.56
C LEU L 633 93.02 -51.36 -35.90
N TRP L 634 92.75 -50.06 -36.03
CA TRP L 634 93.10 -49.30 -37.22
C TRP L 634 94.48 -48.67 -37.14
N LEU L 635 95.18 -48.80 -36.02
CA LEU L 635 96.38 -48.02 -35.75
C LEU L 635 97.51 -48.40 -36.70
N GLY L 636 98.28 -47.39 -37.11
CA GLY L 636 99.35 -47.57 -38.08
C GLY L 636 99.36 -46.46 -39.11
N GLY L 637 100.52 -45.81 -39.28
CA GLY L 637 100.65 -44.71 -40.20
C GLY L 637 100.54 -43.36 -39.49
N GLY L 638 101.14 -42.35 -40.12
CA GLY L 638 101.17 -41.02 -39.54
C GLY L 638 100.03 -40.12 -39.98
N CYS L 639 99.85 -39.98 -41.29
CA CYS L 639 98.81 -39.13 -41.86
C CYS L 639 97.96 -39.93 -42.84
N ASN L 640 97.57 -41.13 -42.42
CA ASN L 640 96.77 -42.02 -43.26
C ASN L 640 95.29 -41.77 -42.99
N GLY L 641 94.42 -42.67 -43.44
CA GLY L 641 92.98 -42.51 -43.34
C GLY L 641 92.41 -42.97 -42.00
N LYS L 642 93.22 -42.97 -40.94
CA LYS L 642 92.71 -43.28 -39.61
C LYS L 642 91.78 -42.18 -39.10
N THR L 643 92.32 -40.96 -38.96
CA THR L 643 91.62 -39.89 -38.26
C THR L 643 90.41 -39.40 -39.04
N PHE L 644 90.54 -39.24 -40.36
CA PHE L 644 89.44 -38.73 -41.17
C PHE L 644 88.25 -39.70 -41.15
N LEU L 645 88.49 -40.97 -41.45
CA LEU L 645 87.41 -41.96 -41.48
C LEU L 645 86.82 -42.17 -40.10
N MET L 646 87.67 -42.23 -39.07
CA MET L 646 87.20 -42.49 -37.72
C MET L 646 86.38 -41.33 -37.19
N ARG L 647 86.85 -40.10 -37.40
CA ARG L 647 86.13 -38.91 -36.96
C ARG L 647 84.83 -38.77 -37.74
N LEU L 648 84.84 -39.16 -39.01
CA LEU L 648 83.63 -39.10 -39.83
C LEU L 648 82.58 -40.09 -39.33
N VAL L 649 83.00 -41.31 -38.96
CA VAL L 649 82.07 -42.28 -38.37
C VAL L 649 81.51 -41.75 -37.05
N ALA L 650 82.36 -41.08 -36.26
CA ALA L 650 81.90 -40.53 -34.99
C ALA L 650 80.85 -39.43 -35.18
N MET L 651 81.12 -38.47 -36.07
CA MET L 651 80.17 -37.37 -36.29
C MET L 651 79.03 -37.68 -37.24
N VAL L 652 79.01 -38.82 -37.93
CA VAL L 652 77.75 -39.25 -38.54
C VAL L 652 76.74 -39.59 -37.46
N LEU L 653 77.16 -40.36 -36.46
CA LEU L 653 76.33 -40.66 -35.32
C LEU L 653 76.38 -39.49 -34.33
N GLY L 654 75.62 -39.60 -33.25
CA GLY L 654 75.54 -38.52 -32.29
C GLY L 654 75.58 -38.99 -30.85
N ASP L 655 74.59 -38.55 -30.07
CA ASP L 655 74.48 -38.99 -28.68
C ASP L 655 74.11 -40.47 -28.57
N HIS L 656 73.61 -41.07 -29.66
CA HIS L 656 73.37 -42.51 -29.67
C HIS L 656 74.68 -43.28 -29.51
N TYR L 657 75.68 -42.98 -30.35
CA TYR L 657 76.93 -43.74 -30.38
C TYR L 657 78.11 -42.77 -30.49
N ALA L 658 78.62 -42.34 -29.34
CA ALA L 658 79.85 -41.55 -29.27
C ALA L 658 80.38 -41.64 -27.84
N SER L 659 81.63 -42.07 -27.71
CA SER L 659 82.24 -42.20 -26.39
C SER L 659 83.75 -42.11 -26.53
N LYS L 660 84.32 -41.03 -26.00
CA LYS L 660 85.78 -40.89 -25.92
C LYS L 660 86.23 -41.54 -24.62
N LEU L 661 86.75 -42.76 -24.71
CA LEU L 661 87.27 -43.46 -23.56
C LEU L 661 88.73 -43.08 -23.36
N ASN L 662 89.06 -42.66 -22.14
CA ASN L 662 90.36 -42.06 -21.86
C ASN L 662 91.41 -43.15 -21.64
N ILE L 663 92.59 -42.72 -21.17
CA ILE L 663 93.74 -43.61 -21.05
C ILE L 663 93.53 -44.62 -19.92
N SER L 664 93.07 -44.14 -18.76
CA SER L 664 93.03 -44.97 -17.56
C SER L 664 91.91 -46.01 -17.58
N LEU L 665 91.00 -45.96 -18.55
CA LEU L 665 89.88 -46.91 -18.56
C LEU L 665 90.34 -48.30 -18.98
N LEU L 666 91.27 -48.39 -19.94
CA LEU L 666 91.70 -49.67 -20.48
C LEU L 666 93.19 -49.94 -20.40
N THR L 667 94.03 -48.93 -20.19
CA THR L 667 95.47 -49.14 -20.07
C THR L 667 95.94 -49.03 -18.62
N SER L 668 95.64 -47.92 -17.95
CA SER L 668 96.05 -47.72 -16.57
C SER L 668 94.99 -48.23 -15.60
N ALA L 679 82.40 -43.55 -15.01
CA ALA L 679 83.75 -43.98 -15.36
C ALA L 679 83.77 -44.66 -16.73
N PHE L 680 83.48 -45.97 -16.74
CA PHE L 680 83.48 -46.74 -17.97
C PHE L 680 82.11 -47.28 -18.33
N MET L 681 81.06 -46.93 -17.59
CA MET L 681 79.71 -47.40 -17.85
C MET L 681 78.97 -46.54 -18.87
N ARG L 682 79.66 -45.63 -19.55
CA ARG L 682 79.03 -44.79 -20.57
C ARG L 682 78.69 -45.54 -21.84
N LEU L 683 79.17 -46.78 -22.00
CA LEU L 683 78.88 -47.58 -23.17
C LEU L 683 77.51 -48.26 -23.11
N LYS L 684 76.80 -48.13 -22.00
CA LYS L 684 75.45 -48.70 -21.91
C LYS L 684 74.50 -47.92 -22.80
N GLY L 685 73.77 -48.63 -23.65
CA GLY L 685 72.97 -47.97 -24.66
C GLY L 685 73.75 -47.40 -25.82
N ARG L 686 75.04 -47.76 -25.94
CA ARG L 686 75.92 -47.23 -26.97
C ARG L 686 76.42 -48.39 -27.83
N GLY L 687 76.74 -48.08 -29.08
CA GLY L 687 77.16 -49.10 -30.02
C GLY L 687 78.40 -48.74 -30.82
N TYR L 688 79.12 -47.71 -30.39
CA TYR L 688 80.35 -47.31 -31.07
C TYR L 688 81.24 -46.59 -30.08
N GLY L 689 82.34 -47.22 -29.69
CA GLY L 689 83.35 -46.59 -28.87
C GLY L 689 84.65 -46.45 -29.64
N TYR L 690 85.35 -45.34 -29.41
CA TYR L 690 86.53 -45.02 -30.19
C TYR L 690 87.69 -44.66 -29.28
N PHE L 691 88.91 -44.98 -29.75
CA PHE L 691 90.15 -44.67 -29.05
C PHE L 691 91.04 -43.91 -30.04
N GLU L 692 90.85 -42.60 -30.13
CA GLU L 692 91.65 -41.78 -31.03
C GLU L 692 92.91 -41.24 -30.38
N GLU L 693 92.85 -40.87 -29.11
CA GLU L 693 93.99 -40.28 -28.43
C GLU L 693 95.06 -41.35 -28.14
N THR L 694 96.29 -40.89 -27.98
CA THR L 694 97.42 -41.75 -27.67
C THR L 694 98.12 -41.23 -26.41
N ASN L 695 98.44 -42.15 -25.50
CA ASN L 695 99.13 -41.77 -24.27
C ASN L 695 100.64 -41.71 -24.49
N LYS L 696 101.24 -42.85 -24.79
CA LYS L 696 102.69 -42.98 -24.95
C LYS L 696 102.94 -43.77 -26.23
N SER L 697 104.19 -44.20 -26.42
CA SER L 697 104.46 -45.16 -27.48
C SER L 697 103.93 -46.54 -27.13
N GLU L 698 104.16 -46.99 -25.89
CA GLU L 698 103.77 -48.33 -25.45
C GLU L 698 103.53 -48.31 -23.95
N VAL L 699 102.30 -48.53 -23.53
CA VAL L 699 102.02 -48.66 -22.09
C VAL L 699 101.31 -49.97 -21.76
N LEU L 700 100.08 -50.15 -22.23
CA LEU L 700 99.25 -51.31 -21.94
C LEU L 700 98.00 -51.22 -22.81
N ASN L 701 97.39 -52.37 -23.05
CA ASN L 701 96.21 -52.44 -23.92
C ASN L 701 94.96 -52.94 -23.19
N THR L 702 95.03 -54.12 -22.57
CA THR L 702 93.81 -54.80 -22.16
C THR L 702 93.34 -54.41 -20.75
N SER L 703 94.18 -54.68 -19.74
CA SER L 703 93.80 -54.59 -18.33
C SER L 703 92.51 -55.38 -18.08
N ARG L 704 91.39 -54.67 -18.06
CA ARG L 704 90.08 -55.28 -17.84
C ARG L 704 89.28 -55.48 -19.12
N LEU L 705 89.92 -55.34 -20.30
CA LEU L 705 89.19 -55.37 -21.57
C LEU L 705 88.44 -56.68 -21.77
N LYS L 706 88.96 -57.77 -21.20
CA LYS L 706 88.30 -59.08 -21.30
C LYS L 706 86.87 -59.02 -20.79
N GLU L 707 86.62 -58.31 -19.68
CA GLU L 707 85.28 -58.37 -19.12
C GLU L 707 84.27 -57.52 -19.90
N MET L 708 84.65 -56.84 -21.00
CA MET L 708 83.61 -56.39 -21.91
C MET L 708 83.89 -56.81 -23.35
N VAL L 709 84.77 -57.79 -23.57
CA VAL L 709 84.87 -58.45 -24.86
C VAL L 709 84.54 -59.94 -24.77
N ASN L 710 84.31 -60.46 -23.56
CA ASN L 710 83.96 -61.86 -23.39
C ASN L 710 82.54 -62.00 -22.85
N MET L 728 74.98 -55.94 -22.96
CA MET L 728 76.32 -55.84 -23.52
C MET L 728 76.34 -54.94 -24.75
N THR L 729 77.53 -54.45 -25.10
CA THR L 729 77.72 -53.58 -26.25
C THR L 729 78.93 -54.06 -27.04
N ALA L 730 78.97 -53.67 -28.31
CA ALA L 730 80.04 -54.10 -29.20
C ALA L 730 80.30 -53.01 -30.24
N THR L 731 81.03 -53.38 -31.30
CA THR L 731 81.40 -52.52 -32.42
C THR L 731 82.20 -51.31 -31.94
N MET L 732 83.39 -51.60 -31.45
CA MET L 732 84.38 -50.58 -31.14
C MET L 732 85.58 -50.70 -32.08
N VAL L 733 86.26 -49.57 -32.29
CA VAL L 733 87.49 -49.52 -33.06
C VAL L 733 88.50 -48.70 -32.27
N ALA L 734 89.78 -48.89 -32.62
CA ALA L 734 90.86 -48.19 -31.95
C ALA L 734 91.91 -47.76 -32.96
N ALA L 735 92.29 -46.48 -32.91
CA ALA L 735 93.35 -45.94 -33.76
C ALA L 735 94.06 -44.86 -32.96
N SER L 736 95.14 -45.24 -32.28
CA SER L 736 95.85 -44.33 -31.38
C SER L 736 97.02 -43.63 -32.07
N ASN L 737 97.98 -44.40 -32.56
CA ASN L 737 99.19 -43.84 -33.14
C ASN L 737 99.80 -44.88 -34.07
N TYR L 738 100.94 -44.51 -34.66
CA TYR L 738 101.68 -45.47 -35.49
C TYR L 738 102.41 -46.50 -34.64
N ASN L 739 102.74 -46.15 -33.40
CA ASN L 739 103.33 -47.13 -32.49
C ASN L 739 102.31 -48.17 -32.07
N PHE L 740 102.80 -49.37 -31.76
CA PHE L 740 101.94 -50.49 -31.35
C PHE L 740 101.65 -50.36 -29.87
N ILE L 741 100.65 -49.54 -29.55
CA ILE L 741 100.17 -49.40 -28.18
C ILE L 741 99.59 -50.71 -27.68
N ILE L 742 98.94 -51.46 -28.57
CA ILE L 742 98.33 -52.74 -28.20
C ILE L 742 99.41 -53.81 -28.18
N ASP L 743 99.82 -54.22 -26.98
CA ASP L 743 100.73 -55.37 -26.84
C ASP L 743 100.62 -55.92 -25.42
N THR L 744 100.42 -57.23 -25.31
CA THR L 744 100.38 -57.92 -24.03
C THR L 744 100.60 -59.41 -24.27
N THR L 745 100.57 -60.19 -23.20
CA THR L 745 100.59 -61.65 -23.29
C THR L 745 99.15 -62.14 -23.32
N ASP L 746 98.69 -62.58 -24.48
CA ASP L 746 97.30 -62.99 -24.65
C ASP L 746 97.23 -64.17 -25.62
N HIS L 747 96.76 -65.31 -25.12
CA HIS L 747 96.66 -66.50 -25.94
C HIS L 747 95.41 -67.33 -25.69
N GLY L 748 94.48 -66.87 -24.84
CA GLY L 748 93.35 -67.69 -24.43
C GLY L 748 92.23 -67.84 -25.43
N THR L 749 92.59 -68.17 -26.68
CA THR L 749 91.65 -68.38 -27.79
C THR L 749 90.75 -67.14 -27.98
N TRP L 750 91.37 -65.97 -27.93
CA TRP L 750 90.65 -64.71 -28.14
C TRP L 750 90.82 -64.26 -29.58
N ARG L 751 90.19 -65.03 -30.48
CA ARG L 751 90.25 -64.77 -31.91
C ARG L 751 89.42 -63.57 -32.33
N ARG L 752 88.55 -63.06 -31.44
CA ARG L 752 87.70 -61.93 -31.79
C ARG L 752 88.48 -60.63 -31.93
N LEU L 753 89.66 -60.54 -31.31
CA LEU L 753 90.50 -59.36 -31.48
C LEU L 753 91.07 -59.34 -32.90
N ARG L 754 90.96 -58.20 -33.57
CA ARG L 754 91.37 -58.07 -34.95
C ARG L 754 92.33 -56.90 -35.11
N HIS L 755 93.19 -57.00 -36.13
CA HIS L 755 94.20 -55.98 -36.39
C HIS L 755 94.18 -55.62 -37.87
N TYR L 756 94.47 -54.35 -38.15
CA TYR L 756 94.54 -53.85 -39.52
C TYR L 756 95.64 -52.81 -39.61
N ARG L 757 96.37 -52.82 -40.72
CA ARG L 757 97.39 -51.83 -41.01
C ARG L 757 97.06 -51.12 -42.31
N SER L 758 97.26 -49.82 -42.33
CA SER L 758 96.97 -49.02 -43.53
C SER L 758 98.07 -49.23 -44.56
N LYS L 759 97.71 -49.85 -45.69
CA LYS L 759 98.69 -50.07 -46.75
C LYS L 759 99.09 -48.76 -47.41
N VAL L 760 98.13 -47.86 -47.60
CA VAL L 760 98.41 -46.56 -48.22
C VAL L 760 98.89 -45.59 -47.15
N LYS L 761 99.94 -44.84 -47.46
CA LYS L 761 100.50 -43.87 -46.52
C LYS L 761 99.57 -42.66 -46.36
N GLU L 776 97.22 -37.74 -50.88
CA GLU L 776 96.84 -37.81 -49.47
C GLU L 776 95.45 -37.23 -49.25
N ASP L 777 95.15 -36.14 -49.99
CA ASP L 777 93.89 -35.41 -49.96
C ASP L 777 93.56 -34.92 -48.54
N PRO L 778 94.29 -33.94 -48.01
CA PRO L 778 94.00 -33.47 -46.65
C PRO L 778 92.70 -32.70 -46.53
N ARG L 779 92.15 -32.20 -47.64
CA ARG L 779 90.92 -31.41 -47.59
C ARG L 779 89.75 -32.22 -47.05
N PHE L 780 89.79 -33.55 -47.20
CA PHE L 780 88.75 -34.41 -46.65
C PHE L 780 88.69 -34.33 -45.13
N ILE L 781 89.81 -34.02 -44.48
CA ILE L 781 89.79 -33.76 -43.04
C ILE L 781 89.62 -32.28 -42.73
N HIS L 782 89.73 -31.40 -43.73
CA HIS L 782 89.70 -29.96 -43.48
C HIS L 782 88.28 -29.41 -43.57
N GLU L 783 87.63 -29.57 -44.73
CA GLU L 783 86.31 -29.00 -44.95
C GLU L 783 85.25 -30.01 -45.38
N TYR L 784 85.64 -31.15 -45.95
CA TYR L 784 84.66 -32.15 -46.36
C TYR L 784 84.02 -32.84 -45.17
N ILE L 785 84.76 -32.98 -44.07
CA ILE L 785 84.27 -33.73 -42.91
C ILE L 785 83.19 -32.98 -42.15
N MET L 786 83.12 -31.66 -42.32
CA MET L 786 82.15 -30.83 -41.61
C MET L 786 80.89 -30.63 -42.45
N ASP L 787 80.96 -30.96 -43.74
CA ASP L 787 79.84 -30.71 -44.64
C ASP L 787 78.66 -31.62 -44.29
N PRO L 788 77.47 -31.07 -44.00
CA PRO L 788 76.32 -31.92 -43.66
C PRO L 788 75.90 -32.86 -44.76
N ASP L 789 76.07 -32.46 -46.03
CA ASP L 789 75.75 -33.37 -47.13
C ASP L 789 76.68 -34.57 -47.15
N CYS L 790 77.95 -34.37 -46.79
CA CYS L 790 78.89 -35.49 -46.68
C CYS L 790 78.46 -36.44 -45.57
N GLN L 791 78.00 -35.90 -44.44
CA GLN L 791 77.53 -36.75 -43.34
C GLN L 791 76.28 -37.51 -43.73
N ASN L 792 75.36 -36.88 -44.46
CA ASN L 792 74.18 -37.58 -44.95
C ASN L 792 74.56 -38.69 -45.92
N ALA L 793 75.51 -38.41 -46.83
CA ALA L 793 75.96 -39.41 -47.79
C ALA L 793 76.64 -40.58 -47.09
N PHE L 794 77.46 -40.30 -46.07
CA PHE L 794 78.13 -41.39 -45.37
C PHE L 794 77.16 -42.17 -44.50
N PHE L 795 76.12 -41.53 -43.98
CA PHE L 795 75.06 -42.27 -43.29
C PHE L 795 74.32 -43.18 -44.25
N SER L 796 74.07 -42.71 -45.48
CA SER L 796 73.49 -43.56 -46.51
C SER L 796 74.40 -44.73 -46.85
N ILE L 797 75.71 -44.47 -46.90
CA ILE L 797 76.69 -45.52 -47.15
C ILE L 797 76.69 -46.54 -46.01
N LEU L 798 76.60 -46.06 -44.77
CA LEU L 798 76.60 -46.96 -43.61
C LEU L 798 75.34 -47.82 -43.58
N VAL L 799 74.17 -47.24 -43.87
CA VAL L 799 72.97 -48.07 -43.88
C VAL L 799 72.97 -49.00 -45.10
N TYR L 800 73.64 -48.59 -46.20
CA TYR L 800 73.79 -49.45 -47.35
C TYR L 800 74.70 -50.63 -47.07
N PHE L 801 75.68 -50.45 -46.20
CA PHE L 801 76.50 -51.56 -45.76
C PHE L 801 75.88 -52.31 -44.59
N TRP L 802 74.83 -51.76 -43.98
CA TRP L 802 74.17 -52.48 -42.90
C TRP L 802 73.12 -53.45 -43.41
N GLU L 803 72.23 -52.99 -44.31
CA GLU L 803 71.04 -53.81 -44.58
C GLU L 803 71.38 -55.04 -45.42
N LYS L 804 72.49 -55.02 -46.16
CA LYS L 804 72.85 -56.14 -47.01
C LYS L 804 73.60 -57.23 -46.27
N LEU L 805 73.94 -57.03 -44.99
CA LEU L 805 74.52 -58.10 -44.20
C LEU L 805 73.52 -59.23 -43.97
N GLN L 806 72.27 -58.90 -43.68
CA GLN L 806 71.28 -59.89 -43.26
C GLN L 806 70.85 -60.82 -44.39
N LYS L 807 71.24 -60.56 -45.63
CA LYS L 807 70.79 -61.39 -46.75
C LYS L 807 71.55 -62.71 -46.83
N GLU L 808 72.88 -62.64 -46.95
CA GLU L 808 73.65 -63.85 -47.26
C GLU L 808 74.65 -64.25 -46.19
N TYR L 809 75.18 -63.33 -45.38
CA TYR L 809 75.92 -63.69 -44.17
C TYR L 809 75.35 -62.87 -43.02
N ASN L 810 74.27 -63.35 -42.41
CA ASN L 810 73.62 -62.65 -41.30
C ASN L 810 74.45 -62.83 -40.04
N GLY L 811 75.48 -62.00 -39.92
CA GLY L 811 76.40 -62.05 -38.80
C GLY L 811 77.82 -61.85 -39.30
N GLN L 812 78.64 -61.21 -38.47
CA GLN L 812 80.01 -60.91 -38.86
C GLN L 812 80.92 -62.13 -38.79
N ILE L 813 80.64 -63.07 -37.90
CA ILE L 813 81.50 -64.24 -37.78
C ILE L 813 81.25 -65.23 -38.91
N LYS L 814 80.12 -65.12 -39.60
CA LYS L 814 79.82 -65.96 -40.76
C LYS L 814 80.10 -65.25 -42.07
N LYS L 815 80.72 -64.07 -42.01
CA LYS L 815 81.14 -63.36 -43.21
C LYS L 815 82.24 -64.15 -43.92
N VAL L 816 82.23 -64.12 -45.25
CA VAL L 816 83.27 -64.77 -46.04
C VAL L 816 84.64 -64.24 -45.65
N PHE L 817 85.59 -65.14 -45.49
CA PHE L 817 86.88 -64.83 -44.86
C PHE L 817 87.69 -63.84 -45.68
N CYS L 818 88.34 -62.92 -44.98
CA CYS L 818 89.28 -62.00 -45.59
C CYS L 818 90.69 -62.52 -45.37
N PRO L 819 91.44 -62.82 -46.43
CA PRO L 819 92.84 -63.26 -46.23
C PRO L 819 93.72 -62.22 -45.57
N THR L 820 93.49 -60.94 -45.86
CA THR L 820 94.33 -59.88 -45.30
C THR L 820 94.16 -59.75 -43.80
N ILE L 821 92.91 -59.79 -43.32
CA ILE L 821 92.65 -59.64 -41.89
C ILE L 821 93.22 -60.83 -41.11
N GLU L 822 92.99 -62.05 -41.61
CA GLU L 822 93.49 -63.22 -40.89
C GLU L 822 95.01 -63.31 -40.94
N SER L 823 95.61 -62.91 -42.07
CA SER L 823 97.07 -62.90 -42.15
C SER L 823 97.68 -61.85 -41.22
N GLU L 824 97.07 -60.66 -41.16
CA GLU L 824 97.54 -59.62 -40.27
C GLU L 824 97.41 -60.02 -38.80
N THR L 825 96.29 -60.65 -38.45
CA THR L 825 96.10 -61.08 -37.07
C THR L 825 97.04 -62.23 -36.72
N GLU L 826 97.32 -63.13 -37.67
CA GLU L 826 98.27 -64.20 -37.41
C GLU L 826 99.68 -63.66 -37.23
N ALA L 827 100.10 -62.71 -38.07
CA ALA L 827 101.42 -62.11 -37.90
C ALA L 827 101.51 -61.32 -36.60
N TYR L 828 100.44 -60.62 -36.23
CA TYR L 828 100.41 -59.88 -34.98
C TYR L 828 100.46 -60.81 -33.78
N ARG L 829 99.76 -61.96 -33.85
CA ARG L 829 99.81 -62.93 -32.77
C ARG L 829 101.17 -63.61 -32.69
N LYS L 830 101.87 -63.73 -33.83
CA LYS L 830 103.27 -64.12 -33.79
C LYS L 830 104.11 -63.05 -33.07
N SER L 831 103.79 -61.78 -33.31
CA SER L 831 104.44 -60.71 -32.56
C SER L 831 103.97 -60.68 -31.10
N GLN L 832 102.71 -61.04 -30.86
CA GLN L 832 102.17 -61.07 -29.50
C GLN L 832 102.65 -62.36 -28.82
N ASP L 833 103.85 -62.26 -28.24
CA ASP L 833 104.57 -63.33 -27.54
C ASP L 833 104.96 -64.49 -28.47
N THR L 834 105.80 -65.39 -27.98
CA THR L 834 106.40 -66.42 -28.81
C THR L 834 105.81 -67.82 -28.57
N LEU L 835 104.73 -67.93 -27.81
CA LEU L 835 104.16 -69.25 -27.56
C LEU L 835 103.37 -69.75 -28.76
N HIS L 836 102.67 -68.86 -29.46
CA HIS L 836 101.93 -69.28 -30.65
C HIS L 836 102.88 -69.60 -31.80
N ARG L 837 103.95 -68.83 -31.93
CA ARG L 837 104.96 -69.13 -32.95
C ARG L 837 105.65 -70.45 -32.66
N PHE L 838 105.93 -70.74 -31.38
CA PHE L 838 106.50 -72.02 -31.01
C PHE L 838 105.53 -73.17 -31.29
N ILE L 839 104.24 -72.95 -31.04
CA ILE L 839 103.24 -73.98 -31.28
C ILE L 839 103.10 -74.26 -32.77
N THR L 840 103.18 -73.21 -33.60
CA THR L 840 103.02 -73.37 -35.03
C THR L 840 104.31 -73.78 -35.76
N GLU L 841 105.47 -73.66 -35.11
CA GLU L 841 106.73 -74.03 -35.76
C GLU L 841 107.39 -75.27 -35.18
N ARG L 842 106.98 -75.73 -33.99
CA ARG L 842 107.55 -76.93 -33.40
C ARG L 842 106.55 -78.06 -33.19
N VAL L 843 105.25 -77.78 -33.21
CA VAL L 843 104.22 -78.79 -33.00
C VAL L 843 103.43 -78.93 -34.30
N VAL L 844 103.35 -80.16 -34.81
CA VAL L 844 102.62 -80.45 -36.03
C VAL L 844 101.73 -81.67 -35.77
N GLU L 845 100.66 -81.77 -36.54
CA GLU L 845 99.72 -82.87 -36.39
C GLU L 845 99.44 -83.52 -37.75
N TYR L 853 102.18 -87.30 -26.14
CA TYR L 853 102.90 -86.11 -25.70
C TYR L 853 102.47 -85.71 -24.28
N ASN L 854 103.36 -85.92 -23.32
CA ASN L 854 103.07 -85.57 -21.93
C ASN L 854 103.15 -84.06 -21.75
N LEU L 855 102.43 -83.58 -20.72
CA LEU L 855 102.41 -82.16 -20.42
C LEU L 855 103.77 -81.67 -19.94
N SER L 856 104.46 -82.47 -19.12
CA SER L 856 105.79 -82.10 -18.66
C SER L 856 106.80 -82.06 -19.80
N GLU L 857 106.68 -82.99 -20.75
CA GLU L 857 107.54 -82.99 -21.92
C GLU L 857 107.33 -81.75 -22.77
N VAL L 858 106.06 -81.36 -22.98
CA VAL L 858 105.75 -80.17 -23.75
C VAL L 858 106.25 -78.92 -23.05
N VAL L 859 106.09 -78.86 -21.71
CA VAL L 859 106.56 -77.71 -20.96
C VAL L 859 108.08 -77.60 -21.00
N THR L 860 108.79 -78.72 -20.88
CA THR L 860 110.25 -78.69 -20.95
C THR L 860 110.73 -78.33 -22.34
N ALA L 861 110.05 -78.82 -23.38
CA ALA L 861 110.41 -78.47 -24.76
C ALA L 861 110.19 -76.98 -25.02
N TYR L 862 109.08 -76.43 -24.51
CA TYR L 862 108.82 -75.01 -24.68
C TYR L 862 109.84 -74.16 -23.90
N ALA L 863 110.22 -74.61 -22.70
CA ALA L 863 111.23 -73.88 -21.93
C ALA L 863 112.58 -73.90 -22.64
N GLU L 864 112.97 -75.05 -23.18
CA GLU L 864 114.22 -75.15 -23.93
C GLU L 864 114.18 -74.29 -25.19
N TRP L 865 113.04 -74.28 -25.89
CA TRP L 865 112.89 -73.46 -27.08
C TRP L 865 112.97 -71.97 -26.75
N TYR L 866 112.36 -71.56 -25.64
CA TYR L 866 112.44 -70.16 -25.22
C TYR L 866 113.85 -69.78 -24.80
N ASN L 867 114.56 -70.68 -24.12
CA ASN L 867 115.93 -70.40 -23.71
C ASN L 867 116.87 -70.32 -24.91
N THR L 868 116.66 -71.15 -25.92
CA THR L 868 117.52 -71.16 -27.10
C THR L 868 117.05 -70.22 -28.20
N ASN L 869 115.90 -69.56 -28.04
CA ASN L 869 115.35 -68.71 -29.09
C ASN L 869 115.37 -67.24 -28.71
N ILE L 870 114.78 -66.86 -27.58
CA ILE L 870 114.63 -65.45 -27.19
C ILE L 870 115.60 -65.08 -26.08
N ASN L 871 115.46 -65.71 -24.91
CA ASN L 871 116.31 -65.40 -23.77
C ASN L 871 116.27 -66.56 -22.79
N VAL L 872 117.36 -66.73 -22.05
CA VAL L 872 117.46 -67.80 -21.06
C VAL L 872 116.86 -67.30 -19.76
N LYS L 873 115.78 -67.97 -19.32
CA LYS L 873 115.10 -67.59 -18.09
C LYS L 873 114.39 -68.81 -17.53
N ARG L 874 114.01 -68.72 -16.26
CA ARG L 874 113.32 -69.82 -15.60
C ARG L 874 111.91 -69.96 -16.14
N HIS L 875 111.52 -71.21 -16.43
CA HIS L 875 110.21 -71.50 -16.98
C HIS L 875 109.73 -72.82 -16.39
N ILE L 876 108.68 -73.39 -17.01
CA ILE L 876 108.05 -74.65 -16.64
C ILE L 876 107.56 -74.59 -15.19
N ALA L 877 106.93 -73.48 -14.83
CA ALA L 877 106.38 -73.31 -13.49
C ALA L 877 104.98 -73.90 -13.43
N LEU L 878 104.26 -73.63 -12.34
CA LEU L 878 102.91 -74.14 -12.18
C LEU L 878 101.88 -73.40 -13.03
N GLU L 879 102.25 -72.27 -13.64
CA GLU L 879 101.33 -71.50 -14.46
C GLU L 879 101.41 -71.85 -15.94
N LEU L 880 102.57 -72.33 -16.40
CA LEU L 880 102.72 -72.64 -17.82
C LEU L 880 101.90 -73.85 -18.24
N SER L 881 101.61 -74.75 -17.30
CA SER L 881 100.75 -75.90 -17.60
C SER L 881 99.33 -75.44 -17.92
N GLN L 882 98.86 -74.39 -17.24
CA GLN L 882 97.55 -73.83 -17.56
C GLN L 882 97.55 -73.19 -18.94
N GLU L 883 98.66 -72.54 -19.33
CA GLU L 883 98.77 -71.98 -20.67
C GLU L 883 98.76 -73.07 -21.73
N LEU L 884 99.46 -74.18 -21.48
CA LEU L 884 99.49 -75.27 -22.44
C LEU L 884 98.16 -76.02 -22.48
N GLU L 885 97.40 -75.99 -21.39
CA GLU L 885 96.12 -76.70 -21.35
C GLU L 885 95.04 -75.97 -22.15
N ASN L 886 95.14 -74.65 -22.29
CA ASN L 886 94.15 -73.86 -23.01
C ASN L 886 94.72 -73.25 -24.28
N SER L 887 95.61 -73.96 -24.96
CA SER L 887 96.20 -73.47 -26.19
C SER L 887 95.27 -73.76 -27.38
N VAL L 888 95.75 -73.43 -28.58
CA VAL L 888 95.01 -73.76 -29.79
C VAL L 888 94.96 -75.27 -30.01
N LEU L 889 96.03 -75.98 -29.65
CA LEU L 889 96.11 -77.42 -29.81
C LEU L 889 95.39 -78.19 -28.72
N GLU L 890 94.66 -77.51 -27.83
CA GLU L 890 93.89 -78.18 -26.79
C GLU L 890 92.77 -79.05 -27.36
N LYS L 891 92.30 -78.75 -28.58
CA LYS L 891 91.36 -79.63 -29.26
C LYS L 891 91.99 -80.96 -29.64
#